data_6UJI
#
_entry.id   6UJI
#
_cell.length_a   166.180
_cell.length_b   144.247
_cell.length_c   304.825
_cell.angle_alpha   90.000
_cell.angle_beta   102.410
_cell.angle_gamma   90.000
#
_symmetry.space_group_name_H-M   'P 1 21 1'
#
_entity_poly.entity_id   1
_entity_poly.type   'polypeptide(L)'
_entity_poly.pdbx_seq_one_letter_code
;STSAGPTVPDRDNDGIPDSLEVEGYTVDVKNKRTFLSPWISNIHEKKGLTKYKSSPEKWSTASDPYSDFEKVTGRIDKNV
SPEARHPLVAAYPIVHVDMENIILSKNEDQSTQNTDSQTRTISKNTSTSRTHTSEVHGNAEVHASFFDIGGSVSAGFSNS
NSSTVAIDHSLSLAGERTWAETMGLNTADTARLNANIRYVNTGTAPIYNVLPTTSLVLGKNQTLATIKAKENQLSQILAP
NNYYPSKNLAPIALNAQADFSSTPITMNYNQFLELEKTKQLRLDTDQVYGNIATYNFENGRVRVDTGSNWSEVLPQIQET
TARIIFNGKDLNLVERRIAAVNPSDPLETTKPDMTLKEALKIAFGFNEPNGNLQYQGKDITEFDFNFDQQTSQNIKNQLA
ELNATNIYTVLDKIKLNAKMNILIRDKRFHYDRNNIAVGADESVVKEAHREVINSSTEGLLLNIDKDIRKILSGYIVEIE
DTEGLKEVINDRYDMLNISSLRQDGKTFIDFKKYNDKLPLYISNPNYKVNVYAVTKENTIINPSENGDTSTNGIKKILIF
SKKGYEIG
;
_entity_poly.pdbx_strand_id   A,B,C,D,E,F,G,H,I,J,K,L,M,N
#
# COMPACT_ATOMS: atom_id res chain seq x y z
N THR A 7 66.00 49.58 -15.13
CA THR A 7 64.68 49.00 -15.41
C THR A 7 64.51 47.63 -14.76
N VAL A 8 63.35 47.40 -14.13
CA VAL A 8 63.01 46.13 -13.49
C VAL A 8 62.04 45.35 -14.39
N PRO A 9 62.35 44.10 -14.76
CA PRO A 9 61.43 43.35 -15.63
C PRO A 9 60.27 42.71 -14.87
N ASP A 10 59.08 43.33 -14.95
CA ASP A 10 57.86 42.84 -14.31
C ASP A 10 56.70 42.93 -15.29
N ARG A 11 56.16 41.77 -15.68
CA ARG A 11 55.06 41.66 -16.65
C ARG A 11 53.69 41.78 -15.98
N ASP A 12 53.50 41.13 -14.80
CA ASP A 12 52.22 41.16 -14.09
C ASP A 12 52.04 42.44 -13.26
N ASN A 13 53.12 43.26 -13.11
CA ASN A 13 53.14 44.54 -12.36
C ASN A 13 52.69 44.39 -10.90
N ASP A 14 52.79 43.17 -10.38
CA ASP A 14 52.42 42.78 -9.01
C ASP A 14 53.35 43.41 -7.97
N GLY A 15 54.65 43.34 -8.25
CA GLY A 15 55.72 43.84 -7.39
C GLY A 15 56.90 42.88 -7.41
N ILE A 16 56.66 41.64 -7.89
CA ILE A 16 57.65 40.59 -7.99
C ILE A 16 58.16 40.53 -9.45
N PRO A 17 59.49 40.69 -9.68
CA PRO A 17 60.01 40.65 -11.06
C PRO A 17 59.99 39.25 -11.66
N ASP A 18 60.03 39.19 -13.02
CA ASP A 18 60.02 37.97 -13.82
C ASP A 18 61.07 36.95 -13.37
N SER A 19 62.29 37.44 -13.04
CA SER A 19 63.41 36.63 -12.58
C SER A 19 63.12 35.86 -11.29
N LEU A 20 62.60 36.56 -10.26
CA LEU A 20 62.28 35.95 -8.96
C LEU A 20 61.04 35.08 -9.05
N GLU A 21 59.99 35.56 -9.75
CA GLU A 21 58.71 34.89 -9.95
C GLU A 21 58.86 33.49 -10.58
N VAL A 22 59.81 33.34 -11.51
CA VAL A 22 60.09 32.09 -12.21
C VAL A 22 60.99 31.16 -11.38
N GLU A 23 62.19 31.64 -11.00
CA GLU A 23 63.21 30.86 -10.29
C GLU A 23 62.88 30.55 -8.82
N GLY A 24 62.54 31.57 -8.04
CA GLY A 24 62.22 31.43 -6.62
C GLY A 24 62.44 32.70 -5.84
N TYR A 25 61.62 32.90 -4.77
CA TYR A 25 61.67 34.08 -3.91
C TYR A 25 61.09 33.86 -2.51
N THR A 26 61.31 34.82 -1.60
CA THR A 26 60.83 34.85 -0.20
C THR A 26 60.83 36.29 0.36
N VAL A 27 60.21 36.49 1.53
CA VAL A 27 60.13 37.79 2.20
C VAL A 27 60.88 37.73 3.53
N ASP A 28 61.77 38.71 3.77
CA ASP A 28 62.56 38.79 5.01
C ASP A 28 62.51 40.20 5.63
N VAL A 29 62.86 40.32 6.91
CA VAL A 29 62.87 41.61 7.62
C VAL A 29 64.29 42.06 7.97
N LYS A 30 64.67 43.25 7.50
CA LYS A 30 65.99 43.86 7.72
C LYS A 30 66.00 44.46 9.14
N ASN A 31 65.94 45.81 9.25
CA ASN A 31 65.87 46.51 10.53
C ASN A 31 64.47 46.21 11.04
N LYS A 32 63.47 46.59 10.24
CA LYS A 32 62.04 46.35 10.44
C LYS A 32 61.41 46.12 9.07
N ARG A 33 61.87 46.89 8.07
CA ARG A 33 61.42 46.91 6.66
C ARG A 33 61.33 45.54 6.01
N THR A 34 60.27 45.33 5.19
CA THR A 34 60.04 44.08 4.46
C THR A 34 60.87 44.08 3.18
N PHE A 35 61.57 42.97 2.93
CA PHE A 35 62.45 42.80 1.77
C PHE A 35 62.16 41.54 0.98
N LEU A 36 62.03 41.67 -0.35
CA LEU A 36 61.80 40.56 -1.27
C LEU A 36 63.15 40.17 -1.87
N SER A 37 63.53 38.89 -1.76
CA SER A 37 64.83 38.38 -2.21
C SER A 37 64.73 37.00 -2.87
N PRO A 38 65.59 36.66 -3.87
CA PRO A 38 65.55 35.32 -4.46
C PRO A 38 65.88 34.21 -3.47
N TRP A 39 65.40 32.99 -3.72
CA TRP A 39 65.59 31.84 -2.84
C TRP A 39 67.01 31.30 -2.78
N ILE A 40 67.57 31.23 -1.55
CA ILE A 40 68.90 30.70 -1.25
C ILE A 40 68.74 29.72 -0.09
N SER A 41 68.82 28.41 -0.37
CA SER A 41 68.68 27.32 0.61
C SER A 41 69.77 27.36 1.70
N ASN A 42 70.92 27.94 1.38
CA ASN A 42 72.09 28.08 2.25
C ASN A 42 71.84 28.99 3.46
N ILE A 43 70.86 29.92 3.37
CA ILE A 43 70.55 30.85 4.47
C ILE A 43 69.06 30.98 4.74
N HIS A 44 68.22 31.18 3.69
CA HIS A 44 66.76 31.34 3.83
C HIS A 44 66.05 30.13 4.40
N GLU A 45 66.38 28.92 3.90
CA GLU A 45 65.80 27.64 4.35
C GLU A 45 66.22 27.34 5.80
N LYS A 46 67.46 27.71 6.15
CA LYS A 46 68.03 27.54 7.48
C LYS A 46 67.45 28.54 8.48
N LYS A 47 67.10 29.76 8.02
CA LYS A 47 66.48 30.82 8.84
C LYS A 47 65.05 30.44 9.25
N GLY A 48 64.38 29.66 8.41
CA GLY A 48 63.01 29.19 8.62
C GLY A 48 62.00 29.90 7.75
N LEU A 49 62.28 29.98 6.44
CA LEU A 49 61.42 30.65 5.46
C LEU A 49 60.77 29.70 4.48
N THR A 50 59.75 30.21 3.75
CA THR A 50 58.94 29.50 2.76
C THR A 50 59.44 29.79 1.33
N LYS A 51 59.57 28.73 0.49
CA LYS A 51 59.99 28.89 -0.90
C LYS A 51 58.77 29.26 -1.74
N TYR A 52 58.73 30.50 -2.20
CA TYR A 52 57.62 31.00 -2.99
C TYR A 52 57.98 31.08 -4.47
N LYS A 53 57.02 30.70 -5.34
CA LYS A 53 57.12 30.74 -6.81
C LYS A 53 55.73 30.98 -7.39
N SER A 54 55.56 32.05 -8.18
CA SER A 54 54.26 32.39 -8.77
C SER A 54 54.31 32.61 -10.29
N SER A 55 53.24 33.18 -10.87
CA SER A 55 53.14 33.42 -12.30
C SER A 55 53.55 34.84 -12.70
N PRO A 56 54.57 34.98 -13.57
CA PRO A 56 55.02 36.32 -13.97
C PRO A 56 54.07 37.08 -14.89
N GLU A 57 53.12 36.39 -15.57
CA GLU A 57 52.16 37.03 -16.48
C GLU A 57 50.75 37.16 -15.88
N LYS A 58 50.52 36.50 -14.73
CA LYS A 58 49.25 36.56 -14.02
C LYS A 58 49.41 37.37 -12.74
N TRP A 59 48.56 38.40 -12.56
CA TRP A 59 48.54 39.30 -11.40
C TRP A 59 48.33 38.50 -10.11
N SER A 60 47.40 37.54 -10.17
CA SER A 60 47.09 36.62 -9.09
C SER A 60 47.09 35.23 -9.70
N THR A 61 48.04 34.40 -9.25
CA THR A 61 48.23 33.02 -9.69
C THR A 61 46.97 32.22 -9.39
N ALA A 62 46.44 32.42 -8.18
CA ALA A 62 45.23 31.77 -7.68
C ALA A 62 43.96 32.33 -8.32
N SER A 63 44.10 33.40 -9.14
CA SER A 63 43.02 34.10 -9.85
C SER A 63 41.99 34.73 -8.90
N ASP A 64 42.41 34.98 -7.65
CA ASP A 64 41.59 35.57 -6.60
C ASP A 64 41.74 37.12 -6.60
N PRO A 65 40.88 37.90 -5.90
CA PRO A 65 41.01 39.37 -5.94
C PRO A 65 42.29 39.96 -5.36
N TYR A 66 43.03 39.19 -4.54
CA TYR A 66 44.26 39.63 -3.91
C TYR A 66 45.49 39.27 -4.76
N SER A 67 46.42 40.24 -4.96
CA SER A 67 47.63 40.05 -5.77
C SER A 67 48.63 39.09 -5.14
N ASP A 68 49.49 38.49 -5.97
CA ASP A 68 50.56 37.56 -5.53
C ASP A 68 51.44 38.24 -4.48
N PHE A 69 51.82 39.52 -4.75
CA PHE A 69 52.63 40.36 -3.89
C PHE A 69 51.94 40.61 -2.56
N GLU A 70 50.66 41.05 -2.60
CA GLU A 70 49.82 41.33 -1.43
C GLU A 70 49.87 40.18 -0.41
N LYS A 71 49.81 38.93 -0.92
CA LYS A 71 49.83 37.68 -0.15
C LYS A 71 51.14 37.48 0.64
N VAL A 72 52.28 37.55 -0.05
CA VAL A 72 53.60 37.32 0.55
C VAL A 72 54.08 38.47 1.43
N THR A 73 53.89 39.73 0.99
CA THR A 73 54.32 40.89 1.79
C THR A 73 53.46 41.09 3.04
N GLY A 74 52.20 40.67 2.96
CA GLY A 74 51.23 40.79 4.05
C GLY A 74 50.25 41.93 3.88
N ARG A 75 50.37 42.67 2.77
CA ARG A 75 49.50 43.81 2.42
C ARG A 75 48.16 43.27 1.88
N ILE A 76 47.54 42.36 2.64
CA ILE A 76 46.30 41.67 2.32
C ILE A 76 45.31 41.84 3.48
N ASP A 77 44.04 41.41 3.28
CA ASP A 77 43.01 41.40 4.32
C ASP A 77 43.50 40.39 5.36
N LYS A 78 43.83 40.88 6.57
CA LYS A 78 44.40 40.10 7.67
C LYS A 78 43.57 38.86 8.06
N ASN A 79 42.26 38.87 7.73
CA ASN A 79 41.33 37.76 8.01
C ASN A 79 41.64 36.55 7.11
N VAL A 80 42.23 36.78 5.92
CA VAL A 80 42.60 35.75 4.94
C VAL A 80 43.54 34.73 5.60
N SER A 81 43.16 33.44 5.51
CA SER A 81 43.87 32.27 6.07
C SER A 81 45.39 32.29 5.88
N PRO A 82 46.19 31.86 6.90
CA PRO A 82 47.66 31.87 6.75
C PRO A 82 48.17 30.94 5.65
N GLU A 83 47.47 29.80 5.43
CA GLU A 83 47.80 28.85 4.37
C GLU A 83 47.54 29.50 3.00
N ALA A 84 46.54 30.40 2.93
CA ALA A 84 46.15 31.15 1.73
C ALA A 84 47.08 32.33 1.43
N ARG A 85 47.94 32.70 2.40
CA ARG A 85 48.91 33.79 2.23
C ARG A 85 50.07 33.41 1.27
N HIS A 86 49.99 32.20 0.67
CA HIS A 86 50.93 31.66 -0.31
C HIS A 86 50.34 31.94 -1.71
N PRO A 87 51.15 32.39 -2.70
CA PRO A 87 50.60 32.70 -4.03
C PRO A 87 49.97 31.52 -4.77
N LEU A 88 50.38 30.29 -4.44
CA LEU A 88 49.86 29.08 -5.08
C LEU A 88 48.62 28.53 -4.37
N VAL A 89 48.11 29.24 -3.33
CA VAL A 89 46.92 28.82 -2.58
C VAL A 89 45.79 29.84 -2.76
N ALA A 90 44.61 29.35 -3.14
CA ALA A 90 43.42 30.15 -3.39
C ALA A 90 42.79 30.70 -2.12
N ALA A 91 42.58 32.03 -2.09
CA ALA A 91 41.94 32.73 -0.99
C ALA A 91 40.49 32.99 -1.41
N TYR A 92 39.63 31.95 -1.27
CA TYR A 92 38.22 32.01 -1.66
C TYR A 92 37.27 31.47 -0.59
N PRO A 93 36.06 32.05 -0.42
CA PRO A 93 35.15 31.58 0.62
C PRO A 93 34.18 30.46 0.21
N ILE A 94 33.83 29.61 1.19
CA ILE A 94 32.88 28.50 1.08
C ILE A 94 32.11 28.51 2.39
N VAL A 95 30.77 28.56 2.34
CA VAL A 95 29.95 28.61 3.55
C VAL A 95 28.72 27.70 3.41
N HIS A 96 28.52 26.86 4.43
CA HIS A 96 27.42 25.91 4.57
C HIS A 96 26.62 26.23 5.84
N VAL A 97 25.33 25.85 5.89
CA VAL A 97 24.47 26.14 7.03
C VAL A 97 24.49 24.98 8.03
N ASP A 98 24.89 25.27 9.29
CA ASP A 98 24.95 24.31 10.40
C ASP A 98 23.72 24.46 11.29
N MET A 99 22.91 23.38 11.38
CA MET A 99 21.71 23.36 12.20
C MET A 99 22.07 22.82 13.58
N GLU A 100 21.66 23.53 14.64
CA GLU A 100 21.97 23.16 16.02
C GLU A 100 20.89 22.29 16.66
N ASN A 101 19.60 22.61 16.40
CA ASN A 101 18.43 21.90 16.94
C ASN A 101 17.16 22.22 16.15
N ILE A 102 16.16 21.32 16.20
CA ILE A 102 14.85 21.48 15.54
C ILE A 102 13.70 21.51 16.55
N ILE A 103 12.52 21.99 16.10
CA ILE A 103 11.30 22.02 16.89
C ILE A 103 10.09 21.89 15.94
N LEU A 104 9.26 20.87 16.18
CA LEU A 104 8.09 20.60 15.36
C LEU A 104 6.78 20.74 16.13
N SER A 105 5.81 21.45 15.53
CA SER A 105 4.48 21.72 16.10
C SER A 105 3.41 21.72 15.01
N LYS A 106 2.14 21.53 15.40
CA LYS A 106 1.00 21.56 14.47
C LYS A 106 0.69 23.01 14.08
N ASN A 107 0.31 23.24 12.80
CA ASN A 107 0.01 24.56 12.26
C ASN A 107 -1.08 25.31 13.00
N GLU A 108 -0.81 26.58 13.34
CA GLU A 108 -1.74 27.47 14.03
C GLU A 108 -1.54 28.91 13.57
N THR A 121 4.51 19.24 21.05
CA THR A 121 5.64 19.82 20.33
C THR A 121 6.91 19.00 20.57
N ILE A 122 7.49 18.43 19.50
CA ILE A 122 8.72 17.63 19.62
C ILE A 122 9.94 18.47 19.29
N SER A 123 10.95 18.44 20.18
CA SER A 123 12.21 19.16 20.00
C SER A 123 13.41 18.22 20.18
N LYS A 124 14.27 18.16 19.16
CA LYS A 124 15.48 17.32 19.14
C LYS A 124 16.68 18.12 18.64
N ASN A 125 17.88 17.84 19.16
CA ASN A 125 19.12 18.51 18.74
C ASN A 125 19.66 17.90 17.46
N THR A 126 20.11 18.75 16.52
CA THR A 126 20.63 18.31 15.23
C THR A 126 22.14 18.49 15.08
N SER A 127 22.77 17.60 14.29
CA SER A 127 24.21 17.60 14.02
C SER A 127 24.41 17.81 12.51
N THR A 128 25.21 18.82 12.14
CA THR A 128 25.46 19.15 10.74
C THR A 128 26.95 19.15 10.41
N SER A 129 27.28 18.65 9.21
CA SER A 129 28.64 18.58 8.65
C SER A 129 28.55 18.80 7.15
N ARG A 130 29.54 19.52 6.56
CA ARG A 130 29.56 19.80 5.12
C ARG A 130 29.72 18.52 4.33
N THR A 131 28.81 18.28 3.38
CA THR A 131 28.79 17.08 2.56
C THR A 131 29.30 17.29 1.15
N HIS A 132 30.18 16.39 0.71
CA HIS A 132 30.76 16.36 -0.62
C HIS A 132 30.41 15.01 -1.20
N THR A 133 29.27 14.95 -1.90
CA THR A 133 28.68 13.75 -2.49
C THR A 133 29.61 13.01 -3.46
N SER A 134 29.66 11.67 -3.31
CA SER A 134 30.43 10.73 -4.11
C SER A 134 29.53 10.16 -5.21
N GLU A 135 30.13 9.70 -6.32
CA GLU A 135 29.43 9.15 -7.48
C GLU A 135 28.59 7.91 -7.16
N VAL A 136 27.49 7.71 -7.94
CA VAL A 136 26.56 6.57 -7.84
C VAL A 136 27.30 5.24 -8.13
N HIS A 137 26.86 4.13 -7.51
CA HIS A 137 27.54 2.82 -7.59
C HIS A 137 27.61 2.21 -8.99
N GLY A 138 26.54 1.55 -9.42
CA GLY A 138 26.46 0.86 -10.71
C GLY A 138 25.17 0.09 -10.80
N ASN A 139 24.07 0.75 -10.43
CA ASN A 139 22.71 0.22 -10.36
C ASN A 139 21.72 1.36 -10.33
N ALA A 140 22.12 2.49 -9.69
CA ALA A 140 21.30 3.69 -9.52
C ALA A 140 20.85 4.29 -10.83
N GLU A 141 19.53 4.52 -10.93
CA GLU A 141 18.85 5.07 -12.09
C GLU A 141 19.28 6.49 -12.43
N VAL A 142 19.76 6.66 -13.67
CA VAL A 142 20.19 7.94 -14.22
C VAL A 142 19.59 8.12 -15.60
N HIS A 143 19.30 9.37 -15.97
CA HIS A 143 18.73 9.73 -17.28
C HIS A 143 19.77 9.59 -18.42
N ALA A 144 19.31 9.67 -19.69
CA ALA A 144 20.16 9.55 -20.88
C ALA A 144 21.25 10.62 -20.94
N SER A 145 20.97 11.83 -20.43
CA SER A 145 21.90 12.96 -20.41
C SER A 145 23.08 12.81 -19.41
N PHE A 146 22.97 11.89 -18.42
CA PHE A 146 24.02 11.64 -17.42
C PHE A 146 25.32 11.17 -18.07
N PHE A 147 25.20 10.39 -19.15
CA PHE A 147 26.31 9.87 -19.94
C PHE A 147 26.70 10.82 -21.07
N ASP A 148 25.73 11.64 -21.56
CA ASP A 148 25.91 12.62 -22.63
C ASP A 148 27.05 13.58 -22.31
N ILE A 149 28.04 13.64 -23.23
CA ILE A 149 29.25 14.45 -23.10
C ILE A 149 28.89 15.94 -22.92
N GLY A 150 29.34 16.50 -21.81
CA GLY A 150 29.10 17.89 -21.45
C GLY A 150 28.05 18.07 -20.38
N GLY A 151 26.78 18.10 -20.80
CA GLY A 151 25.63 18.28 -19.93
C GLY A 151 25.36 17.15 -18.96
N SER A 152 24.77 17.49 -17.79
CA SER A 152 24.32 16.63 -16.68
C SER A 152 25.40 15.80 -15.94
N VAL A 153 26.58 15.54 -16.58
CA VAL A 153 27.69 14.76 -16.01
C VAL A 153 28.10 15.30 -14.64
N SER A 154 27.97 14.45 -13.59
CA SER A 154 28.33 14.81 -12.21
C SER A 154 29.86 14.92 -12.00
N ALA A 155 30.67 14.27 -12.90
CA ALA A 155 32.16 14.24 -12.95
C ALA A 155 32.83 13.96 -11.59
N GLY A 156 32.30 12.96 -10.88
CA GLY A 156 32.75 12.56 -9.55
C GLY A 156 32.08 13.40 -8.47
N PHE A 157 32.55 14.66 -8.34
CA PHE A 157 32.04 15.65 -7.38
C PHE A 157 32.04 17.07 -8.01
N SER A 158 30.88 17.77 -7.98
CA SER A 158 30.72 19.10 -8.58
C SER A 158 30.83 20.27 -7.59
N ASN A 159 31.26 21.45 -8.10
CA ASN A 159 31.45 22.70 -7.34
C ASN A 159 30.15 23.28 -6.78
N SER A 160 29.87 23.01 -5.49
CA SER A 160 28.68 23.48 -4.77
C SER A 160 28.80 23.27 -3.26
N ASN A 161 27.95 23.98 -2.49
CA ASN A 161 27.87 23.87 -1.04
C ASN A 161 26.58 23.17 -0.65
N SER A 162 26.70 22.03 0.05
CA SER A 162 25.59 21.22 0.53
C SER A 162 25.93 20.58 1.87
N SER A 163 25.00 20.66 2.84
CA SER A 163 25.19 20.10 4.17
C SER A 163 24.00 19.27 4.61
N THR A 164 24.26 18.05 5.12
CA THR A 164 23.22 17.12 5.58
C THR A 164 23.14 17.14 7.12
N VAL A 165 21.93 17.34 7.65
CA VAL A 165 21.66 17.38 9.10
C VAL A 165 21.25 15.99 9.62
N ALA A 166 21.27 15.80 10.95
CA ALA A 166 20.88 14.54 11.58
C ALA A 166 20.06 14.80 12.84
N ILE A 167 18.74 14.55 12.75
CA ILE A 167 17.80 14.75 13.87
C ILE A 167 17.95 13.61 14.88
N ASP A 168 18.02 13.96 16.18
CA ASP A 168 18.15 13.05 17.31
C ASP A 168 16.95 12.09 17.39
N HIS A 169 17.23 10.77 17.33
CA HIS A 169 16.24 9.71 17.39
C HIS A 169 15.73 9.46 18.81
N SER A 170 16.58 9.74 19.82
CA SER A 170 16.33 9.57 21.26
C SER A 170 15.11 10.31 21.80
N ARG A 177 5.81 8.33 21.43
CA ARG A 177 5.72 7.35 20.35
C ARG A 177 4.90 7.90 19.19
N THR A 178 5.45 7.77 17.96
CA THR A 178 4.91 8.25 16.67
C THR A 178 4.77 9.78 16.69
N TRP A 179 5.73 10.47 16.05
CA TRP A 179 5.78 11.93 15.92
C TRP A 179 4.48 12.50 15.35
N ALA A 180 3.87 11.78 14.37
CA ALA A 180 2.61 12.11 13.71
C ALA A 180 1.44 12.18 14.70
N GLU A 181 1.58 11.49 15.85
CA GLU A 181 0.58 11.44 16.93
C GLU A 181 1.02 12.18 18.20
N THR A 182 2.34 12.43 18.37
CA THR A 182 2.89 13.16 19.51
C THR A 182 2.47 14.65 19.43
N MET A 183 2.20 15.15 18.21
CA MET A 183 1.74 16.50 17.91
C MET A 183 0.22 16.56 17.74
N GLY A 184 -0.37 15.45 17.29
CA GLY A 184 -1.80 15.32 17.06
C GLY A 184 -2.19 15.71 15.64
N LEU A 185 -1.55 15.05 14.65
CA LEU A 185 -1.79 15.31 13.23
C LEU A 185 -2.46 14.14 12.53
N ASN A 186 -3.16 14.45 11.42
CA ASN A 186 -3.83 13.50 10.55
C ASN A 186 -3.58 13.88 9.09
N THR A 187 -3.99 13.02 8.12
CA THR A 187 -3.80 13.19 6.67
C THR A 187 -4.12 14.63 6.17
N ALA A 188 -5.15 15.26 6.76
CA ALA A 188 -5.60 16.62 6.44
C ALA A 188 -4.74 17.69 7.15
N ASP A 189 -4.35 17.43 8.42
CA ASP A 189 -3.54 18.34 9.26
C ASP A 189 -2.12 18.56 8.69
N THR A 190 -1.58 19.78 8.90
CA THR A 190 -0.25 20.18 8.45
C THR A 190 0.68 20.48 9.62
N ALA A 191 1.96 20.10 9.50
CA ALA A 191 2.98 20.31 10.52
C ALA A 191 3.92 21.45 10.11
N ARG A 192 4.18 22.40 11.03
CA ARG A 192 5.08 23.53 10.78
C ARG A 192 6.44 23.33 11.43
N LEU A 193 7.50 23.39 10.60
CA LEU A 193 8.88 23.21 11.04
C LEU A 193 9.57 24.54 11.36
N ASN A 194 10.36 24.53 12.45
CA ASN A 194 11.16 25.66 12.94
C ASN A 194 12.45 25.09 13.54
N ALA A 195 13.59 25.76 13.29
CA ALA A 195 14.90 25.28 13.77
C ALA A 195 15.89 26.40 14.05
N ASN A 196 16.97 26.06 14.79
CA ASN A 196 18.07 26.96 15.11
C ASN A 196 19.20 26.68 14.12
N ILE A 197 19.54 27.71 13.32
CA ILE A 197 20.57 27.63 12.27
C ILE A 197 21.70 28.63 12.46
N ARG A 198 22.90 28.29 11.95
CA ARG A 198 24.10 29.11 12.00
C ARG A 198 24.89 29.06 10.69
N TYR A 199 25.37 30.22 10.22
CA TYR A 199 26.18 30.32 9.02
C TYR A 199 27.63 30.14 9.45
N VAL A 200 28.38 29.26 8.78
CA VAL A 200 29.78 29.00 9.15
C VAL A 200 30.69 28.85 7.91
N ASN A 201 31.78 29.65 7.86
CA ASN A 201 32.78 29.70 6.79
C ASN A 201 33.81 28.57 6.92
N THR A 202 34.02 27.81 5.84
CA THR A 202 34.99 26.72 5.76
C THR A 202 36.09 27.02 4.73
N GLY A 203 35.95 28.14 4.03
CA GLY A 203 36.87 28.59 2.99
C GLY A 203 38.18 29.19 3.47
N THR A 204 38.67 30.20 2.73
CA THR A 204 39.93 30.90 3.00
C THR A 204 39.81 32.42 2.99
N ALA A 205 38.68 32.96 2.51
CA ALA A 205 38.44 34.40 2.39
C ALA A 205 37.19 34.90 3.17
N PRO A 206 37.15 36.18 3.62
CA PRO A 206 35.98 36.65 4.38
C PRO A 206 34.89 37.37 3.58
N ILE A 207 33.62 37.19 4.01
CA ILE A 207 32.46 37.87 3.43
C ILE A 207 32.07 38.95 4.43
N TYR A 208 32.02 40.19 3.96
CA TYR A 208 31.79 41.35 4.81
C TYR A 208 30.34 41.82 4.96
N ASN A 209 29.41 41.40 4.09
CA ASN A 209 28.04 41.87 4.20
C ASN A 209 26.97 40.83 3.85
N VAL A 210 26.47 40.85 2.58
CA VAL A 210 25.41 40.00 2.05
C VAL A 210 25.70 38.51 2.23
N LEU A 211 24.74 37.80 2.83
CA LEU A 211 24.81 36.37 3.09
C LEU A 211 24.22 35.58 1.90
N PRO A 212 24.80 34.40 1.58
CA PRO A 212 24.27 33.63 0.44
C PRO A 212 22.90 33.02 0.69
N THR A 213 22.18 32.70 -0.39
CA THR A 213 20.86 32.10 -0.32
C THR A 213 21.01 30.59 -0.08
N THR A 214 20.17 30.05 0.80
CA THR A 214 20.18 28.62 1.12
C THR A 214 18.78 28.03 1.01
N SER A 215 18.67 26.71 0.76
CA SER A 215 17.39 26.04 0.61
C SER A 215 17.35 24.71 1.35
N LEU A 216 16.32 24.51 2.21
CA LEU A 216 16.13 23.28 2.96
C LEU A 216 15.39 22.27 2.08
N VAL A 217 16.01 21.11 1.82
CA VAL A 217 15.48 20.06 0.95
C VAL A 217 15.17 18.76 1.72
N LEU A 218 13.91 18.28 1.60
CA LEU A 218 13.46 17.04 2.20
C LEU A 218 13.75 15.91 1.21
N GLY A 219 14.50 14.92 1.68
CA GLY A 219 14.87 13.76 0.88
C GLY A 219 15.86 14.04 -0.23
N LYS A 220 15.37 14.19 -1.47
CA LYS A 220 16.21 14.41 -2.64
C LYS A 220 16.03 15.76 -3.34
N ASN A 221 14.78 16.12 -3.67
CA ASN A 221 14.47 17.35 -4.41
C ASN A 221 13.34 18.19 -3.82
N GLN A 222 12.55 17.63 -2.87
CA GLN A 222 11.42 18.29 -2.22
C GLN A 222 11.85 19.52 -1.44
N THR A 223 11.90 20.67 -2.14
CA THR A 223 12.30 21.97 -1.60
C THR A 223 11.28 22.50 -0.60
N LEU A 224 11.63 22.47 0.71
CA LEU A 224 10.76 22.93 1.79
C LEU A 224 10.69 24.44 1.90
N ALA A 225 11.84 25.10 2.11
CA ALA A 225 11.91 26.56 2.23
C ALA A 225 13.26 27.12 1.80
N THR A 226 13.26 28.39 1.38
CA THR A 226 14.44 29.12 0.93
C THR A 226 14.73 30.25 1.93
N ILE A 227 15.90 30.19 2.59
CA ILE A 227 16.32 31.15 3.61
C ILE A 227 17.42 32.07 3.10
N LYS A 228 17.27 33.38 3.40
CA LYS A 228 18.22 34.44 3.04
C LYS A 228 17.99 35.64 3.95
N ALA A 229 19.04 36.08 4.67
CA ALA A 229 18.96 37.23 5.57
C ALA A 229 19.00 38.54 4.79
N LEU A 234 22.67 43.89 6.79
CA LEU A 234 23.69 43.60 7.81
C LEU A 234 25.11 43.88 7.30
N SER A 235 26.06 44.07 8.25
CA SER A 235 27.47 44.31 7.95
C SER A 235 28.40 43.56 8.92
N GLN A 236 27.93 42.41 9.46
CA GLN A 236 28.69 41.55 10.36
C GLN A 236 29.67 40.72 9.54
N ILE A 237 30.95 40.73 9.94
CA ILE A 237 32.06 40.06 9.25
C ILE A 237 32.08 38.55 9.51
N LEU A 238 32.05 37.75 8.43
CA LEU A 238 32.14 36.30 8.47
C LEU A 238 33.60 35.94 8.18
N ALA A 239 34.35 35.59 9.23
CA ALA A 239 35.76 35.26 9.14
C ALA A 239 35.98 33.79 8.73
N PRO A 240 37.05 33.48 7.95
CA PRO A 240 37.29 32.07 7.59
C PRO A 240 37.57 31.23 8.83
N ASN A 241 36.95 30.03 8.89
CA ASN A 241 37.03 29.08 10.01
C ASN A 241 36.44 29.68 11.30
N ASN A 242 35.38 30.51 11.14
CA ASN A 242 34.66 31.19 12.23
C ASN A 242 33.17 31.31 11.92
N TYR A 243 32.32 31.10 12.94
CA TYR A 243 30.86 31.15 12.85
C TYR A 243 30.34 32.59 12.70
N TYR A 244 29.26 32.78 11.88
CA TYR A 244 28.61 34.09 11.68
C TYR A 244 27.88 34.50 12.97
N PRO A 245 26.85 33.76 13.48
CA PRO A 245 26.27 34.16 14.76
C PRO A 245 27.17 33.57 15.84
N SER A 246 28.30 34.27 16.10
CA SER A 246 29.38 33.90 17.02
C SER A 246 28.88 33.17 18.25
N LYS A 247 29.57 32.08 18.60
CA LYS A 247 29.24 31.19 19.72
C LYS A 247 28.95 31.92 21.05
N ASN A 248 29.54 33.11 21.25
CA ASN A 248 29.33 33.95 22.45
C ASN A 248 27.96 34.66 22.45
N LEU A 249 27.30 34.72 21.28
CA LEU A 249 25.99 35.34 21.07
C LEU A 249 24.94 34.28 20.69
N ALA A 250 23.65 34.65 20.70
CA ALA A 250 22.53 33.78 20.36
C ALA A 250 22.47 33.46 18.85
N PRO A 251 22.05 32.24 18.43
CA PRO A 251 21.98 31.93 16.99
C PRO A 251 20.72 32.50 16.30
N ILE A 252 20.41 32.03 15.07
CA ILE A 252 19.25 32.50 14.32
C ILE A 252 18.19 31.41 14.16
N ALA A 253 16.90 31.79 14.33
CA ALA A 253 15.74 30.91 14.18
C ALA A 253 15.22 30.95 12.74
N LEU A 254 14.19 30.14 12.43
CA LEU A 254 13.65 30.09 11.08
C LEU A 254 12.24 30.65 10.94
N ASN A 255 12.15 31.87 10.38
CA ASN A 255 10.93 32.65 10.10
C ASN A 255 9.92 32.66 11.26
N ALA A 256 10.14 33.60 12.20
CA ALA A 256 9.31 33.78 13.39
C ALA A 256 8.93 35.24 13.57
N SER A 262 8.76 36.09 8.05
CA SER A 262 7.33 36.38 8.09
C SER A 262 6.46 35.12 8.20
N THR A 263 6.55 34.19 7.22
CA THR A 263 5.78 32.93 7.21
C THR A 263 6.71 31.70 7.41
N PRO A 264 6.44 30.82 8.40
CA PRO A 264 7.32 29.66 8.62
C PRO A 264 7.17 28.55 7.57
N ILE A 265 8.04 27.52 7.67
CA ILE A 265 8.05 26.36 6.78
C ILE A 265 6.78 25.53 6.99
N THR A 266 6.11 25.15 5.89
CA THR A 266 4.88 24.35 5.92
C THR A 266 5.12 22.97 5.31
N MET A 267 4.71 21.93 6.04
CA MET A 267 4.87 20.53 5.64
C MET A 267 3.56 19.77 5.82
N ASN A 268 3.19 18.96 4.82
CA ASN A 268 1.97 18.13 4.84
C ASN A 268 2.22 16.85 5.64
N TYR A 269 1.15 16.13 6.03
CA TYR A 269 1.20 14.88 6.80
C TYR A 269 2.03 13.79 6.12
N ASN A 270 1.85 13.63 4.79
CA ASN A 270 2.54 12.64 3.96
C ASN A 270 4.04 12.89 3.89
N GLN A 271 4.46 14.16 3.80
CA GLN A 271 5.87 14.56 3.77
C GLN A 271 6.49 14.50 5.16
N PHE A 272 5.66 14.64 6.21
CA PHE A 272 6.08 14.59 7.62
C PHE A 272 6.50 13.17 8.01
N LEU A 273 5.83 12.16 7.44
CA LEU A 273 6.12 10.74 7.70
C LEU A 273 7.46 10.34 7.08
N GLU A 274 7.91 11.06 6.04
CA GLU A 274 9.21 10.85 5.38
C GLU A 274 10.32 11.32 6.31
N LEU A 275 10.10 12.49 6.96
CA LEU A 275 11.01 13.11 7.92
C LEU A 275 11.12 12.25 9.18
N GLU A 276 10.00 11.64 9.62
CA GLU A 276 9.95 10.76 10.80
C GLU A 276 10.71 9.46 10.52
N LYS A 277 10.63 8.95 9.27
CA LYS A 277 11.27 7.72 8.79
C LYS A 277 12.78 7.87 8.57
N THR A 278 13.20 9.02 8.02
CA THR A 278 14.61 9.29 7.71
C THR A 278 15.38 9.96 8.86
N LYS A 279 14.72 10.87 9.59
CA LYS A 279 15.27 11.67 10.70
C LYS A 279 16.50 12.49 10.25
N GLN A 280 16.43 13.03 9.01
CA GLN A 280 17.48 13.82 8.36
C GLN A 280 16.94 14.74 7.25
N LEU A 281 17.65 15.85 7.00
CA LEU A 281 17.32 16.84 5.97
C LEU A 281 18.60 17.29 5.24
N ARG A 282 18.44 18.10 4.18
CA ARG A 282 19.55 18.63 3.38
C ARG A 282 19.49 20.17 3.31
N LEU A 283 20.66 20.81 3.23
CA LEU A 283 20.79 22.27 3.13
C LEU A 283 21.72 22.66 2.00
N ASP A 284 21.12 23.12 0.88
CA ASP A 284 21.84 23.54 -0.33
C ASP A 284 22.02 25.06 -0.34
N THR A 285 23.27 25.52 -0.18
CA THR A 285 23.64 26.94 -0.17
C THR A 285 24.41 27.29 -1.44
N ASP A 286 24.08 28.45 -2.03
CA ASP A 286 24.75 28.92 -3.25
C ASP A 286 26.07 29.64 -2.95
N GLN A 287 26.86 29.93 -3.99
CA GLN A 287 28.16 30.59 -3.86
C GLN A 287 28.10 32.11 -4.13
N VAL A 288 26.89 32.70 -4.21
CA VAL A 288 26.75 34.15 -4.39
C VAL A 288 26.96 34.86 -3.04
N TYR A 289 28.07 35.61 -2.93
CA TYR A 289 28.45 36.30 -1.69
C TYR A 289 28.56 37.82 -1.86
N GLY A 290 28.69 38.53 -0.73
CA GLY A 290 28.83 39.98 -0.67
C GLY A 290 30.15 40.48 -1.20
N ASN A 291 30.21 41.78 -1.53
CA ASN A 291 31.39 42.49 -2.08
C ASN A 291 32.68 42.23 -1.31
N ILE A 292 33.81 42.17 -2.05
CA ILE A 292 35.13 41.88 -1.49
C ILE A 292 35.87 43.12 -1.05
N ALA A 293 36.43 43.09 0.17
CA ALA A 293 37.19 44.19 0.72
C ALA A 293 38.63 44.08 0.21
N THR A 294 39.12 45.12 -0.48
CA THR A 294 40.47 45.15 -1.06
C THR A 294 41.42 46.12 -0.35
N TYR A 295 42.73 45.86 -0.48
CA TYR A 295 43.80 46.68 0.08
C TYR A 295 44.22 47.75 -0.92
N ASN A 296 44.56 48.94 -0.41
CA ASN A 296 45.03 50.07 -1.20
C ASN A 296 46.40 50.51 -0.67
N PHE A 297 47.43 50.30 -1.51
CA PHE A 297 48.87 50.51 -1.27
C PHE A 297 49.27 51.86 -0.66
N GLU A 298 48.86 52.97 -1.29
CA GLU A 298 49.21 54.34 -0.89
C GLU A 298 48.69 54.75 0.51
N ASN A 299 47.51 54.26 0.92
CA ASN A 299 46.94 54.61 2.22
C ASN A 299 46.93 53.44 3.24
N GLY A 300 47.47 52.28 2.84
CA GLY A 300 47.57 51.08 3.66
C GLY A 300 46.35 50.73 4.48
N ARG A 301 45.16 50.83 3.86
CA ARG A 301 43.88 50.57 4.50
C ARG A 301 42.96 49.72 3.62
N VAL A 302 42.26 48.77 4.25
CA VAL A 302 41.32 47.85 3.59
C VAL A 302 39.93 48.49 3.53
N ARG A 303 39.38 48.60 2.30
CA ARG A 303 38.07 49.18 2.00
C ARG A 303 37.22 48.19 1.18
N VAL A 304 35.90 48.12 1.48
CA VAL A 304 34.95 47.25 0.79
C VAL A 304 34.68 47.82 -0.61
N ASP A 305 35.18 47.13 -1.65
CA ASP A 305 35.03 47.55 -3.03
C ASP A 305 33.68 47.13 -3.59
N THR A 306 32.82 48.11 -3.90
CA THR A 306 31.47 47.90 -4.43
C THR A 306 31.49 47.33 -5.85
N GLY A 307 32.57 47.61 -6.59
CA GLY A 307 32.77 47.16 -7.96
C GLY A 307 32.98 45.67 -8.09
N SER A 308 34.02 45.14 -7.43
CA SER A 308 34.35 43.72 -7.48
C SER A 308 33.61 42.90 -6.43
N ASN A 309 32.82 41.94 -6.91
CA ASN A 309 32.01 41.02 -6.11
C ASN A 309 32.62 39.62 -6.24
N TRP A 310 32.25 38.69 -5.35
CA TRP A 310 32.76 37.33 -5.40
C TRP A 310 32.24 36.54 -6.59
N SER A 311 30.98 36.76 -6.99
CA SER A 311 30.32 36.07 -8.10
C SER A 311 31.02 36.22 -9.45
N GLU A 312 31.79 37.30 -9.66
CA GLU A 312 32.51 37.54 -10.92
C GLU A 312 33.96 36.98 -10.91
N VAL A 313 34.51 36.73 -9.71
CA VAL A 313 35.88 36.26 -9.53
C VAL A 313 35.94 34.76 -9.20
N LEU A 314 35.00 34.28 -8.37
CA LEU A 314 34.91 32.88 -7.93
C LEU A 314 34.96 31.84 -9.07
N PRO A 315 34.20 31.96 -10.20
CA PRO A 315 34.29 30.93 -11.25
C PRO A 315 35.67 30.86 -11.92
N GLN A 316 36.39 32.00 -12.00
CA GLN A 316 37.74 32.10 -12.57
C GLN A 316 38.72 31.21 -11.81
N ILE A 317 38.54 31.12 -10.47
CA ILE A 317 39.35 30.29 -9.58
C ILE A 317 38.99 28.80 -9.82
N GLN A 318 37.68 28.46 -9.81
CA GLN A 318 37.14 27.10 -10.01
C GLN A 318 37.46 26.47 -11.38
N GLU A 319 38.11 27.23 -12.28
CA GLU A 319 38.47 26.77 -13.62
C GLU A 319 39.98 26.74 -13.84
N THR A 320 40.75 27.40 -12.97
CA THR A 320 42.22 27.48 -13.06
C THR A 320 42.94 26.61 -12.04
N THR A 321 42.32 26.40 -10.87
CA THR A 321 42.91 25.66 -9.75
C THR A 321 42.45 24.22 -9.62
N ALA A 322 43.19 23.45 -8.78
CA ALA A 322 42.94 22.04 -8.46
C ALA A 322 42.33 21.91 -7.06
N ARG A 323 41.22 21.18 -6.97
CA ARG A 323 40.45 20.95 -5.75
C ARG A 323 40.97 19.71 -5.01
N ILE A 324 41.38 19.89 -3.75
CA ILE A 324 41.85 18.81 -2.88
C ILE A 324 41.07 18.86 -1.55
N ILE A 325 40.40 17.74 -1.21
CA ILE A 325 39.60 17.58 0.00
C ILE A 325 40.39 16.77 1.05
N PHE A 326 40.40 17.25 2.31
CA PHE A 326 41.11 16.59 3.41
C PHE A 326 40.45 16.78 4.77
N ASN A 327 40.49 15.72 5.60
CA ASN A 327 39.89 15.71 6.94
C ASN A 327 40.86 15.18 8.02
N GLY A 328 42.06 15.78 8.07
CA GLY A 328 43.10 15.41 9.03
C GLY A 328 42.80 15.84 10.45
N LYS A 329 42.79 17.16 10.69
CA LYS A 329 42.53 17.79 11.99
C LYS A 329 41.19 17.35 12.59
N ASP A 330 40.15 17.33 11.76
CA ASP A 330 38.80 16.91 12.14
C ASP A 330 38.19 16.16 10.98
N LEU A 331 37.30 15.19 11.28
CA LEU A 331 36.65 14.35 10.27
C LEU A 331 35.52 15.07 9.50
N ASN A 332 35.77 16.36 9.16
CA ASN A 332 34.88 17.23 8.40
C ASN A 332 35.58 17.57 7.08
N LEU A 333 34.84 17.49 5.96
CA LEU A 333 35.36 17.73 4.60
C LEU A 333 35.76 19.19 4.36
N VAL A 334 37.07 19.43 4.16
CA VAL A 334 37.64 20.77 3.95
C VAL A 334 38.02 20.94 2.46
N GLU A 335 37.50 22.02 1.83
CA GLU A 335 37.78 22.35 0.43
C GLU A 335 38.86 23.43 0.33
N ARG A 336 39.98 23.09 -0.31
CA ARG A 336 41.11 23.99 -0.52
C ARG A 336 41.59 23.87 -1.94
N ARG A 337 41.74 25.00 -2.66
CA ARG A 337 42.19 25.00 -4.04
C ARG A 337 43.62 25.47 -4.19
N ILE A 338 44.40 24.78 -5.02
CA ILE A 338 45.82 25.05 -5.29
C ILE A 338 45.99 25.40 -6.76
N ALA A 339 46.79 26.46 -7.03
CA ALA A 339 47.11 26.95 -8.37
C ALA A 339 47.73 25.83 -9.19
N ALA A 340 47.01 25.40 -10.23
CA ALA A 340 47.44 24.29 -11.08
C ALA A 340 47.68 24.67 -12.53
N VAL A 341 48.55 23.88 -13.19
CA VAL A 341 48.94 24.06 -14.58
C VAL A 341 47.90 23.49 -15.54
N ASN A 342 47.74 24.13 -16.71
CA ASN A 342 46.84 23.67 -17.74
C ASN A 342 47.51 23.76 -19.11
N PRO A 343 47.55 22.65 -19.87
CA PRO A 343 48.23 22.68 -21.17
C PRO A 343 47.51 23.45 -22.27
N SER A 344 46.17 23.43 -22.26
CA SER A 344 45.33 24.10 -23.26
C SER A 344 45.54 25.61 -23.25
N ASP A 345 45.45 26.25 -22.07
CA ASP A 345 45.63 27.68 -21.91
C ASP A 345 47.08 28.06 -21.67
N PRO A 346 47.66 28.97 -22.48
CA PRO A 346 49.08 29.35 -22.29
C PRO A 346 49.33 30.20 -21.06
N LEU A 347 48.35 31.03 -20.66
CA LEU A 347 48.45 31.89 -19.48
C LEU A 347 48.50 31.06 -18.20
N GLU A 348 47.91 29.86 -18.22
CA GLU A 348 47.93 28.93 -17.09
C GLU A 348 49.21 28.10 -17.08
N THR A 349 49.95 28.10 -18.20
CA THR A 349 51.23 27.40 -18.33
C THR A 349 52.33 28.25 -17.67
N THR A 350 52.01 29.55 -17.45
CA THR A 350 52.88 30.53 -16.80
C THR A 350 52.98 30.27 -15.29
N LYS A 351 51.96 29.60 -14.72
CA LYS A 351 51.89 29.22 -13.30
C LYS A 351 52.94 28.13 -13.04
N PRO A 352 53.68 28.16 -11.91
CA PRO A 352 54.69 27.12 -11.67
C PRO A 352 54.11 25.72 -11.59
N ASP A 353 54.86 24.73 -12.13
CA ASP A 353 54.50 23.31 -12.17
C ASP A 353 54.18 22.79 -10.78
N MET A 354 52.98 22.19 -10.61
CA MET A 354 52.54 21.72 -9.30
C MET A 354 52.75 20.23 -9.09
N THR A 355 53.28 19.90 -7.91
CA THR A 355 53.54 18.55 -7.41
C THR A 355 52.56 18.24 -6.28
N LEU A 356 52.19 16.96 -6.13
CA LEU A 356 51.29 16.50 -5.07
C LEU A 356 51.88 16.75 -3.69
N LYS A 357 53.21 16.55 -3.56
CA LYS A 357 54.00 16.72 -2.33
C LYS A 357 53.91 18.16 -1.80
N GLU A 358 54.43 19.15 -2.57
CA GLU A 358 54.45 20.57 -2.19
C GLU A 358 53.06 21.19 -2.01
N ALA A 359 52.07 20.79 -2.85
CA ALA A 359 50.69 21.30 -2.79
C ALA A 359 50.02 20.96 -1.47
N LEU A 360 50.10 19.69 -1.04
CA LEU A 360 49.53 19.19 0.21
C LEU A 360 50.13 19.90 1.43
N LYS A 361 51.43 20.24 1.36
CA LYS A 361 52.18 20.94 2.41
C LYS A 361 51.68 22.36 2.62
N ILE A 362 51.52 23.13 1.51
CA ILE A 362 51.08 24.53 1.54
C ILE A 362 49.56 24.69 1.71
N ALA A 363 48.76 23.69 1.31
CA ALA A 363 47.31 23.76 1.41
C ALA A 363 46.73 23.38 2.77
N PHE A 364 47.34 22.41 3.47
CA PHE A 364 46.80 21.95 4.74
C PHE A 364 47.78 22.08 5.90
N GLY A 365 49.03 21.70 5.65
CA GLY A 365 50.09 21.78 6.66
C GLY A 365 50.88 20.51 6.82
N PHE A 366 51.13 19.79 5.70
CA PHE A 366 51.91 18.57 5.69
C PHE A 366 53.40 18.88 5.90
N ASN A 367 54.11 18.00 6.61
CA ASN A 367 55.54 18.18 6.89
C ASN A 367 56.37 17.01 6.37
N GLU A 368 57.60 17.30 5.94
CA GLU A 368 58.54 16.31 5.43
C GLU A 368 59.72 16.19 6.43
N PRO A 369 59.60 15.34 7.49
CA PRO A 369 60.69 15.25 8.47
C PRO A 369 61.83 14.30 8.10
N ASN A 370 61.50 13.07 7.66
CA ASN A 370 62.46 12.04 7.25
C ASN A 370 62.65 12.10 5.74
N GLY A 371 61.53 12.12 5.02
CA GLY A 371 61.43 12.15 3.57
C GLY A 371 60.00 11.82 3.16
N ASN A 372 59.32 11.04 4.03
CA ASN A 372 57.93 10.64 3.88
C ASN A 372 57.02 11.75 4.40
N LEU A 373 55.96 12.05 3.65
CA LEU A 373 55.01 13.11 4.02
C LEU A 373 54.10 12.65 5.14
N GLN A 374 53.84 13.55 6.12
CA GLN A 374 52.97 13.27 7.27
C GLN A 374 52.26 14.51 7.79
N TYR A 375 50.96 14.37 8.13
CA TYR A 375 50.12 15.44 8.63
C TYR A 375 50.09 15.46 10.16
N GLN A 376 50.90 16.35 10.76
CA GLN A 376 51.05 16.57 12.21
C GLN A 376 51.47 15.30 12.99
N GLY A 377 51.82 14.23 12.27
CA GLY A 377 52.22 12.95 12.82
C GLY A 377 51.72 11.76 12.01
N LYS A 378 50.44 11.81 11.58
CA LYS A 378 49.78 10.78 10.77
C LYS A 378 50.43 10.70 9.38
N ASP A 379 51.01 9.54 9.03
CA ASP A 379 51.69 9.30 7.75
C ASP A 379 50.76 9.38 6.54
N ILE A 380 51.32 9.68 5.34
CA ILE A 380 50.58 9.80 4.07
C ILE A 380 49.87 8.48 3.69
N THR A 381 50.52 7.33 3.99
CA THR A 381 50.03 5.97 3.74
C THR A 381 48.77 5.65 4.57
N GLU A 382 48.59 6.32 5.72
CA GLU A 382 47.45 6.18 6.63
C GLU A 382 46.18 6.84 6.02
N PHE A 383 46.34 7.60 4.92
CA PHE A 383 45.24 8.28 4.23
C PHE A 383 44.94 7.66 2.86
N ASP A 384 43.64 7.57 2.55
CA ASP A 384 43.08 7.02 1.31
C ASP A 384 43.10 8.05 0.17
N PHE A 385 43.33 7.58 -1.06
CA PHE A 385 43.38 8.41 -2.27
C PHE A 385 42.20 8.13 -3.20
N ASN A 386 41.35 9.15 -3.43
CA ASN A 386 40.18 9.04 -4.30
C ASN A 386 40.14 10.18 -5.32
N PHE A 387 39.73 9.86 -6.57
CA PHE A 387 39.65 10.83 -7.67
C PHE A 387 38.38 10.61 -8.51
N ASP A 388 38.14 11.48 -9.51
CA ASP A 388 36.99 11.38 -10.41
C ASP A 388 37.33 10.54 -11.66
N GLN A 389 36.60 10.76 -12.77
CA GLN A 389 36.78 10.04 -14.04
C GLN A 389 38.11 10.43 -14.71
N GLN A 390 38.24 11.72 -15.06
CA GLN A 390 39.38 12.30 -15.76
C GLN A 390 40.62 12.52 -14.89
N THR A 391 40.44 12.81 -13.58
CA THR A 391 41.55 13.03 -12.64
C THR A 391 42.36 11.73 -12.45
N SER A 392 41.67 10.62 -12.13
CA SER A 392 42.29 9.30 -11.95
C SER A 392 42.95 8.80 -13.23
N GLN A 393 42.31 9.06 -14.39
CA GLN A 393 42.81 8.67 -15.71
C GLN A 393 44.08 9.44 -16.08
N ASN A 394 44.17 10.72 -15.65
CA ASN A 394 45.34 11.58 -15.89
C ASN A 394 46.53 11.06 -15.08
N ILE A 395 46.29 10.66 -13.82
CA ILE A 395 47.31 10.12 -12.92
C ILE A 395 47.69 8.68 -13.35
N LYS A 396 46.72 7.92 -13.93
CA LYS A 396 46.92 6.55 -14.44
C LYS A 396 48.05 6.52 -15.48
N ASN A 397 48.05 7.50 -16.41
CA ASN A 397 49.07 7.65 -17.46
C ASN A 397 50.43 7.97 -16.85
N GLN A 398 50.45 8.87 -15.84
CA GLN A 398 51.65 9.30 -15.12
C GLN A 398 52.32 8.13 -14.39
N LEU A 399 51.53 7.31 -13.65
CA LEU A 399 52.00 6.14 -12.89
C LEU A 399 52.68 5.10 -13.77
N ALA A 400 52.23 4.98 -15.04
CA ALA A 400 52.78 4.05 -16.04
C ALA A 400 54.08 4.61 -16.63
N GLU A 401 54.14 5.94 -16.81
CA GLU A 401 55.33 6.65 -17.34
C GLU A 401 56.43 6.70 -16.28
N LEU A 402 56.03 6.78 -14.99
CA LEU A 402 56.93 6.79 -13.82
C LEU A 402 57.25 5.36 -13.38
N ASN A 403 56.56 4.36 -14.00
CA ASN A 403 56.65 2.91 -13.80
C ASN A 403 56.07 2.43 -12.46
N ALA A 404 56.36 3.15 -11.35
CA ALA A 404 55.87 2.81 -10.01
C ALA A 404 54.34 2.87 -9.95
N THR A 405 53.71 1.73 -9.67
CA THR A 405 52.25 1.55 -9.61
C THR A 405 51.63 2.18 -8.34
N ASN A 406 52.44 2.34 -7.27
CA ASN A 406 51.98 2.92 -6.01
C ASN A 406 52.09 4.44 -6.03
N ILE A 407 51.02 5.14 -5.61
CA ILE A 407 50.94 6.60 -5.56
C ILE A 407 51.87 7.21 -4.50
N TYR A 408 52.09 6.51 -3.38
CA TYR A 408 52.96 6.96 -2.28
C TYR A 408 54.45 6.97 -2.68
N THR A 409 54.84 6.09 -3.63
CA THR A 409 56.21 5.94 -4.13
C THR A 409 56.64 7.20 -4.91
N VAL A 410 55.90 7.53 -5.99
CA VAL A 410 56.16 8.68 -6.87
C VAL A 410 55.38 9.94 -6.41
N LEU A 411 55.04 10.01 -5.10
CA LEU A 411 54.33 11.08 -4.40
C LEU A 411 54.86 12.49 -4.73
N ASP A 412 56.21 12.62 -4.79
CA ASP A 412 56.94 13.86 -5.08
C ASP A 412 57.04 14.18 -6.58
N LYS A 413 56.66 13.23 -7.46
CA LYS A 413 56.73 13.40 -8.92
C LYS A 413 55.37 13.45 -9.63
N ILE A 414 54.25 13.25 -8.89
CA ILE A 414 52.90 13.30 -9.48
C ILE A 414 52.51 14.76 -9.76
N LYS A 415 52.34 15.09 -11.05
CA LYS A 415 51.96 16.42 -11.52
C LYS A 415 50.48 16.70 -11.35
N LEU A 416 50.14 17.93 -10.94
CA LEU A 416 48.75 18.35 -10.75
C LEU A 416 48.29 19.26 -11.86
N ASN A 417 47.13 18.94 -12.44
CA ASN A 417 46.50 19.69 -13.53
C ASN A 417 45.28 20.47 -13.06
N ALA A 418 44.85 21.46 -13.85
CA ALA A 418 43.71 22.32 -13.55
C ALA A 418 42.38 21.56 -13.63
N LYS A 419 41.34 22.10 -12.93
CA LYS A 419 39.97 21.59 -12.86
C LYS A 419 39.84 20.22 -12.17
N MET A 420 40.98 19.67 -11.69
CA MET A 420 41.06 18.38 -11.01
C MET A 420 40.28 18.33 -9.71
N ASN A 421 39.73 17.14 -9.37
CA ASN A 421 38.99 16.90 -8.12
C ASN A 421 39.60 15.70 -7.42
N ILE A 422 40.24 15.94 -6.26
CA ILE A 422 40.94 14.94 -5.46
C ILE A 422 40.35 14.88 -4.04
N LEU A 423 39.99 13.68 -3.58
CA LEU A 423 39.42 13.46 -2.25
C LEU A 423 40.34 12.58 -1.40
N ILE A 424 40.84 13.14 -0.28
CA ILE A 424 41.73 12.43 0.63
C ILE A 424 41.03 12.27 1.97
N ARG A 425 40.84 11.01 2.42
CA ARG A 425 40.16 10.67 3.66
C ARG A 425 40.96 9.71 4.54
N ASP A 426 40.70 9.70 5.86
CA ASP A 426 41.38 8.84 6.83
C ASP A 426 40.93 7.39 6.65
N LYS A 427 41.90 6.45 6.49
CA LYS A 427 41.64 5.02 6.30
C LYS A 427 41.02 4.34 7.53
N ARG A 428 41.25 4.92 8.71
CA ARG A 428 40.77 4.41 10.01
C ARG A 428 39.24 4.36 10.15
N PHE A 429 38.50 5.17 9.35
CA PHE A 429 37.05 5.26 9.39
C PHE A 429 36.38 4.76 8.11
N HIS A 430 35.05 4.55 8.17
CA HIS A 430 34.22 4.14 7.04
C HIS A 430 33.47 5.36 6.48
N TYR A 431 33.22 5.39 5.16
CA TYR A 431 32.56 6.54 4.53
C TYR A 431 31.35 6.17 3.69
N ASP A 432 30.30 7.00 3.81
CA ASP A 432 29.02 6.85 3.09
C ASP A 432 29.04 7.54 1.71
N ARG A 433 27.86 7.74 1.09
CA ARG A 433 27.71 8.38 -0.22
C ARG A 433 28.00 9.89 -0.17
N ASN A 434 27.89 10.50 1.03
CA ASN A 434 28.17 11.92 1.25
C ASN A 434 29.62 12.15 1.73
N ASN A 435 30.43 11.07 1.76
CA ASN A 435 31.86 11.01 2.15
C ASN A 435 32.13 11.54 3.59
N ILE A 436 31.22 11.26 4.53
CA ILE A 436 31.39 11.66 5.94
C ILE A 436 31.63 10.44 6.84
N ALA A 437 32.44 10.64 7.90
CA ALA A 437 32.79 9.59 8.87
C ALA A 437 31.54 9.02 9.57
N VAL A 438 31.22 7.74 9.30
CA VAL A 438 30.03 7.06 9.83
C VAL A 438 30.36 6.06 10.97
N GLY A 439 31.33 5.19 10.74
CA GLY A 439 31.77 4.19 11.70
C GLY A 439 33.24 3.85 11.57
N ALA A 440 33.70 2.89 12.37
CA ALA A 440 35.09 2.42 12.41
C ALA A 440 35.18 0.97 12.88
N ASP A 441 36.36 0.35 12.68
CA ASP A 441 36.67 -1.04 13.07
C ASP A 441 36.64 -1.21 14.59
N GLU A 442 36.36 -2.44 15.08
CA GLU A 442 36.29 -2.74 16.51
C GLU A 442 37.61 -2.50 17.25
N SER A 443 38.75 -2.51 16.52
CA SER A 443 40.07 -2.22 17.08
C SER A 443 40.19 -0.71 17.34
N VAL A 444 39.58 0.13 16.46
CA VAL A 444 39.60 1.60 16.51
C VAL A 444 38.80 2.17 17.71
N VAL A 445 37.53 1.74 17.88
CA VAL A 445 36.61 2.18 18.95
C VAL A 445 37.16 1.82 20.33
N LYS A 446 37.63 0.57 20.50
CA LYS A 446 38.19 0.06 21.76
C LYS A 446 39.52 0.72 22.15
N GLU A 447 40.22 1.36 21.19
CA GLU A 447 41.51 2.03 21.44
C GLU A 447 41.38 3.40 22.13
N ALA A 448 40.36 4.19 21.77
CA ALA A 448 40.10 5.50 22.37
C ALA A 448 39.27 5.38 23.64
N HIS A 449 38.36 4.36 23.68
CA HIS A 449 37.48 4.04 24.82
C HIS A 449 38.21 3.22 25.91
N ARG A 450 39.53 3.01 25.72
CA ARG A 450 40.43 2.28 26.60
C ARG A 450 40.63 2.99 27.96
N GLU A 451 40.76 4.33 27.96
CA GLU A 451 40.99 5.14 29.16
C GLU A 451 39.75 5.25 30.06
N VAL A 452 39.99 5.46 31.38
CA VAL A 452 38.99 5.58 32.45
C VAL A 452 38.02 6.76 32.21
N ASN A 463 37.91 9.12 29.77
CA ASN A 463 38.64 9.78 28.70
C ASN A 463 38.55 8.99 27.40
N ILE A 464 38.00 9.64 26.35
CA ILE A 464 37.77 9.12 25.00
C ILE A 464 38.23 10.21 24.02
N ASP A 465 38.95 9.81 22.95
CA ASP A 465 39.46 10.68 21.89
C ASP A 465 38.29 11.38 21.16
N LYS A 466 38.46 12.68 20.87
CA LYS A 466 37.45 13.55 20.23
C LYS A 466 37.14 13.16 18.78
N ASP A 467 38.16 12.70 18.02
CA ASP A 467 38.03 12.27 16.63
C ASP A 467 37.29 10.93 16.51
N ILE A 468 37.58 9.99 17.43
CA ILE A 468 36.98 8.64 17.46
C ILE A 468 35.51 8.69 17.93
N ARG A 469 35.21 9.52 18.95
CA ARG A 469 33.85 9.66 19.51
C ARG A 469 32.84 10.31 18.54
N LYS A 470 33.32 10.92 17.44
CA LYS A 470 32.50 11.58 16.42
C LYS A 470 31.65 10.57 15.62
N ILE A 471 32.12 9.30 15.52
CA ILE A 471 31.40 8.23 14.81
C ILE A 471 30.48 7.45 15.78
N LEU A 472 30.38 7.89 17.04
CA LEU A 472 29.56 7.25 18.07
C LEU A 472 28.17 7.90 18.19
N ASP A 491 17.25 -0.50 26.83
CA ASP A 491 16.91 -1.47 25.79
C ASP A 491 15.72 -1.01 24.90
N ARG A 492 16.02 -0.17 23.88
CA ARG A 492 15.07 0.37 22.87
C ARG A 492 15.82 1.01 21.68
N TYR A 493 15.11 1.26 20.56
CA TYR A 493 15.66 1.87 19.32
C TYR A 493 16.19 3.30 19.53
N ASP A 494 15.60 4.02 20.51
CA ASP A 494 15.95 5.41 20.86
C ASP A 494 16.80 5.53 22.14
N MET A 495 16.73 4.53 23.04
CA MET A 495 17.48 4.49 24.30
C MET A 495 18.97 4.24 24.02
N LEU A 496 19.66 5.23 23.46
CA LEU A 496 21.07 5.13 23.12
C LEU A 496 21.90 6.33 23.55
N ASN A 497 21.29 7.54 23.62
CA ASN A 497 21.99 8.75 24.05
C ASN A 497 22.33 8.69 25.54
N ILE A 498 23.63 8.65 25.84
CA ILE A 498 24.17 8.55 27.19
C ILE A 498 25.42 9.42 27.36
N SER A 499 26.21 9.56 26.28
CA SER A 499 27.46 10.32 26.27
C SER A 499 27.23 11.81 26.44
N SER A 500 27.81 12.37 27.49
CA SER A 500 27.73 13.79 27.82
C SER A 500 29.16 14.31 27.96
N LEU A 501 29.71 14.85 26.86
CA LEU A 501 31.07 15.37 26.81
C LEU A 501 31.28 16.61 27.67
N ARG A 502 32.18 16.48 28.68
CA ARG A 502 32.55 17.55 29.60
C ARG A 502 33.62 18.44 28.98
N GLN A 503 33.73 19.69 29.44
CA GLN A 503 34.71 20.65 28.93
C GLN A 503 36.17 20.29 29.31
N ASP A 504 36.35 19.36 30.28
CA ASP A 504 37.67 18.89 30.73
C ASP A 504 38.40 18.02 29.70
N GLY A 505 37.65 17.47 28.75
CA GLY A 505 38.18 16.63 27.67
C GLY A 505 37.87 15.14 27.85
N LYS A 506 36.91 14.82 28.72
CA LYS A 506 36.49 13.45 29.02
C LYS A 506 35.01 13.26 28.79
N THR A 507 34.64 12.15 28.11
CA THR A 507 33.25 11.81 27.81
C THR A 507 32.63 11.10 29.01
N PHE A 508 31.49 11.62 29.50
CA PHE A 508 30.79 11.05 30.66
C PHE A 508 29.57 10.22 30.24
N THR A 535 27.92 2.56 16.87
CA THR A 535 28.30 3.57 15.88
C THR A 535 27.08 4.18 15.19
N LYS A 536 27.30 5.30 14.47
CA LYS A 536 26.27 6.03 13.71
C LYS A 536 25.76 5.21 12.52
N GLU A 537 26.63 4.38 11.92
CA GLU A 537 26.28 3.54 10.77
C GLU A 537 25.44 2.32 11.16
N ASN A 538 25.57 1.85 12.42
CA ASN A 538 24.88 0.68 12.96
C ASN A 538 23.58 0.99 13.71
N THR A 539 23.42 2.24 14.20
CA THR A 539 22.23 2.66 14.97
C THR A 539 20.95 2.71 14.12
N ILE A 540 19.80 2.40 14.75
CA ILE A 540 18.49 2.44 14.11
C ILE A 540 17.70 3.65 14.59
N ILE A 541 17.32 4.51 13.64
CA ILE A 541 16.55 5.74 13.85
C ILE A 541 15.07 5.45 14.08
N ASN A 542 14.57 4.31 13.52
CA ASN A 542 13.19 3.84 13.62
C ASN A 542 13.15 2.33 13.85
N PRO A 543 12.11 1.75 14.51
CA PRO A 543 12.09 0.29 14.72
C PRO A 543 11.86 -0.49 13.43
N SER A 544 12.22 -1.79 13.43
CA SER A 544 12.10 -2.72 12.30
C SER A 544 10.64 -2.97 11.89
N GLU A 545 10.40 -3.74 10.80
CA GLU A 545 9.05 -4.07 10.31
C GLU A 545 8.24 -4.81 11.39
N ASN A 546 8.96 -5.50 12.27
CA ASN A 546 8.46 -6.26 13.42
C ASN A 546 8.34 -5.40 14.71
N GLY A 547 8.60 -4.09 14.59
CA GLY A 547 8.52 -3.11 15.68
C GLY A 547 9.51 -3.37 16.80
N ASP A 548 10.76 -3.69 16.43
CA ASP A 548 11.84 -4.04 17.36
C ASP A 548 12.36 -2.84 18.18
N THR A 549 11.65 -2.52 19.28
CA THR A 549 12.05 -1.49 20.25
C THR A 549 12.99 -2.16 21.27
N SER A 550 14.09 -2.73 20.76
CA SER A 550 15.10 -3.45 21.54
C SER A 550 16.52 -3.26 20.96
N THR A 551 17.52 -3.27 21.86
CA THR A 551 18.94 -3.09 21.54
C THR A 551 19.64 -4.40 21.09
N ASN A 552 18.89 -5.52 21.05
CA ASN A 552 19.40 -6.83 20.63
C ASN A 552 19.84 -6.86 19.16
N GLY A 553 19.01 -6.31 18.27
CA GLY A 553 19.28 -6.24 16.84
C GLY A 553 20.36 -5.24 16.45
N ILE A 554 20.54 -4.20 17.30
CA ILE A 554 21.53 -3.13 17.10
C ILE A 554 22.95 -3.69 17.32
N LYS A 555 23.85 -3.43 16.35
CA LYS A 555 25.25 -3.87 16.41
C LYS A 555 26.00 -3.08 17.49
N LYS A 556 26.27 -3.75 18.62
CA LYS A 556 26.93 -3.20 19.80
C LYS A 556 28.40 -3.55 19.91
N ILE A 557 29.17 -2.60 20.47
CA ILE A 557 30.62 -2.68 20.68
C ILE A 557 30.91 -2.38 22.19
N LEU A 558 32.20 -2.39 22.57
CA LEU A 558 32.71 -2.12 23.92
C LEU A 558 32.48 -0.65 24.29
N THR B 7 59.34 50.85 -33.61
CA THR B 7 57.89 50.83 -33.72
C THR B 7 57.38 49.54 -34.35
N VAL B 8 56.28 48.99 -33.81
CA VAL B 8 55.67 47.73 -34.21
C VAL B 8 54.45 48.02 -35.14
N PRO B 9 54.36 47.40 -36.34
CA PRO B 9 53.20 47.66 -37.19
C PRO B 9 51.97 46.85 -36.76
N ASP B 10 51.06 47.52 -36.04
CA ASP B 10 49.82 46.93 -35.53
C ASP B 10 48.66 47.89 -35.80
N ARG B 11 47.73 47.47 -36.69
CA ARG B 11 46.57 48.26 -37.08
C ARG B 11 45.40 48.08 -36.10
N ASP B 12 45.18 46.82 -35.61
CA ASP B 12 44.07 46.51 -34.71
C ASP B 12 44.36 46.72 -33.19
N ASN B 13 45.55 47.30 -32.82
CA ASN B 13 45.98 47.63 -31.45
C ASN B 13 45.87 46.46 -30.42
N ASP B 14 45.58 45.24 -30.91
CA ASP B 14 45.40 44.02 -30.12
C ASP B 14 46.68 43.59 -29.41
N GLY B 15 47.78 43.63 -30.15
CA GLY B 15 49.11 43.21 -29.71
C GLY B 15 49.78 42.41 -30.80
N ILE B 16 48.98 41.67 -31.59
CA ILE B 16 49.47 40.86 -32.71
C ILE B 16 49.80 41.80 -33.89
N PRO B 17 51.07 41.83 -34.35
CA PRO B 17 51.42 42.72 -35.47
C PRO B 17 50.88 42.24 -36.80
N ASP B 18 50.76 43.17 -37.77
CA ASP B 18 50.26 42.93 -39.13
C ASP B 18 50.94 41.76 -39.82
N SER B 19 52.27 41.64 -39.64
CA SER B 19 53.10 40.59 -40.22
C SER B 19 52.69 39.19 -39.76
N LEU B 20 52.52 38.98 -38.43
CA LEU B 20 52.15 37.68 -37.88
C LEU B 20 50.69 37.37 -38.14
N GLU B 21 49.80 38.37 -37.96
CA GLU B 21 48.34 38.27 -38.14
C GLU B 21 47.94 37.80 -39.56
N VAL B 22 48.74 38.16 -40.59
CA VAL B 22 48.52 37.80 -41.99
C VAL B 22 49.16 36.44 -42.34
N GLU B 23 50.48 36.32 -42.12
CA GLU B 23 51.26 35.13 -42.47
C GLU B 23 50.99 33.89 -41.59
N GLY B 24 51.05 34.05 -40.27
CA GLY B 24 50.84 32.97 -39.31
C GLY B 24 51.51 33.21 -37.97
N TYR B 25 50.89 32.74 -36.86
CA TYR B 25 51.40 32.90 -35.49
C TYR B 25 50.85 31.86 -34.49
N THR B 26 51.50 31.76 -33.30
CA THR B 26 51.14 30.87 -32.19
C THR B 26 51.70 31.40 -30.85
N VAL B 27 51.28 30.78 -29.72
CA VAL B 27 51.71 31.18 -28.38
C VAL B 27 52.52 30.05 -27.74
N ASP B 28 53.71 30.38 -27.20
CA ASP B 28 54.60 29.41 -26.55
C ASP B 28 55.10 29.91 -25.19
N VAL B 29 55.63 29.00 -24.36
CA VAL B 29 56.16 29.33 -23.03
C VAL B 29 57.68 29.14 -22.97
N LYS B 30 58.40 30.23 -22.63
CA LYS B 30 59.86 30.25 -22.52
C LYS B 30 60.26 29.63 -21.18
N ASN B 31 60.67 30.44 -20.18
CA ASN B 31 61.00 29.99 -18.83
C ASN B 31 59.66 29.62 -18.24
N LYS B 32 58.75 30.61 -18.17
CA LYS B 32 57.36 30.51 -17.75
C LYS B 32 56.53 31.46 -18.61
N ARG B 33 57.10 32.65 -18.91
CA ARG B 33 56.54 33.76 -19.68
C ARG B 33 55.90 33.35 -21.02
N THR B 34 54.76 33.98 -21.36
CA THR B 34 54.03 33.73 -22.61
C THR B 34 54.66 34.53 -23.75
N PHE B 35 54.91 33.86 -24.88
CA PHE B 35 55.55 34.45 -26.05
C PHE B 35 54.78 34.22 -27.35
N LEU B 36 54.58 35.29 -28.12
CA LEU B 36 53.92 35.25 -29.42
C LEU B 36 55.01 35.19 -30.50
N SER B 37 54.94 34.18 -31.37
CA SER B 37 55.95 33.94 -32.41
C SER B 37 55.33 33.50 -33.75
N PRO B 38 55.94 33.86 -34.91
CA PRO B 38 55.40 33.39 -36.20
C PRO B 38 55.43 31.87 -36.35
N TRP B 39 54.54 31.32 -37.19
CA TRP B 39 54.38 29.87 -37.40
C TRP B 39 55.55 29.21 -38.11
N ILE B 40 56.13 28.19 -37.47
CA ILE B 40 57.23 27.36 -37.99
C ILE B 40 56.83 25.90 -37.75
N SER B 41 56.47 25.19 -38.82
CA SER B 41 56.04 23.78 -38.79
C SER B 41 57.13 22.82 -38.29
N ASN B 42 58.40 23.21 -38.46
CA ASN B 42 59.59 22.46 -38.08
C ASN B 42 59.74 22.34 -36.55
N ILE B 43 59.18 23.31 -35.80
CA ILE B 43 59.30 23.36 -34.34
C ILE B 43 57.94 23.35 -33.62
N HIS B 44 57.05 24.31 -33.95
CA HIS B 44 55.75 24.52 -33.31
C HIS B 44 54.74 23.39 -33.54
N GLU B 45 54.56 22.95 -34.80
CA GLU B 45 53.62 21.87 -35.19
C GLU B 45 53.99 20.56 -34.50
N LYS B 46 55.30 20.30 -34.34
CA LYS B 46 55.84 19.11 -33.69
C LYS B 46 55.64 19.16 -32.18
N LYS B 47 55.71 20.37 -31.58
CA LYS B 47 55.52 20.60 -30.14
C LYS B 47 54.09 20.37 -29.71
N GLY B 48 53.15 20.53 -30.64
CA GLY B 48 51.72 20.34 -30.41
C GLY B 48 50.96 21.64 -30.32
N LEU B 49 51.24 22.57 -31.24
CA LEU B 49 50.61 23.89 -31.28
C LEU B 49 49.60 24.01 -32.41
N THR B 50 48.75 25.05 -32.33
CA THR B 50 47.71 25.33 -33.30
C THR B 50 48.10 26.56 -34.15
N LYS B 51 47.91 26.46 -35.48
CA LYS B 51 48.24 27.54 -36.41
C LYS B 51 47.15 28.59 -36.39
N TYR B 52 47.47 29.78 -35.84
CA TYR B 52 46.53 30.89 -35.75
C TYR B 52 46.84 31.95 -36.79
N LYS B 53 45.78 32.57 -37.30
CA LYS B 53 45.77 33.65 -38.27
C LYS B 53 44.46 34.39 -38.11
N SER B 54 44.53 35.71 -37.95
CA SER B 54 43.32 36.50 -37.76
C SER B 54 43.30 37.74 -38.65
N SER B 55 42.47 38.73 -38.30
CA SER B 55 42.34 39.96 -39.07
C SER B 55 43.21 41.08 -38.48
N PRO B 56 44.17 41.61 -39.27
CA PRO B 56 45.02 42.72 -38.77
C PRO B 56 44.29 44.05 -38.58
N GLU B 57 43.10 44.22 -39.20
CA GLU B 57 42.32 45.46 -39.10
C GLU B 57 41.11 45.34 -38.14
N LYS B 58 40.86 44.13 -37.63
CA LYS B 58 39.77 43.86 -36.68
C LYS B 58 40.31 43.46 -35.31
N TRP B 59 39.76 44.06 -34.24
CA TRP B 59 40.11 43.79 -32.85
C TRP B 59 39.75 42.36 -32.51
N SER B 60 38.59 41.92 -32.97
CA SER B 60 38.07 40.57 -32.83
C SER B 60 37.55 40.13 -34.19
N THR B 61 38.20 39.11 -34.77
CA THR B 61 37.90 38.54 -36.08
C THR B 61 36.48 37.97 -36.07
N ALA B 62 36.13 37.26 -35.00
CA ALA B 62 34.81 36.65 -34.81
C ALA B 62 33.73 37.68 -34.46
N SER B 63 34.12 38.97 -34.37
CA SER B 63 33.24 40.12 -34.08
C SER B 63 32.62 40.06 -32.68
N ASP B 64 33.15 39.18 -31.81
CA ASP B 64 32.70 38.97 -30.44
C ASP B 64 33.33 40.01 -29.46
N PRO B 65 32.94 40.09 -28.16
CA PRO B 65 33.53 41.11 -27.29
C PRO B 65 34.97 40.84 -26.86
N TYR B 66 35.44 39.60 -27.04
CA TYR B 66 36.79 39.18 -26.68
C TYR B 66 37.73 39.33 -27.88
N SER B 67 38.83 40.10 -27.71
CA SER B 67 39.82 40.37 -28.76
C SER B 67 40.61 39.15 -29.22
N ASP B 68 41.22 39.24 -30.42
CA ASP B 68 42.04 38.19 -31.02
C ASP B 68 43.23 37.83 -30.13
N PHE B 69 43.85 38.85 -29.50
CA PHE B 69 44.98 38.70 -28.59
C PHE B 69 44.52 37.97 -27.33
N GLU B 70 43.61 38.61 -26.55
CA GLU B 70 43.00 38.12 -25.30
C GLU B 70 42.72 36.62 -25.29
N LYS B 71 42.27 36.07 -26.44
CA LYS B 71 41.94 34.66 -26.67
C LYS B 71 43.16 33.74 -26.49
N VAL B 72 44.04 33.70 -27.50
CA VAL B 72 45.22 32.85 -27.58
C VAL B 72 46.22 33.09 -26.45
N THR B 73 46.33 34.33 -25.94
CA THR B 73 47.27 34.62 -24.84
C THR B 73 46.73 34.10 -23.50
N GLY B 74 45.43 33.84 -23.43
CA GLY B 74 44.76 33.34 -22.24
C GLY B 74 44.23 34.41 -21.31
N ARG B 75 44.50 35.68 -21.62
CA ARG B 75 44.06 36.85 -20.87
C ARG B 75 42.59 37.09 -21.20
N ILE B 76 41.72 36.18 -20.76
CA ILE B 76 40.29 36.17 -21.07
C ILE B 76 39.46 35.50 -19.95
N ASP B 77 38.12 35.48 -20.12
CA ASP B 77 37.18 34.83 -19.22
C ASP B 77 37.39 33.32 -19.37
N LYS B 78 38.03 32.69 -18.36
CA LYS B 78 38.39 31.27 -18.32
C LYS B 78 37.26 30.30 -18.65
N ASN B 79 35.99 30.73 -18.44
CA ASN B 79 34.79 29.94 -18.71
C ASN B 79 34.57 29.73 -20.21
N VAL B 80 35.09 30.64 -21.05
CA VAL B 80 34.97 30.59 -22.52
C VAL B 80 35.55 29.27 -23.03
N SER B 81 34.75 28.54 -23.84
CA SER B 81 35.03 27.23 -24.43
C SER B 81 36.45 27.11 -25.03
N PRO B 82 37.13 25.94 -24.86
CA PRO B 82 38.49 25.79 -25.42
C PRO B 82 38.55 25.89 -26.94
N GLU B 83 37.50 25.42 -27.63
CA GLU B 83 37.38 25.50 -29.08
C GLU B 83 37.26 26.97 -29.50
N ALA B 84 36.61 27.79 -28.65
CA ALA B 84 36.38 29.23 -28.85
C ALA B 84 37.61 30.07 -28.55
N ARG B 85 38.59 29.51 -27.82
CA ARG B 85 39.82 30.22 -27.48
C ARG B 85 40.68 30.49 -28.74
N HIS B 86 40.24 29.97 -29.91
CA HIS B 86 40.86 30.15 -31.22
C HIS B 86 40.33 31.47 -31.83
N PRO B 87 41.18 32.26 -32.53
CA PRO B 87 40.71 33.53 -33.11
C PRO B 87 39.57 33.45 -34.14
N LEU B 88 39.54 32.36 -34.93
CA LEU B 88 38.56 32.14 -35.99
C LEU B 88 37.25 31.47 -35.50
N VAL B 89 37.11 31.28 -34.17
CA VAL B 89 35.92 30.68 -33.57
C VAL B 89 35.20 31.69 -32.68
N ALA B 90 33.87 31.84 -32.90
CA ALA B 90 33.04 32.78 -32.16
C ALA B 90 32.75 32.33 -30.73
N ALA B 91 33.02 33.23 -29.77
CA ALA B 91 32.76 33.02 -28.35
C ALA B 91 31.47 33.75 -28.01
N TYR B 92 30.32 33.11 -28.33
CA TYR B 92 28.99 33.69 -28.12
C TYR B 92 28.02 32.71 -27.44
N PRO B 93 27.11 33.21 -26.55
CA PRO B 93 26.19 32.29 -25.88
C PRO B 93 24.86 32.04 -26.60
N ILE B 94 24.32 30.83 -26.39
CA ILE B 94 23.03 30.34 -26.90
C ILE B 94 22.44 29.53 -25.75
N VAL B 95 21.20 29.85 -25.33
CA VAL B 95 20.56 29.15 -24.22
C VAL B 95 19.07 28.88 -24.52
N HIS B 96 18.67 27.62 -24.32
CA HIS B 96 17.31 27.09 -24.49
C HIS B 96 16.82 26.53 -23.15
N VAL B 97 15.49 26.47 -22.95
CA VAL B 97 14.90 25.98 -21.72
C VAL B 97 14.60 24.48 -21.81
N ASP B 98 15.19 23.70 -20.88
CA ASP B 98 15.01 22.24 -20.79
C ASP B 98 14.00 21.90 -19.70
N MET B 99 12.88 21.28 -20.08
CA MET B 99 11.83 20.88 -19.15
C MET B 99 12.11 19.45 -18.69
N GLU B 100 12.09 19.23 -17.37
CA GLU B 100 12.38 17.91 -16.77
C GLU B 100 11.13 17.05 -16.57
N ASN B 101 10.03 17.67 -16.11
CA ASN B 101 8.75 17.02 -15.84
C ASN B 101 7.59 18.02 -15.76
N ILE B 102 6.36 17.54 -16.01
CA ILE B 102 5.14 18.36 -15.96
C ILE B 102 4.17 17.84 -14.88
N ILE B 103 3.19 18.68 -14.50
CA ILE B 103 2.14 18.35 -13.55
C ILE B 103 0.88 19.16 -13.89
N LEU B 104 -0.22 18.44 -14.14
CA LEU B 104 -1.49 19.06 -14.51
C LEU B 104 -2.58 18.82 -13.49
N SER B 105 -3.29 19.90 -13.12
CA SER B 105 -4.39 19.91 -12.13
C SER B 105 -5.49 20.89 -12.54
N LYS B 106 -6.72 20.70 -12.00
CA LYS B 106 -7.85 21.60 -12.25
C LYS B 106 -7.67 22.90 -11.46
N ASN B 107 -8.09 24.04 -12.06
CA ASN B 107 -7.94 25.37 -11.45
C ASN B 107 -8.63 25.53 -10.11
N GLU B 108 -7.90 26.10 -9.14
CA GLU B 108 -8.34 26.37 -7.77
C GLU B 108 -7.66 27.64 -7.26
N GLN B 118 -6.14 16.09 -5.09
CA GLN B 118 -5.44 15.12 -4.24
C GLN B 118 -4.95 13.91 -5.07
N THR B 119 -5.80 13.43 -6.00
CA THR B 119 -5.57 12.28 -6.90
C THR B 119 -6.01 12.62 -8.34
N ARG B 120 -6.63 13.81 -8.53
CA ARG B 120 -7.08 14.33 -9.81
C ARG B 120 -5.97 15.22 -10.39
N THR B 121 -4.72 14.70 -10.38
CA THR B 121 -3.51 15.39 -10.85
C THR B 121 -2.61 14.43 -11.64
N ILE B 122 -2.39 14.71 -12.94
CA ILE B 122 -1.52 13.87 -13.76
C ILE B 122 -0.11 14.45 -13.83
N SER B 123 0.90 13.60 -13.57
CA SER B 123 2.30 14.00 -13.61
C SER B 123 3.12 13.04 -14.48
N LYS B 124 3.80 13.60 -15.50
CA LYS B 124 4.63 12.86 -16.45
C LYS B 124 5.98 13.57 -16.64
N ASN B 125 7.05 12.80 -16.87
CA ASN B 125 8.39 13.34 -17.09
C ASN B 125 8.55 13.78 -18.54
N THR B 126 9.18 14.95 -18.75
CA THR B 126 9.39 15.51 -20.09
C THR B 126 10.85 15.47 -20.55
N SER B 127 11.05 15.35 -21.87
CA SER B 127 12.36 15.32 -22.50
C SER B 127 12.48 16.50 -23.46
N THR B 128 13.53 17.31 -23.31
CA THR B 128 13.74 18.49 -24.14
C THR B 128 15.10 18.48 -24.83
N SER B 129 15.12 18.95 -26.08
CA SER B 129 16.29 19.06 -26.93
C SER B 129 16.15 20.32 -27.78
N ARG B 130 17.28 21.04 -28.03
CA ARG B 130 17.25 22.26 -28.83
C ARG B 130 16.89 21.96 -30.26
N THR B 131 15.87 22.67 -30.78
CA THR B 131 15.35 22.46 -32.13
C THR B 131 15.78 23.53 -33.11
N HIS B 132 16.26 23.10 -34.27
CA HIS B 132 16.69 23.95 -35.37
C HIS B 132 15.82 23.54 -36.56
N THR B 133 14.67 24.22 -36.71
CA THR B 133 13.64 23.97 -37.73
C THR B 133 14.16 24.03 -39.16
N SER B 134 13.75 23.03 -39.96
CA SER B 134 14.08 22.86 -41.37
C SER B 134 12.96 23.45 -42.23
N ASN B 159 18.02 32.84 -37.59
CA ASN B 159 18.62 32.50 -36.31
C ASN B 159 17.67 32.82 -35.16
N SER B 160 17.68 31.97 -34.08
CA SER B 160 16.85 32.04 -32.87
C SER B 160 17.01 30.78 -32.01
N ASN B 161 16.53 30.85 -30.74
CA ASN B 161 16.55 29.74 -29.80
C ASN B 161 15.13 29.22 -29.59
N SER B 162 14.91 27.93 -29.90
CA SER B 162 13.62 27.24 -29.76
C SER B 162 13.84 25.78 -29.39
N SER B 163 13.09 25.30 -28.39
CA SER B 163 13.20 23.92 -27.90
C SER B 163 11.84 23.27 -27.77
N THR B 164 11.70 22.05 -28.32
CA THR B 164 10.46 21.27 -28.28
C THR B 164 10.54 20.18 -27.20
N VAL B 165 9.52 20.15 -26.31
CA VAL B 165 9.42 19.18 -25.22
C VAL B 165 8.61 17.94 -25.65
N ALA B 166 8.69 16.85 -24.87
CA ALA B 166 7.96 15.61 -25.14
C ALA B 166 7.40 15.01 -23.84
N ILE B 167 6.08 15.14 -23.66
CA ILE B 167 5.38 14.62 -22.47
C ILE B 167 5.23 13.10 -22.59
N ASP B 168 5.56 12.38 -21.50
CA ASP B 168 5.50 10.91 -21.39
C ASP B 168 4.06 10.42 -21.60
N HIS B 169 3.87 9.54 -22.61
CA HIS B 169 2.58 8.96 -22.96
C HIS B 169 2.17 7.83 -22.00
N SER B 170 3.18 7.15 -21.40
CA SER B 170 3.04 6.03 -20.48
C SER B 170 2.22 6.33 -19.21
N LEU B 171 1.55 5.29 -18.67
CA LEU B 171 0.68 5.33 -17.49
C LEU B 171 1.28 5.99 -16.26
N SER B 172 0.44 6.75 -15.53
CA SER B 172 0.77 7.42 -14.28
C SER B 172 0.03 6.65 -13.17
N LEU B 173 -1.31 6.53 -13.29
CA LEU B 173 -2.16 5.77 -12.36
C LEU B 173 -2.26 4.32 -12.89
N ALA B 174 -2.97 3.44 -12.16
CA ALA B 174 -3.16 2.04 -12.53
C ALA B 174 -3.97 1.88 -13.82
N GLY B 175 -5.02 2.69 -13.97
CA GLY B 175 -5.89 2.68 -15.14
C GLY B 175 -6.37 4.07 -15.53
N GLU B 176 -5.43 5.04 -15.62
CA GLU B 176 -5.75 6.42 -16.01
C GLU B 176 -6.14 6.49 -17.48
N ARG B 177 -7.37 6.94 -17.73
CA ARG B 177 -7.91 7.08 -19.07
C ARG B 177 -8.58 8.42 -19.26
N THR B 178 -8.20 9.12 -20.35
CA THR B 178 -8.65 10.47 -20.76
C THR B 178 -8.24 11.50 -19.71
N TRP B 179 -7.16 12.25 -20.00
CA TRP B 179 -6.60 13.30 -19.13
C TRP B 179 -7.68 14.33 -18.73
N ALA B 180 -8.59 14.66 -19.67
CA ALA B 180 -9.72 15.59 -19.51
C ALA B 180 -10.69 15.13 -18.41
N GLU B 181 -10.69 13.80 -18.13
CA GLU B 181 -11.53 13.17 -17.12
C GLU B 181 -10.74 12.66 -15.90
N THR B 182 -9.41 12.46 -16.04
CA THR B 182 -8.52 12.02 -14.95
C THR B 182 -8.40 13.13 -13.89
N MET B 183 -8.60 14.40 -14.31
CA MET B 183 -8.60 15.61 -13.47
C MET B 183 -10.02 16.03 -13.07
N GLY B 184 -10.99 15.72 -13.92
CA GLY B 184 -12.40 16.06 -13.72
C GLY B 184 -12.77 17.41 -14.30
N LEU B 185 -12.50 17.59 -15.61
CA LEU B 185 -12.75 18.84 -16.33
C LEU B 185 -13.85 18.70 -17.36
N ASN B 186 -14.49 19.84 -17.71
CA ASN B 186 -15.54 19.95 -18.72
C ASN B 186 -15.30 21.22 -19.54
N THR B 187 -16.08 21.44 -20.63
CA THR B 187 -15.98 22.58 -21.57
C THR B 187 -15.82 23.94 -20.85
N ALA B 188 -16.51 24.11 -19.71
CA ALA B 188 -16.47 25.32 -18.89
C ALA B 188 -15.24 25.37 -17.97
N ASP B 189 -14.84 24.20 -17.40
CA ASP B 189 -13.69 24.05 -16.49
C ASP B 189 -12.35 24.37 -17.17
N THR B 190 -11.41 24.94 -16.39
CA THR B 190 -10.07 25.28 -16.86
C THR B 190 -8.99 24.47 -16.15
N ALA B 191 -7.94 24.08 -16.89
CA ALA B 191 -6.81 23.30 -16.38
C ALA B 191 -5.57 24.19 -16.21
N ARG B 192 -4.92 24.10 -15.04
CA ARG B 192 -3.71 24.88 -14.75
C ARG B 192 -2.45 24.04 -14.87
N LEU B 193 -1.52 24.50 -15.73
CA LEU B 193 -0.25 23.81 -15.99
C LEU B 193 0.88 24.35 -15.11
N ASN B 194 1.72 23.41 -14.63
CA ASN B 194 2.89 23.65 -13.80
C ASN B 194 3.95 22.63 -14.17
N ALA B 195 5.23 23.05 -14.25
CA ALA B 195 6.31 22.17 -14.65
C ALA B 195 7.66 22.54 -14.04
N ASN B 196 8.62 21.59 -14.10
CA ASN B 196 9.99 21.77 -13.64
C ASN B 196 10.86 22.11 -14.85
N ILE B 197 11.45 23.31 -14.84
CA ILE B 197 12.27 23.84 -15.93
C ILE B 197 13.70 24.15 -15.50
N ARG B 198 14.65 24.08 -16.46
CA ARG B 198 16.07 24.36 -16.26
C ARG B 198 16.66 25.15 -17.44
N TYR B 199 17.47 26.17 -17.14
CA TYR B 199 18.15 26.96 -18.16
C TYR B 199 19.47 26.27 -18.45
N VAL B 200 19.80 26.04 -19.73
CA VAL B 200 21.04 25.34 -20.08
C VAL B 200 21.73 25.98 -21.31
N ASN B 201 23.01 26.33 -21.14
CA ASN B 201 23.87 26.96 -22.16
C ASN B 201 24.43 25.94 -23.15
N THR B 202 24.29 26.22 -24.45
CA THR B 202 24.79 25.39 -25.55
C THR B 202 25.83 26.13 -26.40
N GLY B 203 26.03 27.41 -26.09
CA GLY B 203 26.96 28.29 -26.79
C GLY B 203 28.42 28.11 -26.48
N THR B 204 29.17 29.22 -26.45
CA THR B 204 30.61 29.25 -26.21
C THR B 204 31.04 30.30 -25.17
N ALA B 205 30.12 31.21 -24.79
CA ALA B 205 30.40 32.28 -23.83
C ALA B 205 29.49 32.28 -22.59
N PRO B 206 29.93 32.81 -21.41
CA PRO B 206 29.07 32.77 -20.23
C PRO B 206 28.24 34.02 -19.95
N ILE B 207 27.05 33.82 -19.37
CA ILE B 207 26.14 34.88 -18.94
C ILE B 207 26.26 34.93 -17.42
N TYR B 208 26.58 36.10 -16.89
CA TYR B 208 26.86 36.29 -15.47
C TYR B 208 25.69 36.75 -14.61
N ASN B 209 24.60 37.29 -15.19
CA ASN B 209 23.49 37.77 -14.37
C ASN B 209 22.10 37.55 -14.97
N VAL B 210 21.55 38.57 -15.68
CA VAL B 210 20.21 38.60 -16.28
C VAL B 210 19.97 37.43 -17.24
N LEU B 211 18.88 36.69 -16.97
CA LEU B 211 18.46 35.54 -17.77
C LEU B 211 17.54 35.99 -18.90
N PRO B 212 17.62 35.35 -20.09
CA PRO B 212 16.76 35.76 -21.20
C PRO B 212 15.28 35.42 -20.99
N THR B 213 14.41 36.13 -21.71
CA THR B 213 12.97 35.91 -21.64
C THR B 213 12.60 34.72 -22.53
N THR B 214 11.70 33.86 -22.02
CA THR B 214 11.25 32.69 -22.75
C THR B 214 9.72 32.63 -22.77
N SER B 215 9.14 31.96 -23.78
CA SER B 215 7.68 31.85 -23.91
C SER B 215 7.24 30.43 -24.28
N LEU B 216 6.31 29.86 -23.50
CA LEU B 216 5.77 28.52 -23.75
C LEU B 216 4.64 28.63 -24.77
N VAL B 217 4.79 27.93 -25.91
CA VAL B 217 3.84 27.95 -27.03
C VAL B 217 3.16 26.58 -27.25
N LEU B 218 1.81 26.56 -27.26
CA LEU B 218 1.02 25.37 -27.52
C LEU B 218 0.81 25.28 -29.02
N GLY B 219 1.20 24.15 -29.60
CA GLY B 219 1.06 23.89 -31.01
C GLY B 219 1.99 24.70 -31.90
N LYS B 220 1.47 25.78 -32.49
CA LYS B 220 2.22 26.62 -33.43
C LYS B 220 2.44 28.06 -32.97
N ASN B 221 1.37 28.76 -32.55
CA ASN B 221 1.44 30.18 -32.15
C ASN B 221 0.74 30.52 -30.83
N GLN B 222 -0.10 29.61 -30.30
CA GLN B 222 -0.87 29.78 -29.06
C GLN B 222 0.06 29.96 -27.85
N THR B 223 0.44 31.23 -27.59
CA THR B 223 1.33 31.63 -26.50
C THR B 223 0.66 31.45 -25.14
N LEU B 224 1.08 30.42 -24.38
CA LEU B 224 0.54 30.09 -23.07
C LEU B 224 1.01 31.02 -21.97
N ALA B 225 2.33 31.11 -21.75
CA ALA B 225 2.92 31.95 -20.72
C ALA B 225 4.33 32.40 -21.08
N THR B 226 4.75 33.56 -20.52
CA THR B 226 6.07 34.15 -20.70
C THR B 226 6.82 34.13 -19.38
N ILE B 227 7.95 33.41 -19.35
CA ILE B 227 8.77 33.22 -18.15
C ILE B 227 10.07 34.02 -18.24
N LYS B 228 10.42 34.69 -17.13
CA LYS B 228 11.63 35.48 -16.96
C LYS B 228 11.91 35.66 -15.46
N ALA B 229 13.11 35.26 -15.01
CA ALA B 229 13.52 35.38 -13.62
C ALA B 229 13.92 36.82 -13.28
N SER B 235 22.76 36.63 -9.55
CA SER B 235 24.14 36.74 -10.02
C SER B 235 24.82 35.36 -10.16
N GLN B 236 24.01 34.31 -10.43
CA GLN B 236 24.51 32.94 -10.61
C GLN B 236 25.07 32.81 -12.03
N ILE B 237 26.29 32.28 -12.14
CA ILE B 237 27.03 32.14 -13.40
C ILE B 237 26.55 30.95 -14.25
N LEU B 238 26.17 31.23 -15.50
CA LEU B 238 25.75 30.22 -16.46
C LEU B 238 26.96 29.93 -17.36
N ALA B 239 27.63 28.81 -17.10
CA ALA B 239 28.82 28.39 -17.83
C ALA B 239 28.48 27.68 -19.14
N PRO B 240 29.29 27.86 -20.22
CA PRO B 240 28.99 27.15 -21.48
C PRO B 240 29.05 25.64 -21.30
N ASN B 241 28.07 24.92 -21.86
CA ASN B 241 27.89 23.47 -21.77
C ASN B 241 27.63 23.02 -20.31
N ASN B 242 26.95 23.89 -19.53
CA ASN B 242 26.63 23.65 -18.12
C ASN B 242 25.26 24.23 -17.77
N TYR B 243 24.49 23.49 -16.95
CA TYR B 243 23.14 23.86 -16.50
C TYR B 243 23.16 25.02 -15.50
N TYR B 244 22.15 25.94 -15.57
CA TYR B 244 22.00 27.06 -14.64
C TYR B 244 21.58 26.53 -13.25
N PRO B 245 20.42 25.86 -13.07
CA PRO B 245 20.13 25.29 -11.76
C PRO B 245 20.86 23.95 -11.70
N SER B 246 22.19 24.02 -11.42
CA SER B 246 23.14 22.91 -11.38
C SER B 246 22.53 21.62 -10.88
N LYS B 247 22.81 20.52 -11.58
CA LYS B 247 22.30 19.17 -11.30
C LYS B 247 22.39 18.74 -9.82
N ASN B 248 23.39 19.26 -9.07
CA ASN B 248 23.60 18.98 -7.64
C ASN B 248 22.59 19.70 -6.73
N LEU B 249 21.90 20.71 -7.28
CA LEU B 249 20.89 21.52 -6.59
C LEU B 249 19.50 21.30 -7.23
N ALA B 250 18.43 21.76 -6.55
CA ALA B 250 17.05 21.63 -7.02
C ALA B 250 16.74 22.55 -8.22
N PRO B 251 15.86 22.13 -9.17
CA PRO B 251 15.55 22.98 -10.33
C PRO B 251 14.52 24.08 -10.02
N ILE B 252 13.95 24.73 -11.06
CA ILE B 252 12.97 25.80 -10.91
C ILE B 252 11.57 25.40 -11.39
N ALA B 253 10.53 25.76 -10.62
CA ALA B 253 9.11 25.49 -10.92
C ALA B 253 8.50 26.64 -11.71
N LEU B 254 7.23 26.51 -12.13
CA LEU B 254 6.57 27.55 -12.92
C LEU B 254 5.43 28.25 -12.19
N ASN B 255 5.70 29.48 -11.72
CA ASN B 255 4.80 30.42 -11.02
C ASN B 255 3.93 29.74 -9.94
N ALA B 256 4.45 29.66 -8.72
CA ALA B 256 3.71 29.04 -7.64
C ALA B 256 3.47 29.96 -6.44
N SER B 262 3.84 34.58 -9.48
CA SER B 262 2.61 35.01 -8.82
C SER B 262 1.36 34.24 -9.31
N THR B 263 1.04 34.32 -10.63
CA THR B 263 -0.12 33.64 -11.24
C THR B 263 0.33 32.51 -12.20
N PRO B 264 -0.15 31.24 -12.01
CA PRO B 264 0.29 30.15 -12.91
C PRO B 264 -0.31 30.21 -14.31
N ILE B 265 0.14 29.28 -15.19
CA ILE B 265 -0.31 29.15 -16.57
C ILE B 265 -1.77 28.66 -16.57
N THR B 266 -2.63 29.33 -17.35
CA THR B 266 -4.05 28.99 -17.46
C THR B 266 -4.38 28.46 -18.86
N MET B 267 -5.06 27.32 -18.91
CA MET B 267 -5.43 26.66 -20.15
C MET B 267 -6.90 26.25 -20.12
N ASN B 268 -7.62 26.51 -21.21
CA ASN B 268 -9.04 26.16 -21.36
C ASN B 268 -9.18 24.68 -21.75
N TYR B 269 -10.40 24.12 -21.62
CA TYR B 269 -10.72 22.71 -21.93
C TYR B 269 -10.39 22.34 -23.39
N ASN B 270 -10.74 23.23 -24.33
CA ASN B 270 -10.52 23.06 -25.77
C ASN B 270 -9.03 23.01 -26.14
N GLN B 271 -8.21 23.85 -25.49
CA GLN B 271 -6.77 23.89 -25.70
C GLN B 271 -6.08 22.73 -24.98
N PHE B 272 -6.70 22.20 -23.89
CA PHE B 272 -6.19 21.08 -23.12
C PHE B 272 -6.26 19.77 -23.92
N LEU B 273 -7.30 19.63 -24.76
CA LEU B 273 -7.49 18.45 -25.61
C LEU B 273 -6.45 18.39 -26.73
N GLU B 274 -5.87 19.55 -27.11
CA GLU B 274 -4.81 19.67 -28.12
C GLU B 274 -3.52 19.12 -27.50
N LEU B 275 -3.25 19.45 -26.22
CA LEU B 275 -2.10 19.02 -25.45
C LEU B 275 -2.16 17.51 -25.18
N GLU B 276 -3.37 16.98 -24.93
CA GLU B 276 -3.62 15.56 -24.69
C GLU B 276 -3.40 14.75 -25.98
N LYS B 277 -3.76 15.34 -27.14
CA LYS B 277 -3.65 14.74 -28.48
C LYS B 277 -2.22 14.76 -29.02
N THR B 278 -1.46 15.85 -28.76
CA THR B 278 -0.08 16.02 -29.24
C THR B 278 0.97 15.50 -28.27
N LYS B 279 0.74 15.69 -26.95
CA LYS B 279 1.65 15.31 -25.85
C LYS B 279 3.03 15.98 -26.00
N GLN B 280 3.03 17.24 -26.48
CA GLN B 280 4.22 18.06 -26.73
C GLN B 280 3.94 19.57 -26.72
N LEU B 281 4.96 20.37 -26.38
CA LEU B 281 4.91 21.84 -26.33
C LEU B 281 6.18 22.44 -26.93
N ARG B 282 6.22 23.78 -27.06
CA ARG B 282 7.35 24.52 -27.60
C ARG B 282 7.82 25.60 -26.63
N LEU B 283 9.15 25.89 -26.63
CA LEU B 283 9.76 26.90 -25.76
C LEU B 283 10.66 27.82 -26.58
N ASP B 284 10.16 29.04 -26.85
CA ASP B 284 10.86 30.07 -27.63
C ASP B 284 11.56 31.07 -26.69
N THR B 285 12.91 31.03 -26.67
CA THR B 285 13.75 31.89 -25.84
C THR B 285 14.49 32.91 -26.71
N ASP B 286 14.53 34.17 -26.24
CA ASP B 286 15.21 35.24 -26.97
C ASP B 286 16.71 35.25 -26.71
N GLN B 287 17.46 36.06 -27.49
CA GLN B 287 18.92 36.16 -27.38
C GLN B 287 19.38 37.37 -26.53
N VAL B 288 18.46 38.04 -25.81
CA VAL B 288 18.83 39.16 -24.94
C VAL B 288 19.40 38.62 -23.62
N TYR B 289 20.71 38.83 -23.40
CA TYR B 289 21.40 38.31 -22.21
C TYR B 289 22.03 39.41 -21.36
N GLY B 290 22.48 39.03 -20.16
CA GLY B 290 23.13 39.93 -19.21
C GLY B 290 24.48 40.43 -19.66
N ASN B 291 25.00 41.47 -18.98
CA ASN B 291 26.28 42.12 -19.27
C ASN B 291 27.47 41.15 -19.32
N ILE B 292 28.44 41.42 -20.21
CA ILE B 292 29.62 40.58 -20.41
C ILE B 292 30.76 40.98 -19.47
N ALA B 293 31.45 39.99 -18.88
CA ALA B 293 32.56 40.24 -17.98
C ALA B 293 33.86 40.33 -18.80
N THR B 294 34.65 41.39 -18.57
CA THR B 294 35.90 41.66 -19.31
C THR B 294 37.18 41.57 -18.49
N TYR B 295 38.32 41.48 -19.20
CA TYR B 295 39.68 41.38 -18.67
C TYR B 295 40.40 42.72 -18.71
N ASN B 296 41.14 43.01 -17.63
CA ASN B 296 42.00 44.19 -17.51
C ASN B 296 43.42 43.67 -17.34
N PHE B 297 44.31 44.11 -18.25
CA PHE B 297 45.70 43.67 -18.40
C PHE B 297 46.60 43.84 -17.17
N GLU B 298 46.70 45.06 -16.62
CA GLU B 298 47.57 45.37 -15.49
C GLU B 298 47.16 44.68 -14.17
N ASN B 299 45.85 44.40 -14.00
CA ASN B 299 45.35 43.77 -12.78
C ASN B 299 44.94 42.28 -12.94
N GLY B 300 45.10 41.74 -14.16
CA GLY B 300 44.81 40.35 -14.52
C GLY B 300 43.63 39.67 -13.84
N ARG B 301 42.50 40.39 -13.72
CA ARG B 301 41.25 39.92 -13.09
C ARG B 301 40.07 40.28 -13.99
N VAL B 302 39.00 39.48 -13.92
CA VAL B 302 37.81 39.70 -14.74
C VAL B 302 36.68 40.32 -13.91
N ARG B 303 36.14 41.45 -14.42
CA ARG B 303 35.05 42.22 -13.83
C ARG B 303 33.91 42.37 -14.84
N VAL B 304 32.67 42.40 -14.35
CA VAL B 304 31.47 42.53 -15.16
C VAL B 304 31.32 43.97 -15.66
N ASP B 305 31.48 44.18 -16.98
CA ASP B 305 31.37 45.51 -17.61
C ASP B 305 29.92 45.86 -17.87
N THR B 306 29.43 46.89 -17.16
CA THR B 306 28.06 47.39 -17.26
C THR B 306 27.76 48.04 -18.62
N GLY B 307 28.80 48.58 -19.26
CA GLY B 307 28.72 49.24 -20.54
C GLY B 307 28.39 48.32 -21.70
N SER B 308 29.23 47.29 -21.91
CA SER B 308 29.04 46.34 -22.99
C SER B 308 28.16 45.16 -22.62
N ASN B 309 27.04 45.03 -23.35
CA ASN B 309 26.03 43.98 -23.18
C ASN B 309 26.09 43.04 -24.39
N TRP B 310 25.48 41.86 -24.28
CA TRP B 310 25.47 40.89 -25.37
C TRP B 310 24.59 41.31 -26.54
N SER B 311 23.48 42.02 -26.28
CA SER B 311 22.52 42.48 -27.30
C SER B 311 23.10 43.44 -28.35
N GLU B 312 24.21 44.14 -28.03
CA GLU B 312 24.85 45.09 -28.94
C GLU B 312 25.99 44.47 -29.79
N VAL B 313 26.54 43.33 -29.35
CA VAL B 313 27.67 42.65 -30.00
C VAL B 313 27.23 41.37 -30.76
N LEU B 314 26.24 40.62 -30.22
CA LEU B 314 25.71 39.39 -30.83
C LEU B 314 25.27 39.53 -32.30
N PRO B 315 24.49 40.56 -32.71
CA PRO B 315 24.09 40.64 -34.14
C PRO B 315 25.26 40.84 -35.11
N GLN B 316 26.34 41.53 -34.65
CA GLN B 316 27.56 41.79 -35.41
C GLN B 316 28.21 40.46 -35.83
N ILE B 317 28.20 39.48 -34.91
CA ILE B 317 28.73 38.13 -35.15
C ILE B 317 27.83 37.41 -36.19
N GLN B 318 26.49 37.39 -35.93
CA GLN B 318 25.45 36.77 -36.77
C GLN B 318 25.37 37.29 -38.20
N GLU B 319 26.24 38.26 -38.55
CA GLU B 319 26.30 38.86 -39.87
C GLU B 319 27.69 38.75 -40.49
N THR B 320 28.70 38.42 -39.69
CA THR B 320 30.09 38.32 -40.16
C THR B 320 30.57 36.87 -40.29
N THR B 321 30.06 35.98 -39.44
CA THR B 321 30.47 34.57 -39.41
C THR B 321 29.52 33.65 -40.18
N ALA B 322 29.92 32.37 -40.33
CA ALA B 322 29.12 31.34 -40.99
C ALA B 322 28.65 30.35 -39.92
N ARG B 323 27.43 29.82 -40.06
CA ARG B 323 26.83 28.89 -39.11
C ARG B 323 27.01 27.44 -39.52
N ILE B 324 27.53 26.61 -38.59
CA ILE B 324 27.69 25.18 -38.83
C ILE B 324 27.09 24.40 -37.65
N ILE B 325 26.10 23.52 -37.94
CA ILE B 325 25.40 22.68 -36.96
C ILE B 325 25.95 21.24 -37.02
N PHE B 326 26.24 20.64 -35.84
CA PHE B 326 26.77 19.27 -35.75
C PHE B 326 26.35 18.53 -34.48
N ASN B 327 26.08 17.21 -34.63
CA ASN B 327 25.64 16.34 -33.54
C ASN B 327 26.46 15.03 -33.46
N GLY B 328 27.78 15.17 -33.39
CA GLY B 328 28.72 14.05 -33.32
C GLY B 328 28.73 13.34 -31.98
N LYS B 329 29.19 14.04 -30.93
CA LYS B 329 29.29 13.54 -29.55
C LYS B 329 27.94 13.04 -29.01
N ASP B 330 26.87 13.81 -29.27
CA ASP B 330 25.51 13.50 -28.88
C ASP B 330 24.57 13.96 -29.97
N LEU B 331 23.43 13.27 -30.13
CA LEU B 331 22.45 13.58 -31.18
C LEU B 331 21.58 14.83 -30.86
N ASN B 332 22.23 15.87 -30.31
CA ASN B 332 21.65 17.17 -29.96
C ASN B 332 22.30 18.23 -30.86
N LEU B 333 21.47 19.13 -31.43
CA LEU B 333 21.91 20.17 -32.36
C LEU B 333 22.77 21.26 -31.69
N VAL B 334 24.06 21.32 -32.08
CA VAL B 334 25.06 22.26 -31.55
C VAL B 334 25.34 23.38 -32.55
N GLU B 335 25.17 24.65 -32.12
CA GLU B 335 25.40 25.84 -32.94
C GLU B 335 26.78 26.45 -32.63
N ARG B 336 27.65 26.49 -33.66
CA ARG B 336 29.01 27.04 -33.55
C ARG B 336 29.28 27.91 -34.77
N ARG B 337 29.75 29.15 -34.54
CA ARG B 337 30.04 30.10 -35.61
C ARG B 337 31.53 30.31 -35.84
N ILE B 338 31.96 30.23 -37.11
CA ILE B 338 33.34 30.35 -37.56
C ILE B 338 33.50 31.62 -38.36
N ALA B 339 34.59 32.36 -38.11
CA ALA B 339 34.95 33.60 -38.80
C ALA B 339 35.07 33.35 -40.29
N ALA B 340 34.15 33.93 -41.08
CA ALA B 340 34.09 33.72 -42.51
C ALA B 340 34.35 34.97 -43.34
N VAL B 341 34.85 34.76 -44.56
CA VAL B 341 35.17 35.81 -45.51
C VAL B 341 33.93 36.33 -46.24
N ASN B 342 33.95 37.61 -46.63
CA ASN B 342 32.87 38.24 -47.36
C ASN B 342 33.41 39.21 -48.43
N PRO B 343 32.99 39.02 -49.71
CA PRO B 343 33.50 39.90 -50.78
C PRO B 343 32.96 41.33 -50.75
N SER B 344 31.69 41.50 -50.33
CA SER B 344 31.01 42.80 -50.27
C SER B 344 31.68 43.75 -49.29
N ASP B 345 31.92 43.30 -48.05
CA ASP B 345 32.55 44.13 -47.03
C ASP B 345 34.08 43.99 -47.05
N PRO B 346 34.82 45.12 -47.16
CA PRO B 346 36.30 45.03 -47.21
C PRO B 346 36.94 44.64 -45.88
N LEU B 347 36.32 45.03 -44.75
CA LEU B 347 36.81 44.72 -43.41
C LEU B 347 36.72 43.22 -43.13
N GLU B 348 35.77 42.53 -43.78
CA GLU B 348 35.60 41.08 -43.65
C GLU B 348 36.54 40.33 -44.61
N THR B 349 37.12 41.05 -45.58
CA THR B 349 38.09 40.49 -46.54
C THR B 349 39.45 40.40 -45.84
N THR B 350 39.61 41.14 -44.73
CA THR B 350 40.81 41.18 -43.89
C THR B 350 40.96 39.88 -43.09
N LYS B 351 39.85 39.18 -42.85
CA LYS B 351 39.78 37.90 -42.14
C LYS B 351 40.42 36.81 -43.01
N PRO B 352 41.21 35.86 -42.46
CA PRO B 352 41.82 34.81 -43.31
C PRO B 352 40.80 33.91 -43.98
N ASP B 353 41.09 33.51 -45.24
CA ASP B 353 40.25 32.66 -46.07
C ASP B 353 39.90 31.34 -45.37
N MET B 354 38.60 31.04 -45.29
CA MET B 354 38.16 29.85 -44.59
C MET B 354 37.85 28.66 -45.49
N THR B 355 38.34 27.48 -45.07
CA THR B 355 38.14 26.19 -45.70
C THR B 355 37.23 25.34 -44.83
N LEU B 356 36.45 24.44 -45.45
CA LEU B 356 35.52 23.53 -44.76
C LEU B 356 36.29 22.58 -43.84
N LYS B 357 37.47 22.12 -44.28
CA LYS B 357 38.36 21.21 -43.57
C LYS B 357 38.84 21.80 -42.23
N GLU B 358 39.59 22.92 -42.27
CA GLU B 358 40.13 23.58 -41.08
C GLU B 358 39.06 24.11 -40.13
N ALA B 359 37.93 24.63 -40.66
CA ALA B 359 36.83 25.17 -39.85
C ALA B 359 36.19 24.11 -38.97
N LEU B 360 35.87 22.94 -39.54
CA LEU B 360 35.26 21.80 -38.85
C LEU B 360 36.18 21.27 -37.73
N LYS B 361 37.50 21.32 -37.95
CA LYS B 361 38.54 20.89 -37.01
C LYS B 361 38.58 21.78 -35.77
N ILE B 362 38.60 23.11 -35.97
CA ILE B 362 38.69 24.10 -34.89
C ILE B 362 37.35 24.35 -34.19
N ALA B 363 36.22 24.11 -34.89
CA ALA B 363 34.89 24.36 -34.32
C ALA B 363 34.33 23.23 -33.47
N PHE B 364 34.62 21.96 -33.83
CA PHE B 364 34.07 20.84 -33.09
C PHE B 364 35.13 19.90 -32.52
N GLY B 365 36.16 19.60 -33.31
CA GLY B 365 37.26 18.73 -32.91
C GLY B 365 37.57 17.62 -33.89
N PHE B 366 37.46 17.92 -35.20
CA PHE B 366 37.75 16.96 -36.27
C PHE B 366 39.25 16.75 -36.37
N ASN B 367 39.68 15.53 -36.71
CA ASN B 367 41.10 15.18 -36.84
C ASN B 367 41.41 14.62 -38.23
N GLU B 368 42.63 14.90 -38.72
CA GLU B 368 43.10 14.44 -40.03
C GLU B 368 44.23 13.40 -39.80
N PRO B 369 43.91 12.10 -39.61
CA PRO B 369 44.97 11.11 -39.36
C PRO B 369 45.66 10.54 -40.59
N ASN B 370 44.87 10.12 -41.60
CA ASN B 370 45.36 9.55 -42.85
C ASN B 370 45.44 10.66 -43.91
N GLY B 371 44.35 11.41 -44.02
CA GLY B 371 44.15 12.51 -44.96
C GLY B 371 42.68 12.86 -44.99
N ASN B 372 41.82 11.85 -44.73
CA ASN B 372 40.37 11.95 -44.64
C ASN B 372 39.98 12.46 -43.27
N LEU B 373 39.04 13.40 -43.23
CA LEU B 373 38.57 14.00 -41.98
C LEU B 373 37.64 13.05 -41.22
N GLN B 374 37.81 12.99 -39.89
CA GLN B 374 36.99 12.13 -39.02
C GLN B 374 36.83 12.69 -37.62
N TYR B 375 35.60 12.59 -37.08
CA TYR B 375 35.24 13.09 -35.75
C TYR B 375 35.34 11.98 -34.70
N GLN B 376 36.46 11.98 -33.94
CA GLN B 376 36.79 11.04 -32.87
C GLN B 376 36.79 9.56 -33.31
N GLY B 377 36.71 9.32 -34.62
CA GLY B 377 36.67 7.99 -35.21
C GLY B 377 35.72 7.91 -36.40
N LYS B 378 34.51 8.49 -36.26
CA LYS B 378 33.45 8.51 -37.29
C LYS B 378 33.91 9.35 -38.49
N ASP B 379 34.02 8.72 -39.67
CA ASP B 379 34.46 9.37 -40.91
C ASP B 379 33.50 10.48 -41.39
N ILE B 380 34.03 11.45 -42.18
CA ILE B 380 33.27 12.58 -42.73
C ILE B 380 32.11 12.11 -43.63
N THR B 381 32.33 11.01 -44.38
CA THR B 381 31.39 10.37 -45.29
C THR B 381 30.16 9.81 -44.56
N GLU B 382 30.34 9.42 -43.28
CA GLU B 382 29.31 8.88 -42.40
C GLU B 382 28.31 9.99 -41.98
N PHE B 383 28.62 11.27 -42.28
CA PHE B 383 27.79 12.42 -41.97
C PHE B 383 27.17 13.05 -43.21
N ASP B 384 25.90 13.46 -43.09
CA ASP B 384 25.08 14.08 -44.12
C ASP B 384 25.36 15.58 -44.23
N PHE B 385 25.32 16.12 -45.46
CA PHE B 385 25.56 17.53 -45.75
C PHE B 385 24.29 18.24 -46.21
N ASN B 386 23.83 19.24 -45.43
CA ASN B 386 22.63 20.02 -45.74
C ASN B 386 22.91 21.52 -45.69
N PHE B 387 22.32 22.28 -46.63
CA PHE B 387 22.50 23.73 -46.75
C PHE B 387 21.18 24.42 -47.09
N ASP B 388 21.19 25.77 -47.14
CA ASP B 388 20.01 26.56 -47.49
C ASP B 388 19.93 26.81 -49.01
N GLN B 389 19.24 27.89 -49.42
CA GLN B 389 19.06 28.27 -50.82
C GLN B 389 20.38 28.76 -51.43
N GLN B 390 20.90 29.87 -50.88
CA GLN B 390 22.12 30.55 -51.34
C GLN B 390 23.42 29.84 -50.95
N THR B 391 23.46 29.13 -49.80
CA THR B 391 24.65 28.40 -49.34
C THR B 391 24.97 27.25 -50.30
N SER B 392 23.96 26.40 -50.60
CA SER B 392 24.11 25.26 -51.52
C SER B 392 24.45 25.72 -52.94
N GLN B 393 23.85 26.84 -53.38
CA GLN B 393 24.07 27.45 -54.70
C GLN B 393 25.49 27.99 -54.83
N ASN B 394 26.05 28.53 -53.72
CA ASN B 394 27.42 29.06 -53.66
C ASN B 394 28.42 27.92 -53.81
N ILE B 395 28.16 26.78 -53.14
CA ILE B 395 29.00 25.59 -53.18
C ILE B 395 28.83 24.87 -54.54
N LYS B 396 27.62 24.96 -55.15
CA LYS B 396 27.28 24.37 -56.46
C LYS B 396 28.24 24.89 -57.53
N ASN B 397 28.52 26.20 -57.53
CA ASN B 397 29.41 26.88 -58.46
C ASN B 397 30.85 26.41 -58.25
N GLN B 398 31.27 26.28 -56.97
CA GLN B 398 32.59 25.83 -56.54
C GLN B 398 32.89 24.41 -57.01
N LEU B 399 31.93 23.47 -56.80
CA LEU B 399 32.03 22.05 -57.19
C LEU B 399 32.23 21.86 -58.70
N ALA B 400 31.66 22.77 -59.51
CA ALA B 400 31.78 22.75 -60.97
C ALA B 400 33.13 23.31 -61.40
N GLU B 401 33.64 24.34 -60.68
CA GLU B 401 34.94 24.99 -60.93
C GLU B 401 36.08 24.05 -60.50
N LEU B 402 35.85 23.26 -59.44
CA LEU B 402 36.79 22.26 -58.90
C LEU B 402 36.64 20.93 -59.64
N ASN B 403 35.60 20.83 -60.50
CA ASN B 403 35.20 19.69 -61.36
C ASN B 403 34.61 18.52 -60.58
N ALA B 404 35.22 18.14 -59.42
CA ALA B 404 34.75 17.04 -58.57
C ALA B 404 33.35 17.32 -58.03
N THR B 405 32.38 16.45 -58.40
CA THR B 405 30.97 16.57 -58.03
C THR B 405 30.71 16.19 -56.56
N ASN B 406 31.61 15.39 -55.96
CA ASN B 406 31.48 14.96 -54.56
C ASN B 406 32.10 15.98 -53.61
N ILE B 407 31.36 16.35 -52.54
CA ILE B 407 31.78 17.32 -51.53
C ILE B 407 32.96 16.80 -50.67
N TYR B 408 33.01 15.47 -50.44
CA TYR B 408 34.06 14.82 -49.64
C TYR B 408 35.42 14.80 -50.34
N THR B 409 35.43 14.89 -51.68
CA THR B 409 36.63 14.88 -52.53
C THR B 409 37.39 16.20 -52.38
N VAL B 410 36.72 17.33 -52.70
CA VAL B 410 37.27 18.69 -52.63
C VAL B 410 37.01 19.36 -51.25
N LEU B 411 36.84 18.53 -50.20
CA LEU B 411 36.58 18.88 -48.80
C LEU B 411 37.53 19.96 -48.26
N ASP B 412 38.83 19.86 -48.62
CA ASP B 412 39.92 20.76 -48.23
C ASP B 412 40.00 22.05 -49.08
N LYS B 413 39.24 22.11 -50.19
CA LYS B 413 39.26 23.25 -51.10
C LYS B 413 37.94 24.04 -51.14
N ILE B 414 36.89 23.58 -50.44
CA ILE B 414 35.60 24.27 -50.40
C ILE B 414 35.69 25.52 -49.51
N LYS B 415 35.54 26.70 -50.12
CA LYS B 415 35.60 28.00 -49.44
C LYS B 415 34.31 28.32 -48.70
N LEU B 416 34.46 28.92 -47.50
CA LEU B 416 33.33 29.31 -46.67
C LEU B 416 33.13 30.81 -46.69
N ASN B 417 31.88 31.24 -46.95
CA ASN B 417 31.49 32.65 -47.03
C ASN B 417 30.66 33.07 -45.81
N ALA B 418 30.57 34.39 -45.58
CA ALA B 418 29.82 34.97 -44.47
C ALA B 418 28.32 34.80 -44.65
N LYS B 419 27.57 34.79 -43.52
CA LYS B 419 26.11 34.65 -43.42
C LYS B 419 25.59 33.26 -43.87
N MET B 420 26.52 32.32 -44.17
CA MET B 420 26.24 30.94 -44.61
C MET B 420 25.58 30.13 -43.49
N ASN B 421 24.70 29.17 -43.85
CA ASN B 421 24.02 28.28 -42.91
C ASN B 421 24.19 26.82 -43.38
N ILE B 422 24.94 26.03 -42.59
CA ILE B 422 25.30 24.63 -42.89
C ILE B 422 24.83 23.69 -41.76
N LEU B 423 24.11 22.61 -42.13
CA LEU B 423 23.62 21.61 -41.18
C LEU B 423 24.24 20.24 -41.46
N ILE B 424 24.99 19.71 -40.49
CA ILE B 424 25.65 18.41 -40.59
C ILE B 424 25.06 17.46 -39.55
N ARG B 425 24.49 16.35 -40.03
CA ARG B 425 23.84 15.35 -39.18
C ARG B 425 24.33 13.92 -39.47
N ASP B 426 24.19 13.01 -38.49
CA ASP B 426 24.61 11.62 -38.62
C ASP B 426 23.65 10.86 -39.55
N LYS B 427 24.21 10.18 -40.57
CA LYS B 427 23.45 9.42 -41.57
C LYS B 427 22.74 8.18 -40.99
N ARG B 428 23.22 7.68 -39.83
CA ARG B 428 22.69 6.52 -39.10
C ARG B 428 21.20 6.65 -38.74
N PHE B 429 20.78 7.87 -38.36
CA PHE B 429 19.42 8.16 -37.92
C PHE B 429 18.57 8.95 -38.92
N HIS B 430 17.26 9.00 -38.66
CA HIS B 430 16.26 9.73 -39.44
C HIS B 430 15.96 11.06 -38.75
N TYR B 431 15.62 12.09 -39.53
CA TYR B 431 15.36 13.42 -38.99
C TYR B 431 14.03 14.02 -39.41
N ASP B 432 13.33 14.67 -38.45
CA ASP B 432 12.03 15.31 -38.63
C ASP B 432 12.16 16.77 -39.13
N ARG B 433 11.06 17.57 -39.04
CA ARG B 433 11.03 18.98 -39.45
C ARG B 433 11.85 19.87 -38.50
N ASN B 434 12.07 19.41 -37.25
CA ASN B 434 12.85 20.13 -36.24
C ASN B 434 14.33 19.67 -36.22
N ASN B 435 14.71 18.78 -37.17
CA ASN B 435 16.06 18.21 -37.38
C ASN B 435 16.61 17.45 -36.14
N ILE B 436 15.75 16.73 -35.40
CA ILE B 436 16.18 15.95 -34.24
C ILE B 436 16.06 14.46 -34.51
N ALA B 437 16.96 13.66 -33.92
CA ALA B 437 17.03 12.21 -34.08
C ALA B 437 15.73 11.54 -33.59
N VAL B 438 14.96 10.95 -34.53
CA VAL B 438 13.66 10.32 -34.26
C VAL B 438 13.72 8.78 -34.28
N GLY B 439 14.28 8.21 -35.35
CA GLY B 439 14.41 6.77 -35.53
C GLY B 439 15.63 6.38 -36.33
N ALA B 440 15.77 5.08 -36.63
CA ALA B 440 16.88 4.52 -37.41
C ALA B 440 16.48 3.22 -38.15
N ASP B 441 17.38 2.71 -39.03
CA ASP B 441 17.19 1.49 -39.80
C ASP B 441 17.19 0.27 -38.88
N GLU B 442 16.26 -0.69 -39.12
CA GLU B 442 16.09 -1.94 -38.35
C GLU B 442 17.42 -2.63 -38.02
N SER B 443 18.36 -2.63 -38.99
CA SER B 443 19.70 -3.20 -38.90
C SER B 443 20.55 -2.52 -37.82
N VAL B 444 20.54 -1.16 -37.81
CA VAL B 444 21.31 -0.32 -36.87
C VAL B 444 20.88 -0.55 -35.41
N VAL B 445 19.57 -0.75 -35.18
CA VAL B 445 18.98 -1.00 -33.85
C VAL B 445 19.46 -2.35 -33.30
N LYS B 446 19.53 -3.37 -34.17
CA LYS B 446 19.96 -4.73 -33.82
C LYS B 446 21.44 -4.82 -33.40
N GLU B 447 22.28 -3.87 -33.86
CA GLU B 447 23.71 -3.81 -33.54
C GLU B 447 24.00 -3.44 -32.10
N ALA B 448 23.22 -2.49 -31.55
CA ALA B 448 23.38 -2.01 -30.17
C ALA B 448 22.79 -2.99 -29.14
N HIS B 449 21.73 -3.73 -29.52
CA HIS B 449 21.04 -4.70 -28.66
C HIS B 449 21.59 -6.13 -28.78
N ARG B 450 22.79 -6.26 -29.39
CA ARG B 450 23.48 -7.54 -29.58
C ARG B 450 24.12 -8.00 -28.27
N GLU B 451 24.77 -7.07 -27.54
CA GLU B 451 25.47 -7.32 -26.28
C GLU B 451 24.49 -7.62 -25.13
N VAL B 452 24.49 -8.89 -24.67
CA VAL B 452 23.64 -9.37 -23.58
C VAL B 452 24.50 -9.58 -22.33
N ILE B 453 24.08 -9.01 -21.19
CA ILE B 453 24.81 -9.12 -19.92
C ILE B 453 24.13 -10.12 -18.97
N ASN B 454 22.78 -10.00 -18.80
CA ASN B 454 21.99 -10.87 -17.92
C ASN B 454 20.75 -11.44 -18.64
N SER B 455 20.47 -12.73 -18.42
CA SER B 455 19.32 -13.43 -18.99
C SER B 455 18.47 -14.02 -17.85
N SER B 456 17.46 -13.25 -17.39
CA SER B 456 16.56 -13.63 -16.29
C SER B 456 15.09 -13.37 -16.63
N THR B 457 14.17 -14.12 -15.97
CA THR B 457 12.72 -14.01 -16.14
C THR B 457 12.18 -12.71 -15.54
N GLU B 458 12.94 -12.10 -14.62
CA GLU B 458 12.61 -10.84 -13.94
C GLU B 458 12.99 -9.64 -14.81
N GLY B 459 14.20 -9.68 -15.38
CA GLY B 459 14.73 -8.61 -16.22
C GLY B 459 15.83 -9.02 -17.18
N LEU B 460 16.08 -8.16 -18.18
CA LEU B 460 17.12 -8.36 -19.20
C LEU B 460 18.08 -7.16 -19.25
N LEU B 461 19.27 -7.32 -18.66
CA LEU B 461 20.31 -6.28 -18.64
C LEU B 461 21.17 -6.44 -19.89
N LEU B 462 21.25 -5.39 -20.72
CA LEU B 462 22.00 -5.40 -21.97
C LEU B 462 22.87 -4.15 -22.13
N ASN B 463 24.06 -4.32 -22.74
CA ASN B 463 25.01 -3.23 -22.98
C ASN B 463 24.66 -2.49 -24.27
N ILE B 464 23.54 -1.75 -24.23
CA ILE B 464 23.02 -0.98 -25.35
C ILE B 464 23.73 0.37 -25.41
N ASP B 465 24.16 0.79 -26.61
CA ASP B 465 24.85 2.06 -26.87
C ASP B 465 23.94 3.25 -26.51
N LYS B 466 24.53 4.28 -25.87
CA LYS B 466 23.84 5.49 -25.39
C LYS B 466 23.28 6.37 -26.50
N ASP B 467 23.99 6.46 -27.65
CA ASP B 467 23.59 7.24 -28.81
C ASP B 467 22.43 6.59 -29.57
N ILE B 468 22.46 5.25 -29.68
CA ILE B 468 21.43 4.45 -30.38
C ILE B 468 20.12 4.39 -29.57
N ARG B 469 20.22 4.22 -28.24
CA ARG B 469 19.06 4.13 -27.34
C ARG B 469 18.25 5.43 -27.22
N LYS B 470 18.82 6.56 -27.68
CA LYS B 470 18.19 7.88 -27.66
C LYS B 470 16.97 7.97 -28.60
N ILE B 471 16.95 7.15 -29.68
CA ILE B 471 15.83 7.12 -30.62
C ILE B 471 14.79 6.06 -30.23
N LEU B 472 14.99 5.40 -29.07
CA LEU B 472 14.10 4.36 -28.56
C LEU B 472 13.06 4.92 -27.60
N SER B 473 11.79 4.55 -27.82
CA SER B 473 10.63 4.98 -27.02
C SER B 473 10.22 3.90 -26.01
N GLY B 474 10.44 2.64 -26.36
CA GLY B 474 10.10 1.49 -25.54
C GLY B 474 10.19 0.18 -26.29
N TYR B 475 9.94 -0.93 -25.58
CA TYR B 475 10.00 -2.27 -26.17
C TYR B 475 8.73 -3.05 -25.85
N ILE B 476 8.38 -4.01 -26.70
CA ILE B 476 7.19 -4.85 -26.52
C ILE B 476 7.60 -6.20 -25.94
N VAL B 477 6.91 -6.63 -24.87
CA VAL B 477 7.17 -7.90 -24.17
C VAL B 477 6.08 -8.92 -24.54
N GLU B 478 6.48 -10.04 -25.19
CA GLU B 478 5.57 -11.11 -25.61
C GLU B 478 6.20 -12.52 -25.55
N ILE B 479 5.35 -13.55 -25.46
CA ILE B 479 5.75 -14.95 -25.41
C ILE B 479 5.20 -15.65 -26.66
N GLU B 480 6.10 -16.00 -27.60
CA GLU B 480 5.75 -16.69 -28.84
C GLU B 480 5.77 -18.20 -28.63
N ASP B 481 4.65 -18.87 -28.96
CA ASP B 481 4.49 -20.32 -28.84
C ASP B 481 5.26 -21.07 -29.93
N THR B 482 5.64 -22.33 -29.64
CA THR B 482 6.31 -23.24 -30.59
C THR B 482 5.27 -23.58 -31.65
N GLU B 483 3.99 -23.55 -31.25
CA GLU B 483 2.79 -23.75 -32.06
C GLU B 483 2.69 -22.59 -33.07
N GLY B 484 2.98 -21.38 -32.63
CA GLY B 484 2.97 -20.17 -33.44
C GLY B 484 2.04 -19.08 -32.97
N LEU B 485 1.77 -19.03 -31.65
CA LEU B 485 0.87 -18.03 -31.05
C LEU B 485 1.65 -16.88 -30.44
N LYS B 486 1.29 -15.63 -30.79
CA LYS B 486 1.95 -14.43 -30.29
C LYS B 486 1.16 -13.74 -29.16
N GLU B 487 1.31 -14.24 -27.92
CA GLU B 487 0.64 -13.67 -26.74
C GLU B 487 1.49 -12.52 -26.20
N VAL B 488 0.92 -11.31 -26.15
CA VAL B 488 1.63 -10.10 -25.71
C VAL B 488 1.24 -9.68 -24.28
N ILE B 489 2.25 -9.54 -23.40
CA ILE B 489 2.09 -9.13 -21.99
C ILE B 489 1.80 -7.62 -21.97
N ASN B 490 2.81 -6.80 -22.36
CA ASN B 490 2.75 -5.34 -22.41
C ASN B 490 2.08 -4.97 -23.73
N ASP B 491 0.73 -4.92 -23.73
CA ASP B 491 -0.07 -4.67 -24.93
C ASP B 491 -1.07 -3.51 -24.80
N ARG B 492 -0.58 -2.26 -25.02
CA ARG B 492 -1.33 -0.98 -25.01
C ARG B 492 -0.52 0.17 -25.66
N TYR B 493 -1.19 1.30 -26.00
CA TYR B 493 -0.59 2.50 -26.61
C TYR B 493 0.45 3.18 -25.71
N ASP B 494 0.29 3.04 -24.38
CA ASP B 494 1.15 3.63 -23.36
C ASP B 494 2.11 2.62 -22.71
N MET B 495 1.78 1.32 -22.75
CA MET B 495 2.57 0.23 -22.18
C MET B 495 3.84 -0.01 -23.03
N LEU B 496 4.78 0.94 -22.98
CA LEU B 496 6.03 0.87 -23.74
C LEU B 496 7.26 1.16 -22.91
N ASN B 497 7.16 2.06 -21.90
CA ASN B 497 8.30 2.39 -21.04
C ASN B 497 8.66 1.22 -20.12
N ILE B 498 9.85 0.65 -20.33
CA ILE B 498 10.37 -0.49 -19.58
C ILE B 498 11.87 -0.36 -19.36
N SER B 499 12.57 0.32 -20.29
CA SER B 499 14.02 0.55 -20.23
C SER B 499 14.39 1.48 -19.08
N SER B 500 15.24 0.97 -18.18
CA SER B 500 15.72 1.69 -17.01
C SER B 500 17.25 1.68 -17.05
N LEU B 501 17.83 2.76 -17.59
CA LEU B 501 19.27 2.91 -17.74
C LEU B 501 20.02 3.04 -16.41
N ARG B 502 20.92 2.09 -16.13
CA ARG B 502 21.75 2.04 -14.93
C ARG B 502 23.00 2.89 -15.14
N GLN B 503 23.63 3.35 -14.05
CA GLN B 503 24.83 4.19 -14.14
C GLN B 503 26.06 3.41 -14.63
N ASP B 504 26.01 2.06 -14.60
CA ASP B 504 27.09 1.17 -15.05
C ASP B 504 27.34 1.22 -16.56
N GLY B 505 26.34 1.69 -17.31
CA GLY B 505 26.40 1.82 -18.76
C GLY B 505 25.59 0.80 -19.51
N LYS B 506 24.67 0.12 -18.81
CA LYS B 506 23.81 -0.93 -19.38
C LYS B 506 22.34 -0.61 -19.15
N THR B 507 21.52 -0.79 -20.21
CA THR B 507 20.07 -0.55 -20.17
C THR B 507 19.38 -1.79 -19.62
N PHE B 508 18.58 -1.62 -18.56
CA PHE B 508 17.84 -2.71 -17.91
C PHE B 508 16.37 -2.74 -18.33
N ILE B 509 15.97 -3.82 -19.02
CA ILE B 509 14.60 -4.03 -19.49
C ILE B 509 13.85 -4.91 -18.48
N ASP B 510 12.86 -4.31 -17.81
CA ASP B 510 12.06 -4.97 -16.80
C ASP B 510 10.62 -5.18 -17.29
N PHE B 511 10.23 -6.44 -17.46
CA PHE B 511 8.89 -6.85 -17.93
C PHE B 511 7.87 -6.75 -16.79
N LYS B 512 8.36 -6.87 -15.53
CA LYS B 512 7.58 -6.81 -14.29
C LYS B 512 6.86 -5.46 -14.10
N LYS B 513 7.30 -4.42 -14.84
CA LYS B 513 6.75 -3.07 -14.83
C LYS B 513 5.26 -3.07 -15.17
N TYR B 514 4.85 -3.91 -16.14
CA TYR B 514 3.45 -4.05 -16.56
C TYR B 514 2.87 -5.44 -16.31
N ASN B 515 3.70 -6.41 -15.89
CA ASN B 515 3.30 -7.79 -15.60
C ASN B 515 2.86 -7.98 -14.12
N ASP B 516 2.26 -6.92 -13.54
CA ASP B 516 1.73 -6.84 -12.17
C ASP B 516 2.79 -7.21 -11.10
N LYS B 517 4.02 -6.65 -11.24
CA LYS B 517 5.19 -6.84 -10.36
C LYS B 517 5.67 -8.31 -10.28
N LEU B 518 5.27 -9.14 -11.26
CA LEU B 518 5.61 -10.56 -11.31
C LEU B 518 6.47 -10.91 -12.53
N PRO B 519 7.50 -11.79 -12.37
CA PRO B 519 8.32 -12.18 -13.54
C PRO B 519 7.55 -13.00 -14.57
N LEU B 520 8.07 -13.05 -15.82
CA LEU B 520 7.44 -13.77 -16.92
C LEU B 520 7.27 -15.27 -16.67
N TYR B 521 6.02 -15.75 -16.81
CA TYR B 521 5.66 -17.14 -16.61
C TYR B 521 6.09 -17.98 -17.80
N ILE B 522 6.90 -19.02 -17.53
CA ILE B 522 7.42 -19.93 -18.55
C ILE B 522 6.47 -21.13 -18.66
N SER B 523 5.46 -21.01 -19.55
CA SER B 523 4.45 -22.04 -19.82
C SER B 523 5.10 -23.29 -20.43
N ASN B 524 6.16 -23.08 -21.23
CA ASN B 524 6.97 -24.10 -21.89
C ASN B 524 8.38 -23.53 -22.09
N PRO B 525 9.46 -24.19 -21.61
CA PRO B 525 10.82 -23.65 -21.81
C PRO B 525 11.30 -23.65 -23.26
N ASN B 526 10.57 -24.35 -24.17
CA ASN B 526 10.87 -24.43 -25.60
C ASN B 526 10.31 -23.21 -26.37
N TYR B 527 9.37 -22.45 -25.75
CA TYR B 527 8.75 -21.25 -26.32
C TYR B 527 9.78 -20.15 -26.58
N LYS B 528 9.54 -19.32 -27.60
CA LYS B 528 10.41 -18.20 -27.96
C LYS B 528 9.98 -16.93 -27.21
N VAL B 529 10.88 -16.33 -26.41
CA VAL B 529 10.57 -15.10 -25.68
C VAL B 529 10.98 -13.91 -26.55
N ASN B 530 10.02 -13.40 -27.34
CA ASN B 530 10.23 -12.29 -28.25
C ASN B 530 10.10 -10.94 -27.56
N VAL B 531 11.19 -10.16 -27.54
CA VAL B 531 11.25 -8.81 -26.99
C VAL B 531 11.65 -7.89 -28.16
N TYR B 532 10.71 -7.07 -28.64
CA TYR B 532 10.90 -6.16 -29.76
C TYR B 532 11.56 -4.83 -29.36
N ALA B 533 11.47 -3.81 -30.24
CA ALA B 533 12.00 -2.46 -30.07
C ALA B 533 11.16 -1.47 -30.87
N VAL B 534 10.68 -0.41 -30.20
CA VAL B 534 9.84 0.62 -30.82
C VAL B 534 10.53 1.98 -30.77
N THR B 535 10.74 2.59 -31.95
CA THR B 535 11.38 3.90 -32.06
C THR B 535 10.40 5.01 -31.69
N LYS B 536 10.94 6.23 -31.48
CA LYS B 536 10.17 7.43 -31.15
C LYS B 536 9.29 7.88 -32.32
N GLU B 537 9.74 7.64 -33.56
CA GLU B 537 8.99 8.02 -34.76
C GLU B 537 7.81 7.09 -35.04
N ASN B 538 7.89 5.82 -34.56
CA ASN B 538 6.86 4.80 -34.77
C ASN B 538 5.85 4.66 -33.62
N THR B 539 6.21 5.12 -32.40
CA THR B 539 5.34 5.03 -31.21
C THR B 539 4.08 5.91 -31.32
N ILE B 540 2.97 5.44 -30.72
CA ILE B 540 1.70 6.17 -30.70
C ILE B 540 1.46 6.75 -29.30
N ILE B 541 1.32 8.07 -29.27
CA ILE B 541 1.07 8.87 -28.06
C ILE B 541 -0.39 8.76 -27.61
N ASN B 542 -1.31 8.51 -28.57
CA ASN B 542 -2.76 8.37 -28.35
C ASN B 542 -3.36 7.21 -29.16
N PRO B 543 -4.47 6.56 -28.71
CA PRO B 543 -5.06 5.47 -29.51
C PRO B 543 -5.76 5.98 -30.77
N SER B 544 -6.06 5.06 -31.72
CA SER B 544 -6.73 5.35 -32.99
C SER B 544 -8.22 5.75 -32.81
N GLU B 545 -8.94 5.98 -33.93
CA GLU B 545 -10.36 6.34 -33.98
C GLU B 545 -11.23 5.29 -33.28
N ASN B 546 -10.84 4.01 -33.40
CA ASN B 546 -11.49 2.84 -32.79
C ASN B 546 -11.11 2.64 -31.32
N GLY B 547 -10.12 3.42 -30.85
CA GLY B 547 -9.61 3.32 -29.49
C GLY B 547 -8.64 2.17 -29.38
N ASP B 548 -7.64 2.15 -30.28
CA ASP B 548 -6.63 1.11 -30.37
C ASP B 548 -5.62 1.14 -29.22
N THR B 549 -5.96 0.45 -28.12
CA THR B 549 -5.09 0.31 -26.94
C THR B 549 -4.37 -1.04 -27.05
N SER B 550 -3.61 -1.22 -28.15
CA SER B 550 -2.88 -2.44 -28.46
C SER B 550 -1.57 -2.17 -29.20
N THR B 551 -0.56 -3.03 -28.96
CA THR B 551 0.78 -2.95 -29.55
C THR B 551 0.90 -3.57 -30.95
N ASN B 552 -0.21 -4.13 -31.47
CA ASN B 552 -0.28 -4.75 -32.79
C ASN B 552 -0.05 -3.76 -33.94
N GLY B 553 -0.69 -2.59 -33.87
CA GLY B 553 -0.58 -1.54 -34.86
C GLY B 553 0.74 -0.80 -34.82
N ILE B 554 1.41 -0.81 -33.65
CA ILE B 554 2.70 -0.15 -33.42
C ILE B 554 3.81 -0.90 -34.17
N LYS B 555 4.61 -0.16 -34.98
CA LYS B 555 5.70 -0.72 -35.76
C LYS B 555 6.83 -1.21 -34.83
N LYS B 556 6.92 -2.53 -34.67
CA LYS B 556 7.90 -3.21 -33.83
C LYS B 556 9.08 -3.75 -34.61
N ILE B 557 10.29 -3.57 -34.06
CA ILE B 557 11.56 -4.01 -34.63
C ILE B 557 12.10 -5.18 -33.78
N LEU B 558 12.33 -6.35 -34.41
CA LEU B 558 12.84 -7.55 -33.73
C LEU B 558 14.22 -7.27 -33.14
N ILE B 559 14.35 -7.38 -31.81
CA ILE B 559 15.60 -7.06 -31.13
C ILE B 559 16.10 -8.19 -30.21
N PHE B 560 15.18 -9.01 -29.68
CA PHE B 560 15.54 -10.14 -28.80
C PHE B 560 14.57 -11.29 -29.05
N SER B 561 15.11 -12.48 -29.35
CA SER B 561 14.31 -13.66 -29.64
C SER B 561 14.94 -14.95 -29.09
N LYS B 562 15.56 -14.88 -27.89
CA LYS B 562 16.16 -16.05 -27.24
C LYS B 562 15.06 -16.89 -26.61
N LYS B 563 15.13 -18.22 -26.79
CA LYS B 563 14.16 -19.19 -26.28
C LYS B 563 14.18 -19.28 -24.75
N GLY B 564 13.06 -19.77 -24.19
CA GLY B 564 12.84 -19.92 -22.76
C GLY B 564 13.89 -20.67 -21.97
N TYR B 565 14.56 -21.66 -22.60
CA TYR B 565 15.62 -22.45 -21.96
C TYR B 565 16.99 -21.73 -21.92
N GLU B 566 17.21 -20.78 -22.86
CA GLU B 566 18.45 -19.99 -22.98
C GLU B 566 18.55 -18.92 -21.87
N ILE B 567 17.41 -18.56 -21.26
CA ILE B 567 17.30 -17.55 -20.20
C ILE B 567 17.06 -18.25 -18.83
N GLY B 568 16.02 -19.08 -18.77
CA GLY B 568 15.63 -19.82 -17.56
C GLY B 568 14.22 -20.38 -17.73
N THR C 7 52.55 66.46 -43.59
CA THR C 7 51.18 66.35 -43.11
C THR C 7 50.18 66.33 -44.26
N VAL C 8 49.17 65.46 -44.15
CA VAL C 8 48.12 65.28 -45.16
C VAL C 8 46.85 66.04 -44.72
N PRO C 9 46.27 66.89 -45.60
CA PRO C 9 45.09 67.67 -45.19
C PRO C 9 43.79 66.86 -45.05
N ASP C 10 43.16 66.95 -43.88
CA ASP C 10 41.88 66.31 -43.57
C ASP C 10 41.06 67.30 -42.74
N ARG C 11 39.96 67.78 -43.32
CA ARG C 11 39.07 68.75 -42.68
C ARG C 11 37.96 68.09 -41.87
N ASP C 12 37.26 67.09 -42.45
CA ASP C 12 36.18 66.39 -41.76
C ASP C 12 36.70 65.37 -40.74
N ASN C 13 38.03 65.07 -40.77
CA ASN C 13 38.76 64.16 -39.87
C ASN C 13 38.27 62.69 -39.93
N ASP C 14 37.28 62.41 -40.80
CA ASP C 14 36.66 61.10 -41.06
C ASP C 14 37.66 59.96 -41.18
N GLY C 15 38.77 60.25 -41.88
CA GLY C 15 39.85 59.34 -42.19
C GLY C 15 40.37 59.62 -43.58
N ILE C 16 39.45 59.81 -44.53
CA ILE C 16 39.73 60.12 -45.93
C ILE C 16 40.18 61.58 -46.05
N PRO C 17 41.31 61.87 -46.75
CA PRO C 17 41.76 63.27 -46.86
C PRO C 17 40.95 64.12 -47.83
N ASP C 18 41.20 65.45 -47.80
CA ASP C 18 40.57 66.43 -48.69
C ASP C 18 41.01 66.17 -50.13
N SER C 19 42.16 65.51 -50.29
CA SER C 19 42.73 65.14 -51.58
C SER C 19 41.87 64.11 -52.29
N LEU C 20 41.54 62.98 -51.63
CA LEU C 20 40.75 61.92 -52.24
C LEU C 20 39.26 62.25 -52.36
N GLU C 21 38.66 62.84 -51.31
CA GLU C 21 37.23 63.19 -51.25
C GLU C 21 36.77 64.08 -52.41
N VAL C 22 37.70 64.81 -53.05
CA VAL C 22 37.40 65.67 -54.19
C VAL C 22 37.81 65.00 -55.51
N GLU C 23 39.01 64.39 -55.55
CA GLU C 23 39.58 63.75 -56.75
C GLU C 23 38.94 62.41 -57.13
N GLY C 24 38.88 61.47 -56.17
CA GLY C 24 38.34 60.13 -56.38
C GLY C 24 39.14 59.07 -55.64
N TYR C 25 38.43 58.05 -55.09
CA TYR C 25 39.06 56.97 -54.30
C TYR C 25 38.26 55.65 -54.30
N THR C 26 38.90 54.56 -53.85
CA THR C 26 38.36 53.20 -53.69
C THR C 26 39.15 52.42 -52.63
N VAL C 27 38.51 51.39 -52.05
CA VAL C 27 39.14 50.56 -51.03
C VAL C 27 39.58 49.23 -51.66
N ASP C 28 40.84 48.82 -51.40
CA ASP C 28 41.41 47.57 -51.91
C ASP C 28 42.13 46.78 -50.80
N VAL C 29 42.37 45.48 -51.03
CA VAL C 29 43.05 44.60 -50.07
C VAL C 29 44.43 44.17 -50.58
N LYS C 30 45.48 44.49 -49.81
CA LYS C 30 46.88 44.16 -50.13
C LYS C 30 47.12 42.69 -49.79
N ASN C 31 47.82 42.39 -48.68
CA ASN C 31 48.06 41.03 -48.19
C ASN C 31 46.70 40.60 -47.67
N LYS C 32 46.18 41.35 -46.69
CA LYS C 32 44.86 41.21 -46.08
C LYS C 32 44.35 42.61 -45.75
N ARG C 33 45.26 43.50 -45.29
CA ARG C 33 45.05 44.89 -44.88
C ARG C 33 44.24 45.73 -45.86
N THR C 34 43.35 46.59 -45.34
CA THR C 34 42.51 47.48 -46.14
C THR C 34 43.29 48.73 -46.51
N PHE C 35 43.25 49.11 -47.79
CA PHE C 35 43.98 50.25 -48.35
C PHE C 35 43.09 51.21 -49.13
N LEU C 36 43.17 52.51 -48.78
CA LEU C 36 42.46 53.60 -49.42
C LEU C 36 43.48 54.27 -50.34
N SER C 37 43.18 54.32 -51.64
CA SER C 37 44.09 54.85 -52.66
C SER C 37 43.38 55.73 -53.70
N PRO C 38 44.08 56.68 -54.39
CA PRO C 38 43.40 57.48 -55.42
C PRO C 38 42.92 56.64 -56.60
N TRP C 39 41.83 57.07 -57.26
CA TRP C 39 41.23 56.35 -58.39
C TRP C 39 42.16 56.24 -59.60
N ILE C 40 42.50 54.99 -59.98
CA ILE C 40 43.37 54.67 -61.12
C ILE C 40 42.60 53.72 -62.04
N SER C 41 42.13 54.23 -63.19
CA SER C 41 41.36 53.47 -64.19
C SER C 41 42.14 52.30 -64.79
N ASN C 42 43.48 52.41 -64.80
CA ASN C 42 44.42 51.40 -65.33
C ASN C 42 44.39 50.09 -64.56
N ILE C 43 43.97 50.10 -63.28
CA ILE C 43 43.95 48.89 -62.45
C ILE C 43 42.66 48.74 -61.64
N HIS C 44 42.22 49.80 -60.92
CA HIS C 44 41.01 49.77 -60.08
C HIS C 44 39.70 49.51 -60.85
N GLU C 45 39.54 50.18 -62.02
CA GLU C 45 38.36 50.03 -62.88
C GLU C 45 38.33 48.63 -63.50
N LYS C 46 39.51 48.11 -63.87
CA LYS C 46 39.70 46.79 -64.48
C LYS C 46 39.48 45.66 -63.46
N LYS C 47 39.89 45.89 -62.18
CA LYS C 47 39.74 44.94 -61.09
C LYS C 47 38.27 44.73 -60.71
N GLY C 48 37.46 45.76 -60.91
CA GLY C 48 36.04 45.77 -60.62
C GLY C 48 35.70 46.53 -59.35
N LEU C 49 36.19 47.77 -59.25
CA LEU C 49 35.95 48.62 -58.09
C LEU C 49 35.03 49.79 -58.44
N THR C 50 34.31 50.30 -57.44
CA THR C 50 33.36 51.40 -57.59
C THR C 50 34.00 52.71 -57.11
N LYS C 51 34.04 53.73 -57.98
CA LYS C 51 34.64 55.04 -57.69
C LYS C 51 33.83 55.83 -56.67
N TYR C 52 34.42 56.00 -55.47
CA TYR C 52 33.81 56.73 -54.36
C TYR C 52 34.30 58.17 -54.34
N LYS C 53 33.40 59.10 -53.94
CA LYS C 53 33.64 60.54 -53.82
C LYS C 53 32.62 61.13 -52.83
N SER C 54 33.11 61.74 -51.74
CA SER C 54 32.25 62.30 -50.68
C SER C 54 32.52 63.79 -50.39
N SER C 55 32.06 64.29 -49.23
CA SER C 55 32.24 65.68 -48.83
C SER C 55 33.47 65.83 -47.91
N PRO C 56 34.49 66.64 -48.31
CA PRO C 56 35.69 66.79 -47.47
C PRO C 56 35.50 67.59 -46.18
N GLU C 57 34.42 68.40 -46.10
CA GLU C 57 34.11 69.21 -44.91
C GLU C 57 33.00 68.60 -44.06
N LYS C 58 32.17 67.72 -44.64
CA LYS C 58 31.10 67.02 -43.94
C LYS C 58 31.60 65.63 -43.54
N TRP C 59 31.50 65.30 -42.23
CA TRP C 59 31.90 64.03 -41.62
C TRP C 59 31.04 62.89 -42.20
N SER C 60 29.76 63.19 -42.44
CA SER C 60 28.79 62.29 -43.02
C SER C 60 28.10 63.02 -44.15
N THR C 61 28.39 62.62 -45.40
CA THR C 61 27.82 63.23 -46.61
C THR C 61 26.30 63.05 -46.58
N ALA C 62 25.87 61.82 -46.24
CA ALA C 62 24.46 61.43 -46.12
C ALA C 62 23.80 62.01 -44.86
N SER C 63 24.62 62.66 -43.97
CA SER C 63 24.19 63.27 -42.71
C SER C 63 23.62 62.25 -41.70
N ASP C 64 23.98 60.95 -41.89
CA ASP C 64 23.57 59.84 -41.05
C ASP C 64 24.57 59.67 -39.88
N PRO C 65 24.27 58.90 -38.82
CA PRO C 65 25.23 58.76 -37.72
C PRO C 65 26.58 58.10 -38.07
N TYR C 66 26.65 57.40 -39.21
CA TYR C 66 27.86 56.71 -39.67
C TYR C 66 28.65 57.61 -40.63
N SER C 67 29.99 57.75 -40.42
CA SER C 67 30.86 58.60 -41.24
C SER C 67 31.05 58.11 -42.67
N ASP C 68 31.70 58.96 -43.50
CA ASP C 68 32.05 58.67 -44.90
C ASP C 68 32.99 57.45 -44.93
N PHE C 69 33.99 57.44 -44.01
CA PHE C 69 35.01 56.41 -43.85
C PHE C 69 34.42 55.08 -43.39
N GLU C 70 33.64 55.11 -42.27
CA GLU C 70 32.97 53.94 -41.66
C GLU C 70 32.31 53.02 -42.71
N LYS C 71 31.64 53.63 -43.71
CA LYS C 71 30.92 52.96 -44.80
C LYS C 71 31.85 52.23 -45.79
N VAL C 72 32.83 52.95 -46.37
CA VAL C 72 33.74 52.40 -47.40
C VAL C 72 34.73 51.38 -46.84
N THR C 73 35.34 51.64 -45.68
CA THR C 73 36.30 50.70 -45.08
C THR C 73 35.61 49.45 -44.54
N GLY C 74 34.35 49.60 -44.12
CA GLY C 74 33.55 48.51 -43.57
C GLY C 74 33.42 48.57 -42.06
N ARG C 75 34.05 49.58 -41.42
CA ARG C 75 34.03 49.80 -39.97
C ARG C 75 32.68 50.41 -39.56
N ILE C 76 31.59 49.79 -40.02
CA ILE C 76 30.21 50.21 -39.81
C ILE C 76 29.41 49.04 -39.20
N ASP C 77 28.17 49.30 -38.78
CA ASP C 77 27.24 48.30 -38.28
C ASP C 77 26.96 47.39 -39.48
N LYS C 78 27.41 46.13 -39.39
CA LYS C 78 27.31 45.13 -40.47
C LYS C 78 25.90 44.93 -41.01
N ASN C 79 24.87 45.25 -40.21
CA ASN C 79 23.46 45.15 -40.57
C ASN C 79 23.09 46.18 -41.64
N VAL C 80 23.80 47.32 -41.69
CA VAL C 80 23.57 48.42 -42.65
C VAL C 80 23.68 47.89 -44.08
N SER C 81 22.63 48.15 -44.89
CA SER C 81 22.47 47.74 -46.29
C SER C 81 23.73 47.91 -47.15
N PRO C 82 24.04 46.96 -48.07
CA PRO C 82 25.24 47.09 -48.91
C PRO C 82 25.22 48.30 -49.84
N GLU C 83 24.02 48.68 -50.32
CA GLU C 83 23.83 49.85 -51.17
C GLU C 83 24.11 51.12 -50.37
N ALA C 84 23.83 51.08 -49.05
CA ALA C 84 24.04 52.17 -48.10
C ALA C 84 25.51 52.30 -47.67
N ARG C 85 26.35 51.28 -47.96
CA ARG C 85 27.78 51.30 -47.64
C ARG C 85 28.58 52.27 -48.53
N HIS C 86 27.87 53.04 -49.38
CA HIS C 86 28.40 54.09 -50.26
C HIS C 86 28.20 55.44 -49.54
N PRO C 87 29.21 56.36 -49.55
CA PRO C 87 29.06 57.64 -48.84
C PRO C 87 27.94 58.54 -49.34
N LEU C 88 27.53 58.38 -50.60
CA LEU C 88 26.46 59.17 -51.21
C LEU C 88 25.07 58.55 -51.02
N VAL C 89 24.97 57.44 -50.27
CA VAL C 89 23.70 56.75 -49.99
C VAL C 89 23.37 56.81 -48.49
N ALA C 90 22.15 57.26 -48.17
CA ALA C 90 21.68 57.40 -46.79
C ALA C 90 21.37 56.08 -46.11
N ALA C 91 21.96 55.89 -44.92
CA ALA C 91 21.77 54.71 -44.09
C ALA C 91 20.78 55.11 -42.99
N TYR C 92 19.47 55.11 -43.34
CA TYR C 92 18.39 55.50 -42.43
C TYR C 92 17.22 54.50 -42.42
N PRO C 93 16.56 54.28 -41.25
CA PRO C 93 15.46 53.31 -41.21
C PRO C 93 14.07 53.87 -41.50
N ILE C 94 13.21 53.02 -42.09
CA ILE C 94 11.80 53.26 -42.41
C ILE C 94 11.08 51.95 -42.09
N VAL C 95 10.02 52.00 -41.26
CA VAL C 95 9.30 50.80 -40.87
C VAL C 95 7.77 51.05 -40.85
N HIS C 96 7.05 50.14 -41.53
CA HIS C 96 5.59 50.11 -41.64
C HIS C 96 5.08 48.82 -41.00
N VAL C 97 3.81 48.81 -40.60
CA VAL C 97 3.20 47.63 -39.98
C VAL C 97 2.47 46.77 -41.02
N ASP C 98 2.88 45.49 -41.14
CA ASP C 98 2.31 44.51 -42.06
C ASP C 98 1.33 43.60 -41.31
N MET C 99 0.06 43.63 -41.71
CA MET C 99 -0.99 42.82 -41.12
C MET C 99 -1.10 41.52 -41.91
N GLU C 100 -1.07 40.37 -41.19
CA GLU C 100 -1.11 39.05 -41.81
C GLU C 100 -2.54 38.51 -41.96
N ASN C 101 -3.38 38.70 -40.92
CA ASN C 101 -4.77 38.24 -40.88
C ASN C 101 -5.57 38.98 -39.81
N ILE C 102 -6.91 39.02 -39.97
CA ILE C 102 -7.84 39.65 -39.02
C ILE C 102 -8.82 38.63 -38.43
N ILE C 103 -9.47 39.00 -37.32
CA ILE C 103 -10.49 38.20 -36.65
C ILE C 103 -11.49 39.13 -35.96
N LEU C 104 -12.78 39.00 -36.33
CA LEU C 104 -13.84 39.84 -35.78
C LEU C 104 -14.85 39.04 -34.98
N SER C 105 -15.20 39.55 -33.78
CA SER C 105 -16.16 38.94 -32.84
C SER C 105 -16.97 40.02 -32.11
N LYS C 106 -18.14 39.63 -31.56
CA LYS C 106 -19.00 40.54 -30.79
C LYS C 106 -18.38 40.75 -29.41
N ASN C 107 -18.51 41.99 -28.86
CA ASN C 107 -17.94 42.37 -27.57
C ASN C 107 -18.44 41.52 -26.40
N GLU C 108 -17.48 41.08 -25.55
CA GLU C 108 -17.73 40.23 -24.39
C GLU C 108 -16.82 40.67 -23.24
N SER C 123 -13.04 35.32 -39.69
CA SER C 123 -11.59 35.44 -39.82
C SER C 123 -11.16 35.38 -41.29
N LYS C 124 -10.42 36.41 -41.74
CA LYS C 124 -9.92 36.54 -43.11
C LYS C 124 -8.46 36.98 -43.10
N ASN C 125 -7.66 36.50 -44.09
CA ASN C 125 -6.25 36.86 -44.21
C ASN C 125 -6.09 38.23 -44.89
N THR C 126 -5.16 39.05 -44.36
CA THR C 126 -4.93 40.40 -44.88
C THR C 126 -3.58 40.54 -45.59
N SER C 127 -3.54 41.43 -46.60
CA SER C 127 -2.34 41.74 -47.39
C SER C 127 -1.98 43.20 -47.20
N THR C 128 -0.73 43.47 -46.80
CA THR C 128 -0.26 44.83 -46.54
C THR C 128 0.97 45.19 -47.37
N SER C 129 1.01 46.44 -47.86
CA SER C 129 2.09 47.01 -48.66
C SER C 129 2.25 48.49 -48.28
N ARG C 130 3.50 48.98 -48.23
CA ARG C 130 3.77 50.38 -47.86
C ARG C 130 3.22 51.34 -48.91
N THR C 131 2.41 52.31 -48.46
CA THR C 131 1.75 53.27 -49.34
C THR C 131 2.39 54.65 -49.31
N HIS C 132 2.62 55.20 -50.49
CA HIS C 132 3.19 56.52 -50.71
C HIS C 132 2.16 57.28 -51.55
N THR C 133 1.24 57.98 -50.87
CA THR C 133 0.12 58.72 -51.48
C THR C 133 0.56 59.80 -52.49
N SER C 160 6.71 60.45 -44.41
CA SER C 160 5.97 59.70 -43.39
C SER C 160 5.78 58.23 -43.78
N ASN C 161 5.44 57.38 -42.78
CA ASN C 161 5.20 55.96 -42.97
C ASN C 161 3.71 55.68 -42.83
N SER C 162 3.10 55.10 -43.88
CA SER C 162 1.69 54.73 -43.92
C SER C 162 1.50 53.49 -44.79
N SER C 163 0.73 52.51 -44.28
CA SER C 163 0.47 51.25 -44.97
C SER C 163 -1.01 50.89 -44.99
N THR C 164 -1.54 50.55 -46.18
CA THR C 164 -2.94 50.17 -46.37
C THR C 164 -3.09 48.65 -46.46
N VAL C 165 -3.99 48.07 -45.63
CA VAL C 165 -4.27 46.62 -45.59
C VAL C 165 -5.44 46.26 -46.53
N ALA C 166 -5.61 44.96 -46.84
CA ALA C 166 -6.69 44.46 -47.69
C ALA C 166 -7.29 43.16 -47.14
N ILE C 167 -8.50 43.26 -46.55
CA ILE C 167 -9.21 42.13 -45.98
C ILE C 167 -9.80 41.24 -47.10
N ASP C 168 -9.60 39.91 -46.98
CA ASP C 168 -10.08 38.90 -47.93
C ASP C 168 -11.61 38.91 -48.00
N HIS C 169 -12.14 39.12 -49.22
CA HIS C 169 -13.57 39.19 -49.50
C HIS C 169 -14.21 37.80 -49.56
N SER C 170 -13.42 36.77 -49.94
CA SER C 170 -13.80 35.37 -50.11
C SER C 170 -14.37 34.71 -48.85
N LEU C 171 -15.26 33.71 -49.05
CA LEU C 171 -15.95 32.95 -47.99
C LEU C 171 -15.03 32.33 -46.94
N ARG C 177 -23.05 35.09 -44.79
CA ARG C 177 -23.68 36.22 -45.45
C ARG C 177 -23.95 37.34 -44.46
N THR C 178 -23.50 38.57 -44.80
CA THR C 178 -23.60 39.82 -44.01
C THR C 178 -22.84 39.67 -42.69
N TRP C 179 -21.63 40.26 -42.63
CA TRP C 179 -20.72 40.25 -41.47
C TRP C 179 -21.43 40.74 -40.20
N ALA C 180 -22.30 41.77 -40.34
CA ALA C 180 -23.10 42.38 -39.27
C ALA C 180 -24.06 41.38 -38.63
N GLU C 181 -24.41 40.29 -39.38
CA GLU C 181 -25.30 39.22 -38.94
C GLU C 181 -24.58 37.87 -38.71
N THR C 182 -23.38 37.69 -39.30
CA THR C 182 -22.55 36.48 -39.12
C THR C 182 -22.05 36.40 -37.67
N MET C 183 -21.93 37.57 -37.00
CA MET C 183 -21.50 37.71 -35.60
C MET C 183 -22.71 37.86 -34.66
N GLY C 184 -23.79 38.41 -35.19
CA GLY C 184 -25.04 38.65 -34.44
C GLY C 184 -25.05 40.01 -33.77
N LEU C 185 -24.85 41.06 -34.57
CA LEU C 185 -24.81 42.44 -34.09
C LEU C 185 -26.00 43.28 -34.57
N ASN C 186 -26.32 44.34 -33.82
CA ASN C 186 -27.38 45.31 -34.11
C ASN C 186 -26.85 46.72 -33.80
N THR C 187 -27.63 47.77 -34.16
CA THR C 187 -27.29 49.20 -33.99
C THR C 187 -26.69 49.52 -32.60
N ALA C 188 -27.21 48.86 -31.54
CA ALA C 188 -26.76 49.01 -30.15
C ALA C 188 -25.49 48.19 -29.85
N ASP C 189 -25.38 46.96 -30.42
CA ASP C 189 -24.25 46.05 -30.24
C ASP C 189 -22.94 46.59 -30.82
N THR C 190 -21.81 46.26 -30.16
CA THR C 190 -20.47 46.67 -30.58
C THR C 190 -19.61 45.47 -30.98
N ALA C 191 -18.79 45.65 -32.03
CA ALA C 191 -17.89 44.62 -32.55
C ALA C 191 -16.44 44.91 -32.14
N ARG C 192 -15.73 43.90 -31.61
CA ARG C 192 -14.33 44.03 -31.19
C ARG C 192 -13.38 43.43 -32.22
N LEU C 193 -12.43 44.25 -32.70
CA LEU C 193 -11.44 43.86 -33.70
C LEU C 193 -10.13 43.38 -33.05
N ASN C 194 -9.56 42.32 -33.62
CA ASN C 194 -8.29 41.70 -33.23
C ASN C 194 -7.60 41.20 -34.50
N ALA C 195 -6.28 41.38 -34.60
CA ALA C 195 -5.52 40.97 -35.79
C ALA C 195 -4.09 40.57 -35.48
N ASN C 196 -3.45 39.88 -36.45
CA ASN C 196 -2.05 39.47 -36.39
C ASN C 196 -1.23 40.49 -37.17
N ILE C 197 -0.31 41.17 -36.47
CA ILE C 197 0.53 42.23 -37.02
C ILE C 197 2.01 41.92 -36.90
N ARG C 198 2.82 42.48 -37.82
CA ARG C 198 4.27 42.31 -37.87
C ARG C 198 4.96 43.62 -38.25
N TYR C 199 6.05 43.96 -37.55
CA TYR C 199 6.85 45.14 -37.84
C TYR C 199 7.89 44.73 -38.87
N VAL C 200 8.03 45.50 -39.96
CA VAL C 200 8.98 45.16 -41.03
C VAL C 200 9.72 46.40 -41.56
N ASN C 201 11.05 46.32 -41.58
CA ASN C 201 11.98 47.36 -42.00
C ASN C 201 12.11 47.41 -43.52
N THR C 202 11.96 48.61 -44.11
CA THR C 202 12.11 48.85 -45.55
C THR C 202 13.26 49.82 -45.85
N GLY C 203 13.85 50.38 -44.78
CA GLY C 203 14.95 51.34 -44.86
C GLY C 203 16.31 50.78 -45.19
N THR C 204 17.35 51.36 -44.58
CA THR C 204 18.76 51.01 -44.79
C THR C 204 19.55 50.82 -43.49
N ALA C 205 18.98 51.24 -42.34
CA ALA C 205 19.64 51.17 -41.04
C ALA C 205 18.86 50.35 -39.98
N PRO C 206 19.54 49.75 -38.96
CA PRO C 206 18.79 48.94 -37.98
C PRO C 206 18.38 49.65 -36.69
N ILE C 207 17.23 49.25 -36.14
CA ILE C 207 16.71 49.73 -34.85
C ILE C 207 16.96 48.61 -33.86
N TYR C 208 17.66 48.91 -32.76
CA TYR C 208 18.09 47.92 -31.79
C TYR C 208 17.17 47.72 -30.58
N ASN C 209 16.24 48.65 -30.30
CA ASN C 209 15.39 48.48 -29.12
C ASN C 209 13.95 48.98 -29.29
N VAL C 210 13.66 50.23 -28.88
CA VAL C 210 12.34 50.87 -28.88
C VAL C 210 11.69 50.89 -30.27
N LEU C 211 10.47 50.37 -30.34
CA LEU C 211 9.65 50.29 -31.54
C LEU C 211 8.82 51.56 -31.72
N PRO C 212 8.62 52.03 -32.98
CA PRO C 212 7.82 53.26 -33.17
C PRO C 212 6.33 53.06 -32.88
N THR C 213 5.65 54.18 -32.61
CA THR C 213 4.21 54.18 -32.33
C THR C 213 3.44 54.14 -33.66
N THR C 214 2.38 53.33 -33.70
CA THR C 214 1.53 53.19 -34.88
C THR C 214 0.06 53.35 -34.52
N SER C 215 -0.77 53.76 -35.50
CA SER C 215 -2.20 53.96 -35.27
C SER C 215 -3.07 53.40 -36.40
N LEU C 216 -4.06 52.55 -36.03
CA LEU C 216 -4.98 51.96 -37.00
C LEU C 216 -6.12 52.95 -37.28
N VAL C 217 -6.27 53.35 -38.57
CA VAL C 217 -7.26 54.34 -39.02
C VAL C 217 -8.31 53.72 -39.96
N LEU C 218 -9.61 53.88 -39.61
CA LEU C 218 -10.73 53.42 -40.41
C LEU C 218 -11.07 54.54 -41.39
N GLY C 219 -11.07 54.21 -42.67
CA GLY C 219 -11.40 55.15 -43.74
C GLY C 219 -10.36 56.22 -43.98
N LYS C 220 -10.59 57.43 -43.43
CA LYS C 220 -9.71 58.57 -43.63
C LYS C 220 -9.05 59.10 -42.36
N ASN C 221 -9.83 59.37 -41.31
CA ASN C 221 -9.34 59.96 -40.07
C ASN C 221 -9.81 59.25 -38.78
N GLN C 222 -10.83 58.37 -38.87
CA GLN C 222 -11.41 57.63 -37.74
C GLN C 222 -10.38 56.72 -37.07
N THR C 223 -9.63 57.27 -36.11
CA THR C 223 -8.56 56.60 -35.37
C THR C 223 -9.15 55.53 -34.43
N LEU C 224 -8.98 54.25 -34.80
CA LEU C 224 -9.49 53.12 -34.04
C LEU C 224 -8.67 52.84 -32.77
N ALA C 225 -7.37 52.55 -32.94
CA ALA C 225 -6.47 52.25 -31.81
C ALA C 225 -5.02 52.63 -32.11
N THR C 226 -4.25 52.89 -31.05
CA THR C 226 -2.84 53.25 -31.11
C THR C 226 -2.01 52.14 -30.48
N ILE C 227 -1.14 51.50 -31.28
CA ILE C 227 -0.31 50.37 -30.86
C ILE C 227 1.15 50.77 -30.69
N LYS C 228 1.77 50.30 -29.60
CA LYS C 228 3.17 50.52 -29.25
C LYS C 228 3.61 49.46 -28.25
N ALA C 229 4.66 48.70 -28.58
CA ALA C 229 5.19 47.64 -27.70
C ALA C 229 6.03 48.25 -26.59
N LEU C 234 11.96 45.73 -24.65
CA LEU C 234 12.54 44.74 -25.55
C LEU C 234 13.91 45.18 -26.11
N SER C 235 14.71 44.22 -26.59
CA SER C 235 16.03 44.47 -27.18
C SER C 235 16.27 43.59 -28.44
N GLN C 236 15.18 43.21 -29.13
CA GLN C 236 15.24 42.42 -30.37
C GLN C 236 15.63 43.34 -31.53
N ILE C 237 16.63 42.92 -32.31
CA ILE C 237 17.19 43.68 -33.43
C ILE C 237 16.32 43.62 -34.69
N LEU C 238 15.93 44.79 -35.21
CA LEU C 238 15.17 44.92 -36.44
C LEU C 238 16.17 45.25 -37.55
N ALA C 239 16.50 44.24 -38.36
CA ALA C 239 17.46 44.38 -39.46
C ALA C 239 16.81 44.96 -40.73
N PRO C 240 17.54 45.78 -41.53
CA PRO C 240 16.94 46.31 -42.76
C PRO C 240 16.58 45.20 -43.73
N ASN C 241 15.39 45.29 -44.34
CA ASN C 241 14.81 44.31 -45.26
C ASN C 241 14.59 42.95 -44.56
N ASN C 242 14.24 42.99 -43.26
CA ASN C 242 13.99 41.82 -42.41
C ASN C 242 12.88 42.12 -41.40
N TYR C 243 11.99 41.13 -41.17
CA TYR C 243 10.85 41.22 -40.25
C TYR C 243 11.28 41.21 -38.79
N TYR C 244 10.58 42.00 -37.92
CA TYR C 244 10.83 42.05 -36.47
C TYR C 244 10.39 40.72 -35.83
N PRO C 245 9.10 40.29 -35.88
CA PRO C 245 8.77 38.98 -35.32
C PRO C 245 9.09 37.97 -36.43
N SER C 246 10.40 37.64 -36.56
CA SER C 246 10.99 36.76 -37.57
C SER C 246 10.09 35.62 -37.98
N LYS C 247 9.99 35.39 -39.30
CA LYS C 247 9.14 34.38 -39.93
C LYS C 247 9.23 32.98 -39.30
N ASN C 248 10.39 32.63 -38.70
CA ASN C 248 10.62 31.35 -38.01
C ASN C 248 9.94 31.28 -36.63
N LEU C 249 9.52 32.42 -36.09
CA LEU C 249 8.84 32.56 -34.79
C LEU C 249 7.40 33.08 -34.99
N ALA C 250 6.58 33.03 -33.91
CA ALA C 250 5.18 33.47 -33.92
C ALA C 250 5.05 35.01 -34.01
N PRO C 251 4.01 35.56 -34.72
CA PRO C 251 3.86 37.02 -34.80
C PRO C 251 3.21 37.64 -33.55
N ILE C 252 2.77 38.92 -33.64
CA ILE C 252 2.15 39.63 -32.52
C ILE C 252 0.67 39.91 -32.77
N ALA C 253 -0.17 39.69 -31.72
CA ALA C 253 -1.61 39.92 -31.74
C ALA C 253 -1.92 41.34 -31.27
N LEU C 254 -3.21 41.73 -31.31
CA LEU C 254 -3.60 43.08 -30.90
C LEU C 254 -4.42 43.11 -29.62
N ASN C 255 -3.76 43.53 -28.52
CA ASN C 255 -4.29 43.73 -27.16
C ASN C 255 -5.19 42.57 -26.67
N SER C 262 -3.88 45.47 -22.98
CA SER C 262 -4.86 45.42 -21.90
C SER C 262 -6.31 45.40 -22.41
N THR C 263 -6.75 46.46 -23.14
CA THR C 263 -8.10 46.59 -23.70
C THR C 263 -8.09 46.52 -25.23
N PRO C 264 -8.88 45.61 -25.87
CA PRO C 264 -8.85 45.52 -27.34
C PRO C 264 -9.54 46.68 -28.05
N ILE C 265 -9.45 46.70 -29.39
CA ILE C 265 -10.04 47.72 -30.26
C ILE C 265 -11.57 47.59 -30.21
N THR C 266 -12.28 48.72 -30.02
CA THR C 266 -13.74 48.76 -29.95
C THR C 266 -14.31 49.52 -31.14
N MET C 267 -15.29 48.92 -31.81
CA MET C 267 -15.94 49.47 -32.99
C MET C 267 -17.46 49.37 -32.87
N ASN C 268 -18.16 50.45 -33.20
CA ASN C 268 -19.63 50.50 -33.16
C ASN C 268 -20.21 49.87 -34.43
N TYR C 269 -21.53 49.54 -34.42
CA TYR C 269 -22.25 48.92 -35.54
C TYR C 269 -22.18 49.74 -36.83
N ASN C 270 -22.33 51.08 -36.71
CA ASN C 270 -22.31 52.03 -37.82
C ASN C 270 -20.93 52.10 -38.51
N GLN C 271 -19.85 52.04 -37.70
CA GLN C 271 -18.47 52.05 -38.19
C GLN C 271 -18.08 50.68 -38.74
N PHE C 272 -18.73 49.60 -38.26
CA PHE C 272 -18.50 48.22 -38.69
C PHE C 272 -19.00 48.00 -40.11
N LEU C 273 -20.11 48.67 -40.49
CA LEU C 273 -20.70 48.57 -41.82
C LEU C 273 -19.81 49.26 -42.88
N GLU C 274 -18.97 50.23 -42.45
CA GLU C 274 -18.01 50.93 -43.29
C GLU C 274 -16.85 49.99 -43.63
N LEU C 275 -16.42 49.16 -42.64
CA LEU C 275 -15.36 48.16 -42.76
C LEU C 275 -15.83 46.99 -43.63
N GLU C 276 -17.12 46.61 -43.52
CA GLU C 276 -17.74 45.53 -44.31
C GLU C 276 -17.86 45.96 -45.79
N LYS C 277 -18.14 47.26 -46.03
CA LYS C 277 -18.31 47.86 -47.36
C LYS C 277 -16.97 48.10 -48.07
N THR C 278 -15.93 48.53 -47.34
CA THR C 278 -14.60 48.84 -47.89
C THR C 278 -13.66 47.64 -47.91
N LYS C 279 -13.70 46.78 -46.85
CA LYS C 279 -12.85 45.59 -46.65
C LYS C 279 -11.35 45.96 -46.65
N GLN C 280 -11.03 47.14 -46.06
CA GLN C 280 -9.69 47.70 -45.96
C GLN C 280 -9.53 48.70 -44.81
N LEU C 281 -8.29 48.83 -44.28
CA LEU C 281 -7.92 49.74 -43.20
C LEU C 281 -6.58 50.43 -43.50
N ARG C 282 -6.18 51.39 -42.64
CA ARG C 282 -4.93 52.14 -42.78
C ARG C 282 -4.08 52.03 -41.50
N LEU C 283 -2.74 52.04 -41.66
CA LEU C 283 -1.78 51.96 -40.55
C LEU C 283 -0.73 53.05 -40.67
N ASP C 284 -0.87 54.11 -39.84
CA ASP C 284 0.04 55.26 -39.80
C ASP C 284 1.07 55.09 -38.67
N THR C 285 2.34 54.88 -39.05
CA THR C 285 3.46 54.69 -38.13
C THR C 285 4.39 55.90 -38.16
N ASP C 286 4.85 56.36 -36.99
CA ASP C 286 5.76 57.49 -36.88
C ASP C 286 7.21 57.09 -37.10
N GLN C 287 8.10 58.10 -37.23
CA GLN C 287 9.53 57.88 -37.47
C GLN C 287 10.39 57.96 -36.19
N VAL C 288 9.76 57.97 -34.99
CA VAL C 288 10.51 57.98 -33.72
C VAL C 288 10.99 56.55 -33.41
N TYR C 289 12.32 56.34 -33.47
CA TYR C 289 12.93 55.02 -33.25
C TYR C 289 13.92 55.00 -32.09
N GLY C 290 14.34 53.78 -31.70
CA GLY C 290 15.29 53.56 -30.62
C GLY C 290 16.70 54.03 -30.93
N ASN C 291 17.56 54.13 -29.89
CA ASN C 291 18.95 54.58 -29.95
C ASN C 291 19.78 53.84 -31.01
N ILE C 292 20.70 54.56 -31.67
CA ILE C 292 21.57 54.03 -32.72
C ILE C 292 22.85 53.42 -32.15
N ALA C 293 23.22 52.24 -32.66
CA ALA C 293 24.44 51.56 -32.27
C ALA C 293 25.58 52.06 -33.15
N THR C 294 26.64 52.61 -32.53
CA THR C 294 27.78 53.18 -33.26
C THR C 294 29.06 52.34 -33.12
N TYR C 295 29.97 52.50 -34.09
CA TYR C 295 31.27 51.83 -34.10
C TYR C 295 32.31 52.70 -33.41
N ASN C 296 33.24 52.05 -32.69
CA ASN C 296 34.33 52.71 -31.99
C ASN C 296 35.66 52.13 -32.50
N PHE C 297 36.44 52.98 -33.20
CA PHE C 297 37.70 52.71 -33.89
C PHE C 297 38.76 51.95 -33.10
N GLU C 298 39.13 52.45 -31.91
CA GLU C 298 40.19 51.88 -31.07
C GLU C 298 39.90 50.46 -30.56
N ASN C 299 38.64 50.12 -30.29
CA ASN C 299 38.29 48.78 -29.77
C ASN C 299 37.52 47.90 -30.79
N GLY C 300 37.31 48.43 -32.00
CA GLY C 300 36.62 47.75 -33.09
C GLY C 300 35.36 46.97 -32.71
N ARG C 301 34.51 47.60 -31.87
CA ARG C 301 33.28 46.99 -31.38
C ARG C 301 32.11 47.97 -31.46
N VAL C 302 30.94 47.45 -31.88
CA VAL C 302 29.70 48.22 -32.00
C VAL C 302 28.96 48.22 -30.65
N ARG C 303 28.67 49.44 -30.16
CA ARG C 303 28.00 49.70 -28.88
C ARG C 303 26.77 50.61 -29.09
N VAL C 304 25.65 50.32 -28.42
CA VAL C 304 24.42 51.11 -28.49
C VAL C 304 24.63 52.42 -27.73
N ASP C 305 24.72 53.53 -28.48
CA ASP C 305 24.94 54.86 -27.92
C ASP C 305 23.64 55.47 -27.42
N THR C 306 23.53 55.64 -26.10
CA THR C 306 22.36 56.21 -25.42
C THR C 306 22.16 57.69 -25.75
N GLY C 307 23.25 58.39 -26.07
CA GLY C 307 23.26 59.80 -26.41
C GLY C 307 22.58 60.12 -27.73
N SER C 308 23.07 59.53 -28.82
CA SER C 308 22.52 59.76 -30.15
C SER C 308 21.37 58.83 -30.50
N ASN C 309 20.20 59.43 -30.74
CA ASN C 309 18.95 58.76 -31.10
C ASN C 309 18.63 59.07 -32.58
N TRP C 310 17.72 58.31 -33.18
CA TRP C 310 17.33 58.51 -34.58
C TRP C 310 16.53 59.79 -34.81
N SER C 311 15.69 60.19 -33.84
CA SER C 311 14.84 61.38 -33.92
C SER C 311 15.60 62.70 -34.06
N GLU C 312 16.87 62.76 -33.63
CA GLU C 312 17.69 63.98 -33.72
C GLU C 312 18.54 64.03 -35.00
N VAL C 313 18.76 62.88 -35.65
CA VAL C 313 19.58 62.75 -36.86
C VAL C 313 18.73 62.59 -38.13
N LEU C 314 17.60 61.85 -38.04
CA LEU C 314 16.61 61.59 -39.10
C LEU C 314 16.19 62.86 -39.90
N PRO C 315 15.78 64.00 -39.26
CA PRO C 315 15.38 65.17 -40.05
C PRO C 315 16.51 65.82 -40.85
N GLN C 316 17.76 65.74 -40.32
CA GLN C 316 18.97 66.29 -40.96
C GLN C 316 19.20 65.64 -42.32
N ILE C 317 18.90 64.34 -42.43
CA ILE C 317 19.01 63.58 -43.68
C ILE C 317 17.89 64.02 -44.63
N GLN C 318 16.64 64.09 -44.11
CA GLN C 318 15.42 64.47 -44.84
C GLN C 318 15.39 65.95 -45.30
N GLU C 319 16.51 66.69 -45.14
CA GLU C 319 16.64 68.09 -45.55
C GLU C 319 17.88 68.30 -46.43
N THR C 320 18.81 67.33 -46.46
CA THR C 320 20.05 67.39 -47.24
C THR C 320 20.05 66.48 -48.46
N THR C 321 19.30 65.37 -48.39
CA THR C 321 19.25 64.37 -49.45
C THR C 321 18.02 64.46 -50.36
N ALA C 322 18.09 63.79 -51.52
CA ALA C 322 17.00 63.70 -52.49
C ALA C 322 16.34 62.33 -52.35
N ARG C 323 14.99 62.30 -52.40
CA ARG C 323 14.17 61.10 -52.24
C ARG C 323 13.77 60.48 -53.59
N ILE C 324 14.12 59.19 -53.81
CA ILE C 324 13.80 58.45 -55.03
C ILE C 324 13.09 57.13 -54.66
N ILE C 325 11.87 56.94 -55.20
CA ILE C 325 11.03 55.76 -54.98
C ILE C 325 11.12 54.81 -56.19
N PHE C 326 11.30 53.50 -55.95
CA PHE C 326 11.42 52.50 -57.02
C PHE C 326 10.88 51.11 -56.62
N ASN C 327 10.24 50.43 -57.58
CA ASN C 327 9.65 49.10 -57.38
C ASN C 327 10.05 48.09 -58.48
N GLY C 328 11.36 47.96 -58.70
CA GLY C 328 11.91 47.06 -59.70
C GLY C 328 11.82 45.58 -59.34
N LYS C 329 12.55 45.17 -58.29
CA LYS C 329 12.60 43.79 -57.77
C LYS C 329 11.22 43.27 -57.38
N ASP C 330 10.42 44.10 -56.72
CA ASP C 330 9.06 43.79 -56.29
C ASP C 330 8.21 45.03 -56.45
N LEU C 331 6.92 44.85 -56.74
CA LEU C 331 5.99 45.97 -56.93
C LEU C 331 5.54 46.63 -55.60
N ASN C 332 6.51 46.82 -54.68
CA ASN C 332 6.36 47.46 -53.38
C ASN C 332 7.23 48.72 -53.38
N LEU C 333 6.66 49.84 -52.89
CA LEU C 333 7.33 51.16 -52.87
C LEU C 333 8.51 51.21 -51.89
N VAL C 334 9.73 51.38 -52.45
CA VAL C 334 10.98 51.41 -51.69
C VAL C 334 11.50 52.86 -51.62
N GLU C 335 11.76 53.35 -50.39
CA GLU C 335 12.28 54.70 -50.14
C GLU C 335 13.80 54.66 -49.89
N ARG C 336 14.55 55.33 -50.76
CA ARG C 336 16.02 55.41 -50.67
C ARG C 336 16.45 56.85 -50.92
N ARG C 337 17.29 57.39 -50.04
CA ARG C 337 17.77 58.76 -50.17
C ARG C 337 19.23 58.85 -50.59
N ILE C 338 19.54 59.76 -51.52
CA ILE C 338 20.87 59.98 -52.10
C ILE C 338 21.35 61.38 -51.76
N ALA C 339 22.63 61.50 -51.34
CA ALA C 339 23.29 62.75 -50.99
C ALA C 339 23.24 63.72 -52.17
N ALA C 340 22.50 64.82 -51.98
CA ALA C 340 22.29 65.80 -53.04
C ALA C 340 22.84 67.19 -52.73
N VAL C 341 23.15 67.93 -53.80
CA VAL C 341 23.70 69.28 -53.74
C VAL C 341 22.60 70.32 -53.49
N ASN C 342 22.95 71.38 -52.76
CA ASN C 342 22.04 72.48 -52.48
C ASN C 342 22.76 73.81 -52.66
N PRO C 343 22.20 74.72 -53.49
CA PRO C 343 22.89 76.00 -53.75
C PRO C 343 22.86 76.99 -52.59
N SER C 344 21.76 76.99 -51.81
CA SER C 344 21.56 77.90 -50.68
C SER C 344 22.62 77.68 -49.59
N ASP C 345 22.79 76.42 -49.16
CA ASP C 345 23.75 76.07 -48.11
C ASP C 345 25.13 75.77 -48.68
N PRO C 346 26.20 76.45 -48.19
CA PRO C 346 27.55 76.21 -48.73
C PRO C 346 28.14 74.86 -48.33
N LEU C 347 27.77 74.35 -47.13
CA LEU C 347 28.24 73.06 -46.63
C LEU C 347 27.71 71.92 -47.47
N GLU C 348 26.53 72.10 -48.09
CA GLU C 348 25.92 71.11 -48.98
C GLU C 348 26.48 71.21 -50.41
N THR C 349 27.18 72.32 -50.71
CA THR C 349 27.83 72.54 -52.00
C THR C 349 29.15 71.75 -52.02
N THR C 350 29.62 71.37 -50.83
CA THR C 350 30.84 70.59 -50.61
C THR C 350 30.64 69.12 -51.05
N LYS C 351 29.38 68.66 -51.04
CA LYS C 351 28.98 67.32 -51.46
C LYS C 351 29.18 67.19 -52.98
N PRO C 352 29.69 66.05 -53.51
CA PRO C 352 29.89 65.94 -54.98
C PRO C 352 28.59 66.04 -55.76
N ASP C 353 28.65 66.70 -56.94
CA ASP C 353 27.52 66.92 -57.85
C ASP C 353 26.84 65.62 -58.22
N MET C 354 25.52 65.55 -58.01
CA MET C 354 24.78 64.32 -58.28
C MET C 354 24.07 64.30 -59.62
N THR C 355 24.20 63.17 -60.31
CA THR C 355 23.58 62.86 -61.61
C THR C 355 22.52 61.79 -61.40
N LEU C 356 21.45 61.81 -62.21
CA LEU C 356 20.36 60.84 -62.16
C LEU C 356 20.86 59.42 -62.45
N LYS C 357 21.82 59.31 -63.41
CA LYS C 357 22.45 58.05 -63.84
C LYS C 357 23.17 57.34 -62.69
N GLU C 358 24.23 57.96 -62.12
CA GLU C 358 25.04 57.40 -61.03
C GLU C 358 24.24 57.15 -59.74
N ALA C 359 23.29 58.05 -59.40
CA ALA C 359 22.46 57.94 -58.19
C ALA C 359 21.61 56.69 -58.20
N LEU C 360 20.91 56.42 -59.32
CA LEU C 360 20.04 55.25 -59.52
C LEU C 360 20.82 53.94 -59.43
N LYS C 361 22.09 53.95 -59.90
CA LYS C 361 23.01 52.81 -59.89
C LYS C 361 23.42 52.43 -58.47
N ILE C 362 23.82 53.42 -57.65
CA ILE C 362 24.27 53.21 -56.27
C ILE C 362 23.11 53.03 -55.28
N ALA C 363 21.92 53.57 -55.58
CA ALA C 363 20.76 53.49 -54.69
C ALA C 363 19.95 52.19 -54.78
N PHE C 364 19.83 51.63 -55.99
CA PHE C 364 19.01 50.43 -56.18
C PHE C 364 19.79 49.26 -56.79
N GLY C 365 20.62 49.53 -57.78
CA GLY C 365 21.42 48.51 -58.43
C GLY C 365 21.33 48.51 -59.94
N PHE C 366 21.21 49.71 -60.54
CA PHE C 366 21.14 49.88 -61.99
C PHE C 366 22.51 49.61 -62.61
N ASN C 367 22.53 49.03 -63.83
CA ASN C 367 23.76 48.73 -64.56
C ASN C 367 23.79 49.39 -65.94
N GLU C 368 24.99 49.76 -66.39
CA GLU C 368 25.21 50.40 -67.69
C GLU C 368 26.00 49.41 -68.58
N PRO C 369 25.32 48.49 -69.30
CA PRO C 369 26.06 47.52 -70.13
C PRO C 369 26.44 48.02 -71.53
N ASN C 370 25.49 48.61 -72.26
CA ASN C 370 25.71 49.14 -73.61
C ASN C 370 26.01 50.64 -73.52
N GLY C 371 25.19 51.36 -72.77
CA GLY C 371 25.25 52.78 -72.54
C GLY C 371 23.95 53.25 -71.91
N ASN C 372 22.86 52.51 -72.23
CA ASN C 372 21.51 52.72 -71.71
C ASN C 372 21.40 52.05 -70.34
N LEU C 373 20.78 52.75 -69.38
CA LEU C 373 20.61 52.25 -68.01
C LEU C 373 19.50 51.20 -67.96
N GLN C 374 19.73 50.12 -67.19
CA GLN C 374 18.78 49.03 -67.03
C GLN C 374 18.89 48.34 -65.66
N TYR C 375 17.74 48.04 -65.06
CA TYR C 375 17.63 47.39 -63.75
C TYR C 375 17.49 45.88 -63.88
N GLN C 376 18.61 45.15 -63.71
CA GLN C 376 18.73 43.68 -63.78
C GLN C 376 18.26 43.09 -65.14
N GLY C 377 18.01 43.95 -66.11
CA GLY C 377 17.53 43.58 -67.43
C GLY C 377 16.50 44.54 -68.00
N LYS C 378 15.53 44.98 -67.15
CA LYS C 378 14.46 45.91 -67.51
C LYS C 378 15.05 47.30 -67.80
N ASP C 379 14.86 47.80 -69.04
CA ASP C 379 15.39 49.09 -69.49
C ASP C 379 14.79 50.29 -68.73
N ILE C 380 15.51 51.43 -68.70
CA ILE C 380 15.10 52.67 -68.02
C ILE C 380 13.79 53.22 -68.61
N THR C 381 13.59 53.06 -69.93
CA THR C 381 12.41 53.49 -70.69
C THR C 381 11.14 52.75 -70.26
N GLU C 382 11.28 51.50 -69.73
CA GLU C 382 10.20 50.65 -69.24
C GLU C 382 9.57 51.22 -67.95
N PHE C 383 10.28 52.15 -67.26
CA PHE C 383 9.84 52.79 -66.03
C PHE C 383 9.38 54.23 -66.24
N ASP C 384 8.28 54.60 -65.56
CA ASP C 384 7.65 55.92 -65.57
C ASP C 384 8.40 56.91 -64.68
N PHE C 385 8.31 58.21 -65.02
CA PHE C 385 8.97 59.29 -64.29
C PHE C 385 7.95 60.28 -63.69
N ASN C 386 7.88 60.35 -62.34
CA ASN C 386 6.96 61.20 -61.58
C ASN C 386 7.72 62.10 -60.60
N PHE C 387 7.29 63.37 -60.48
CA PHE C 387 7.90 64.36 -59.58
C PHE C 387 6.81 65.22 -58.93
N ASP C 388 7.21 66.17 -58.06
CA ASP C 388 6.30 67.11 -57.39
C ASP C 388 6.21 68.44 -58.16
N GLN C 389 5.86 69.54 -57.46
CA GLN C 389 5.71 70.87 -58.04
C GLN C 389 7.08 71.45 -58.44
N GLN C 390 7.96 71.65 -57.45
CA GLN C 390 9.29 72.23 -57.59
C GLN C 390 10.34 71.30 -58.21
N THR C 391 10.22 69.97 -57.99
CA THR C 391 11.15 68.98 -58.55
C THR C 391 11.04 68.94 -60.08
N SER C 392 9.81 68.79 -60.60
CA SER C 392 9.53 68.74 -62.04
C SER C 392 9.90 70.06 -62.72
N GLN C 393 9.64 71.20 -62.03
CA GLN C 393 9.94 72.56 -62.51
C GLN C 393 11.44 72.80 -62.60
N ASN C 394 12.22 72.20 -61.67
CA ASN C 394 13.68 72.29 -61.64
C ASN C 394 14.28 71.53 -62.84
N ILE C 395 13.72 70.35 -63.13
CA ILE C 395 14.14 69.50 -64.25
C ILE C 395 13.66 70.11 -65.59
N LYS C 396 12.49 70.79 -65.57
CA LYS C 396 11.89 71.47 -66.73
C LYS C 396 12.88 72.48 -67.34
N ASN C 397 13.53 73.28 -66.47
CA ASN C 397 14.53 74.29 -66.84
C ASN C 397 15.76 73.62 -67.45
N GLN C 398 16.22 72.49 -66.84
CA GLN C 398 17.37 71.71 -67.27
C GLN C 398 17.17 71.12 -68.66
N LEU C 399 15.99 70.51 -68.92
CA LEU C 399 15.61 69.89 -70.20
C LEU C 399 15.62 70.88 -71.36
N ALA C 400 15.28 72.16 -71.08
CA ALA C 400 15.27 73.24 -72.06
C ALA C 400 16.70 73.74 -72.33
N GLU C 401 17.55 73.77 -71.29
CA GLU C 401 18.95 74.19 -71.37
C GLU C 401 19.78 73.12 -72.07
N LEU C 402 19.41 71.84 -71.90
CA LEU C 402 20.04 70.67 -72.52
C LEU C 402 19.43 70.40 -73.90
N ASN C 403 18.33 71.14 -74.24
CA ASN C 403 17.54 71.13 -75.47
C ASN C 403 16.68 69.87 -75.64
N ALA C 404 17.23 68.67 -75.34
CA ALA C 404 16.53 67.39 -75.43
C ALA C 404 15.34 67.34 -74.49
N THR C 405 14.13 67.22 -75.07
CA THR C 405 12.84 67.19 -74.34
C THR C 405 12.62 65.86 -73.60
N ASN C 406 13.27 64.77 -74.04
CA ASN C 406 13.14 63.45 -73.41
C ASN C 406 14.12 63.29 -72.25
N ILE C 407 13.62 62.81 -71.10
CA ILE C 407 14.39 62.59 -69.88
C ILE C 407 15.42 61.45 -70.04
N TYR C 408 15.09 60.42 -70.85
CA TYR C 408 15.95 59.25 -71.09
C TYR C 408 17.19 59.59 -71.95
N THR C 409 17.11 60.68 -72.75
CA THR C 409 18.17 61.17 -73.63
C THR C 409 19.31 61.80 -72.81
N VAL C 410 18.99 62.83 -72.01
CA VAL C 410 19.93 63.56 -71.15
C VAL C 410 20.00 62.96 -69.72
N LEU C 411 19.66 61.66 -69.59
CA LEU C 411 19.64 60.85 -68.37
C LEU C 411 20.92 60.98 -67.51
N ASP C 412 22.09 61.01 -68.19
CA ASP C 412 23.42 61.13 -67.59
C ASP C 412 23.82 62.57 -67.25
N LYS C 413 23.04 63.57 -67.70
CA LYS C 413 23.32 64.99 -67.48
C LYS C 413 22.30 65.70 -66.57
N ILE C 414 21.22 65.01 -66.15
CA ILE C 414 20.21 65.60 -65.26
C ILE C 414 20.75 65.69 -63.83
N LYS C 415 20.91 66.92 -63.34
CA LYS C 415 21.42 67.21 -61.99
C LYS C 415 20.36 67.03 -60.92
N LEU C 416 20.77 66.47 -59.77
CA LEU C 416 19.88 66.23 -58.64
C LEU C 416 20.14 67.23 -57.52
N ASN C 417 19.05 67.84 -57.03
CA ASN C 417 19.07 68.84 -55.95
C ASN C 417 18.50 68.28 -54.65
N ALA C 418 18.81 68.95 -53.53
CA ALA C 418 18.35 68.55 -52.19
C ALA C 418 16.84 68.77 -52.03
N LYS C 419 16.23 68.04 -51.07
CA LYS C 419 14.81 68.08 -50.70
C LYS C 419 13.86 67.63 -51.82
N MET C 420 14.41 67.17 -52.97
CA MET C 420 13.66 66.69 -54.12
C MET C 420 12.89 65.42 -53.82
N ASN C 421 11.76 65.23 -54.50
CA ASN C 421 10.92 64.04 -54.36
C ASN C 421 10.60 63.48 -55.76
N ILE C 422 11.11 62.28 -56.05
CA ILE C 422 10.95 61.60 -57.35
C ILE C 422 10.36 60.20 -57.14
N LEU C 423 9.34 59.85 -57.94
CA LEU C 423 8.70 58.53 -57.90
C LEU C 423 8.89 57.83 -59.26
N ILE C 424 9.51 56.65 -59.24
CA ILE C 424 9.78 55.86 -60.44
C ILE C 424 9.04 54.52 -60.32
N ARG C 425 7.94 54.39 -61.04
CA ARG C 425 7.09 53.20 -61.04
C ARG C 425 7.09 52.52 -62.42
N ASP C 426 6.60 51.26 -62.49
CA ASP C 426 6.54 50.49 -63.73
C ASP C 426 5.38 50.98 -64.61
N LYS C 427 5.67 51.27 -65.90
CA LYS C 427 4.67 51.76 -66.87
C LYS C 427 3.62 50.69 -67.21
N ARG C 428 4.08 49.42 -67.29
CA ARG C 428 3.30 48.21 -67.62
C ARG C 428 2.06 48.04 -66.74
N PHE C 429 2.26 48.16 -65.42
CA PHE C 429 1.22 47.94 -64.41
C PHE C 429 0.34 49.18 -64.15
N HIS C 430 -0.65 49.02 -63.23
CA HIS C 430 -1.63 50.04 -62.87
C HIS C 430 -1.48 50.50 -61.40
N TYR C 431 -1.50 51.83 -61.20
CA TYR C 431 -1.32 52.45 -59.88
C TYR C 431 -2.49 53.36 -59.51
N ASP C 432 -2.97 53.22 -58.28
CA ASP C 432 -4.07 54.02 -57.72
C ASP C 432 -3.54 55.31 -57.06
N ARG C 433 -4.29 55.87 -56.08
CA ARG C 433 -3.91 57.09 -55.37
C ARG C 433 -2.76 56.88 -54.38
N ASN C 434 -2.66 55.67 -53.80
CA ASN C 434 -1.60 55.29 -52.85
C ASN C 434 -0.38 54.69 -53.56
N ASN C 435 -0.42 54.68 -54.92
CA ASN C 435 0.59 54.21 -55.88
C ASN C 435 0.98 52.72 -55.71
N ILE C 436 -0.03 51.82 -55.67
CA ILE C 436 0.15 50.36 -55.56
C ILE C 436 -0.88 49.60 -56.40
N ASP C 494 -17.73 36.86 -53.89
CA ASP C 494 -16.65 36.32 -53.06
C ASP C 494 -15.99 35.06 -53.63
N MET C 495 -16.72 34.30 -54.46
CA MET C 495 -16.25 33.06 -55.09
C MET C 495 -15.23 33.40 -56.20
N LEU C 496 -14.04 33.86 -55.79
CA LEU C 496 -12.97 34.24 -56.72
C LEU C 496 -11.62 33.64 -56.36
N ASN C 497 -11.35 33.40 -55.05
CA ASN C 497 -10.08 32.83 -54.61
C ASN C 497 -9.99 31.34 -54.99
N ILE C 498 -9.06 31.04 -55.90
CA ILE C 498 -8.80 29.71 -56.44
C ILE C 498 -7.30 29.50 -56.63
N SER C 499 -6.55 30.61 -56.83
CA SER C 499 -5.11 30.64 -57.05
C SER C 499 -4.34 30.11 -55.84
N SER C 500 -3.60 29.03 -56.08
CA SER C 500 -2.73 28.37 -55.11
C SER C 500 -1.36 28.26 -55.78
N LEU C 501 -0.51 29.27 -55.53
CA LEU C 501 0.82 29.39 -56.13
C LEU C 501 1.78 28.31 -55.65
N ARG C 502 2.25 27.49 -56.61
CA ARG C 502 3.21 26.40 -56.37
C ARG C 502 4.61 26.96 -56.34
N GLN C 503 5.54 26.25 -55.67
CA GLN C 503 6.94 26.64 -55.55
C GLN C 503 7.72 26.55 -56.89
N ASP C 504 7.15 25.88 -57.91
CA ASP C 504 7.76 25.73 -59.24
C ASP C 504 7.73 27.04 -60.06
N GLY C 505 6.85 27.96 -59.70
CA GLY C 505 6.69 29.26 -60.35
C GLY C 505 5.44 29.37 -61.20
N LYS C 506 4.47 28.47 -60.98
CA LYS C 506 3.19 28.41 -61.72
C LYS C 506 2.01 28.47 -60.77
N THR D 7 49.48 84.29 -36.02
CA THR D 7 48.32 84.41 -35.13
C THR D 7 47.17 85.14 -35.81
N VAL D 8 45.95 84.61 -35.61
CA VAL D 8 44.73 85.17 -36.19
C VAL D 8 43.97 85.95 -35.09
N PRO D 9 43.61 87.23 -35.33
CA PRO D 9 42.89 87.98 -34.28
C PRO D 9 41.39 87.69 -34.26
N ASP D 10 40.95 86.87 -33.29
CA ASP D 10 39.55 86.49 -33.10
C ASP D 10 39.20 86.56 -31.62
N ARG D 11 38.28 87.50 -31.28
CA ARG D 11 37.84 87.74 -29.90
C ARG D 11 36.67 86.84 -29.50
N ASP D 12 35.68 86.66 -30.41
CA ASP D 12 34.51 85.81 -30.11
C ASP D 12 34.80 84.31 -30.29
N ASN D 13 35.97 83.95 -30.88
CA ASN D 13 36.43 82.58 -31.12
C ASN D 13 35.44 81.73 -31.94
N ASP D 14 34.58 82.43 -32.70
CA ASP D 14 33.56 81.86 -33.57
C ASP D 14 34.17 81.12 -34.76
N GLY D 15 35.15 81.76 -35.40
CA GLY D 15 35.85 81.28 -36.59
C GLY D 15 36.11 82.42 -37.56
N ILE D 16 35.41 83.54 -37.36
CA ILE D 16 35.51 84.76 -38.16
C ILE D 16 36.43 85.76 -37.43
N PRO D 17 37.54 86.21 -38.06
CA PRO D 17 38.44 87.15 -37.38
C PRO D 17 37.86 88.56 -37.27
N ASP D 18 38.40 89.35 -36.32
CA ASP D 18 38.01 90.73 -36.02
C ASP D 18 37.96 91.61 -37.26
N SER D 19 38.95 91.47 -38.15
CA SER D 19 39.08 92.24 -39.39
C SER D 19 37.91 92.02 -40.34
N LEU D 20 37.54 90.75 -40.61
CA LEU D 20 36.43 90.41 -41.51
C LEU D 20 35.09 90.71 -40.89
N GLU D 21 34.92 90.36 -39.60
CA GLU D 21 33.70 90.56 -38.81
C GLU D 21 33.24 92.02 -38.80
N VAL D 22 34.19 92.97 -38.74
CA VAL D 22 33.91 94.40 -38.72
C VAL D 22 33.67 94.96 -40.12
N GLU D 23 34.65 94.80 -41.03
CA GLU D 23 34.63 95.36 -42.39
C GLU D 23 33.62 94.69 -43.34
N GLY D 24 33.68 93.36 -43.45
CA GLY D 24 32.81 92.58 -44.33
C GLY D 24 33.39 91.24 -44.73
N TYR D 25 32.51 90.23 -44.93
CA TYR D 25 32.90 88.85 -45.31
C TYR D 25 31.77 88.06 -46.01
N THR D 26 32.14 86.89 -46.59
CA THR D 26 31.25 85.95 -47.29
C THR D 26 31.89 84.54 -47.37
N VAL D 27 31.10 83.54 -47.79
CA VAL D 27 31.55 82.15 -47.92
C VAL D 27 31.50 81.73 -49.38
N ASP D 28 32.60 81.17 -49.90
CA ASP D 28 32.72 80.70 -51.29
C ASP D 28 33.24 79.26 -51.36
N VAL D 29 33.03 78.59 -52.50
CA VAL D 29 33.47 77.21 -52.73
C VAL D 29 34.60 77.14 -53.77
N LYS D 30 35.75 76.58 -53.36
CA LYS D 30 36.94 76.43 -54.21
C LYS D 30 36.72 75.20 -55.12
N ASN D 31 37.39 74.06 -54.83
CA ASN D 31 37.21 72.81 -55.56
C ASN D 31 35.83 72.33 -55.14
N LYS D 32 35.67 72.12 -53.82
CA LYS D 32 34.43 71.75 -53.14
C LYS D 32 34.41 72.46 -51.78
N ARG D 33 35.60 72.54 -51.13
CA ARG D 33 35.87 73.12 -49.81
C ARG D 33 35.30 74.52 -49.61
N THR D 34 34.77 74.78 -48.40
CA THR D 34 34.20 76.07 -48.00
C THR D 34 35.32 77.02 -47.58
N PHE D 35 35.28 78.25 -48.10
CA PHE D 35 36.28 79.29 -47.84
C PHE D 35 35.66 80.62 -47.39
N LEU D 36 36.19 81.18 -46.30
CA LEU D 36 35.75 82.47 -45.75
C LEU D 36 36.71 83.55 -46.27
N SER D 37 36.16 84.60 -46.90
CA SER D 37 36.93 85.67 -47.52
C SER D 37 36.30 87.07 -47.30
N PRO D 38 37.12 88.16 -47.21
CA PRO D 38 36.53 89.50 -47.07
C PRO D 38 35.69 89.92 -48.29
N TRP D 39 34.74 90.84 -48.09
CA TRP D 39 33.83 91.31 -49.13
C TRP D 39 34.48 92.16 -50.22
N ILE D 40 34.33 91.72 -51.49
CA ILE D 40 34.82 92.41 -52.68
C ILE D 40 33.64 92.47 -53.67
N SER D 41 33.04 93.66 -53.82
CA SER D 41 31.89 93.92 -54.71
C SER D 41 32.19 93.65 -56.18
N ASN D 42 33.48 93.77 -56.57
CA ASN D 42 33.97 93.56 -57.94
C ASN D 42 33.81 92.14 -58.44
N ILE D 43 33.73 91.14 -57.53
CA ILE D 43 33.62 89.73 -57.90
C ILE D 43 32.55 88.98 -57.10
N HIS D 44 32.55 89.11 -55.75
CA HIS D 44 31.59 88.42 -54.87
C HIS D 44 30.13 88.81 -55.12
N GLU D 45 29.85 90.13 -55.24
CA GLU D 45 28.51 90.67 -55.48
C GLU D 45 28.01 90.25 -56.86
N LYS D 46 28.92 90.19 -57.85
CA LYS D 46 28.65 89.80 -59.22
C LYS D 46 28.42 88.28 -59.34
N LYS D 47 29.12 87.48 -58.50
CA LYS D 47 28.99 86.02 -58.46
C LYS D 47 27.62 85.60 -57.92
N GLY D 48 27.03 86.42 -57.06
CA GLY D 48 25.72 86.19 -56.45
C GLY D 48 25.82 85.77 -55.00
N LEU D 49 26.60 86.52 -54.20
CA LEU D 49 26.81 86.25 -52.78
C LEU D 49 26.20 87.32 -51.88
N THR D 50 26.05 87.01 -50.58
CA THR D 50 25.46 87.91 -49.59
C THR D 50 26.57 88.59 -48.77
N LYS D 51 26.42 89.89 -48.50
CA LYS D 51 27.39 90.65 -47.70
C LYS D 51 27.08 90.41 -46.23
N TYR D 52 27.97 89.67 -45.55
CA TYR D 52 27.82 89.34 -44.14
C TYR D 52 28.73 90.20 -43.27
N LYS D 53 28.19 90.71 -42.15
CA LYS D 53 28.88 91.52 -41.15
C LYS D 53 28.28 91.20 -39.79
N SER D 54 29.11 90.74 -38.83
CA SER D 54 28.64 90.37 -37.50
C SER D 54 29.43 91.05 -36.36
N SER D 55 29.24 90.59 -35.11
CA SER D 55 29.90 91.14 -33.94
C SER D 55 31.17 90.39 -33.55
N PRO D 56 32.33 91.08 -33.53
CA PRO D 56 33.60 90.41 -33.18
C PRO D 56 33.75 90.02 -31.72
N GLU D 57 32.96 90.63 -30.80
CA GLU D 57 33.04 90.32 -29.37
C GLU D 57 31.87 89.44 -28.89
N LYS D 58 30.85 89.24 -29.75
CA LYS D 58 29.70 88.39 -29.46
C LYS D 58 29.78 87.12 -30.29
N TRP D 59 29.70 85.95 -29.63
CA TRP D 59 29.75 84.61 -30.24
C TRP D 59 28.62 84.45 -31.25
N SER D 60 27.43 84.93 -30.89
CA SER D 60 26.24 84.95 -31.71
C SER D 60 25.68 86.35 -31.61
N THR D 61 25.67 87.06 -32.74
CA THR D 61 25.17 88.43 -32.87
C THR D 61 23.70 88.46 -32.49
N ALA D 62 22.94 87.47 -33.00
CA ALA D 62 21.51 87.29 -32.76
C ALA D 62 21.22 86.79 -31.33
N SER D 63 22.27 86.45 -30.57
CA SER D 63 22.21 85.94 -29.19
C SER D 63 21.47 84.61 -29.09
N ASP D 64 21.38 83.87 -30.21
CA ASP D 64 20.73 82.57 -30.31
C ASP D 64 21.75 81.44 -30.03
N PRO D 65 21.33 80.17 -29.80
CA PRO D 65 22.30 79.11 -29.49
C PRO D 65 23.32 78.77 -30.57
N TYR D 66 23.05 79.15 -31.83
CA TYR D 66 23.93 78.86 -32.96
C TYR D 66 24.92 79.99 -33.20
N SER D 67 26.21 79.64 -33.42
CA SER D 67 27.31 80.59 -33.64
C SER D 67 27.20 81.35 -34.95
N ASP D 68 27.84 82.55 -35.01
CA ASP D 68 27.90 83.42 -36.20
C ASP D 68 28.46 82.64 -37.38
N PHE D 69 29.52 81.86 -37.13
CA PHE D 69 30.23 81.01 -38.08
C PHE D 69 29.32 79.89 -38.57
N GLU D 70 28.64 79.19 -37.63
CA GLU D 70 27.71 78.08 -37.89
C GLU D 70 26.67 78.42 -38.97
N LYS D 71 26.13 79.65 -38.93
CA LYS D 71 25.10 80.15 -39.84
C LYS D 71 25.62 80.32 -41.28
N VAL D 72 26.77 80.97 -41.43
CA VAL D 72 27.34 81.26 -42.74
C VAL D 72 28.00 80.05 -43.40
N THR D 73 28.78 79.24 -42.63
CA THR D 73 29.45 78.07 -43.20
C THR D 73 28.46 76.95 -43.52
N GLY D 74 27.36 76.89 -42.77
CA GLY D 74 26.33 75.88 -42.94
C GLY D 74 26.38 74.76 -41.91
N ARG D 75 27.36 74.82 -40.98
CA ARG D 75 27.55 73.87 -39.89
C ARG D 75 26.52 74.12 -38.78
N ILE D 76 25.25 74.21 -39.17
CA ILE D 76 24.10 74.50 -38.33
C ILE D 76 23.04 73.42 -38.51
N ASP D 77 21.99 73.43 -37.67
CA ASP D 77 20.84 72.53 -37.78
C ASP D 77 20.16 72.90 -39.10
N LYS D 78 20.21 71.98 -40.07
CA LYS D 78 19.68 72.17 -41.43
C LYS D 78 18.22 72.63 -41.50
N ASN D 79 17.44 72.36 -40.43
CA ASN D 79 16.04 72.76 -40.30
C ASN D 79 15.90 74.28 -40.14
N VAL D 80 16.94 74.96 -39.58
CA VAL D 80 16.98 76.42 -39.37
C VAL D 80 16.77 77.14 -40.69
N SER D 81 15.78 78.06 -40.71
CA SER D 81 15.36 78.87 -41.85
C SER D 81 16.51 79.49 -42.67
N PRO D 82 16.40 79.52 -44.04
CA PRO D 82 17.49 80.08 -44.86
C PRO D 82 17.74 81.56 -44.60
N GLU D 83 16.67 82.33 -44.28
CA GLU D 83 16.77 83.75 -43.95
C GLU D 83 17.52 83.92 -42.63
N ALA D 84 17.37 82.93 -41.71
CA ALA D 84 18.03 82.89 -40.40
C ALA D 84 19.49 82.47 -40.48
N ARG D 85 19.93 81.93 -41.64
CA ARG D 85 21.32 81.51 -41.86
C ARG D 85 22.28 82.71 -42.00
N HIS D 86 21.77 83.94 -41.78
CA HIS D 86 22.49 85.21 -41.79
C HIS D 86 22.81 85.55 -40.31
N PRO D 87 24.04 86.03 -40.00
CA PRO D 87 24.37 86.33 -38.59
C PRO D 87 23.54 87.43 -37.95
N LEU D 88 22.97 88.34 -38.75
CA LEU D 88 22.14 89.43 -38.24
C LEU D 88 20.65 89.06 -38.12
N VAL D 89 20.30 87.79 -38.39
CA VAL D 89 18.92 87.29 -38.31
C VAL D 89 18.80 86.24 -37.21
N ALA D 90 17.82 86.43 -36.30
CA ALA D 90 17.58 85.55 -35.17
C ALA D 90 16.95 84.22 -35.56
N ALA D 91 17.57 83.12 -35.12
CA ALA D 91 17.11 81.76 -35.34
C ALA D 91 16.40 81.31 -34.05
N TYR D 92 15.14 81.75 -33.88
CA TYR D 92 14.35 81.46 -32.68
C TYR D 92 12.93 80.96 -33.01
N PRO D 93 12.37 80.02 -32.21
CA PRO D 93 11.02 79.51 -32.53
C PRO D 93 9.86 80.27 -31.90
N ILE D 94 8.72 80.27 -32.60
CA ILE D 94 7.43 80.85 -32.20
C ILE D 94 6.37 79.85 -32.68
N VAL D 95 5.50 79.40 -31.79
CA VAL D 95 4.46 78.42 -32.13
C VAL D 95 3.13 78.75 -31.47
N HIS D 96 2.08 78.67 -32.29
CA HIS D 96 0.70 78.91 -31.89
C HIS D 96 -0.13 77.69 -32.21
N VAL D 97 -1.34 77.63 -31.65
CA VAL D 97 -2.23 76.50 -31.87
C VAL D 97 -3.31 76.83 -32.91
N ASP D 98 -3.33 76.04 -34.01
CA ASP D 98 -4.29 76.18 -35.11
C ASP D 98 -5.41 75.16 -34.94
N MET D 99 -6.66 75.64 -34.78
CA MET D 99 -7.83 74.79 -34.64
C MET D 99 -8.43 74.56 -36.02
N GLU D 100 -8.68 73.28 -36.36
CA GLU D 100 -9.24 72.89 -37.67
C GLU D 100 -10.75 72.83 -37.70
N ASN D 101 -11.37 72.29 -36.63
CA ASN D 101 -12.83 72.13 -36.48
C ASN D 101 -13.21 71.90 -35.02
N ILE D 102 -14.48 72.22 -34.68
CA ILE D 102 -15.04 72.04 -33.33
C ILE D 102 -16.21 71.06 -33.35
N ILE D 103 -16.59 70.54 -32.17
CA ILE D 103 -17.72 69.65 -31.97
C ILE D 103 -18.29 69.86 -30.56
N LEU D 104 -19.57 70.22 -30.49
CA LEU D 104 -20.25 70.48 -29.22
C LEU D 104 -21.37 69.49 -28.94
N SER D 105 -21.39 68.96 -27.71
CA SER D 105 -22.38 67.99 -27.23
C SER D 105 -22.71 68.23 -25.75
N LYS D 106 -23.87 67.72 -25.30
CA LYS D 106 -24.30 67.82 -23.90
C LYS D 106 -23.48 66.83 -23.05
N ASN D 107 -23.14 67.22 -21.80
CA ASN D 107 -22.34 66.40 -20.89
C ASN D 107 -22.93 65.02 -20.60
N GLU D 108 -22.09 63.97 -20.69
CA GLU D 108 -22.47 62.57 -20.51
C GLU D 108 -21.34 61.82 -19.80
N ASP D 116 -30.76 60.79 -26.57
CA ASP D 116 -30.20 60.58 -27.90
C ASP D 116 -29.08 61.61 -28.15
N SER D 117 -27.95 61.46 -27.44
CA SER D 117 -26.79 62.35 -27.57
C SER D 117 -25.85 61.94 -28.72
N GLN D 118 -26.44 61.73 -29.92
CA GLN D 118 -25.79 61.35 -31.18
C GLN D 118 -26.14 62.34 -32.31
N THR D 119 -27.41 62.81 -32.33
CA THR D 119 -27.94 63.78 -33.30
C THR D 119 -28.04 65.20 -32.68
N ARG D 120 -27.87 65.30 -31.34
CA ARG D 120 -27.88 66.54 -30.56
C ARG D 120 -26.42 67.00 -30.38
N THR D 121 -25.68 67.04 -31.51
CA THR D 121 -24.26 67.40 -31.58
C THR D 121 -23.98 68.33 -32.76
N ILE D 122 -23.54 69.58 -32.49
CA ILE D 122 -23.22 70.54 -33.55
C ILE D 122 -21.73 70.53 -33.86
N SER D 123 -21.38 70.41 -35.16
CA SER D 123 -20.00 70.40 -35.61
C SER D 123 -19.79 71.41 -36.73
N LYS D 124 -18.82 72.32 -36.54
CA LYS D 124 -18.47 73.38 -37.50
C LYS D 124 -16.94 73.46 -37.64
N ASN D 125 -16.47 73.79 -38.85
CA ASN D 125 -15.04 73.94 -39.12
C ASN D 125 -14.53 75.29 -38.67
N THR D 126 -13.34 75.32 -38.05
CA THR D 126 -12.75 76.55 -37.54
C THR D 126 -11.51 77.01 -38.32
N SER D 127 -11.29 78.33 -38.37
CA SER D 127 -10.17 78.98 -39.04
C SER D 127 -9.33 79.73 -38.02
N THR D 128 -8.03 79.46 -37.98
CA THR D 128 -7.13 80.08 -37.02
C THR D 128 -5.94 80.76 -37.71
N SER D 129 -5.54 81.92 -37.16
CA SER D 129 -4.42 82.75 -37.61
C SER D 129 -3.76 83.38 -36.39
N ARG D 130 -2.41 83.49 -36.40
CA ARG D 130 -1.67 84.08 -35.28
C ARG D 130 -2.00 85.56 -35.13
N THR D 131 -2.42 85.95 -33.92
CA THR D 131 -2.83 87.32 -33.62
C THR D 131 -1.79 88.09 -32.84
N HIS D 132 -1.51 89.32 -33.30
CA HIS D 132 -0.58 90.26 -32.69
C HIS D 132 -1.41 91.48 -32.36
N THR D 133 -1.97 91.51 -31.14
CA THR D 133 -2.86 92.56 -30.63
C THR D 133 -2.25 93.97 -30.67
N SER D 134 -3.06 94.93 -31.15
CA SER D 134 -2.74 96.35 -31.28
C SER D 134 -3.25 97.09 -30.04
N GLU D 135 -2.62 98.23 -29.72
CA GLU D 135 -2.95 99.10 -28.58
C GLU D 135 -4.38 99.66 -28.66
N VAL D 136 -4.98 99.96 -27.48
CA VAL D 136 -6.32 100.54 -27.33
C VAL D 136 -6.36 101.95 -27.98
N HIS D 137 -7.52 102.36 -28.53
CA HIS D 137 -7.66 103.61 -29.30
C HIS D 137 -7.42 104.90 -28.50
N GLY D 138 -8.42 105.37 -27.76
CA GLY D 138 -8.38 106.60 -26.98
C GLY D 138 -9.73 106.87 -26.35
N ASN D 139 -10.30 105.81 -25.77
CA ASN D 139 -11.61 105.79 -25.13
C ASN D 139 -11.68 104.64 -24.15
N ALA D 140 -10.94 103.55 -24.44
CA ALA D 140 -10.90 102.34 -23.62
C ALA D 140 -10.29 102.59 -22.24
N GLU D 141 -11.05 102.20 -21.19
CA GLU D 141 -10.69 102.34 -19.78
C GLU D 141 -9.48 101.48 -19.40
N VAL D 142 -8.47 102.12 -18.82
CA VAL D 142 -7.23 101.47 -18.39
C VAL D 142 -6.92 101.85 -16.93
N HIS D 143 -6.23 100.96 -16.21
CA HIS D 143 -5.84 101.20 -14.81
C HIS D 143 -4.71 102.24 -14.69
N ALA D 144 -4.44 102.72 -13.46
CA ALA D 144 -3.40 103.73 -13.17
C ALA D 144 -2.00 103.28 -13.57
N SER D 145 -1.73 101.96 -13.47
CA SER D 145 -0.43 101.35 -13.80
C SER D 145 -0.12 101.29 -15.31
N PHE D 146 -1.14 101.43 -16.19
CA PHE D 146 -0.99 101.41 -17.66
C PHE D 146 -0.06 102.52 -18.16
N PHE D 147 -0.12 103.69 -17.51
CA PHE D 147 0.71 104.86 -17.81
C PHE D 147 2.01 104.83 -17.00
N ASP D 148 1.99 104.21 -15.79
CA ASP D 148 3.12 104.08 -14.86
C ASP D 148 4.35 103.50 -15.56
N ILE D 149 5.46 104.24 -15.51
CA ILE D 149 6.74 103.89 -16.13
C ILE D 149 7.24 102.53 -15.60
N GLY D 150 7.43 101.59 -16.52
CA GLY D 150 7.90 100.24 -16.23
C GLY D 150 6.79 99.21 -16.32
N GLY D 151 6.05 99.05 -15.23
CA GLY D 151 4.97 98.09 -15.12
C GLY D 151 3.74 98.38 -15.96
N SER D 152 3.02 97.29 -16.37
CA SER D 152 1.76 97.21 -17.13
C SER D 152 1.75 97.82 -18.57
N VAL D 153 2.72 98.69 -18.91
CA VAL D 153 2.85 99.36 -20.23
C VAL D 153 2.90 98.34 -21.37
N ASN D 159 5.81 90.69 -26.31
CA ASN D 159 6.37 89.38 -26.66
C ASN D 159 5.53 88.23 -26.09
N SER D 160 4.64 87.66 -26.94
CA SER D 160 3.78 86.53 -26.58
C SER D 160 3.14 85.88 -27.79
N ASN D 161 2.66 84.63 -27.63
CA ASN D 161 1.98 83.87 -28.67
C ASN D 161 0.49 83.75 -28.31
N SER D 162 -0.37 84.25 -29.21
CA SER D 162 -1.83 84.22 -29.06
C SER D 162 -2.50 84.07 -30.43
N SER D 163 -3.49 83.17 -30.53
CA SER D 163 -4.21 82.92 -31.78
C SER D 163 -5.72 82.91 -31.57
N THR D 164 -6.45 83.64 -32.41
CA THR D 164 -7.91 83.72 -32.35
C THR D 164 -8.55 82.83 -33.43
N VAL D 165 -9.50 81.97 -33.01
CA VAL D 165 -10.21 81.04 -33.89
C VAL D 165 -11.53 81.66 -34.39
N ALA D 166 -12.15 81.06 -35.42
CA ALA D 166 -13.42 81.52 -35.98
C ALA D 166 -14.33 80.35 -36.33
N ILE D 167 -15.37 80.13 -35.52
CA ILE D 167 -16.35 79.05 -35.70
C ILE D 167 -17.29 79.39 -36.85
N ASP D 168 -17.53 78.42 -37.75
CA ASP D 168 -18.42 78.55 -38.92
C ASP D 168 -19.86 78.80 -38.48
N HIS D 169 -20.45 79.89 -38.97
CA HIS D 169 -21.83 80.29 -38.65
C HIS D 169 -22.85 79.51 -39.48
N SER D 170 -22.42 79.03 -40.67
CA SER D 170 -23.20 78.28 -41.68
C SER D 170 -23.98 77.09 -41.12
N LEU D 171 -25.05 76.67 -41.82
CA LEU D 171 -25.90 75.53 -41.42
C LEU D 171 -25.12 74.23 -41.31
N SER D 172 -25.45 73.43 -40.28
CA SER D 172 -24.90 72.09 -40.03
C SER D 172 -26.02 71.10 -40.34
N LEU D 173 -27.17 71.25 -39.63
CA LEU D 173 -28.37 70.44 -39.84
C LEU D 173 -29.25 71.12 -40.89
N ALA D 174 -30.40 70.52 -41.24
CA ALA D 174 -31.35 71.04 -42.22
C ALA D 174 -31.96 72.39 -41.78
N GLY D 175 -32.32 72.47 -40.50
CA GLY D 175 -32.90 73.65 -39.89
C GLY D 175 -32.43 73.87 -38.47
N GLU D 176 -31.09 73.99 -38.29
CA GLU D 176 -30.49 74.20 -36.98
C GLU D 176 -30.76 75.62 -36.45
N ARG D 177 -31.50 75.69 -35.34
CA ARG D 177 -31.88 76.94 -34.72
C ARG D 177 -31.63 76.89 -33.23
N THR D 178 -30.84 77.85 -32.73
CA THR D 178 -30.40 78.02 -31.33
C THR D 178 -29.59 76.81 -30.87
N TRP D 179 -28.25 76.95 -30.84
CA TRP D 179 -27.28 75.93 -30.41
C TRP D 179 -27.62 75.37 -29.03
N ALA D 180 -28.10 76.24 -28.11
CA ALA D 180 -28.53 75.92 -26.75
C ALA D 180 -29.69 74.92 -26.73
N GLU D 181 -30.45 74.86 -27.84
CA GLU D 181 -31.60 73.96 -28.02
C GLU D 181 -31.34 72.84 -29.04
N THR D 182 -30.34 73.01 -29.94
CA THR D 182 -29.95 72.01 -30.94
C THR D 182 -29.32 70.78 -30.24
N MET D 183 -28.74 71.00 -29.04
CA MET D 183 -28.13 69.98 -28.18
C MET D 183 -29.09 69.51 -27.08
N GLY D 184 -30.00 70.40 -26.67
CA GLY D 184 -30.99 70.13 -25.63
C GLY D 184 -30.49 70.50 -24.24
N LEU D 185 -30.06 71.77 -24.08
CA LEU D 185 -29.52 72.27 -22.81
C LEU D 185 -30.42 73.33 -22.17
N ASN D 186 -30.29 73.49 -20.85
CA ASN D 186 -31.00 74.46 -20.02
C ASN D 186 -30.02 75.07 -19.01
N THR D 187 -30.44 76.12 -18.26
CA THR D 187 -29.64 76.86 -17.27
C THR D 187 -28.82 75.94 -16.34
N ALA D 188 -29.38 74.78 -15.96
CA ALA D 188 -28.76 73.77 -15.10
C ALA D 188 -27.79 72.87 -15.88
N ASP D 189 -28.16 72.49 -17.13
CA ASP D 189 -27.38 71.62 -18.01
C ASP D 189 -26.04 72.22 -18.43
N THR D 190 -25.02 71.37 -18.60
CA THR D 190 -23.67 71.77 -19.00
C THR D 190 -23.30 71.19 -20.37
N ALA D 191 -22.59 71.98 -21.17
CA ALA D 191 -22.13 71.61 -22.52
C ALA D 191 -20.63 71.31 -22.51
N ARG D 192 -20.24 70.17 -23.10
CA ARG D 192 -18.83 69.76 -23.18
C ARG D 192 -18.25 70.04 -24.57
N LEU D 193 -17.15 70.80 -24.60
CA LEU D 193 -16.46 71.19 -25.84
C LEU D 193 -15.32 70.24 -26.16
N ASN D 194 -15.18 69.91 -27.45
CA ASN D 194 -14.14 69.06 -28.02
C ASN D 194 -13.80 69.60 -29.41
N ALA D 195 -12.50 69.62 -29.76
CA ALA D 195 -12.06 70.16 -31.04
C ALA D 195 -10.80 69.50 -31.57
N ASN D 196 -10.53 69.70 -32.87
CA ASN D 196 -9.34 69.21 -33.56
C ASN D 196 -8.33 70.36 -33.61
N ILE D 197 -7.17 70.15 -32.97
CA ILE D 197 -6.10 71.15 -32.86
C ILE D 197 -4.78 70.67 -33.47
N ARG D 198 -3.95 71.62 -33.93
CA ARG D 198 -2.65 71.36 -34.53
C ARG D 198 -1.63 72.40 -34.07
N TYR D 199 -0.41 71.95 -33.73
CA TYR D 199 0.68 72.82 -33.34
C TYR D 199 1.42 73.22 -34.62
N VAL D 200 1.68 74.51 -34.83
CA VAL D 200 2.34 74.97 -36.05
C VAL D 200 3.37 76.08 -35.75
N ASN D 201 4.61 75.85 -36.25
CA ASN D 201 5.78 76.71 -36.11
C ASN D 201 5.72 77.87 -37.10
N THR D 202 5.95 79.10 -36.60
CA THR D 202 5.99 80.32 -37.41
C THR D 202 7.35 81.03 -37.27
N GLY D 203 8.19 80.52 -36.39
CA GLY D 203 9.52 81.05 -36.10
C GLY D 203 10.59 80.78 -37.13
N THR D 204 11.83 80.56 -36.64
CA THR D 204 13.02 80.31 -37.46
C THR D 204 13.85 79.11 -37.00
N ALA D 205 13.56 78.58 -35.78
CA ALA D 205 14.30 77.46 -35.19
C ALA D 205 13.41 76.24 -34.85
N PRO D 206 13.96 75.00 -34.82
CA PRO D 206 13.11 73.84 -34.53
C PRO D 206 13.10 73.37 -33.07
N ILE D 207 11.94 72.84 -32.63
CA ILE D 207 11.76 72.26 -31.31
C ILE D 207 11.73 70.75 -31.52
N TYR D 208 12.61 70.03 -30.82
CA TYR D 208 12.80 68.60 -31.01
C TYR D 208 12.02 67.68 -30.09
N ASN D 209 11.46 68.18 -28.96
CA ASN D 209 10.74 67.30 -28.06
C ASN D 209 9.53 67.96 -27.38
N VAL D 210 9.71 68.48 -26.14
CA VAL D 210 8.67 69.07 -25.29
C VAL D 210 7.92 70.22 -25.98
N LEU D 211 6.59 70.10 -25.99
CA LEU D 211 5.68 71.09 -26.58
C LEU D 211 5.27 72.13 -25.54
N PRO D 212 5.08 73.40 -25.95
CA PRO D 212 4.70 74.44 -24.98
C PRO D 212 3.28 74.29 -24.45
N THR D 213 3.02 74.89 -23.29
CA THR D 213 1.70 74.86 -22.66
C THR D 213 0.81 75.93 -23.30
N THR D 214 -0.45 75.57 -23.56
CA THR D 214 -1.42 76.48 -24.17
C THR D 214 -2.72 76.51 -23.35
N SER D 215 -3.48 77.61 -23.45
CA SER D 215 -4.74 77.76 -22.71
C SER D 215 -5.85 78.35 -23.58
N LEU D 216 -7.02 77.66 -23.62
CA LEU D 216 -8.19 78.11 -24.37
C LEU D 216 -8.98 79.11 -23.52
N VAL D 217 -9.13 80.34 -24.04
CA VAL D 217 -9.81 81.44 -23.34
C VAL D 217 -11.10 81.88 -24.05
N LEU D 218 -12.22 81.88 -23.30
CA LEU D 218 -13.53 82.33 -23.79
C LEU D 218 -13.62 83.84 -23.54
N GLY D 219 -13.87 84.58 -24.61
CA GLY D 219 -14.00 86.03 -24.56
C GLY D 219 -12.71 86.77 -24.28
N LYS D 220 -12.50 87.17 -23.02
CA LYS D 220 -11.34 87.96 -22.63
C LYS D 220 -10.39 87.28 -21.65
N ASN D 221 -10.92 86.74 -20.53
CA ASN D 221 -10.12 86.13 -19.47
C ASN D 221 -10.62 84.77 -18.98
N GLN D 222 -11.88 84.40 -19.34
CA GLN D 222 -12.52 83.14 -18.93
C GLN D 222 -11.75 81.92 -19.46
N THR D 223 -10.76 81.47 -18.68
CA THR D 223 -9.90 80.34 -18.99
C THR D 223 -10.68 79.02 -18.94
N LEU D 224 -10.96 78.44 -20.12
CA LEU D 224 -11.72 77.19 -20.25
C LEU D 224 -10.91 75.96 -19.88
N ALA D 225 -9.79 75.74 -20.58
CA ALA D 225 -8.90 74.59 -20.33
C ALA D 225 -7.45 74.88 -20.72
N THR D 226 -6.52 74.16 -20.08
CA THR D 226 -5.07 74.27 -20.31
C THR D 226 -4.58 72.97 -20.92
N ILE D 227 -4.05 73.04 -22.16
CA ILE D 227 -3.58 71.88 -22.91
C ILE D 227 -2.06 71.82 -22.99
N LYS D 228 -1.50 70.61 -22.80
CA LYS D 228 -0.07 70.33 -22.88
C LYS D 228 0.17 68.84 -23.16
N LEU D 234 7.11 62.63 -26.00
CA LEU D 234 7.25 62.60 -27.46
C LEU D 234 8.62 63.11 -27.95
N SER D 235 9.01 62.75 -29.18
CA SER D 235 10.27 63.17 -29.81
C SER D 235 10.09 63.52 -31.31
N GLN D 236 8.87 63.96 -31.68
CA GLN D 236 8.54 64.37 -33.05
C GLN D 236 9.06 65.79 -33.29
N ILE D 237 9.78 65.98 -34.40
CA ILE D 237 10.42 67.24 -34.76
C ILE D 237 9.46 68.27 -35.35
N LEU D 238 9.40 69.47 -34.74
CA LEU D 238 8.60 70.58 -35.20
C LEU D 238 9.51 71.50 -36.01
N ALA D 239 9.41 71.43 -37.33
CA ALA D 239 10.24 72.20 -38.25
C ALA D 239 9.69 73.62 -38.47
N PRO D 240 10.56 74.65 -38.64
CA PRO D 240 10.03 76.00 -38.89
C PRO D 240 9.25 76.06 -40.19
N ASN D 241 8.08 76.73 -40.15
CA ASN D 241 7.12 76.87 -41.25
C ASN D 241 6.55 75.51 -41.66
N ASN D 242 6.36 74.61 -40.66
CA ASN D 242 5.84 73.26 -40.85
C ASN D 242 5.00 72.83 -39.64
N TYR D 243 3.88 72.13 -39.90
CA TYR D 243 2.93 71.64 -38.89
C TYR D 243 3.49 70.46 -38.09
N TYR D 244 3.18 70.40 -36.76
CA TYR D 244 3.59 69.31 -35.88
C TYR D 244 2.82 68.03 -36.24
N PRO D 245 1.47 67.95 -36.16
CA PRO D 245 0.80 66.74 -36.63
C PRO D 245 0.64 66.89 -38.14
N SER D 246 1.75 66.59 -38.87
CA SER D 246 1.91 66.71 -40.32
C SER D 246 0.64 66.42 -41.08
N LYS D 247 0.33 67.29 -42.06
CA LYS D 247 -0.87 67.23 -42.91
C LYS D 247 -1.19 65.84 -43.50
N ASN D 248 -0.14 65.02 -43.72
CA ASN D 248 -0.28 63.65 -44.25
C ASN D 248 -0.80 62.65 -43.20
N LEU D 249 -0.74 63.03 -41.91
CA LEU D 249 -1.18 62.22 -40.77
C LEU D 249 -2.38 62.88 -40.09
N ALA D 250 -3.06 62.15 -39.18
CA ALA D 250 -4.22 62.63 -38.44
C ALA D 250 -3.86 63.68 -37.37
N PRO D 251 -4.72 64.70 -37.11
CA PRO D 251 -4.39 65.72 -36.10
C PRO D 251 -4.65 65.26 -34.66
N ILE D 252 -4.66 66.19 -33.68
CA ILE D 252 -4.89 65.87 -32.28
C ILE D 252 -6.22 66.43 -31.76
N ALA D 253 -6.94 65.61 -30.97
CA ALA D 253 -8.22 65.97 -30.36
C ALA D 253 -8.00 66.57 -28.96
N LEU D 254 -9.09 67.02 -28.31
CA LEU D 254 -8.99 67.63 -26.99
C LEU D 254 -9.61 66.79 -25.88
N ASN D 255 -8.73 66.14 -25.08
CA ASN D 255 -9.01 65.28 -23.92
C ASN D 255 -10.17 64.28 -24.15
N SER D 262 -7.67 63.08 -20.14
CA SER D 262 -8.52 62.34 -19.22
C SER D 262 -9.94 62.92 -19.11
N THR D 263 -10.06 64.20 -18.68
CA THR D 263 -11.35 64.92 -18.52
C THR D 263 -11.51 66.05 -19.57
N PRO D 264 -12.60 66.06 -20.37
CA PRO D 264 -12.76 67.13 -21.38
C PRO D 264 -13.11 68.50 -20.82
N ILE D 265 -13.17 69.52 -21.71
CA ILE D 265 -13.51 70.90 -21.36
C ILE D 265 -14.97 70.97 -20.95
N THR D 266 -15.26 71.63 -19.81
CA THR D 266 -16.61 71.78 -19.28
C THR D 266 -17.04 73.25 -19.32
N MET D 267 -18.23 73.49 -19.88
CA MET D 267 -18.79 74.82 -20.05
C MET D 267 -20.24 74.85 -19.56
N ASN D 268 -20.59 75.90 -18.80
CA ASN D 268 -21.96 76.09 -18.28
C ASN D 268 -22.85 76.71 -19.36
N TYR D 269 -24.18 76.67 -19.15
CA TYR D 269 -25.19 77.21 -20.07
C TYR D 269 -25.00 78.69 -20.38
N ASN D 270 -24.71 79.49 -19.34
CA ASN D 270 -24.50 80.94 -19.42
C ASN D 270 -23.27 81.31 -20.24
N GLN D 271 -22.18 80.53 -20.11
CA GLN D 271 -20.94 80.73 -20.85
C GLN D 271 -21.08 80.21 -22.28
N PHE D 272 -21.99 79.23 -22.51
CA PHE D 272 -22.26 78.64 -23.81
C PHE D 272 -22.98 79.63 -24.73
N LEU D 273 -23.84 80.49 -24.15
CA LEU D 273 -24.58 81.51 -24.90
C LEU D 273 -23.66 82.63 -25.39
N GLU D 274 -22.50 82.81 -24.72
CA GLU D 274 -21.46 83.78 -25.09
C GLU D 274 -20.76 83.28 -26.36
N LEU D 275 -20.47 81.95 -26.40
CA LEU D 275 -19.82 81.27 -27.51
C LEU D 275 -20.74 81.24 -28.73
N GLU D 276 -22.06 81.09 -28.50
CA GLU D 276 -23.10 81.06 -29.55
C GLU D 276 -23.24 82.45 -30.17
N LYS D 277 -23.11 83.51 -29.34
CA LYS D 277 -23.23 84.91 -29.73
C LYS D 277 -21.99 85.45 -30.47
N THR D 278 -20.78 85.03 -30.04
CA THR D 278 -19.50 85.48 -30.62
C THR D 278 -19.01 84.61 -31.75
N LYS D 279 -19.20 83.27 -31.62
CA LYS D 279 -18.75 82.24 -32.57
C LYS D 279 -17.22 82.32 -32.80
N GLN D 280 -16.46 82.58 -31.71
CA GLN D 280 -15.00 82.70 -31.68
C GLN D 280 -14.41 82.45 -30.28
N LEU D 281 -13.14 81.99 -30.25
CA LEU D 281 -12.37 81.70 -29.03
C LEU D 281 -10.94 82.21 -29.17
N ARG D 282 -10.15 82.13 -28.08
CA ARG D 282 -8.75 82.56 -28.04
C ARG D 282 -7.83 81.42 -27.55
N LEU D 283 -6.59 81.37 -28.05
CA LEU D 283 -5.59 80.36 -27.69
C LEU D 283 -4.26 81.02 -27.33
N ASP D 284 -3.98 81.10 -26.03
CA ASP D 284 -2.75 81.70 -25.49
C ASP D 284 -1.70 80.62 -25.18
N THR D 285 -0.62 80.61 -25.97
CA THR D 285 0.49 79.64 -25.84
C THR D 285 1.74 80.34 -25.31
N ASP D 286 2.45 79.69 -24.37
CA ASP D 286 3.68 80.22 -23.79
C ASP D 286 4.91 79.94 -24.66
N GLN D 287 6.05 80.57 -24.33
CA GLN D 287 7.30 80.43 -25.09
C GLN D 287 8.28 79.40 -24.46
N VAL D 288 7.82 78.58 -23.49
CA VAL D 288 8.66 77.55 -22.89
C VAL D 288 8.70 76.33 -23.83
N TYR D 289 9.88 76.06 -24.43
CA TYR D 289 10.05 74.97 -25.39
C TYR D 289 11.11 73.94 -24.96
N GLY D 290 11.15 72.82 -25.68
CA GLY D 290 12.09 71.72 -25.45
C GLY D 290 13.53 72.08 -25.74
N ASN D 291 14.47 71.24 -25.27
CA ASN D 291 15.92 71.40 -25.43
C ASN D 291 16.37 71.61 -26.88
N ILE D 292 17.40 72.45 -27.09
CA ILE D 292 17.93 72.78 -28.41
C ILE D 292 19.00 71.80 -28.86
N ALA D 293 18.92 71.37 -30.13
CA ALA D 293 19.89 70.46 -30.74
C ALA D 293 21.04 71.29 -31.30
N THR D 294 22.28 71.02 -30.83
CA THR D 294 23.47 71.74 -31.25
C THR D 294 24.41 70.92 -32.13
N TYR D 295 25.23 71.62 -32.93
CA TYR D 295 26.23 71.04 -33.83
C TYR D 295 27.57 70.88 -33.11
N ASN D 296 28.28 69.79 -33.41
CA ASN D 296 29.60 69.48 -32.87
C ASN D 296 30.59 69.31 -34.04
N PHE D 297 31.54 70.26 -34.12
CA PHE D 297 32.55 70.45 -35.17
C PHE D 297 33.36 69.21 -35.56
N GLU D 298 34.00 68.54 -34.59
CA GLU D 298 34.86 67.38 -34.81
C GLU D 298 34.16 66.16 -35.42
N ASN D 299 32.88 65.92 -35.07
CA ASN D 299 32.14 64.76 -35.57
C ASN D 299 31.03 65.12 -36.57
N GLY D 300 30.89 66.41 -36.88
CA GLY D 300 29.90 66.94 -37.82
C GLY D 300 28.50 66.35 -37.71
N ARG D 301 28.01 66.21 -36.47
CA ARG D 301 26.70 65.63 -36.16
C ARG D 301 25.94 66.47 -35.14
N VAL D 302 24.63 66.65 -35.38
CA VAL D 302 23.73 67.40 -34.53
C VAL D 302 23.16 66.50 -33.43
N ARG D 303 23.35 66.90 -32.17
CA ARG D 303 22.88 66.19 -30.97
C ARG D 303 22.04 67.12 -30.09
N VAL D 304 20.96 66.58 -29.49
CA VAL D 304 20.06 67.33 -28.60
C VAL D 304 20.78 67.56 -27.25
N ASP D 305 21.15 68.82 -26.98
CA ASP D 305 21.85 69.20 -25.76
C ASP D 305 20.87 69.40 -24.62
N THR D 306 20.96 68.53 -23.61
CA THR D 306 20.11 68.55 -22.41
C THR D 306 20.36 69.78 -21.53
N GLY D 307 21.59 70.31 -21.59
CA GLY D 307 22.01 71.47 -20.83
C GLY D 307 21.34 72.76 -21.24
N SER D 308 21.50 73.14 -22.51
CA SER D 308 20.92 74.38 -23.03
C SER D 308 19.50 74.19 -23.55
N ASN D 309 18.56 74.92 -22.93
CA ASN D 309 17.13 74.94 -23.24
C ASN D 309 16.78 76.29 -23.89
N TRP D 310 15.61 76.38 -24.53
CA TRP D 310 15.16 77.61 -25.16
C TRP D 310 14.78 78.71 -24.17
N SER D 311 14.22 78.33 -23.00
CA SER D 311 13.80 79.27 -21.96
C SER D 311 14.93 80.13 -21.36
N GLU D 312 16.19 79.66 -21.44
CA GLU D 312 17.34 80.42 -20.91
C GLU D 312 18.01 81.32 -21.97
N VAL D 313 17.76 81.03 -23.26
CA VAL D 313 18.37 81.76 -24.39
C VAL D 313 17.38 82.73 -25.04
N LEU D 314 16.09 82.34 -25.16
CA LEU D 314 15.04 83.16 -25.78
C LEU D 314 14.91 84.59 -25.22
N PRO D 315 14.92 84.86 -23.88
CA PRO D 315 14.80 86.26 -23.43
C PRO D 315 15.99 87.14 -23.84
N GLN D 316 17.21 86.54 -23.94
CA GLN D 316 18.44 87.23 -24.34
C GLN D 316 18.30 87.81 -25.75
N ILE D 317 17.59 87.09 -26.64
CA ILE D 317 17.31 87.52 -28.01
C ILE D 317 16.27 88.66 -27.97
N GLN D 318 15.18 88.47 -27.22
CA GLN D 318 14.06 89.40 -27.04
C GLN D 318 14.43 90.71 -26.30
N GLU D 319 15.74 90.93 -26.02
CA GLU D 319 16.24 92.13 -25.35
C GLU D 319 17.39 92.78 -26.15
N THR D 320 17.97 92.06 -27.12
CA THR D 320 19.07 92.54 -27.96
C THR D 320 18.65 92.87 -29.39
N THR D 321 17.61 92.20 -29.89
CA THR D 321 17.13 92.35 -31.28
C THR D 321 15.91 93.25 -31.42
N ALA D 322 15.64 93.67 -32.66
CA ALA D 322 14.48 94.48 -33.02
C ALA D 322 13.44 93.59 -33.69
N ARG D 323 12.16 93.77 -33.33
CA ARG D 323 11.03 92.98 -33.83
C ARG D 323 10.32 93.65 -35.01
N ILE D 324 10.23 92.93 -36.16
CA ILE D 324 9.56 93.43 -37.36
C ILE D 324 8.52 92.40 -37.83
N ILE D 325 7.25 92.84 -37.94
CA ILE D 325 6.11 92.02 -38.37
C ILE D 325 5.78 92.32 -39.85
N PHE D 326 5.57 91.26 -40.66
CA PHE D 326 5.24 91.41 -42.08
C PHE D 326 4.35 90.29 -42.62
N ASN D 327 3.41 90.65 -43.53
CA ASN D 327 2.47 89.73 -44.14
C ASN D 327 2.41 89.86 -45.67
N GLY D 328 3.58 89.78 -46.31
CA GLY D 328 3.73 89.90 -47.76
C GLY D 328 3.21 88.70 -48.52
N LYS D 329 3.89 87.53 -48.35
CA LYS D 329 3.56 86.25 -49.00
C LYS D 329 2.14 85.80 -48.72
N ASP D 330 1.70 85.93 -47.45
CA ASP D 330 0.36 85.59 -47.01
C ASP D 330 -0.06 86.59 -45.97
N LEU D 331 -1.36 86.87 -45.86
CA LEU D 331 -1.92 87.84 -44.92
C LEU D 331 -1.98 87.32 -43.46
N ASN D 332 -0.92 86.61 -43.06
CA ASN D 332 -0.72 86.05 -41.71
C ASN D 332 0.50 86.76 -41.09
N LEU D 333 0.37 87.20 -39.82
CA LEU D 333 1.40 87.94 -39.09
C LEU D 333 2.65 87.09 -38.79
N VAL D 334 3.79 87.46 -39.40
CA VAL D 334 5.06 86.76 -39.26
C VAL D 334 6.03 87.56 -38.37
N GLU D 335 6.56 86.92 -37.31
CA GLU D 335 7.49 87.53 -36.36
C GLU D 335 8.94 87.12 -36.70
N ARG D 336 9.77 88.11 -37.01
CA ARG D 336 11.18 87.91 -37.35
C ARG D 336 12.02 88.96 -36.64
N ARG D 337 13.07 88.54 -35.94
CA ARG D 337 13.93 89.47 -35.20
C ARG D 337 15.30 89.65 -35.85
N ILE D 338 15.75 90.91 -35.90
CA ILE D 338 17.02 91.30 -36.53
C ILE D 338 17.94 91.89 -35.48
N ALA D 339 19.23 91.50 -35.53
CA ALA D 339 20.28 91.97 -34.63
C ALA D 339 20.40 93.48 -34.70
N ALA D 340 20.05 94.15 -33.60
CA ALA D 340 20.05 95.60 -33.54
C ALA D 340 21.02 96.20 -32.54
N VAL D 341 21.43 97.44 -32.81
CA VAL D 341 22.37 98.20 -31.99
C VAL D 341 21.69 98.82 -30.77
N ASN D 342 22.45 98.91 -29.67
CA ASN D 342 21.96 99.53 -28.44
C ASN D 342 23.04 100.44 -27.86
N PRO D 343 22.70 101.73 -27.60
CA PRO D 343 23.72 102.66 -27.10
C PRO D 343 24.16 102.44 -25.65
N SER D 344 23.22 101.99 -24.80
CA SER D 344 23.46 101.75 -23.37
C SER D 344 24.51 100.68 -23.15
N ASP D 345 24.32 99.52 -23.78
CA ASP D 345 25.23 98.38 -23.64
C ASP D 345 26.37 98.44 -24.67
N PRO D 346 27.64 98.38 -24.22
CA PRO D 346 28.76 98.46 -25.15
C PRO D 346 28.95 97.20 -26.00
N LEU D 347 28.57 96.03 -25.45
CA LEU D 347 28.67 94.74 -26.16
C LEU D 347 27.70 94.70 -27.34
N GLU D 348 26.58 95.43 -27.25
CA GLU D 348 25.60 95.53 -28.32
C GLU D 348 25.99 96.59 -29.35
N THR D 349 26.97 97.45 -29.00
CA THR D 349 27.50 98.48 -29.90
C THR D 349 28.50 97.83 -30.85
N THR D 350 28.96 96.61 -30.49
CA THR D 350 29.90 95.79 -31.26
C THR D 350 29.20 95.20 -32.49
N LYS D 351 27.85 95.06 -32.43
CA LYS D 351 27.00 94.56 -33.50
C LYS D 351 26.99 95.59 -34.64
N PRO D 352 27.06 95.19 -35.93
CA PRO D 352 27.04 96.19 -37.01
C PRO D 352 25.77 97.02 -37.05
N ASP D 353 25.91 98.33 -37.37
CA ASP D 353 24.81 99.30 -37.45
C ASP D 353 23.72 98.83 -38.39
N MET D 354 22.47 98.80 -37.90
CA MET D 354 21.36 98.30 -38.70
C MET D 354 20.54 99.39 -39.36
N THR D 355 20.23 99.17 -40.64
CA THR D 355 19.41 100.03 -41.50
C THR D 355 18.10 99.31 -41.79
N LEU D 356 17.01 100.07 -41.98
CA LEU D 356 15.68 99.55 -42.28
C LEU D 356 15.69 98.80 -43.62
N LYS D 357 16.45 99.32 -44.61
CA LYS D 357 16.61 98.77 -45.96
C LYS D 357 17.19 97.35 -45.93
N GLU D 358 18.45 97.20 -45.45
CA GLU D 358 19.15 95.91 -45.39
C GLU D 358 18.48 94.88 -44.49
N ALA D 359 17.89 95.31 -43.35
CA ALA D 359 17.21 94.43 -42.40
C ALA D 359 16.00 93.74 -43.02
N LEU D 360 15.15 94.50 -43.72
CA LEU D 360 13.95 94.01 -44.40
C LEU D 360 14.30 93.00 -45.50
N LYS D 361 15.44 93.21 -46.18
CA LYS D 361 15.96 92.36 -47.25
C LYS D 361 16.38 90.98 -46.72
N ILE D 362 17.14 90.94 -45.62
CA ILE D 362 17.66 89.71 -45.02
C ILE D 362 16.62 88.98 -44.16
N ALA D 363 15.63 89.71 -43.60
CA ALA D 363 14.61 89.12 -42.73
C ALA D 363 13.44 88.47 -43.46
N PHE D 364 13.01 89.03 -44.60
CA PHE D 364 11.86 88.50 -45.31
C PHE D 364 12.16 88.11 -46.75
N GLY D 365 12.92 88.94 -47.45
CA GLY D 365 13.30 88.68 -48.84
C GLY D 365 13.05 89.84 -49.78
N PHE D 366 13.24 91.08 -49.30
CA PHE D 366 13.07 92.29 -50.09
C PHE D 366 14.21 92.43 -51.10
N ASN D 367 13.91 92.97 -52.28
CA ASN D 367 14.89 93.17 -53.34
C ASN D 367 14.98 94.63 -53.78
N GLU D 368 16.18 95.07 -54.18
CA GLU D 368 16.44 96.43 -54.63
C GLU D 368 16.79 96.38 -56.14
N PRO D 369 15.78 96.42 -57.05
CA PRO D 369 16.10 96.33 -58.49
C PRO D 369 16.46 97.66 -59.16
N ASN D 370 15.66 98.71 -58.93
CA ASN D 370 15.87 100.04 -59.49
C ASN D 370 16.65 100.90 -58.49
N GLY D 371 16.18 100.88 -57.24
CA GLY D 371 16.70 101.62 -56.10
C GLY D 371 15.68 101.60 -54.99
N ASN D 372 14.40 101.51 -55.38
CA ASN D 372 13.25 101.41 -54.48
C ASN D 372 13.07 99.97 -54.03
N LEU D 373 12.82 99.77 -52.74
CA LEU D 373 12.65 98.44 -52.15
C LEU D 373 11.28 97.86 -52.52
N GLN D 374 11.25 96.56 -52.85
CA GLN D 374 10.02 95.85 -53.22
C GLN D 374 10.07 94.36 -52.85
N TYR D 375 8.94 93.85 -52.32
CA TYR D 375 8.78 92.46 -51.89
C TYR D 375 8.16 91.60 -52.99
N GLN D 376 9.03 90.86 -53.72
CA GLN D 376 8.68 89.95 -54.83
C GLN D 376 7.92 90.64 -55.99
N GLY D 377 7.82 91.97 -55.93
CA GLY D 377 7.12 92.79 -56.91
C GLY D 377 6.39 93.96 -56.29
N LYS D 378 5.70 93.73 -55.15
CA LYS D 378 4.93 94.74 -54.40
C LYS D 378 5.89 95.78 -53.81
N ASP D 379 5.73 97.06 -54.21
CA ASP D 379 6.57 98.18 -53.76
C ASP D 379 6.45 98.45 -52.26
N ILE D 380 7.50 99.07 -51.66
CA ILE D 380 7.55 99.42 -50.22
C ILE D 380 6.42 100.39 -49.83
N THR D 381 6.07 101.31 -50.74
CA THR D 381 5.02 102.32 -50.58
C THR D 381 3.62 101.69 -50.46
N GLU D 382 3.43 100.49 -51.05
CA GLU D 382 2.19 99.71 -51.04
C GLU D 382 1.94 99.12 -49.63
N PHE D 383 2.94 99.20 -48.73
CA PHE D 383 2.86 98.70 -47.36
C PHE D 383 2.81 99.81 -46.33
N ASP D 384 1.99 99.62 -45.29
CA ASP D 384 1.76 100.53 -44.17
C ASP D 384 2.84 100.38 -43.09
N PHE D 385 3.22 101.51 -42.46
CA PHE D 385 4.23 101.54 -41.40
C PHE D 385 3.62 101.87 -40.04
N ASN D 386 3.71 100.95 -39.08
CA ASN D 386 3.19 101.11 -37.71
C ASN D 386 4.24 100.81 -36.67
N PHE D 387 4.27 101.61 -35.59
CA PHE D 387 5.23 101.46 -34.50
C PHE D 387 4.55 101.69 -33.14
N ASP D 388 5.30 101.50 -32.03
CA ASP D 388 4.81 101.71 -30.68
C ASP D 388 5.03 103.16 -30.22
N GLN D 389 5.09 103.38 -28.89
CA GLN D 389 5.29 104.70 -28.28
C GLN D 389 6.71 105.20 -28.52
N GLN D 390 7.71 104.46 -28.00
CA GLN D 390 9.14 104.77 -28.05
C GLN D 390 9.80 104.52 -29.41
N THR D 391 9.31 103.52 -30.18
CA THR D 391 9.85 103.19 -31.51
C THR D 391 9.58 104.33 -32.49
N SER D 392 8.30 104.78 -32.58
CA SER D 392 7.89 105.88 -33.47
C SER D 392 8.56 107.19 -33.07
N GLN D 393 8.73 107.44 -31.75
CA GLN D 393 9.38 108.63 -31.19
C GLN D 393 10.86 108.66 -31.53
N ASN D 394 11.52 107.48 -31.57
CA ASN D 394 12.94 107.33 -31.92
C ASN D 394 13.15 107.68 -33.39
N ILE D 395 12.22 107.21 -34.26
CA ILE D 395 12.25 107.46 -35.71
C ILE D 395 11.83 108.92 -35.99
N LYS D 396 10.94 109.50 -35.15
CA LYS D 396 10.47 110.88 -35.25
C LYS D 396 11.65 111.86 -35.22
N ASN D 397 12.60 111.64 -34.30
CA ASN D 397 13.81 112.45 -34.13
C ASN D 397 14.72 112.32 -35.36
N GLN D 398 14.85 111.08 -35.89
CA GLN D 398 15.66 110.76 -37.07
C GLN D 398 15.14 111.46 -38.32
N LEU D 399 13.80 111.41 -38.56
CA LEU D 399 13.13 112.03 -39.71
C LEU D 399 13.31 113.55 -39.76
N ALA D 400 13.43 114.19 -38.58
CA ALA D 400 13.66 115.64 -38.45
C ALA D 400 15.14 115.97 -38.71
N GLU D 401 16.06 115.09 -38.27
CA GLU D 401 17.50 115.24 -38.45
C GLU D 401 17.88 114.99 -39.92
N LEU D 402 17.14 114.07 -40.59
CA LEU D 402 17.31 113.72 -42.01
C LEU D 402 16.49 114.66 -42.90
N ASN D 403 15.67 115.53 -42.26
CA ASN D 403 14.78 116.55 -42.83
C ASN D 403 13.55 115.97 -43.56
N ALA D 404 13.74 114.90 -44.36
CA ALA D 404 12.67 114.25 -45.12
C ALA D 404 11.62 113.66 -44.17
N THR D 405 10.37 114.17 -44.27
CA THR D 405 9.24 113.78 -43.43
C THR D 405 8.69 112.38 -43.81
N ASN D 406 8.92 111.93 -45.05
CA ASN D 406 8.46 110.64 -45.54
C ASN D 406 9.45 109.54 -45.20
N ILE D 407 8.95 108.42 -44.65
CA ILE D 407 9.75 107.26 -44.25
C ILE D 407 10.36 106.51 -45.45
N TYR D 408 9.64 106.51 -46.59
CA TYR D 408 10.07 105.83 -47.83
C TYR D 408 11.25 106.55 -48.52
N THR D 409 11.42 107.86 -48.26
CA THR D 409 12.49 108.70 -48.80
C THR D 409 13.84 108.33 -48.18
N VAL D 410 13.94 108.44 -46.84
CA VAL D 410 15.15 108.14 -46.06
C VAL D 410 15.18 106.67 -45.57
N LEU D 411 14.47 105.77 -46.30
CA LEU D 411 14.33 104.33 -46.07
C LEU D 411 15.67 103.62 -45.81
N ASP D 412 16.71 103.99 -46.57
CA ASP D 412 18.07 103.46 -46.52
C ASP D 412 18.94 104.08 -45.41
N LYS D 413 18.45 105.17 -44.77
CA LYS D 413 19.18 105.86 -43.71
C LYS D 413 18.54 105.76 -42.32
N ILE D 414 17.35 105.13 -42.20
CA ILE D 414 16.67 104.97 -40.91
C ILE D 414 17.37 103.88 -40.09
N LYS D 415 17.96 104.28 -38.95
CA LYS D 415 18.68 103.38 -38.05
C LYS D 415 17.74 102.59 -37.16
N LEU D 416 18.07 101.31 -36.94
CA LEU D 416 17.28 100.42 -36.10
C LEU D 416 17.96 100.18 -34.76
N ASN D 417 17.19 100.35 -33.68
CA ASN D 417 17.65 100.17 -32.31
C ASN D 417 17.07 98.90 -31.68
N ALA D 418 17.68 98.43 -30.57
CA ALA D 418 17.27 97.23 -29.84
C ALA D 418 15.93 97.42 -29.13
N LYS D 419 15.24 96.31 -28.85
CA LYS D 419 13.94 96.23 -28.15
C LYS D 419 12.78 96.90 -28.91
N MET D 420 13.04 97.42 -30.12
CA MET D 420 12.04 98.08 -30.97
C MET D 420 10.95 97.12 -31.45
N ASN D 421 9.74 97.65 -31.70
CA ASN D 421 8.61 96.88 -32.19
C ASN D 421 8.00 97.60 -33.40
N ILE D 422 8.12 96.97 -34.59
CA ILE D 422 7.67 97.52 -35.87
C ILE D 422 6.66 96.56 -36.53
N LEU D 423 5.51 97.11 -36.97
CA LEU D 423 4.44 96.34 -37.64
C LEU D 423 4.22 96.86 -39.07
N ILE D 424 4.45 95.99 -40.06
CA ILE D 424 4.29 96.32 -41.47
C ILE D 424 3.18 95.47 -42.06
N ARG D 425 2.14 96.12 -42.57
CA ARG D 425 0.96 95.46 -43.15
C ARG D 425 0.60 95.98 -44.54
N ASP D 426 -0.11 95.18 -45.34
CA ASP D 426 -0.52 95.53 -46.70
C ASP D 426 -1.63 96.58 -46.66
N LYS D 427 -1.45 97.71 -47.36
CA LYS D 427 -2.42 98.81 -47.41
C LYS D 427 -3.74 98.44 -48.10
N ARG D 428 -3.73 97.39 -48.95
CA ARG D 428 -4.86 96.86 -49.71
C ARG D 428 -6.04 96.48 -48.82
N PHE D 429 -5.76 95.89 -47.65
CA PHE D 429 -6.78 95.40 -46.73
C PHE D 429 -6.96 96.25 -45.48
N HIS D 430 -8.06 95.99 -44.74
CA HIS D 430 -8.41 96.64 -43.48
C HIS D 430 -7.99 95.74 -42.32
N TYR D 431 -7.61 96.34 -41.18
CA TYR D 431 -7.14 95.58 -40.02
C TYR D 431 -7.88 95.91 -38.74
N ASP D 432 -8.20 94.85 -37.96
CA ASP D 432 -8.90 94.92 -36.67
C ASP D 432 -7.92 95.18 -35.51
N ARG D 433 -8.39 94.97 -34.26
CA ARG D 433 -7.59 95.15 -33.03
C ARG D 433 -6.52 94.06 -32.87
N ASN D 434 -6.71 92.90 -33.54
CA ASN D 434 -5.76 91.78 -33.53
C ASN D 434 -4.80 91.82 -34.73
N ASN D 435 -4.89 92.91 -35.55
CA ASN D 435 -4.08 93.21 -36.74
C ASN D 435 -4.14 92.12 -37.83
N ILE D 436 -5.33 91.51 -38.03
CA ILE D 436 -5.52 90.49 -39.07
C ILE D 436 -6.42 91.01 -40.18
N ALA D 437 -6.15 90.54 -41.43
CA ALA D 437 -6.89 90.95 -42.63
C ALA D 437 -8.38 90.57 -42.52
N VAL D 438 -9.26 91.59 -42.44
CA VAL D 438 -10.71 91.41 -42.27
C VAL D 438 -11.50 91.70 -43.57
N GLY D 439 -11.26 92.83 -44.20
CA GLY D 439 -11.91 93.25 -45.43
C GLY D 439 -11.04 94.11 -46.31
N ALA D 440 -11.60 94.63 -47.41
CA ALA D 440 -10.90 95.49 -48.38
C ALA D 440 -11.87 96.44 -49.12
N ASP D 441 -11.31 97.40 -49.90
CA ASP D 441 -12.06 98.38 -50.69
C ASP D 441 -12.80 97.67 -51.83
N GLU D 442 -14.07 98.06 -52.08
CA GLU D 442 -14.96 97.51 -53.11
C GLU D 442 -14.25 97.29 -54.46
N SER D 443 -13.39 98.26 -54.83
CA SER D 443 -12.58 98.28 -56.06
C SER D 443 -11.60 97.11 -56.11
N VAL D 444 -10.87 96.86 -55.01
CA VAL D 444 -9.86 95.80 -54.87
C VAL D 444 -10.47 94.40 -55.03
N VAL D 445 -11.70 94.20 -54.49
CA VAL D 445 -12.43 92.92 -54.57
C VAL D 445 -12.81 92.60 -56.02
N LYS D 446 -13.23 93.63 -56.78
CA LYS D 446 -13.63 93.53 -58.18
C LYS D 446 -12.48 93.13 -59.13
N GLU D 447 -11.23 93.43 -58.74
CA GLU D 447 -10.03 93.12 -59.53
C GLU D 447 -9.70 91.63 -59.59
N ALA D 448 -9.90 90.91 -58.46
CA ALA D 448 -9.63 89.47 -58.36
C ALA D 448 -10.74 88.62 -58.98
N HIS D 449 -12.00 89.11 -58.95
CA HIS D 449 -13.18 88.44 -59.49
C HIS D 449 -13.47 88.80 -60.96
N ARG D 450 -12.49 89.42 -61.64
CA ARG D 450 -12.57 89.83 -63.04
C ARG D 450 -12.41 88.63 -63.96
N GLU D 451 -11.42 87.75 -63.67
CA GLU D 451 -11.10 86.55 -64.44
C GLU D 451 -12.19 85.47 -64.33
N VAL D 452 -12.92 85.24 -65.43
CA VAL D 452 -14.01 84.26 -65.51
C VAL D 452 -13.52 83.06 -66.34
N ILE D 453 -13.68 81.84 -65.82
CA ILE D 453 -13.26 80.61 -66.50
C ILE D 453 -14.45 79.86 -67.08
N ASN D 454 -15.52 79.66 -66.28
CA ASN D 454 -16.73 78.95 -66.69
C ASN D 454 -18.00 79.76 -66.35
N SER D 455 -18.95 79.78 -67.29
CA SER D 455 -20.25 80.46 -67.14
C SER D 455 -21.40 79.44 -67.33
N SER D 456 -21.85 78.84 -66.22
CA SER D 456 -22.91 77.84 -66.19
C SER D 456 -23.98 78.12 -65.12
N THR D 457 -25.21 77.61 -65.34
CA THR D 457 -26.35 77.76 -64.42
C THR D 457 -26.17 76.94 -63.14
N GLU D 458 -25.28 75.92 -63.19
CA GLU D 458 -24.96 75.05 -62.07
C GLU D 458 -23.89 75.69 -61.15
N GLY D 459 -22.84 76.25 -61.77
CA GLY D 459 -21.74 76.89 -61.07
C GLY D 459 -20.94 77.91 -61.87
N LEU D 460 -20.17 78.74 -61.15
CA LEU D 460 -19.31 79.77 -61.74
C LEU D 460 -17.87 79.60 -61.26
N LEU D 461 -17.01 79.05 -62.15
CA LEU D 461 -15.59 78.85 -61.87
C LEU D 461 -14.83 80.11 -62.30
N LEU D 462 -14.11 80.74 -61.35
CA LEU D 462 -13.37 81.97 -61.59
C LEU D 462 -11.95 81.90 -61.03
N ASN D 463 -11.00 82.53 -61.73
CA ASN D 463 -9.60 82.59 -61.32
C ASN D 463 -9.37 83.73 -60.33
N ILE D 464 -9.90 83.56 -59.11
CA ILE D 464 -9.83 84.53 -58.03
C ILE D 464 -8.49 84.35 -57.30
N ASP D 465 -7.81 85.48 -57.02
CA ASP D 465 -6.53 85.52 -56.31
C ASP D 465 -6.67 84.97 -54.89
N LYS D 466 -5.69 84.16 -54.44
CA LYS D 466 -5.67 83.49 -53.14
C LYS D 466 -5.56 84.43 -51.96
N ASP D 467 -4.81 85.54 -52.11
CA ASP D 467 -4.62 86.56 -51.08
C ASP D 467 -5.87 87.42 -50.86
N ILE D 468 -6.57 87.75 -51.96
CA ILE D 468 -7.78 88.58 -51.94
C ILE D 468 -8.99 87.78 -51.39
N ARG D 469 -9.13 86.49 -51.78
CA ARG D 469 -10.22 85.62 -51.35
C ARG D 469 -10.20 85.27 -49.84
N LYS D 470 -9.08 85.55 -49.17
CA LYS D 470 -8.89 85.31 -47.74
C LYS D 470 -9.76 86.22 -46.85
N ILE D 471 -10.12 87.42 -47.35
CA ILE D 471 -10.99 88.36 -46.63
C ILE D 471 -12.47 88.14 -46.99
N LEU D 472 -12.77 87.11 -47.80
CA LEU D 472 -14.13 86.78 -48.24
C LEU D 472 -14.78 85.74 -47.33
N SER D 473 -16.02 86.02 -46.89
CA SER D 473 -16.82 85.16 -46.02
C SER D 473 -17.85 84.35 -46.80
N GLY D 474 -18.31 84.91 -47.91
CA GLY D 474 -19.29 84.30 -48.79
C GLY D 474 -19.85 85.24 -49.82
N TYR D 475 -20.72 84.73 -50.71
CA TYR D 475 -21.33 85.54 -51.75
C TYR D 475 -22.85 85.36 -51.74
N ILE D 476 -23.58 86.39 -52.21
CA ILE D 476 -25.04 86.38 -52.28
C ILE D 476 -25.49 86.04 -53.70
N VAL D 477 -26.38 85.04 -53.84
CA VAL D 477 -26.93 84.57 -55.12
C VAL D 477 -28.36 85.11 -55.32
N GLU D 478 -28.55 85.96 -56.35
CA GLU D 478 -29.85 86.57 -56.68
C GLU D 478 -30.07 86.76 -58.19
N ILE D 479 -31.34 86.87 -58.59
CA ILE D 479 -31.76 87.09 -59.98
C ILE D 479 -32.49 88.44 -60.06
N GLU D 480 -31.83 89.43 -60.69
CA GLU D 480 -32.38 90.78 -60.86
C GLU D 480 -33.20 90.85 -62.15
N ASP D 481 -34.45 91.30 -62.04
CA ASP D 481 -35.38 91.44 -63.16
C ASP D 481 -35.01 92.65 -64.02
N THR D 482 -35.38 92.59 -65.32
CA THR D 482 -35.21 93.69 -66.28
C THR D 482 -36.12 94.84 -65.83
N GLU D 483 -37.25 94.45 -65.19
CA GLU D 483 -38.27 95.28 -64.57
C GLU D 483 -37.65 96.06 -63.41
N GLY D 484 -36.81 95.38 -62.62
CA GLY D 484 -36.10 95.95 -61.48
C GLY D 484 -36.37 95.28 -60.14
N LEU D 485 -36.69 93.96 -60.16
CA LEU D 485 -36.99 93.18 -58.96
C LEU D 485 -35.77 92.38 -58.53
N LYS D 486 -35.38 92.47 -57.25
CA LYS D 486 -34.22 91.77 -56.70
C LYS D 486 -34.62 90.53 -55.87
N GLU D 487 -34.87 89.41 -56.57
CA GLU D 487 -35.25 88.14 -55.95
C GLU D 487 -33.96 87.41 -55.54
N VAL D 488 -33.80 87.13 -54.24
CA VAL D 488 -32.60 86.47 -53.70
C VAL D 488 -32.86 84.99 -53.38
N ILE D 489 -31.99 84.10 -53.92
CA ILE D 489 -32.07 82.65 -53.73
C ILE D 489 -31.67 82.27 -52.29
N ASN D 490 -30.39 82.46 -51.93
CA ASN D 490 -29.89 82.15 -50.60
C ASN D 490 -30.05 83.37 -49.67
N ASP D 491 -31.01 83.29 -48.74
CA ASP D 491 -31.31 84.36 -47.79
C ASP D 491 -31.30 83.87 -46.35
N ARG D 492 -30.24 84.27 -45.59
CA ARG D 492 -30.01 83.98 -44.18
C ARG D 492 -28.72 84.62 -43.67
N TYR D 493 -28.57 84.66 -42.33
CA TYR D 493 -27.39 85.17 -41.64
C TYR D 493 -26.24 84.19 -41.87
N ASP D 494 -26.57 82.91 -42.16
CA ASP D 494 -25.63 81.81 -42.37
C ASP D 494 -25.50 81.34 -43.83
N MET D 495 -26.54 81.53 -44.68
CA MET D 495 -26.54 81.14 -46.10
C MET D 495 -25.56 82.02 -46.91
N LEU D 496 -24.25 81.83 -46.68
CA LEU D 496 -23.19 82.59 -47.34
C LEU D 496 -22.08 81.72 -47.87
N ASN D 497 -21.76 80.58 -47.19
CA ASN D 497 -20.69 79.67 -47.62
C ASN D 497 -21.09 78.94 -48.90
N ILE D 498 -20.40 79.26 -50.00
CA ILE D 498 -20.65 78.68 -51.32
C ILE D 498 -19.35 78.41 -52.08
N SER D 499 -18.33 79.27 -51.89
CA SER D 499 -17.01 79.17 -52.53
C SER D 499 -16.29 77.88 -52.16
N SER D 500 -15.94 77.09 -53.18
CA SER D 500 -15.26 75.82 -53.03
C SER D 500 -13.99 75.86 -53.87
N LEU D 501 -12.86 76.22 -53.24
CA LEU D 501 -11.57 76.35 -53.91
C LEU D 501 -10.99 75.02 -54.39
N ARG D 502 -10.81 74.91 -55.72
CA ARG D 502 -10.25 73.73 -56.40
C ARG D 502 -8.73 73.79 -56.36
N GLN D 503 -8.07 72.61 -56.49
CA GLN D 503 -6.62 72.51 -56.47
C GLN D 503 -5.94 73.11 -57.74
N ASP D 504 -6.73 73.38 -58.79
CA ASP D 504 -6.25 73.98 -60.05
C ASP D 504 -5.86 75.46 -59.91
N GLY D 505 -6.36 76.12 -58.86
CA GLY D 505 -6.09 77.52 -58.56
C GLY D 505 -7.26 78.45 -58.84
N LYS D 506 -8.46 77.87 -59.00
CA LYS D 506 -9.69 78.63 -59.31
C LYS D 506 -10.77 78.35 -58.28
N THR D 507 -11.44 79.42 -57.81
CA THR D 507 -12.52 79.34 -56.83
C THR D 507 -13.83 79.02 -57.55
N PHE D 508 -14.51 77.94 -57.10
CA PHE D 508 -15.78 77.49 -57.69
C PHE D 508 -16.98 77.92 -56.84
N ILE D 509 -17.82 78.80 -57.41
CA ILE D 509 -19.03 79.31 -56.76
C ILE D 509 -20.23 78.47 -57.21
N ASP D 510 -20.80 77.70 -56.26
CA ASP D 510 -21.93 76.80 -56.50
C ASP D 510 -23.20 77.30 -55.81
N PHE D 511 -24.18 77.73 -56.61
CA PHE D 511 -25.47 78.25 -56.14
C PHE D 511 -26.37 77.12 -55.66
N LYS D 512 -26.17 75.90 -56.21
CA LYS D 512 -26.91 74.68 -55.90
C LYS D 512 -26.81 74.25 -54.42
N LYS D 513 -25.80 74.80 -53.69
CA LYS D 513 -25.52 74.55 -52.27
C LYS D 513 -26.75 74.87 -51.40
N TYR D 514 -27.44 75.98 -51.71
CA TYR D 514 -28.64 76.41 -50.99
C TYR D 514 -29.91 76.45 -51.87
N ASN D 515 -29.77 76.18 -53.20
CA ASN D 515 -30.88 76.17 -54.17
C ASN D 515 -31.51 74.76 -54.30
N ASP D 516 -31.48 73.98 -53.19
CA ASP D 516 -32.04 72.62 -53.05
C ASP D 516 -31.46 71.64 -54.09
N LYS D 517 -30.12 71.68 -54.28
CA LYS D 517 -29.34 70.84 -55.22
C LYS D 517 -29.75 71.03 -56.69
N LEU D 518 -30.43 72.16 -57.01
CA LEU D 518 -30.91 72.46 -58.35
C LEU D 518 -30.24 73.70 -58.95
N PRO D 519 -29.89 73.70 -60.26
CA PRO D 519 -29.28 74.91 -60.86
C PRO D 519 -30.26 76.07 -60.97
N LEU D 520 -29.73 77.30 -61.12
CA LEU D 520 -30.54 78.52 -61.21
C LEU D 520 -31.50 78.55 -62.38
N TYR D 521 -32.79 78.75 -62.08
CA TYR D 521 -33.86 78.80 -63.07
C TYR D 521 -33.84 80.13 -63.80
N ILE D 522 -33.74 80.05 -65.14
CA ILE D 522 -33.71 81.22 -66.02
C ILE D 522 -35.14 81.55 -66.46
N SER D 523 -35.83 82.40 -65.66
CA SER D 523 -37.21 82.84 -65.92
C SER D 523 -37.28 83.67 -67.21
N ASN D 524 -36.21 84.43 -67.48
CA ASN D 524 -36.03 85.27 -68.67
C ASN D 524 -34.52 85.36 -68.95
N PRO D 525 -34.05 85.02 -70.16
CA PRO D 525 -32.60 85.11 -70.43
C PRO D 525 -32.04 86.53 -70.48
N ASN D 526 -32.93 87.55 -70.53
CA ASN D 526 -32.58 88.97 -70.53
C ASN D 526 -32.32 89.50 -69.12
N TYR D 527 -32.76 88.76 -68.06
CA TYR D 527 -32.58 89.10 -66.64
C TYR D 527 -31.10 89.16 -66.26
N LYS D 528 -30.75 90.01 -65.29
CA LYS D 528 -29.38 90.17 -64.80
C LYS D 528 -29.14 89.20 -63.63
N VAL D 529 -28.13 88.30 -63.76
CA VAL D 529 -27.80 87.36 -62.69
C VAL D 529 -26.73 88.00 -61.81
N ASN D 530 -27.20 88.69 -60.75
CA ASN D 530 -26.33 89.39 -59.81
C ASN D 530 -25.79 88.47 -58.72
N VAL D 531 -24.45 88.31 -58.69
CA VAL D 531 -23.74 87.52 -57.68
C VAL D 531 -22.79 88.50 -56.99
N TYR D 532 -23.10 88.81 -55.72
CA TYR D 532 -22.34 89.76 -54.92
C TYR D 532 -21.11 89.14 -54.25
N ALA D 533 -20.56 89.82 -53.23
CA ALA D 533 -19.40 89.42 -52.43
C ALA D 533 -19.50 90.05 -51.04
N VAL D 534 -19.39 89.20 -50.01
CA VAL D 534 -19.48 89.64 -48.61
C VAL D 534 -18.17 89.36 -47.88
N THR D 535 -17.57 90.42 -47.33
CA THR D 535 -16.32 90.31 -46.59
C THR D 535 -16.54 89.76 -45.18
N LYS D 536 -15.45 89.35 -44.52
CA LYS D 536 -15.46 88.81 -43.15
C LYS D 536 -15.85 89.88 -42.12
N GLU D 537 -15.49 91.15 -42.39
CA GLU D 537 -15.80 92.28 -41.50
C GLU D 537 -17.27 92.70 -41.56
N ASN D 538 -17.94 92.45 -42.71
CA ASN D 538 -19.34 92.81 -42.96
C ASN D 538 -20.35 91.70 -42.66
N THR D 539 -19.91 90.43 -42.66
CA THR D 539 -20.79 89.27 -42.41
C THR D 539 -21.35 89.19 -40.98
N ILE D 540 -22.53 88.55 -40.84
CA ILE D 540 -23.22 88.33 -39.56
C ILE D 540 -23.15 86.86 -39.16
N ILE D 541 -23.09 86.62 -37.85
CA ILE D 541 -22.96 85.30 -37.24
C ILE D 541 -24.20 84.89 -36.46
N ASN D 542 -25.01 85.87 -36.04
CA ASN D 542 -26.23 85.66 -35.26
C ASN D 542 -27.39 86.41 -35.90
N PRO D 543 -28.66 85.95 -35.73
CA PRO D 543 -29.79 86.69 -36.32
C PRO D 543 -29.97 88.05 -35.64
N SER D 544 -30.51 89.03 -36.39
CA SER D 544 -30.71 90.41 -35.95
C SER D 544 -31.71 90.60 -34.81
N GLU D 545 -31.91 91.87 -34.37
CA GLU D 545 -32.86 92.32 -33.35
C GLU D 545 -34.23 91.69 -33.59
N ASN D 546 -34.60 91.60 -34.88
CA ASN D 546 -35.83 91.05 -35.42
C ASN D 546 -35.69 89.57 -35.76
N GLY D 547 -34.47 89.14 -36.06
CA GLY D 547 -34.16 87.77 -36.45
C GLY D 547 -34.16 87.66 -37.96
N ASP D 548 -33.39 88.55 -38.61
CA ASP D 548 -33.28 88.62 -40.06
C ASP D 548 -32.67 87.36 -40.66
N THR D 549 -33.53 86.47 -41.17
CA THR D 549 -33.10 85.26 -41.86
C THR D 549 -33.06 85.59 -43.35
N SER D 550 -32.27 86.65 -43.68
CA SER D 550 -32.07 87.22 -45.01
C SER D 550 -30.67 87.87 -45.13
N THR D 551 -30.35 88.40 -46.32
CA THR D 551 -29.06 89.02 -46.62
C THR D 551 -29.15 90.54 -46.91
N ASN D 552 -30.38 91.11 -46.86
CA ASN D 552 -30.64 92.53 -47.12
C ASN D 552 -29.80 93.48 -46.28
N GLY D 553 -29.71 93.20 -44.99
CA GLY D 553 -28.93 94.00 -44.03
C GLY D 553 -27.44 93.83 -44.17
N ILE D 554 -27.00 92.66 -44.71
CA ILE D 554 -25.59 92.32 -44.93
C ILE D 554 -25.00 93.19 -46.04
N LYS D 555 -23.87 93.85 -45.77
CA LYS D 555 -23.18 94.71 -46.72
C LYS D 555 -22.58 93.89 -47.87
N LYS D 556 -23.24 93.96 -49.03
CA LYS D 556 -22.86 93.26 -50.25
C LYS D 556 -22.09 94.13 -51.23
N ILE D 557 -21.03 93.55 -51.82
CA ILE D 557 -20.17 94.20 -52.81
C ILE D 557 -20.42 93.57 -54.19
N LEU D 558 -20.81 94.39 -55.19
CA LEU D 558 -21.10 93.94 -56.56
C LEU D 558 -19.84 93.30 -57.17
N ILE D 559 -19.92 92.02 -57.53
CA ILE D 559 -18.77 91.30 -58.05
C ILE D 559 -19.04 90.59 -59.39
N PHE D 560 -20.29 90.20 -59.64
CA PHE D 560 -20.68 89.53 -60.88
C PHE D 560 -22.09 89.98 -61.27
N SER D 561 -22.25 90.51 -62.49
CA SER D 561 -23.54 91.00 -62.99
C SER D 561 -23.75 90.70 -64.48
N LYS D 562 -23.31 89.50 -64.92
CA LYS D 562 -23.49 89.07 -66.30
C LYS D 562 -24.93 88.58 -66.47
N LYS D 563 -25.58 89.01 -67.58
CA LYS D 563 -26.96 88.67 -67.92
C LYS D 563 -27.16 87.18 -68.23
N GLY D 564 -28.41 86.72 -68.10
CA GLY D 564 -28.82 85.33 -68.30
C GLY D 564 -28.41 84.68 -69.61
N TYR D 565 -28.32 85.47 -70.69
CA TYR D 565 -27.92 84.99 -72.02
C TYR D 565 -26.39 84.83 -72.17
N GLU D 566 -25.60 85.58 -71.37
CA GLU D 566 -24.13 85.56 -71.38
C GLU D 566 -23.57 84.28 -70.72
N ILE D 567 -24.39 83.61 -69.91
CA ILE D 567 -24.05 82.39 -69.18
C ILE D 567 -24.75 81.16 -69.82
N GLY D 568 -26.08 81.24 -69.95
CA GLY D 568 -26.90 80.19 -70.52
C GLY D 568 -28.37 80.44 -70.20
N THR E 7 53.79 91.07 -16.84
CA THR E 7 52.71 90.81 -15.89
C THR E 7 51.78 92.01 -15.74
N VAL E 8 50.46 91.76 -15.74
CA VAL E 8 49.43 92.78 -15.58
C VAL E 8 48.92 92.75 -14.14
N PRO E 9 48.91 93.89 -13.41
CA PRO E 9 48.46 93.83 -12.02
C PRO E 9 46.95 93.83 -11.86
N ASP E 10 46.37 92.63 -11.61
CA ASP E 10 44.95 92.41 -11.36
C ASP E 10 44.80 91.45 -10.19
N ARG E 11 44.26 91.95 -9.08
CA ARG E 11 44.07 91.19 -7.84
C ARG E 11 42.75 90.42 -7.84
N ASP E 12 41.64 91.06 -8.30
CA ASP E 12 40.32 90.42 -8.33
C ASP E 12 40.13 89.48 -9.54
N ASN E 13 41.07 89.51 -10.52
CA ASN E 13 41.08 88.68 -11.74
C ASN E 13 39.80 88.82 -12.58
N ASP E 14 39.10 89.94 -12.39
CA ASP E 14 37.85 90.30 -13.07
C ASP E 14 38.06 90.57 -14.56
N GLY E 15 39.10 91.35 -14.86
CA GLY E 15 39.47 91.79 -16.19
C GLY E 15 39.95 93.22 -16.17
N ILE E 16 39.65 93.94 -15.07
CA ILE E 16 40.03 95.34 -14.85
C ILE E 16 41.27 95.38 -13.94
N PRO E 17 42.39 95.99 -14.38
CA PRO E 17 43.59 96.02 -13.52
C PRO E 17 43.47 96.99 -12.36
N ASP E 18 44.34 96.81 -11.36
CA ASP E 18 44.41 97.61 -10.13
C ASP E 18 44.50 99.10 -10.40
N SER E 19 45.31 99.51 -11.39
CA SER E 19 45.51 100.91 -11.78
C SER E 19 44.22 101.59 -12.25
N LEU E 20 43.46 100.94 -13.16
CA LEU E 20 42.21 101.48 -13.69
C LEU E 20 41.08 101.42 -12.66
N GLU E 21 40.98 100.28 -11.95
CA GLU E 21 39.97 100.02 -10.92
C GLU E 21 39.98 101.08 -9.79
N VAL E 22 41.17 101.57 -9.43
CA VAL E 22 41.35 102.59 -8.38
C VAL E 22 41.12 104.00 -8.92
N GLU E 23 41.86 104.42 -9.96
CA GLU E 23 41.83 105.76 -10.54
C GLU E 23 40.57 106.09 -11.34
N GLY E 24 40.27 105.30 -12.37
CA GLY E 24 39.13 105.51 -13.24
C GLY E 24 39.26 104.88 -14.61
N TYR E 25 38.16 104.30 -15.10
CA TYR E 25 38.08 103.60 -16.40
C TYR E 25 36.67 103.71 -17.00
N THR E 26 36.54 103.36 -18.29
CA THR E 26 35.29 103.34 -19.05
C THR E 26 35.40 102.36 -20.23
N VAL E 27 34.29 102.16 -20.94
CA VAL E 27 34.25 101.26 -22.09
C VAL E 27 33.97 102.05 -23.36
N ASP E 28 34.79 101.82 -24.40
CA ASP E 28 34.66 102.50 -25.68
C ASP E 28 34.68 101.52 -26.85
N VAL E 29 34.17 101.95 -28.01
CA VAL E 29 34.11 101.16 -29.25
C VAL E 29 34.94 101.84 -30.37
N LYS E 30 36.06 101.20 -30.78
CA LYS E 30 36.95 101.75 -31.83
C LYS E 30 36.34 101.49 -33.22
N ASN E 31 36.65 100.35 -33.89
CA ASN E 31 35.99 100.05 -35.16
C ASN E 31 34.60 99.61 -34.73
N LYS E 32 34.55 98.52 -33.94
CA LYS E 32 33.36 97.94 -33.31
C LYS E 32 33.79 97.38 -31.96
N ARG E 33 35.01 96.79 -31.91
CA ARG E 33 35.67 96.14 -30.77
C ARG E 33 35.64 96.99 -29.48
N THR E 34 35.30 96.34 -28.36
CA THR E 34 35.20 97.01 -27.05
C THR E 34 36.56 97.11 -26.37
N PHE E 35 36.81 98.25 -25.68
CA PHE E 35 38.08 98.50 -25.00
C PHE E 35 37.95 99.06 -23.58
N LEU E 36 38.74 98.51 -22.65
CA LEU E 36 38.80 98.90 -21.25
C LEU E 36 39.85 100.00 -21.10
N SER E 37 39.47 101.22 -21.48
CA SER E 37 40.36 102.38 -21.47
C SER E 37 40.32 103.15 -20.15
N PRO E 38 41.47 103.73 -19.71
CA PRO E 38 41.46 104.56 -18.49
C PRO E 38 40.66 105.84 -18.71
N TRP E 39 40.34 106.56 -17.63
CA TRP E 39 39.55 107.79 -17.73
C TRP E 39 40.36 108.99 -18.28
N ILE E 40 39.92 109.52 -19.44
CA ILE E 40 40.48 110.70 -20.12
C ILE E 40 39.33 111.71 -20.23
N SER E 41 39.32 112.69 -19.31
CA SER E 41 38.33 113.77 -19.20
C SER E 41 38.16 114.58 -20.48
N ASN E 42 39.18 114.58 -21.35
CA ASN E 42 39.17 115.30 -22.62
C ASN E 42 38.11 114.73 -23.55
N ILE E 43 38.20 113.43 -23.81
CA ILE E 43 37.38 112.73 -24.79
C ILE E 43 36.15 112.03 -24.21
N HIS E 44 36.27 111.37 -23.05
CA HIS E 44 35.19 110.59 -22.45
C HIS E 44 34.05 111.43 -21.84
N GLU E 45 34.36 112.63 -21.31
CA GLU E 45 33.33 113.53 -20.74
C GLU E 45 32.49 114.15 -21.85
N LYS E 46 33.12 114.39 -23.01
CA LYS E 46 32.48 114.97 -24.20
C LYS E 46 31.73 113.94 -25.06
N LYS E 47 32.23 112.68 -25.13
CA LYS E 47 31.61 111.58 -25.89
C LYS E 47 30.27 111.12 -25.31
N GLY E 48 30.12 111.26 -23.99
CA GLY E 48 28.92 110.86 -23.28
C GLY E 48 29.09 109.55 -22.53
N LEU E 49 30.14 109.48 -21.69
CA LEU E 49 30.45 108.29 -20.90
C LEU E 49 30.43 108.59 -19.41
N THR E 50 30.00 107.59 -18.62
CA THR E 50 29.93 107.66 -17.16
C THR E 50 31.24 107.17 -16.55
N LYS E 51 31.67 107.80 -15.43
CA LYS E 51 32.91 107.45 -14.73
C LYS E 51 32.73 106.20 -13.89
N TYR E 52 33.50 105.15 -14.21
CA TYR E 52 33.44 103.88 -13.50
C TYR E 52 34.66 103.71 -12.62
N LYS E 53 34.42 103.30 -11.37
CA LYS E 53 35.44 103.01 -10.36
C LYS E 53 34.93 101.87 -9.50
N SER E 54 35.69 100.76 -9.43
CA SER E 54 35.27 99.60 -8.64
C SER E 54 36.34 99.14 -7.65
N SER E 55 36.16 97.95 -7.05
CA SER E 55 37.09 97.39 -6.07
C SER E 55 38.13 96.44 -6.68
N PRO E 56 39.43 96.76 -6.54
CA PRO E 56 40.47 95.89 -7.11
C PRO E 56 40.66 94.54 -6.41
N GLU E 57 40.19 94.39 -5.15
CA GLU E 57 40.32 93.14 -4.40
C GLU E 57 39.01 92.34 -4.34
N LYS E 58 37.90 92.96 -4.76
CA LYS E 58 36.59 92.31 -4.81
C LYS E 58 36.19 92.02 -6.25
N TRP E 59 35.85 90.75 -6.54
CA TRP E 59 35.43 90.25 -7.85
C TRP E 59 34.19 91.03 -8.33
N SER E 60 33.23 91.23 -7.42
CA SER E 60 32.03 92.01 -7.65
C SER E 60 31.91 92.98 -6.49
N THR E 61 32.00 94.27 -6.78
CA THR E 61 31.92 95.36 -5.81
C THR E 61 30.56 95.30 -5.10
N ALA E 62 29.50 95.10 -5.89
CA ALA E 62 28.12 94.98 -5.43
C ALA E 62 27.85 93.66 -4.71
N SER E 63 28.83 92.73 -4.73
CA SER E 63 28.78 91.40 -4.12
C SER E 63 27.69 90.51 -4.73
N ASP E 64 27.27 90.83 -5.97
CA ASP E 64 26.26 90.10 -6.74
C ASP E 64 26.92 89.00 -7.59
N PRO E 65 26.17 88.03 -8.17
CA PRO E 65 26.80 86.96 -8.96
C PRO E 65 27.53 87.38 -10.23
N TYR E 66 27.24 88.59 -10.73
CA TYR E 66 27.84 89.11 -11.96
C TYR E 66 29.11 89.92 -11.66
N SER E 67 30.18 89.64 -12.43
CA SER E 67 31.49 90.27 -12.30
C SER E 67 31.46 91.76 -12.61
N ASP E 68 32.39 92.53 -11.99
CA ASP E 68 32.56 93.97 -12.19
C ASP E 68 32.77 94.24 -13.69
N PHE E 69 33.60 93.40 -14.32
CA PHE E 69 33.93 93.44 -15.75
C PHE E 69 32.68 93.16 -16.58
N GLU E 70 31.94 92.07 -16.24
CA GLU E 70 30.70 91.62 -16.89
C GLU E 70 29.67 92.74 -17.06
N LYS E 71 29.54 93.62 -16.05
CA LYS E 71 28.60 94.74 -16.03
C LYS E 71 28.97 95.83 -17.05
N VAL E 72 30.22 96.31 -17.02
CA VAL E 72 30.70 97.38 -17.88
C VAL E 72 30.91 96.95 -19.33
N THR E 73 31.50 95.77 -19.59
CA THR E 73 31.72 95.30 -20.96
C THR E 73 30.41 94.92 -21.66
N GLY E 74 29.42 94.49 -20.86
CA GLY E 74 28.11 94.08 -21.34
C GLY E 74 27.94 92.58 -21.41
N ARG E 75 28.97 91.82 -21.02
CA ARG E 75 28.98 90.35 -21.00
C ARG E 75 28.19 89.83 -19.79
N ILE E 76 26.98 90.37 -19.61
CA ILE E 76 26.06 90.09 -18.51
C ILE E 76 24.70 89.64 -19.07
N ASP E 77 23.80 89.17 -18.18
CA ASP E 77 22.44 88.79 -18.51
C ASP E 77 21.77 90.09 -18.96
N LYS E 78 21.40 90.17 -20.25
CA LYS E 78 20.81 91.36 -20.88
C LYS E 78 19.57 91.90 -20.17
N ASN E 79 18.86 91.04 -19.41
CA ASN E 79 17.68 91.40 -18.64
C ASN E 79 18.02 92.32 -17.46
N VAL E 80 19.28 92.24 -16.95
CA VAL E 80 19.78 93.05 -15.83
C VAL E 80 19.64 94.54 -16.17
N SER E 81 18.98 95.29 -15.28
CA SER E 81 18.68 96.72 -15.37
C SER E 81 19.85 97.58 -15.87
N PRO E 82 19.60 98.60 -16.73
CA PRO E 82 20.71 99.44 -17.23
C PRO E 82 21.42 100.23 -16.14
N GLU E 83 20.67 100.66 -15.09
CA GLU E 83 21.23 101.35 -13.94
C GLU E 83 22.15 100.42 -13.15
N ALA E 84 21.83 99.10 -13.16
CA ALA E 84 22.59 98.04 -12.50
C ALA E 84 23.84 97.62 -13.27
N ARG E 85 23.96 98.05 -14.55
CA ARG E 85 25.12 97.75 -15.40
C ARG E 85 26.39 98.54 -14.96
N HIS E 86 26.29 99.29 -13.85
CA HIS E 86 27.36 100.05 -13.21
C HIS E 86 27.95 99.18 -12.07
N PRO E 87 29.29 99.12 -11.91
CA PRO E 87 29.86 98.26 -10.85
C PRO E 87 29.48 98.62 -9.42
N LEU E 88 29.11 99.89 -9.19
CA LEU E 88 28.72 100.37 -7.87
C LEU E 88 27.20 100.21 -7.60
N VAL E 89 26.45 99.58 -8.53
CA VAL E 89 25.02 99.36 -8.39
C VAL E 89 24.72 97.85 -8.32
N ALA E 90 23.95 97.45 -7.29
CA ALA E 90 23.59 96.07 -7.05
C ALA E 90 22.55 95.53 -8.01
N ALA E 91 22.85 94.39 -8.64
CA ALA E 91 21.97 93.70 -9.57
C ALA E 91 21.33 92.55 -8.80
N TYR E 92 20.28 92.87 -8.00
CA TYR E 92 19.59 91.89 -7.16
C TYR E 92 18.05 91.97 -7.29
N PRO E 93 17.32 90.83 -7.22
CA PRO E 93 15.87 90.87 -7.37
C PRO E 93 15.06 91.07 -6.08
N ILE E 94 13.90 91.71 -6.22
CA ILE E 94 12.91 91.96 -5.16
C ILE E 94 11.55 91.78 -5.84
N VAL E 95 10.69 90.92 -5.27
CA VAL E 95 9.38 90.65 -5.84
C VAL E 95 8.30 90.57 -4.76
N HIS E 96 7.19 91.32 -4.98
CA HIS E 96 6.01 91.39 -4.13
C HIS E 96 4.79 90.93 -4.94
N VAL E 97 3.74 90.46 -4.25
CA VAL E 97 2.53 89.96 -4.91
C VAL E 97 1.49 91.08 -5.06
N ASP E 98 1.08 91.36 -6.31
CA ASP E 98 0.08 92.37 -6.66
C ASP E 98 -1.28 91.70 -6.89
N MET E 99 -2.28 92.05 -6.07
CA MET E 99 -3.63 91.51 -6.18
C MET E 99 -4.44 92.44 -7.07
N GLU E 100 -5.13 91.87 -8.08
CA GLU E 100 -5.93 92.63 -9.04
C GLU E 100 -7.38 92.78 -8.62
N ASN E 101 -7.99 91.70 -8.07
CA ASN E 101 -9.38 91.67 -7.62
C ASN E 101 -9.64 90.48 -6.68
N ILE E 102 -10.69 90.59 -5.84
CA ILE E 102 -11.10 89.56 -4.89
C ILE E 102 -12.52 89.06 -5.19
N ILE E 103 -12.87 87.89 -4.63
CA ILE E 103 -14.19 87.28 -4.74
C ILE E 103 -14.48 86.46 -3.47
N LEU E 104 -15.57 86.81 -2.78
CA LEU E 104 -15.96 86.15 -1.54
C LEU E 104 -17.28 85.42 -1.66
N SER E 105 -17.31 84.15 -1.19
CA SER E 105 -18.47 83.27 -1.22
C SER E 105 -18.53 82.39 0.04
N LYS E 106 -19.72 81.86 0.36
CA LYS E 106 -19.91 80.95 1.50
C LYS E 106 -19.35 79.57 1.15
N ASN E 107 -18.74 78.88 2.14
CA ASN E 107 -18.12 77.56 1.96
C ASN E 107 -19.06 76.49 1.43
N GLU E 108 -18.60 75.74 0.41
CA GLU E 108 -19.34 74.65 -0.24
C GLU E 108 -18.38 73.56 -0.69
N SER E 123 -17.85 90.55 -5.13
CA SER E 123 -16.60 90.72 -5.87
C SER E 123 -16.23 92.18 -6.03
N LYS E 124 -15.00 92.54 -5.61
CA LYS E 124 -14.46 93.91 -5.67
C LYS E 124 -13.03 93.88 -6.20
N ASN E 125 -12.63 94.93 -6.93
CA ASN E 125 -11.28 95.06 -7.48
C ASN E 125 -10.31 95.59 -6.41
N THR E 126 -9.10 95.01 -6.36
CA THR E 126 -8.08 95.39 -5.37
C THR E 126 -6.89 96.13 -5.97
N SER E 127 -6.29 97.03 -5.18
CA SER E 127 -5.12 97.83 -5.55
C SER E 127 -3.97 97.49 -4.61
N THR E 128 -2.82 97.11 -5.18
CA THR E 128 -1.64 96.72 -4.40
C THR E 128 -0.41 97.55 -4.76
N SER E 129 0.39 97.87 -3.73
CA SER E 129 1.64 98.63 -3.84
C SER E 129 2.62 98.08 -2.80
N ARG E 130 3.92 98.01 -3.14
CA ARG E 130 4.95 97.49 -2.23
C ARG E 130 5.10 98.42 -1.03
N THR E 131 4.99 97.84 0.17
CA THR E 131 5.07 98.59 1.44
C THR E 131 6.38 98.43 2.16
N HIS E 132 6.95 99.56 2.59
CA HIS E 132 8.18 99.65 3.34
C HIS E 132 7.83 100.36 4.64
N THR E 133 7.48 99.55 5.66
CA THR E 133 7.03 100.01 6.99
C THR E 133 8.03 100.92 7.71
N SER E 134 7.50 102.01 8.28
CA SER E 134 8.22 103.03 9.05
C SER E 134 8.12 102.71 10.53
N SER E 158 13.12 96.94 7.90
CA SER E 158 14.28 96.08 7.60
C SER E 158 14.10 95.30 6.29
N ASN E 159 15.14 94.56 5.86
CA ASN E 159 15.21 93.79 4.61
C ASN E 159 14.16 92.68 4.49
N SER E 160 13.04 93.00 3.81
CA SER E 160 11.94 92.07 3.53
C SER E 160 10.97 92.61 2.49
N ASN E 161 10.17 91.71 1.89
CA ASN E 161 9.15 92.05 0.90
C ASN E 161 7.77 91.90 1.52
N SER E 162 6.99 92.99 1.54
CA SER E 162 5.64 93.04 2.07
C SER E 162 4.79 94.03 1.27
N SER E 163 3.58 93.62 0.90
CA SER E 163 2.66 94.44 0.12
C SER E 163 1.26 94.45 0.71
N THR E 164 0.68 95.66 0.87
CA THR E 164 -0.65 95.83 1.43
C THR E 164 -1.67 96.10 0.31
N VAL E 165 -2.78 95.32 0.30
CA VAL E 165 -3.85 95.43 -0.70
C VAL E 165 -4.96 96.37 -0.19
N ALA E 166 -5.86 96.81 -1.11
CA ALA E 166 -6.99 97.68 -0.76
C ALA E 166 -8.25 97.25 -1.50
N ILE E 167 -9.20 96.62 -0.77
CA ILE E 167 -10.46 96.13 -1.31
C ILE E 167 -11.40 97.32 -1.54
N ASP E 168 -12.03 97.36 -2.73
CA ASP E 168 -12.96 98.41 -3.15
C ASP E 168 -14.17 98.46 -2.22
N HIS E 169 -14.40 99.63 -1.61
CA HIS E 169 -15.52 99.89 -0.68
C HIS E 169 -16.84 100.10 -1.42
N SER E 170 -16.77 100.62 -2.67
CA SER E 170 -17.88 100.93 -3.58
C SER E 170 -18.80 99.74 -3.89
N LEU E 171 -20.09 100.05 -4.14
CA LEU E 171 -21.17 99.09 -4.43
C LEU E 171 -20.86 98.09 -5.54
N SER E 172 -21.31 96.84 -5.33
CA SER E 172 -21.21 95.71 -6.26
C SER E 172 -22.63 95.49 -6.81
N LEU E 173 -23.62 95.24 -5.90
CA LEU E 173 -25.04 95.09 -6.24
C LEU E 173 -25.72 96.47 -6.16
N ALA E 174 -27.04 96.58 -6.47
CA ALA E 174 -27.75 97.87 -6.41
C ALA E 174 -27.91 98.40 -4.99
N GLY E 175 -28.13 97.49 -4.04
CA GLY E 175 -28.29 97.84 -2.64
C GLY E 175 -27.67 96.82 -1.70
N GLU E 176 -26.40 96.42 -1.98
CA GLU E 176 -25.68 95.46 -1.13
C GLU E 176 -25.31 96.08 0.22
N ARG E 177 -25.82 95.47 1.30
CA ARG E 177 -25.57 95.94 2.65
C ARG E 177 -25.20 94.79 3.55
N THR E 178 -24.08 94.97 4.29
CA THR E 178 -23.46 94.02 5.23
C THR E 178 -23.01 92.76 4.48
N TRP E 179 -21.69 92.66 4.21
CA TRP E 179 -21.04 91.55 3.51
C TRP E 179 -21.36 90.20 4.16
N ALA E 180 -21.44 90.18 5.52
CA ALA E 180 -21.77 89.02 6.36
C ALA E 180 -23.18 88.48 6.05
N GLU E 181 -24.05 89.33 5.50
CA GLU E 181 -25.43 89.01 5.12
C GLU E 181 -25.66 88.98 3.59
N THR E 182 -24.77 89.62 2.81
CA THR E 182 -24.83 89.64 1.34
C THR E 182 -24.53 88.23 0.79
N MET E 183 -23.77 87.41 1.57
CA MET E 183 -23.40 86.02 1.26
C MET E 183 -24.33 85.02 1.98
N GLY E 184 -24.86 85.43 3.13
CA GLY E 184 -25.75 84.62 3.95
C GLY E 184 -24.99 83.79 4.97
N LEU E 185 -24.17 84.45 5.80
CA LEU E 185 -23.34 83.80 6.82
C LEU E 185 -23.79 84.15 8.24
N ASN E 186 -23.46 83.26 9.19
CA ASN E 186 -23.72 83.40 10.62
C ASN E 186 -22.48 82.94 11.41
N THR E 187 -22.47 83.15 12.74
CA THR E 187 -21.37 82.80 13.67
C THR E 187 -20.75 81.41 13.42
N ALA E 188 -21.60 80.43 13.06
CA ALA E 188 -21.21 79.05 12.76
C ALA E 188 -20.69 78.88 11.31
N ASP E 189 -21.30 79.60 10.34
CA ASP E 189 -20.94 79.57 8.92
C ASP E 189 -19.53 80.12 8.65
N THR E 190 -18.85 79.54 7.64
CA THR E 190 -17.50 79.94 7.23
C THR E 190 -17.50 80.52 5.81
N ALA E 191 -16.68 81.56 5.59
CA ALA E 191 -16.53 82.23 4.30
C ALA E 191 -15.20 81.84 3.63
N ARG E 192 -15.26 81.46 2.34
CA ARG E 192 -14.08 81.07 1.57
C ARG E 192 -13.62 82.19 0.63
N LEU E 193 -12.34 82.60 0.79
CA LEU E 193 -11.74 83.67 0.00
C LEU E 193 -10.99 83.13 -1.23
N ASN E 194 -11.12 83.85 -2.36
CA ASN E 194 -10.49 83.56 -3.63
C ASN E 194 -10.18 84.90 -4.30
N ALA E 195 -9.01 85.02 -4.95
CA ALA E 195 -8.59 86.27 -5.59
C ALA E 195 -7.67 86.07 -6.78
N ASN E 196 -7.52 87.13 -7.60
CA ASN E 196 -6.64 87.16 -8.76
C ASN E 196 -5.35 87.85 -8.34
N ILE E 197 -4.23 87.11 -8.41
CA ILE E 197 -2.90 87.57 -8.01
C ILE E 197 -1.89 87.53 -9.14
N ARG E 198 -0.87 88.40 -9.06
CA ARG E 198 0.21 88.53 -10.04
C ARG E 198 1.55 88.76 -9.34
N TYR E 199 2.59 88.05 -9.79
CA TYR E 199 3.95 88.22 -9.27
C TYR E 199 4.60 89.33 -10.09
N VAL E 200 5.21 90.32 -9.44
CA VAL E 200 5.83 91.44 -10.15
C VAL E 200 7.18 91.85 -9.53
N ASN E 201 8.22 91.91 -10.38
CA ASN E 201 9.59 92.24 -10.04
C ASN E 201 9.80 93.74 -9.93
N THR E 202 10.43 94.19 -8.83
CA THR E 202 10.75 95.60 -8.58
C THR E 202 12.27 95.81 -8.43
N GLY E 203 13.02 94.71 -8.43
CA GLY E 203 14.47 94.70 -8.28
C GLY E 203 15.29 95.13 -9.48
N THR E 204 16.46 94.48 -9.67
CA THR E 204 17.41 94.77 -10.75
C THR E 204 17.89 93.52 -11.50
N ALA E 205 17.60 92.32 -10.94
CA ALA E 205 18.02 91.05 -11.52
C ALA E 205 16.85 90.08 -11.84
N PRO E 206 16.99 89.16 -12.84
CA PRO E 206 15.87 88.28 -13.17
C PRO E 206 15.87 86.89 -12.50
N ILE E 207 14.67 86.35 -12.21
CA ILE E 207 14.47 85.02 -11.66
C ILE E 207 13.96 84.17 -12.82
N TYR E 208 14.66 83.06 -13.10
CA TYR E 208 14.38 82.22 -14.26
C TYR E 208 13.47 81.02 -14.03
N ASN E 209 13.24 80.59 -12.77
CA ASN E 209 12.39 79.41 -12.55
C ASN E 209 11.53 79.49 -11.28
N VAL E 210 12.02 78.92 -10.15
CA VAL E 210 11.34 78.82 -8.85
C VAL E 210 10.88 80.19 -8.32
N LEU E 211 9.58 80.28 -8.01
CA LEU E 211 8.95 81.47 -7.47
C LEU E 211 9.02 81.48 -5.94
N PRO E 212 9.20 82.66 -5.30
CA PRO E 212 9.27 82.69 -3.83
C PRO E 212 7.96 82.37 -3.14
N THR E 213 8.04 81.96 -1.87
CA THR E 213 6.87 81.65 -1.06
C THR E 213 6.27 82.94 -0.51
N THR E 214 4.94 83.04 -0.54
CA THR E 214 4.23 84.22 -0.04
C THR E 214 3.13 83.80 0.93
N SER E 215 2.74 84.69 1.85
CA SER E 215 1.71 84.41 2.84
C SER E 215 0.73 85.56 3.01
N LEU E 216 -0.58 85.27 2.88
CA LEU E 216 -1.64 86.27 3.04
C LEU E 216 -1.96 86.40 4.53
N VAL E 217 -1.79 87.63 5.08
CA VAL E 217 -2.00 87.93 6.51
C VAL E 217 -3.18 88.89 6.72
N LEU E 218 -4.14 88.47 7.57
CA LEU E 218 -5.29 89.29 7.95
C LEU E 218 -4.89 90.13 9.16
N GLY E 219 -5.04 91.44 9.02
CA GLY E 219 -4.71 92.40 10.07
C GLY E 219 -3.24 92.55 10.34
N LYS E 220 -2.75 91.88 11.40
CA LYS E 220 -1.34 92.00 11.83
C LYS E 220 -0.54 90.70 11.73
N ASN E 221 -1.06 89.60 12.30
CA ASN E 221 -0.34 88.32 12.34
C ASN E 221 -1.17 87.09 11.92
N GLN E 222 -2.51 87.25 11.82
CA GLN E 222 -3.45 86.17 11.44
C GLN E 222 -3.18 85.65 10.03
N THR E 223 -2.28 84.66 9.94
CA THR E 223 -1.86 84.02 8.68
C THR E 223 -2.99 83.19 8.08
N LEU E 224 -3.59 83.69 6.99
CA LEU E 224 -4.71 83.05 6.29
C LEU E 224 -4.28 81.86 5.45
N ALA E 225 -3.38 82.09 4.48
CA ALA E 225 -2.87 81.04 3.58
C ALA E 225 -1.48 81.34 3.06
N THR E 226 -0.74 80.27 2.71
CA THR E 226 0.61 80.34 2.18
C THR E 226 0.59 79.85 0.73
N ILE E 227 0.95 80.74 -0.21
CA ILE E 227 0.94 80.48 -1.65
C ILE E 227 2.35 80.30 -2.20
N LYS E 228 2.53 79.28 -3.05
CA LYS E 228 3.79 78.94 -3.72
C LYS E 228 3.49 78.06 -4.93
N ALA E 229 3.91 78.50 -6.13
CA ALA E 229 3.70 77.75 -7.38
C ALA E 229 4.69 76.59 -7.49
N LEU E 234 7.81 75.22 -13.30
CA LEU E 234 7.76 76.26 -14.33
C LEU E 234 9.15 76.78 -14.70
N SER E 235 9.26 77.41 -15.89
CA SER E 235 10.51 78.01 -16.40
C SER E 235 10.26 79.36 -17.10
N GLN E 236 9.19 80.08 -16.69
CA GLN E 236 8.84 81.39 -17.22
C GLN E 236 9.73 82.45 -16.57
N ILE E 237 10.35 83.30 -17.41
CA ILE E 237 11.30 84.34 -16.99
C ILE E 237 10.61 85.58 -16.40
N LEU E 238 11.00 85.93 -15.17
CA LEU E 238 10.51 87.13 -14.47
C LEU E 238 11.57 88.21 -14.67
N ALA E 239 11.29 89.15 -15.58
CA ALA E 239 12.19 90.25 -15.91
C ALA E 239 12.07 91.41 -14.92
N PRO E 240 13.19 92.11 -14.57
CA PRO E 240 13.07 93.25 -13.65
C PRO E 240 12.20 94.34 -14.26
N ASN E 241 11.30 94.91 -13.44
CA ASN E 241 10.31 95.94 -13.82
C ASN E 241 9.29 95.39 -14.84
N ASN E 242 8.96 94.10 -14.71
CA ASN E 242 8.03 93.38 -15.58
C ASN E 242 7.24 92.32 -14.79
N TYR E 243 5.93 92.19 -15.10
CA TYR E 243 5.01 91.24 -14.47
C TYR E 243 5.29 89.78 -14.90
N TYR E 244 5.13 88.81 -13.97
CA TYR E 244 5.29 87.38 -14.25
C TYR E 244 4.13 86.89 -15.13
N PRO E 245 2.85 86.95 -14.70
CA PRO E 245 1.78 86.57 -15.63
C PRO E 245 1.50 87.80 -16.49
N SER E 246 2.37 88.02 -17.50
CA SER E 246 2.38 89.14 -18.44
C SER E 246 1.00 89.66 -18.77
N LYS E 247 0.84 91.00 -18.74
CA LYS E 247 -0.41 91.73 -18.97
C LYS E 247 -1.19 91.27 -20.22
N ASN E 248 -0.48 90.76 -21.24
CA ASN E 248 -1.07 90.25 -22.48
C ASN E 248 -1.75 88.87 -22.31
N LEU E 249 -1.43 88.17 -21.21
CA LEU E 249 -1.96 86.85 -20.86
C LEU E 249 -2.83 86.93 -19.59
N ALA E 250 -3.58 85.86 -19.28
CA ALA E 250 -4.44 85.76 -18.11
C ALA E 250 -3.64 85.64 -16.78
N PRO E 251 -4.12 86.22 -15.65
CA PRO E 251 -3.37 86.12 -14.39
C PRO E 251 -3.58 84.77 -13.66
N ILE E 252 -3.18 84.68 -12.37
CA ILE E 252 -3.32 83.46 -11.57
C ILE E 252 -4.33 83.61 -10.44
N ALA E 253 -5.17 82.57 -10.24
CA ALA E 253 -6.19 82.51 -9.19
C ALA E 253 -5.62 81.87 -7.93
N LEU E 254 -6.42 81.82 -6.84
CA LEU E 254 -5.96 81.25 -5.58
C LEU E 254 -6.65 79.95 -5.20
N ASN E 255 -5.91 78.82 -5.39
CA ASN E 255 -6.30 77.44 -5.08
C ASN E 255 -7.72 77.07 -5.56
N ALA E 256 -7.81 76.71 -6.84
CA ALA E 256 -9.05 76.29 -7.51
C ALA E 256 -8.71 75.05 -8.35
N GLN E 257 -7.88 75.21 -9.41
CA GLN E 257 -7.45 74.12 -10.29
C GLN E 257 -5.95 74.13 -10.55
N THR E 263 -6.96 73.01 -1.99
CA THR E 263 -7.91 73.51 -1.01
C THR E 263 -7.85 75.05 -0.87
N PRO E 264 -8.98 75.78 -1.04
CA PRO E 264 -8.93 77.25 -0.95
C PRO E 264 -8.77 77.79 0.48
N ILE E 265 -8.62 79.12 0.59
CA ILE E 265 -8.46 79.84 1.86
C ILE E 265 -9.77 79.76 2.65
N THR E 266 -9.68 79.41 3.95
CA THR E 266 -10.84 79.29 4.84
C THR E 266 -10.80 80.36 5.93
N MET E 267 -11.93 81.07 6.10
CA MET E 267 -12.08 82.16 7.06
C MET E 267 -13.37 81.99 7.86
N ASN E 268 -13.29 82.18 9.20
CA ASN E 268 -14.45 82.09 10.09
C ASN E 268 -15.25 83.40 10.07
N TYR E 269 -16.49 83.38 10.60
CA TYR E 269 -17.40 84.54 10.65
C TYR E 269 -16.79 85.74 11.39
N ASN E 270 -16.14 85.47 12.54
CA ASN E 270 -15.50 86.47 13.41
C ASN E 270 -14.33 87.17 12.73
N GLN E 271 -13.52 86.42 11.95
CA GLN E 271 -12.39 86.96 11.19
C GLN E 271 -12.86 87.67 9.93
N PHE E 272 -14.04 87.29 9.40
CA PHE E 272 -14.65 87.88 8.21
C PHE E 272 -15.12 89.32 8.50
N LEU E 273 -15.60 89.57 9.73
CA LEU E 273 -16.07 90.89 10.16
C LEU E 273 -14.92 91.88 10.29
N GLU E 274 -13.68 91.37 10.51
CA GLU E 274 -12.45 92.17 10.59
C GLU E 274 -12.11 92.67 9.18
N LEU E 275 -12.25 91.78 8.17
CA LEU E 275 -11.98 92.05 6.76
C LEU E 275 -13.01 93.04 6.21
N GLU E 276 -14.28 92.94 6.66
CA GLU E 276 -15.38 93.83 6.26
C GLU E 276 -15.16 95.23 6.84
N LYS E 277 -14.60 95.30 8.07
CA LYS E 277 -14.32 96.54 8.82
C LYS E 277 -13.08 97.27 8.30
N THR E 278 -12.02 96.53 7.92
CA THR E 278 -10.76 97.10 7.44
C THR E 278 -10.71 97.29 5.93
N LYS E 279 -11.30 96.34 5.16
CA LYS E 279 -11.32 96.30 3.69
C LYS E 279 -9.89 96.32 3.10
N GLN E 280 -8.96 95.61 3.77
CA GLN E 280 -7.56 95.50 3.40
C GLN E 280 -6.89 94.24 3.98
N LEU E 281 -5.84 93.75 3.29
CA LEU E 281 -5.05 92.58 3.67
C LEU E 281 -3.56 92.84 3.47
N ARG E 282 -2.71 91.90 3.90
CA ARG E 282 -1.26 92.00 3.77
C ARG E 282 -0.69 90.76 3.05
N LEU E 283 0.40 90.95 2.29
CA LEU E 283 1.08 89.89 1.55
C LEU E 283 2.58 89.92 1.81
N ASP E 284 3.04 88.97 2.65
CA ASP E 284 4.45 88.83 3.04
C ASP E 284 5.13 87.76 2.18
N THR E 285 6.05 88.21 1.30
CA THR E 285 6.80 87.34 0.39
C THR E 285 8.26 87.25 0.83
N ASP E 286 8.84 86.05 0.81
CA ASP E 286 10.23 85.83 1.20
C ASP E 286 11.20 86.14 0.05
N GLN E 287 12.51 86.19 0.35
CA GLN E 287 13.55 86.49 -0.64
C GLN E 287 14.23 85.23 -1.22
N VAL E 288 13.66 84.02 -0.97
CA VAL E 288 14.22 82.78 -1.53
C VAL E 288 13.77 82.65 -2.99
N TYR E 289 14.71 82.76 -3.93
CA TYR E 289 14.42 82.71 -5.36
C TYR E 289 15.15 81.58 -6.09
N GLY E 290 14.77 81.34 -7.35
CA GLY E 290 15.35 80.32 -8.22
C GLY E 290 16.78 80.59 -8.60
N ASN E 291 17.47 79.56 -9.14
CA ASN E 291 18.88 79.61 -9.57
C ASN E 291 19.18 80.76 -10.54
N ILE E 292 20.39 81.34 -10.43
CA ILE E 292 20.83 82.47 -11.25
C ILE E 292 21.48 82.00 -12.55
N ALA E 293 21.12 82.66 -13.66
CA ALA E 293 21.68 82.37 -14.98
C ALA E 293 22.95 83.19 -15.16
N THR E 294 24.07 82.51 -15.41
CA THR E 294 25.38 83.15 -15.58
C THR E 294 25.90 83.11 -17.01
N TYR E 295 26.81 84.05 -17.32
CA TYR E 295 27.45 84.18 -18.62
C TYR E 295 28.74 83.36 -18.67
N ASN E 296 29.05 82.78 -19.84
CA ASN E 296 30.25 82.00 -20.10
C ASN E 296 31.01 82.64 -21.28
N PHE E 297 32.19 83.20 -20.97
CA PHE E 297 33.09 83.97 -21.82
C PHE E 297 33.41 83.37 -23.20
N GLU E 298 33.91 82.13 -23.22
CA GLU E 298 34.34 81.43 -24.45
C GLU E 298 33.22 81.19 -25.47
N ASN E 299 31.99 80.93 -25.01
CA ASN E 299 30.86 80.64 -25.92
C ASN E 299 29.80 81.77 -25.96
N GLY E 300 30.05 82.86 -25.24
CA GLY E 300 29.17 84.03 -25.18
C GLY E 300 27.69 83.74 -25.07
N ARG E 301 27.32 82.77 -24.21
CA ARG E 301 25.94 82.33 -24.01
C ARG E 301 25.60 82.21 -22.52
N VAL E 302 24.40 82.68 -22.15
CA VAL E 302 23.88 82.65 -20.79
C VAL E 302 23.19 81.31 -20.51
N ARG E 303 23.64 80.62 -19.44
CA ARG E 303 23.12 79.33 -18.98
C ARG E 303 22.75 79.39 -17.49
N VAL E 304 21.63 78.73 -17.11
CA VAL E 304 21.15 78.67 -15.72
C VAL E 304 22.06 77.76 -14.89
N ASP E 305 22.83 78.36 -13.97
CA ASP E 305 23.76 77.65 -13.09
C ASP E 305 23.02 77.08 -11.88
N THR E 306 22.98 75.73 -11.82
CA THR E 306 22.33 74.98 -10.74
C THR E 306 23.04 75.13 -9.39
N GLY E 307 24.36 75.39 -9.44
CA GLY E 307 25.20 75.56 -8.27
C GLY E 307 24.91 76.81 -7.47
N SER E 308 25.01 77.98 -8.12
CA SER E 308 24.78 79.27 -7.48
C SER E 308 23.32 79.70 -7.52
N ASN E 309 22.74 79.87 -6.32
CA ASN E 309 21.36 80.28 -6.08
C ASN E 309 21.36 81.69 -5.49
N TRP E 310 20.20 82.36 -5.50
CA TRP E 310 20.08 83.72 -4.96
C TRP E 310 20.18 83.77 -3.43
N SER E 311 19.69 82.74 -2.73
CA SER E 311 19.69 82.65 -1.27
C SER E 311 21.08 82.66 -0.61
N GLU E 312 22.13 82.25 -1.35
CA GLU E 312 23.50 82.23 -0.84
C GLU E 312 24.29 83.52 -1.13
N VAL E 313 23.82 84.31 -2.12
CA VAL E 313 24.47 85.54 -2.57
C VAL E 313 23.75 86.80 -2.05
N LEU E 314 22.40 86.79 -2.01
CA LEU E 314 21.57 87.91 -1.56
C LEU E 314 21.95 88.50 -0.19
N PRO E 315 22.19 87.70 0.89
CA PRO E 315 22.56 88.33 2.18
C PRO E 315 23.89 89.07 2.15
N GLN E 316 24.85 88.60 1.33
CA GLN E 316 26.18 89.20 1.15
C GLN E 316 26.06 90.63 0.63
N ILE E 317 25.06 90.89 -0.24
CA ILE E 317 24.77 92.20 -0.81
C ILE E 317 24.14 93.08 0.30
N GLN E 318 23.15 92.53 1.01
CA GLN E 318 22.39 93.18 2.09
C GLN E 318 23.22 93.48 3.37
N GLU E 319 24.55 93.26 3.31
CA GLU E 319 25.47 93.53 4.42
C GLU E 319 26.65 94.41 3.98
N THR E 320 26.86 94.55 2.65
CA THR E 320 27.95 95.35 2.07
C THR E 320 27.49 96.66 1.46
N THR E 321 26.24 96.71 0.97
CA THR E 321 25.68 97.88 0.29
C THR E 321 24.77 98.74 1.16
N ALA E 322 24.50 99.97 0.69
CA ALA E 322 23.62 100.92 1.35
C ALA E 322 22.28 100.93 0.60
N ARG E 323 21.17 100.96 1.35
CA ARG E 323 19.80 100.92 0.82
C ARG E 323 19.18 102.32 0.69
N ILE E 324 18.75 102.69 -0.53
CA ILE E 324 18.12 103.99 -0.82
C ILE E 324 16.76 103.77 -1.50
N ILE E 325 15.69 104.30 -0.90
CA ILE E 325 14.30 104.19 -1.38
C ILE E 325 13.90 105.50 -2.07
N PHE E 326 13.27 105.41 -3.26
CA PHE E 326 12.83 106.57 -4.02
C PHE E 326 11.57 106.32 -4.86
N ASN E 327 10.69 107.33 -4.94
CA ASN E 327 9.44 107.27 -5.69
C ASN E 327 9.23 108.49 -6.61
N GLY E 328 10.22 108.75 -7.45
CA GLY E 328 10.21 109.86 -8.40
C GLY E 328 9.27 109.68 -9.55
N LYS E 329 9.57 108.69 -10.43
CA LYS E 329 8.78 108.34 -11.62
C LYS E 329 7.33 108.01 -11.28
N ASP E 330 7.13 107.24 -10.22
CA ASP E 330 5.82 106.84 -9.73
C ASP E 330 5.86 106.80 -8.22
N LEU E 331 4.71 107.08 -7.57
CA LEU E 331 4.60 107.12 -6.11
C LEU E 331 4.57 105.71 -5.46
N ASN E 332 5.41 104.79 -5.99
CA ASN E 332 5.60 103.42 -5.52
C ASN E 332 7.04 103.30 -5.01
N LEU E 333 7.21 102.67 -3.83
CA LEU E 333 8.52 102.49 -3.16
C LEU E 333 9.46 101.55 -3.92
N VAL E 334 10.58 102.12 -4.43
CA VAL E 334 11.60 101.40 -5.21
C VAL E 334 12.86 101.18 -4.36
N GLU E 335 13.30 99.91 -4.24
CA GLU E 335 14.49 99.52 -3.47
C GLU E 335 15.69 99.31 -4.41
N ARG E 336 16.74 100.10 -4.20
CA ARG E 336 17.96 100.04 -5.00
C ARG E 336 19.16 100.13 -4.06
N ARG E 337 20.12 99.20 -4.20
CA ARG E 337 21.30 99.18 -3.34
C ARG E 337 22.57 99.61 -4.08
N ILE E 338 23.38 100.44 -3.39
CA ILE E 338 24.62 101.01 -3.94
C ILE E 338 25.80 100.54 -3.10
N ALA E 339 26.90 100.14 -3.78
CA ALA E 339 28.14 99.67 -3.17
C ALA E 339 28.70 100.73 -2.25
N ALA E 340 28.72 100.41 -0.94
CA ALA E 340 29.15 101.35 0.08
C ALA E 340 30.37 100.90 0.87
N VAL E 341 31.11 101.89 1.40
CA VAL E 341 32.32 101.70 2.19
C VAL E 341 32.01 101.31 3.64
N ASN E 342 32.86 100.47 4.23
CA ASN E 342 32.72 100.05 5.62
C ASN E 342 34.07 100.08 6.32
N PRO E 343 34.18 100.80 7.47
CA PRO E 343 35.48 100.91 8.14
C PRO E 343 35.96 99.65 8.86
N SER E 344 35.02 98.85 9.40
CA SER E 344 35.31 97.62 10.14
C SER E 344 35.99 96.59 9.25
N ASP E 345 35.41 96.30 8.09
CA ASP E 345 35.94 95.32 7.15
C ASP E 345 36.94 95.96 6.17
N PRO E 346 38.17 95.41 6.06
CA PRO E 346 39.17 95.99 5.15
C PRO E 346 38.87 95.76 3.68
N LEU E 347 38.22 94.63 3.35
CA LEU E 347 37.85 94.28 1.97
C LEU E 347 36.79 95.25 1.43
N GLU E 348 35.97 95.82 2.32
CA GLU E 348 34.95 96.80 1.95
C GLU E 348 35.53 98.20 1.86
N THR E 349 36.75 98.39 2.40
CA THR E 349 37.46 99.68 2.34
C THR E 349 38.10 99.81 0.95
N THR E 350 38.22 98.67 0.23
CA THR E 350 38.77 98.56 -1.12
C THR E 350 37.80 99.16 -2.15
N LYS E 351 36.49 99.20 -1.81
CA LYS E 351 35.41 99.75 -2.64
C LYS E 351 35.59 101.27 -2.71
N PRO E 352 35.39 101.93 -3.88
CA PRO E 352 35.56 103.39 -3.94
C PRO E 352 34.59 104.14 -3.04
N ASP E 353 35.07 105.25 -2.43
CA ASP E 353 34.32 106.12 -1.52
C ASP E 353 33.03 106.62 -2.16
N MET E 354 31.90 106.39 -1.47
CA MET E 354 30.60 106.78 -2.02
C MET E 354 30.06 108.09 -1.49
N THR E 355 29.55 108.91 -2.41
CA THR E 355 28.93 110.22 -2.16
C THR E 355 27.43 110.10 -2.44
N LEU E 356 26.61 110.89 -1.72
CA LEU E 356 25.16 110.94 -1.89
C LEU E 356 24.77 111.40 -3.29
N LYS E 357 25.53 112.37 -3.84
CA LYS E 357 25.35 112.96 -5.17
C LYS E 357 25.47 111.92 -6.28
N GLU E 358 26.67 111.31 -6.45
CA GLU E 358 26.95 110.30 -7.48
C GLU E 358 26.11 109.03 -7.35
N ALA E 359 25.82 108.57 -6.11
CA ALA E 359 25.03 107.36 -5.86
C ALA E 359 23.60 107.49 -6.38
N LEU E 360 22.94 108.62 -6.07
CA LEU E 360 21.58 108.93 -6.50
C LEU E 360 21.45 109.01 -8.03
N LYS E 361 22.51 109.50 -8.69
CA LYS E 361 22.61 109.64 -10.15
C LYS E 361 22.65 108.28 -10.84
N ILE E 362 23.52 107.36 -10.36
CA ILE E 362 23.71 106.03 -10.93
C ILE E 362 22.61 105.03 -10.52
N ALA E 363 21.96 105.24 -9.36
CA ALA E 363 20.92 104.34 -8.86
C ALA E 363 19.53 104.56 -9.43
N PHE E 364 19.15 105.82 -9.69
CA PHE E 364 17.81 106.13 -10.18
C PHE E 364 17.79 106.86 -11.51
N GLY E 365 18.68 107.85 -11.67
CA GLY E 365 18.77 108.64 -12.89
C GLY E 365 18.76 110.13 -12.67
N PHE E 366 19.39 110.59 -11.56
CA PHE E 366 19.49 112.01 -11.23
C PHE E 366 20.48 112.69 -12.17
N ASN E 367 20.21 113.95 -12.52
CA ASN E 367 21.06 114.75 -13.41
C ASN E 367 21.54 116.04 -12.75
N GLU E 368 22.76 116.47 -13.09
CA GLU E 368 23.37 117.68 -12.57
C GLU E 368 23.49 118.70 -13.72
N PRO E 369 22.44 119.51 -14.00
CA PRO E 369 22.52 120.45 -15.12
C PRO E 369 23.19 121.78 -14.80
N ASN E 370 22.79 122.43 -13.69
CA ASN E 370 23.34 123.71 -13.25
C ASN E 370 24.46 123.46 -12.24
N GLY E 371 24.15 122.61 -11.27
CA GLY E 371 25.02 122.22 -10.16
C GLY E 371 24.19 121.52 -9.11
N ASN E 372 22.89 121.90 -9.04
CA ASN E 372 21.90 121.34 -8.15
C ASN E 372 21.35 120.05 -8.76
N LEU E 373 21.20 119.01 -7.93
CA LEU E 373 20.71 117.70 -8.37
C LEU E 373 19.19 117.74 -8.59
N GLN E 374 18.72 117.11 -9.67
CA GLN E 374 17.30 117.05 -10.02
C GLN E 374 16.93 115.78 -10.79
N TYR E 375 15.79 115.18 -10.42
CA TYR E 375 15.27 113.95 -11.03
C TYR E 375 14.27 114.25 -12.15
N GLN E 376 14.76 114.19 -13.40
CA GLN E 376 14.01 114.42 -14.65
C GLN E 376 13.33 115.81 -14.71
N GLY E 377 13.69 116.69 -13.77
CA GLY E 377 13.15 118.04 -13.67
C GLY E 377 12.90 118.47 -12.23
N LYS E 378 12.32 117.57 -11.41
CA LYS E 378 12.01 117.79 -9.99
C LYS E 378 13.30 117.95 -9.18
N ASP E 379 13.50 119.12 -8.55
CA ASP E 379 14.70 119.44 -7.75
C ASP E 379 14.86 118.55 -6.52
N ILE E 380 16.11 118.40 -6.02
CA ILE E 380 16.45 117.60 -4.84
C ILE E 380 15.73 118.11 -3.57
N THR E 381 15.56 119.44 -3.47
CA THR E 381 14.89 120.13 -2.37
C THR E 381 13.39 119.80 -2.28
N GLU E 382 12.78 119.45 -3.42
CA GLU E 382 11.36 119.06 -3.55
C GLU E 382 11.12 117.67 -2.92
N PHE E 383 12.21 116.95 -2.57
CA PHE E 383 12.14 115.62 -1.94
C PHE E 383 12.58 115.63 -0.49
N ASP E 384 11.86 114.86 0.34
CA ASP E 384 12.07 114.70 1.77
C ASP E 384 13.17 113.68 2.07
N PHE E 385 13.96 113.93 3.14
CA PHE E 385 15.05 113.06 3.57
C PHE E 385 14.75 112.38 4.90
N ASN E 386 14.67 111.04 4.89
CA ASN E 386 14.39 110.22 6.07
C ASN E 386 15.42 109.12 6.26
N PHE E 387 15.82 108.87 7.52
CA PHE E 387 16.82 107.85 7.87
C PHE E 387 16.41 107.09 9.13
N ASP E 388 17.20 106.07 9.52
CA ASP E 388 16.96 105.27 10.72
C ASP E 388 17.68 105.87 11.94
N GLN E 389 17.96 105.04 12.95
CA GLN E 389 18.64 105.45 14.19
C GLN E 389 20.10 105.79 13.93
N GLN E 390 20.88 104.79 13.47
CA GLN E 390 22.31 104.87 13.22
C GLN E 390 22.68 105.62 11.94
N THR E 391 21.83 105.57 10.89
CA THR E 391 22.07 106.25 9.61
C THR E 391 22.04 107.78 9.80
N SER E 392 20.97 108.30 10.43
CA SER E 392 20.81 109.73 10.72
C SER E 392 21.90 110.24 11.66
N GLN E 393 22.29 109.42 12.66
CA GLN E 393 23.33 109.73 13.64
C GLN E 393 24.71 109.81 12.97
N ASN E 394 24.96 108.97 11.94
CA ASN E 394 26.21 108.96 11.18
C ASN E 394 26.33 110.24 10.35
N ILE E 395 25.22 110.67 9.74
CA ILE E 395 25.15 111.88 8.93
C ILE E 395 25.17 113.13 9.85
N LYS E 396 24.61 113.02 11.07
CA LYS E 396 24.57 114.08 12.09
C LYS E 396 25.99 114.57 12.40
N ASN E 397 26.94 113.62 12.58
CA ASN E 397 28.35 113.89 12.86
C ASN E 397 29.01 114.59 11.67
N GLN E 398 28.70 114.13 10.44
CA GLN E 398 29.21 114.67 9.18
C GLN E 398 28.79 116.12 8.98
N LEU E 399 27.49 116.43 9.19
CA LEU E 399 26.89 117.77 9.04
C LEU E 399 27.53 118.80 9.97
N ALA E 400 27.98 118.37 11.16
CA ALA E 400 28.66 119.21 12.15
C ALA E 400 30.12 119.44 11.76
N GLU E 401 30.77 118.41 11.17
CA GLU E 401 32.17 118.46 10.71
C GLU E 401 32.27 119.31 9.44
N LEU E 402 31.21 119.28 8.60
CA LEU E 402 31.08 120.05 7.36
C LEU E 402 30.50 121.44 7.64
N ASN E 403 30.05 121.66 8.90
CA ASN E 403 29.46 122.87 9.48
C ASN E 403 28.05 123.18 8.97
N ALA E 404 27.80 123.02 7.65
CA ALA E 404 26.48 123.26 7.03
C ALA E 404 25.42 122.30 7.59
N THR E 405 24.40 122.87 8.25
CA THR E 405 23.30 122.13 8.88
C THR E 405 22.31 121.53 7.86
N ASN E 406 22.24 122.11 6.65
CA ASN E 406 21.35 121.65 5.60
C ASN E 406 21.99 120.54 4.77
N ILE E 407 21.25 119.45 4.54
CA ILE E 407 21.69 118.28 3.79
C ILE E 407 21.87 118.59 2.29
N TYR E 408 21.06 119.50 1.73
CA TYR E 408 21.11 119.90 0.32
C TYR E 408 22.36 120.74 -0.04
N THR E 409 22.96 121.40 0.98
CA THR E 409 24.16 122.25 0.86
C THR E 409 25.40 121.37 0.61
N VAL E 410 25.69 120.46 1.55
CA VAL E 410 26.84 119.54 1.50
C VAL E 410 26.48 118.19 0.83
N LEU E 411 25.44 118.21 -0.05
CA LEU E 411 24.89 117.09 -0.82
C LEU E 411 25.97 116.25 -1.53
N ASP E 412 26.97 116.93 -2.12
CA ASP E 412 28.10 116.35 -2.86
C ASP E 412 29.24 115.85 -1.95
N LYS E 413 29.20 116.18 -0.65
CA LYS E 413 30.23 115.79 0.32
C LYS E 413 29.77 114.80 1.39
N ILE E 414 28.47 114.44 1.41
CA ILE E 414 27.93 113.47 2.38
C ILE E 414 28.37 112.05 1.99
N LYS E 415 29.19 111.42 2.85
CA LYS E 415 29.70 110.06 2.65
C LYS E 415 28.68 108.99 3.00
N LEU E 416 28.63 107.92 2.20
CA LEU E 416 27.71 106.81 2.39
C LEU E 416 28.42 105.59 2.94
N ASN E 417 27.86 105.01 4.01
CA ASN E 417 28.40 103.84 4.69
C ASN E 417 27.53 102.60 4.43
N ALA E 418 28.11 101.41 4.68
CA ALA E 418 27.45 100.12 4.49
C ALA E 418 26.33 99.90 5.51
N LYS E 419 25.37 99.02 5.16
CA LYS E 419 24.21 98.62 5.97
C LYS E 419 23.22 99.78 6.26
N MET E 420 23.47 100.97 5.71
CA MET E 420 22.64 102.17 5.87
C MET E 420 21.26 102.00 5.23
N ASN E 421 20.25 102.68 5.79
CA ASN E 421 18.87 102.67 5.28
C ASN E 421 18.39 104.11 5.14
N ILE E 422 18.17 104.53 3.88
CA ILE E 422 17.76 105.90 3.52
C ILE E 422 16.44 105.88 2.73
N LEU E 423 15.46 106.70 3.17
CA LEU E 423 14.13 106.79 2.54
C LEU E 423 13.91 108.20 1.99
N ILE E 424 13.74 108.31 0.66
CA ILE E 424 13.51 109.58 -0.02
C ILE E 424 12.13 109.56 -0.65
N ARG E 425 11.26 110.49 -0.23
CA ARG E 425 9.88 110.60 -0.70
C ARG E 425 9.52 112.02 -1.17
N ASP E 426 8.50 112.13 -2.03
CA ASP E 426 8.05 113.42 -2.57
C ASP E 426 7.32 114.22 -1.49
N LYS E 427 7.74 115.49 -1.27
CA LYS E 427 7.17 116.39 -0.27
C LYS E 427 5.72 116.79 -0.58
N ARG E 428 5.29 116.69 -1.85
CA ARG E 428 3.95 117.03 -2.35
C ARG E 428 2.83 116.27 -1.64
N PHE E 429 3.07 114.99 -1.33
CA PHE E 429 2.09 114.10 -0.73
C PHE E 429 2.35 113.78 0.74
N HIS E 430 1.34 113.18 1.40
CA HIS E 430 1.37 112.75 2.80
C HIS E 430 1.63 111.24 2.84
N TYR E 431 2.32 110.77 3.89
CA TYR E 431 2.69 109.36 4.02
C TYR E 431 2.26 108.73 5.33
N ASP E 432 1.75 107.49 5.24
CA ASP E 432 1.28 106.69 6.36
C ASP E 432 2.42 105.90 7.02
N ARG E 433 2.08 104.90 7.87
CA ARG E 433 3.04 104.03 8.56
C ARG E 433 3.73 103.05 7.60
N ASN E 434 3.11 102.78 6.43
CA ASN E 434 3.66 101.90 5.39
C ASN E 434 4.43 102.70 4.32
N ASN E 435 4.58 104.03 4.52
CA ASN E 435 5.28 105.00 3.67
C ASN E 435 4.74 105.06 2.21
N ILE E 436 3.42 104.94 2.03
CA ILE E 436 2.79 105.03 0.71
C ILE E 436 1.97 106.31 0.59
N ALA E 437 1.91 106.88 -0.64
CA ALA E 437 1.18 108.12 -0.94
C ALA E 437 -0.32 107.95 -0.65
N VAL E 438 -0.83 108.68 0.38
CA VAL E 438 -2.23 108.59 0.82
C VAL E 438 -3.07 109.81 0.39
N GLY E 439 -2.58 111.01 0.67
CA GLY E 439 -3.25 112.27 0.34
C GLY E 439 -2.28 113.39 0.03
N ALA E 440 -2.81 114.61 -0.17
CA ALA E 440 -2.02 115.81 -0.46
C ALA E 440 -2.75 117.10 -0.02
N ASP E 441 -2.04 118.25 -0.08
CA ASP E 441 -2.56 119.59 0.28
C ASP E 441 -3.65 120.01 -0.72
N GLU E 442 -4.76 120.59 -0.22
CA GLU E 442 -5.91 121.07 -1.00
C GLU E 442 -5.51 121.83 -2.26
N SER E 443 -4.45 122.66 -2.16
CA SER E 443 -3.87 123.46 -3.22
C SER E 443 -3.31 122.60 -4.37
N VAL E 444 -2.54 121.55 -4.02
CA VAL E 444 -1.89 120.62 -4.94
C VAL E 444 -2.94 119.85 -5.80
N VAL E 445 -4.07 119.46 -5.18
CA VAL E 445 -5.16 118.74 -5.84
C VAL E 445 -5.84 119.62 -6.91
N LYS E 446 -6.02 120.92 -6.60
CA LYS E 446 -6.65 121.91 -7.49
C LYS E 446 -5.82 122.21 -8.75
N GLU E 447 -4.49 121.99 -8.70
CA GLU E 447 -3.57 122.21 -9.82
C GLU E 447 -3.75 121.21 -10.95
N ALA E 448 -3.97 119.92 -10.61
CA ALA E 448 -4.15 118.84 -11.58
C ALA E 448 -5.54 118.84 -12.22
N HIS E 449 -6.57 119.28 -11.46
CA HIS E 449 -7.96 119.34 -11.90
C HIS E 449 -8.36 120.69 -12.55
N ARG E 450 -7.35 121.50 -12.90
CA ARG E 450 -7.51 122.80 -13.55
C ARG E 450 -7.86 122.62 -15.04
N GLU E 451 -7.16 121.70 -15.73
CA GLU E 451 -7.33 121.41 -17.15
C GLU E 451 -8.67 120.69 -17.44
N VAL E 452 -9.60 121.41 -18.10
CA VAL E 452 -10.93 120.90 -18.47
C VAL E 452 -10.95 120.64 -19.99
N ILE E 453 -11.39 119.43 -20.38
CA ILE E 453 -11.47 119.04 -21.80
C ILE E 453 -12.93 119.06 -22.31
N ASN E 454 -13.86 118.47 -21.54
CA ASN E 454 -15.28 118.40 -21.88
C ASN E 454 -16.18 118.84 -20.71
N SER E 455 -17.22 119.64 -21.02
CA SER E 455 -18.20 120.14 -20.05
C SER E 455 -19.61 119.70 -20.48
N SER E 456 -20.05 118.54 -19.97
CA SER E 456 -21.36 117.95 -20.29
C SER E 456 -22.10 117.49 -19.03
N THR E 457 -23.46 117.43 -19.13
CA THR E 457 -24.36 116.99 -18.05
C THR E 457 -24.24 115.48 -17.81
N GLU E 458 -23.73 114.73 -18.80
CA GLU E 458 -23.51 113.28 -18.75
C GLU E 458 -22.19 112.95 -18.04
N GLY E 459 -21.12 113.66 -18.41
CA GLY E 459 -19.79 113.47 -17.85
C GLY E 459 -18.84 114.65 -17.97
N LEU E 460 -17.75 114.61 -17.19
CA LEU E 460 -16.71 115.64 -17.18
C LEU E 460 -15.32 115.04 -17.45
N LEU E 461 -14.81 115.22 -18.68
CA LEU E 461 -13.49 114.74 -19.08
C LEU E 461 -12.47 115.83 -18.79
N LEU E 462 -11.45 115.51 -17.97
CA LEU E 462 -10.42 116.45 -17.56
C LEU E 462 -9.01 115.86 -17.67
N ASN E 463 -8.04 116.71 -18.03
CA ASN E 463 -6.63 116.30 -18.18
C ASN E 463 -5.92 116.33 -16.82
N ILE E 464 -6.29 115.40 -15.94
CA ILE E 464 -5.74 115.27 -14.59
C ILE E 464 -4.43 114.49 -14.64
N ASP E 465 -3.40 114.98 -13.92
CA ASP E 465 -2.08 114.36 -13.83
C ASP E 465 -2.16 112.96 -13.21
N LYS E 466 -1.41 111.99 -13.77
CA LYS E 466 -1.40 110.57 -13.35
C LYS E 466 -0.83 110.35 -11.96
N ASP E 467 0.18 111.13 -11.56
CA ASP E 467 0.83 111.05 -10.25
C ASP E 467 -0.06 111.61 -9.13
N ILE E 468 -0.78 112.72 -9.41
CA ILE E 468 -1.68 113.39 -8.47
C ILE E 468 -2.97 112.58 -8.25
N ARG E 469 -3.54 112.01 -9.32
CA ARG E 469 -4.78 111.23 -9.28
C ARG E 469 -4.65 109.90 -8.50
N LYS E 470 -3.40 109.46 -8.23
CA LYS E 470 -3.10 108.23 -7.49
C LYS E 470 -3.53 108.29 -6.03
N ILE E 471 -3.58 109.51 -5.44
CA ILE E 471 -4.01 109.72 -4.05
C ILE E 471 -5.53 109.99 -3.96
N LEU E 472 -6.25 109.91 -5.10
CA LEU E 472 -7.68 110.15 -5.18
C LEU E 472 -8.48 108.84 -5.07
N SER E 473 -9.51 108.85 -4.21
CA SER E 473 -10.40 107.71 -3.94
C SER E 473 -11.74 107.84 -4.68
N GLY E 474 -12.15 109.08 -4.92
CA GLY E 474 -13.39 109.41 -5.60
C GLY E 474 -13.78 110.87 -5.46
N TYR E 475 -14.88 111.26 -6.12
CA TYR E 475 -15.37 112.63 -6.08
C TYR E 475 -16.84 112.65 -5.70
N ILE E 476 -17.28 113.76 -5.10
CA ILE E 476 -18.67 113.95 -4.68
C ILE E 476 -19.41 114.80 -5.72
N VAL E 477 -20.59 114.32 -6.19
CA VAL E 477 -21.42 114.99 -7.19
C VAL E 477 -22.63 115.65 -6.50
N GLU E 478 -22.73 116.99 -6.60
CA GLU E 478 -23.83 117.76 -6.00
C GLU E 478 -24.23 119.00 -6.83
N ILE E 479 -25.45 119.49 -6.62
CA ILE E 479 -26.01 120.67 -7.28
C ILE E 479 -26.30 121.73 -6.20
N GLU E 480 -25.49 122.80 -6.17
CA GLU E 480 -25.64 123.91 -5.22
C GLU E 480 -26.58 124.97 -5.79
N ASP E 481 -27.63 125.31 -5.01
CA ASP E 481 -28.63 126.31 -5.40
C ASP E 481 -28.08 127.73 -5.29
N THR E 482 -28.64 128.67 -6.09
CA THR E 482 -28.33 130.10 -6.06
C THR E 482 -28.82 130.63 -4.71
N GLU E 483 -29.88 129.98 -4.19
CA GLU E 483 -30.53 130.20 -2.89
C GLU E 483 -29.55 129.84 -1.77
N GLY E 484 -28.80 128.74 -1.96
CA GLY E 484 -27.80 128.26 -1.02
C GLY E 484 -28.05 126.86 -0.49
N LEU E 485 -28.71 126.00 -1.28
CA LEU E 485 -29.01 124.62 -0.89
C LEU E 485 -28.03 123.65 -1.53
N LYS E 486 -27.41 122.77 -0.70
CA LYS E 486 -26.43 121.78 -1.17
C LYS E 486 -27.04 120.37 -1.32
N GLU E 487 -27.73 120.13 -2.45
CA GLU E 487 -28.33 118.83 -2.73
C GLU E 487 -27.29 117.92 -3.35
N VAL E 488 -27.00 116.77 -2.70
CA VAL E 488 -25.98 115.81 -3.14
C VAL E 488 -26.59 114.57 -3.82
N ILE E 489 -26.15 114.28 -5.05
CA ILE E 489 -26.59 113.13 -5.86
C ILE E 489 -25.93 111.86 -5.30
N ASN E 490 -24.58 111.79 -5.44
CA ASN E 490 -23.75 110.68 -4.97
C ASN E 490 -23.48 110.92 -3.49
N ASP E 491 -24.42 110.47 -2.63
CA ASP E 491 -24.35 110.70 -1.18
C ASP E 491 -24.45 109.42 -0.34
N ARG E 492 -23.30 108.73 -0.15
CA ARG E 492 -23.12 107.50 0.65
C ARG E 492 -21.62 107.22 0.91
N TYR E 493 -21.31 106.32 1.87
CA TYR E 493 -19.96 105.91 2.25
C TYR E 493 -19.19 105.22 1.11
N ASP E 494 -19.94 104.54 0.22
CA ASP E 494 -19.41 103.78 -0.92
C ASP E 494 -19.56 104.50 -2.27
N MET E 495 -20.54 105.43 -2.37
CA MET E 495 -20.83 106.20 -3.58
C MET E 495 -19.73 107.25 -3.83
N LEU E 496 -18.54 106.78 -4.22
CA LEU E 496 -17.39 107.64 -4.48
C LEU E 496 -16.69 107.34 -5.80
N ASN E 497 -16.67 106.05 -6.23
CA ASN E 497 -16.03 105.66 -7.48
C ASN E 497 -16.83 106.15 -8.70
N ILE E 498 -16.24 107.11 -9.43
CA ILE E 498 -16.78 107.76 -10.62
C ILE E 498 -15.61 108.05 -11.58
N SER E 499 -14.39 108.07 -11.01
CA SER E 499 -13.12 108.32 -11.69
C SER E 499 -12.72 107.14 -12.57
N SER E 500 -12.95 107.26 -13.90
CA SER E 500 -12.62 106.24 -14.89
C SER E 500 -11.66 106.80 -15.94
N LEU E 501 -10.40 106.42 -15.82
CA LEU E 501 -9.28 106.88 -16.64
C LEU E 501 -9.28 106.28 -18.04
N ARG E 502 -9.27 107.17 -19.05
CA ARG E 502 -9.23 106.84 -20.48
C ARG E 502 -7.78 106.71 -20.90
N GLN E 503 -7.48 105.85 -21.90
CA GLN E 503 -6.11 105.61 -22.35
C GLN E 503 -5.47 106.84 -23.05
N ASP E 504 -6.28 107.85 -23.42
CA ASP E 504 -5.84 109.10 -24.06
C ASP E 504 -5.01 110.00 -23.13
N GLY E 505 -5.13 109.77 -21.82
CA GLY E 505 -4.41 110.50 -20.78
C GLY E 505 -5.28 111.45 -19.99
N LYS E 506 -6.61 111.28 -20.09
CA LYS E 506 -7.59 112.14 -19.42
C LYS E 506 -8.54 111.32 -18.56
N THR E 507 -8.77 111.78 -17.32
CA THR E 507 -9.67 111.13 -16.37
C THR E 507 -11.10 111.56 -16.66
N PHE E 508 -11.97 110.59 -16.98
CA PHE E 508 -13.37 110.84 -17.30
C PHE E 508 -14.22 110.67 -16.05
N ILE E 509 -14.94 111.74 -15.67
CA ILE E 509 -15.81 111.74 -14.51
C ILE E 509 -17.25 111.49 -14.97
N ASP E 510 -17.93 110.52 -14.35
CA ASP E 510 -19.30 110.18 -14.69
C ASP E 510 -20.24 110.21 -13.50
N PHE E 511 -21.23 111.10 -13.54
CA PHE E 511 -22.23 111.24 -12.47
C PHE E 511 -23.36 110.24 -12.67
N LYS E 512 -23.56 109.79 -13.93
CA LYS E 512 -24.57 108.81 -14.37
C LYS E 512 -24.41 107.43 -13.70
N LYS E 513 -23.22 107.17 -13.14
CA LYS E 513 -22.85 105.94 -12.45
C LYS E 513 -23.77 105.66 -11.25
N TYR E 514 -24.16 106.72 -10.51
CA TYR E 514 -25.05 106.62 -9.35
C TYR E 514 -26.41 107.35 -9.55
N ASN E 515 -26.56 108.13 -10.64
CA ASN E 515 -27.82 108.86 -10.94
C ASN E 515 -28.76 108.03 -11.85
N ASP E 516 -28.75 106.69 -11.68
CA ASP E 516 -29.57 105.68 -12.37
C ASP E 516 -29.48 105.77 -13.91
N LYS E 517 -28.24 105.84 -14.45
CA LYS E 517 -27.91 105.93 -15.88
C LYS E 517 -28.47 107.19 -16.57
N LEU E 518 -28.84 108.21 -15.78
CA LEU E 518 -29.42 109.45 -16.27
C LEU E 518 -28.51 110.66 -16.01
N PRO E 519 -28.36 111.60 -16.98
CA PRO E 519 -27.50 112.77 -16.73
C PRO E 519 -28.09 113.73 -15.69
N LEU E 520 -27.25 114.59 -15.11
CA LEU E 520 -27.65 115.55 -14.07
C LEU E 520 -28.73 116.51 -14.53
N TYR E 521 -29.83 116.56 -13.76
CA TYR E 521 -30.98 117.42 -14.01
C TYR E 521 -30.66 118.87 -13.68
N ILE E 522 -30.81 119.76 -14.69
CA ILE E 522 -30.54 121.19 -14.54
C ILE E 522 -31.86 121.89 -14.17
N SER E 523 -32.13 121.99 -12.86
CA SER E 523 -33.33 122.63 -12.30
C SER E 523 -33.35 124.12 -12.63
N ASN E 524 -32.15 124.74 -12.69
CA ASN E 524 -31.92 126.14 -13.01
C ASN E 524 -30.51 126.25 -13.62
N PRO E 525 -30.34 126.84 -14.83
CA PRO E 525 -28.99 126.96 -15.42
C PRO E 525 -28.05 127.91 -14.67
N ASN E 526 -28.60 128.73 -13.75
CA ASN E 526 -27.84 129.67 -12.92
C ASN E 526 -27.22 128.99 -11.68
N TYR E 527 -27.70 127.77 -11.32
CA TYR E 527 -27.20 126.96 -10.19
C TYR E 527 -25.73 126.55 -10.36
N LYS E 528 -25.00 126.43 -9.25
CA LYS E 528 -23.59 126.03 -9.23
C LYS E 528 -23.46 124.51 -9.16
N VAL E 529 -22.79 123.88 -10.15
CA VAL E 529 -22.59 122.44 -10.15
C VAL E 529 -21.26 122.13 -9.46
N ASN E 530 -21.32 121.88 -8.16
CA ASN E 530 -20.15 121.60 -7.33
C ASN E 530 -19.74 120.12 -7.39
N VAL E 531 -18.52 119.86 -7.88
CA VAL E 531 -17.92 118.53 -7.97
C VAL E 531 -16.63 118.59 -7.14
N TYR E 532 -16.64 117.92 -5.97
CA TYR E 532 -15.51 117.92 -5.04
C TYR E 532 -14.44 116.88 -5.41
N ALA E 533 -13.57 116.54 -4.44
CA ALA E 533 -12.48 115.58 -4.54
C ALA E 533 -12.17 114.99 -3.16
N VAL E 534 -12.19 113.65 -3.07
CA VAL E 534 -11.93 112.94 -1.81
C VAL E 534 -10.67 112.08 -1.94
N THR E 535 -9.69 112.34 -1.05
CA THR E 535 -8.44 111.59 -1.03
C THR E 535 -8.63 110.20 -0.38
N LYS E 536 -7.64 109.31 -0.55
CA LYS E 536 -7.61 107.97 0.00
C LYS E 536 -7.51 107.98 1.53
N GLU E 537 -6.83 109.00 2.08
CA GLU E 537 -6.65 109.15 3.53
C GLU E 537 -7.92 109.65 4.24
N ASN E 538 -8.78 110.37 3.51
CA ASN E 538 -10.03 110.95 4.04
C ASN E 538 -11.27 110.10 3.81
N THR E 539 -11.25 109.19 2.83
CA THR E 539 -12.39 108.33 2.50
C THR E 539 -12.74 107.31 3.61
N ILE E 540 -14.04 107.01 3.75
CA ILE E 540 -14.53 106.04 4.73
C ILE E 540 -14.94 104.76 4.03
N ILE E 541 -14.30 103.66 4.44
CA ILE E 541 -14.52 102.31 3.94
C ILE E 541 -15.79 101.69 4.51
N ASN E 542 -16.21 102.15 5.72
CA ASN E 542 -17.39 101.68 6.44
C ASN E 542 -18.16 102.85 7.09
N PRO E 543 -19.51 102.76 7.31
CA PRO E 543 -20.21 103.88 7.95
C PRO E 543 -19.91 103.98 9.45
N SER E 544 -20.27 105.12 10.08
CA SER E 544 -20.04 105.39 11.50
C SER E 544 -20.92 104.50 12.42
N GLU E 545 -20.83 104.71 13.76
CA GLU E 545 -21.59 103.98 14.78
C GLU E 545 -23.11 104.13 14.56
N ASN E 546 -23.54 105.32 14.07
CA ASN E 546 -24.93 105.67 13.76
C ASN E 546 -25.38 105.13 12.40
N GLY E 547 -24.44 104.58 11.62
CA GLY E 547 -24.69 104.08 10.28
C GLY E 547 -24.72 105.22 9.29
N ASP E 548 -23.66 106.05 9.31
CA ASP E 548 -23.52 107.23 8.46
C ASP E 548 -23.26 106.88 6.99
N THR E 549 -24.34 106.70 6.21
CA THR E 549 -24.28 106.41 4.78
C THR E 549 -24.49 107.74 4.03
N SER E 550 -23.60 108.72 4.32
CA SER E 550 -23.65 110.06 3.74
C SER E 550 -22.26 110.66 3.53
N THR E 551 -22.14 111.51 2.49
CA THR E 551 -20.89 112.17 2.08
C THR E 551 -20.60 113.47 2.87
N ASN E 552 -21.50 113.83 3.81
CA ASN E 552 -21.37 115.04 4.65
C ASN E 552 -20.16 114.97 5.59
N GLY E 553 -19.99 113.82 6.25
CA GLY E 553 -18.89 113.57 7.18
C GLY E 553 -17.54 113.40 6.50
N ILE E 554 -17.55 112.96 5.23
CA ILE E 554 -16.35 112.74 4.42
C ILE E 554 -15.69 114.07 4.06
N LYS E 555 -14.37 114.19 4.33
CA LYS E 555 -13.60 115.40 4.04
C LYS E 555 -13.46 115.61 2.54
N LYS E 556 -14.22 116.58 2.02
CA LYS E 556 -14.27 116.94 0.60
C LYS E 556 -13.43 118.18 0.27
N ILE E 557 -12.69 118.11 -0.85
CA ILE E 557 -11.81 119.17 -1.36
C ILE E 557 -12.46 119.76 -2.63
N LEU E 558 -12.71 121.09 -2.62
CA LEU E 558 -13.32 121.82 -3.75
C LEU E 558 -12.42 121.69 -4.98
N ILE E 559 -12.94 121.09 -6.06
CA ILE E 559 -12.15 120.85 -7.27
C ILE E 559 -12.83 121.38 -8.55
N PHE E 560 -14.18 121.42 -8.58
CA PHE E 560 -14.94 121.90 -9.73
C PHE E 560 -16.19 122.64 -9.23
N SER E 561 -16.37 123.89 -9.67
CA SER E 561 -17.51 124.71 -9.26
C SER E 561 -18.04 125.59 -10.41
N LYS E 562 -18.05 125.06 -11.64
CA LYS E 562 -18.56 125.78 -12.81
C LYS E 562 -20.09 125.73 -12.80
N LYS E 563 -20.73 126.87 -13.06
CA LYS E 563 -22.19 127.03 -13.08
C LYS E 563 -22.86 126.24 -14.21
N GLY E 564 -24.15 125.96 -14.03
CA GLY E 564 -25.00 125.20 -14.95
C GLY E 564 -24.98 125.66 -16.40
N TYR E 565 -24.83 126.98 -16.64
CA TYR E 565 -24.79 127.56 -17.98
C TYR E 565 -23.42 127.41 -18.67
N GLU E 566 -22.33 127.29 -17.88
CA GLU E 566 -20.96 127.12 -18.38
C GLU E 566 -20.70 125.72 -18.95
N ILE E 567 -21.55 124.75 -18.57
CA ILE E 567 -21.50 123.34 -18.99
C ILE E 567 -22.62 123.03 -20.01
N GLY E 568 -23.86 123.31 -19.61
CA GLY E 568 -25.06 123.07 -20.42
C GLY E 568 -26.31 123.16 -19.55
N THR F 7 60.18 82.32 -3.10
CA THR F 7 59.26 81.45 -2.35
C THR F 7 58.94 82.03 -0.98
N VAL F 8 57.66 81.96 -0.59
CA VAL F 8 57.14 82.48 0.68
C VAL F 8 56.95 81.31 1.66
N PRO F 9 57.50 81.38 2.89
CA PRO F 9 57.32 80.26 3.84
C PRO F 9 55.96 80.26 4.53
N ASP F 10 55.08 79.36 4.07
CA ASP F 10 53.73 79.17 4.60
C ASP F 10 53.42 77.68 4.75
N ARG F 11 53.24 77.24 5.99
CA ARG F 11 52.96 75.84 6.33
C ARG F 11 51.47 75.56 6.27
N ASP F 12 50.63 76.48 6.81
CA ASP F 12 49.17 76.36 6.77
C ASP F 12 48.63 76.78 5.41
N ASN F 13 49.48 77.47 4.61
CA ASN F 13 49.21 77.93 3.25
C ASN F 13 47.92 78.76 3.16
N ASP F 14 47.54 79.35 4.31
CA ASP F 14 46.37 80.21 4.52
C ASP F 14 46.50 81.51 3.72
N GLY F 15 47.73 82.05 3.69
CA GLY F 15 48.10 83.30 3.03
C GLY F 15 49.09 84.07 3.89
N ILE F 16 48.98 83.89 5.22
CA ILE F 16 49.85 84.53 6.21
C ILE F 16 51.11 83.68 6.37
N PRO F 17 52.30 84.25 6.11
CA PRO F 17 53.54 83.46 6.24
C PRO F 17 53.91 83.16 7.68
N ASP F 18 54.74 82.11 7.87
CA ASP F 18 55.23 81.64 9.17
C ASP F 18 55.81 82.75 10.03
N SER F 19 56.59 83.66 9.41
CA SER F 19 57.23 84.80 10.07
C SER F 19 56.24 85.77 10.72
N LEU F 20 55.20 86.18 9.97
CA LEU F 20 54.19 87.11 10.47
C LEU F 20 53.25 86.44 11.47
N GLU F 21 52.82 85.20 11.15
CA GLU F 21 51.91 84.38 11.96
C GLU F 21 52.43 84.16 13.39
N VAL F 22 53.76 84.00 13.55
CA VAL F 22 54.42 83.79 14.83
C VAL F 22 54.66 85.11 15.58
N GLU F 23 55.39 86.05 14.95
CA GLU F 23 55.79 87.32 15.56
C GLU F 23 54.65 88.34 15.75
N GLY F 24 53.89 88.62 14.69
CA GLY F 24 52.80 89.58 14.72
C GLY F 24 52.47 90.16 13.35
N TYR F 25 51.18 90.50 13.11
CA TYR F 25 50.70 91.05 11.84
C TYR F 25 49.38 91.85 11.97
N THR F 26 49.01 92.59 10.90
CA THR F 26 47.78 93.39 10.77
C THR F 26 47.44 93.67 9.28
N VAL F 27 46.25 94.22 9.01
CA VAL F 27 45.79 94.53 7.65
C VAL F 27 45.60 96.04 7.50
N ASP F 28 46.14 96.63 6.41
CA ASP F 28 46.02 98.06 6.12
C ASP F 28 45.63 98.31 4.65
N VAL F 29 45.14 99.52 4.34
CA VAL F 29 44.73 99.91 2.98
C VAL F 29 45.67 100.97 2.40
N LYS F 30 46.29 100.64 1.24
CA LYS F 30 47.22 101.53 0.54
C LYS F 30 46.41 102.56 -0.26
N ASN F 31 46.31 102.41 -1.59
CA ASN F 31 45.50 103.27 -2.46
C ASN F 31 44.06 102.89 -2.12
N LYS F 32 43.75 101.60 -2.32
CA LYS F 32 42.48 100.96 -2.01
C LYS F 32 42.78 99.54 -1.55
N ARG F 33 43.76 98.89 -2.23
CA ARG F 33 44.24 97.52 -2.04
C ARG F 33 44.55 97.14 -0.58
N THR F 34 44.19 95.90 -0.20
CA THR F 34 44.42 95.36 1.14
C THR F 34 45.84 94.86 1.24
N PHE F 35 46.54 95.23 2.33
CA PHE F 35 47.93 94.86 2.56
C PHE F 35 48.16 94.25 3.93
N LEU F 36 48.84 93.09 3.95
CA LEU F 36 49.20 92.36 5.17
C LEU F 36 50.64 92.72 5.49
N SER F 37 50.87 93.21 6.71
CA SER F 37 52.19 93.68 7.16
C SER F 37 52.50 93.28 8.61
N PRO F 38 53.79 93.05 8.97
CA PRO F 38 54.11 92.74 10.37
C PRO F 38 53.79 93.89 11.34
N TRP F 39 53.57 93.56 12.61
CA TRP F 39 53.22 94.52 13.65
C TRP F 39 54.33 95.48 14.04
N ILE F 40 54.04 96.80 13.93
CA ILE F 40 54.93 97.89 14.30
C ILE F 40 54.11 98.88 15.13
N SER F 41 54.35 98.89 16.45
CA SER F 41 53.66 99.75 17.43
C SER F 41 53.86 101.24 17.14
N ASN F 42 54.97 101.56 16.45
CA ASN F 42 55.37 102.90 16.04
C ASN F 42 54.32 103.62 15.19
N ILE F 43 53.55 102.89 14.36
CA ILE F 43 52.50 103.50 13.52
C ILE F 43 51.19 102.72 13.54
N HIS F 44 51.24 101.38 13.44
CA HIS F 44 50.05 100.53 13.39
C HIS F 44 49.16 100.68 14.62
N GLU F 45 49.78 100.71 15.82
CA GLU F 45 49.10 100.87 17.12
C GLU F 45 48.52 102.28 17.26
N LYS F 46 49.25 103.28 16.74
CA LYS F 46 48.85 104.68 16.75
C LYS F 46 47.71 104.96 15.77
N LYS F 47 47.66 104.23 14.63
CA LYS F 47 46.61 104.34 13.61
C LYS F 47 45.27 103.82 14.13
N GLY F 48 45.31 102.88 15.06
CA GLY F 48 44.14 102.28 15.68
C GLY F 48 43.82 100.91 15.10
N LEU F 49 44.87 100.12 14.84
CA LEU F 49 44.76 98.77 14.28
C LEU F 49 44.95 97.74 15.37
N THR F 50 44.57 96.50 15.09
CA THR F 50 44.65 95.43 16.09
C THR F 50 45.84 94.51 15.85
N LYS F 51 46.47 94.03 16.93
CA LYS F 51 47.63 93.13 16.86
C LYS F 51 47.13 91.71 16.70
N TYR F 52 47.30 91.15 15.51
CA TYR F 52 46.87 89.80 15.19
C TYR F 52 48.06 88.82 15.20
N LYS F 53 47.83 87.63 15.76
CA LYS F 53 48.81 86.53 15.86
C LYS F 53 48.03 85.22 15.80
N SER F 54 48.35 84.35 14.84
CA SER F 54 47.64 83.07 14.69
C SER F 54 48.58 81.86 14.64
N SER F 55 48.07 80.68 14.24
CA SER F 55 48.85 79.45 14.18
C SER F 55 49.40 79.18 12.77
N PRO F 56 50.73 79.06 12.63
CA PRO F 56 51.32 78.81 11.30
C PRO F 56 51.10 77.40 10.75
N GLU F 57 50.74 76.42 11.60
CA GLU F 57 50.51 75.03 11.17
C GLU F 57 49.01 74.68 11.10
N LYS F 58 48.15 75.57 11.64
CA LYS F 58 46.70 75.40 11.61
C LYS F 58 46.08 76.40 10.65
N TRP F 59 45.28 75.90 9.70
CA TRP F 59 44.58 76.70 8.67
C TRP F 59 43.64 77.70 9.33
N SER F 60 42.93 77.26 10.37
CA SER F 60 42.04 78.06 11.19
C SER F 60 42.40 77.78 12.63
N THR F 61 42.91 78.81 13.32
CA THR F 61 43.33 78.75 14.71
C THR F 61 42.13 78.38 15.58
N ALA F 62 40.98 79.01 15.29
CA ALA F 62 39.71 78.80 15.98
C ALA F 62 39.07 77.46 15.61
N SER F 63 39.65 76.73 14.63
CA SER F 63 39.20 75.43 14.12
C SER F 63 37.81 75.50 13.49
N ASP F 64 37.39 76.71 13.08
CA ASP F 64 36.11 76.96 12.44
C ASP F 64 36.25 76.83 10.90
N PRO F 65 35.14 76.78 10.11
CA PRO F 65 35.29 76.60 8.65
C PRO F 65 35.98 77.72 7.88
N TYR F 66 36.08 78.92 8.49
CA TYR F 66 36.70 80.09 7.86
C TYR F 66 38.20 80.18 8.22
N SER F 67 39.07 80.43 7.22
CA SER F 67 40.52 80.53 7.40
C SER F 67 40.94 81.77 8.18
N ASP F 68 42.15 81.71 8.79
CA ASP F 68 42.75 82.82 9.54
C ASP F 68 42.86 84.05 8.65
N PHE F 69 43.31 83.86 7.40
CA PHE F 69 43.46 84.90 6.39
C PHE F 69 42.12 85.54 6.05
N GLU F 70 41.11 84.70 5.75
CA GLU F 70 39.75 85.10 5.42
C GLU F 70 39.14 86.05 6.48
N LYS F 71 39.44 85.80 7.77
CA LYS F 71 38.96 86.59 8.90
C LYS F 71 39.52 88.02 8.91
N VAL F 72 40.85 88.16 8.75
CA VAL F 72 41.54 89.45 8.80
C VAL F 72 41.40 90.26 7.52
N THR F 73 41.52 89.62 6.33
CA THR F 73 41.41 90.33 5.06
C THR F 73 39.97 90.78 4.79
N GLY F 74 39.00 90.03 5.30
CA GLY F 74 37.58 90.31 5.12
C GLY F 74 36.91 89.41 4.10
N ARG F 75 37.68 88.48 3.50
CA ARG F 75 37.19 87.51 2.51
C ARG F 75 36.42 86.39 3.23
N ILE F 76 35.49 86.77 4.10
CA ILE F 76 34.66 85.91 4.92
C ILE F 76 33.19 86.26 4.72
N ASP F 77 32.28 85.42 5.26
CA ASP F 77 30.84 85.65 5.25
C ASP F 77 30.63 86.92 6.07
N LYS F 78 30.19 88.00 5.41
CA LYS F 78 30.00 89.32 6.01
C LYS F 78 29.09 89.33 7.25
N ASN F 79 28.22 88.32 7.39
CA ASN F 79 27.32 88.15 8.53
C ASN F 79 28.08 87.79 9.81
N VAL F 80 29.27 87.16 9.67
CA VAL F 80 30.14 86.76 10.79
C VAL F 80 30.50 87.98 11.65
N SER F 81 30.26 87.89 12.97
CA SER F 81 30.49 88.91 13.99
C SER F 81 31.83 89.65 13.87
N PRO F 82 31.86 90.98 14.11
CA PRO F 82 33.14 91.73 13.99
C PRO F 82 34.20 91.29 14.99
N GLU F 83 33.77 90.88 16.20
CA GLU F 83 34.67 90.36 17.23
C GLU F 83 35.28 89.03 16.78
N ALA F 84 34.50 88.26 15.99
CA ALA F 84 34.90 86.96 15.44
C ALA F 84 35.83 87.09 14.22
N ARG F 85 35.96 88.31 13.66
CA ARG F 85 36.83 88.58 12.52
C ARG F 85 38.33 88.55 12.90
N HIS F 86 38.62 88.19 14.17
CA HIS F 86 39.97 88.02 14.74
C HIS F 86 40.31 86.52 14.66
N PRO F 87 41.56 86.14 14.28
CA PRO F 87 41.90 84.70 14.16
C PRO F 87 41.83 83.91 15.46
N LEU F 88 41.97 84.58 16.60
CA LEU F 88 41.92 83.94 17.91
C LEU F 88 40.50 83.87 18.50
N VAL F 89 39.48 84.31 17.73
CA VAL F 89 38.07 84.29 18.15
C VAL F 89 37.26 83.33 17.28
N ALA F 90 36.53 82.41 17.92
CA ALA F 90 35.72 81.40 17.23
C ALA F 90 34.46 81.96 16.60
N ALA F 91 34.27 81.67 15.30
CA ALA F 91 33.10 82.07 14.53
C ALA F 91 32.18 80.86 14.44
N TYR F 92 31.41 80.62 15.52
CA TYR F 92 30.51 79.47 15.64
C TYR F 92 29.10 79.85 16.13
N PRO F 93 28.03 79.15 15.64
CA PRO F 93 26.66 79.52 16.06
C PRO F 93 26.11 78.81 17.30
N ILE F 94 25.28 79.54 18.06
CA ILE F 94 24.57 79.07 19.24
C ILE F 94 23.17 79.69 19.13
N VAL F 95 22.12 78.86 19.20
CA VAL F 95 20.73 79.35 19.07
C VAL F 95 19.81 78.66 20.09
N HIS F 96 19.06 79.48 20.83
CA HIS F 96 18.07 79.09 21.83
C HIS F 96 16.69 79.61 21.42
N VAL F 97 15.62 78.96 21.90
CA VAL F 97 14.24 79.34 21.56
C VAL F 97 13.68 80.33 22.57
N ASP F 98 13.27 81.52 22.09
CA ASP F 98 12.68 82.59 22.90
C ASP F 98 11.16 82.58 22.75
N MET F 99 10.45 82.35 23.87
CA MET F 99 9.00 82.31 23.91
C MET F 99 8.49 83.71 24.24
N GLU F 100 7.55 84.22 23.43
CA GLU F 100 6.99 85.57 23.60
C GLU F 100 5.75 85.59 24.48
N ASN F 101 4.85 84.59 24.32
CA ASN F 101 3.59 84.46 25.06
C ASN F 101 3.02 83.04 24.97
N ILE F 102 2.18 82.67 25.95
CA ILE F 102 1.51 81.36 26.00
C ILE F 102 -0.02 81.50 25.95
N ILE F 103 -0.72 80.40 25.65
CA ILE F 103 -2.19 80.32 25.63
C ILE F 103 -2.62 78.90 26.00
N LEU F 104 -3.43 78.77 27.06
CA LEU F 104 -3.90 77.48 27.55
C LEU F 104 -5.41 77.33 27.44
N SER F 105 -5.85 76.18 26.90
CA SER F 105 -7.25 75.82 26.70
C SER F 105 -7.49 74.33 26.93
N LYS F 106 -8.75 73.93 27.20
CA LYS F 106 -9.13 72.52 27.39
C LYS F 106 -9.15 71.81 26.03
N ASN F 107 -8.74 70.54 25.98
CA ASN F 107 -8.67 69.73 24.76
C ASN F 107 -10.00 69.59 24.03
N SER F 123 -4.21 83.09 29.00
CA SER F 123 -3.28 83.77 28.10
C SER F 123 -2.38 84.74 28.88
N LYS F 124 -1.06 84.46 28.91
CA LYS F 124 -0.06 85.26 29.62
C LYS F 124 1.20 85.41 28.75
N ASN F 125 1.88 86.56 28.87
CA ASN F 125 3.11 86.83 28.13
C ASN F 125 4.31 86.20 28.83
N THR F 126 5.23 85.60 28.06
CA THR F 126 6.40 84.92 28.60
C THR F 126 7.71 85.64 28.30
N SER F 127 8.68 85.51 29.22
CA SER F 127 10.02 86.10 29.13
C SER F 127 11.04 84.97 29.11
N THR F 128 11.90 84.97 28.08
CA THR F 128 12.92 83.94 27.91
C THR F 128 14.33 84.51 27.82
N SER F 129 15.29 83.82 28.45
CA SER F 129 16.71 84.16 28.48
C SER F 129 17.52 82.87 28.45
N ARG F 130 18.67 82.85 27.72
CA ARG F 130 19.52 81.67 27.61
C ARG F 130 20.11 81.31 28.97
N THR F 131 19.93 80.05 29.38
CA THR F 131 20.40 79.55 30.68
C THR F 131 21.63 78.68 30.58
N HIS F 132 22.59 78.97 31.45
CA HIS F 132 23.85 78.25 31.57
C HIS F 132 23.91 77.76 33.01
N THR F 133 23.40 76.55 33.22
CA THR F 133 23.28 75.90 34.53
C THR F 133 24.60 75.75 35.29
N SER F 134 24.55 76.09 36.59
CA SER F 134 25.64 76.02 37.54
C SER F 134 25.56 74.70 38.33
N GLU F 135 26.69 74.24 38.85
CA GLU F 135 26.83 73.00 39.62
C GLU F 135 25.99 72.98 40.91
N VAL F 136 25.60 71.77 41.35
CA VAL F 136 24.83 71.50 42.57
C VAL F 136 25.62 71.96 43.81
N HIS F 137 24.91 72.36 44.89
CA HIS F 137 25.53 72.94 46.09
C HIS F 137 26.51 72.02 46.86
N GLY F 138 25.99 71.15 47.71
CA GLY F 138 26.78 70.24 48.55
C GLY F 138 25.88 69.49 49.50
N ASN F 139 24.76 69.00 48.94
CA ASN F 139 23.68 68.29 49.63
C ASN F 139 22.87 67.50 48.62
N ALA F 140 22.75 68.04 47.37
CA ALA F 140 22.00 67.44 46.28
C ALA F 140 22.51 66.05 45.90
N GLU F 141 21.57 65.08 45.88
CA GLU F 141 21.80 63.67 45.58
C GLU F 141 22.29 63.44 44.17
N VAL F 142 23.45 62.79 44.06
CA VAL F 142 24.07 62.44 42.79
C VAL F 142 24.45 60.96 42.80
N HIS F 143 24.38 60.30 41.63
CA HIS F 143 24.73 58.89 41.48
C HIS F 143 26.25 58.67 41.56
N ALA F 144 26.68 57.38 41.67
CA ALA F 144 28.10 57.00 41.77
C ALA F 144 28.95 57.44 40.57
N SER F 145 28.33 57.49 39.37
CA SER F 145 28.97 57.88 38.11
C SER F 145 29.28 59.40 37.99
N PHE F 146 28.64 60.25 38.83
CA PHE F 146 28.85 61.71 38.85
C PHE F 146 30.31 62.08 39.16
N PHE F 147 30.95 61.29 40.03
CA PHE F 147 32.33 61.45 40.43
C PHE F 147 33.27 60.65 39.52
N ASP F 148 32.76 59.52 38.94
CA ASP F 148 33.49 58.62 38.04
C ASP F 148 34.14 59.36 36.89
N ILE F 149 35.47 59.18 36.74
CA ILE F 149 36.32 59.82 35.74
C ILE F 149 35.81 59.53 34.32
N GLY F 150 35.49 60.61 33.60
CA GLY F 150 34.99 60.57 32.24
C GLY F 150 33.49 60.79 32.14
N GLY F 151 32.74 59.70 32.32
CA GLY F 151 31.28 59.70 32.23
C GLY F 151 30.55 60.44 33.33
N SER F 152 29.34 60.95 32.99
CA SER F 152 28.34 61.67 33.81
C SER F 152 28.80 63.02 34.40
N VAL F 153 30.13 63.27 34.54
CA VAL F 153 30.71 64.50 35.11
C VAL F 153 30.15 65.74 34.39
N SER F 154 29.42 66.60 35.15
CA SER F 154 28.86 67.85 34.64
C SER F 154 29.96 68.90 34.39
N ALA F 155 31.14 68.75 35.07
CA ALA F 155 32.36 69.59 35.01
C ALA F 155 32.07 71.10 35.07
N GLY F 156 31.23 71.49 36.02
CA GLY F 156 30.77 72.87 36.22
C GLY F 156 29.61 73.19 35.31
N PHE F 157 29.91 73.40 34.02
CA PHE F 157 28.96 73.73 32.94
C PHE F 157 29.35 73.03 31.61
N SER F 158 28.39 72.30 30.97
CA SER F 158 28.63 71.56 29.73
C SER F 158 28.06 72.21 28.46
N ASN F 159 28.69 71.91 27.30
CA ASN F 159 28.36 72.40 25.97
C ASN F 159 26.97 71.98 25.47
N SER F 160 25.98 72.89 25.63
CA SER F 160 24.60 72.70 25.19
C SER F 160 23.79 74.00 25.23
N ASN F 161 22.65 74.02 24.51
CA ASN F 161 21.74 75.16 24.46
C ASN F 161 20.47 74.82 25.22
N SER F 162 20.16 75.63 26.25
CA SER F 162 18.98 75.49 27.09
C SER F 162 18.47 76.85 27.54
N SER F 163 17.15 77.08 27.43
CA SER F 163 16.54 78.35 27.80
C SER F 163 15.30 78.14 28.68
N THR F 164 15.23 78.88 29.80
CA THR F 164 14.11 78.80 30.74
C THR F 164 13.15 79.98 30.55
N VAL F 165 11.85 79.70 30.38
CA VAL F 165 10.79 80.71 30.20
C VAL F 165 10.16 81.11 31.55
N ALA F 166 9.41 82.22 31.57
CA ALA F 166 8.72 82.71 32.77
C ALA F 166 7.32 83.22 32.45
N THR F 178 -7.58 79.98 40.17
CA THR F 178 -7.20 78.59 39.91
C THR F 178 -7.33 78.28 38.42
N TRP F 179 -6.18 78.20 37.72
CA TRP F 179 -6.06 77.92 36.28
C TRP F 179 -6.78 76.61 35.91
N ALA F 180 -6.70 75.59 36.79
CA ALA F 180 -7.34 74.27 36.66
C ALA F 180 -8.86 74.37 36.58
N GLU F 181 -9.42 75.48 37.11
CA GLU F 181 -10.86 75.78 37.13
C GLU F 181 -11.25 76.93 36.20
N THR F 182 -10.28 77.80 35.81
CA THR F 182 -10.51 78.93 34.91
C THR F 182 -10.81 78.39 33.48
N MET F 183 -10.31 77.17 33.17
CA MET F 183 -10.52 76.46 31.89
C MET F 183 -11.66 75.43 32.00
N GLY F 184 -11.86 74.90 33.21
CA GLY F 184 -12.89 73.91 33.51
C GLY F 184 -12.38 72.49 33.34
N LEU F 185 -11.29 72.16 34.04
CA LEU F 185 -10.64 70.85 33.98
C LEU F 185 -10.77 70.07 35.29
N ASN F 186 -10.68 68.74 35.18
CA ASN F 186 -10.71 67.79 36.30
C ASN F 186 -9.65 66.72 36.06
N THR F 187 -9.41 65.83 37.07
CA THR F 187 -8.41 64.75 37.06
C THR F 187 -8.39 63.95 35.74
N ALA F 188 -9.58 63.72 35.13
CA ALA F 188 -9.75 63.01 33.86
C ALA F 188 -9.47 63.90 32.65
N ASP F 189 -9.89 65.19 32.70
CA ASP F 189 -9.73 66.19 31.64
C ASP F 189 -8.26 66.52 31.34
N THR F 190 -7.96 66.80 30.06
CA THR F 190 -6.62 67.17 29.58
C THR F 190 -6.57 68.60 29.05
N ALA F 191 -5.46 69.30 29.33
CA ALA F 191 -5.22 70.68 28.90
C ALA F 191 -4.22 70.72 27.74
N ARG F 192 -4.55 71.46 26.66
CA ARG F 192 -3.69 71.60 25.49
C ARG F 192 -2.95 72.94 25.49
N LEU F 193 -1.62 72.88 25.42
CA LEU F 193 -0.75 74.06 25.43
C LEU F 193 -0.38 74.50 24.01
N ASN F 194 -0.37 75.83 23.80
CA ASN F 194 -0.02 76.52 22.56
C ASN F 194 0.68 77.81 22.91
N ALA F 195 1.75 78.16 22.17
CA ALA F 195 2.54 79.36 22.46
C ALA F 195 3.19 79.99 21.23
N ASN F 196 3.63 81.25 21.36
CA ASN F 196 4.34 81.99 20.32
C ASN F 196 5.84 81.90 20.61
N ILE F 197 6.58 81.29 19.68
CA ILE F 197 8.02 81.06 19.80
C ILE F 197 8.83 81.71 18.68
N ARG F 198 10.09 82.05 18.98
CA ARG F 198 11.04 82.68 18.04
C ARG F 198 12.44 82.09 18.19
N TYR F 199 13.10 81.81 17.05
CA TYR F 199 14.48 81.30 17.03
C TYR F 199 15.39 82.52 17.02
N VAL F 200 16.40 82.54 17.92
CA VAL F 200 17.30 83.69 18.02
C VAL F 200 18.76 83.25 18.24
N ASN F 201 19.65 83.76 17.38
CA ASN F 201 21.09 83.52 17.35
C ASN F 201 21.84 84.34 18.41
N THR F 202 22.68 83.67 19.23
CA THR F 202 23.52 84.31 20.27
C THR F 202 25.02 84.08 20.01
N GLY F 203 25.32 83.27 18.99
CA GLY F 203 26.68 82.91 18.59
C GLY F 203 27.45 83.97 17.83
N THR F 204 28.27 83.51 16.87
CA THR F 204 29.13 84.36 16.05
C THR F 204 29.04 84.06 14.54
N ALA F 205 28.41 82.94 14.17
CA ALA F 205 28.28 82.50 12.78
C ALA F 205 26.82 82.31 12.29
N PRO F 206 26.53 82.45 10.97
CA PRO F 206 25.12 82.31 10.52
C PRO F 206 24.70 80.93 10.01
N ILE F 207 23.42 80.58 10.23
CA ILE F 207 22.81 79.34 9.72
C ILE F 207 21.92 79.77 8.56
N TYR F 208 22.15 79.16 7.39
CA TYR F 208 21.47 79.55 6.15
C TYR F 208 20.21 78.76 5.79
N ASN F 209 19.97 77.59 6.40
CA ASN F 209 18.76 76.84 6.06
C ASN F 209 18.16 76.07 7.25
N VAL F 210 18.41 74.74 7.34
CA VAL F 210 17.89 73.80 8.35
C VAL F 210 18.03 74.35 9.78
N LEU F 211 16.90 74.38 10.50
CA LEU F 211 16.82 74.84 11.88
C LEU F 211 17.03 73.68 12.86
N PRO F 212 17.69 73.91 14.02
CA PRO F 212 17.92 72.83 14.97
C PRO F 212 16.65 72.33 15.65
N THR F 213 16.71 71.09 16.16
CA THR F 213 15.58 70.47 16.86
C THR F 213 15.57 70.97 18.31
N THR F 214 14.38 71.28 18.82
CA THR F 214 14.21 71.75 20.19
C THR F 214 13.12 70.94 20.91
N SER F 215 13.20 70.88 22.25
CA SER F 215 12.23 70.12 23.05
C SER F 215 11.78 70.88 24.29
N LEU F 216 10.45 71.02 24.48
CA LEU F 216 9.86 71.69 25.63
C LEU F 216 9.78 70.70 26.79
N VAL F 217 10.44 71.04 27.92
CA VAL F 217 10.53 70.19 29.12
C VAL F 217 9.82 70.82 30.33
N LEU F 218 8.88 70.07 30.93
CA LEU F 218 8.17 70.49 32.14
C LEU F 218 8.99 70.04 33.34
N GLY F 219 9.33 70.99 34.21
CA GLY F 219 10.10 70.73 35.42
C GLY F 219 11.54 70.37 35.18
N LYS F 220 11.86 69.06 35.22
CA LYS F 220 13.24 68.58 35.07
C LYS F 220 13.49 67.71 33.85
N ASN F 221 12.66 66.67 33.62
CA ASN F 221 12.85 65.72 32.53
C ASN F 221 11.58 65.41 31.71
N GLN F 222 10.39 65.80 32.24
CA GLN F 222 9.08 65.57 31.60
C GLN F 222 8.98 66.27 30.24
N THR F 223 9.43 65.56 29.19
CA THR F 223 9.44 66.03 27.81
C THR F 223 8.03 66.16 27.25
N LEU F 224 7.53 67.41 27.12
CA LEU F 224 6.20 67.72 26.61
C LEU F 224 6.05 67.53 25.11
N ALA F 225 6.86 68.26 24.31
CA ALA F 225 6.83 68.20 22.85
C ALA F 225 8.18 68.54 22.22
N THR F 226 8.42 68.01 21.01
CA THR F 226 9.64 68.23 20.23
C THR F 226 9.30 69.02 18.97
N ILE F 227 9.86 70.23 18.85
CA ILE F 227 9.61 71.15 17.74
C ILE F 227 10.80 71.23 16.77
N LYS F 228 10.50 71.21 15.46
CA LYS F 228 11.47 71.32 14.37
C LYS F 228 10.75 71.73 13.08
N ALA F 229 11.19 72.83 12.45
CA ALA F 229 10.61 73.32 11.21
C ALA F 229 11.07 72.50 10.01
N LEU F 234 12.94 75.46 4.22
CA LEU F 234 13.17 76.90 4.28
C LEU F 234 14.61 77.28 3.94
N SER F 235 14.83 78.56 3.55
CA SER F 235 16.15 79.12 3.22
C SER F 235 16.33 80.55 3.77
N GLN F 236 15.63 80.87 4.88
CA GLN F 236 15.73 82.16 5.55
C GLN F 236 17.00 82.20 6.39
N ILE F 237 17.80 83.27 6.23
CA ILE F 237 19.09 83.45 6.89
C ILE F 237 18.96 83.90 8.34
N LEU F 238 19.57 83.13 9.26
CA LEU F 238 19.61 83.44 10.68
C LEU F 238 20.97 84.10 10.96
N ALA F 239 20.95 85.43 11.11
CA ALA F 239 22.16 86.22 11.34
C ALA F 239 22.56 86.24 12.82
N PRO F 240 23.89 86.27 13.14
CA PRO F 240 24.29 86.33 14.56
C PRO F 240 23.78 87.61 15.22
N ASN F 241 23.24 87.48 16.45
CA ASN F 241 22.63 88.55 17.25
C ASN F 241 21.39 89.16 16.54
N ASN F 242 20.65 88.30 15.82
CA ASN F 242 19.44 88.67 15.07
C ASN F 242 18.40 87.53 15.11
N TYR F 243 17.12 87.88 15.26
CA TYR F 243 15.98 86.95 15.33
C TYR F 243 15.66 86.31 13.97
N TYR F 244 15.27 85.02 13.97
CA TYR F 244 14.88 84.28 12.76
C TYR F 244 13.52 84.82 12.25
N PRO F 245 12.39 84.74 13.01
CA PRO F 245 11.17 85.36 12.51
C PRO F 245 11.25 86.84 12.87
N SER F 246 12.02 87.59 12.05
CA SER F 246 12.33 89.01 12.19
C SER F 246 11.20 89.81 12.79
N LYS F 247 11.55 90.67 13.77
CA LYS F 247 10.63 91.51 14.54
C LYS F 247 9.60 92.28 13.68
N ASN F 248 9.95 92.61 12.41
CA ASN F 248 9.07 93.29 11.46
C ASN F 248 7.96 92.38 10.88
N LEU F 249 8.14 91.06 11.02
CA LEU F 249 7.21 90.02 10.55
C LEU F 249 6.59 89.26 11.73
N ALA F 250 5.55 88.46 11.48
CA ALA F 250 4.85 87.67 12.48
C ALA F 250 5.70 86.49 13.00
N PRO F 251 5.59 86.11 14.31
CA PRO F 251 6.39 84.96 14.81
C PRO F 251 5.79 83.60 14.46
N ILE F 252 6.26 82.51 15.09
CA ILE F 252 5.77 81.15 14.84
C ILE F 252 5.00 80.58 16.04
N ALA F 253 3.87 79.91 15.75
CA ALA F 253 3.00 79.27 16.75
C ALA F 253 3.41 77.80 16.94
N LEU F 254 2.76 77.10 17.88
CA LEU F 254 3.09 75.71 18.16
C LEU F 254 2.00 74.72 17.76
N ASN F 255 2.22 74.03 16.61
CA ASN F 255 1.39 72.99 15.99
C ASN F 255 -0.11 73.33 15.95
N SER F 262 0.83 69.50 13.08
CA SER F 262 -0.33 68.65 12.94
C SER F 262 -1.10 68.45 14.25
N THR F 263 -0.43 67.89 15.30
CA THR F 263 -1.03 67.64 16.63
C THR F 263 -0.40 68.54 17.71
N PRO F 264 -1.21 69.33 18.47
CA PRO F 264 -0.62 70.20 19.50
C PRO F 264 -0.12 69.46 20.74
N ILE F 265 0.52 70.21 21.66
CA ILE F 265 1.06 69.68 22.92
C ILE F 265 -0.10 69.25 23.83
N THR F 266 -0.01 68.04 24.40
CA THR F 266 -1.01 67.47 25.29
C THR F 266 -0.46 67.32 26.70
N MET F 267 -1.22 67.84 27.69
CA MET F 267 -0.84 67.82 29.09
C MET F 267 -2.00 67.32 29.95
N ASN F 268 -1.71 66.42 30.90
CA ASN F 268 -2.70 65.86 31.83
C ASN F 268 -2.95 66.85 32.97
N TYR F 269 -4.05 66.64 33.74
CA TYR F 269 -4.44 67.48 34.88
C TYR F 269 -3.37 67.57 35.97
N ASN F 270 -2.73 66.43 36.29
CA ASN F 270 -1.67 66.30 37.30
C ASN F 270 -0.41 67.08 36.93
N GLN F 271 -0.04 67.06 35.63
CA GLN F 271 1.12 67.79 35.11
C GLN F 271 0.80 69.27 34.95
N PHE F 272 -0.48 69.61 34.76
CA PHE F 272 -0.96 70.99 34.62
C PHE F 272 -0.84 71.77 35.94
N LEU F 273 -1.06 71.08 37.06
CA LEU F 273 -0.97 71.67 38.40
C LEU F 273 0.48 72.02 38.75
N GLU F 274 1.47 71.32 38.13
CA GLU F 274 2.90 71.58 38.29
C GLU F 274 3.26 72.88 37.60
N LEU F 275 2.68 73.11 36.39
CA LEU F 275 2.86 74.31 35.57
C LEU F 275 2.21 75.52 36.26
N GLU F 276 1.05 75.32 36.92
CA GLU F 276 0.32 76.36 37.64
C GLU F 276 1.10 76.78 38.90
N LYS F 277 1.78 75.81 39.56
CA LYS F 277 2.57 75.99 40.77
C LYS F 277 3.94 76.64 40.51
N THR F 278 4.59 76.28 39.39
CA THR F 278 5.92 76.80 39.03
C THR F 278 5.87 78.05 38.18
N LYS F 279 4.89 78.13 37.23
CA LYS F 279 4.69 79.23 36.27
C LYS F 279 5.95 79.45 35.39
N GLN F 280 6.62 78.33 35.01
CA GLN F 280 7.84 78.28 34.20
C GLN F 280 8.04 76.93 33.49
N LEU F 281 8.76 76.96 32.35
CA LEU F 281 9.10 75.78 31.53
C LEU F 281 10.56 75.86 31.05
N ARG F 282 11.04 74.78 30.40
CA ARG F 282 12.40 74.70 29.86
C ARG F 282 12.39 74.37 28.36
N LEU F 283 13.39 74.88 27.62
CA LEU F 283 13.55 74.67 26.17
C LEU F 283 14.97 74.22 25.85
N ASP F 284 15.14 72.91 25.58
CA ASP F 284 16.42 72.30 25.24
C ASP F 284 16.57 72.16 23.73
N THR F 285 17.49 72.95 23.14
CA THR F 285 17.77 72.97 21.71
C THR F 285 19.14 72.34 21.44
N ASP F 286 19.22 71.50 20.39
CA ASP F 286 20.47 70.85 20.01
C ASP F 286 21.36 71.75 19.15
N GLN F 287 22.61 71.34 18.93
CA GLN F 287 23.59 72.10 18.14
C GLN F 287 23.70 71.62 16.67
N VAL F 288 22.76 70.77 16.20
CA VAL F 288 22.75 70.31 14.81
C VAL F 288 22.15 71.41 13.93
N TYR F 289 22.98 72.03 13.08
CA TYR F 289 22.56 73.13 12.19
C TYR F 289 22.84 72.79 10.71
N GLY F 290 22.34 73.64 9.81
CA GLY F 290 22.50 73.47 8.37
C GLY F 290 23.93 73.63 7.86
N ASN F 291 24.11 73.56 6.53
CA ASN F 291 25.41 73.70 5.88
C ASN F 291 25.99 75.10 6.03
N ILE F 292 27.32 75.22 5.92
CA ILE F 292 28.02 76.49 6.11
C ILE F 292 28.42 77.13 4.79
N ALA F 293 28.18 78.45 4.68
CA ALA F 293 28.54 79.21 3.50
C ALA F 293 30.03 79.53 3.59
N THR F 294 30.84 78.84 2.78
CA THR F 294 32.31 79.00 2.74
C THR F 294 32.76 79.93 1.62
N TYR F 295 33.97 80.51 1.77
CA TYR F 295 34.53 81.42 0.77
C TYR F 295 35.40 80.73 -0.26
N ASN F 296 35.17 81.10 -1.54
CA ASN F 296 35.91 80.64 -2.71
C ASN F 296 36.64 81.86 -3.29
N PHE F 297 37.97 81.81 -3.29
CA PHE F 297 38.91 82.87 -3.66
C PHE F 297 38.72 83.47 -5.07
N GLU F 298 39.07 82.71 -6.12
CA GLU F 298 39.05 83.06 -7.54
C GLU F 298 37.83 83.87 -8.02
N ASN F 299 36.63 83.63 -7.46
CA ASN F 299 35.42 84.35 -7.86
C ASN F 299 34.80 85.23 -6.75
N GLY F 300 35.42 85.26 -5.58
CA GLY F 300 34.99 86.05 -4.42
C GLY F 300 33.56 85.80 -3.97
N ARG F 301 33.01 84.60 -4.26
CA ARG F 301 31.65 84.22 -3.90
C ARG F 301 31.65 83.29 -2.70
N VAL F 302 30.75 83.56 -1.75
CA VAL F 302 30.57 82.76 -0.55
C VAL F 302 29.49 81.70 -0.85
N ARG F 303 29.90 80.58 -1.49
CA ARG F 303 29.01 79.48 -1.87
C ARG F 303 28.79 78.49 -0.71
N VAL F 304 27.51 78.11 -0.48
CA VAL F 304 27.12 77.16 0.57
C VAL F 304 27.59 75.76 0.14
N ASP F 305 28.50 75.19 0.94
CA ASP F 305 29.07 73.86 0.68
C ASP F 305 28.26 72.79 1.39
N THR F 306 27.63 71.90 0.61
CA THR F 306 26.86 70.76 1.12
C THR F 306 27.81 69.71 1.72
N GLY F 307 29.10 69.82 1.39
CA GLY F 307 30.16 68.95 1.87
C GLY F 307 30.46 69.09 3.34
N SER F 308 30.73 70.32 3.81
CA SER F 308 31.02 70.58 5.22
C SER F 308 29.91 71.34 5.91
N ASN F 309 29.35 70.73 6.97
CA ASN F 309 28.28 71.28 7.82
C ASN F 309 28.77 71.40 9.27
N TRP F 310 28.11 72.25 10.09
CA TRP F 310 28.47 72.53 11.47
C TRP F 310 28.62 71.30 12.37
N SER F 311 27.86 70.22 12.09
CA SER F 311 27.93 68.98 12.87
C SER F 311 29.27 68.27 12.75
N GLU F 312 30.07 68.61 11.74
CA GLU F 312 31.39 68.02 11.49
C GLU F 312 32.53 68.89 12.01
N VAL F 313 32.26 70.20 12.18
CA VAL F 313 33.29 71.19 12.55
C VAL F 313 33.11 71.72 13.98
N LEU F 314 31.85 71.92 14.46
CA LEU F 314 31.54 72.44 15.80
C LEU F 314 32.22 71.68 16.96
N PRO F 315 32.27 70.31 17.03
CA PRO F 315 32.95 69.67 18.17
C PRO F 315 34.46 69.95 18.21
N GLN F 316 35.10 70.11 17.02
CA GLN F 316 36.53 70.42 16.88
C GLN F 316 36.88 71.74 17.57
N ILE F 317 35.97 72.72 17.51
CA ILE F 317 36.11 74.03 18.15
C ILE F 317 35.95 73.84 19.67
N GLN F 318 34.89 73.11 20.10
CA GLN F 318 34.55 72.83 21.49
C GLN F 318 35.56 71.92 22.24
N GLU F 319 36.70 71.61 21.60
CA GLU F 319 37.76 70.78 22.19
C GLU F 319 39.14 71.48 22.11
N THR F 320 39.25 72.55 21.28
CA THR F 320 40.48 73.32 21.08
C THR F 320 40.46 74.68 21.76
N THR F 321 39.27 75.28 21.89
CA THR F 321 39.09 76.62 22.45
C THR F 321 38.65 76.65 23.91
N ALA F 322 38.79 77.82 24.56
CA ALA F 322 38.37 78.07 25.93
C ALA F 322 37.06 78.85 25.91
N ARG F 323 36.11 78.48 26.79
CA ARG F 323 34.79 79.08 26.88
C ARG F 323 34.70 80.16 27.97
N ILE F 324 34.32 81.39 27.58
CA ILE F 324 34.17 82.51 28.51
C ILE F 324 32.76 83.12 28.36
N ILE F 325 32.02 83.17 29.49
CA ILE F 325 30.66 83.69 29.58
C ILE F 325 30.69 85.11 30.18
N PHE F 326 29.95 86.06 29.55
CA PHE F 326 29.88 87.45 30.02
C PHE F 326 28.55 88.12 29.74
N ASN F 327 28.09 88.96 30.68
CA ASN F 327 26.82 89.68 30.59
C ASN F 327 26.97 91.20 30.90
N GLY F 328 27.90 91.84 30.21
CA GLY F 328 28.18 93.26 30.38
C GLY F 328 27.11 94.17 29.80
N LYS F 329 26.96 94.15 28.46
CA LYS F 329 25.98 94.95 27.70
C LYS F 329 24.55 94.71 28.17
N ASP F 330 24.20 93.44 28.40
CA ASP F 330 22.88 93.03 28.87
C ASP F 330 23.06 91.86 29.82
N LEU F 331 22.17 91.73 30.81
CA LEU F 331 22.24 90.66 31.81
C LEU F 331 21.77 89.29 31.28
N ASN F 332 22.18 88.98 30.03
CA ASN F 332 21.91 87.73 29.32
C ASN F 332 23.25 87.04 29.08
N LEU F 333 23.32 85.73 29.35
CA LEU F 333 24.53 84.91 29.24
C LEU F 333 25.00 84.73 27.79
N VAL F 334 26.17 85.31 27.47
CA VAL F 334 26.77 85.29 26.12
C VAL F 334 27.94 84.29 26.09
N GLU F 335 27.90 83.33 25.14
CA GLU F 335 28.93 82.31 24.96
C GLU F 335 29.87 82.69 23.81
N ARG F 336 31.16 82.88 24.13
CA ARG F 336 32.18 83.24 23.15
C ARG F 336 33.42 82.40 23.42
N ARG F 337 33.95 81.76 22.37
CA ARG F 337 35.13 80.90 22.52
C ARG F 337 36.39 81.53 21.91
N ILE F 338 37.51 81.41 22.65
CA ILE F 338 38.80 81.98 22.29
C ILE F 338 39.81 80.86 22.08
N ALA F 339 40.61 80.96 21.00
CA ALA F 339 41.66 80.00 20.64
C ALA F 339 42.65 79.87 21.78
N ALA F 340 42.69 78.69 22.39
CA ALA F 340 43.53 78.41 23.54
C ALA F 340 44.60 77.34 23.33
N VAL F 341 45.68 77.43 24.11
CA VAL F 341 46.81 76.51 24.05
C VAL F 341 46.54 75.22 24.81
N ASN F 342 47.07 74.10 24.30
CA ASN F 342 46.93 72.80 24.93
C ASN F 342 48.27 72.06 24.95
N PRO F 343 48.72 71.60 26.13
CA PRO F 343 50.03 70.93 26.20
C PRO F 343 50.09 69.53 25.60
N SER F 344 48.99 68.77 25.69
CA SER F 344 48.88 67.40 25.18
C SER F 344 49.08 67.33 23.68
N ASP F 345 48.32 68.16 22.94
CA ASP F 345 48.39 68.19 21.48
C ASP F 345 49.44 69.19 20.98
N PRO F 346 50.39 68.73 20.12
CA PRO F 346 51.44 69.65 19.62
C PRO F 346 50.93 70.68 18.62
N LEU F 347 49.89 70.33 17.84
CA LEU F 347 49.28 71.22 16.85
C LEU F 347 48.58 72.39 17.54
N GLU F 348 48.11 72.19 18.78
CA GLU F 348 47.47 73.25 19.57
C GLU F 348 48.51 74.10 20.29
N THR F 349 49.76 73.62 20.36
CA THR F 349 50.88 74.35 20.96
C THR F 349 51.37 75.41 19.96
N THR F 350 51.00 75.23 18.68
CA THR F 350 51.33 76.12 17.57
C THR F 350 50.52 77.42 17.65
N LYS F 351 49.36 77.38 18.32
CA LYS F 351 48.47 78.52 18.54
C LYS F 351 49.16 79.50 19.50
N PRO F 352 49.08 80.83 19.29
CA PRO F 352 49.76 81.77 20.20
C PRO F 352 49.23 81.71 21.63
N ASP F 353 50.14 81.85 22.61
CA ASP F 353 49.86 81.81 24.04
C ASP F 353 48.78 82.80 24.42
N MET F 354 47.73 82.32 25.10
CA MET F 354 46.60 83.17 25.45
C MET F 354 46.64 83.68 26.89
N THR F 355 46.36 84.99 27.04
CA THR F 355 46.29 85.72 28.31
C THR F 355 44.84 86.10 28.55
N LEU F 356 44.44 86.19 29.83
CA LEU F 356 43.09 86.58 30.25
C LEU F 356 42.76 88.00 29.79
N LYS F 357 43.76 88.90 29.86
CA LYS F 357 43.68 90.31 29.47
C LYS F 357 43.29 90.48 28.00
N GLU F 358 44.17 90.03 27.06
CA GLU F 358 43.96 90.14 25.62
C GLU F 358 42.72 89.38 25.10
N ALA F 359 42.42 88.20 25.68
CA ALA F 359 41.27 87.38 25.28
C ALA F 359 39.95 88.08 25.52
N LEU F 360 39.76 88.66 26.71
CA LEU F 360 38.57 89.41 27.11
C LEU F 360 38.33 90.63 26.23
N LYS F 361 39.43 91.28 25.78
CA LYS F 361 39.42 92.46 24.91
C LYS F 361 38.90 92.14 23.51
N ILE F 362 39.41 91.05 22.90
CA ILE F 362 39.05 90.62 21.54
C ILE F 362 37.71 89.86 21.50
N ALA F 363 37.30 89.22 22.60
CA ALA F 363 36.06 88.44 22.65
C ALA F 363 34.79 89.24 22.92
N PHE F 364 34.88 90.30 23.74
CA PHE F 364 33.69 91.07 24.10
C PHE F 364 33.81 92.55 23.76
N GLY F 365 34.97 93.13 24.05
CA GLY F 365 35.22 94.54 23.77
C GLY F 365 35.78 95.31 24.95
N PHE F 366 36.64 94.66 25.76
CA PHE F 366 37.28 95.28 26.91
C PHE F 366 38.35 96.25 26.44
N ASN F 367 38.53 97.35 27.18
CA ASN F 367 39.51 98.39 26.86
C ASN F 367 40.48 98.63 28.00
N GLU F 368 41.74 98.96 27.67
CA GLU F 368 42.80 99.22 28.64
C GLU F 368 43.17 100.72 28.55
N PRO F 369 42.45 101.62 29.28
CA PRO F 369 42.75 103.06 29.17
C PRO F 369 43.89 103.55 30.07
N ASN F 370 43.86 103.18 31.37
CA ASN F 370 44.87 103.56 32.35
C ASN F 370 45.93 102.46 32.46
N GLY F 371 45.43 101.22 32.58
CA GLY F 371 46.21 100.00 32.73
C GLY F 371 45.30 98.89 33.22
N ASN F 372 44.25 99.28 33.95
CA ASN F 372 43.20 98.42 34.48
C ASN F 372 42.17 98.16 33.39
N LEU F 373 41.75 96.89 33.25
CA LEU F 373 40.77 96.50 32.24
C LEU F 373 39.36 96.93 32.64
N GLN F 374 38.59 97.43 31.66
CA GLN F 374 37.20 97.89 31.89
C GLN F 374 36.32 97.73 30.64
N TYR F 375 35.07 97.27 30.86
CA TYR F 375 34.09 97.04 29.81
C TYR F 375 33.16 98.24 29.63
N GLN F 376 33.46 99.08 28.61
CA GLN F 376 32.71 100.29 28.24
C GLN F 376 32.59 101.33 29.38
N GLY F 377 33.34 101.10 30.46
CA GLY F 377 33.34 101.96 31.65
C GLY F 377 33.42 101.18 32.94
N LYS F 378 32.64 100.09 33.04
CA LYS F 378 32.57 99.20 34.21
C LYS F 378 33.91 98.48 34.39
N ASP F 379 34.59 98.71 35.54
CA ASP F 379 35.90 98.11 35.87
C ASP F 379 35.85 96.59 35.99
N ILE F 380 37.00 95.91 35.80
CA ILE F 380 37.14 94.44 35.87
C ILE F 380 36.78 93.92 37.28
N THR F 381 37.12 94.70 38.33
CA THR F 381 36.86 94.41 39.74
C THR F 381 35.36 94.38 40.06
N GLU F 382 34.55 95.13 39.29
CA GLU F 382 33.09 95.21 39.42
C GLU F 382 32.42 93.89 38.94
N PHE F 383 33.21 92.99 38.31
CA PHE F 383 32.73 91.70 37.81
C PHE F 383 33.29 90.52 38.61
N ASP F 384 32.42 89.53 38.83
CA ASP F 384 32.69 88.30 39.58
C ASP F 384 33.39 87.25 38.70
N PHE F 385 34.30 86.46 39.29
CA PHE F 385 35.05 85.41 38.60
C PHE F 385 34.65 84.01 39.08
N ASN F 386 34.10 83.18 38.18
CA ASN F 386 33.66 81.82 38.47
C ASN F 386 34.24 80.82 37.49
N PHE F 387 34.64 79.63 37.98
CA PHE F 387 35.23 78.56 37.16
C PHE F 387 34.69 77.19 37.59
N ASP F 388 35.09 76.13 36.87
CA ASP F 388 34.69 74.76 37.17
C ASP F 388 35.70 74.08 38.13
N GLN F 389 35.76 72.73 38.12
CA GLN F 389 36.66 71.94 38.97
C GLN F 389 38.12 72.11 38.54
N GLN F 390 38.44 71.69 37.30
CA GLN F 390 39.77 71.72 36.71
C GLN F 390 40.26 73.10 36.28
N THR F 391 39.34 74.00 35.86
CA THR F 391 39.69 75.36 35.43
C THR F 391 40.23 76.18 36.61
N SER F 392 39.49 76.20 37.73
CA SER F 392 39.87 76.92 38.96
C SER F 392 41.16 76.35 39.54
N GLN F 393 41.34 75.00 39.48
CA GLN F 393 42.51 74.29 39.98
C GLN F 393 43.75 74.62 39.15
N ASN F 394 43.58 74.83 37.83
CA ASN F 394 44.66 75.20 36.91
C ASN F 394 45.14 76.62 37.22
N ILE F 395 44.20 77.54 37.50
CA ILE F 395 44.50 78.93 37.84
C ILE F 395 45.06 79.01 39.28
N LYS F 396 44.62 78.10 40.17
CA LYS F 396 45.07 78.00 41.57
C LYS F 396 46.59 77.83 41.63
N ASN F 397 47.15 76.95 40.77
CA ASN F 397 48.58 76.68 40.66
C ASN F 397 49.33 77.92 40.16
N GLN F 398 48.74 78.61 39.15
CA GLN F 398 49.29 79.83 38.54
C GLN F 398 49.41 80.97 39.56
N LEU F 399 48.33 81.21 40.34
CA LEU F 399 48.26 82.27 41.37
C LEU F 399 49.31 82.10 42.47
N ALA F 400 49.69 80.85 42.77
CA ALA F 400 50.71 80.50 43.75
C ALA F 400 52.11 80.70 43.17
N GLU F 401 52.29 80.40 41.86
CA GLU F 401 53.55 80.57 41.14
C GLU F 401 53.83 82.05 40.88
N LEU F 402 52.75 82.85 40.68
CA LEU F 402 52.80 84.31 40.46
C LEU F 402 52.78 85.05 41.81
N ASN F 403 52.57 84.29 42.92
CA ASN F 403 52.51 84.70 44.33
C ASN F 403 51.25 85.51 44.68
N ALA F 404 50.83 86.46 43.82
CA ALA F 404 49.65 87.31 44.03
C ALA F 404 48.38 86.45 44.08
N THR F 405 47.69 86.48 45.24
CA THR F 405 46.48 85.71 45.50
C THR F 405 45.24 86.29 44.77
N ASN F 406 45.27 87.59 44.43
CA ASN F 406 44.17 88.25 43.72
C ASN F 406 44.28 88.08 42.21
N ILE F 407 43.18 87.68 41.57
CA ILE F 407 43.09 87.45 40.12
C ILE F 407 43.23 88.76 39.31
N TYR F 408 42.75 89.90 39.86
CA TYR F 408 42.81 91.21 39.20
C TYR F 408 44.23 91.79 39.13
N THR F 409 45.12 91.34 40.04
CA THR F 409 46.53 91.76 40.14
C THR F 409 47.34 91.19 38.96
N VAL F 410 47.36 89.85 38.84
CA VAL F 410 48.09 89.12 37.79
C VAL F 410 47.20 88.85 36.54
N LEU F 411 46.17 89.69 36.34
CA LEU F 411 45.17 89.68 35.26
C LEU F 411 45.80 89.51 33.86
N ASP F 412 46.92 90.22 33.61
CA ASP F 412 47.69 90.22 32.36
C ASP F 412 48.66 89.04 32.21
N LYS F 413 48.86 88.25 33.29
CA LYS F 413 49.78 87.11 33.30
C LYS F 413 49.09 85.74 33.45
N ILE F 414 47.76 85.71 33.66
CA ILE F 414 47.01 84.45 33.79
C ILE F 414 46.86 83.79 32.42
N LYS F 415 47.46 82.61 32.26
CA LYS F 415 47.44 81.83 31.02
C LYS F 415 46.14 81.06 30.85
N LEU F 416 45.63 81.02 29.62
CA LEU F 416 44.39 80.31 29.29
C LEU F 416 44.68 79.01 28.56
N ASN F 417 44.07 77.92 29.04
CA ASN F 417 44.22 76.59 28.46
C ASN F 417 42.95 76.13 27.74
N ALA F 418 43.08 75.10 26.88
CA ALA F 418 41.97 74.55 26.10
C ALA F 418 40.96 73.82 26.98
N LYS F 419 39.71 73.69 26.47
CA LYS F 419 38.57 73.01 27.11
C LYS F 419 38.09 73.67 28.42
N MET F 420 38.71 74.79 28.81
CA MET F 420 38.38 75.55 30.03
C MET F 420 36.97 76.15 29.97
N ASN F 421 36.34 76.33 31.14
CA ASN F 421 35.01 76.92 31.26
C ASN F 421 35.06 78.02 32.32
N ILE F 422 34.89 79.29 31.88
CA ILE F 422 34.97 80.49 32.72
C ILE F 422 33.66 81.28 32.65
N LEU F 423 33.09 81.63 33.82
CA LEU F 423 31.84 82.38 33.93
C LEU F 423 32.09 83.73 34.62
N ILE F 424 31.84 84.84 33.90
CA ILE F 424 32.01 86.19 34.42
C ILE F 424 30.66 86.88 34.47
N ARG F 425 30.25 87.29 35.68
CA ARG F 425 28.97 87.94 35.93
C ARG F 425 29.09 89.25 36.71
N ASP F 426 28.10 90.15 36.56
CA ASP F 426 28.09 91.45 37.25
C ASP F 426 27.81 91.27 38.74
N LYS F 427 28.69 91.84 39.60
CA LYS F 427 28.57 91.76 41.06
C LYS F 427 27.35 92.50 41.62
N ARG F 428 26.80 93.47 40.85
CA ARG F 428 25.63 94.29 41.20
C ARG F 428 24.39 93.46 41.51
N PHE F 429 24.17 92.35 40.76
CA PHE F 429 23.00 91.49 40.88
C PHE F 429 23.29 90.14 41.54
N HIS F 430 22.22 89.43 41.91
CA HIS F 430 22.24 88.11 42.51
C HIS F 430 21.93 87.06 41.43
N TYR F 431 22.51 85.85 41.55
CA TYR F 431 22.34 84.80 40.55
C TYR F 431 21.85 83.46 41.11
N ASP F 432 20.92 82.82 40.38
CA ASP F 432 20.31 81.53 40.71
C ASP F 432 21.14 80.34 40.19
N ARG F 433 20.54 79.13 40.16
CA ARG F 433 21.17 77.89 39.69
C ARG F 433 21.37 77.89 38.16
N ASN F 434 20.59 78.70 37.44
CA ASN F 434 20.67 78.85 35.98
C ASN F 434 21.56 80.04 35.57
N ASN F 435 22.20 80.70 36.57
CA ASN F 435 23.11 81.84 36.46
C ASN F 435 22.49 83.08 35.75
N ILE F 436 21.20 83.35 36.00
CA ILE F 436 20.52 84.52 35.43
C ILE F 436 20.19 85.55 36.52
N ALA F 437 20.22 86.84 36.14
CA ALA F 437 19.96 87.98 37.04
C ALA F 437 18.54 87.90 37.63
N VAL F 438 18.45 87.68 38.97
CA VAL F 438 17.18 87.52 39.68
C VAL F 438 16.81 88.77 40.52
N GLY F 439 17.74 89.26 41.32
CA GLY F 439 17.54 90.43 42.18
C GLY F 439 18.82 91.21 42.40
N ALA F 440 18.76 92.24 43.28
CA ALA F 440 19.89 93.12 43.62
C ALA F 440 19.74 93.74 45.02
N ASP F 441 20.82 94.42 45.50
CA ASP F 441 20.85 95.10 46.80
C ASP F 441 19.92 96.30 46.79
N GLU F 442 19.16 96.50 47.90
CA GLU F 442 18.20 97.59 48.10
C GLU F 442 18.72 98.96 47.63
N SER F 443 20.02 99.24 47.89
CA SER F 443 20.72 100.45 47.53
C SER F 443 20.80 100.65 46.01
N VAL F 444 21.16 99.58 45.27
CA VAL F 444 21.31 99.56 43.82
C VAL F 444 19.97 99.87 43.09
N VAL F 445 18.85 99.36 43.63
CA VAL F 445 17.50 99.57 43.07
C VAL F 445 17.09 101.05 43.21
N LYS F 446 17.42 101.68 44.34
CA LYS F 446 17.12 103.10 44.63
C LYS F 446 17.84 104.09 43.71
N GLU F 447 19.00 103.68 43.14
CA GLU F 447 19.81 104.50 42.23
C GLU F 447 19.17 104.72 40.88
N ALA F 448 18.50 103.68 40.32
CA ALA F 448 17.84 103.74 39.03
C ALA F 448 16.48 104.45 39.08
N HIS F 449 15.78 104.36 40.24
CA HIS F 449 14.47 104.96 40.48
C HIS F 449 14.55 106.39 41.07
N ARG F 450 15.75 106.99 41.02
CA ARG F 450 16.02 108.34 41.51
C ARG F 450 15.49 109.40 40.53
N GLU F 451 15.72 109.18 39.21
CA GLU F 451 15.32 110.09 38.13
C GLU F 451 13.80 110.11 37.94
N VAL F 452 13.17 111.24 38.28
CA VAL F 452 11.72 111.45 38.16
C VAL F 452 11.46 112.40 36.99
N ILE F 453 10.55 112.02 36.07
CA ILE F 453 10.20 112.81 34.89
C ILE F 453 8.81 113.45 35.08
N LEU F 461 5.91 108.70 35.58
CA LEU F 461 6.93 108.44 34.56
C LEU F 461 8.31 108.72 35.13
N LEU F 462 9.19 107.70 35.10
CA LEU F 462 10.55 107.80 35.64
C LEU F 462 11.60 107.25 34.69
N ASN F 463 12.80 107.87 34.66
CA ASN F 463 13.91 107.46 33.82
C ASN F 463 14.72 106.34 34.50
N ILE F 464 14.10 105.15 34.58
CA ILE F 464 14.68 103.95 35.21
C ILE F 464 15.60 103.26 34.20
N ASP F 465 16.81 102.86 34.65
CA ASP F 465 17.82 102.17 33.85
C ASP F 465 17.28 100.82 33.36
N LYS F 466 17.57 100.48 32.09
CA LYS F 466 17.11 99.26 31.42
C LYS F 466 17.70 97.97 31.99
N ASP F 467 18.98 98.01 32.43
CA ASP F 467 19.69 96.87 33.03
C ASP F 467 19.19 96.55 34.44
N ILE F 468 18.89 97.60 35.24
CA ILE F 468 18.41 97.48 36.62
C ILE F 468 16.94 97.01 36.66
N ARG F 469 16.08 97.54 35.77
CA ARG F 469 14.66 97.21 35.69
C ARG F 469 14.38 95.74 35.26
N LYS F 470 15.40 95.05 34.73
CA LYS F 470 15.32 93.66 34.29
C LYS F 470 15.11 92.67 35.45
N ILE F 471 15.57 93.03 36.67
CA ILE F 471 15.40 92.20 37.87
C ILE F 471 14.11 92.56 38.64
N LEU F 472 13.31 93.48 38.09
CA LEU F 472 12.06 93.93 38.69
C LEU F 472 10.84 93.15 38.17
N MET F 495 -1.21 91.69 40.85
CA MET F 495 -1.15 92.50 42.06
C MET F 495 0.17 93.30 42.15
N LEU F 496 1.08 93.09 41.18
CA LEU F 496 2.41 93.72 41.16
C LEU F 496 2.78 94.39 39.82
N ASN F 497 2.21 93.89 38.69
CA ASN F 497 2.46 94.43 37.36
C ASN F 497 1.82 95.81 37.19
N ILE F 498 2.67 96.85 37.05
CA ILE F 498 2.26 98.25 36.90
C ILE F 498 3.16 98.98 35.90
N SER F 499 4.44 98.57 35.82
CA SER F 499 5.45 99.16 34.95
C SER F 499 5.17 98.89 33.47
N SER F 500 5.04 99.98 32.70
CA SER F 500 4.77 99.94 31.27
C SER F 500 5.86 100.78 30.57
N LEU F 501 6.92 100.10 30.11
CA LEU F 501 8.07 100.75 29.47
C LEU F 501 7.74 101.38 28.11
N ARG F 502 7.92 102.71 28.02
CA ARG F 502 7.68 103.50 26.83
C ARG F 502 8.90 103.46 25.92
N GLN F 503 8.70 103.74 24.61
CA GLN F 503 9.76 103.74 23.60
C GLN F 503 10.75 104.92 23.77
N ASP F 504 10.40 105.93 24.59
CA ASP F 504 11.24 107.10 24.87
C ASP F 504 12.45 106.78 25.78
N GLY F 505 12.37 105.67 26.51
CA GLY F 505 13.42 105.22 27.42
C GLY F 505 13.10 105.42 28.89
N LYS F 506 11.80 105.64 29.20
CA LYS F 506 11.32 105.87 30.56
C LYS F 506 10.22 104.88 30.92
N THR F 507 10.31 104.30 32.13
CA THR F 507 9.33 103.33 32.64
C THR F 507 8.15 104.10 33.24
N PHE F 508 6.93 103.79 32.77
CA PHE F 508 5.69 104.43 33.23
C PHE F 508 4.94 103.56 34.24
N ILE F 509 4.85 104.04 35.48
CA ILE F 509 4.15 103.38 36.58
C ILE F 509 2.74 103.96 36.68
N ASP F 510 1.72 103.14 36.36
CA ASP F 510 0.31 103.54 36.39
C ASP F 510 -0.42 102.90 37.58
N PHE F 511 -0.80 103.73 38.58
CA PHE F 511 -1.47 103.33 39.82
C PHE F 511 -2.91 102.93 39.58
N LYS F 512 -3.55 103.54 38.55
CA LYS F 512 -4.94 103.31 38.14
C LYS F 512 -5.20 101.85 37.70
N LYS F 513 -4.12 101.09 37.40
CA LYS F 513 -4.14 99.68 36.99
C LYS F 513 -4.87 98.82 38.02
N TYR F 514 -4.62 99.07 39.33
CA TYR F 514 -5.26 98.34 40.43
C TYR F 514 -6.12 99.23 41.35
N ASN F 515 -6.14 100.56 41.10
CA ASN F 515 -6.94 101.53 41.86
C ASN F 515 -8.34 101.75 41.24
N ASP F 516 -8.89 100.68 40.62
CA ASP F 516 -10.20 100.60 39.97
C ASP F 516 -10.41 101.69 38.90
N LYS F 517 -9.39 101.87 38.02
CA LYS F 517 -9.34 102.83 36.91
C LYS F 517 -9.44 104.31 37.37
N LEU F 518 -9.18 104.57 38.66
CA LEU F 518 -9.27 105.91 39.26
C LEU F 518 -7.90 106.42 39.75
N PRO F 519 -7.57 107.73 39.57
CA PRO F 519 -6.28 108.24 40.07
C PRO F 519 -6.21 108.32 41.60
N THR F 535 11.47 92.63 43.61
CA THR F 535 12.34 91.92 42.67
C THR F 535 11.73 90.58 42.24
N LYS F 536 12.31 89.96 41.19
CA LYS F 536 11.89 88.67 40.63
C LYS F 536 12.16 87.51 41.61
N GLU F 537 13.23 87.63 42.42
CA GLU F 537 13.62 86.62 43.40
C GLU F 537 12.73 86.63 44.65
N ASN F 538 12.13 87.79 44.97
CA ASN F 538 11.26 87.98 46.13
C ASN F 538 9.76 87.81 45.87
N THR F 539 9.33 87.97 44.61
CA THR F 539 7.92 87.86 44.21
C THR F 539 7.36 86.44 44.36
N ILE F 540 6.06 86.34 44.69
CA ILE F 540 5.36 85.05 44.82
C ILE F 540 4.44 84.83 43.62
N ILE F 541 4.69 83.73 42.90
CA ILE F 541 3.94 83.29 41.72
C ILE F 541 2.61 82.62 42.10
N ASN F 542 2.56 81.96 43.29
CA ASN F 542 1.38 81.26 43.80
C ASN F 542 1.14 81.56 45.29
N THR F 549 -3.20 85.83 50.18
CA THR F 549 -3.54 86.70 49.07
C THR F 549 -3.27 88.16 49.45
N SER F 550 -2.04 88.44 49.93
CA SER F 550 -1.64 89.76 50.40
C SER F 550 -0.18 90.11 50.09
N THR F 551 0.08 91.41 49.85
CA THR F 551 1.40 91.98 49.53
C THR F 551 2.28 92.27 50.76
N ASN F 552 1.75 92.02 51.97
CA ASN F 552 2.44 92.23 53.25
C ASN F 552 3.66 91.31 53.42
N GLY F 553 3.48 90.02 53.09
CA GLY F 553 4.51 89.00 53.19
C GLY F 553 5.58 89.11 52.12
N ILE F 554 5.24 89.74 50.97
CA ILE F 554 6.13 89.94 49.83
C ILE F 554 7.21 90.99 50.22
N LYS F 555 8.50 90.63 50.01
CA LYS F 555 9.63 91.50 50.35
C LYS F 555 9.66 92.72 49.43
N LYS F 556 9.26 93.87 49.99
CA LYS F 556 9.20 95.15 49.28
C LYS F 556 10.38 96.06 49.61
N ILE F 557 10.91 96.72 48.58
CA ILE F 557 12.05 97.63 48.64
C ILE F 557 11.55 99.08 48.43
N LEU F 558 11.85 99.98 49.40
CA LEU F 558 11.49 101.40 49.39
C LEU F 558 12.10 102.06 48.15
N ILE F 559 11.25 102.57 47.23
CA ILE F 559 11.72 103.15 45.99
C ILE F 559 11.13 104.54 45.72
N THR G 7 66.02 63.14 -2.03
CA THR G 7 64.94 62.21 -1.74
C THR G 7 64.97 61.74 -0.28
N VAL G 8 63.80 61.68 0.36
CA VAL G 8 63.63 61.25 1.75
C VAL G 8 63.13 59.80 1.75
N PRO G 9 63.78 58.87 2.49
CA PRO G 9 63.32 57.47 2.46
C PRO G 9 62.08 57.23 3.34
N ASP G 10 60.91 57.14 2.70
CA ASP G 10 59.63 56.89 3.35
C ASP G 10 58.83 55.87 2.54
N ARG G 11 58.60 54.69 3.12
CA ARG G 11 57.90 53.58 2.48
C ARG G 11 56.38 53.68 2.68
N ASP G 12 55.93 54.04 3.91
CA ASP G 12 54.50 54.16 4.21
C ASP G 12 53.89 55.48 3.75
N ASN G 13 54.74 56.46 3.34
CA ASN G 13 54.36 57.79 2.82
C ASN G 13 53.51 58.61 3.83
N ASP G 14 53.61 58.25 5.11
CA ASP G 14 52.91 58.86 6.24
C ASP G 14 53.38 60.30 6.49
N GLY G 15 54.70 60.47 6.52
CA GLY G 15 55.38 61.73 6.79
C GLY G 15 56.62 61.50 7.63
N ILE G 16 56.71 60.31 8.26
CA ILE G 16 57.85 59.90 9.09
C ILE G 16 58.76 58.99 8.26
N PRO G 17 60.06 59.35 8.12
CA PRO G 17 60.98 58.51 7.32
C PRO G 17 61.32 57.19 8.00
N ASP G 18 61.79 56.22 7.19
CA ASP G 18 62.20 54.87 7.60
C ASP G 18 63.19 54.89 8.77
N SER G 19 64.16 55.82 8.72
CA SER G 19 65.19 55.99 9.75
C SER G 19 64.62 56.31 11.13
N LEU G 20 63.71 57.31 11.21
CA LEU G 20 63.10 57.73 12.47
C LEU G 20 62.08 56.71 12.95
N GLU G 21 61.24 56.19 12.04
CA GLU G 21 60.18 55.21 12.30
C GLU G 21 60.73 53.93 12.98
N VAL G 22 61.94 53.50 12.58
CA VAL G 22 62.60 52.30 13.11
C VAL G 22 63.34 52.59 14.43
N GLU G 23 64.28 53.56 14.43
CA GLU G 23 65.12 53.89 15.58
C GLU G 23 64.39 54.59 16.73
N GLY G 24 63.67 55.68 16.41
CA GLY G 24 62.95 56.47 17.40
C GLY G 24 62.72 57.90 16.95
N TYR G 25 61.57 58.49 17.34
CA TYR G 25 61.18 59.87 17.00
C TYR G 25 60.23 60.51 18.02
N THR G 26 60.11 61.85 17.96
CA THR G 26 59.22 62.67 18.79
C THR G 26 58.87 63.99 18.08
N VAL G 27 57.91 64.74 18.64
CA VAL G 27 57.47 66.01 18.09
C VAL G 27 57.77 67.14 19.09
N ASP G 28 58.40 68.22 18.62
CA ASP G 28 58.75 69.38 19.45
C ASP G 28 58.30 70.70 18.79
N VAL G 29 58.21 71.78 19.59
CA VAL G 29 57.82 73.11 19.10
C VAL G 29 58.98 74.10 19.16
N LYS G 30 59.34 74.66 17.99
CA LYS G 30 60.44 75.63 17.83
C LYS G 30 59.94 77.00 18.30
N ASN G 31 59.66 77.92 17.36
CA ASN G 31 59.11 79.25 17.66
C ASN G 31 57.67 78.95 18.09
N LYS G 32 56.91 78.33 17.18
CA LYS G 32 55.54 77.86 17.35
C LYS G 32 55.39 76.56 16.56
N ARG G 33 56.01 76.52 15.36
CA ARG G 33 56.02 75.43 14.37
C ARG G 33 56.32 74.05 14.95
N THR G 34 55.62 73.01 14.45
CA THR G 34 55.80 71.62 14.87
C THR G 34 56.98 71.01 14.12
N PHE G 35 57.87 70.33 14.85
CA PHE G 35 59.08 69.71 14.31
C PHE G 35 59.22 68.24 14.71
N LEU G 36 59.47 67.38 13.72
CA LEU G 36 59.69 65.94 13.90
C LEU G 36 61.20 65.70 13.94
N SER G 37 61.69 65.06 15.01
CA SER G 37 63.11 64.82 15.23
C SER G 37 63.41 63.44 15.84
N PRO G 38 64.57 62.81 15.53
CA PRO G 38 64.90 61.51 16.16
C PRO G 38 65.07 61.63 17.67
N TRP G 39 64.88 60.51 18.38
CA TRP G 39 64.96 60.45 19.84
C TRP G 39 66.36 60.65 20.41
N ILE G 40 66.50 61.64 21.31
CA ILE G 40 67.74 61.95 22.03
C ILE G 40 67.37 62.07 23.52
N SER G 41 67.74 61.04 24.32
CA SER G 41 67.47 60.96 25.75
C SER G 41 68.12 62.08 26.56
N ASN G 42 69.22 62.65 26.03
CA ASN G 42 69.99 63.74 26.64
C ASN G 42 69.22 65.05 26.76
N ILE G 43 68.20 65.26 25.91
CA ILE G 43 67.42 66.50 25.91
C ILE G 43 65.91 66.25 25.84
N HIS G 44 65.44 65.40 24.90
CA HIS G 44 64.00 65.10 24.72
C HIS G 44 63.35 64.45 25.93
N GLU G 45 64.00 63.43 26.53
CA GLU G 45 63.51 62.70 27.70
C GLU G 45 63.47 63.62 28.92
N LYS G 46 64.48 64.50 29.03
CA LYS G 46 64.61 65.49 30.11
C LYS G 46 63.58 66.61 29.98
N LYS G 47 63.23 67.01 28.73
CA LYS G 47 62.23 68.05 28.43
C LYS G 47 60.82 67.60 28.83
N GLY G 48 60.57 66.30 28.76
CA GLY G 48 59.29 65.69 29.08
C GLY G 48 58.51 65.26 27.85
N LEU G 49 59.18 64.51 26.95
CA LEU G 49 58.58 64.03 25.71
C LEU G 49 58.43 62.51 25.70
N THR G 50 57.61 62.00 24.78
CA THR G 50 57.34 60.57 24.64
C THR G 50 58.17 59.99 23.51
N LYS G 51 58.71 58.77 23.71
CA LYS G 51 59.51 58.05 22.71
C LYS G 51 58.55 57.32 21.78
N TYR G 52 58.44 57.81 20.55
CA TYR G 52 57.55 57.22 19.55
C TYR G 52 58.33 56.36 18.57
N LYS G 53 57.76 55.20 18.25
CA LYS G 53 58.31 54.23 17.29
C LYS G 53 57.13 53.53 16.61
N SER G 54 57.06 53.61 15.28
CA SER G 54 55.97 53.00 14.52
C SER G 54 56.46 52.09 13.39
N SER G 55 55.56 51.69 12.47
CA SER G 55 55.89 50.80 11.36
C SER G 55 56.20 51.57 10.07
N PRO G 56 57.41 51.38 9.50
CA PRO G 56 57.78 52.10 8.27
C PRO G 56 57.07 51.61 7.00
N GLU G 57 56.50 50.39 7.01
CA GLU G 57 55.79 49.84 5.85
C GLU G 57 54.26 49.89 5.99
N LYS G 58 53.77 50.21 7.20
CA LYS G 58 52.35 50.34 7.48
C LYS G 58 51.99 51.81 7.68
N TRP G 59 50.99 52.31 6.93
CA TRP G 59 50.48 53.69 6.97
C TRP G 59 49.99 54.03 8.37
N SER G 60 49.27 53.09 8.99
CA SER G 60 48.78 53.17 10.36
C SER G 60 49.16 51.87 11.03
N THR G 61 50.02 51.95 12.04
CA THR G 61 50.51 50.81 12.83
C THR G 61 49.34 50.13 13.49
N ALA G 62 48.42 50.92 14.07
CA ALA G 62 47.21 50.47 14.73
C ALA G 62 46.15 49.98 13.75
N SER G 63 46.40 50.15 12.44
CA SER G 63 45.52 49.75 11.32
C SER G 63 44.17 50.49 11.34
N ASP G 64 44.13 51.66 12.01
CA ASP G 64 42.95 52.52 12.14
C ASP G 64 42.90 53.55 10.98
N PRO G 65 41.78 54.28 10.75
CA PRO G 65 41.73 55.23 9.63
C PRO G 65 42.69 56.43 9.69
N TYR G 66 43.22 56.73 10.88
CA TYR G 66 44.14 57.85 11.09
C TYR G 66 45.60 57.39 10.95
N SER G 67 46.42 58.16 10.19
CA SER G 67 47.84 57.84 9.95
C SER G 67 48.69 58.03 11.19
N ASP G 68 49.85 57.34 11.25
CA ASP G 68 50.82 57.43 12.33
C ASP G 68 51.24 58.90 12.54
N PHE G 69 51.50 59.62 11.41
CA PHE G 69 51.89 61.02 11.38
C PHE G 69 50.82 61.90 12.01
N GLU G 70 49.57 61.74 11.53
CA GLU G 70 48.39 62.48 12.00
C GLU G 70 48.32 62.50 13.53
N LYS G 71 48.51 61.32 14.17
CA LYS G 71 48.47 61.10 15.62
C LYS G 71 49.49 61.93 16.39
N VAL G 72 50.78 61.81 16.00
CA VAL G 72 51.89 62.48 16.68
C VAL G 72 51.92 63.99 16.41
N THR G 73 51.71 64.44 15.16
CA THR G 73 51.73 65.88 14.85
C THR G 73 50.51 66.60 15.43
N GLY G 74 49.40 65.88 15.56
CA GLY G 74 48.14 66.41 16.08
C GLY G 74 47.12 66.71 15.01
N ARG G 75 47.48 66.46 13.73
CA ARG G 75 46.61 66.68 12.57
C ARG G 75 45.57 65.54 12.48
N ILE G 76 44.88 65.28 13.59
CA ILE G 76 43.88 64.23 13.77
C ILE G 76 42.57 64.85 14.28
N ASP G 77 41.49 64.05 14.32
CA ASP G 77 40.21 64.43 14.87
C ASP G 77 40.46 64.66 16.36
N LYS G 78 40.34 65.92 16.80
CA LYS G 78 40.62 66.36 18.18
C LYS G 78 39.87 65.56 19.26
N ASN G 79 38.74 64.94 18.90
CA ASN G 79 37.93 64.12 19.79
C ASN G 79 38.64 62.82 20.17
N VAL G 80 39.55 62.32 19.30
CA VAL G 80 40.32 61.09 19.50
C VAL G 80 41.13 61.20 20.79
N SER G 81 40.96 60.19 21.67
CA SER G 81 41.58 60.06 23.00
C SER G 81 43.08 60.42 23.04
N PRO G 82 43.57 61.11 24.10
CA PRO G 82 45.00 61.48 24.17
C PRO G 82 45.93 60.28 24.23
N GLU G 83 45.48 59.17 24.87
CA GLU G 83 46.24 57.93 24.95
C GLU G 83 46.34 57.30 23.55
N ALA G 84 45.31 57.52 22.71
CA ALA G 84 45.22 57.03 21.33
C ALA G 84 46.06 57.86 20.35
N ARG G 85 46.52 59.05 20.78
CA ARG G 85 47.36 59.93 19.95
C ARG G 85 48.79 59.39 19.75
N HIS G 86 49.04 58.16 20.26
CA HIS G 86 50.30 57.41 20.15
C HIS G 86 50.14 56.43 18.97
N PRO G 87 51.16 56.26 18.10
CA PRO G 87 51.01 55.35 16.94
C PRO G 87 50.79 53.89 17.29
N LEU G 88 51.24 53.47 18.48
CA LEU G 88 51.09 52.09 18.94
C LEU G 88 49.78 51.84 19.68
N VAL G 89 48.89 52.86 19.75
CA VAL G 89 47.58 52.75 20.42
C VAL G 89 46.45 52.91 19.40
N ALA G 90 45.50 51.96 19.40
CA ALA G 90 44.36 51.92 18.50
C ALA G 90 43.31 52.97 18.82
N ALA G 91 42.94 53.76 17.81
CA ALA G 91 41.90 54.79 17.90
C ALA G 91 40.64 54.19 17.27
N TYR G 92 39.92 53.36 18.05
CA TYR G 92 38.71 52.68 17.60
C TYR G 92 37.54 52.78 18.59
N PRO G 93 36.27 52.89 18.11
CA PRO G 93 35.14 53.04 19.04
C PRO G 93 34.50 51.73 19.50
N ILE G 94 33.97 51.76 20.74
CA ILE G 94 33.23 50.68 21.40
C ILE G 94 32.09 51.39 22.15
N VAL G 95 30.84 50.96 21.93
CA VAL G 95 29.68 51.58 22.57
C VAL G 95 28.66 50.53 23.02
N HIS G 96 28.24 50.65 24.30
CA HIS G 96 27.25 49.82 24.98
C HIS G 96 26.09 50.70 25.44
N VAL G 97 24.89 50.10 25.62
CA VAL G 97 23.70 50.83 26.04
C VAL G 97 23.56 50.81 27.57
N ASP G 98 23.51 52.01 28.18
CA ASP G 98 23.35 52.22 29.62
C ASP G 98 21.89 52.56 29.95
N MET G 99 21.23 51.70 30.73
CA MET G 99 19.85 51.91 31.15
C MET G 99 19.83 52.65 32.48
N GLU G 100 19.05 53.74 32.55
CA GLU G 100 18.98 54.59 33.74
C GLU G 100 17.88 54.17 34.71
N ASN G 101 16.69 53.80 34.17
CA ASN G 101 15.51 53.38 34.94
C ASN G 101 14.51 52.63 34.07
N ILE G 102 13.66 51.80 34.70
CA ILE G 102 12.61 51.02 34.02
C ILE G 102 11.22 51.41 34.53
N ILE G 103 10.17 51.03 33.77
CA ILE G 103 8.78 51.24 34.12
C ILE G 103 7.93 50.11 33.50
N LEU G 104 7.21 49.37 34.36
CA LEU G 104 6.38 48.24 33.94
C LEU G 104 4.89 48.49 34.20
N SER G 105 4.07 48.21 33.18
CA SER G 105 2.61 48.37 33.21
C SER G 105 1.92 47.27 32.41
N LYS G 106 0.62 47.03 32.69
CA LYS G 106 -0.18 46.03 31.98
C LYS G 106 -0.53 46.59 30.59
N ASN G 107 -0.58 45.71 29.56
CA ASN G 107 -0.86 46.09 28.16
C ASN G 107 -2.22 46.79 28.00
N GLU G 108 -2.20 47.93 27.29
CA GLU G 108 -3.36 48.80 27.05
C GLU G 108 -3.30 49.39 25.66
N ASP G 116 -7.82 50.87 36.36
CA ASP G 116 -6.99 51.91 36.97
C ASP G 116 -5.50 51.63 36.68
N SER G 117 -5.08 51.75 35.39
CA SER G 117 -3.69 51.53 34.96
C SER G 117 -2.82 52.81 35.12
N GLN G 118 -2.83 53.38 36.34
CA GLN G 118 -2.10 54.58 36.79
C GLN G 118 -1.28 54.26 38.05
N THR G 119 -1.87 53.48 38.99
CA THR G 119 -1.26 53.05 40.25
C THR G 119 -0.76 51.60 40.16
N ARG G 120 -1.16 50.89 39.09
CA ARG G 120 -0.75 49.50 38.79
C ARG G 120 0.46 49.56 37.85
N THR G 121 1.47 50.38 38.21
CA THR G 121 2.69 50.60 37.43
C THR G 121 3.92 50.62 38.36
N ILE G 122 4.85 49.67 38.18
CA ILE G 122 6.08 49.64 39.00
C ILE G 122 7.23 50.30 38.26
N SER G 123 7.92 51.22 38.94
CA SER G 123 9.07 51.93 38.39
C SER G 123 10.27 51.84 39.34
N LYS G 124 11.40 51.34 38.82
CA LYS G 124 12.65 51.17 39.56
C LYS G 124 13.83 51.68 38.73
N ASN G 125 14.85 52.24 39.41
CA ASN G 125 16.05 52.75 38.74
C ASN G 125 17.03 51.61 38.46
N THR G 126 17.63 51.62 37.25
CA THR G 126 18.56 50.58 36.82
C THR G 126 20.02 51.05 36.73
N SER G 127 20.95 50.11 36.98
CA SER G 127 22.39 50.34 36.94
C SER G 127 23.01 49.46 35.87
N THR G 128 23.75 50.07 34.95
CA THR G 128 24.36 49.34 33.83
C THR G 128 25.87 49.56 33.78
N SER G 129 26.60 48.48 33.45
CA SER G 129 28.05 48.46 33.28
C SER G 129 28.41 47.51 32.15
N ARG G 130 29.44 47.85 31.33
CA ARG G 130 29.86 47.01 30.21
C ARG G 130 30.41 45.69 30.70
N THR G 131 29.87 44.59 30.17
CA THR G 131 30.24 43.23 30.58
C THR G 131 31.13 42.53 29.56
N HIS G 132 32.20 41.91 30.07
CA HIS G 132 33.16 41.14 29.30
C HIS G 132 33.15 39.74 29.91
N THR G 133 32.28 38.88 29.37
CA THR G 133 32.03 37.50 29.83
C THR G 133 33.28 36.61 29.82
N SER G 134 33.44 35.85 30.91
CA SER G 134 34.51 34.88 31.14
C SER G 134 34.03 33.47 30.77
N GLU G 135 34.98 32.57 30.44
CA GLU G 135 34.76 31.18 30.04
C GLU G 135 34.05 30.35 31.13
N SER G 158 35.52 36.96 23.44
CA SER G 158 35.45 37.35 22.04
C SER G 158 35.03 38.81 21.83
N ASN G 159 35.45 39.37 20.67
CA ASN G 159 35.20 40.75 20.25
C ASN G 159 33.71 41.07 20.03
N SER G 160 33.06 41.67 21.05
CA SER G 160 31.65 42.08 21.03
C SER G 160 31.31 43.04 22.18
N ASN G 161 30.18 43.76 22.02
CA ASN G 161 29.67 44.70 23.02
C ASN G 161 28.41 44.13 23.67
N SER G 162 28.44 43.95 24.99
CA SER G 162 27.33 43.43 25.79
C SER G 162 27.32 44.08 27.16
N SER G 163 26.15 44.53 27.63
CA SER G 163 25.99 45.18 28.92
C SER G 163 24.82 44.61 29.71
N THR G 164 25.06 44.27 30.99
CA THR G 164 24.05 43.71 31.88
C THR G 164 23.51 44.79 32.83
N VAL G 165 22.16 44.93 32.89
CA VAL G 165 21.47 45.90 33.73
C VAL G 165 21.10 45.28 35.09
N ALA G 166 20.74 46.12 36.08
CA ALA G 166 20.34 45.67 37.41
C ALA G 166 19.15 46.48 37.92
N ILE G 167 17.95 45.85 37.93
CA ILE G 167 16.72 46.47 38.39
C ILE G 167 16.71 46.54 39.91
N ASP G 168 16.35 47.72 40.46
CA ASP G 168 16.29 47.99 41.91
C ASP G 168 15.26 47.07 42.58
N HIS G 169 15.72 46.28 43.58
CA HIS G 169 14.89 45.35 44.34
C HIS G 169 14.04 46.05 45.40
N SER G 170 14.53 47.21 45.89
CA SER G 170 13.90 48.06 46.92
C SER G 170 12.50 48.56 46.58
N LEU G 171 11.67 48.76 47.62
CA LEU G 171 10.28 49.20 47.55
C LEU G 171 10.03 50.45 46.71
N SER G 172 8.90 50.43 45.97
CA SER G 172 8.41 51.52 45.13
C SER G 172 7.19 52.11 45.86
N LEU G 173 6.17 51.26 46.15
CA LEU G 173 4.97 51.63 46.91
C LEU G 173 5.23 51.37 48.39
N ALA G 174 4.25 51.68 49.26
CA ALA G 174 4.36 51.49 50.71
C ALA G 174 4.48 50.01 51.11
N GLY G 175 3.69 49.15 50.44
CA GLY G 175 3.68 47.72 50.67
C GLY G 175 3.47 46.92 49.40
N GLU G 176 4.27 47.24 48.35
CA GLU G 176 4.19 46.54 47.07
C GLU G 176 4.72 45.12 47.19
N ARG G 177 3.86 44.13 46.90
CA ARG G 177 4.21 42.73 46.99
C ARG G 177 3.75 41.98 45.75
N THR G 178 4.69 41.22 45.13
CA THR G 178 4.53 40.43 43.91
C THR G 178 4.20 41.34 42.73
N TRP G 179 5.21 41.62 41.89
CA TRP G 179 5.11 42.45 40.69
C TRP G 179 3.98 42.01 39.76
N ALA G 180 3.78 40.68 39.63
CA ALA G 180 2.75 40.02 38.83
C ALA G 180 1.34 40.41 39.30
N GLU G 181 1.21 40.84 40.58
CA GLU G 181 -0.04 41.26 41.19
C GLU G 181 -0.10 42.77 41.48
N THR G 182 1.06 43.46 41.53
CA THR G 182 1.16 44.91 41.76
C THR G 182 0.59 45.66 40.52
N MET G 183 0.64 45.01 39.35
CA MET G 183 0.12 45.51 38.07
C MET G 183 -1.28 44.95 37.76
N GLY G 184 -1.57 43.75 38.28
CA GLY G 184 -2.83 43.06 38.08
C GLY G 184 -2.83 42.18 36.86
N LEU G 185 -1.86 41.25 36.78
CA LEU G 185 -1.68 40.33 35.66
C LEU G 185 -1.96 38.88 36.04
N ASN G 186 -2.32 38.07 35.03
CA ASN G 186 -2.58 36.64 35.14
C ASN G 186 -1.95 35.93 33.93
N THR G 187 -1.94 34.58 33.93
CA THR G 187 -1.35 33.71 32.89
C THR G 187 -1.70 34.16 31.45
N ALA G 188 -2.93 34.66 31.24
CA ALA G 188 -3.42 35.16 29.96
C ALA G 188 -2.96 36.61 29.68
N ASP G 189 -2.93 37.47 30.73
CA ASP G 189 -2.53 38.88 30.65
C ASP G 189 -1.07 39.08 30.24
N THR G 190 -0.78 40.16 29.49
CA THR G 190 0.57 40.51 29.04
C THR G 190 1.05 41.82 29.63
N ALA G 191 2.34 41.88 29.97
CA ALA G 191 2.99 43.06 30.56
C ALA G 191 3.87 43.77 29.53
N ARG G 192 3.72 45.10 29.41
CA ARG G 192 4.50 45.92 28.47
C ARG G 192 5.63 46.68 29.17
N LEU G 193 6.88 46.46 28.69
CA LEU G 193 8.08 47.07 29.24
C LEU G 193 8.47 48.35 28.50
N ASN G 194 8.90 49.35 29.27
CA ASN G 194 9.36 50.66 28.81
C ASN G 194 10.48 51.13 29.74
N ALA G 195 11.55 51.72 29.19
CA ALA G 195 12.70 52.15 29.97
C ALA G 195 13.43 53.36 29.39
N ASN G 196 14.26 54.01 30.23
CA ASN G 196 15.10 55.14 29.86
C ASN G 196 16.49 54.60 29.56
N ILE G 197 16.94 54.78 28.30
CA ILE G 197 18.23 54.29 27.81
C ILE G 197 19.13 55.40 27.29
N ARG G 198 20.46 55.18 27.36
CA ARG G 198 21.48 56.12 26.91
C ARG G 198 22.63 55.40 26.21
N TYR G 199 23.09 55.95 25.08
CA TYR G 199 24.23 55.40 24.34
C TYR G 199 25.49 56.04 24.91
N VAL G 200 26.51 55.23 25.24
CA VAL G 200 27.74 55.77 25.83
C VAL G 200 29.00 55.07 25.26
N ASN G 201 29.94 55.86 24.70
CA ASN G 201 31.17 55.31 24.14
C ASN G 201 32.26 55.11 25.18
N THR G 202 32.91 53.94 25.10
CA THR G 202 33.98 53.51 25.98
C THR G 202 35.29 53.32 25.22
N GLY G 203 35.24 53.51 23.90
CA GLY G 203 36.39 53.35 23.00
C GLY G 203 37.40 54.47 23.01
N THR G 204 37.97 54.76 21.83
CA THR G 204 39.00 55.79 21.62
C THR G 204 38.70 56.72 20.44
N ALA G 205 37.72 56.36 19.60
CA ALA G 205 37.36 57.13 18.40
C ALA G 205 35.89 57.60 18.37
N PRO G 206 35.55 58.71 17.67
CA PRO G 206 34.15 59.18 17.68
C PRO G 206 33.29 58.73 16.51
N ILE G 207 31.99 58.52 16.77
CA ILE G 207 30.98 58.18 15.75
C ILE G 207 30.18 59.46 15.54
N TYR G 208 30.11 59.91 14.29
CA TYR G 208 29.48 61.18 13.93
C TYR G 208 28.02 61.13 13.50
N ASN G 209 27.47 59.95 13.15
CA ASN G 209 26.09 59.90 12.68
C ASN G 209 25.32 58.63 13.12
N VAL G 210 25.27 57.60 12.24
CA VAL G 210 24.54 56.34 12.41
C VAL G 210 24.94 55.61 13.70
N LEU G 211 23.93 55.29 14.51
CA LEU G 211 24.09 54.59 15.78
C LEU G 211 23.99 53.08 15.55
N PRO G 212 24.76 52.26 16.31
CA PRO G 212 24.69 50.82 16.12
C PRO G 212 23.38 50.19 16.59
N THR G 213 23.07 49.01 16.06
CA THR G 213 21.86 48.27 16.42
C THR G 213 22.09 47.52 17.74
N THR G 214 21.10 47.55 18.62
CA THR G 214 21.17 46.87 19.92
C THR G 214 19.94 45.99 20.15
N SER G 215 20.06 44.96 20.99
CA SER G 215 18.97 44.04 21.28
C SER G 215 18.86 43.71 22.77
N LEU G 216 17.66 43.89 23.35
CA LEU G 216 17.40 43.57 24.76
C LEU G 216 17.07 42.08 24.89
N VAL G 217 17.88 41.36 25.68
CA VAL G 217 17.76 39.90 25.89
C VAL G 217 17.38 39.54 27.34
N LEU G 218 16.29 38.77 27.49
CA LEU G 218 15.82 38.26 28.78
C LEU G 218 16.52 36.94 29.05
N GLY G 219 17.20 36.86 30.19
CA GLY G 219 17.91 35.67 30.61
C GLY G 219 19.15 35.37 29.80
N LYS G 220 19.03 34.43 28.84
CA LYS G 220 20.16 33.97 28.04
C LYS G 220 20.05 34.28 26.54
N ASN G 221 18.92 33.91 25.90
CA ASN G 221 18.70 34.07 24.46
C ASN G 221 17.37 34.69 24.06
N GLN G 222 16.40 34.77 25.01
CA GLN G 222 15.05 35.31 24.79
C GLN G 222 15.11 36.79 24.39
N THR G 223 15.23 37.04 23.07
CA THR G 223 15.31 38.36 22.47
C THR G 223 13.97 39.11 22.58
N LEU G 224 13.90 40.10 23.48
CA LEU G 224 12.70 40.89 23.73
C LEU G 224 12.41 41.91 22.62
N ALA G 225 13.35 42.83 22.37
CA ALA G 225 13.22 43.87 21.35
C ALA G 225 14.57 44.32 20.78
N THR G 226 14.55 44.82 19.54
CA THR G 226 15.73 45.33 18.82
C THR G 226 15.58 46.83 18.61
N ILE G 227 16.50 47.62 19.19
CA ILE G 227 16.47 49.08 19.15
C ILE G 227 17.56 49.64 18.24
N LYS G 228 17.19 50.65 17.43
CA LYS G 228 18.09 51.34 16.50
C LYS G 228 17.56 52.75 16.18
N SER G 235 22.66 63.46 13.40
CA SER G 235 24.04 63.88 13.19
C SER G 235 24.73 64.39 14.47
N GLN G 236 24.26 63.88 15.64
CA GLN G 236 24.81 64.24 16.95
C GLN G 236 26.09 63.44 17.18
N ILE G 237 27.17 64.13 17.59
CA ILE G 237 28.50 63.56 17.79
C ILE G 237 28.64 62.79 19.10
N LEU G 238 29.05 61.51 18.99
CA LEU G 238 29.31 60.64 20.13
C LEU G 238 30.82 60.67 20.38
N ALA G 239 31.23 61.43 21.40
CA ALA G 239 32.63 61.60 21.76
C ALA G 239 33.15 60.44 22.64
N PRO G 240 34.43 60.02 22.51
CA PRO G 240 34.94 58.94 23.37
C PRO G 240 34.91 59.36 24.84
N ASN G 241 34.45 58.44 25.72
CA ASN G 241 34.29 58.63 27.17
C ASN G 241 33.25 59.74 27.48
N ASN G 242 32.22 59.85 26.61
CA ASN G 242 31.13 60.83 26.71
C ASN G 242 29.81 60.23 26.23
N TYR G 243 28.72 60.55 26.94
CA TYR G 243 27.35 60.08 26.67
C TYR G 243 26.75 60.73 25.42
N TYR G 244 25.97 59.95 24.63
CA TYR G 244 25.27 60.43 23.43
C TYR G 244 24.13 61.38 23.84
N PRO G 245 23.11 60.96 24.62
CA PRO G 245 22.11 61.95 25.06
C PRO G 245 22.70 62.62 26.29
N SER G 246 23.60 63.59 26.05
CA SER G 246 24.37 64.35 27.03
C SER G 246 23.61 64.61 28.31
N LYS G 247 24.28 64.37 29.45
CA LYS G 247 23.74 64.51 30.80
C LYS G 247 22.96 65.82 31.06
N ASN G 248 23.31 66.91 30.35
CA ASN G 248 22.64 68.22 30.45
C ASN G 248 21.27 68.25 29.74
N LEU G 249 21.01 67.26 28.87
CA LEU G 249 19.77 67.11 28.10
C LEU G 249 19.02 65.85 28.53
N ALA G 250 17.76 65.70 28.09
CA ALA G 250 16.91 64.56 28.41
C ALA G 250 17.35 63.26 27.69
N PRO G 251 17.21 62.06 28.33
CA PRO G 251 17.62 60.81 27.66
C PRO G 251 16.57 60.29 26.65
N ILE G 252 16.72 59.03 26.20
CA ILE G 252 15.79 58.42 25.24
C ILE G 252 14.97 57.30 25.85
N ALA G 253 13.66 57.27 25.53
CA ALA G 253 12.70 56.24 25.98
C ALA G 253 12.63 55.08 24.98
N LEU G 254 11.85 54.03 25.30
CA LEU G 254 11.73 52.88 24.42
C LEU G 254 10.35 52.73 23.79
N SER G 262 6.49 52.81 17.22
CA SER G 262 5.09 52.47 16.99
C SER G 262 4.54 51.48 18.03
N THR G 263 5.17 50.28 18.15
CA THR G 263 4.77 49.23 19.10
C THR G 263 5.83 49.01 20.21
N PRO G 264 5.47 49.11 21.51
CA PRO G 264 6.46 48.89 22.59
C PRO G 264 6.83 47.41 22.78
N ILE G 265 7.75 47.12 23.72
CA ILE G 265 8.19 45.76 24.04
C ILE G 265 7.03 44.99 24.70
N THR G 266 6.76 43.76 24.22
CA THR G 266 5.68 42.92 24.74
C THR G 266 6.26 41.68 25.42
N MET G 267 5.77 41.41 26.64
CA MET G 267 6.21 40.30 27.47
C MET G 267 5.01 39.55 28.04
N ASN G 268 5.06 38.22 27.98
CA ASN G 268 4.00 37.34 28.50
C ASN G 268 4.18 37.16 30.02
N TYR G 269 3.14 36.65 30.70
CA TYR G 269 3.12 36.42 32.16
C TYR G 269 4.25 35.49 32.63
N ASN G 270 4.49 34.40 31.88
CA ASN G 270 5.51 33.39 32.17
C ASN G 270 6.93 33.95 32.09
N GLN G 271 7.18 34.83 31.10
CA GLN G 271 8.48 35.49 30.92
C GLN G 271 8.66 36.64 31.91
N PHE G 272 7.53 37.22 32.40
CA PHE G 272 7.53 38.31 33.37
C PHE G 272 7.99 37.82 34.75
N LEU G 273 7.65 36.57 35.10
CA LEU G 273 8.03 35.96 36.37
C LEU G 273 9.53 35.67 36.43
N GLU G 274 10.17 35.52 35.26
CA GLU G 274 11.62 35.31 35.11
C GLU G 274 12.34 36.63 35.45
N LEU G 275 11.78 37.76 34.96
CA LEU G 275 12.28 39.11 35.18
C LEU G 275 12.11 39.51 36.66
N GLU G 276 11.00 39.10 37.29
CA GLU G 276 10.71 39.36 38.70
C GLU G 276 11.67 38.58 39.60
N LYS G 277 12.03 37.35 39.19
CA LYS G 277 12.93 36.42 39.90
C LYS G 277 14.41 36.82 39.78
N THR G 278 14.83 37.31 38.60
CA THR G 278 16.22 37.68 38.33
C THR G 278 16.52 39.15 38.63
N LYS G 279 15.56 40.05 38.32
CA LYS G 279 15.65 41.51 38.48
C LYS G 279 16.85 42.09 37.69
N GLN G 280 17.10 41.51 36.48
CA GLN G 280 18.18 41.86 35.57
C GLN G 280 17.89 41.47 34.11
N LEU G 281 18.50 42.23 33.17
CA LEU G 281 18.39 42.01 31.72
C LEU G 281 19.76 42.16 31.05
N ARG G 282 19.82 41.87 29.74
CA ARG G 282 21.05 41.98 28.94
C ARG G 282 20.83 42.87 27.72
N LEU G 283 21.89 43.59 27.29
CA LEU G 283 21.87 44.48 26.13
C LEU G 283 23.06 44.20 25.21
N ASP G 284 22.78 43.51 24.08
CA ASP G 284 23.77 43.14 23.08
C ASP G 284 23.77 44.14 21.92
N THR G 285 24.85 44.93 21.81
CA THR G 285 25.04 45.94 20.77
C THR G 285 26.11 45.51 19.79
N ASP G 286 25.86 45.72 18.48
CA ASP G 286 26.81 45.37 17.42
C ASP G 286 27.88 46.46 17.21
N GLN G 287 28.93 46.13 16.43
CA GLN G 287 30.03 47.06 16.16
C GLN G 287 29.90 47.81 14.82
N VAL G 288 28.71 47.77 14.18
CA VAL G 288 28.47 48.50 12.93
C VAL G 288 28.17 49.98 13.27
N TYR G 289 29.11 50.88 12.91
CA TYR G 289 28.99 52.30 13.20
C TYR G 289 28.97 53.19 11.96
N GLY G 290 28.64 54.47 12.16
CA GLY G 290 28.59 55.48 11.10
C GLY G 290 29.94 55.83 10.51
N ASN G 291 29.93 56.53 9.36
CA ASN G 291 31.12 56.96 8.61
C ASN G 291 32.13 57.74 9.47
N ILE G 292 33.44 57.54 9.19
CA ILE G 292 34.53 58.18 9.93
C ILE G 292 34.89 59.54 9.34
N ALA G 293 35.08 60.53 10.21
CA ALA G 293 35.48 61.86 9.81
C ALA G 293 36.99 61.91 9.73
N THR G 294 37.53 62.29 8.55
CA THR G 294 38.97 62.35 8.30
C THR G 294 39.50 63.78 8.16
N TYR G 295 40.80 63.95 8.44
CA TYR G 295 41.55 65.21 8.34
C TYR G 295 41.90 65.46 6.87
N ASN G 296 42.16 66.73 6.51
CA ASN G 296 42.55 67.15 5.18
C ASN G 296 43.68 68.19 5.24
N PHE G 297 44.90 67.68 5.07
CA PHE G 297 46.22 68.33 5.13
C PHE G 297 46.26 69.86 4.84
N GLU G 298 45.91 70.28 3.62
CA GLU G 298 45.98 71.67 3.14
C GLU G 298 45.00 72.65 3.79
N ASN G 299 43.80 72.18 4.20
CA ASN G 299 42.80 73.07 4.79
C ASN G 299 42.59 72.84 6.30
N GLY G 300 43.36 71.92 6.89
CA GLY G 300 43.32 71.59 8.32
C GLY G 300 41.95 71.52 8.95
N ARG G 301 41.00 70.88 8.25
CA ARG G 301 39.61 70.73 8.68
C ARG G 301 39.12 69.29 8.53
N VAL G 302 38.38 68.81 9.54
CA VAL G 302 37.85 67.45 9.57
C VAL G 302 36.49 67.40 8.88
N ARG G 303 36.39 66.54 7.86
CA ARG G 303 35.18 66.32 7.10
C ARG G 303 34.78 64.84 7.16
N VAL G 304 33.48 64.55 7.26
CA VAL G 304 32.94 63.19 7.32
C VAL G 304 33.07 62.53 5.94
N ASP G 305 33.95 61.52 5.84
CA ASP G 305 34.19 60.79 4.61
C ASP G 305 33.16 59.69 4.42
N THR G 306 32.33 59.84 3.39
CA THR G 306 31.26 58.90 3.03
C THR G 306 31.80 57.55 2.55
N GLY G 307 33.00 57.57 1.98
CA GLY G 307 33.67 56.39 1.46
C GLY G 307 34.10 55.40 2.52
N SER G 308 34.94 55.85 3.47
CA SER G 308 35.44 54.99 4.53
C SER G 308 34.55 54.94 5.75
N ASN G 309 34.09 53.73 6.10
CA ASN G 309 33.22 53.43 7.23
C ASN G 309 33.99 52.62 8.28
N TRP G 310 33.44 52.49 9.49
CA TRP G 310 34.09 51.74 10.57
C TRP G 310 34.05 50.23 10.37
N SER G 311 32.99 49.69 9.76
CA SER G 311 32.81 48.25 9.52
C SER G 311 33.86 47.61 8.59
N GLU G 312 34.52 48.41 7.73
CA GLU G 312 35.56 47.96 6.79
C GLU G 312 36.98 48.07 7.34
N VAL G 313 37.16 48.84 8.43
CA VAL G 313 38.45 49.09 9.07
C VAL G 313 38.58 48.38 10.43
N LEU G 314 37.50 48.36 11.24
CA LEU G 314 37.45 47.75 12.57
C LEU G 314 37.96 46.30 12.64
N PRO G 315 37.60 45.35 11.73
CA PRO G 315 38.14 43.98 11.86
C PRO G 315 39.65 43.89 11.65
N GLN G 316 40.21 44.79 10.81
CA GLN G 316 41.65 44.87 10.51
C GLN G 316 42.45 45.16 11.78
N ILE G 317 41.89 45.99 12.67
CA ILE G 317 42.48 46.34 13.97
C ILE G 317 42.38 45.12 14.90
N GLN G 318 41.19 44.50 14.98
CA GLN G 318 40.88 43.33 15.81
C GLN G 318 41.61 42.02 15.40
N GLU G 319 42.55 42.11 14.44
CA GLU G 319 43.34 40.98 13.96
C GLU G 319 44.85 41.28 14.01
N THR G 320 45.22 42.56 14.16
CA THR G 320 46.61 43.01 14.21
C THR G 320 47.08 43.41 15.61
N THR G 321 46.15 43.88 16.44
CA THR G 321 46.45 44.38 17.78
C THR G 321 46.15 43.39 18.91
N ALA G 322 46.70 43.66 20.09
CA ALA G 322 46.49 42.87 21.30
C ALA G 322 45.50 43.61 22.19
N ARG G 323 44.55 42.86 22.79
CA ARG G 323 43.49 43.38 23.64
C ARG G 323 43.82 43.31 25.14
N ILE G 324 43.80 44.46 25.84
CA ILE G 324 44.08 44.54 27.28
C ILE G 324 42.93 45.26 27.99
N ILE G 325 42.33 44.59 28.98
CA ILE G 325 41.21 45.08 29.79
C ILE G 325 41.71 45.57 31.16
N PHE G 326 41.27 46.77 31.60
CA PHE G 326 41.68 47.35 32.88
C PHE G 326 40.61 48.23 33.52
N ASN G 327 40.52 48.20 34.86
CA ASN G 327 39.53 48.98 35.60
C ASN G 327 40.14 49.72 36.82
N GLY G 328 41.21 50.46 36.56
CA GLY G 328 41.94 51.21 37.57
C GLY G 328 41.18 52.40 38.13
N LYS G 329 40.92 53.41 37.26
CA LYS G 329 40.21 54.65 37.59
C LYS G 329 38.82 54.39 38.17
N ASP G 330 38.09 53.44 37.56
CA ASP G 330 36.75 53.02 37.97
C ASP G 330 36.62 51.54 37.73
N LEU G 331 35.79 50.86 38.52
CA LEU G 331 35.58 49.41 38.44
C LEU G 331 34.74 48.97 37.23
N ASN G 332 34.87 49.68 36.11
CA ASN G 332 34.19 49.40 34.84
C ASN G 332 35.22 48.87 33.84
N LEU G 333 34.87 47.80 33.11
CA LEU G 333 35.75 47.14 32.13
C LEU G 333 36.03 48.01 30.89
N VAL G 334 37.29 48.43 30.74
CA VAL G 334 37.75 49.29 29.64
C VAL G 334 38.55 48.47 28.62
N GLU G 335 38.14 48.54 27.34
CA GLU G 335 38.80 47.84 26.22
C GLU G 335 39.72 48.80 25.45
N ARG G 336 41.01 48.48 25.43
CA ARG G 336 42.03 49.27 24.74
C ARG G 336 42.95 48.34 24.00
N ARG G 337 43.18 48.61 22.70
CA ARG G 337 44.04 47.76 21.87
C ARG G 337 45.38 48.43 21.55
N ILE G 338 46.45 47.64 21.63
CA ILE G 338 47.83 48.08 21.41
C ILE G 338 48.42 47.33 20.22
N ALA G 339 49.13 48.07 19.33
CA ALA G 339 49.80 47.54 18.14
C ALA G 339 50.79 46.46 18.53
N ALA G 340 50.50 45.22 18.13
CA ALA G 340 51.30 44.06 18.48
C ALA G 340 51.95 43.36 17.30
N VAL G 341 53.07 42.67 17.58
CA VAL G 341 53.86 41.93 16.61
C VAL G 341 53.26 40.56 16.31
N ASN G 342 53.40 40.10 15.06
CA ASN G 342 52.92 38.80 14.64
C ASN G 342 53.98 38.10 13.77
N PRO G 343 54.38 36.87 14.14
CA PRO G 343 55.43 36.17 13.37
C PRO G 343 55.02 35.67 11.99
N SER G 344 53.75 35.25 11.85
CA SER G 344 53.20 34.72 10.60
C SER G 344 53.22 35.75 9.48
N ASP G 345 52.68 36.95 9.75
CA ASP G 345 52.61 38.03 8.77
C ASP G 345 53.87 38.90 8.80
N PRO G 346 54.55 39.09 7.66
CA PRO G 346 55.78 39.90 7.64
C PRO G 346 55.52 41.40 7.81
N LEU G 347 54.36 41.90 7.33
CA LEU G 347 53.98 43.30 7.45
C LEU G 347 53.74 43.70 8.90
N GLU G 348 53.34 42.73 9.75
CA GLU G 348 53.12 42.94 11.17
C GLU G 348 54.44 42.82 11.96
N THR G 349 55.49 42.26 11.31
CA THR G 349 56.82 42.13 11.91
C THR G 349 57.53 43.49 11.81
N THR G 350 57.01 44.37 10.92
CA THR G 350 57.49 45.73 10.68
C THR G 350 57.16 46.65 11.85
N LYS G 351 56.09 46.31 12.61
CA LYS G 351 55.62 47.03 13.80
C LYS G 351 56.67 46.86 14.90
N PRO G 352 57.00 47.91 15.69
CA PRO G 352 58.00 47.75 16.75
C PRO G 352 57.60 46.74 17.82
N ASP G 353 58.57 45.97 18.32
CA ASP G 353 58.40 44.93 19.35
C ASP G 353 57.73 45.48 20.59
N MET G 354 56.63 44.84 21.01
CA MET G 354 55.86 45.31 22.16
C MET G 354 56.16 44.59 23.46
N THR G 355 56.32 45.39 24.53
CA THR G 355 56.57 44.95 25.90
C THR G 355 55.33 45.24 26.74
N LEU G 356 55.08 44.42 27.77
CA LEU G 356 53.95 44.57 28.69
C LEU G 356 54.05 45.89 29.46
N LYS G 357 55.28 46.28 29.84
CA LYS G 357 55.60 47.51 30.57
C LYS G 357 55.18 48.77 29.81
N GLU G 358 55.80 49.02 28.63
CA GLU G 358 55.52 50.20 27.79
C GLU G 358 54.09 50.26 27.27
N ALA G 359 53.47 49.10 26.93
CA ALA G 359 52.10 49.04 26.42
C ALA G 359 51.09 49.53 27.45
N LEU G 360 51.18 49.06 28.70
CA LEU G 360 50.32 49.43 29.81
C LEU G 360 50.40 50.93 30.12
N LYS G 361 51.61 51.52 29.96
CA LYS G 361 51.90 52.94 30.18
C LYS G 361 51.19 53.82 29.16
N ILE G 362 51.29 53.48 27.87
CA ILE G 362 50.70 54.24 26.77
C ILE G 362 49.20 53.98 26.59
N ALA G 363 48.71 52.81 27.01
CA ALA G 363 47.30 52.45 26.85
C ALA G 363 46.36 52.98 27.95
N PHE G 364 46.83 53.05 29.19
CA PHE G 364 45.98 53.49 30.29
C PHE G 364 46.53 54.69 31.04
N GLY G 365 47.82 54.70 31.31
CA GLY G 365 48.48 55.79 32.02
C GLY G 365 49.34 55.35 33.17
N PHE G 366 50.02 54.20 33.04
CA PHE G 366 50.91 53.66 34.06
C PHE G 366 52.19 54.48 34.11
N ASN G 367 52.75 54.64 35.32
CA ASN G 367 53.98 55.40 35.53
C ASN G 367 55.08 54.57 36.19
N GLU G 368 56.33 54.84 35.84
CA GLU G 368 57.50 54.14 36.38
C GLU G 368 58.31 55.14 37.25
N PRO G 369 57.96 55.30 38.56
CA PRO G 369 58.68 56.28 39.39
C PRO G 369 59.99 55.76 40.01
N ASN G 370 59.95 54.57 40.62
CA ASN G 370 61.10 53.94 41.27
C ASN G 370 61.77 52.98 40.28
N GLY G 371 60.93 52.14 39.66
CA GLY G 371 61.30 51.11 38.70
C GLY G 371 60.12 50.17 38.52
N ASN G 372 59.30 50.04 39.59
CA ASN G 372 58.09 49.24 39.64
C ASN G 372 56.94 50.03 39.01
N LEU G 373 56.14 49.37 38.18
CA LEU G 373 55.01 49.99 37.50
C LEU G 373 53.84 50.20 38.46
N GLN G 374 53.18 51.37 38.37
CA GLN G 374 52.04 51.72 39.22
C GLN G 374 51.05 52.67 38.52
N TYR G 375 49.75 52.40 38.70
CA TYR G 375 48.66 53.18 38.11
C TYR G 375 48.14 54.24 39.07
N GLN G 376 48.62 55.49 38.88
CA GLN G 376 48.27 56.69 39.66
C GLN G 376 48.57 56.56 41.17
N GLY G 377 49.28 55.50 41.55
CA GLY G 377 49.64 55.19 42.93
C GLY G 377 49.57 53.71 43.25
N LYS G 378 48.50 53.04 42.78
CA LYS G 378 48.24 51.60 42.99
C LYS G 378 49.30 50.78 42.24
N ASP G 379 50.09 49.98 42.97
CA ASP G 379 51.17 49.15 42.42
C ASP G 379 50.65 48.05 41.48
N ILE G 380 51.51 47.57 40.54
CA ILE G 380 51.19 46.53 39.55
C ILE G 380 50.81 45.21 40.24
N THR G 381 51.45 44.90 41.39
CA THR G 381 51.23 43.71 42.21
C THR G 381 49.83 43.67 42.81
N GLU G 382 49.23 44.86 43.05
CA GLU G 382 47.88 45.04 43.60
C GLU G 382 46.79 44.62 42.57
N PHE G 383 47.21 44.38 41.31
CA PHE G 383 46.31 43.96 40.23
C PHE G 383 46.53 42.51 39.79
N ASP G 384 45.41 41.81 39.49
CA ASP G 384 45.32 40.40 39.07
C ASP G 384 45.57 40.24 37.57
N PHE G 385 46.30 39.18 37.18
CA PHE G 385 46.62 38.89 35.78
C PHE G 385 45.86 37.68 35.26
N ASN G 386 45.01 37.89 34.24
CA ASN G 386 44.20 36.83 33.63
C ASN G 386 44.35 36.82 32.11
N PHE G 387 44.41 35.61 31.52
CA PHE G 387 44.57 35.42 30.08
C PHE G 387 43.68 34.28 29.58
N ASP G 388 43.67 34.04 28.26
CA ASP G 388 42.89 32.96 27.64
C ASP G 388 43.71 31.66 27.55
N GLN G 389 43.35 30.76 26.63
CA GLN G 389 44.03 29.48 26.42
C GLN G 389 45.43 29.68 25.83
N GLN G 390 45.49 30.27 24.62
CA GLN G 390 46.71 30.51 23.85
C GLN G 390 47.57 31.68 24.35
N THR G 391 46.95 32.73 24.93
CA THR G 391 47.66 33.89 25.47
C THR G 391 48.52 33.48 26.67
N SER G 392 47.92 32.77 27.66
CA SER G 392 48.61 32.30 28.86
C SER G 392 49.70 31.28 28.51
N GLN G 393 49.44 30.42 27.51
CA GLN G 393 50.38 29.40 27.02
C GLN G 393 51.59 30.04 26.33
N ASN G 394 51.38 31.18 25.63
CA ASN G 394 52.44 31.93 24.96
C ASN G 394 53.37 32.57 25.99
N ILE G 395 52.78 33.11 27.08
CA ILE G 395 53.53 33.73 28.18
C ILE G 395 54.19 32.65 29.05
N LYS G 396 53.56 31.45 29.15
CA LYS G 396 54.07 30.29 29.89
C LYS G 396 55.47 29.91 29.41
N ASN G 397 55.65 29.88 28.07
CA ASN G 397 56.91 29.55 27.40
C ASN G 397 57.96 30.63 27.71
N GLN G 398 57.55 31.91 27.67
CA GLN G 398 58.40 33.07 27.94
C GLN G 398 58.93 33.07 29.37
N LEU G 399 58.05 32.82 30.37
CA LEU G 399 58.38 32.77 31.80
C LEU G 399 59.42 31.70 32.14
N ALA G 400 59.41 30.59 31.39
CA ALA G 400 60.36 29.48 31.54
C ALA G 400 61.71 29.83 30.89
N GLU G 401 61.68 30.56 29.75
CA GLU G 401 62.86 31.01 29.02
C GLU G 401 63.56 32.14 29.77
N LEU G 402 62.77 32.98 30.47
CA LEU G 402 63.24 34.10 31.30
C LEU G 402 63.57 33.61 32.72
N ASN G 403 63.23 32.33 33.01
CA ASN G 403 63.42 31.59 34.27
C ASN G 403 62.51 32.05 35.41
N ALA G 404 62.34 33.38 35.59
CA ALA G 404 61.49 33.95 36.65
C ALA G 404 60.02 33.54 36.45
N THR G 405 59.48 32.81 37.44
CA THR G 405 58.11 32.28 37.44
C THR G 405 57.04 33.38 37.68
N ASN G 406 57.44 34.50 38.32
CA ASN G 406 56.55 35.62 38.62
C ASN G 406 56.48 36.59 37.44
N ILE G 407 55.26 36.98 37.05
CA ILE G 407 55.00 37.89 35.93
C ILE G 407 55.46 39.33 36.23
N TYR G 408 55.41 39.75 37.52
CA TYR G 408 55.80 41.09 37.96
C TYR G 408 57.33 41.31 37.92
N THR G 409 58.11 40.21 37.97
CA THR G 409 59.58 40.21 37.94
C THR G 409 60.08 40.57 36.53
N VAL G 410 59.68 39.77 35.52
CA VAL G 410 60.06 39.95 34.11
C VAL G 410 59.04 40.82 33.33
N LEU G 411 58.30 41.68 34.07
CA LEU G 411 57.27 42.62 33.61
C LEU G 411 57.71 43.44 32.38
N ASP G 412 58.97 43.91 32.39
CA ASP G 412 59.60 44.72 31.34
C ASP G 412 60.13 43.90 30.15
N LYS G 413 60.17 42.56 30.29
CA LYS G 413 60.68 41.66 29.24
C LYS G 413 59.62 40.76 28.60
N ILE G 414 58.36 40.78 29.09
CA ILE G 414 57.28 39.97 28.54
C ILE G 414 56.82 40.57 27.20
N LYS G 415 57.02 39.81 26.10
CA LYS G 415 56.65 40.21 24.74
C LYS G 415 55.17 40.02 24.47
N LEU G 416 54.57 40.98 23.75
CA LEU G 416 53.16 40.95 23.40
C LEU G 416 52.97 40.58 21.94
N ASN G 417 52.09 39.61 21.68
CA ASN G 417 51.76 39.12 20.34
C ASN G 417 50.36 39.57 19.90
N ALA G 418 50.10 39.49 18.58
CA ALA G 418 48.82 39.88 17.98
C ALA G 418 47.70 38.91 18.36
N LYS G 419 46.44 39.39 18.29
CA LYS G 419 45.19 38.66 18.57
C LYS G 419 45.06 38.19 20.04
N MET G 420 46.02 38.55 20.90
CA MET G 420 46.05 38.21 22.32
C MET G 420 44.90 38.86 23.08
N ASN G 421 44.44 38.20 24.17
CA ASN G 421 43.38 38.71 25.04
C ASN G 421 43.85 38.64 26.49
N ILE G 422 44.03 39.82 27.11
CA ILE G 422 44.54 39.98 28.49
C ILE G 422 43.54 40.76 29.35
N LEU G 423 43.20 40.21 30.54
CA LEU G 423 42.26 40.83 31.48
C LEU G 423 42.96 41.16 32.81
N ILE G 424 42.99 42.46 33.15
CA ILE G 424 43.61 42.94 34.38
C ILE G 424 42.55 43.59 35.26
N ARG G 425 42.40 43.09 36.50
CA ARG G 425 41.41 43.61 37.46
C ARG G 425 42.01 43.77 38.86
N ASP G 426 41.46 44.69 39.68
CA ASP G 426 41.95 44.94 41.04
C ASP G 426 41.64 43.79 42.00
N LYS G 427 42.68 43.30 42.68
CA LYS G 427 42.66 42.18 43.63
C LYS G 427 41.76 42.41 44.86
N ARG G 428 41.53 43.68 45.22
CA ARG G 428 40.71 44.10 46.37
C ARG G 428 39.26 43.66 46.26
N PHE G 429 38.75 43.50 45.03
CA PHE G 429 37.36 43.17 44.76
C PHE G 429 37.14 41.80 44.14
N HIS G 430 36.00 41.18 44.49
CA HIS G 430 35.53 39.89 44.00
C HIS G 430 34.74 40.10 42.70
N TYR G 431 34.79 39.13 41.77
CA TYR G 431 34.13 39.22 40.48
C TYR G 431 33.23 38.02 40.15
N ASP G 432 32.36 38.17 39.14
CA ASP G 432 31.45 37.13 38.67
C ASP G 432 31.85 36.66 37.25
N ARG G 433 30.97 35.87 36.60
CA ARG G 433 31.16 35.32 35.25
C ARG G 433 31.17 36.40 34.15
N ASN G 434 30.53 37.56 34.41
CA ASN G 434 30.47 38.69 33.49
C ASN G 434 31.56 39.73 33.80
N ASN G 435 32.49 39.39 34.73
CA ASN G 435 33.64 40.17 35.18
C ASN G 435 33.26 41.55 35.78
N ILE G 436 32.08 41.61 36.43
CA ILE G 436 31.59 42.80 37.11
C ILE G 436 32.04 42.71 38.56
N ALA G 437 32.38 43.86 39.16
CA ALA G 437 32.79 43.92 40.57
C ALA G 437 31.52 43.80 41.43
N VAL G 438 31.48 42.80 42.33
CA VAL G 438 30.31 42.53 43.16
C VAL G 438 30.54 42.75 44.66
N GLY G 439 31.66 42.27 45.19
CA GLY G 439 31.97 42.40 46.61
C GLY G 439 33.44 42.54 46.91
N ALA G 440 33.78 42.56 48.22
CA ALA G 440 35.14 42.68 48.73
C ALA G 440 35.28 42.06 50.14
N ASP G 441 36.53 41.95 50.64
CA ASP G 441 36.85 41.42 51.97
C ASP G 441 36.32 42.35 53.07
N GLU G 442 35.72 41.78 54.13
CA GLU G 442 35.14 42.49 55.29
C GLU G 442 36.03 43.62 55.79
N SER G 443 37.35 43.39 55.82
CA SER G 443 38.40 44.32 56.24
C SER G 443 38.45 45.57 55.36
N VAL G 444 38.42 45.38 54.02
CA VAL G 444 38.48 46.44 53.01
C VAL G 444 37.27 47.39 53.11
N VAL G 445 36.07 46.85 53.40
CA VAL G 445 34.84 47.63 53.55
C VAL G 445 34.92 48.54 54.77
N LYS G 446 35.53 48.04 55.85
CA LYS G 446 35.72 48.75 57.11
C LYS G 446 36.61 49.98 57.00
N GLU G 447 37.55 49.95 56.06
CA GLU G 447 38.51 51.02 55.83
C GLU G 447 37.90 52.29 55.25
N ALA G 448 36.93 52.15 54.33
CA ALA G 448 36.24 53.26 53.68
C ALA G 448 35.18 53.90 54.58
N HIS G 449 34.56 53.10 55.47
CA HIS G 449 33.51 53.54 56.40
C HIS G 449 34.07 53.99 57.76
N ARG G 450 35.38 54.22 57.83
CA ARG G 450 36.08 54.67 59.03
C ARG G 450 35.84 56.17 59.27
N GLU G 451 35.93 56.98 58.18
CA GLU G 451 35.75 58.44 58.22
C GLU G 451 34.31 58.84 58.50
N VAL G 452 34.06 59.40 59.69
CA VAL G 452 32.75 59.84 60.15
C VAL G 452 32.72 61.38 60.11
N ILE G 453 31.68 61.95 59.48
CA ILE G 453 31.51 63.40 59.37
C ILE G 453 30.42 63.92 60.33
N ASN G 454 29.25 63.24 60.36
CA ASN G 454 28.11 63.60 61.21
C ASN G 454 27.57 62.40 61.99
N SER G 455 27.26 62.59 63.29
CA SER G 455 26.70 61.57 64.18
C SER G 455 25.36 62.07 64.75
N SER G 456 24.26 61.74 64.05
CA SER G 456 22.89 62.15 64.43
C SER G 456 21.89 60.98 64.38
N THR G 457 20.78 61.10 65.14
CA THR G 457 19.70 60.12 65.21
C THR G 457 18.87 60.09 63.92
N GLU G 458 18.93 61.18 63.13
CA GLU G 458 18.24 61.33 61.86
C GLU G 458 19.03 60.67 60.72
N GLY G 459 20.34 60.92 60.69
CA GLY G 459 21.23 60.39 59.66
C GLY G 459 22.69 60.32 60.04
N LEU G 460 23.47 59.54 59.26
CA LEU G 460 24.91 59.36 59.44
C LEU G 460 25.65 59.71 58.14
N LEU G 461 26.27 60.90 58.09
CA LEU G 461 27.06 61.36 56.95
C LEU G 461 28.51 60.90 57.15
N LEU G 462 29.02 60.13 56.19
CA LEU G 462 30.37 59.57 56.24
C LEU G 462 31.13 59.76 54.93
N ASN G 463 32.46 59.98 55.03
CA ASN G 463 33.34 60.18 53.88
C ASN G 463 33.81 58.82 53.33
N ILE G 464 32.86 58.10 52.72
CA ILE G 464 33.09 56.77 52.15
C ILE G 464 33.67 56.93 50.74
N ASP G 465 34.71 56.13 50.43
CA ASP G 465 35.39 56.13 49.13
C ASP G 465 34.43 55.72 48.02
N LYS G 466 34.50 56.41 46.86
CA LYS G 466 33.64 56.22 45.69
C LYS G 466 33.80 54.86 45.00
N ASP G 467 35.03 54.33 44.95
CA ASP G 467 35.30 53.04 44.31
C ASP G 467 34.94 51.84 45.20
N ILE G 468 35.02 52.00 46.54
CA ILE G 468 34.66 50.96 47.52
C ILE G 468 33.12 50.87 47.64
N ARG G 469 32.42 52.02 47.64
CA ARG G 469 30.95 52.08 47.76
C ARG G 469 30.20 51.51 46.54
N LYS G 470 30.91 51.28 45.42
CA LYS G 470 30.37 50.71 44.18
C LYS G 470 29.91 49.27 44.35
N ILE G 471 30.57 48.51 45.25
CA ILE G 471 30.22 47.10 45.52
C ILE G 471 29.17 46.99 46.64
N LEU G 472 28.66 48.14 47.15
CA LEU G 472 27.66 48.19 48.21
C LEU G 472 26.24 48.26 47.66
N SER G 473 25.35 47.41 48.19
CA SER G 473 23.94 47.33 47.80
C SER G 473 23.03 48.05 48.79
N GLY G 474 23.46 48.09 50.05
CA GLY G 474 22.72 48.73 51.13
C GLY G 474 23.26 48.38 52.50
N TYR G 475 22.68 48.98 53.55
CA TYR G 475 23.09 48.75 54.93
C TYR G 475 21.90 48.39 55.80
N ILE G 476 22.14 47.66 56.88
CA ILE G 476 21.10 47.23 57.83
C ILE G 476 21.12 48.16 59.06
N VAL G 477 19.95 48.69 59.46
CA VAL G 477 19.79 49.57 60.62
C VAL G 477 19.16 48.81 61.79
N GLU G 478 19.90 48.70 62.92
CA GLU G 478 19.44 48.00 64.11
C GLU G 478 19.95 48.63 65.42
N ILE G 479 19.23 48.36 66.54
CA ILE G 479 19.58 48.84 67.87
C ILE G 479 19.90 47.63 68.77
N GLU G 480 21.18 47.45 69.12
CA GLU G 480 21.64 46.36 69.97
C GLU G 480 21.58 46.77 71.46
N ASP G 481 20.90 45.95 72.27
CA ASP G 481 20.74 46.18 73.71
C ASP G 481 22.02 45.88 74.48
N THR G 482 22.18 46.52 75.65
CA THR G 482 23.29 46.30 76.59
C THR G 482 23.12 44.89 77.15
N GLU G 483 21.85 44.45 77.21
CA GLU G 483 21.39 43.13 77.62
C GLU G 483 21.88 42.08 76.61
N GLY G 484 21.82 42.43 75.31
CA GLY G 484 22.26 41.59 74.21
C GLY G 484 21.19 41.25 73.19
N LEU G 485 20.19 42.14 73.03
CA LEU G 485 19.07 41.95 72.09
C LEU G 485 19.31 42.71 70.79
N LYS G 486 19.15 42.05 69.63
CA LYS G 486 19.36 42.65 68.31
C LYS G 486 18.03 43.01 67.59
N GLU G 487 17.45 44.16 67.95
CA GLU G 487 16.21 44.67 67.34
C GLU G 487 16.56 45.38 66.04
N VAL G 488 16.03 44.91 64.89
CA VAL G 488 16.31 45.48 63.57
C VAL G 488 15.15 46.34 63.03
N ILE G 489 15.45 47.61 62.68
CA ILE G 489 14.47 48.58 62.15
C ILE G 489 14.16 48.20 60.68
N ASN G 490 15.18 48.34 59.82
CA ASN G 490 15.12 48.04 58.38
C ASN G 490 15.34 46.52 58.25
N ASP G 491 14.24 45.75 58.35
CA ASP G 491 14.32 44.28 58.32
C ASP G 491 13.40 43.64 57.26
N ARG G 492 13.89 43.55 55.99
CA ARG G 492 13.23 42.94 54.81
C ARG G 492 14.22 42.72 53.65
N TYR G 493 13.83 41.89 52.65
CA TYR G 493 14.64 41.56 51.46
C TYR G 493 14.95 42.79 50.58
N ASP G 494 14.05 43.78 50.60
CA ASP G 494 14.13 45.01 49.81
C ASP G 494 14.57 46.23 50.63
N MET G 495 14.35 46.19 51.95
CA MET G 495 14.70 47.28 52.87
C MET G 495 16.23 47.35 53.07
N LEU G 496 16.94 47.80 52.02
CA LEU G 496 18.40 47.91 52.01
C LEU G 496 18.91 49.24 51.50
N ASN G 497 18.21 49.87 50.52
CA ASN G 497 18.62 51.16 49.97
C ASN G 497 18.39 52.29 50.98
N ILE G 498 19.50 52.88 51.45
CA ILE G 498 19.50 53.96 52.44
C ILE G 498 20.57 55.00 52.12
N SER G 499 21.66 54.56 51.45
CA SER G 499 22.78 55.40 51.06
C SER G 499 22.37 56.40 49.99
N SER G 500 22.53 57.70 50.30
CA SER G 500 22.19 58.79 49.41
C SER G 500 23.44 59.66 49.25
N LEU G 501 24.21 59.39 48.18
CA LEU G 501 25.47 60.08 47.89
C LEU G 501 25.27 61.55 47.53
N ARG G 502 25.84 62.44 48.36
CA ARG G 502 25.80 63.88 48.18
C ARG G 502 26.91 64.32 47.23
N GLN G 503 26.73 65.49 46.58
CA GLN G 503 27.72 66.02 45.64
C GLN G 503 29.02 66.48 46.32
N ASP G 504 29.02 66.65 47.66
CA ASP G 504 30.17 67.06 48.46
C ASP G 504 31.27 65.99 48.53
N GLY G 505 30.91 64.73 48.26
CA GLY G 505 31.82 63.59 48.26
C GLY G 505 31.64 62.68 49.46
N LYS G 506 30.50 62.80 50.16
CA LYS G 506 30.18 62.01 51.34
C LYS G 506 28.86 61.28 51.18
N THR G 507 28.84 59.99 51.55
CA THR G 507 27.65 59.14 51.48
C THR G 507 26.79 59.37 52.73
N PHE G 508 25.51 59.72 52.54
CA PHE G 508 24.56 59.98 53.62
C PHE G 508 23.63 58.79 53.87
N ILE G 509 23.77 58.19 55.06
CA ILE G 509 23.00 57.03 55.52
C ILE G 509 21.80 57.55 56.30
N ASP G 510 20.58 57.37 55.77
CA ASP G 510 19.34 57.81 56.42
C ASP G 510 18.47 56.63 56.84
N PHE G 511 18.29 56.45 58.15
CA PHE G 511 17.49 55.39 58.74
C PHE G 511 16.01 55.70 58.63
N LYS G 512 15.67 57.01 58.56
CA LYS G 512 14.30 57.54 58.44
C LYS G 512 13.58 57.07 57.16
N LYS G 513 14.36 56.57 56.17
CA LYS G 513 13.86 56.06 54.90
C LYS G 513 12.85 54.93 55.09
N TYR G 514 13.10 54.04 56.07
CA TYR G 514 12.21 52.92 56.39
C TYR G 514 11.61 53.00 57.81
N ASN G 515 12.06 53.98 58.63
CA ASN G 515 11.59 54.19 59.99
C ASN G 515 10.37 55.16 60.05
N ASP G 516 9.54 55.13 59.00
CA ASP G 516 8.32 55.93 58.79
C ASP G 516 8.56 57.45 58.93
N LYS G 517 9.65 57.93 58.29
CA LYS G 517 10.10 59.35 58.25
C LYS G 517 10.45 59.91 59.65
N LEU G 518 10.70 59.02 60.63
CA LEU G 518 11.02 59.39 61.99
C LEU G 518 12.44 58.97 62.41
N PRO G 519 13.19 59.81 63.16
CA PRO G 519 14.54 59.40 63.59
C PRO G 519 14.55 58.26 64.62
N LEU G 520 15.69 57.57 64.75
CA LEU G 520 15.84 56.42 65.65
C LEU G 520 15.61 56.75 67.11
N TYR G 521 14.73 55.98 67.74
CA TYR G 521 14.38 56.17 69.13
C TYR G 521 15.45 55.58 70.04
N ILE G 522 15.99 56.42 70.93
CA ILE G 522 17.03 56.07 71.89
C ILE G 522 16.37 55.61 73.19
N SER G 523 16.06 54.29 73.29
CA SER G 523 15.43 53.67 74.45
C SER G 523 16.35 53.76 75.68
N ASN G 524 17.67 53.68 75.44
CA ASN G 524 18.73 53.76 76.44
C ASN G 524 19.98 54.34 75.75
N PRO G 525 20.59 55.44 76.25
CA PRO G 525 21.77 56.00 75.57
C PRO G 525 23.02 55.11 75.64
N ASN G 526 23.03 54.09 76.50
CA ASN G 526 24.18 53.17 76.60
C ASN G 526 24.07 52.00 75.59
N TYR G 527 22.91 51.84 74.91
CA TYR G 527 22.68 50.82 73.89
C TYR G 527 23.63 51.03 72.69
N LYS G 528 24.02 49.94 72.01
CA LYS G 528 24.90 49.99 70.84
C LYS G 528 24.08 50.15 69.55
N VAL G 529 24.33 51.22 68.77
CA VAL G 529 23.61 51.43 67.50
C VAL G 529 24.43 50.79 66.39
N ASN G 530 24.10 49.53 66.07
CA ASN G 530 24.78 48.74 65.04
C ASN G 530 24.22 49.02 63.65
N VAL G 531 25.08 49.54 62.76
CA VAL G 531 24.76 49.81 61.36
C VAL G 531 25.75 48.98 60.53
N TYR G 532 25.23 47.93 59.87
CA TYR G 532 26.03 47.00 59.07
C TYR G 532 26.29 47.50 57.64
N ALA G 533 26.70 46.57 56.74
CA ALA G 533 27.00 46.82 55.33
C ALA G 533 26.77 45.53 54.53
N VAL G 534 25.98 45.62 53.45
CA VAL G 534 25.64 44.49 52.59
C VAL G 534 26.13 44.70 51.16
N THR G 535 26.95 43.76 50.66
CA THR G 535 27.52 43.79 49.31
C THR G 535 26.49 43.32 48.28
N LYS G 536 26.76 43.63 47.01
CA LYS G 536 25.93 43.25 45.86
C LYS G 536 25.89 41.71 45.72
N GLU G 537 27.02 41.03 46.03
CA GLU G 537 27.11 39.58 45.97
C GLU G 537 26.30 38.89 47.06
N ASN G 538 26.13 39.56 48.21
CA ASN G 538 25.40 39.01 49.35
C ASN G 538 23.91 39.33 49.36
N THR G 539 23.48 40.43 48.73
CA THR G 539 22.09 40.89 48.76
C THR G 539 21.11 39.93 48.03
N ILE G 540 19.87 39.85 48.56
CA ILE G 540 18.79 39.04 48.00
C ILE G 540 17.77 39.93 47.30
N ILE G 541 17.59 39.69 46.01
CA ILE G 541 16.66 40.39 45.13
C ILE G 541 15.22 39.93 45.34
N ASN G 542 15.03 38.68 45.81
CA ASN G 542 13.73 38.05 46.08
C ASN G 542 13.74 37.24 47.38
N PRO G 543 12.59 37.06 48.09
CA PRO G 543 12.61 36.24 49.32
C PRO G 543 12.73 34.75 49.01
N SER G 544 13.05 33.95 50.05
CA SER G 544 13.22 32.50 49.95
C SER G 544 11.90 31.75 49.68
N GLU G 545 11.95 30.41 49.63
CA GLU G 545 10.80 29.52 49.43
C GLU G 545 9.73 29.74 50.50
N ASN G 546 10.17 30.03 51.75
CA ASN G 546 9.32 30.30 52.92
C ASN G 546 8.79 31.75 52.95
N GLY G 547 9.29 32.58 52.03
CA GLY G 547 8.93 33.99 51.94
C GLY G 547 9.70 34.79 52.97
N ASP G 548 11.03 34.62 52.95
CA ASP G 548 11.94 35.27 53.90
C ASP G 548 12.10 36.77 53.64
N THR G 549 11.21 37.58 54.25
CA THR G 549 11.24 39.04 54.17
C THR G 549 11.93 39.57 55.43
N SER G 550 13.19 39.14 55.64
CA SER G 550 14.01 39.49 56.80
C SER G 550 15.50 39.61 56.45
N THR G 551 16.21 40.50 57.17
CA THR G 551 17.63 40.79 57.00
C THR G 551 18.56 39.81 57.73
N ASN G 552 17.98 38.83 58.43
CA ASN G 552 18.72 37.81 59.18
C ASN G 552 19.55 36.88 58.28
N GLY G 553 18.95 36.42 57.19
CA GLY G 553 19.58 35.55 56.22
C GLY G 553 20.62 36.24 55.36
N ILE G 554 20.48 37.57 55.19
CA ILE G 554 21.38 38.40 54.40
C ILE G 554 22.74 38.55 55.11
N LYS G 555 23.84 38.26 54.39
CA LYS G 555 25.19 38.35 54.91
C LYS G 555 25.58 39.82 55.17
N LYS G 556 25.59 40.19 56.45
CA LYS G 556 25.90 41.54 56.92
C LYS G 556 27.34 41.69 57.41
N ILE G 557 27.98 42.81 57.03
CA ILE G 557 29.36 43.15 57.39
C ILE G 557 29.33 44.31 58.40
N LEU G 558 29.91 44.11 59.60
CA LEU G 558 29.96 45.12 60.67
C LEU G 558 30.72 46.35 60.17
N ILE G 559 30.05 47.52 60.14
CA ILE G 559 30.65 48.74 59.61
C ILE G 559 30.55 49.93 60.57
N PHE G 560 29.53 49.96 61.43
CA PHE G 560 29.34 51.04 62.40
C PHE G 560 28.74 50.46 63.67
N SER G 561 29.39 50.69 64.82
CA SER G 561 28.94 50.17 66.11
C SER G 561 29.15 51.17 67.26
N LYS G 562 28.94 52.47 67.00
CA LYS G 562 29.08 53.51 68.02
C LYS G 562 27.84 53.52 68.91
N LYS G 563 28.05 53.61 70.24
CA LYS G 563 26.98 53.62 71.24
C LYS G 563 26.09 54.87 71.17
N GLY G 564 24.88 54.76 71.70
CA GLY G 564 23.87 55.81 71.72
C GLY G 564 24.29 57.16 72.24
N TYR G 565 25.22 57.19 73.22
CA TYR G 565 25.73 58.43 73.81
C TYR G 565 26.80 59.11 72.96
N GLU G 566 27.50 58.34 72.09
CA GLU G 566 28.55 58.83 71.19
C GLU G 566 27.97 59.61 69.99
N ILE G 567 26.67 59.41 69.70
CA ILE G 567 25.93 60.05 68.62
C ILE G 567 24.98 61.12 69.17
N GLY G 568 24.11 60.71 70.09
CA GLY G 568 23.11 61.55 70.74
C GLY G 568 22.07 60.70 71.47
N THR H 7 15.50 -60.70 -23.57
CA THR H 7 14.11 -60.27 -23.37
C THR H 7 13.17 -61.00 -24.32
N VAL H 8 12.02 -61.44 -23.79
CA VAL H 8 10.99 -62.15 -24.56
C VAL H 8 9.85 -61.16 -24.87
N PRO H 9 9.47 -60.96 -26.16
CA PRO H 9 8.39 -60.01 -26.46
C PRO H 9 7.02 -60.65 -26.27
N ASP H 10 6.41 -60.42 -25.10
CA ASP H 10 5.08 -60.94 -24.76
C ASP H 10 4.21 -59.78 -24.32
N ARG H 11 3.11 -59.55 -25.05
CA ARG H 11 2.17 -58.47 -24.76
C ARG H 11 1.04 -58.94 -23.87
N ASP H 12 0.56 -60.18 -24.07
CA ASP H 12 -0.50 -60.76 -23.22
C ASP H 12 0.10 -61.33 -21.94
N ASN H 13 1.45 -61.50 -21.91
CA ASN H 13 2.26 -61.99 -20.79
C ASN H 13 1.67 -63.27 -20.19
N ASP H 14 1.16 -64.11 -21.09
CA ASP H 14 0.55 -65.40 -20.82
C ASP H 14 1.63 -66.46 -20.65
N GLY H 15 2.64 -66.42 -21.51
CA GLY H 15 3.77 -67.34 -21.55
C GLY H 15 4.10 -67.79 -22.95
N ILE H 16 3.62 -67.04 -23.95
CA ILE H 16 3.84 -67.31 -25.38
C ILE H 16 4.23 -66.01 -26.10
N PRO H 17 5.39 -65.98 -26.81
CA PRO H 17 5.79 -64.74 -27.49
C PRO H 17 4.92 -64.38 -28.68
N ASP H 18 4.83 -63.08 -28.98
CA ASP H 18 4.06 -62.49 -30.07
C ASP H 18 4.19 -63.31 -31.35
N SER H 19 5.42 -63.42 -31.88
CA SER H 19 5.73 -64.15 -33.10
C SER H 19 5.26 -65.61 -33.08
N LEU H 20 5.48 -66.31 -31.95
CA LEU H 20 5.05 -67.70 -31.80
C LEU H 20 3.53 -67.80 -31.76
N GLU H 21 2.90 -66.89 -31.02
CA GLU H 21 1.44 -66.78 -30.89
C GLU H 21 0.77 -66.53 -32.24
N VAL H 22 1.48 -65.87 -33.18
CA VAL H 22 0.99 -65.52 -34.51
C VAL H 22 1.33 -66.60 -35.57
N GLU H 23 2.62 -66.76 -35.89
CA GLU H 23 3.10 -67.68 -36.93
C GLU H 23 2.81 -69.17 -36.66
N GLY H 24 2.68 -69.54 -35.39
CA GLY H 24 2.39 -70.91 -35.00
C GLY H 24 3.32 -71.46 -33.93
N TYR H 25 2.83 -72.47 -33.18
CA TYR H 25 3.57 -73.12 -32.09
C TYR H 25 2.98 -74.48 -31.71
N THR H 26 3.69 -75.23 -30.81
CA THR H 26 3.29 -76.54 -30.28
C THR H 26 4.06 -76.85 -28.98
N VAL H 27 3.83 -78.03 -28.40
CA VAL H 27 4.47 -78.46 -27.15
C VAL H 27 5.21 -79.78 -27.37
N ASP H 28 6.53 -79.84 -27.05
CA ASP H 28 7.33 -81.06 -27.17
C ASP H 28 7.99 -81.42 -25.84
N VAL H 29 8.37 -82.70 -25.68
CA VAL H 29 9.03 -83.20 -24.47
C VAL H 29 10.47 -83.61 -24.76
N LYS H 30 11.44 -82.99 -24.04
CA LYS H 30 12.88 -83.25 -24.17
C LYS H 30 13.20 -84.54 -23.41
N ASN H 31 13.84 -84.43 -22.22
CA ASN H 31 14.15 -85.56 -21.35
C ASN H 31 12.79 -85.97 -20.80
N LYS H 32 12.12 -85.03 -20.11
CA LYS H 32 10.78 -85.13 -19.56
C LYS H 32 10.12 -83.76 -19.68
N ARG H 33 10.92 -82.68 -19.46
CA ARG H 33 10.55 -81.26 -19.48
C ARG H 33 9.76 -80.83 -20.71
N THR H 34 8.76 -79.95 -20.49
CA THR H 34 7.91 -79.40 -21.55
C THR H 34 8.62 -78.24 -22.23
N PHE H 35 8.65 -78.25 -23.56
CA PHE H 35 9.31 -77.24 -24.39
C PHE H 35 8.40 -76.63 -25.45
N LEU H 36 8.32 -75.30 -25.46
CA LEU H 36 7.51 -74.54 -26.41
C LEU H 36 8.37 -74.24 -27.64
N SER H 37 7.82 -74.48 -28.84
CA SER H 37 8.54 -74.29 -30.09
C SER H 37 7.60 -73.99 -31.25
N PRO H 38 8.01 -73.17 -32.26
CA PRO H 38 7.14 -72.95 -33.42
C PRO H 38 7.03 -74.17 -34.32
N TRP H 39 5.99 -74.21 -35.16
CA TRP H 39 5.63 -75.26 -36.10
C TRP H 39 6.72 -75.68 -37.09
N ILE H 40 7.13 -76.97 -37.05
CA ILE H 40 8.12 -77.55 -37.97
C ILE H 40 7.52 -78.79 -38.64
N SER H 41 7.12 -78.64 -39.91
CA SER H 41 6.53 -79.72 -40.71
C SER H 41 7.50 -80.87 -40.94
N ASN H 42 8.81 -80.58 -40.84
CA ASN H 42 9.90 -81.54 -41.03
C ASN H 42 9.96 -82.61 -39.94
N ILE H 43 9.48 -82.30 -38.72
CA ILE H 43 9.51 -83.25 -37.62
C ILE H 43 8.20 -83.31 -36.83
N HIS H 44 7.61 -82.16 -36.45
CA HIS H 44 6.37 -82.11 -35.66
C HIS H 44 5.16 -82.72 -36.37
N GLU H 45 4.97 -82.39 -37.66
CA GLU H 45 3.86 -82.92 -38.48
C GLU H 45 4.02 -84.42 -38.69
N LYS H 46 5.28 -84.87 -38.89
CA LYS H 46 5.62 -86.27 -39.08
C LYS H 46 5.49 -87.05 -37.77
N LYS H 47 5.70 -86.34 -36.63
CA LYS H 47 5.60 -86.86 -35.27
C LYS H 47 4.13 -87.12 -34.92
N GLY H 48 3.47 -86.11 -34.36
CA GLY H 48 2.07 -86.18 -33.96
C GLY H 48 1.67 -85.01 -33.09
N LEU H 49 2.21 -83.82 -33.39
CA LEU H 49 1.94 -82.59 -32.66
C LEU H 49 1.27 -81.59 -33.58
N THR H 50 0.02 -81.20 -33.25
CA THR H 50 -0.79 -80.28 -34.03
C THR H 50 -0.23 -78.84 -34.05
N LYS H 51 -0.74 -77.98 -34.96
CA LYS H 51 -0.32 -76.58 -35.08
C LYS H 51 -1.25 -75.68 -34.27
N TYR H 52 -0.70 -75.07 -33.22
CA TYR H 52 -1.42 -74.19 -32.31
C TYR H 52 -1.10 -72.73 -32.60
N LYS H 53 -2.13 -71.88 -32.58
CA LYS H 53 -2.05 -70.43 -32.81
C LYS H 53 -3.05 -69.71 -31.90
N SER H 54 -2.63 -68.64 -31.21
CA SER H 54 -3.53 -67.88 -30.33
C SER H 54 -3.44 -66.36 -30.54
N SER H 55 -3.82 -65.57 -29.51
CA SER H 55 -3.82 -64.11 -29.59
C SER H 55 -2.74 -63.48 -28.70
N PRO H 56 -1.80 -62.69 -29.29
CA PRO H 56 -0.72 -62.09 -28.48
C PRO H 56 -1.15 -60.93 -27.58
N GLU H 57 -2.39 -60.41 -27.76
CA GLU H 57 -2.93 -59.31 -26.96
C GLU H 57 -4.03 -59.80 -25.99
N LYS H 58 -4.51 -61.05 -26.20
CA LYS H 58 -5.53 -61.69 -25.35
C LYS H 58 -4.90 -62.80 -24.50
N TRP H 59 -5.15 -62.75 -23.18
CA TRP H 59 -4.67 -63.73 -22.19
C TRP H 59 -5.26 -65.09 -22.50
N SER H 60 -6.58 -65.11 -22.79
CA SER H 60 -7.34 -66.27 -23.20
C SER H 60 -8.06 -65.88 -24.48
N THR H 61 -7.73 -66.57 -25.56
CA THR H 61 -8.32 -66.35 -26.88
C THR H 61 -9.81 -66.62 -26.76
N ALA H 62 -10.14 -67.74 -26.08
CA ALA H 62 -11.49 -68.20 -25.81
C ALA H 62 -12.24 -67.29 -24.83
N SER H 63 -11.50 -66.34 -24.19
CA SER H 63 -12.01 -65.40 -23.18
C SER H 63 -12.60 -66.17 -22.00
N ASP H 64 -12.04 -67.35 -21.74
CA ASP H 64 -12.43 -68.28 -20.68
C ASP H 64 -11.47 -68.10 -19.46
N PRO H 65 -11.72 -68.74 -18.29
CA PRO H 65 -10.82 -68.52 -17.15
C PRO H 65 -9.43 -69.13 -17.28
N TYR H 66 -9.24 -70.05 -18.24
CA TYR H 66 -7.96 -70.70 -18.45
C TYR H 66 -7.18 -70.07 -19.61
N SER H 67 -5.94 -69.64 -19.34
CA SER H 67 -5.05 -68.96 -20.29
C SER H 67 -4.67 -69.81 -21.49
N ASP H 68 -4.20 -69.15 -22.56
CA ASP H 68 -3.70 -69.79 -23.78
C ASP H 68 -2.61 -70.77 -23.39
N PHE H 69 -1.67 -70.30 -22.53
CA PHE H 69 -0.55 -71.05 -22.01
C PHE H 69 -0.96 -72.24 -21.18
N GLU H 70 -1.84 -72.03 -20.18
CA GLU H 70 -2.35 -73.06 -19.28
C GLU H 70 -2.93 -74.30 -20.01
N LYS H 71 -3.56 -74.07 -21.19
CA LYS H 71 -4.20 -75.10 -22.02
C LYS H 71 -3.21 -76.04 -22.71
N VAL H 72 -2.25 -75.47 -23.48
CA VAL H 72 -1.25 -76.21 -24.26
C VAL H 72 -0.24 -76.97 -23.40
N THR H 73 0.29 -76.33 -22.33
CA THR H 73 1.26 -76.98 -21.44
C THR H 73 0.61 -78.08 -20.61
N GLY H 74 -0.65 -77.86 -20.22
CA GLY H 74 -1.40 -78.79 -19.39
C GLY H 74 -1.58 -78.32 -17.96
N ARG H 75 -1.09 -77.10 -17.66
CA ARG H 75 -1.19 -76.48 -16.34
C ARG H 75 -2.62 -75.90 -16.15
N ILE H 76 -3.62 -76.75 -16.41
CA ILE H 76 -5.03 -76.45 -16.35
C ILE H 76 -5.74 -77.46 -15.44
N ASP H 77 -7.02 -77.23 -15.15
CA ASP H 77 -7.87 -78.12 -14.39
C ASP H 77 -8.00 -79.38 -15.25
N LYS H 78 -7.42 -80.50 -14.78
CA LYS H 78 -7.37 -81.78 -15.49
C LYS H 78 -8.73 -82.30 -15.97
N ASN H 79 -9.82 -81.86 -15.32
CA ASN H 79 -11.19 -82.23 -15.66
C ASN H 79 -11.62 -81.62 -17.00
N VAL H 80 -11.02 -80.47 -17.39
CA VAL H 80 -11.32 -79.76 -18.63
C VAL H 80 -11.09 -80.68 -19.82
N SER H 81 -12.11 -80.79 -20.70
CA SER H 81 -12.16 -81.62 -21.91
C SER H 81 -10.88 -81.58 -22.76
N PRO H 82 -10.43 -82.73 -23.33
CA PRO H 82 -9.20 -82.74 -24.15
C PRO H 82 -9.30 -81.88 -25.41
N GLU H 83 -10.51 -81.80 -26.01
CA GLU H 83 -10.76 -80.96 -27.18
C GLU H 83 -10.64 -79.48 -26.79
N ALA H 84 -10.96 -79.17 -25.52
CA ALA H 84 -10.89 -77.82 -24.95
C ALA H 84 -9.48 -77.42 -24.53
N ARG H 85 -8.53 -78.37 -24.54
CA ARG H 85 -7.14 -78.10 -24.19
C ARG H 85 -6.37 -77.34 -25.31
N HIS H 86 -7.12 -76.80 -26.31
CA HIS H 86 -6.61 -76.00 -27.44
C HIS H 86 -6.94 -74.51 -27.21
N PRO H 87 -6.03 -73.56 -27.57
CA PRO H 87 -6.31 -72.13 -27.33
C PRO H 87 -7.53 -71.57 -28.04
N LEU H 88 -7.84 -72.07 -29.24
CA LEU H 88 -8.98 -71.64 -30.03
C LEU H 88 -10.28 -72.39 -29.66
N VAL H 89 -10.27 -73.18 -28.56
CA VAL H 89 -11.44 -73.93 -28.10
C VAL H 89 -11.86 -73.47 -26.70
N ALA H 90 -13.15 -73.11 -26.56
CA ALA H 90 -13.71 -72.63 -25.32
C ALA H 90 -13.94 -73.75 -24.33
N ALA H 91 -13.51 -73.52 -23.09
CA ALA H 91 -13.66 -74.43 -21.96
C ALA H 91 -14.74 -73.83 -21.06
N TYR H 92 -16.01 -74.08 -21.42
CA TYR H 92 -17.17 -73.54 -20.68
C TYR H 92 -18.25 -74.60 -20.38
N PRO H 93 -18.93 -74.53 -19.23
CA PRO H 93 -19.93 -75.55 -18.90
C PRO H 93 -21.35 -75.24 -19.36
N ILE H 94 -22.09 -76.31 -19.67
CA ILE H 94 -23.51 -76.32 -20.07
C ILE H 94 -24.10 -77.55 -19.37
N VAL H 95 -25.19 -77.35 -18.60
CA VAL H 95 -25.84 -78.43 -17.86
C VAL H 95 -27.36 -78.32 -17.93
N HIS H 96 -28.00 -79.44 -18.26
CA HIS H 96 -29.45 -79.58 -18.31
C HIS H 96 -29.86 -80.67 -17.34
N VAL H 97 -31.16 -80.76 -17.04
CA VAL H 97 -31.67 -81.74 -16.10
C VAL H 97 -32.26 -82.94 -16.84
N ASP H 98 -31.73 -84.15 -16.53
CA ASP H 98 -32.16 -85.42 -17.11
C ASP H 98 -33.08 -86.14 -16.12
N MET H 99 -34.33 -86.37 -16.53
CA MET H 99 -35.32 -87.06 -15.71
C MET H 99 -35.27 -88.54 -16.04
N GLU H 100 -35.17 -89.38 -15.01
CA GLU H 100 -35.07 -90.84 -15.17
C GLU H 100 -36.43 -91.54 -15.15
N ASN H 101 -37.34 -91.11 -14.25
CA ASN H 101 -38.69 -91.67 -14.07
C ASN H 101 -39.60 -90.71 -13.30
N ILE H 102 -40.92 -90.86 -13.48
CA ILE H 102 -41.94 -90.07 -12.80
C ILE H 102 -42.86 -90.94 -11.92
N ILE H 103 -43.60 -90.30 -11.00
CA ILE H 103 -44.58 -90.95 -10.12
C ILE H 103 -45.69 -89.95 -9.79
N LEU H 104 -46.94 -90.31 -10.11
CA LEU H 104 -48.10 -89.46 -9.89
C LEU H 104 -49.08 -90.07 -8.90
N SER H 105 -49.52 -89.24 -7.94
CA SER H 105 -50.47 -89.61 -6.87
C SER H 105 -51.40 -88.44 -6.53
N LYS H 106 -52.56 -88.74 -5.91
CA LYS H 106 -53.52 -87.73 -5.46
C LYS H 106 -52.99 -87.03 -4.20
N ASN H 107 -53.23 -85.71 -4.08
CA ASN H 107 -52.75 -84.88 -2.97
C ASN H 107 -53.21 -85.37 -1.58
N GLU H 108 -52.25 -85.39 -0.63
CA GLU H 108 -52.44 -85.79 0.76
C GLU H 108 -51.55 -84.94 1.67
N SER H 123 -46.70 -94.90 -12.09
CA SER H 123 -45.26 -94.68 -12.24
C SER H 123 -44.76 -95.14 -13.61
N LYS H 124 -44.10 -94.24 -14.35
CA LYS H 124 -43.56 -94.48 -15.70
C LYS H 124 -42.13 -93.92 -15.81
N ASN H 125 -41.27 -94.59 -16.58
CA ASN H 125 -39.89 -94.17 -16.80
C ASN H 125 -39.81 -93.08 -17.86
N THR H 126 -39.00 -92.04 -17.63
CA THR H 126 -38.85 -90.91 -18.56
C THR H 126 -37.50 -90.86 -19.26
N SER H 127 -37.49 -90.34 -20.50
CA SER H 127 -36.30 -90.18 -21.34
C SER H 127 -36.08 -88.69 -21.62
N THR H 128 -34.88 -88.19 -21.32
CA THR H 128 -34.55 -86.78 -21.50
C THR H 128 -33.31 -86.58 -22.38
N SER H 129 -33.36 -85.54 -23.24
CA SER H 129 -32.29 -85.13 -24.14
C SER H 129 -32.29 -83.62 -24.25
N ARG H 130 -31.09 -83.00 -24.34
CA ARG H 130 -30.96 -81.54 -24.44
C ARG H 130 -31.55 -81.03 -25.74
N THR H 131 -32.47 -80.05 -25.63
CA THR H 131 -33.17 -79.49 -26.78
C THR H 131 -32.66 -78.11 -27.18
N HIS H 132 -32.43 -77.94 -28.48
CA HIS H 132 -31.99 -76.71 -29.11
C HIS H 132 -33.04 -76.37 -30.15
N THR H 133 -34.04 -75.57 -29.73
CA THR H 133 -35.20 -75.16 -30.52
C THR H 133 -34.84 -74.44 -31.83
N SER H 134 -35.52 -74.85 -32.92
CA SER H 134 -35.40 -74.31 -34.28
C SER H 134 -36.48 -73.25 -34.53
N GLU H 135 -36.22 -72.33 -35.49
CA GLU H 135 -37.12 -71.23 -35.86
C GLU H 135 -38.48 -71.69 -36.38
N VAL H 136 -39.51 -70.83 -36.19
CA VAL H 136 -40.90 -71.01 -36.63
C VAL H 136 -40.96 -71.13 -38.17
N HIS H 137 -41.95 -71.89 -38.69
CA HIS H 137 -42.08 -72.18 -40.12
C HIS H 137 -42.27 -70.95 -41.03
N GLY H 138 -43.51 -70.46 -41.16
CA GLY H 138 -43.86 -69.33 -42.01
C GLY H 138 -45.35 -69.13 -42.05
N ASN H 139 -45.97 -69.26 -40.88
CA ASN H 139 -47.42 -69.18 -40.65
C ASN H 139 -47.69 -68.83 -39.20
N ALA H 140 -46.77 -69.26 -38.30
CA ALA H 140 -46.83 -69.06 -36.87
C ALA H 140 -46.88 -67.58 -36.49
N GLU H 141 -47.92 -67.22 -35.70
CA GLU H 141 -48.21 -65.88 -35.22
C GLU H 141 -47.10 -65.29 -34.36
N VAL H 142 -46.61 -64.13 -34.77
CA VAL H 142 -45.58 -63.39 -34.07
C VAL H 142 -46.00 -61.94 -33.91
N HIS H 143 -45.63 -61.32 -32.78
CA HIS H 143 -45.94 -59.92 -32.47
C HIS H 143 -45.08 -58.95 -33.32
N ALA H 144 -45.42 -57.64 -33.29
CA ALA H 144 -44.71 -56.59 -34.04
C ALA H 144 -43.22 -56.47 -33.65
N SER H 145 -42.90 -56.75 -32.36
CA SER H 145 -41.54 -56.69 -31.81
C SER H 145 -40.61 -57.82 -32.28
N PHE H 146 -41.16 -58.94 -32.84
CA PHE H 146 -40.39 -60.08 -33.36
C PHE H 146 -39.44 -59.65 -34.49
N PHE H 147 -39.89 -58.70 -35.32
CA PHE H 147 -39.13 -58.12 -36.44
C PHE H 147 -38.32 -56.91 -35.99
N ASP H 148 -38.79 -56.19 -34.94
CA ASP H 148 -38.15 -55.01 -34.37
C ASP H 148 -36.70 -55.28 -33.97
N ILE H 149 -35.77 -54.49 -34.54
CA ILE H 149 -34.32 -54.61 -34.31
C ILE H 149 -34.02 -54.37 -32.82
N GLY H 150 -33.39 -55.35 -32.18
CA GLY H 150 -33.05 -55.28 -30.76
C GLY H 150 -33.96 -56.13 -29.90
N GLY H 151 -35.12 -55.57 -29.55
CA GLY H 151 -36.13 -56.23 -28.73
C GLY H 151 -36.75 -57.48 -29.33
N ASN H 159 -29.04 -68.78 -26.79
CA ASN H 159 -28.04 -69.07 -25.76
C ASN H 159 -28.72 -69.39 -24.42
N SER H 160 -29.19 -70.65 -24.27
CA SER H 160 -29.88 -71.12 -23.07
C SER H 160 -29.89 -72.65 -22.98
N ASN H 161 -30.19 -73.18 -21.78
CA ASN H 161 -30.28 -74.62 -21.52
C ASN H 161 -31.75 -75.00 -21.32
N SER H 162 -32.25 -75.92 -22.15
CA SER H 162 -33.62 -76.43 -22.10
C SER H 162 -33.66 -77.89 -22.53
N SER H 163 -34.37 -78.73 -21.76
CA SER H 163 -34.47 -80.16 -22.03
C SER H 163 -35.91 -80.65 -21.96
N THR H 164 -36.34 -81.40 -22.98
CA THR H 164 -37.70 -81.95 -23.06
C THR H 164 -37.71 -83.44 -22.66
N VAL H 165 -38.59 -83.81 -21.72
CA VAL H 165 -38.73 -85.19 -21.22
C VAL H 165 -39.82 -85.95 -22.01
N ALA H 166 -39.86 -87.28 -21.88
CA ALA H 166 -40.85 -88.12 -22.54
C ALA H 166 -41.35 -89.23 -21.60
N ILE H 167 -42.59 -89.08 -21.12
CA ILE H 167 -43.22 -90.03 -20.20
C ILE H 167 -43.66 -91.27 -20.98
N ASP H 168 -43.36 -92.47 -20.43
CA ASP H 168 -43.68 -93.77 -21.01
C ASP H 168 -45.19 -93.95 -21.12
N HIS H 169 -45.67 -94.19 -22.35
CA HIS H 169 -47.09 -94.39 -22.67
C HIS H 169 -47.58 -95.79 -22.29
N SER H 170 -46.65 -96.77 -22.29
CA SER H 170 -46.87 -98.20 -21.98
C SER H 170 -47.48 -98.47 -20.60
N LEU H 171 -48.25 -99.58 -20.49
CA LEU H 171 -48.97 -100.03 -19.29
C LEU H 171 -48.12 -100.14 -18.03
N SER H 172 -48.72 -99.75 -16.89
CA SER H 172 -48.15 -99.81 -15.55
C SER H 172 -48.88 -100.94 -14.80
N LEU H 173 -50.23 -100.85 -14.73
CA LEU H 173 -51.09 -101.87 -14.13
C LEU H 173 -51.52 -102.84 -15.24
N ALA H 174 -52.32 -103.88 -14.89
CA ALA H 174 -52.83 -104.90 -15.84
C ALA H 174 -53.77 -104.29 -16.90
N GLY H 175 -54.65 -103.40 -16.46
CA GLY H 175 -55.61 -102.73 -17.32
C GLY H 175 -55.86 -101.29 -16.91
N GLU H 176 -54.77 -100.52 -16.70
CA GLU H 176 -54.86 -99.11 -16.32
C GLU H 176 -55.39 -98.26 -17.48
N ARG H 177 -56.52 -97.61 -17.25
CA ARG H 177 -57.16 -96.76 -18.25
C ARG H 177 -57.59 -95.44 -17.62
N THR H 178 -57.22 -94.33 -18.29
CA THR H 178 -57.46 -92.93 -17.90
C THR H 178 -56.75 -92.62 -16.59
N TRP H 179 -55.58 -91.94 -16.68
CA TRP H 179 -54.73 -91.53 -15.55
C TRP H 179 -55.53 -90.73 -14.51
N ALA H 180 -56.47 -89.87 -14.98
CA ALA H 180 -57.37 -89.03 -14.17
C ALA H 180 -58.27 -89.88 -13.28
N GLU H 181 -58.50 -91.15 -13.65
CA GLU H 181 -59.33 -92.12 -12.93
C GLU H 181 -58.52 -93.25 -12.28
N THR H 182 -57.28 -93.49 -12.76
CA THR H 182 -56.38 -94.52 -12.20
C THR H 182 -55.93 -94.10 -10.79
N MET H 183 -55.91 -92.78 -10.51
CA MET H 183 -55.56 -92.17 -9.22
C MET H 183 -56.80 -91.85 -8.39
N GLY H 184 -57.91 -91.58 -9.07
CA GLY H 184 -59.20 -91.24 -8.46
C GLY H 184 -59.35 -89.75 -8.24
N LEU H 185 -59.22 -88.98 -9.33
CA LEU H 185 -59.32 -87.51 -9.30
C LEU H 185 -60.54 -86.99 -10.04
N ASN H 186 -60.98 -85.78 -9.66
CA ASN H 186 -62.10 -85.06 -10.27
C ASN H 186 -61.71 -83.59 -10.41
N THR H 187 -62.56 -82.78 -11.10
CA THR H 187 -62.36 -81.34 -11.38
C THR H 187 -61.85 -80.53 -10.15
N ALA H 188 -62.34 -80.88 -8.95
CA ALA H 188 -61.97 -80.26 -7.67
C ALA H 188 -60.65 -80.81 -7.12
N ASP H 189 -60.42 -82.15 -7.26
CA ASP H 189 -59.23 -82.85 -6.78
C ASP H 189 -57.94 -82.39 -7.48
N THR H 190 -56.82 -82.39 -6.72
CA THR H 190 -55.50 -82.01 -7.23
C THR H 190 -54.53 -83.18 -7.20
N ALA H 191 -53.68 -83.26 -8.24
CA ALA H 191 -52.67 -84.31 -8.41
C ALA H 191 -51.27 -83.77 -8.08
N ARG H 192 -50.51 -84.49 -7.25
CA ARG H 192 -49.15 -84.11 -6.87
C ARG H 192 -48.10 -84.90 -7.64
N LEU H 193 -47.21 -84.19 -8.34
CA LEU H 193 -46.15 -84.78 -9.15
C LEU H 193 -44.84 -84.89 -8.37
N ASN H 194 -44.15 -86.02 -8.56
CA ASN H 194 -42.85 -86.35 -7.98
C ASN H 194 -42.06 -87.16 -9.00
N ALA H 195 -40.75 -86.89 -9.13
CA ALA H 195 -39.91 -87.57 -10.12
C ALA H 195 -38.45 -87.71 -9.69
N ASN H 196 -37.71 -88.60 -10.39
CA ASN H 196 -36.28 -88.84 -10.18
C ASN H 196 -35.53 -88.03 -11.23
N ILE H 197 -34.71 -87.07 -10.77
CA ILE H 197 -33.94 -86.17 -11.62
C ILE H 197 -32.44 -86.28 -11.38
N ARG H 198 -31.66 -85.99 -12.43
CA ARG H 198 -30.21 -86.01 -12.40
C ARG H 198 -29.64 -84.81 -13.16
N TYR H 199 -28.58 -84.20 -12.60
CA TYR H 199 -27.88 -83.09 -13.24
C TYR H 199 -26.76 -83.68 -14.07
N VAL H 200 -26.62 -83.27 -15.34
CA VAL H 200 -25.58 -83.82 -16.20
C VAL H 200 -24.97 -82.74 -17.12
N ASN H 201 -23.63 -82.66 -17.13
CA ASN H 201 -22.86 -81.70 -17.91
C ASN H 201 -22.65 -82.15 -19.34
N THR H 202 -22.84 -81.21 -20.27
CA THR H 202 -22.63 -81.43 -21.70
C THR H 202 -21.57 -80.49 -22.25
N GLY H 203 -21.09 -79.58 -21.41
CA GLY H 203 -20.08 -78.57 -21.76
C GLY H 203 -18.65 -79.07 -21.88
N THR H 204 -17.70 -78.21 -21.47
CA THR H 204 -16.26 -78.48 -21.54
C THR H 204 -15.52 -78.18 -20.24
N ALA H 205 -16.18 -77.49 -19.28
CA ALA H 205 -15.59 -77.09 -18.01
C ALA H 205 -16.33 -77.64 -16.77
N PRO H 206 -15.65 -77.81 -15.61
CA PRO H 206 -16.36 -78.37 -14.44
C PRO H 206 -16.89 -77.35 -13.42
N ILE H 207 -18.03 -77.67 -12.79
CA ILE H 207 -18.64 -76.87 -11.73
C ILE H 207 -18.34 -77.62 -10.43
N TYR H 208 -17.72 -76.92 -9.48
CA TYR H 208 -17.24 -77.51 -8.23
C TYR H 208 -18.19 -77.42 -7.03
N ASN H 209 -19.21 -76.55 -7.06
CA ASN H 209 -20.10 -76.44 -5.89
C ASN H 209 -21.57 -76.15 -6.23
N VAL H 210 -21.99 -74.87 -6.22
CA VAL H 210 -23.36 -74.38 -6.44
C VAL H 210 -23.94 -74.86 -7.78
N LEU H 211 -25.11 -75.49 -7.70
CA LEU H 211 -25.85 -76.01 -8.84
C LEU H 211 -26.79 -74.95 -9.40
N PRO H 212 -26.98 -74.90 -10.75
CA PRO H 212 -27.87 -73.89 -11.33
C PRO H 212 -29.34 -74.11 -11.01
N THR H 213 -30.13 -73.04 -11.11
CA THR H 213 -31.56 -73.10 -10.86
C THR H 213 -32.28 -73.62 -12.11
N THR H 214 -33.26 -74.50 -11.93
CA THR H 214 -34.03 -75.08 -13.02
C THR H 214 -35.53 -74.94 -12.76
N SER H 215 -36.35 -74.94 -13.83
CA SER H 215 -37.80 -74.81 -13.72
C SER H 215 -38.55 -75.78 -14.61
N LEU H 216 -39.49 -76.56 -14.03
CA LEU H 216 -40.31 -77.52 -14.76
C LEU H 216 -41.52 -76.79 -15.36
N VAL H 217 -41.65 -76.84 -16.71
CA VAL H 217 -42.69 -76.14 -17.46
C VAL H 217 -43.64 -77.13 -18.17
N LEU H 218 -44.95 -76.99 -17.91
CA LEU H 218 -46.00 -77.78 -18.55
C LEU H 218 -46.39 -77.08 -19.84
N GLY H 219 -46.30 -77.80 -20.95
CA GLY H 219 -46.66 -77.28 -22.27
C GLY H 219 -45.71 -76.25 -22.82
N LYS H 220 -46.08 -74.95 -22.70
CA LYS H 220 -45.28 -73.85 -23.23
C LYS H 220 -44.73 -72.88 -22.18
N ASN H 221 -45.60 -72.37 -21.28
CA ASN H 221 -45.20 -71.37 -20.28
C ASN H 221 -45.67 -71.68 -18.85
N GLN H 222 -46.60 -72.64 -18.68
CA GLN H 222 -47.16 -73.03 -17.38
C GLN H 222 -46.09 -73.59 -16.44
N THR H 223 -45.44 -72.67 -15.70
CA THR H 223 -44.37 -72.97 -14.75
C THR H 223 -44.90 -73.75 -13.53
N LEU H 224 -44.59 -75.05 -13.47
CA LEU H 224 -45.04 -75.93 -12.38
C LEU H 224 -44.26 -75.73 -11.09
N ALA H 225 -42.93 -75.91 -11.13
CA ALA H 225 -42.05 -75.75 -9.96
C ALA H 225 -40.64 -75.36 -10.34
N THR H 226 -39.93 -74.69 -9.41
CA THR H 226 -38.55 -74.25 -9.55
C THR H 226 -37.66 -75.02 -8.58
N ILE H 227 -36.71 -75.79 -9.13
CA ILE H 227 -35.81 -76.65 -8.36
C ILE H 227 -34.39 -76.09 -8.30
N LYS H 228 -33.78 -76.15 -7.10
CA LYS H 228 -32.42 -75.71 -6.82
C LYS H 228 -31.93 -76.35 -5.52
N ALA H 229 -30.80 -77.09 -5.58
CA ALA H 229 -30.23 -77.76 -4.41
C ALA H 229 -29.51 -76.76 -3.51
N LEU H 234 -23.41 -78.07 -0.79
CA LEU H 234 -22.69 -79.20 -1.37
C LEU H 234 -21.36 -78.80 -2.03
N SER H 235 -20.44 -79.78 -2.20
CA SER H 235 -19.13 -79.58 -2.82
C SER H 235 -18.74 -80.76 -3.74
N GLN H 236 -19.76 -81.46 -4.30
CA GLN H 236 -19.56 -82.58 -5.22
C GLN H 236 -19.23 -82.04 -6.61
N ILE H 237 -18.16 -82.56 -7.22
CA ILE H 237 -17.63 -82.12 -8.51
C ILE H 237 -18.42 -82.66 -9.70
N LEU H 238 -18.91 -81.74 -10.56
CA LEU H 238 -19.63 -82.06 -11.78
C LEU H 238 -18.63 -81.99 -12.92
N ALA H 239 -18.18 -83.17 -13.38
CA ALA H 239 -17.19 -83.29 -14.46
C ALA H 239 -17.82 -83.17 -15.85
N PRO H 240 -17.12 -82.57 -16.85
CA PRO H 240 -17.70 -82.50 -18.20
C PRO H 240 -17.92 -83.90 -18.78
N ASN H 241 -19.10 -84.10 -19.40
CA ASN H 241 -19.55 -85.37 -19.99
C ASN H 241 -19.72 -86.48 -18.93
N ASN H 242 -20.15 -86.09 -17.70
CA ASN H 242 -20.38 -86.98 -16.55
C ASN H 242 -21.61 -86.53 -15.73
N TYR H 243 -22.31 -87.48 -15.09
CA TYR H 243 -23.49 -87.22 -14.26
C TYR H 243 -23.13 -86.74 -12.86
N TYR H 244 -23.88 -85.74 -12.32
CA TYR H 244 -23.70 -85.23 -10.96
C TYR H 244 -24.05 -86.34 -9.96
N PRO H 245 -25.27 -86.93 -9.96
CA PRO H 245 -25.50 -88.09 -9.08
C PRO H 245 -25.04 -89.29 -9.91
N SER H 246 -23.72 -89.57 -9.85
CA SER H 246 -23.05 -90.63 -10.61
C SER H 246 -23.77 -91.96 -10.61
N LYS H 247 -23.59 -92.73 -11.70
CA LYS H 247 -24.20 -94.05 -11.92
C LYS H 247 -23.92 -95.07 -10.80
N ASN H 248 -22.98 -94.74 -9.87
CA ASN H 248 -22.62 -95.56 -8.72
C ASN H 248 -23.40 -95.20 -7.44
N LEU H 249 -24.04 -94.01 -7.43
CA LEU H 249 -24.83 -93.50 -6.32
C LEU H 249 -26.31 -93.38 -6.70
N ALA H 250 -27.20 -93.20 -5.71
CA ALA H 250 -28.65 -93.05 -5.92
C ALA H 250 -28.99 -91.65 -6.47
N PRO H 251 -30.05 -91.49 -7.32
CA PRO H 251 -30.37 -90.15 -7.85
C PRO H 251 -31.13 -89.24 -6.89
N ILE H 252 -31.57 -88.04 -7.34
CA ILE H 252 -32.29 -87.07 -6.51
C ILE H 252 -33.78 -87.02 -6.85
N ALA H 253 -34.62 -86.97 -5.81
CA ALA H 253 -36.09 -86.90 -5.92
C ALA H 253 -36.55 -85.42 -5.92
N LEU H 254 -37.87 -85.19 -6.10
CA LEU H 254 -38.39 -83.83 -6.14
C LEU H 254 -39.27 -83.47 -4.96
N ASN H 255 -38.70 -82.68 -4.02
CA ASN H 255 -39.30 -82.15 -2.78
C ASN H 255 -40.10 -83.22 -1.99
N ALA H 256 -39.38 -83.98 -1.15
CA ALA H 256 -39.96 -85.04 -0.32
C ALA H 256 -39.47 -84.92 1.11
N SER H 262 -39.33 -79.32 0.79
CA SER H 262 -40.37 -79.21 1.81
C SER H 262 -41.78 -79.48 1.27
N THR H 263 -42.24 -78.71 0.26
CA THR H 263 -43.56 -78.85 -0.38
C THR H 263 -43.44 -79.35 -1.84
N PRO H 264 -44.12 -80.47 -2.21
CA PRO H 264 -44.00 -80.98 -3.59
C PRO H 264 -44.75 -80.16 -4.64
N ILE H 265 -44.60 -80.54 -5.92
CA ILE H 265 -45.25 -79.90 -7.07
C ILE H 265 -46.75 -80.16 -7.01
N THR H 266 -47.56 -79.11 -7.20
CA THR H 266 -49.02 -79.19 -7.17
C THR H 266 -49.60 -78.90 -8.56
N MET H 267 -50.50 -79.78 -9.02
CA MET H 267 -51.14 -79.68 -10.33
C MET H 267 -52.65 -79.88 -10.20
N ASN H 268 -53.43 -79.04 -10.88
CA ASN H 268 -54.89 -79.12 -10.89
C ASN H 268 -55.36 -80.17 -11.90
N TYR H 269 -56.65 -80.58 -11.81
CA TYR H 269 -57.25 -81.60 -12.68
C TYR H 269 -57.19 -81.22 -14.17
N ASN H 270 -57.46 -79.95 -14.49
CA ASN H 270 -57.46 -79.41 -15.85
C ASN H 270 -56.07 -79.42 -16.49
N GLN H 271 -55.03 -79.12 -15.69
CA GLN H 271 -53.64 -79.14 -16.13
C GLN H 271 -53.11 -80.57 -16.21
N PHE H 272 -53.69 -81.49 -15.42
CA PHE H 272 -53.31 -82.91 -15.39
C PHE H 272 -53.73 -83.61 -16.67
N LEU H 273 -54.87 -83.21 -17.26
CA LEU H 273 -55.39 -83.77 -18.50
C LEU H 273 -54.52 -83.38 -19.70
N GLU H 274 -53.78 -82.25 -19.59
CA GLU H 274 -52.84 -81.76 -20.61
C GLU H 274 -51.63 -82.69 -20.61
N LEU H 275 -51.15 -83.07 -19.41
CA LEU H 275 -50.01 -83.96 -19.19
C LEU H 275 -50.34 -85.38 -19.65
N GLU H 276 -51.59 -85.82 -19.45
CA GLU H 276 -52.07 -87.15 -19.86
C GLU H 276 -52.16 -87.23 -21.40
N LYS H 277 -52.54 -86.11 -22.04
CA LYS H 277 -52.71 -85.97 -23.49
C LYS H 277 -51.38 -85.83 -24.24
N THR H 278 -50.41 -85.11 -23.66
CA THR H 278 -49.10 -84.87 -24.27
C THR H 278 -48.04 -85.92 -23.89
N LYS H 279 -48.07 -86.39 -22.62
CA LYS H 279 -47.13 -87.35 -22.03
C LYS H 279 -45.67 -86.85 -22.13
N GLN H 280 -45.49 -85.53 -21.93
CA GLN H 280 -44.19 -84.82 -21.99
C GLN H 280 -44.20 -83.50 -21.20
N LEU H 281 -43.00 -83.10 -20.74
CA LEU H 281 -42.76 -81.86 -19.99
C LEU H 281 -41.47 -81.17 -20.47
N ARG H 282 -41.20 -79.96 -19.95
CA ARG H 282 -40.00 -79.18 -20.30
C ARG H 282 -39.22 -78.79 -19.04
N LEU H 283 -37.88 -78.70 -19.16
CA LEU H 283 -36.97 -78.33 -18.08
C LEU H 283 -36.01 -77.23 -18.52
N ASP H 284 -36.29 -76.00 -18.06
CA ASP H 284 -35.49 -74.81 -18.37
C ASP H 284 -34.51 -74.51 -17.23
N THR H 285 -33.20 -74.70 -17.51
CA THR H 285 -32.12 -74.49 -16.55
C THR H 285 -31.30 -73.25 -16.95
N ASP H 286 -30.94 -72.42 -15.95
CA ASP H 286 -30.15 -71.22 -16.19
C ASP H 286 -28.65 -71.52 -16.26
N GLN H 287 -27.86 -70.52 -16.69
CA GLN H 287 -26.41 -70.66 -16.84
C GLN H 287 -25.61 -70.11 -15.63
N VAL H 288 -26.29 -69.80 -14.51
CA VAL H 288 -25.60 -69.33 -13.30
C VAL H 288 -25.01 -70.54 -12.56
N TYR H 289 -23.67 -70.62 -12.52
CA TYR H 289 -22.96 -71.75 -11.90
C TYR H 289 -22.03 -71.32 -10.77
N GLY H 290 -21.52 -72.31 -10.03
CA GLY H 290 -20.61 -72.11 -8.91
C GLY H 290 -19.24 -71.60 -9.32
N ASN H 291 -18.46 -71.11 -8.35
CA ASN H 291 -17.11 -70.55 -8.53
C ASN H 291 -16.15 -71.49 -9.28
N ILE H 292 -15.27 -70.90 -10.12
CA ILE H 292 -14.32 -71.64 -10.93
C ILE H 292 -13.02 -71.90 -10.19
N ALA H 293 -12.50 -73.12 -10.31
CA ALA H 293 -11.24 -73.52 -9.70
C ALA H 293 -10.11 -73.18 -10.66
N THR H 294 -9.15 -72.36 -10.20
CA THR H 294 -8.02 -71.90 -11.01
C THR H 294 -6.68 -72.51 -10.59
N TYR H 295 -5.73 -72.55 -11.54
CA TYR H 295 -4.38 -73.07 -11.36
C TYR H 295 -3.44 -71.94 -10.92
N ASN H 296 -2.49 -72.28 -10.04
CA ASN H 296 -1.47 -71.36 -9.54
C ASN H 296 -0.07 -71.95 -9.83
N PHE H 297 0.66 -71.28 -10.73
CA PHE H 297 1.97 -71.65 -11.30
C PHE H 297 3.06 -72.06 -10.30
N GLU H 298 3.35 -71.21 -9.31
CA GLU H 298 4.41 -71.44 -8.32
C GLU H 298 4.21 -72.68 -7.44
N ASN H 299 2.96 -73.03 -7.09
CA ASN H 299 2.68 -74.18 -6.23
C ASN H 299 2.02 -75.36 -6.97
N GLY H 300 1.82 -75.24 -8.28
CA GLY H 300 1.22 -76.25 -9.14
C GLY H 300 0.01 -76.97 -8.57
N ARG H 301 -0.91 -76.21 -7.96
CA ARG H 301 -2.12 -76.72 -7.32
C ARG H 301 -3.35 -75.92 -7.70
N VAL H 302 -4.45 -76.63 -7.97
CA VAL H 302 -5.75 -76.07 -8.34
C VAL H 302 -6.56 -75.75 -7.07
N ARG H 303 -6.98 -74.49 -6.93
CA ARG H 303 -7.77 -73.97 -5.81
C ARG H 303 -9.03 -73.27 -6.32
N VAL H 304 -10.17 -73.46 -5.62
CA VAL H 304 -11.46 -72.84 -5.96
C VAL H 304 -11.40 -71.35 -5.62
N ASP H 305 -11.38 -70.50 -6.67
CA ASP H 305 -11.31 -69.05 -6.51
C ASP H 305 -12.69 -68.47 -6.27
N THR H 306 -12.87 -67.92 -5.07
CA THR H 306 -14.14 -67.30 -4.62
C THR H 306 -14.45 -66.02 -5.40
N GLY H 307 -13.41 -65.34 -5.89
CA GLY H 307 -13.54 -64.10 -6.64
C GLY H 307 -14.17 -64.25 -8.01
N SER H 308 -13.56 -65.10 -8.86
CA SER H 308 -14.05 -65.34 -10.21
C SER H 308 -15.10 -66.45 -10.28
N ASN H 309 -16.29 -66.08 -10.74
CA ASN H 309 -17.46 -66.94 -10.91
C ASN H 309 -17.72 -67.13 -12.42
N TRP H 310 -18.54 -68.13 -12.78
CA TRP H 310 -18.88 -68.40 -14.17
C TRP H 310 -19.78 -67.34 -14.79
N SER H 311 -20.69 -66.75 -14.00
CA SER H 311 -21.63 -65.73 -14.45
C SER H 311 -21.00 -64.46 -14.99
N GLU H 312 -19.76 -64.14 -14.58
CA GLU H 312 -19.06 -62.94 -15.03
C GLU H 312 -18.17 -63.18 -16.26
N VAL H 313 -17.82 -64.45 -16.51
CA VAL H 313 -16.94 -64.86 -17.61
C VAL H 313 -17.71 -65.47 -18.79
N LEU H 314 -18.77 -66.27 -18.51
CA LEU H 314 -19.59 -66.93 -19.52
C LEU H 314 -20.15 -66.01 -20.62
N PRO H 315 -20.71 -64.80 -20.34
CA PRO H 315 -21.21 -63.97 -21.44
C PRO H 315 -20.12 -63.49 -22.39
N GLN H 316 -18.89 -63.25 -21.86
CA GLN H 316 -17.71 -62.81 -22.63
C GLN H 316 -17.39 -63.81 -23.75
N ILE H 317 -17.53 -65.12 -23.46
CA ILE H 317 -17.29 -66.18 -24.44
C ILE H 317 -18.43 -66.16 -25.46
N GLN H 318 -19.69 -66.14 -24.97
CA GLN H 318 -20.92 -66.14 -25.78
C GLN H 318 -21.10 -64.91 -26.68
N GLU H 319 -20.09 -64.02 -26.76
CA GLU H 319 -20.10 -62.81 -27.59
C GLU H 319 -18.86 -62.71 -28.48
N THR H 320 -17.78 -63.47 -28.16
CA THR H 320 -16.53 -63.46 -28.93
C THR H 320 -16.41 -64.69 -29.80
N THR H 321 -17.06 -65.79 -29.40
CA THR H 321 -17.00 -67.07 -30.11
C THR H 321 -18.21 -67.37 -30.99
N ALA H 322 -18.04 -68.35 -31.88
CA ALA H 322 -19.08 -68.87 -32.77
C ALA H 322 -19.53 -70.21 -32.20
N ARG H 323 -20.83 -70.52 -32.37
CA ARG H 323 -21.49 -71.71 -31.85
C ARG H 323 -21.74 -72.77 -32.94
N ILE H 324 -21.24 -74.00 -32.73
CA ILE H 324 -21.43 -75.11 -33.66
C ILE H 324 -22.01 -76.32 -32.91
N ILE H 325 -23.18 -76.80 -33.39
CA ILE H 325 -23.91 -77.94 -32.82
C ILE H 325 -23.66 -79.20 -33.67
N PHE H 326 -23.35 -80.34 -33.02
CA PHE H 326 -23.09 -81.61 -33.70
C PHE H 326 -23.50 -82.84 -32.89
N ASN H 327 -24.02 -83.86 -33.58
CA ASN H 327 -24.47 -85.11 -32.97
C ASN H 327 -23.92 -86.37 -33.68
N GLY H 328 -22.60 -86.42 -33.84
CA GLY H 328 -21.90 -87.52 -34.48
C GLY H 328 -21.86 -88.80 -33.67
N LYS H 329 -21.13 -88.76 -32.52
CA LYS H 329 -20.97 -89.89 -31.58
C LYS H 329 -22.30 -90.42 -31.06
N ASP H 330 -23.22 -89.52 -30.72
CA ASP H 330 -24.57 -89.83 -30.24
C ASP H 330 -25.52 -88.80 -30.79
N LEU H 331 -26.78 -89.20 -31.02
CA LEU H 331 -27.81 -88.32 -31.58
C LEU H 331 -28.38 -87.31 -30.55
N ASN H 332 -27.49 -86.76 -29.72
CA ASN H 332 -27.79 -85.75 -28.71
C ASN H 332 -27.06 -84.46 -29.10
N LEU H 333 -27.76 -83.32 -29.01
CA LEU H 333 -27.24 -82.00 -29.40
C LEU H 333 -26.10 -81.51 -28.48
N VAL H 334 -24.89 -81.41 -29.04
CA VAL H 334 -23.67 -81.00 -28.33
C VAL H 334 -23.29 -79.56 -28.71
N GLU H 335 -23.16 -78.68 -27.70
CA GLU H 335 -22.80 -77.28 -27.87
C GLU H 335 -21.29 -77.07 -27.60
N ARG H 336 -20.56 -76.61 -28.62
CA ARG H 336 -19.13 -76.36 -28.52
C ARG H 336 -18.84 -75.03 -29.22
N ARG H 337 -18.10 -74.13 -28.54
CA ARG H 337 -17.78 -72.81 -29.10
C ARG H 337 -16.30 -72.65 -29.45
N ILE H 338 -16.02 -72.19 -30.68
CA ILE H 338 -14.66 -72.00 -31.18
C ILE H 338 -14.36 -70.53 -31.24
N ALA H 339 -13.10 -70.16 -30.91
CA ALA H 339 -12.62 -68.79 -30.93
C ALA H 339 -12.75 -68.22 -32.32
N ALA H 340 -13.67 -67.28 -32.47
CA ALA H 340 -14.00 -66.66 -33.74
C ALA H 340 -13.58 -65.22 -33.86
N VAL H 341 -13.29 -64.82 -35.10
CA VAL H 341 -12.86 -63.48 -35.47
C VAL H 341 -14.05 -62.53 -35.64
N ASN H 342 -13.81 -61.23 -35.44
CA ASN H 342 -14.79 -60.18 -35.61
C ASN H 342 -14.10 -58.88 -35.99
N PRO H 343 -14.61 -58.17 -37.03
CA PRO H 343 -13.94 -56.93 -37.45
C PRO H 343 -14.23 -55.74 -36.55
N SER H 344 -15.51 -55.58 -36.12
CA SER H 344 -16.02 -54.48 -35.29
C SER H 344 -15.12 -54.20 -34.09
N ASP H 345 -14.77 -55.25 -33.33
CA ASP H 345 -13.87 -55.14 -32.18
C ASP H 345 -12.44 -55.48 -32.63
N PRO H 346 -11.42 -54.64 -32.33
CA PRO H 346 -10.06 -54.95 -32.80
C PRO H 346 -9.31 -55.99 -31.97
N LEU H 347 -9.66 -56.15 -30.68
CA LEU H 347 -9.00 -57.14 -29.82
C LEU H 347 -9.39 -58.56 -30.24
N GLU H 348 -10.54 -58.71 -30.92
CA GLU H 348 -11.00 -59.98 -31.48
C GLU H 348 -10.38 -60.17 -32.86
N THR H 349 -9.91 -59.07 -33.48
CA THR H 349 -9.25 -59.12 -34.77
C THR H 349 -7.82 -59.66 -34.56
N THR H 350 -7.38 -59.74 -33.29
CA THR H 350 -6.09 -60.26 -32.86
C THR H 350 -6.11 -61.79 -32.87
N LYS H 351 -7.31 -62.40 -32.76
CA LYS H 351 -7.52 -63.84 -32.76
C LYS H 351 -7.21 -64.42 -34.15
N PRO H 352 -6.63 -65.63 -34.26
CA PRO H 352 -6.34 -66.20 -35.58
C PRO H 352 -7.58 -66.48 -36.43
N ASP H 353 -7.50 -66.23 -37.75
CA ASP H 353 -8.56 -66.43 -38.74
C ASP H 353 -9.09 -67.85 -38.71
N MET H 354 -10.41 -68.01 -38.54
CA MET H 354 -11.00 -69.33 -38.42
C MET H 354 -11.64 -69.85 -39.69
N THR H 355 -11.36 -71.12 -39.99
CA THR H 355 -11.87 -71.88 -41.14
C THR H 355 -12.83 -72.95 -40.61
N LEU H 356 -13.84 -73.31 -41.42
CA LEU H 356 -14.82 -74.34 -41.08
C LEU H 356 -14.16 -75.71 -40.91
N LYS H 357 -13.15 -75.99 -41.76
CA LYS H 357 -12.38 -77.23 -41.77
C LYS H 357 -11.65 -77.47 -40.45
N GLU H 358 -10.69 -76.58 -40.08
CA GLU H 358 -9.89 -76.69 -38.86
C GLU H 358 -10.70 -76.60 -37.57
N ALA H 359 -11.76 -75.77 -37.55
CA ALA H 359 -12.63 -75.59 -36.38
C ALA H 359 -13.35 -76.87 -36.00
N LEU H 360 -13.95 -77.55 -36.99
CA LEU H 360 -14.69 -78.81 -36.82
C LEU H 360 -13.77 -79.94 -36.31
N LYS H 361 -12.50 -79.92 -36.75
CA LYS H 361 -11.46 -80.88 -36.37
C LYS H 361 -11.09 -80.76 -34.89
N ILE H 362 -10.84 -79.52 -34.42
CA ILE H 362 -10.43 -79.25 -33.05
C ILE H 362 -11.62 -79.26 -32.05
N ALA H 363 -12.85 -78.94 -32.52
CA ALA H 363 -14.02 -78.88 -31.66
C ALA H 363 -14.68 -80.22 -31.37
N PHE H 364 -14.68 -81.15 -32.33
CA PHE H 364 -15.35 -82.43 -32.14
C PHE H 364 -14.44 -83.63 -32.33
N GLY H 365 -13.59 -83.59 -33.35
CA GLY H 365 -12.65 -84.67 -33.64
C GLY H 365 -12.67 -85.15 -35.07
N PHE H 366 -12.88 -84.22 -36.03
CA PHE H 366 -12.90 -84.52 -37.46
C PHE H 366 -11.49 -84.80 -37.95
N ASN H 367 -11.35 -85.73 -38.91
CA ASN H 367 -10.07 -86.11 -39.49
C ASN H 367 -10.03 -85.92 -41.00
N GLU H 368 -8.85 -85.56 -41.53
CA GLU H 368 -8.62 -85.34 -42.95
C GLU H 368 -7.69 -86.44 -43.48
N PRO H 369 -8.23 -87.63 -43.88
CA PRO H 369 -7.34 -88.71 -44.34
C PRO H 369 -6.92 -88.63 -45.81
N ASN H 370 -7.89 -88.41 -46.72
CA ASN H 370 -7.66 -88.30 -48.17
C ASN H 370 -7.51 -86.81 -48.53
N GLY H 371 -8.46 -86.02 -48.06
CA GLY H 371 -8.57 -84.59 -48.29
C GLY H 371 -9.94 -84.12 -47.86
N ASN H 372 -10.93 -85.04 -47.95
CA ASN H 372 -12.32 -84.84 -47.54
C ASN H 372 -12.43 -85.06 -46.04
N LEU H 373 -13.18 -84.16 -45.37
CA LEU H 373 -13.37 -84.23 -43.92
C LEU H 373 -14.36 -85.33 -43.54
N GLN H 374 -14.05 -86.08 -42.48
CA GLN H 374 -14.91 -87.17 -41.99
C GLN H 374 -14.79 -87.38 -40.47
N TYR H 375 -15.95 -87.61 -39.82
CA TYR H 375 -16.05 -87.83 -38.37
C TYR H 375 -16.03 -89.31 -38.03
N GLN H 376 -14.85 -89.82 -37.61
CA GLN H 376 -14.59 -91.21 -37.21
C GLN H 376 -14.95 -92.26 -38.30
N GLY H 377 -15.19 -91.77 -39.52
CA GLY H 377 -15.56 -92.60 -40.66
C GLY H 377 -16.65 -91.97 -41.53
N LYS H 378 -17.70 -91.42 -40.88
CA LYS H 378 -18.84 -90.77 -41.53
C LYS H 378 -18.38 -89.49 -42.24
N ASP H 379 -18.54 -89.44 -43.58
CA ASP H 379 -18.14 -88.30 -44.41
C ASP H 379 -18.90 -87.01 -44.08
N ILE H 380 -18.31 -85.83 -44.40
CA ILE H 380 -18.89 -84.50 -44.17
C ILE H 380 -20.22 -84.31 -44.93
N THR H 381 -20.31 -84.90 -46.14
CA THR H 381 -21.48 -84.88 -47.02
C THR H 381 -22.68 -85.61 -46.42
N GLU H 382 -22.42 -86.62 -45.55
CA GLU H 382 -23.43 -87.42 -44.85
C GLU H 382 -24.14 -86.58 -43.76
N PHE H 383 -23.62 -85.37 -43.47
CA PHE H 383 -24.19 -84.45 -42.48
C PHE H 383 -24.81 -83.21 -43.11
N ASP H 384 -25.95 -82.80 -42.55
CA ASP H 384 -26.75 -81.65 -42.98
C ASP H 384 -26.20 -80.33 -42.41
N PHE H 385 -26.29 -79.25 -43.20
CA PHE H 385 -25.82 -77.91 -42.82
C PHE H 385 -26.97 -76.92 -42.62
N ASN H 386 -27.12 -76.41 -41.39
CA ASN H 386 -28.18 -75.46 -41.02
C ASN H 386 -27.61 -74.24 -40.32
N PHE H 387 -28.15 -73.04 -40.64
CA PHE H 387 -27.72 -71.77 -40.05
C PHE H 387 -28.93 -70.86 -39.75
N ASP H 388 -28.67 -69.70 -39.14
CA ASP H 388 -29.71 -68.73 -38.82
C ASP H 388 -29.91 -67.72 -39.96
N GLN H 389 -30.44 -66.52 -39.66
CA GLN H 389 -30.68 -65.47 -40.64
C GLN H 389 -29.38 -64.86 -41.15
N GLN H 390 -28.60 -64.25 -40.24
CA GLN H 390 -27.34 -63.56 -40.51
C GLN H 390 -26.16 -64.49 -40.79
N THR H 391 -26.12 -65.69 -40.16
CA THR H 391 -25.04 -66.67 -40.37
C THR H 391 -25.07 -67.19 -41.82
N SER H 392 -26.24 -67.66 -42.30
CA SER H 392 -26.42 -68.17 -43.66
C SER H 392 -26.17 -67.07 -44.71
N GLN H 393 -26.59 -65.83 -44.41
CA GLN H 393 -26.41 -64.65 -45.27
C GLN H 393 -24.94 -64.27 -45.40
N ASN H 394 -24.16 -64.45 -44.31
CA ASN H 394 -22.72 -64.16 -44.29
C ASN H 394 -21.98 -65.17 -45.17
N ILE H 395 -22.38 -66.46 -45.10
CA ILE H 395 -21.80 -67.54 -45.89
C ILE H 395 -22.28 -67.44 -47.35
N LYS H 396 -23.52 -66.92 -47.58
CA LYS H 396 -24.12 -66.72 -48.91
C LYS H 396 -23.21 -65.83 -49.77
N ASN H 397 -22.69 -64.73 -49.19
CA ASN H 397 -21.80 -63.77 -49.84
C ASN H 397 -20.47 -64.44 -50.17
N GLN H 398 -19.93 -65.25 -49.24
CA GLN H 398 -18.68 -65.99 -49.38
C GLN H 398 -18.74 -67.01 -50.53
N LEU H 399 -19.84 -67.81 -50.60
CA LEU H 399 -20.08 -68.84 -51.63
C LEU H 399 -20.12 -68.25 -53.04
N ALA H 400 -20.59 -67.00 -53.18
CA ALA H 400 -20.65 -66.28 -54.45
C ALA H 400 -19.28 -65.73 -54.83
N GLU H 401 -18.48 -65.29 -53.83
CA GLU H 401 -17.13 -64.75 -54.00
C GLU H 401 -16.15 -65.88 -54.32
N LEU H 402 -16.41 -67.09 -53.76
CA LEU H 402 -15.63 -68.32 -53.97
C LEU H 402 -16.14 -69.07 -55.22
N ASN H 403 -17.28 -68.59 -55.78
CA ASN H 403 -18.00 -69.09 -56.96
C ASN H 403 -18.71 -70.42 -56.74
N ALA H 404 -18.06 -71.40 -56.06
CA ALA H 404 -18.62 -72.72 -55.77
C ALA H 404 -19.87 -72.61 -54.88
N THR H 405 -21.03 -73.04 -55.41
CA THR H 405 -22.33 -72.99 -54.74
C THR H 405 -22.46 -74.04 -53.62
N ASN H 406 -21.67 -75.12 -53.68
CA ASN H 406 -21.71 -76.20 -52.68
C ASN H 406 -20.77 -75.88 -51.52
N ILE H 407 -21.28 -76.05 -50.28
CA ILE H 407 -20.54 -75.78 -49.04
C ILE H 407 -19.40 -76.79 -48.82
N TYR H 408 -19.58 -78.05 -49.26
CA TYR H 408 -18.57 -79.13 -49.12
C TYR H 408 -17.34 -78.93 -50.02
N THR H 409 -17.50 -78.16 -51.13
CA THR H 409 -16.44 -77.85 -52.10
C THR H 409 -15.42 -76.88 -51.48
N VAL H 410 -15.90 -75.68 -51.06
CA VAL H 410 -15.07 -74.62 -50.47
C VAL H 410 -15.02 -74.73 -48.93
N LEU H 411 -15.22 -75.96 -48.40
CA LEU H 411 -15.22 -76.35 -46.98
C LEU H 411 -14.00 -75.81 -46.20
N ASP H 412 -12.81 -75.86 -46.82
CA ASP H 412 -11.54 -75.41 -46.27
C ASP H 412 -11.31 -73.89 -46.39
N LYS H 413 -12.16 -73.18 -47.16
CA LYS H 413 -12.05 -71.73 -47.38
C LYS H 413 -13.17 -70.89 -46.76
N ILE H 414 -14.19 -71.53 -46.17
CA ILE H 414 -15.31 -70.82 -45.53
C ILE H 414 -14.84 -70.22 -44.19
N LYS H 415 -14.84 -68.88 -44.11
CA LYS H 415 -14.43 -68.13 -42.91
C LYS H 415 -15.53 -68.10 -41.87
N LEU H 416 -15.13 -68.22 -40.58
CA LEU H 416 -16.05 -68.19 -39.45
C LEU H 416 -15.97 -66.89 -38.68
N ASN H 417 -17.13 -66.31 -38.37
CA ASN H 417 -17.27 -65.04 -37.66
C ASN H 417 -17.84 -65.24 -36.26
N ALA H 418 -17.67 -64.22 -35.40
CA ALA H 418 -18.15 -64.23 -34.03
C ALA H 418 -19.67 -64.16 -33.96
N LYS H 419 -20.24 -64.65 -32.83
CA LYS H 419 -21.68 -64.67 -32.51
C LYS H 419 -22.52 -65.55 -33.46
N MET H 420 -21.89 -66.23 -34.42
CA MET H 420 -22.55 -67.11 -35.40
C MET H 420 -23.19 -68.33 -34.74
N ASN H 421 -24.26 -68.86 -35.35
CA ASN H 421 -24.95 -70.05 -34.86
C ASN H 421 -25.09 -71.04 -36.01
N ILE H 422 -24.41 -72.19 -35.89
CA ILE H 422 -24.35 -73.25 -36.90
C ILE H 422 -24.84 -74.59 -36.30
N LEU H 423 -25.79 -75.25 -36.99
CA LEU H 423 -26.36 -76.53 -36.57
C LEU H 423 -26.05 -77.62 -37.59
N ILE H 424 -25.30 -78.65 -37.17
CA ILE H 424 -24.93 -79.78 -38.01
C ILE H 424 -25.55 -81.06 -37.46
N ARG H 425 -26.39 -81.70 -38.28
CA ARG H 425 -27.11 -82.92 -37.91
C ARG H 425 -26.94 -84.06 -38.93
N ASP H 426 -27.12 -85.32 -38.48
CA ASP H 426 -27.00 -86.50 -39.33
C ASP H 426 -28.18 -86.59 -40.31
N LYS H 427 -27.90 -86.72 -41.61
CA LYS H 427 -28.92 -86.81 -42.67
C LYS H 427 -29.75 -88.10 -42.59
N ARG H 428 -29.23 -89.16 -41.93
CA ARG H 428 -29.87 -90.47 -41.75
C ARG H 428 -31.24 -90.39 -41.06
N PHE H 429 -31.38 -89.49 -40.08
CA PHE H 429 -32.59 -89.33 -39.29
C PHE H 429 -33.40 -88.08 -39.60
N HIS H 430 -34.65 -88.02 -39.10
CA HIS H 430 -35.57 -86.90 -39.24
C HIS H 430 -35.54 -86.05 -37.98
N TYR H 431 -35.76 -84.73 -38.10
CA TYR H 431 -35.70 -83.81 -36.97
C TYR H 431 -36.94 -82.94 -36.80
N ASP H 432 -37.37 -82.78 -35.53
CA ASP H 432 -38.53 -81.98 -35.13
C ASP H 432 -38.18 -80.49 -34.89
N ARG H 433 -39.07 -79.72 -34.23
CA ARG H 433 -38.88 -78.30 -33.91
C ARG H 433 -37.82 -78.09 -32.82
N ASN H 434 -37.55 -79.13 -32.01
CA ASN H 434 -36.53 -79.11 -30.94
C ASN H 434 -35.18 -79.67 -31.42
N ASN H 435 -35.08 -80.01 -32.73
CA ASN H 435 -33.92 -80.54 -33.45
C ASN H 435 -33.37 -81.86 -32.86
N ILE H 436 -34.26 -82.76 -32.40
CA ILE H 436 -33.87 -84.06 -31.86
C ILE H 436 -34.29 -85.20 -32.77
N ALA H 437 -33.47 -86.28 -32.82
CA ALA H 437 -33.71 -87.46 -33.65
C ALA H 437 -35.02 -88.16 -33.28
N VAL H 438 -36.00 -88.12 -34.20
CA VAL H 438 -37.35 -88.67 -33.98
C VAL H 438 -37.58 -90.00 -34.73
N GLY H 439 -37.27 -90.03 -36.03
CA GLY H 439 -37.44 -91.21 -36.88
C GLY H 439 -36.41 -91.28 -37.98
N ALA H 440 -36.55 -92.27 -38.89
CA ALA H 440 -35.66 -92.50 -40.03
C ALA H 440 -36.36 -93.22 -41.21
N ASP H 441 -35.67 -93.31 -42.36
CA ASP H 441 -36.16 -93.99 -43.58
C ASP H 441 -36.25 -95.49 -43.34
N GLU H 442 -37.35 -96.11 -43.82
CA GLU H 442 -37.64 -97.55 -43.70
C GLU H 442 -36.44 -98.45 -43.99
N SER H 443 -35.64 -98.07 -45.01
CA SER H 443 -34.42 -98.74 -45.45
C SER H 443 -33.34 -98.77 -44.36
N VAL H 444 -33.10 -97.60 -43.72
CA VAL H 444 -32.09 -97.41 -42.66
C VAL H 444 -32.39 -98.28 -41.42
N VAL H 445 -33.68 -98.43 -41.06
CA VAL H 445 -34.14 -99.23 -39.91
C VAL H 445 -33.85 -100.72 -40.15
N LYS H 446 -34.07 -101.19 -41.39
CA LYS H 446 -33.86 -102.58 -41.81
C LYS H 446 -32.39 -103.02 -41.75
N GLU H 447 -31.46 -102.07 -41.88
CA GLU H 447 -30.00 -102.33 -41.85
C GLU H 447 -29.49 -102.74 -40.47
N ALA H 448 -30.01 -102.12 -39.40
CA ALA H 448 -29.61 -102.39 -38.03
C ALA H 448 -30.24 -103.68 -37.47
N HIS H 449 -31.46 -104.01 -37.93
CA HIS H 449 -32.23 -105.19 -37.50
C HIS H 449 -31.95 -106.44 -38.37
N ARG H 450 -30.90 -106.39 -39.19
CA ARG H 450 -30.48 -107.48 -40.08
C ARG H 450 -29.78 -108.59 -39.28
N GLU H 451 -28.89 -108.21 -38.35
CA GLU H 451 -28.10 -109.12 -37.51
C GLU H 451 -28.97 -109.85 -36.46
N VAL H 452 -29.15 -111.17 -36.65
CA VAL H 452 -29.93 -112.04 -35.76
C VAL H 452 -28.95 -112.91 -34.95
N ILE H 453 -29.11 -112.95 -33.62
CA ILE H 453 -28.25 -113.73 -32.72
C ILE H 453 -28.96 -115.00 -32.23
N ASN H 454 -30.21 -114.86 -31.74
CA ASN H 454 -31.01 -115.97 -31.21
C ASN H 454 -32.42 -116.00 -31.82
N SER H 455 -32.91 -117.21 -32.14
CA SER H 455 -34.25 -117.43 -32.70
C SER H 455 -35.03 -118.43 -31.81
N SER H 456 -35.75 -117.90 -30.81
CA SER H 456 -36.53 -118.68 -29.83
C SER H 456 -37.98 -118.18 -29.71
N THR H 457 -38.88 -119.07 -29.27
CA THR H 457 -40.32 -118.80 -29.07
C THR H 457 -40.55 -117.87 -27.88
N GLU H 458 -39.58 -117.83 -26.95
CA GLU H 458 -39.62 -116.99 -25.75
C GLU H 458 -39.14 -115.56 -26.05
N GLY H 459 -38.05 -115.44 -26.80
CA GLY H 459 -37.46 -114.16 -27.18
C GLY H 459 -36.58 -114.16 -28.42
N LEU H 460 -36.32 -112.95 -28.97
CA LEU H 460 -35.49 -112.74 -30.15
C LEU H 460 -34.35 -111.75 -29.85
N LEU H 461 -33.13 -112.26 -29.66
CA LEU H 461 -31.94 -111.46 -29.40
C LEU H 461 -31.30 -111.07 -30.73
N LEU H 462 -31.14 -109.76 -30.97
CA LEU H 462 -30.58 -109.23 -32.21
C LEU H 462 -29.51 -108.15 -31.95
N ASN H 463 -28.47 -108.13 -32.79
CA ASN H 463 -27.37 -107.16 -32.69
C ASN H 463 -27.74 -105.84 -33.39
N ILE H 464 -28.69 -105.12 -32.80
CA ILE H 464 -29.20 -103.84 -33.30
C ILE H 464 -28.26 -102.71 -32.87
N ASP H 465 -27.92 -101.80 -33.82
CA ASP H 465 -27.06 -100.64 -33.61
C ASP H 465 -27.67 -99.68 -32.57
N LYS H 466 -26.83 -99.16 -31.66
CA LYS H 466 -27.22 -98.27 -30.56
C LYS H 466 -27.74 -96.91 -31.01
N ASP H 467 -27.16 -96.35 -32.10
CA ASP H 467 -27.56 -95.06 -32.66
C ASP H 467 -28.91 -95.13 -33.39
N ILE H 468 -29.15 -96.24 -34.11
CA ILE H 468 -30.38 -96.48 -34.87
C ILE H 468 -31.57 -96.81 -33.94
N ARG H 469 -31.34 -97.62 -32.89
CA ARG H 469 -32.38 -98.02 -31.92
C ARG H 469 -32.92 -96.85 -31.05
N LYS H 470 -32.21 -95.72 -31.06
CA LYS H 470 -32.58 -94.51 -30.32
C LYS H 470 -33.85 -93.85 -30.84
N ILE H 471 -34.17 -94.01 -32.15
CA ILE H 471 -35.38 -93.47 -32.76
C ILE H 471 -36.55 -94.47 -32.71
N LEU H 472 -36.34 -95.63 -32.04
CA LEU H 472 -37.33 -96.68 -31.89
C LEU H 472 -38.14 -96.55 -30.59
N ASP H 491 -51.39 -105.75 -29.48
CA ASP H 491 -52.23 -104.89 -30.30
C ASP H 491 -53.01 -103.85 -29.47
N ARG H 492 -52.34 -102.70 -29.14
CA ARG H 492 -52.87 -101.55 -28.39
C ARG H 492 -51.94 -100.32 -28.54
N TYR H 493 -52.45 -99.11 -28.17
CA TYR H 493 -51.72 -97.83 -28.24
C TYR H 493 -50.49 -97.80 -27.34
N ASP H 494 -50.52 -98.56 -26.24
CA ASP H 494 -49.46 -98.65 -25.23
C ASP H 494 -48.63 -99.94 -25.32
N MET H 495 -49.19 -101.01 -25.91
CA MET H 495 -48.54 -102.31 -26.06
C MET H 495 -47.45 -102.23 -27.14
N LEU H 496 -46.34 -101.54 -26.83
CA LEU H 496 -45.21 -101.34 -27.75
C LEU H 496 -43.85 -101.64 -27.12
N ASN H 497 -43.69 -101.37 -25.80
CA ASN H 497 -42.43 -101.62 -25.09
C ASN H 497 -42.18 -103.13 -24.91
N ILE H 498 -41.14 -103.64 -25.59
CA ILE H 498 -40.73 -105.05 -25.58
C ILE H 498 -39.22 -105.19 -25.59
N SER H 499 -38.52 -104.22 -26.22
CA SER H 499 -37.06 -104.18 -26.35
C SER H 499 -36.38 -103.97 -25.00
N SER H 500 -35.53 -104.92 -24.62
CA SER H 500 -34.77 -104.91 -23.37
C SER H 500 -33.29 -105.04 -23.73
N LEU H 501 -32.60 -103.89 -23.83
CA LEU H 501 -31.18 -103.83 -24.19
C LEU H 501 -30.26 -104.43 -23.13
N ARG H 502 -29.52 -105.48 -23.51
CA ARG H 502 -28.56 -106.19 -22.66
C ARG H 502 -27.22 -105.49 -22.70
N GLN H 503 -26.40 -105.70 -21.65
CA GLN H 503 -25.06 -105.10 -21.52
C GLN H 503 -24.04 -105.67 -22.55
N ASP H 504 -24.38 -106.80 -23.20
CA ASP H 504 -23.52 -107.45 -24.21
C ASP H 504 -23.46 -106.67 -25.53
N GLY H 505 -24.44 -105.79 -25.76
CA GLY H 505 -24.54 -104.95 -26.96
C GLY H 505 -25.62 -105.41 -27.94
N LYS H 506 -26.56 -106.25 -27.47
CA LYS H 506 -27.65 -106.79 -28.28
C LYS H 506 -29.00 -106.49 -27.64
N THR H 507 -29.96 -106.03 -28.46
CA THR H 507 -31.32 -105.72 -28.04
C THR H 507 -32.16 -107.00 -27.99
N PHE H 508 -32.77 -107.29 -26.83
CA PHE H 508 -33.60 -108.48 -26.62
C PHE H 508 -35.11 -108.18 -26.70
N ILE H 509 -35.77 -108.74 -27.72
CA ILE H 509 -37.20 -108.57 -27.95
C ILE H 509 -37.97 -109.75 -27.33
N ASP H 510 -38.75 -109.45 -26.28
CA ASP H 510 -39.53 -110.45 -25.55
C ASP H 510 -41.02 -110.26 -25.78
N PHE H 511 -41.65 -111.26 -26.42
CA PHE H 511 -43.08 -111.28 -26.75
C PHE H 511 -43.91 -111.64 -25.54
N LYS H 512 -43.31 -112.39 -24.58
CA LYS H 512 -43.92 -112.83 -23.32
C LYS H 512 -44.37 -111.67 -22.42
N LYS H 513 -43.87 -110.45 -22.69
CA LYS H 513 -44.19 -109.22 -21.97
C LYS H 513 -45.69 -108.91 -22.00
N TYR H 514 -46.34 -109.14 -23.15
CA TYR H 514 -47.78 -108.93 -23.32
C TYR H 514 -48.56 -110.23 -23.62
N ASN H 515 -47.84 -111.36 -23.81
CA ASN H 515 -48.43 -112.68 -24.10
C ASN H 515 -48.72 -113.50 -22.81
N ASP H 516 -49.03 -112.77 -21.71
CA ASP H 516 -49.36 -113.30 -20.37
C ASP H 516 -48.26 -114.23 -19.81
N LYS H 517 -46.99 -113.79 -19.91
CA LYS H 517 -45.76 -114.48 -19.46
C LYS H 517 -45.54 -115.85 -20.13
N LEU H 518 -46.20 -116.08 -21.29
CA LEU H 518 -46.11 -117.33 -22.03
C LEU H 518 -45.47 -117.16 -23.42
N PRO H 519 -44.60 -118.10 -23.86
CA PRO H 519 -44.01 -117.97 -25.21
C PRO H 519 -45.02 -118.15 -26.35
N LEU H 520 -44.66 -117.66 -27.55
CA LEU H 520 -45.52 -117.71 -28.73
C LEU H 520 -45.86 -119.13 -29.18
N TYR H 521 -47.17 -119.38 -29.37
CA TYR H 521 -47.71 -120.65 -29.86
C TYR H 521 -47.47 -120.74 -31.37
N ILE H 522 -46.79 -121.82 -31.80
CA ILE H 522 -46.47 -122.07 -33.21
C ILE H 522 -47.60 -122.89 -33.85
N SER H 523 -48.63 -122.20 -34.38
CA SER H 523 -49.80 -122.80 -35.05
C SER H 523 -49.37 -123.56 -36.31
N ASN H 524 -48.34 -123.02 -37.01
CA ASN H 524 -47.72 -123.54 -38.22
C ASN H 524 -46.27 -123.03 -38.27
N PRO H 525 -45.24 -123.91 -38.42
CA PRO H 525 -43.86 -123.40 -38.46
C PRO H 525 -43.53 -122.61 -39.73
N THR H 535 -41.34 -96.21 -35.03
CA THR H 535 -40.49 -95.09 -34.63
C THR H 535 -41.18 -94.20 -33.58
N LYS H 536 -40.41 -93.31 -32.95
CA LYS H 536 -40.88 -92.34 -31.95
C LYS H 536 -41.81 -91.29 -32.56
N GLU H 537 -41.57 -90.91 -33.84
CA GLU H 537 -42.38 -89.92 -34.55
C GLU H 537 -43.74 -90.47 -34.98
N ASN H 538 -43.84 -91.80 -35.18
CA ASN H 538 -45.05 -92.48 -35.63
C ASN H 538 -45.91 -93.06 -34.50
N THR H 539 -45.32 -93.33 -33.31
CA THR H 539 -46.04 -93.91 -32.17
C THR H 539 -47.11 -92.99 -31.59
N ILE H 540 -48.20 -93.59 -31.07
CA ILE H 540 -49.31 -92.85 -30.46
C ILE H 540 -49.27 -93.02 -28.95
N ILE H 541 -49.17 -91.89 -28.27
CA ILE H 541 -49.13 -91.78 -26.81
C ILE H 541 -50.53 -91.93 -26.19
N ASN H 542 -51.59 -91.59 -26.96
CA ASN H 542 -52.99 -91.67 -26.56
C ASN H 542 -53.87 -92.21 -27.70
N PRO H 543 -55.02 -92.89 -27.42
CA PRO H 543 -55.86 -93.38 -28.53
C PRO H 543 -56.61 -92.24 -29.24
N SER H 544 -57.18 -92.55 -30.43
CA SER H 544 -57.94 -91.58 -31.24
C SER H 544 -59.29 -91.21 -30.61
N GLU H 545 -60.08 -90.36 -31.31
CA GLU H 545 -61.41 -89.91 -30.87
C GLU H 545 -62.37 -91.10 -30.67
N ASN H 546 -62.21 -92.15 -31.51
CA ASN H 546 -62.99 -93.39 -31.47
C ASN H 546 -62.50 -94.37 -30.37
N GLY H 547 -61.36 -94.03 -29.75
CA GLY H 547 -60.72 -94.84 -28.73
C GLY H 547 -59.94 -95.97 -29.38
N ASP H 548 -59.06 -95.61 -30.33
CA ASP H 548 -58.26 -96.56 -31.09
C ASP H 548 -57.14 -97.20 -30.26
N THR H 549 -57.48 -98.32 -29.56
CA THR H 549 -56.53 -99.11 -28.77
C THR H 549 -56.08 -100.29 -29.63
N SER H 550 -55.48 -99.97 -30.80
CA SER H 550 -55.00 -100.95 -31.78
C SER H 550 -53.76 -100.47 -32.52
N THR H 551 -52.88 -101.43 -32.91
CA THR H 551 -51.62 -101.19 -33.61
C THR H 551 -51.78 -101.04 -35.14
N ASN H 552 -53.02 -101.16 -35.64
CA ASN H 552 -53.36 -101.03 -37.07
C ASN H 552 -53.08 -99.64 -37.63
N GLY H 553 -53.51 -98.61 -36.90
CA GLY H 553 -53.33 -97.21 -37.27
C GLY H 553 -51.91 -96.72 -37.13
N ILE H 554 -51.12 -97.37 -36.24
CA ILE H 554 -49.72 -97.05 -35.97
C ILE H 554 -48.85 -97.43 -37.18
N LYS H 555 -48.05 -96.47 -37.69
CA LYS H 555 -47.17 -96.69 -38.84
C LYS H 555 -46.03 -97.62 -38.46
N LYS H 556 -46.11 -98.87 -38.93
CA LYS H 556 -45.13 -99.92 -38.66
C LYS H 556 -44.17 -100.15 -39.83
N THR I 7 10.57 -41.11 -22.49
CA THR I 7 9.35 -40.81 -21.73
C THR I 7 8.17 -40.52 -22.64
N VAL I 8 7.01 -41.10 -22.31
CA VAL I 8 5.76 -40.92 -23.06
C VAL I 8 4.86 -39.92 -22.30
N PRO I 9 4.39 -38.82 -22.94
CA PRO I 9 3.55 -37.87 -22.20
C PRO I 9 2.09 -38.31 -22.13
N ASP I 10 1.67 -38.83 -20.96
CA ASP I 10 0.30 -39.27 -20.71
C ASP I 10 -0.16 -38.78 -19.34
N ARG I 11 -1.17 -37.90 -19.34
CA ARG I 11 -1.73 -37.30 -18.14
C ARG I 11 -2.83 -38.15 -17.51
N ASP I 12 -3.74 -38.72 -18.33
CA ASP I 12 -4.84 -39.54 -17.83
C ASP I 12 -4.41 -40.98 -17.51
N ASN I 13 -3.18 -41.38 -17.93
CA ASN I 13 -2.57 -42.71 -17.73
C ASN I 13 -3.43 -43.87 -18.27
N ASP I 14 -4.31 -43.54 -19.23
CA ASP I 14 -5.22 -44.45 -19.93
C ASP I 14 -4.48 -45.45 -20.81
N GLY I 15 -3.52 -44.95 -21.58
CA GLY I 15 -2.71 -45.68 -22.54
C GLY I 15 -2.49 -44.87 -23.80
N ILE I 16 -3.30 -43.81 -23.98
CA ILE I 16 -3.25 -42.90 -25.12
C ILE I 16 -2.48 -41.64 -24.70
N PRO I 17 -1.36 -41.30 -25.41
CA PRO I 17 -0.60 -40.10 -25.03
C PRO I 17 -1.31 -38.79 -25.38
N ASP I 18 -0.91 -37.70 -24.70
CA ASP I 18 -1.45 -36.35 -24.85
C ASP I 18 -1.49 -35.89 -26.32
N SER I 19 -0.42 -36.20 -27.08
CA SER I 19 -0.28 -35.86 -28.49
C SER I 19 -1.38 -36.47 -29.37
N LEU I 20 -1.62 -37.78 -29.23
CA LEU I 20 -2.63 -38.49 -30.03
C LEU I 20 -4.04 -38.14 -29.57
N GLU I 21 -4.26 -38.09 -28.23
CA GLU I 21 -5.55 -37.79 -27.59
C GLU I 21 -6.13 -36.44 -28.04
N VAL I 22 -5.25 -35.44 -28.26
CA VAL I 22 -5.63 -34.10 -28.69
C VAL I 22 -5.83 -34.00 -30.20
N GLU I 23 -4.80 -34.37 -30.99
CA GLU I 23 -4.79 -34.25 -32.45
C GLU I 23 -5.70 -35.26 -33.17
N GLY I 24 -5.50 -36.55 -32.88
CA GLY I 24 -6.25 -37.63 -33.51
C GLY I 24 -5.53 -38.95 -33.42
N TYR I 25 -6.32 -40.06 -33.36
CA TYR I 25 -5.82 -41.43 -33.27
C TYR I 25 -6.85 -42.46 -33.72
N THR I 26 -6.40 -43.72 -33.86
CA THR I 26 -7.19 -44.90 -34.23
C THR I 26 -6.46 -46.19 -33.82
N VAL I 27 -7.10 -47.34 -34.10
CA VAL I 27 -6.55 -48.66 -33.79
C VAL I 27 -6.49 -49.49 -35.08
N ASP I 28 -5.33 -50.11 -35.36
CA ASP I 28 -5.11 -50.95 -36.53
C ASP I 28 -4.44 -52.29 -36.15
N VAL I 29 -4.51 -53.29 -37.05
CA VAL I 29 -3.91 -54.62 -36.83
C VAL I 29 -2.74 -54.85 -37.79
N LYS I 30 -1.54 -55.11 -37.22
CA LYS I 30 -0.30 -55.35 -37.96
C LYS I 30 -0.33 -56.81 -38.46
N ASN I 31 0.46 -57.71 -37.81
CA ASN I 31 0.48 -59.14 -38.13
C ASN I 31 -0.85 -59.65 -37.60
N LYS I 32 -1.06 -59.47 -36.29
CA LYS I 32 -2.29 -59.78 -35.56
C LYS I 32 -2.46 -58.72 -34.48
N ARG I 33 -1.33 -58.30 -33.86
CA ARG I 33 -1.19 -57.33 -32.77
C ARG I 33 -1.95 -56.01 -33.01
N THR I 34 -2.57 -55.48 -31.93
CA THR I 34 -3.30 -54.21 -31.97
C THR I 34 -2.33 -53.05 -31.84
N PHE I 35 -2.48 -52.04 -32.71
CA PHE I 35 -1.61 -50.87 -32.77
C PHE I 35 -2.38 -49.55 -32.74
N LEU I 36 -1.97 -48.64 -31.82
CA LEU I 36 -2.53 -47.30 -31.69
C LEU I 36 -1.61 -46.35 -32.44
N SER I 37 -2.19 -45.58 -33.37
CA SER I 37 -1.43 -44.68 -34.24
C SER I 37 -2.16 -43.35 -34.46
N PRO I 38 -1.42 -42.23 -34.67
CA PRO I 38 -2.10 -40.94 -34.94
C PRO I 38 -2.92 -40.98 -36.22
N TRP I 39 -3.97 -40.16 -36.26
CA TRP I 39 -4.89 -40.07 -37.39
C TRP I 39 -4.20 -39.49 -38.64
N ILE I 40 -3.98 -40.34 -39.65
CA ILE I 40 -3.39 -39.95 -40.92
C ILE I 40 -4.42 -40.25 -42.02
N SER I 41 -5.21 -39.21 -42.38
CA SER I 41 -6.29 -39.24 -43.39
C SER I 41 -5.85 -39.79 -44.74
N ASN I 42 -4.57 -39.63 -45.08
CA ASN I 42 -3.94 -40.09 -46.32
C ASN I 42 -3.95 -41.62 -46.41
N ILE I 43 -4.15 -42.31 -45.27
CA ILE I 43 -4.16 -43.76 -45.23
C ILE I 43 -5.30 -44.35 -44.38
N HIS I 44 -5.38 -43.99 -43.08
CA HIS I 44 -6.38 -44.51 -42.13
C HIS I 44 -7.82 -44.30 -42.57
N GLU I 45 -8.13 -43.10 -43.10
CA GLU I 45 -9.46 -42.73 -43.59
C GLU I 45 -9.79 -43.53 -44.85
N LYS I 46 -8.77 -43.77 -45.69
CA LYS I 46 -8.89 -44.54 -46.93
C LYS I 46 -9.06 -46.03 -46.66
N LYS I 47 -8.42 -46.55 -45.58
CA LYS I 47 -8.51 -47.96 -45.17
C LYS I 47 -9.92 -48.30 -44.65
N GLY I 48 -10.59 -47.32 -44.09
CA GLY I 48 -11.93 -47.45 -43.54
C GLY I 48 -11.94 -47.51 -42.03
N LEU I 49 -11.27 -46.53 -41.38
CA LEU I 49 -11.19 -46.43 -39.92
C LEU I 49 -11.93 -45.20 -39.41
N THR I 50 -12.21 -45.18 -38.10
CA THR I 50 -12.93 -44.07 -37.48
C THR I 50 -11.95 -43.11 -36.79
N LYS I 51 -12.21 -41.80 -36.89
CA LYS I 51 -11.39 -40.75 -36.30
C LYS I 51 -11.71 -40.61 -34.82
N TYR I 52 -10.80 -41.11 -33.97
CA TYR I 52 -11.01 -41.04 -32.52
C TYR I 52 -10.23 -39.89 -31.92
N LYS I 53 -10.87 -39.17 -31.00
CA LYS I 53 -10.31 -38.04 -30.26
C LYS I 53 -10.96 -38.03 -28.87
N SER I 54 -10.15 -38.09 -27.80
CA SER I 54 -10.66 -38.10 -26.43
C SER I 54 -10.01 -37.05 -25.54
N SER I 55 -10.22 -37.13 -24.21
CA SER I 55 -9.69 -36.17 -23.24
C SER I 55 -8.36 -36.64 -22.62
N PRO I 56 -7.28 -35.84 -22.77
CA PRO I 56 -5.98 -36.23 -22.20
C PRO I 56 -5.88 -36.14 -20.67
N GLU I 57 -6.77 -35.38 -20.02
CA GLU I 57 -6.77 -35.21 -18.56
C GLU I 57 -7.86 -36.03 -17.87
N LYS I 58 -8.80 -36.58 -18.66
CA LYS I 58 -9.89 -37.42 -18.16
C LYS I 58 -9.64 -38.88 -18.55
N TRP I 59 -9.64 -39.78 -17.54
CA TRP I 59 -9.44 -41.22 -17.68
C TRP I 59 -10.50 -41.80 -18.60
N SER I 60 -11.75 -41.37 -18.38
CA SER I 60 -12.93 -41.72 -19.14
C SER I 60 -13.59 -40.42 -19.56
N THR I 61 -13.62 -40.15 -20.90
CA THR I 61 -14.22 -38.95 -21.49
C THR I 61 -15.72 -38.93 -21.18
N ALA I 62 -16.36 -40.10 -21.27
CA ALA I 62 -17.77 -40.27 -20.96
C ALA I 62 -18.03 -40.38 -19.45
N SER I 63 -16.94 -40.33 -18.63
CA SER I 63 -16.95 -40.45 -17.16
C SER I 63 -17.48 -41.81 -16.67
N ASP I 64 -17.74 -42.75 -17.60
CA ASP I 64 -18.23 -44.09 -17.32
C ASP I 64 -17.13 -44.99 -16.70
N PRO I 65 -17.45 -46.18 -16.12
CA PRO I 65 -16.39 -46.99 -15.48
C PRO I 65 -15.29 -47.54 -16.39
N TYR I 66 -15.53 -47.56 -17.71
CA TYR I 66 -14.57 -48.07 -18.69
C TYR I 66 -13.68 -46.97 -19.25
N SER I 67 -12.37 -47.28 -19.37
CA SER I 67 -11.33 -46.37 -19.86
C SER I 67 -11.48 -46.03 -21.34
N ASP I 68 -10.97 -44.85 -21.74
CA ASP I 68 -10.94 -44.38 -23.12
C ASP I 68 -10.22 -45.42 -23.97
N PHE I 69 -9.06 -45.90 -23.47
CA PHE I 69 -8.21 -46.91 -24.09
C PHE I 69 -8.97 -48.22 -24.25
N GLU I 70 -9.60 -48.71 -23.16
CA GLU I 70 -10.38 -49.94 -23.11
C GLU I 70 -11.43 -50.04 -24.22
N LYS I 71 -12.07 -48.90 -24.57
CA LYS I 71 -13.11 -48.78 -25.59
C LYS I 71 -12.57 -49.00 -27.00
N VAL I 72 -11.48 -48.27 -27.36
CA VAL I 72 -10.89 -48.33 -28.69
C VAL I 72 -10.08 -49.61 -28.93
N THR I 73 -9.29 -50.08 -27.94
CA THR I 73 -8.49 -51.31 -28.11
C THR I 73 -9.36 -52.58 -28.09
N GLY I 74 -10.49 -52.51 -27.40
CA GLY I 74 -11.43 -53.62 -27.26
C GLY I 74 -11.32 -54.35 -25.93
N ARG I 75 -10.40 -53.90 -25.05
CA ARG I 75 -10.18 -54.46 -23.71
C ARG I 75 -11.30 -53.99 -22.75
N ILE I 76 -12.54 -54.15 -23.19
CA ILE I 76 -13.76 -53.75 -22.49
C ILE I 76 -14.70 -54.96 -22.36
N ASP I 77 -15.78 -54.80 -21.59
CA ASP I 77 -16.82 -55.81 -21.44
C ASP I 77 -17.47 -55.94 -22.82
N LYS I 78 -17.29 -57.10 -23.45
CA LYS I 78 -17.74 -57.40 -24.81
C LYS I 78 -19.24 -57.14 -25.04
N ASN I 79 -20.05 -57.15 -23.98
CA ASN I 79 -21.49 -56.88 -24.02
C ASN I 79 -21.78 -55.42 -24.34
N VAL I 80 -20.84 -54.50 -23.99
CA VAL I 80 -20.96 -53.06 -24.23
C VAL I 80 -21.16 -52.79 -25.72
N SER I 81 -22.23 -52.04 -26.05
CA SER I 81 -22.68 -51.66 -27.40
C SER I 81 -21.54 -51.23 -28.35
N PRO I 82 -21.57 -51.63 -29.64
CA PRO I 82 -20.50 -51.24 -30.58
C PRO I 82 -20.40 -49.73 -30.78
N GLU I 83 -21.54 -49.02 -30.76
CA GLU I 83 -21.58 -47.56 -30.88
C GLU I 83 -20.92 -46.92 -29.65
N ALA I 84 -21.02 -47.59 -28.48
CA ALA I 84 -20.45 -47.16 -27.21
C ALA I 84 -18.95 -47.44 -27.10
N ARG I 85 -18.40 -48.26 -28.02
CA ARG I 85 -16.97 -48.57 -28.06
C ARG I 85 -16.10 -47.38 -28.52
N HIS I 86 -16.74 -46.21 -28.73
CA HIS I 86 -16.12 -44.94 -29.11
C HIS I 86 -15.92 -44.13 -27.80
N PRO I 87 -14.75 -43.45 -27.62
CA PRO I 87 -14.52 -42.70 -26.36
C PRO I 87 -15.48 -41.55 -26.10
N LEU I 88 -16.08 -41.01 -27.17
CA LEU I 88 -17.04 -39.90 -27.06
C LEU I 88 -18.49 -40.37 -26.87
N VAL I 89 -18.72 -41.70 -26.73
CA VAL I 89 -20.05 -42.26 -26.53
C VAL I 89 -20.14 -42.94 -25.15
N ALA I 90 -21.18 -42.59 -24.38
CA ALA I 90 -21.42 -43.10 -23.04
C ALA I 90 -21.90 -44.54 -23.01
N ALA I 91 -21.20 -45.37 -22.23
CA ALA I 91 -21.53 -46.78 -22.04
C ALA I 91 -22.25 -46.89 -20.68
N TYR I 92 -23.55 -46.56 -20.68
CA TYR I 92 -24.38 -46.56 -19.47
C TYR I 92 -25.73 -47.28 -19.65
N PRO I 93 -26.25 -47.99 -18.62
CA PRO I 93 -27.52 -48.71 -18.78
C PRO I 93 -28.78 -47.92 -18.42
N ILE I 94 -29.87 -48.26 -19.13
CA ILE I 94 -31.23 -47.71 -18.94
C ILE I 94 -32.16 -48.91 -19.13
N VAL I 95 -33.04 -49.18 -18.16
CA VAL I 95 -33.96 -50.32 -18.22
C VAL I 95 -35.37 -49.93 -17.73
N HIS I 96 -36.36 -50.28 -18.55
CA HIS I 96 -37.80 -50.06 -18.31
C HIS I 96 -38.51 -51.43 -18.30
N VAL I 97 -39.66 -51.51 -17.62
CA VAL I 97 -40.42 -52.75 -17.51
C VAL I 97 -41.46 -52.86 -18.62
N ASP I 98 -41.37 -53.94 -19.43
CA ASP I 98 -42.28 -54.24 -20.54
C ASP I 98 -43.31 -55.28 -20.10
N MET I 99 -44.60 -54.90 -20.11
CA MET I 99 -45.69 -55.78 -19.73
C MET I 99 -46.21 -56.47 -20.99
N GLU I 100 -46.34 -57.80 -20.94
CA GLU I 100 -46.77 -58.62 -22.07
C GLU I 100 -48.29 -58.84 -22.10
N ASN I 101 -48.89 -59.10 -20.93
CA ASN I 101 -50.33 -59.34 -20.76
C ASN I 101 -50.77 -59.18 -19.30
N ILE I 102 -52.07 -58.90 -19.09
CA ILE I 102 -52.67 -58.73 -17.76
C ILE I 102 -53.76 -59.79 -17.51
N ILE I 103 -54.14 -59.95 -16.23
CA ILE I 103 -55.21 -60.85 -15.78
C ILE I 103 -55.85 -60.28 -14.51
N LEU I 104 -57.17 -60.04 -14.57
CA LEU I 104 -57.91 -59.49 -13.46
C LEU I 104 -58.96 -60.44 -12.91
N SER I 105 -58.99 -60.59 -11.57
CA SER I 105 -59.91 -61.48 -10.83
C SER I 105 -60.33 -60.83 -9.51
N LYS I 106 -61.46 -61.30 -8.94
CA LYS I 106 -61.96 -60.83 -7.65
C LYS I 106 -61.11 -61.43 -6.51
N ASN I 107 -60.87 -60.64 -5.45
CA ASN I 107 -60.03 -61.05 -4.30
C ASN I 107 -60.52 -62.31 -3.59
N GLU I 108 -59.57 -63.22 -3.29
CA GLU I 108 -59.80 -64.47 -2.60
C GLU I 108 -58.61 -64.82 -1.71
N GLN I 118 -63.29 -68.68 -11.85
CA GLN I 118 -62.64 -69.33 -12.98
C GLN I 118 -63.02 -68.69 -14.31
N THR I 119 -64.33 -68.34 -14.48
CA THR I 119 -64.88 -67.68 -15.67
C THR I 119 -65.09 -66.17 -15.43
N ARG I 120 -65.00 -65.73 -14.16
CA ARG I 120 -65.13 -64.33 -13.73
C ARG I 120 -63.72 -63.73 -13.67
N THR I 121 -62.92 -63.95 -14.75
CA THR I 121 -61.54 -63.48 -14.87
C THR I 121 -61.29 -62.91 -16.27
N ILE I 122 -60.96 -61.62 -16.36
CA ILE I 122 -60.66 -61.00 -17.66
C ILE I 122 -59.16 -60.96 -17.91
N SER I 123 -58.75 -61.44 -19.10
CA SER I 123 -57.35 -61.46 -19.51
C SER I 123 -57.18 -60.81 -20.88
N LYS I 124 -56.30 -59.78 -20.96
CA LYS I 124 -56.01 -59.03 -22.18
C LYS I 124 -54.50 -58.85 -22.32
N ASN I 125 -54.00 -58.84 -23.57
CA ASN I 125 -52.58 -58.64 -23.85
C ASN I 125 -52.22 -57.16 -23.83
N THR I 126 -51.07 -56.83 -23.22
CA THR I 126 -50.61 -55.44 -23.10
C THR I 126 -49.40 -55.12 -23.95
N SER I 127 -49.31 -53.86 -24.39
CA SER I 127 -48.21 -53.33 -25.22
C SER I 127 -47.50 -52.22 -24.45
N THR I 128 -46.17 -52.33 -24.31
CA THR I 128 -45.38 -51.37 -23.57
C THR I 128 -44.24 -50.79 -24.40
N SER I 129 -44.00 -49.49 -24.24
CA SER I 129 -42.94 -48.73 -24.89
C SER I 129 -42.39 -47.69 -23.91
N ARG I 130 -41.06 -47.45 -23.93
CA ARG I 130 -40.43 -46.48 -23.02
C ARG I 130 -40.90 -45.07 -23.32
N THR I 131 -41.40 -44.37 -22.29
CA THR I 131 -41.95 -43.02 -22.42
C THR I 131 -41.03 -41.94 -21.91
N HIS I 132 -40.86 -40.89 -22.72
CA HIS I 132 -40.06 -39.72 -22.44
C HIS I 132 -41.02 -38.53 -22.57
N THR I 133 -41.64 -38.16 -21.42
CA THR I 133 -42.64 -37.10 -21.29
C THR I 133 -42.17 -35.72 -21.77
N SER I 134 -43.04 -35.05 -22.54
CA SER I 134 -42.86 -33.72 -23.12
C SER I 134 -43.48 -32.65 -22.21
N GLU I 135 -42.99 -31.41 -22.33
CA GLU I 135 -43.42 -30.25 -21.55
C GLU I 135 -44.88 -29.86 -21.79
N VAL I 136 -45.51 -29.22 -20.77
CA VAL I 136 -46.88 -28.72 -20.77
C VAL I 136 -47.07 -27.68 -21.88
N HIS I 137 -48.29 -27.60 -22.45
CA HIS I 137 -48.61 -26.74 -23.60
C HIS I 137 -48.39 -25.22 -23.37
N GLY I 138 -49.38 -24.54 -22.79
CA GLY I 138 -49.34 -23.11 -22.53
C GLY I 138 -50.65 -22.63 -21.95
N ASN I 139 -51.17 -23.42 -21.02
CA ASN I 139 -52.45 -23.23 -20.34
C ASN I 139 -52.44 -23.96 -19.01
N ALA I 140 -51.71 -25.10 -18.94
CA ALA I 140 -51.58 -25.95 -17.76
C ALA I 140 -51.00 -25.20 -16.57
N GLU I 141 -51.71 -25.28 -15.43
CA GLU I 141 -51.40 -24.62 -14.16
C GLU I 141 -50.06 -25.06 -13.57
N SER I 158 -36.70 -34.90 -17.79
CA SER I 158 -35.54 -35.10 -16.94
C SER I 158 -35.12 -36.57 -16.84
N ASN I 159 -33.89 -36.82 -16.32
CA ASN I 159 -33.25 -38.13 -16.18
C ASN I 159 -34.01 -39.11 -15.29
N SER I 160 -34.81 -40.00 -15.93
CA SER I 160 -35.58 -41.07 -15.27
C SER I 160 -36.12 -42.10 -16.28
N ASN I 161 -36.50 -43.29 -15.77
CA ASN I 161 -37.07 -44.38 -16.56
C ASN I 161 -38.55 -44.52 -16.23
N SER I 162 -39.41 -44.40 -17.24
CA SER I 162 -40.86 -44.53 -17.13
C SER I 162 -41.45 -45.13 -18.40
N SER I 163 -42.34 -46.13 -18.25
CA SER I 163 -42.98 -46.81 -19.37
C SER I 163 -44.49 -46.91 -19.19
N THR I 164 -45.25 -46.55 -20.23
CA THR I 164 -46.71 -46.60 -20.22
C THR I 164 -47.22 -47.83 -20.99
N VAL I 165 -48.09 -48.63 -20.34
CA VAL I 165 -48.68 -49.85 -20.92
C VAL I 165 -50.03 -49.54 -21.60
N ALA I 166 -50.53 -50.48 -22.42
CA ALA I 166 -51.82 -50.33 -23.11
C ALA I 166 -52.59 -51.65 -23.10
N ILE I 167 -53.65 -51.71 -22.28
CA ILE I 167 -54.50 -52.89 -22.14
C ILE I 167 -55.42 -53.00 -23.36
N ASP I 168 -55.52 -54.21 -23.94
CA ASP I 168 -56.35 -54.54 -25.10
C ASP I 168 -57.83 -54.30 -24.80
N HIS I 169 -58.47 -53.43 -25.61
CA HIS I 169 -59.88 -53.06 -25.47
C HIS I 169 -60.81 -54.14 -26.04
N SER I 170 -60.31 -54.92 -27.03
CA SER I 170 -61.01 -55.99 -27.74
C SER I 170 -61.54 -57.11 -26.84
N LEU I 171 -62.66 -57.74 -27.27
CA LEU I 171 -63.37 -58.82 -26.57
C LEU I 171 -62.50 -59.99 -26.12
N SER I 172 -62.80 -60.51 -24.92
CA SER I 172 -62.16 -61.68 -24.31
C SER I 172 -63.18 -62.83 -24.38
N LEU I 173 -64.39 -62.60 -23.81
CA LEU I 173 -65.51 -63.55 -23.84
C LEU I 173 -66.37 -63.24 -25.08
N ALA I 174 -67.44 -64.03 -25.31
CA ALA I 174 -68.36 -63.86 -26.44
C ALA I 174 -69.11 -62.52 -26.40
N GLY I 175 -69.58 -62.15 -25.21
CA GLY I 175 -70.30 -60.91 -24.99
C GLY I 175 -69.98 -60.28 -23.64
N GLU I 176 -68.67 -60.13 -23.34
CA GLU I 176 -68.22 -59.52 -22.09
C GLU I 176 -68.51 -58.02 -22.07
N ARG I 177 -69.31 -57.59 -21.10
CA ARG I 177 -69.70 -56.19 -20.95
C ARG I 177 -69.57 -55.78 -19.49
N THR I 178 -68.88 -54.63 -19.29
CA THR I 178 -68.56 -54.00 -17.99
C THR I 178 -67.67 -54.93 -17.17
N TRP I 179 -66.36 -54.63 -17.14
CA TRP I 179 -65.34 -55.37 -16.39
C TRP I 179 -65.70 -55.53 -14.91
N ALA I 180 -66.31 -54.47 -14.31
CA ALA I 180 -66.77 -54.40 -12.92
C ALA I 180 -67.84 -55.46 -12.63
N GLU I 181 -68.54 -55.94 -13.68
CA GLU I 181 -69.59 -56.96 -13.62
C GLU I 181 -69.18 -58.30 -14.24
N THR I 182 -68.14 -58.31 -15.13
CA THR I 182 -67.61 -59.51 -15.77
C THR I 182 -66.92 -60.40 -14.71
N MET I 183 -66.41 -59.78 -13.62
CA MET I 183 -65.77 -60.43 -12.48
C MET I 183 -66.74 -60.64 -11.32
N GLY I 184 -67.74 -59.78 -11.22
CA GLY I 184 -68.76 -59.82 -10.18
C GLY I 184 -68.36 -59.02 -8.95
N LEU I 185 -68.06 -57.72 -9.16
CA LEU I 185 -67.62 -56.80 -8.10
C LEU I 185 -68.65 -55.71 -7.82
N ASN I 186 -68.60 -55.15 -6.59
CA ASN I 186 -69.44 -54.05 -6.12
C ASN I 186 -68.57 -53.08 -5.32
N THR I 187 -69.13 -51.91 -4.94
CA THR I 187 -68.46 -50.83 -4.19
C THR I 187 -67.61 -51.33 -3.00
N ALA I 188 -68.09 -52.39 -2.31
CA ALA I 188 -67.42 -53.02 -1.17
C ALA I 188 -66.33 -54.02 -1.62
N ASP I 189 -66.59 -54.78 -2.70
CA ASP I 189 -65.68 -55.79 -3.27
C ASP I 189 -64.38 -55.20 -3.82
N THR I 190 -63.28 -55.95 -3.69
CA THR I 190 -61.95 -55.56 -4.17
C THR I 190 -61.46 -56.48 -5.29
N ALA I 191 -60.77 -55.88 -6.29
CA ALA I 191 -60.21 -56.60 -7.44
C ALA I 191 -58.70 -56.74 -7.32
N ARG I 192 -58.17 -57.95 -7.53
CA ARG I 192 -56.73 -58.22 -7.46
C ARG I 192 -56.11 -58.33 -8.84
N LEU I 193 -55.08 -57.49 -9.09
CA LEU I 193 -54.37 -57.44 -10.38
C LEU I 193 -53.13 -58.32 -10.38
N ASN I 194 -52.91 -59.00 -11.52
CA ASN I 194 -51.78 -59.88 -11.78
C ASN I 194 -51.41 -59.74 -13.27
N ALA I 195 -50.11 -59.70 -13.59
CA ALA I 195 -49.65 -59.54 -14.97
C ALA I 195 -48.32 -60.20 -15.27
N ASN I 196 -48.01 -60.36 -16.57
CA ASN I 196 -46.75 -60.91 -17.05
C ASN I 196 -45.85 -59.74 -17.44
N ILE I 197 -44.71 -59.62 -16.74
CA ILE I 197 -43.73 -58.54 -16.92
C ILE I 197 -42.36 -59.05 -17.33
N ARG I 198 -41.60 -58.19 -18.05
CA ARG I 198 -40.25 -58.47 -18.51
C ARG I 198 -39.34 -57.25 -18.37
N TYR I 199 -38.11 -57.46 -17.89
CA TYR I 199 -37.12 -56.39 -17.75
C TYR I 199 -36.36 -56.32 -19.07
N VAL I 200 -36.21 -55.13 -19.65
CA VAL I 200 -35.53 -54.99 -20.95
C VAL I 200 -34.62 -53.74 -20.97
N ASN I 201 -33.33 -53.95 -21.30
CA ASN I 201 -32.28 -52.94 -21.39
C ASN I 201 -32.33 -52.16 -22.71
N THR I 202 -32.34 -50.81 -22.64
CA THR I 202 -32.35 -49.90 -23.78
C THR I 202 -31.08 -49.05 -23.84
N GLY I 203 -30.22 -49.20 -22.83
CA GLY I 203 -28.97 -48.45 -22.69
C GLY I 203 -27.83 -48.92 -23.56
N THR I 204 -26.60 -48.86 -23.01
CA THR I 204 -25.36 -49.22 -23.70
C THR I 204 -24.45 -50.13 -22.87
N ALA I 205 -24.74 -50.30 -21.57
CA ALA I 205 -23.94 -51.11 -20.64
C ALA I 205 -24.72 -52.25 -19.97
N PRO I 206 -24.06 -53.36 -19.55
CA PRO I 206 -24.80 -54.46 -18.93
C PRO I 206 -24.86 -54.47 -17.40
N ILE I 207 -25.98 -54.97 -16.85
CA ILE I 207 -26.19 -55.15 -15.41
C ILE I 207 -26.06 -56.65 -15.17
N TYR I 208 -25.16 -57.04 -14.26
CA TYR I 208 -24.83 -58.44 -14.00
C TYR I 208 -25.58 -59.12 -12.85
N ASN I 209 -26.22 -58.37 -11.95
CA ASN I 209 -26.91 -59.02 -10.83
C ASN I 209 -28.21 -58.34 -10.40
N VAL I 210 -28.14 -57.45 -9.38
CA VAL I 210 -29.26 -56.74 -8.75
C VAL I 210 -30.08 -55.94 -9.77
N LEU I 211 -31.40 -56.21 -9.78
CA LEU I 211 -32.37 -55.57 -10.64
C LEU I 211 -32.91 -54.30 -10.00
N PRO I 212 -33.18 -53.23 -10.77
CA PRO I 212 -33.70 -51.99 -10.18
C PRO I 212 -35.12 -52.12 -9.66
N THR I 213 -35.49 -51.23 -8.74
CA THR I 213 -36.83 -51.21 -8.16
C THR I 213 -37.78 -50.48 -9.11
N THR I 214 -38.99 -51.03 -9.28
CA THR I 214 -40.00 -50.45 -10.16
C THR I 214 -41.33 -50.31 -9.41
N SER I 215 -42.18 -49.36 -9.84
CA SER I 215 -43.48 -49.12 -9.21
C SER I 215 -44.59 -48.93 -10.22
N LEU I 216 -45.69 -49.69 -10.07
CA LEU I 216 -46.85 -49.60 -10.95
C LEU I 216 -47.76 -48.49 -10.45
N VAL I 217 -48.01 -47.47 -11.31
CA VAL I 217 -48.81 -46.29 -10.99
C VAL I 217 -50.11 -46.21 -11.80
N LEU I 218 -51.26 -46.11 -11.12
CA LEU I 218 -52.57 -45.95 -11.74
C LEU I 218 -52.81 -44.47 -11.97
N GLY I 219 -53.07 -44.11 -13.21
CA GLY I 219 -53.35 -42.74 -13.60
C GLY I 219 -52.14 -41.82 -13.57
N LYS I 220 -52.02 -41.03 -12.49
CA LYS I 220 -50.94 -40.06 -12.34
C LYS I 220 -49.99 -40.31 -11.18
N ASN I 221 -50.52 -40.52 -9.96
CA ASN I 221 -49.71 -40.69 -8.75
C ASN I 221 -50.10 -41.89 -7.87
N GLN I 222 -51.30 -42.48 -8.11
CA GLN I 222 -51.84 -43.61 -7.35
C GLN I 222 -50.96 -44.86 -7.46
N THR I 223 -49.96 -44.95 -6.57
CA THR I 223 -48.98 -46.03 -6.51
C THR I 223 -49.65 -47.35 -6.08
N LEU I 224 -49.83 -48.28 -7.03
CA LEU I 224 -50.46 -49.58 -6.79
C LEU I 224 -49.57 -50.55 -6.05
N ALA I 225 -48.39 -50.88 -6.63
CA ALA I 225 -47.43 -51.81 -6.05
C ALA I 225 -46.00 -51.51 -6.48
N THR I 226 -45.04 -51.93 -5.64
CA THR I 226 -43.61 -51.78 -5.87
C THR I 226 -42.96 -53.14 -6.06
N ILE I 227 -42.40 -53.38 -7.26
CA ILE I 227 -41.80 -54.66 -7.62
C ILE I 227 -40.28 -54.59 -7.65
N LYS I 228 -39.63 -55.62 -7.09
CA LYS I 228 -38.18 -55.77 -7.03
C LYS I 228 -37.83 -57.23 -6.76
N ALA I 229 -37.03 -57.85 -7.65
CA ALA I 229 -36.62 -59.25 -7.51
C ALA I 229 -35.52 -59.39 -6.45
N LEU I 234 -30.16 -63.35 -7.57
CA LEU I 234 -29.93 -63.75 -8.96
C LEU I 234 -28.60 -63.22 -9.53
N SER I 235 -28.11 -63.88 -10.60
CA SER I 235 -26.87 -63.49 -11.30
C SER I 235 -27.01 -63.63 -12.83
N GLN I 236 -28.25 -63.46 -13.34
CA GLN I 236 -28.54 -63.52 -14.79
C GLN I 236 -28.15 -62.18 -15.41
N ILE I 237 -27.39 -62.25 -16.52
CA ILE I 237 -26.85 -61.09 -17.22
C ILE I 237 -27.87 -60.40 -18.12
N LEU I 238 -28.07 -59.10 -17.90
CA LEU I 238 -28.95 -58.25 -18.70
C LEU I 238 -28.08 -57.52 -19.72
N ALA I 239 -28.11 -58.00 -20.96
CA ALA I 239 -27.31 -57.43 -22.05
C ALA I 239 -27.99 -56.21 -22.69
N PRO I 240 -27.21 -55.20 -23.16
CA PRO I 240 -27.85 -54.04 -23.81
C PRO I 240 -28.59 -54.45 -25.08
N ASN I 241 -29.82 -53.92 -25.26
CA ASN I 241 -30.74 -54.22 -26.37
C ASN I 241 -31.15 -55.71 -26.37
N ASN I 242 -31.28 -56.29 -25.16
CA ASN I 242 -31.66 -57.68 -24.93
C ASN I 242 -32.53 -57.81 -23.67
N TYR I 243 -33.56 -58.66 -23.74
CA TYR I 243 -34.51 -58.92 -22.65
C TYR I 243 -33.88 -59.74 -21.52
N TYR I 244 -34.25 -59.44 -20.24
CA TYR I 244 -33.79 -60.18 -19.05
C TYR I 244 -34.41 -61.58 -19.05
N PRO I 245 -35.75 -61.76 -18.99
CA PRO I 245 -36.28 -63.12 -19.08
C PRO I 245 -36.36 -63.43 -20.57
N SER I 246 -35.20 -63.81 -21.15
CA SER I 246 -34.98 -64.10 -22.57
C SER I 246 -36.18 -64.75 -23.24
N LYS I 247 -36.53 -64.26 -24.44
CA LYS I 247 -37.67 -64.69 -25.24
C LYS I 247 -37.81 -66.22 -25.40
N ASN I 248 -36.67 -66.95 -25.33
CA ASN I 248 -36.64 -68.42 -25.42
C ASN I 248 -37.11 -69.12 -24.12
N LEU I 249 -37.15 -68.36 -23.01
CA LEU I 249 -37.58 -68.83 -21.69
C LEU I 249 -38.88 -68.13 -21.25
N ALA I 250 -39.52 -68.62 -20.18
CA ALA I 250 -40.76 -68.08 -19.64
C ALA I 250 -40.56 -66.72 -18.94
N PRO I 251 -41.53 -65.77 -19.02
CA PRO I 251 -41.37 -64.47 -18.35
C PRO I 251 -41.65 -64.51 -16.84
N ILE I 252 -41.80 -63.34 -16.19
CA ILE I 252 -42.07 -63.25 -14.75
C ILE I 252 -43.47 -62.71 -14.45
N ALA I 253 -44.16 -63.33 -13.47
CA ALA I 253 -45.50 -62.95 -13.02
C ALA I 253 -45.41 -61.94 -11.87
N LEU I 254 -46.56 -61.44 -11.39
CA LEU I 254 -46.58 -60.45 -10.32
C LEU I 254 -47.17 -60.98 -9.01
N ASN I 255 -46.28 -61.29 -8.06
CA ASN I 255 -46.54 -61.78 -6.69
C ASN I 255 -47.60 -62.90 -6.63
N ALA I 256 -47.13 -64.13 -6.85
CA ALA I 256 -47.92 -65.37 -6.80
C ALA I 256 -47.03 -66.43 -6.17
N GLN I 257 -45.90 -66.77 -6.83
CA GLN I 257 -44.90 -67.75 -6.40
C GLN I 257 -43.46 -67.20 -6.51
N SER I 262 -45.19 -62.68 -2.43
CA SER I 262 -46.01 -63.17 -1.33
C SER I 262 -47.47 -62.68 -1.40
N THR I 263 -47.70 -61.34 -1.39
CA THR I 263 -49.03 -60.72 -1.46
C THR I 263 -49.24 -59.97 -2.80
N PRO I 264 -50.31 -60.28 -3.58
CA PRO I 264 -50.51 -59.60 -4.86
C PRO I 264 -51.01 -58.15 -4.73
N ILE I 265 -51.13 -57.46 -5.88
CA ILE I 265 -51.61 -56.07 -5.98
C ILE I 265 -53.10 -56.03 -5.63
N THR I 266 -53.50 -55.09 -4.74
CA THR I 266 -54.89 -54.91 -4.30
C THR I 266 -55.44 -53.58 -4.81
N MET I 267 -56.64 -53.63 -5.42
CA MET I 267 -57.32 -52.48 -5.99
C MET I 267 -58.78 -52.45 -5.56
N ASN I 268 -59.27 -51.27 -5.15
CA ASN I 268 -60.65 -51.06 -4.74
C ASN I 268 -61.56 -50.89 -5.97
N TYR I 269 -62.89 -50.99 -5.79
CA TYR I 269 -63.90 -50.86 -6.86
C TYR I 269 -63.83 -49.52 -7.59
N ASN I 270 -63.66 -48.42 -6.83
CA ASN I 270 -63.57 -47.05 -7.33
C ASN I 270 -62.34 -46.82 -8.21
N GLN I 271 -61.20 -47.41 -7.82
CA GLN I 271 -59.95 -47.32 -8.58
C GLN I 271 -59.96 -48.26 -9.78
N PHE I 272 -60.76 -49.34 -9.72
CA PHE I 272 -60.92 -50.32 -10.80
C PHE I 272 -61.67 -49.73 -11.98
N LEU I 273 -62.63 -48.83 -11.71
CA LEU I 273 -63.42 -48.15 -12.73
C LEU I 273 -62.58 -47.16 -13.52
N GLU I 274 -61.48 -46.65 -12.91
CA GLU I 274 -60.52 -45.74 -13.55
C GLU I 274 -59.70 -46.52 -14.58
N LEU I 275 -59.30 -47.76 -14.21
CA LEU I 275 -58.54 -48.68 -15.05
C LEU I 275 -59.39 -49.16 -16.24
N GLU I 276 -60.70 -49.38 -16.01
CA GLU I 276 -61.66 -49.81 -17.03
C GLU I 276 -61.90 -48.69 -18.04
N LYS I 277 -61.92 -47.43 -17.57
CA LYS I 277 -62.15 -46.22 -18.35
C LYS I 277 -60.93 -45.79 -19.17
N THR I 278 -59.71 -45.95 -18.61
CA THR I 278 -58.45 -45.56 -19.28
C THR I 278 -57.84 -46.68 -20.10
N LYS I 279 -57.91 -47.94 -19.59
CA LYS I 279 -57.34 -49.16 -20.18
C LYS I 279 -55.81 -49.02 -20.38
N GLN I 280 -55.14 -48.36 -19.40
CA GLN I 280 -53.70 -48.10 -19.38
C GLN I 280 -53.15 -47.86 -17.98
N LEU I 281 -51.85 -48.17 -17.79
CA LEU I 281 -51.12 -47.99 -16.52
C LEU I 281 -49.72 -47.41 -16.79
N ARG I 282 -48.99 -47.08 -15.70
CA ARG I 282 -47.64 -46.53 -15.78
C ARG I 282 -46.65 -47.37 -14.95
N LEU I 283 -45.38 -47.44 -15.40
CA LEU I 283 -44.32 -48.19 -14.74
C LEU I 283 -43.08 -47.32 -14.56
N ASP I 284 -42.85 -46.84 -13.34
CA ASP I 284 -41.72 -45.98 -12.98
C ASP I 284 -40.59 -46.83 -12.35
N THR I 285 -39.48 -46.97 -13.08
CA THR I 285 -38.31 -47.73 -12.66
C THR I 285 -37.15 -46.80 -12.33
N ASP I 286 -36.44 -47.06 -11.22
CA ASP I 286 -35.30 -46.25 -10.79
C ASP I 286 -34.01 -46.63 -11.52
N GLN I 287 -32.95 -45.81 -11.37
CA GLN I 287 -31.67 -46.04 -12.02
C GLN I 287 -30.64 -46.74 -11.11
N VAL I 288 -31.07 -47.27 -9.95
CA VAL I 288 -30.16 -47.99 -9.05
C VAL I 288 -29.96 -49.43 -9.59
N TYR I 289 -28.75 -49.73 -10.05
CA TYR I 289 -28.43 -51.04 -10.63
C TYR I 289 -27.32 -51.77 -9.89
N GLY I 290 -27.14 -53.05 -10.25
CA GLY I 290 -26.12 -53.92 -9.68
C GLY I 290 -24.70 -53.51 -10.01
N ASN I 291 -23.72 -54.07 -9.29
CA ASN I 291 -22.28 -53.80 -9.45
C ASN I 291 -21.78 -53.98 -10.88
N ILE I 292 -20.83 -53.14 -11.31
CA ILE I 292 -20.26 -53.16 -12.66
C ILE I 292 -19.09 -54.11 -12.77
N ALA I 293 -19.06 -54.89 -13.85
CA ALA I 293 -17.97 -55.83 -14.13
C ALA I 293 -16.88 -55.09 -14.89
N THR I 294 -15.66 -55.07 -14.34
CA THR I 294 -14.53 -54.35 -14.93
C THR I 294 -13.46 -55.29 -15.50
N TYR I 295 -12.68 -54.77 -16.47
CA TYR I 295 -11.58 -55.48 -17.12
C TYR I 295 -10.27 -55.25 -16.36
N ASN I 296 -9.43 -56.28 -16.29
CA ASN I 296 -8.12 -56.23 -15.65
C ASN I 296 -7.05 -56.61 -16.67
N PHE I 297 -6.22 -55.62 -17.04
CA PHE I 297 -5.17 -55.63 -18.06
C PHE I 297 -4.19 -56.80 -18.02
N GLU I 298 -3.55 -57.05 -16.87
CA GLU I 298 -2.54 -58.10 -16.69
C GLU I 298 -3.06 -59.53 -16.89
N ASN I 299 -4.32 -59.81 -16.52
CA ASN I 299 -4.88 -61.17 -16.65
C ASN I 299 -5.98 -61.28 -17.75
N GLY I 300 -6.23 -60.18 -18.47
CA GLY I 300 -7.21 -60.11 -19.55
C GLY I 300 -8.53 -60.79 -19.30
N ARG I 301 -9.09 -60.61 -18.09
CA ARG I 301 -10.35 -61.22 -17.67
C ARG I 301 -11.28 -60.21 -16.97
N VAL I 302 -12.57 -60.28 -17.29
CA VAL I 302 -13.61 -59.43 -16.74
C VAL I 302 -14.15 -60.03 -15.43
N ARG I 303 -14.08 -59.24 -14.35
CA ARG I 303 -14.54 -59.61 -13.00
C ARG I 303 -15.52 -58.56 -12.45
N VAL I 304 -16.60 -59.02 -11.76
CA VAL I 304 -17.61 -58.15 -11.15
C VAL I 304 -16.99 -57.46 -9.92
N ASP I 305 -16.76 -56.14 -10.03
CA ASP I 305 -16.18 -55.34 -8.96
C ASP I 305 -17.24 -54.93 -7.95
N THR I 306 -17.12 -55.44 -6.72
CA THR I 306 -18.03 -55.17 -5.61
C THR I 306 -17.95 -53.72 -5.13
N GLY I 307 -16.78 -53.11 -5.32
CA GLY I 307 -16.52 -51.72 -4.92
C GLY I 307 -17.29 -50.69 -5.71
N SER I 308 -17.10 -50.69 -7.04
CA SER I 308 -17.75 -49.74 -7.92
C SER I 308 -19.11 -50.21 -8.40
N ASN I 309 -20.14 -49.42 -8.07
CA ASN I 309 -21.53 -49.65 -8.41
C ASN I 309 -21.97 -48.60 -9.44
N TRP I 310 -23.11 -48.82 -10.11
CA TRP I 310 -23.63 -47.89 -11.11
C TRP I 310 -24.16 -46.58 -10.51
N SER I 311 -24.74 -46.64 -9.30
CA SER I 311 -25.31 -45.48 -8.61
C SER I 311 -24.32 -44.37 -8.28
N GLU I 312 -23.02 -44.69 -8.17
CA GLU I 312 -21.97 -43.71 -7.86
C GLU I 312 -21.31 -43.12 -9.12
N VAL I 313 -21.45 -43.80 -10.26
CA VAL I 313 -20.85 -43.39 -11.53
C VAL I 313 -21.88 -42.77 -12.50
N LEU I 314 -23.12 -43.31 -12.53
CA LEU I 314 -24.21 -42.83 -13.39
C LEU I 314 -24.49 -41.32 -13.33
N PRO I 315 -24.58 -40.65 -12.14
CA PRO I 315 -24.83 -39.20 -12.15
C PRO I 315 -23.72 -38.38 -12.78
N GLN I 316 -22.45 -38.85 -12.67
CA GLN I 316 -21.25 -38.20 -13.23
C GLN I 316 -21.37 -38.08 -14.74
N ILE I 317 -21.95 -39.10 -15.39
CA ILE I 317 -22.20 -39.15 -16.83
C ILE I 317 -23.32 -38.17 -17.17
N GLN I 318 -24.43 -38.24 -16.42
CA GLN I 318 -25.65 -37.42 -16.57
C GLN I 318 -25.43 -35.90 -16.40
N GLU I 319 -24.21 -35.49 -16.02
CA GLU I 319 -23.85 -34.09 -15.78
C GLU I 319 -22.74 -33.59 -16.70
N THR I 320 -22.03 -34.53 -17.39
CA THR I 320 -20.93 -34.21 -18.30
C THR I 320 -21.30 -34.36 -19.77
N THR I 321 -22.24 -35.26 -20.07
CA THR I 321 -22.65 -35.57 -21.44
C THR I 321 -23.94 -34.90 -21.88
N ALA I 322 -24.19 -34.89 -23.21
CA ALA I 322 -25.40 -34.35 -23.82
C ALA I 322 -26.30 -35.51 -24.22
N ARG I 323 -27.62 -35.38 -23.97
CA ARG I 323 -28.62 -36.40 -24.23
C ARG I 323 -29.31 -36.19 -25.59
N ILE I 324 -29.33 -37.22 -26.44
CA ILE I 324 -29.98 -37.19 -27.75
C ILE I 324 -30.91 -38.40 -27.90
N ILE I 325 -32.21 -38.13 -28.15
CA ILE I 325 -33.27 -39.14 -28.32
C ILE I 325 -33.55 -39.35 -29.82
N PHE I 326 -33.62 -40.62 -30.27
CA PHE I 326 -33.88 -40.98 -31.66
C PHE I 326 -34.66 -42.30 -31.82
N ASN I 327 -35.45 -42.43 -32.90
CA ASN I 327 -36.27 -43.61 -33.17
C ASN I 327 -36.33 -44.01 -34.67
N GLY I 328 -35.17 -44.06 -35.32
CA GLY I 328 -35.03 -44.42 -36.73
C GLY I 328 -35.39 -45.85 -37.03
N LYS I 329 -34.57 -46.80 -36.53
CA LYS I 329 -34.75 -48.26 -36.71
C LYS I 329 -36.15 -48.70 -36.31
N ASP I 330 -36.56 -48.36 -35.08
CA ASP I 330 -37.89 -48.65 -34.57
C ASP I 330 -38.45 -47.43 -33.93
N LEU I 331 -39.77 -47.31 -33.97
CA LEU I 331 -40.46 -46.17 -33.41
C LEU I 331 -40.60 -46.25 -31.89
N ASN I 332 -39.46 -46.48 -31.22
CA ASN I 332 -39.29 -46.54 -29.77
C ASN I 332 -38.18 -45.56 -29.39
N LEU I 333 -38.41 -44.73 -28.37
CA LEU I 333 -37.49 -43.69 -27.89
C LEU I 333 -36.20 -44.28 -27.31
N VAL I 334 -35.07 -44.01 -27.98
CA VAL I 334 -33.74 -44.50 -27.59
C VAL I 334 -32.92 -43.38 -26.98
N GLU I 335 -32.32 -43.64 -25.81
CA GLU I 335 -31.45 -42.68 -25.13
C GLU I 335 -29.98 -43.03 -25.36
N ARG I 336 -29.21 -42.07 -25.89
CA ARG I 336 -27.79 -42.21 -26.18
C ARG I 336 -27.07 -40.93 -25.77
N ARG I 337 -26.09 -41.02 -24.86
CA ARG I 337 -25.36 -39.84 -24.39
C ARG I 337 -23.99 -39.71 -25.04
N ILE I 338 -23.65 -38.49 -25.45
CA ILE I 338 -22.40 -38.14 -26.15
C ILE I 338 -21.58 -37.16 -25.31
N ALA I 339 -20.27 -37.42 -25.19
CA ALA I 339 -19.30 -36.60 -24.44
C ALA I 339 -19.32 -35.18 -24.97
N ALA I 340 -19.78 -34.26 -24.13
CA ALA I 340 -19.93 -32.85 -24.51
C ALA I 340 -19.07 -31.89 -23.71
N VAL I 341 -18.76 -30.74 -24.34
CA VAL I 341 -17.94 -29.68 -23.76
C VAL I 341 -18.74 -28.80 -22.80
N ASN I 342 -18.09 -28.30 -21.75
CA ASN I 342 -18.70 -27.40 -20.78
C ASN I 342 -17.75 -26.24 -20.46
N PRO I 343 -18.22 -24.99 -20.60
CA PRO I 343 -17.32 -23.84 -20.35
C PRO I 343 -16.99 -23.58 -18.89
N SER I 344 -17.94 -23.86 -17.98
CA SER I 344 -17.79 -23.64 -16.54
C SER I 344 -16.66 -24.51 -15.95
N ASP I 345 -16.68 -25.81 -16.24
CA ASP I 345 -15.68 -26.75 -15.74
C ASP I 345 -14.49 -26.87 -16.69
N PRO I 346 -13.25 -26.65 -16.20
CA PRO I 346 -12.08 -26.72 -17.08
C PRO I 346 -11.72 -28.14 -17.51
N LEU I 347 -12.01 -29.14 -16.65
CA LEU I 347 -11.74 -30.55 -16.95
C LEU I 347 -12.63 -31.06 -18.08
N GLU I 348 -13.81 -30.45 -18.25
CA GLU I 348 -14.74 -30.78 -19.34
C GLU I 348 -14.38 -30.04 -20.62
N THR I 349 -13.52 -29.02 -20.51
CA THR I 349 -13.02 -28.25 -21.66
C THR I 349 -11.90 -29.05 -22.35
N THR I 350 -11.35 -30.06 -21.63
CA THR I 350 -10.32 -30.97 -22.08
C THR I 350 -10.88 -31.98 -23.10
N LYS I 351 -12.20 -32.23 -23.04
CA LYS I 351 -12.95 -33.12 -23.93
C LYS I 351 -13.00 -32.48 -25.33
N PRO I 352 -12.83 -33.25 -26.43
CA PRO I 352 -12.86 -32.63 -27.76
C PRO I 352 -14.21 -31.99 -28.10
N ASP I 353 -14.16 -30.84 -28.82
CA ASP I 353 -15.32 -30.06 -29.25
C ASP I 353 -16.31 -30.91 -30.04
N MET I 354 -17.57 -30.92 -29.61
CA MET I 354 -18.58 -31.75 -30.24
C MET I 354 -19.47 -31.00 -31.22
N THR I 355 -19.69 -31.63 -32.39
CA THR I 355 -20.55 -31.16 -33.49
C THR I 355 -21.78 -32.05 -33.57
N LEU I 356 -22.92 -31.49 -34.00
CA LEU I 356 -24.18 -32.21 -34.16
C LEU I 356 -24.05 -33.33 -35.20
N LYS I 357 -23.31 -33.06 -36.29
CA LYS I 357 -23.05 -33.97 -37.40
C LYS I 357 -22.37 -35.26 -36.94
N GLU I 358 -21.12 -35.15 -36.44
CA GLU I 358 -20.29 -36.27 -35.97
C GLU I 358 -20.92 -37.04 -34.80
N ALA I 359 -21.56 -36.33 -33.85
CA ALA I 359 -22.20 -36.95 -32.67
C ALA I 359 -23.29 -37.93 -33.09
N LEU I 360 -24.14 -37.55 -34.04
CA LEU I 360 -25.20 -38.40 -34.57
C LEU I 360 -24.62 -39.59 -35.32
N LYS I 361 -23.48 -39.39 -36.01
CA LYS I 361 -22.75 -40.40 -36.77
C LYS I 361 -22.22 -41.54 -35.88
N ILE I 362 -21.73 -41.19 -34.67
CA ILE I 362 -21.16 -42.16 -33.71
C ILE I 362 -22.19 -42.68 -32.69
N ALA I 363 -23.28 -41.92 -32.47
CA ALA I 363 -24.32 -42.29 -31.51
C ALA I 363 -25.40 -43.23 -32.06
N PHE I 364 -25.63 -43.25 -33.38
CA PHE I 364 -26.69 -44.10 -33.95
C PHE I 364 -26.26 -44.89 -35.18
N GLY I 365 -25.38 -44.32 -35.99
CA GLY I 365 -24.88 -44.95 -37.20
C GLY I 365 -25.21 -44.18 -38.45
N PHE I 366 -25.31 -42.85 -38.33
CA PHE I 366 -25.61 -41.93 -39.44
C PHE I 366 -24.50 -41.95 -40.48
N ASN I 367 -24.87 -41.80 -41.76
CA ASN I 367 -23.93 -41.81 -42.88
C ASN I 367 -23.98 -40.52 -43.70
N GLU I 368 -22.81 -40.10 -44.19
CA GLU I 368 -22.63 -38.90 -45.01
C GLU I 368 -22.18 -39.34 -46.41
N PRO I 369 -23.13 -39.66 -47.33
CA PRO I 369 -22.73 -40.14 -48.66
C PRO I 369 -22.40 -39.05 -49.68
N ASN I 370 -23.27 -38.03 -49.80
CA ASN I 370 -23.10 -36.91 -50.71
C ASN I 370 -22.45 -35.74 -49.98
N GLY I 371 -23.00 -35.43 -48.81
CA GLY I 371 -22.60 -34.35 -47.91
C GLY I 371 -23.69 -34.13 -46.89
N ASN I 372 -24.94 -34.43 -47.29
CA ASN I 372 -26.15 -34.34 -46.46
C ASN I 372 -26.27 -35.61 -45.61
N LEU I 373 -26.66 -35.45 -44.34
CA LEU I 373 -26.79 -36.55 -43.39
C LEU I 373 -28.01 -37.42 -43.64
N GLN I 374 -27.91 -38.72 -43.30
CA GLN I 374 -28.97 -39.74 -43.43
C GLN I 374 -28.71 -41.01 -42.62
N TYR I 375 -29.78 -41.61 -42.06
CA TYR I 375 -29.74 -42.83 -41.24
C TYR I 375 -30.25 -44.04 -42.02
N GLN I 376 -29.31 -44.93 -42.41
CA GLN I 376 -29.55 -46.17 -43.17
C GLN I 376 -30.43 -45.92 -44.41
N GLY I 377 -30.31 -44.71 -44.95
CA GLY I 377 -31.07 -44.23 -46.09
C GLY I 377 -31.96 -43.05 -45.74
N LYS I 378 -32.67 -43.16 -44.60
CA LYS I 378 -33.59 -42.13 -44.10
C LYS I 378 -32.89 -40.78 -43.91
N ASP I 379 -33.13 -39.84 -44.85
CA ASP I 379 -32.56 -38.48 -44.86
C ASP I 379 -32.83 -37.72 -43.55
N ILE I 380 -31.86 -36.91 -43.09
CA ILE I 380 -31.93 -36.10 -41.85
C ILE I 380 -33.15 -35.14 -41.85
N THR I 381 -33.65 -34.79 -43.05
CA THR I 381 -34.81 -33.92 -43.24
C THR I 381 -36.12 -34.55 -42.74
N GLU I 382 -36.22 -35.91 -42.83
CA GLU I 382 -37.39 -36.70 -42.39
C GLU I 382 -37.69 -36.59 -40.89
N PHE I 383 -36.75 -36.04 -40.11
CA PHE I 383 -36.90 -35.91 -38.67
C PHE I 383 -36.98 -34.47 -38.18
N ASP I 384 -37.75 -34.24 -37.12
CA ASP I 384 -37.92 -32.92 -36.51
C ASP I 384 -36.95 -32.74 -35.34
N PHE I 385 -36.49 -31.51 -35.16
CA PHE I 385 -35.55 -31.14 -34.11
C PHE I 385 -36.24 -30.42 -32.95
N ASN I 386 -36.34 -31.11 -31.80
CA ASN I 386 -36.95 -30.59 -30.58
C ASN I 386 -35.92 -30.48 -29.46
N PHE I 387 -36.01 -29.40 -28.65
CA PHE I 387 -35.09 -29.13 -27.54
C PHE I 387 -35.82 -28.62 -26.31
N ASP I 388 -35.09 -28.41 -25.19
CA ASP I 388 -35.66 -27.90 -23.94
C ASP I 388 -35.58 -26.36 -23.90
N GLN I 389 -35.58 -25.77 -22.70
CA GLN I 389 -35.51 -24.32 -22.46
C GLN I 389 -34.13 -23.77 -22.84
N GLN I 390 -33.10 -24.23 -22.12
CA GLN I 390 -31.71 -23.80 -22.26
C GLN I 390 -30.99 -24.35 -23.49
N THR I 391 -31.34 -25.57 -23.95
CA THR I 391 -30.74 -26.20 -25.13
C THR I 391 -31.10 -25.42 -26.39
N SER I 392 -32.39 -25.14 -26.61
CA SER I 392 -32.88 -24.37 -27.77
C SER I 392 -32.35 -22.95 -27.77
N GLN I 393 -32.25 -22.32 -26.58
CA GLN I 393 -31.74 -20.97 -26.39
C GLN I 393 -30.24 -20.88 -26.70
N ASN I 394 -29.49 -21.95 -26.40
CA ASN I 394 -28.05 -22.03 -26.67
C ASN I 394 -27.81 -22.12 -28.18
N ILE I 395 -28.64 -22.90 -28.88
CA ILE I 395 -28.58 -23.09 -30.34
C ILE I 395 -29.11 -21.83 -31.05
N LYS I 396 -30.09 -21.12 -30.42
CA LYS I 396 -30.69 -19.88 -30.92
C LYS I 396 -29.60 -18.82 -31.18
N ASN I 397 -28.66 -18.68 -30.21
CA ASN I 397 -27.53 -17.75 -30.28
C ASN I 397 -26.57 -18.14 -31.41
N GLN I 398 -26.30 -19.46 -31.54
CA GLN I 398 -25.43 -20.03 -32.56
C GLN I 398 -25.95 -19.78 -33.99
N LEU I 399 -27.26 -20.03 -34.21
CA LEU I 399 -27.94 -19.84 -35.50
C LEU I 399 -27.88 -18.41 -36.00
N ALA I 400 -27.87 -17.44 -35.07
CA ALA I 400 -27.78 -16.01 -35.36
C ALA I 400 -26.32 -15.62 -35.69
N GLU I 401 -25.35 -16.24 -35.00
CA GLU I 401 -23.92 -16.01 -35.20
C GLU I 401 -23.46 -16.64 -36.51
N LEU I 402 -24.07 -17.79 -36.89
CA LEU I 402 -23.83 -18.52 -38.13
C LEU I 402 -24.68 -17.97 -39.28
N ASN I 403 -25.61 -17.04 -38.94
CA ASN I 403 -26.57 -16.32 -39.80
C ASN I 403 -27.69 -17.21 -40.34
N ALA I 404 -27.37 -18.45 -40.80
CA ALA I 404 -28.34 -19.40 -41.34
C ALA I 404 -29.38 -19.78 -40.28
N THR I 405 -30.66 -19.46 -40.55
CA THR I 405 -31.80 -19.70 -39.66
C THR I 405 -32.20 -21.19 -39.62
N ASN I 406 -31.87 -21.96 -40.67
CA ASN I 406 -32.19 -23.38 -40.76
C ASN I 406 -31.12 -24.23 -40.09
N ILE I 407 -31.55 -25.17 -39.23
CA ILE I 407 -30.68 -26.08 -38.49
C ILE I 407 -29.96 -27.08 -39.40
N TYR I 408 -30.62 -27.49 -40.50
CA TYR I 408 -30.08 -28.43 -41.49
C TYR I 408 -28.89 -27.86 -42.27
N THR I 409 -28.89 -26.53 -42.47
CA THR I 409 -27.86 -25.78 -43.21
C THR I 409 -26.52 -25.83 -42.48
N VAL I 410 -26.49 -25.32 -41.23
CA VAL I 410 -25.30 -25.25 -40.37
C VAL I 410 -25.16 -26.51 -39.46
N LEU I 411 -25.76 -27.64 -39.90
CA LEU I 411 -25.78 -28.96 -39.25
C LEU I 411 -24.40 -29.42 -38.77
N ASP I 412 -23.37 -29.20 -39.60
CA ASP I 412 -21.97 -29.57 -39.35
C ASP I 412 -21.21 -28.56 -38.47
N LYS I 413 -21.81 -27.38 -38.20
CA LYS I 413 -21.19 -26.32 -37.40
C LYS I 413 -21.86 -26.06 -36.05
N ILE I 414 -23.00 -26.72 -35.76
CA ILE I 414 -23.72 -26.55 -34.50
C ILE I 414 -22.96 -27.27 -33.38
N LYS I 415 -22.45 -26.49 -32.39
CA LYS I 415 -21.70 -26.99 -31.24
C LYS I 415 -22.61 -27.57 -30.17
N LEU I 416 -22.19 -28.68 -29.55
CA LEU I 416 -22.95 -29.35 -28.50
C LEU I 416 -22.32 -29.11 -27.14
N ASN I 417 -23.17 -28.70 -26.18
CA ASN I 417 -22.78 -28.42 -24.80
C ASN I 417 -23.28 -29.49 -23.83
N ALA I 418 -22.69 -29.53 -22.62
CA ALA I 418 -23.04 -30.49 -21.58
C ALA I 418 -24.43 -30.24 -21.00
N LYS I 419 -25.02 -31.29 -20.39
CA LYS I 419 -26.34 -31.29 -19.74
C LYS I 419 -27.52 -31.03 -20.70
N MET I 420 -27.22 -30.83 -22.00
CA MET I 420 -28.19 -30.59 -23.07
C MET I 420 -29.17 -31.75 -23.23
N ASN I 421 -30.39 -31.44 -23.68
CA ASN I 421 -31.42 -32.43 -23.98
C ASN I 421 -31.97 -32.15 -25.37
N ILE I 422 -31.85 -33.13 -26.27
CA ILE I 422 -32.28 -33.04 -27.67
C ILE I 422 -33.17 -34.24 -28.04
N LEU I 423 -34.36 -33.97 -28.62
CA LEU I 423 -35.32 -34.99 -29.03
C LEU I 423 -35.51 -34.96 -30.56
N ILE I 424 -35.14 -36.06 -31.25
CA ILE I 424 -35.22 -36.20 -32.71
C ILE I 424 -36.22 -37.31 -33.04
N ARG I 425 -37.28 -36.97 -33.79
CA ARG I 425 -38.34 -37.91 -34.16
C ARG I 425 -38.79 -37.76 -35.62
N ASP I 426 -39.28 -38.86 -36.23
CA ASP I 426 -39.75 -38.88 -37.61
C ASP I 426 -41.03 -38.07 -37.80
N LYS I 427 -41.04 -37.22 -38.86
CA LYS I 427 -42.15 -36.35 -39.25
C LYS I 427 -43.36 -37.14 -39.75
N ARG I 428 -43.13 -38.41 -40.17
CA ARG I 428 -44.13 -39.35 -40.70
C ARG I 428 -45.25 -39.62 -39.71
N PHE I 429 -44.95 -39.56 -38.40
CA PHE I 429 -45.92 -39.90 -37.36
C PHE I 429 -46.21 -38.77 -36.39
N HIS I 430 -47.38 -38.83 -35.74
CA HIS I 430 -47.86 -37.87 -34.74
C HIS I 430 -47.41 -38.33 -33.34
N TYR I 431 -47.10 -37.37 -32.45
CA TYR I 431 -46.62 -37.68 -31.10
C TYR I 431 -47.44 -36.98 -30.01
N ASP I 432 -47.74 -37.73 -28.94
CA ASP I 432 -48.54 -37.27 -27.79
C ASP I 432 -47.66 -36.62 -26.72
N ARG I 433 -48.22 -36.40 -25.50
CA ARG I 433 -47.53 -35.81 -24.35
C ARG I 433 -46.41 -36.72 -23.81
N ASN I 434 -46.53 -38.05 -23.99
CA ASN I 434 -45.51 -39.00 -23.57
C ASN I 434 -44.55 -39.34 -24.74
N ASN I 435 -44.68 -38.60 -25.87
CA ASN I 435 -43.88 -38.67 -27.09
C ASN I 435 -43.84 -40.07 -27.74
N ILE I 436 -45.00 -40.75 -27.79
CA ILE I 436 -45.12 -42.09 -28.40
C ILE I 436 -45.76 -41.95 -29.78
N ALA I 437 -45.32 -42.78 -30.74
CA ALA I 437 -45.88 -42.78 -32.10
C ALA I 437 -47.33 -43.28 -32.01
N VAL I 438 -48.29 -42.37 -32.16
CA VAL I 438 -49.72 -42.66 -32.00
C VAL I 438 -50.44 -42.90 -33.33
N GLY I 439 -50.33 -41.96 -34.26
CA GLY I 439 -50.96 -42.04 -35.57
C GLY I 439 -50.12 -41.42 -36.66
N ALA I 440 -50.69 -41.33 -37.87
CA ALA I 440 -50.02 -40.76 -39.05
C ALA I 440 -51.03 -40.20 -40.07
N ASP I 441 -50.52 -39.49 -41.12
CA ASP I 441 -51.32 -38.90 -42.19
C ASP I 441 -51.94 -40.00 -43.05
N GLU I 442 -53.23 -39.82 -43.42
CA GLU I 442 -54.02 -40.76 -44.24
C GLU I 442 -53.25 -41.31 -45.44
N SER I 443 -52.45 -40.44 -46.10
CA SER I 443 -51.60 -40.73 -47.25
C SER I 443 -50.52 -41.76 -46.91
N VAL I 444 -49.82 -41.57 -45.78
CA VAL I 444 -48.72 -42.43 -45.30
C VAL I 444 -49.21 -43.87 -45.01
N VAL I 445 -50.44 -44.01 -44.46
CA VAL I 445 -51.05 -45.31 -44.14
C VAL I 445 -51.35 -46.11 -45.41
N LYS I 446 -51.82 -45.41 -46.47
CA LYS I 446 -52.17 -45.99 -47.77
C LYS I 446 -50.95 -46.56 -48.53
N GLU I 447 -49.74 -46.04 -48.25
CA GLU I 447 -48.49 -46.46 -48.88
C GLU I 447 -48.03 -47.86 -48.45
N ALA I 448 -48.21 -48.20 -47.16
CA ALA I 448 -47.82 -49.49 -46.60
C ALA I 448 -48.83 -50.60 -46.93
N HIS I 449 -50.12 -50.25 -47.07
CA HIS I 449 -51.21 -51.17 -47.38
C HIS I 449 -51.47 -51.32 -48.90
N ARG I 450 -50.52 -50.86 -49.73
CA ARG I 450 -50.58 -50.93 -51.18
C ARG I 450 -50.27 -52.35 -51.67
N GLU I 451 -49.23 -52.99 -51.09
CA GLU I 451 -48.76 -54.33 -51.43
C GLU I 451 -49.76 -55.41 -51.00
N VAL I 452 -50.43 -56.05 -51.97
CA VAL I 452 -51.41 -57.12 -51.75
C VAL I 452 -50.79 -58.46 -52.15
N ILE I 453 -50.87 -59.46 -51.26
CA ILE I 453 -50.31 -60.80 -51.50
C ILE I 453 -51.43 -61.80 -51.84
N ASN I 454 -52.50 -61.83 -51.02
CA ASN I 454 -53.64 -62.74 -51.19
C ASN I 454 -54.98 -62.00 -51.16
N SER I 455 -55.90 -62.38 -52.07
CA SER I 455 -57.24 -61.81 -52.17
C SER I 455 -58.30 -62.92 -52.05
N SER I 456 -58.76 -63.17 -50.81
CA SER I 456 -59.75 -64.22 -50.50
C SER I 456 -60.87 -63.70 -49.60
N THR I 457 -62.05 -64.37 -49.65
CA THR I 457 -63.23 -64.04 -48.84
C THR I 457 -63.04 -64.41 -47.37
N GLU I 458 -62.08 -65.30 -47.09
CA GLU I 458 -61.73 -65.76 -45.74
C GLU I 458 -60.76 -64.78 -45.07
N GLY I 459 -59.73 -64.34 -45.80
CA GLY I 459 -58.72 -63.42 -45.31
C GLY I 459 -57.97 -62.64 -46.38
N LEU I 460 -57.29 -61.54 -45.95
CA LEU I 460 -56.49 -60.67 -46.81
C LEU I 460 -55.05 -60.55 -46.30
N LEU I 461 -54.11 -61.26 -46.94
CA LEU I 461 -52.69 -61.21 -46.60
C LEU I 461 -52.02 -60.09 -47.39
N LEU I 462 -51.41 -59.14 -46.68
CA LEU I 462 -50.76 -57.97 -47.29
C LEU I 462 -49.37 -57.73 -46.72
N ASN I 463 -48.43 -57.26 -47.59
CA ASN I 463 -47.06 -56.95 -47.19
C ASN I 463 -46.96 -55.53 -46.61
N ILE I 464 -47.55 -55.36 -45.43
CA ILE I 464 -47.60 -54.09 -44.71
C ILE I 464 -46.29 -53.89 -43.94
N ASP I 465 -45.72 -52.68 -44.04
CA ASP I 465 -44.48 -52.28 -43.36
C ASP I 465 -44.63 -52.37 -41.85
N LYS I 466 -43.60 -52.90 -41.17
CA LYS I 466 -43.56 -53.12 -39.71
C LYS I 466 -43.57 -51.84 -38.89
N ASP I 467 -42.92 -50.77 -39.38
CA ASP I 467 -42.85 -49.46 -38.72
C ASP I 467 -44.18 -48.71 -38.81
N ILE I 468 -44.87 -48.80 -39.97
CA ILE I 468 -46.15 -48.14 -40.22
C ILE I 468 -47.31 -48.83 -39.47
N ARG I 469 -47.31 -50.17 -39.42
CA ARG I 469 -48.35 -50.97 -38.76
C ARG I 469 -48.36 -50.81 -37.23
N LYS I 470 -47.28 -50.22 -36.65
CA LYS I 470 -47.13 -49.98 -35.21
C LYS I 470 -48.11 -48.93 -34.68
N ILE I 471 -48.57 -47.99 -35.54
CA ILE I 471 -49.54 -46.96 -35.16
C ILE I 471 -50.98 -47.41 -35.45
N LEU I 472 -51.15 -48.67 -35.89
CA LEU I 472 -52.46 -49.25 -36.22
C LEU I 472 -53.06 -50.01 -35.04
N SER I 473 -54.33 -49.74 -34.74
CA SER I 473 -55.09 -50.37 -33.65
C SER I 473 -56.00 -51.49 -34.15
N GLY I 474 -56.47 -51.34 -35.38
CA GLY I 474 -57.35 -52.30 -36.02
C GLY I 474 -57.96 -51.78 -37.30
N TYR I 475 -58.73 -52.62 -37.99
CA TYR I 475 -59.38 -52.26 -39.25
C TYR I 475 -60.88 -52.57 -39.19
N ILE I 476 -61.68 -51.84 -39.97
CA ILE I 476 -63.12 -52.01 -40.03
C ILE I 476 -63.48 -52.82 -41.28
N VAL I 477 -64.29 -53.89 -41.11
CA VAL I 477 -64.72 -54.76 -42.20
C VAL I 477 -66.19 -54.45 -42.58
N GLU I 478 -66.41 -54.01 -43.84
CA GLU I 478 -67.73 -53.66 -44.35
C GLU I 478 -67.91 -53.97 -45.84
N ILE I 479 -69.17 -54.10 -46.28
CA ILE I 479 -69.55 -54.36 -47.67
C ILE I 479 -70.38 -53.17 -48.18
N GLU I 480 -69.80 -52.35 -49.07
CA GLU I 480 -70.45 -51.18 -49.65
C GLU I 480 -71.22 -51.58 -50.91
N ASP I 481 -72.51 -51.21 -50.96
CA ASP I 481 -73.40 -51.50 -52.09
C ASP I 481 -73.10 -50.59 -53.28
N THR I 482 -73.40 -51.07 -54.50
CA THR I 482 -73.28 -50.29 -55.74
C THR I 482 -74.31 -49.16 -55.67
N GLU I 483 -75.42 -49.44 -54.96
CA GLU I 483 -76.54 -48.55 -54.65
C GLU I 483 -76.03 -47.40 -53.77
N GLY I 484 -75.19 -47.73 -52.80
CA GLY I 484 -74.59 -46.78 -51.87
C GLY I 484 -74.86 -47.04 -50.40
N LEU I 485 -75.05 -48.32 -50.03
CA LEU I 485 -75.33 -48.74 -48.64
C LEU I 485 -74.06 -49.27 -47.98
N LYS I 486 -73.74 -48.76 -46.78
CA LYS I 486 -72.55 -49.17 -46.02
C LYS I 486 -72.88 -50.13 -44.86
N GLU I 487 -73.00 -51.43 -45.17
CA GLU I 487 -73.28 -52.48 -44.19
C GLU I 487 -71.95 -52.90 -43.56
N VAL I 488 -71.82 -52.75 -42.23
CA VAL I 488 -70.60 -53.06 -41.49
C VAL I 488 -70.71 -54.38 -40.70
N ILE I 489 -69.77 -55.31 -40.94
CA ILE I 489 -69.70 -56.61 -40.28
C ILE I 489 -69.17 -56.42 -38.85
N ASN I 490 -67.89 -56.01 -38.73
CA ASN I 490 -67.18 -55.74 -37.48
C ASN I 490 -67.57 -54.31 -37.05
N ASP I 491 -68.69 -54.19 -36.30
CA ASP I 491 -69.24 -52.90 -35.89
C ASP I 491 -69.48 -52.76 -34.37
N ARG I 492 -68.40 -52.40 -33.61
CA ARG I 492 -68.37 -52.16 -32.15
C ARG I 492 -67.08 -51.43 -31.71
N TYR I 493 -67.04 -50.91 -30.45
CA TYR I 493 -65.88 -50.21 -29.86
C TYR I 493 -64.65 -51.10 -29.70
N ASP I 494 -64.88 -52.41 -29.47
CA ASP I 494 -63.85 -53.43 -29.26
C ASP I 494 -63.58 -54.29 -30.50
N MET I 495 -64.54 -54.34 -31.44
CA MET I 495 -64.43 -55.13 -32.67
C MET I 495 -63.48 -54.44 -33.67
N LEU I 496 -62.17 -54.44 -33.34
CA LEU I 496 -61.14 -53.82 -34.16
C LEU I 496 -59.93 -54.71 -34.41
N ASN I 497 -59.57 -55.57 -33.44
CA ASN I 497 -58.43 -56.48 -33.58
C ASN I 497 -58.73 -57.60 -34.58
N ILE I 498 -58.02 -57.57 -35.72
CA ILE I 498 -58.17 -58.53 -36.82
C ILE I 498 -56.82 -58.87 -37.44
N SER I 499 -55.86 -57.92 -37.38
CA SER I 499 -54.50 -58.08 -37.92
C SER I 499 -53.71 -59.11 -37.12
N SER I 500 -53.25 -60.14 -37.82
CA SER I 500 -52.48 -61.24 -37.26
C SER I 500 -51.18 -61.34 -38.07
N LEU I 501 -50.12 -60.70 -37.55
CA LEU I 501 -48.81 -60.65 -38.20
C LEU I 501 -48.12 -62.02 -38.23
N ARG I 502 -47.86 -62.52 -39.45
CA ARG I 502 -47.18 -63.80 -39.71
C ARG I 502 -45.68 -63.60 -39.66
N GLN I 503 -44.92 -64.67 -39.39
CA GLN I 503 -43.45 -64.62 -39.31
C GLN I 503 -42.78 -64.40 -40.68
N ASP I 504 -43.53 -64.57 -41.79
CA ASP I 504 -43.05 -64.36 -43.16
C ASP I 504 -42.79 -62.88 -43.51
N GLY I 505 -43.40 -61.96 -42.73
CA GLY I 505 -43.25 -60.52 -42.90
C GLY I 505 -44.47 -59.85 -43.49
N LYS I 506 -45.62 -60.54 -43.46
CA LYS I 506 -46.89 -60.05 -44.01
C LYS I 506 -48.00 -60.09 -42.97
N THR I 507 -48.78 -58.99 -42.88
CA THR I 507 -49.90 -58.86 -41.94
C THR I 507 -51.15 -59.52 -42.54
N PHE I 508 -51.75 -60.47 -41.79
CA PHE I 508 -52.95 -61.19 -42.22
C PHE I 508 -54.23 -60.65 -41.57
N ILE I 509 -55.13 -60.09 -42.39
CA ILE I 509 -56.40 -59.52 -41.95
C ILE I 509 -57.50 -60.57 -42.14
N ASP I 510 -58.06 -61.05 -41.01
CA ASP I 510 -59.11 -62.07 -40.99
C ASP I 510 -60.43 -61.48 -40.51
N PHE I 511 -61.42 -61.45 -41.42
CA PHE I 511 -62.77 -60.92 -41.15
C PHE I 511 -63.59 -61.93 -40.36
N LYS I 512 -63.26 -63.24 -40.49
CA LYS I 512 -63.91 -64.37 -39.82
C LYS I 512 -63.84 -64.30 -38.28
N LYS I 513 -62.90 -63.47 -37.76
CA LYS I 513 -62.67 -63.23 -36.33
C LYS I 513 -63.94 -62.75 -35.62
N TYR I 514 -64.73 -61.88 -36.28
CA TYR I 514 -65.98 -61.34 -35.75
C TYR I 514 -67.21 -61.70 -36.60
N ASN I 515 -67.01 -62.36 -37.77
CA ASN I 515 -68.06 -62.78 -38.69
C ASN I 515 -68.57 -64.21 -38.38
N ASP I 516 -68.54 -64.58 -37.08
CA ASP I 516 -68.97 -65.86 -36.52
C ASP I 516 -68.29 -67.07 -37.19
N LYS I 517 -66.95 -66.99 -37.35
CA LYS I 517 -66.06 -68.00 -37.96
C LYS I 517 -66.41 -68.32 -39.44
N LEU I 518 -67.16 -67.43 -40.10
CA LEU I 518 -67.60 -67.61 -41.48
C LEU I 518 -67.01 -66.56 -42.43
N PRO I 519 -66.61 -66.93 -43.67
CA PRO I 519 -66.08 -65.92 -44.61
C PRO I 519 -67.15 -64.95 -45.10
N LEU I 520 -66.72 -63.78 -45.61
CA LEU I 520 -67.62 -62.73 -46.08
C LEU I 520 -68.53 -63.16 -47.21
N TYR I 521 -69.84 -62.96 -47.01
CA TYR I 521 -70.88 -63.31 -47.97
C TYR I 521 -70.92 -62.26 -49.08
N ILE I 522 -70.75 -62.72 -50.32
CA ILE I 522 -70.75 -61.86 -51.50
C ILE I 522 -72.18 -61.81 -52.03
N SER I 523 -72.98 -60.81 -51.56
CA SER I 523 -74.38 -60.60 -51.96
C SER I 523 -74.48 -60.25 -53.45
N ASN I 524 -73.46 -59.53 -53.94
CA ASN I 524 -73.33 -59.13 -55.34
C ASN I 524 -71.83 -59.01 -55.63
N PRO I 525 -71.29 -59.81 -56.58
CA PRO I 525 -69.84 -59.73 -56.85
C PRO I 525 -69.44 -58.44 -57.57
N ASN I 526 -70.34 -57.45 -57.56
CA ASN I 526 -70.19 -56.12 -58.15
C ASN I 526 -69.81 -55.14 -57.05
N TYR I 527 -70.41 -55.35 -55.86
CA TYR I 527 -70.26 -54.56 -54.63
C TYR I 527 -68.81 -54.28 -54.27
N LYS I 528 -68.56 -53.14 -53.61
CA LYS I 528 -67.23 -52.71 -53.17
C LYS I 528 -66.96 -53.26 -51.77
N VAL I 529 -65.89 -54.06 -51.59
CA VAL I 529 -65.53 -54.60 -50.28
C VAL I 529 -64.56 -53.63 -49.63
N ASN I 530 -65.11 -52.69 -48.84
CA ASN I 530 -64.35 -51.65 -48.15
C ASN I 530 -63.78 -52.14 -46.83
N VAL I 531 -62.44 -52.14 -46.71
CA VAL I 531 -61.70 -52.50 -45.51
C VAL I 531 -60.87 -51.26 -45.16
N TYR I 532 -61.27 -50.59 -44.07
CA TYR I 532 -60.62 -49.36 -43.60
C TYR I 532 -59.37 -49.62 -42.75
N ALA I 533 -58.93 -48.59 -41.99
CA ALA I 533 -57.78 -48.61 -41.10
C ALA I 533 -57.99 -47.59 -39.98
N VAL I 534 -57.84 -48.05 -38.73
CA VAL I 534 -58.03 -47.22 -37.54
C VAL I 534 -56.74 -47.11 -36.75
N THR I 535 -56.26 -45.88 -36.56
CA THR I 535 -55.03 -45.61 -35.81
C THR I 535 -55.28 -45.73 -34.30
N LYS I 536 -54.18 -45.79 -33.52
CA LYS I 536 -54.21 -45.87 -32.05
C LYS I 536 -54.74 -44.57 -31.42
N GLU I 537 -54.48 -43.42 -32.07
CA GLU I 537 -54.93 -42.10 -31.59
C GLU I 537 -56.43 -41.88 -31.81
N ASN I 538 -57.02 -42.54 -32.83
CA ASN I 538 -58.44 -42.42 -33.19
C ASN I 538 -59.36 -43.48 -32.58
N THR I 539 -58.80 -44.64 -32.17
CA THR I 539 -59.57 -45.75 -31.58
C THR I 539 -60.20 -45.41 -30.23
N ILE I 540 -61.39 -45.99 -29.96
CA ILE I 540 -62.11 -45.82 -28.70
C ILE I 540 -62.01 -47.06 -27.85
N ILE I 541 -61.45 -46.90 -26.66
CA ILE I 541 -61.25 -47.94 -25.66
C ILE I 541 -62.54 -48.27 -24.91
N ASN I 542 -63.47 -47.30 -24.81
CA ASN I 542 -64.76 -47.41 -24.13
C ASN I 542 -65.88 -46.73 -24.95
N PRO I 543 -67.18 -47.13 -24.80
CA PRO I 543 -68.24 -46.46 -25.58
C PRO I 543 -68.55 -45.06 -25.07
N SER I 544 -69.21 -44.23 -25.91
CA SER I 544 -69.61 -42.84 -25.59
C SER I 544 -70.64 -42.76 -24.45
N GLU I 545 -71.10 -41.54 -24.14
CA GLU I 545 -72.10 -41.23 -23.11
C GLU I 545 -73.39 -42.00 -23.34
N ASN I 546 -73.78 -42.17 -24.62
CA ASN I 546 -74.96 -42.90 -25.09
C ASN I 546 -74.75 -44.42 -25.15
N GLY I 547 -73.50 -44.86 -24.95
CA GLY I 547 -73.12 -46.27 -25.04
C GLY I 547 -72.94 -46.68 -26.48
N ASP I 548 -72.12 -45.90 -27.21
CA ASP I 548 -71.84 -46.09 -28.63
C ASP I 548 -70.97 -47.31 -28.91
N THR I 549 -71.61 -48.47 -29.12
CA THR I 549 -70.94 -49.73 -29.45
C THR I 549 -71.02 -49.90 -30.99
N SER I 550 -70.48 -48.91 -31.73
CA SER I 550 -70.48 -48.85 -33.19
C SER I 550 -69.23 -48.20 -33.77
N THR I 551 -68.81 -48.66 -34.97
CA THR I 551 -67.62 -48.19 -35.69
C THR I 551 -67.85 -46.90 -36.51
N ASN I 552 -69.09 -46.37 -36.50
CA ASN I 552 -69.48 -45.16 -37.22
C ASN I 552 -68.77 -43.91 -36.71
N GLY I 553 -68.71 -43.75 -35.39
CA GLY I 553 -68.06 -42.63 -34.72
C GLY I 553 -66.55 -42.67 -34.78
N ILE I 554 -65.99 -43.90 -34.92
CA ILE I 554 -64.54 -44.13 -35.00
C ILE I 554 -63.98 -43.60 -36.32
N LYS I 555 -62.93 -42.76 -36.25
CA LYS I 555 -62.27 -42.17 -37.42
C LYS I 555 -61.55 -43.25 -38.23
N LYS I 556 -62.16 -43.62 -39.37
CA LYS I 556 -61.66 -44.65 -40.28
C LYS I 556 -60.93 -44.07 -41.49
N ILE I 557 -59.81 -44.69 -41.85
CA ILE I 557 -58.95 -44.31 -42.98
C ILE I 557 -59.10 -45.36 -44.08
N LEU I 558 -59.50 -44.94 -45.29
CA LEU I 558 -59.69 -45.81 -46.46
C LEU I 558 -58.36 -46.49 -46.82
N ILE I 559 -58.32 -47.83 -46.75
CA ILE I 559 -57.07 -48.57 -47.00
C ILE I 559 -57.23 -49.68 -48.05
N PHE I 560 -58.44 -50.26 -48.17
CA PHE I 560 -58.71 -51.31 -49.13
C PHE I 560 -60.13 -51.14 -49.66
N SER I 561 -60.28 -51.06 -50.99
CA SER I 561 -61.57 -50.86 -51.65
C SER I 561 -61.68 -51.64 -52.97
N LYS I 562 -61.11 -52.86 -53.00
CA LYS I 562 -61.17 -53.72 -54.19
C LYS I 562 -62.56 -54.36 -54.27
N LYS I 563 -63.18 -54.32 -55.47
CA LYS I 563 -64.53 -54.81 -55.76
C LYS I 563 -64.72 -56.32 -55.54
N GLY I 564 -65.98 -56.77 -55.59
CA GLY I 564 -66.36 -58.16 -55.38
C GLY I 564 -65.87 -59.16 -56.43
N TYR I 565 -65.29 -58.67 -57.53
CA TYR I 565 -64.78 -59.53 -58.59
C TYR I 565 -63.25 -59.68 -58.59
N GLU I 566 -62.54 -58.67 -58.03
CA GLU I 566 -61.07 -58.63 -57.95
C GLU I 566 -60.51 -59.60 -56.90
N ILE I 567 -61.37 -60.03 -55.95
CA ILE I 567 -61.03 -60.95 -54.85
C ILE I 567 -61.65 -62.34 -55.11
N GLY I 568 -62.97 -62.36 -55.36
CA GLY I 568 -63.75 -63.56 -55.63
C GLY I 568 -65.24 -63.28 -55.43
N THR J 7 13.03 -27.69 -6.44
CA THR J 7 12.09 -28.07 -5.39
C THR J 7 10.76 -27.34 -5.52
N VAL J 8 9.66 -28.09 -5.34
CA VAL J 8 8.30 -27.56 -5.42
C VAL J 8 7.79 -27.35 -3.97
N PRO J 9 7.40 -26.12 -3.58
CA PRO J 9 6.96 -25.92 -2.20
C PRO J 9 5.47 -26.16 -2.01
N ASP J 10 5.05 -27.39 -1.64
CA ASP J 10 3.63 -27.70 -1.42
C ASP J 10 3.40 -28.24 -0.01
N ARG J 11 2.90 -27.36 0.89
CA ARG J 11 2.61 -27.72 2.28
C ARG J 11 1.36 -28.58 2.40
N ASP J 12 0.26 -28.17 1.74
CA ASP J 12 -1.01 -28.90 1.79
C ASP J 12 -1.06 -30.13 0.88
N ASN J 13 -0.06 -30.28 -0.04
CA ASN J 13 0.08 -31.38 -1.00
C ASN J 13 -1.20 -31.60 -1.85
N ASP J 14 -1.95 -30.52 -2.03
CA ASP J 14 -3.19 -30.46 -2.81
C ASP J 14 -2.92 -30.58 -4.31
N GLY J 15 -1.88 -29.89 -4.77
CA GLY J 15 -1.44 -29.80 -6.15
C GLY J 15 -1.03 -28.38 -6.49
N ILE J 16 -1.43 -27.43 -5.64
CA ILE J 16 -1.13 -26.02 -5.77
C ILE J 16 0.00 -25.67 -4.78
N PRO J 17 1.17 -25.22 -5.29
CA PRO J 17 2.27 -24.87 -4.38
C PRO J 17 2.04 -23.56 -3.62
N ASP J 18 2.71 -23.43 -2.47
CA ASP J 18 2.65 -22.27 -1.58
C ASP J 18 3.46 -21.12 -2.18
N SER J 19 2.95 -20.63 -3.30
CA SER J 19 3.49 -19.55 -4.12
C SER J 19 2.31 -19.01 -4.92
N LEU J 20 1.57 -19.89 -5.62
CA LEU J 20 0.39 -19.50 -6.40
C LEU J 20 -0.80 -19.45 -5.43
N GLU J 21 -0.86 -20.43 -4.51
CA GLU J 21 -1.90 -20.56 -3.47
C GLU J 21 -1.89 -19.32 -2.54
N VAL J 22 -0.68 -18.87 -2.15
CA VAL J 22 -0.46 -17.71 -1.27
C VAL J 22 -0.83 -16.39 -1.99
N GLU J 23 -0.22 -16.13 -3.17
CA GLU J 23 -0.40 -14.90 -3.94
C GLU J 23 -1.70 -14.83 -4.78
N GLY J 24 -1.85 -15.73 -5.75
CA GLY J 24 -3.02 -15.76 -6.64
C GLY J 24 -2.79 -16.66 -7.85
N TYR J 25 -3.85 -17.35 -8.31
CA TYR J 25 -3.77 -18.30 -9.43
C TYR J 25 -5.07 -18.43 -10.24
N THR J 26 -5.03 -19.24 -11.34
CA THR J 26 -6.16 -19.56 -12.22
C THR J 26 -5.89 -20.83 -13.07
N VAL J 27 -6.93 -21.36 -13.73
CA VAL J 27 -6.85 -22.55 -14.57
C VAL J 27 -7.17 -22.18 -16.02
N ASP J 28 -6.30 -22.58 -16.97
CA ASP J 28 -6.47 -22.32 -18.41
C ASP J 28 -6.27 -23.60 -19.24
N VAL J 29 -6.75 -23.59 -20.49
CA VAL J 29 -6.63 -24.73 -21.41
C VAL J 29 -5.69 -24.42 -22.57
N LYS J 30 -4.63 -25.24 -22.72
CA LYS J 30 -3.61 -25.11 -23.78
C LYS J 30 -4.19 -25.68 -25.09
N ASN J 31 -3.74 -26.89 -25.49
CA ASN J 31 -4.27 -27.59 -26.66
C ASN J 31 -5.66 -28.04 -26.23
N LYS J 32 -5.71 -28.84 -25.14
CA LYS J 32 -6.90 -29.33 -24.47
C LYS J 32 -6.60 -29.40 -22.98
N ARG J 33 -5.36 -29.80 -22.63
CA ARG J 33 -4.80 -29.98 -21.29
C ARG J 33 -5.04 -28.81 -20.34
N THR J 34 -5.35 -29.12 -19.07
CA THR J 34 -5.59 -28.12 -18.02
C THR J 34 -4.26 -27.65 -17.46
N PHE J 35 -4.10 -26.31 -17.33
CA PHE J 35 -2.88 -25.67 -16.86
C PHE J 35 -3.13 -24.68 -15.73
N LEU J 36 -2.37 -24.83 -14.63
CA LEU J 36 -2.43 -23.96 -13.46
C LEU J 36 -1.31 -22.93 -13.60
N SER J 37 -1.67 -21.65 -13.54
CA SER J 37 -0.74 -20.53 -13.71
C SER J 37 -1.01 -19.37 -12.73
N PRO J 38 0.03 -18.62 -12.26
CA PRO J 38 -0.23 -17.47 -11.38
C PRO J 38 -1.05 -16.39 -12.07
N TRP J 39 -1.78 -15.59 -11.29
CA TRP J 39 -2.64 -14.54 -11.81
C TRP J 39 -1.89 -13.40 -12.48
N ILE J 40 -2.22 -13.16 -13.77
CA ILE J 40 -1.66 -12.08 -14.59
C ILE J 40 -2.84 -11.31 -15.17
N SER J 41 -3.00 -10.06 -14.74
CA SER J 41 -4.09 -9.18 -15.18
C SER J 41 -3.97 -8.77 -16.64
N ASN J 42 -2.74 -8.73 -17.16
CA ASN J 42 -2.45 -8.29 -18.53
C ASN J 42 -2.71 -9.37 -19.60
N ILE J 43 -3.33 -10.51 -19.22
CA ILE J 43 -3.73 -11.58 -20.14
C ILE J 43 -4.91 -12.39 -19.58
N HIS J 44 -4.84 -12.89 -18.33
CA HIS J 44 -5.89 -13.72 -17.72
C HIS J 44 -7.19 -12.98 -17.41
N GLU J 45 -7.10 -11.74 -16.88
CA GLU J 45 -8.25 -10.90 -16.58
C GLU J 45 -8.91 -10.49 -17.90
N LYS J 46 -8.07 -10.24 -18.92
CA LYS J 46 -8.45 -9.85 -20.28
C LYS J 46 -9.11 -11.01 -21.03
N LYS J 47 -8.68 -12.26 -20.78
CA LYS J 47 -9.24 -13.47 -21.40
C LYS J 47 -10.64 -13.77 -20.86
N GLY J 48 -10.87 -13.45 -19.58
CA GLY J 48 -12.14 -13.67 -18.91
C GLY J 48 -12.05 -14.80 -17.90
N LEU J 49 -11.04 -14.74 -17.02
CA LEU J 49 -10.83 -15.75 -15.98
C LEU J 49 -11.09 -15.21 -14.58
N THR J 50 -11.26 -16.13 -13.61
CA THR J 50 -11.53 -15.81 -12.22
C THR J 50 -10.23 -15.88 -11.41
N LYS J 51 -10.04 -14.96 -10.44
CA LYS J 51 -8.85 -14.90 -9.58
C LYS J 51 -9.05 -15.73 -8.30
N TYR J 52 -8.28 -16.82 -8.17
CA TYR J 52 -8.36 -17.70 -7.01
C TYR J 52 -7.17 -17.53 -6.09
N LYS J 53 -7.44 -17.58 -4.78
CA LYS J 53 -6.45 -17.51 -3.69
C LYS J 53 -6.93 -18.50 -2.62
N SER J 54 -6.13 -19.51 -2.29
CA SER J 54 -6.53 -20.53 -1.30
C SER J 54 -5.54 -20.67 -0.13
N SER J 55 -5.80 -21.64 0.78
CA SER J 55 -4.98 -21.90 1.96
C SER J 55 -3.78 -22.82 1.66
N PRO J 56 -2.54 -22.32 1.82
CA PRO J 56 -1.35 -23.16 1.52
C PRO J 56 -1.04 -24.26 2.54
N GLU J 57 -1.43 -24.07 3.83
CA GLU J 57 -1.19 -25.04 4.91
C GLU J 57 -2.35 -26.02 5.06
N LYS J 58 -3.57 -25.60 4.68
CA LYS J 58 -4.78 -26.42 4.77
C LYS J 58 -5.12 -27.06 3.42
N TRP J 59 -5.38 -28.39 3.45
CA TRP J 59 -5.72 -29.22 2.29
C TRP J 59 -6.98 -28.73 1.58
N SER J 60 -7.94 -28.21 2.37
CA SER J 60 -9.20 -27.64 1.89
C SER J 60 -9.54 -26.42 2.73
N THR J 61 -9.49 -25.24 2.10
CA THR J 61 -9.78 -23.94 2.71
C THR J 61 -11.19 -23.93 3.27
N ALA J 62 -12.16 -24.43 2.48
CA ALA J 62 -13.57 -24.52 2.86
C ALA J 62 -13.92 -25.75 3.73
N SER J 63 -12.87 -26.46 4.22
CA SER J 63 -12.91 -27.63 5.10
C SER J 63 -13.79 -28.82 4.63
N ASP J 64 -14.42 -28.72 3.43
CA ASP J 64 -15.25 -29.79 2.86
C ASP J 64 -14.37 -30.97 2.40
N PRO J 65 -14.90 -32.22 2.27
CA PRO J 65 -14.06 -33.36 1.87
C PRO J 65 -13.36 -33.28 0.51
N TYR J 66 -13.71 -32.29 -0.34
CA TYR J 66 -13.14 -32.09 -1.68
C TYR J 66 -11.93 -31.12 -1.66
N SER J 67 -10.79 -31.53 -2.27
CA SER J 67 -9.54 -30.77 -2.33
C SER J 67 -9.68 -29.40 -3.00
N ASP J 68 -8.85 -28.44 -2.55
CA ASP J 68 -8.76 -27.07 -3.08
C ASP J 68 -8.56 -27.16 -4.58
N PHE J 69 -7.55 -27.97 -4.99
CA PHE J 69 -7.14 -28.25 -6.37
C PHE J 69 -8.29 -28.87 -7.14
N GLU J 70 -8.92 -29.92 -6.55
CA GLU J 70 -10.05 -30.64 -7.13
C GLU J 70 -11.17 -29.71 -7.63
N LYS J 71 -11.42 -28.61 -6.87
CA LYS J 71 -12.44 -27.61 -7.17
C LYS J 71 -12.14 -26.80 -8.43
N VAL J 72 -10.94 -26.20 -8.50
CA VAL J 72 -10.50 -25.35 -9.61
C VAL J 72 -10.19 -26.15 -10.88
N THR J 73 -9.52 -27.31 -10.78
CA THR J 73 -9.20 -28.13 -11.95
C THR J 73 -10.45 -28.80 -12.53
N GLY J 74 -11.42 -29.08 -11.67
CA GLY J 74 -12.67 -29.73 -12.05
C GLY J 74 -12.73 -31.20 -11.70
N ARG J 75 -11.66 -31.73 -11.09
CA ARG J 75 -11.54 -33.14 -10.66
C ARG J 75 -12.35 -33.35 -9.37
N ILE J 76 -13.61 -32.91 -9.39
CA ILE J 76 -14.55 -32.95 -8.28
C ILE J 76 -15.83 -33.67 -8.73
N ASP J 77 -16.75 -33.96 -7.78
CA ASP J 77 -18.04 -34.54 -8.04
C ASP J 77 -18.79 -33.49 -8.86
N LYS J 78 -19.08 -33.80 -10.14
CA LYS J 78 -19.73 -32.90 -11.10
C LYS J 78 -21.05 -32.29 -10.62
N ASN J 79 -21.72 -32.97 -9.67
CA ASN J 79 -22.98 -32.53 -9.08
C ASN J 79 -22.78 -31.28 -8.20
N VAL J 80 -21.56 -31.10 -7.64
CA VAL J 80 -21.19 -29.96 -6.78
C VAL J 80 -21.42 -28.65 -7.53
N SER J 81 -22.18 -27.73 -6.91
CA SER J 81 -22.56 -26.41 -7.42
C SER J 81 -21.43 -25.62 -8.09
N PRO J 82 -21.71 -24.91 -9.21
CA PRO J 82 -20.64 -24.14 -9.89
C PRO J 82 -20.04 -23.03 -9.03
N GLU J 83 -20.87 -22.40 -8.17
CA GLU J 83 -20.42 -21.35 -7.25
C GLU J 83 -19.49 -21.96 -6.20
N ALA J 84 -19.73 -23.25 -5.85
CA ALA J 84 -18.94 -24.02 -4.88
C ALA J 84 -17.63 -24.53 -5.47
N ARG J 85 -17.46 -24.47 -6.82
CA ARG J 85 -16.23 -24.90 -7.49
C ARG J 85 -15.06 -23.93 -7.25
N HIS J 86 -15.31 -22.88 -6.43
CA HIS J 86 -14.35 -21.88 -5.98
C HIS J 86 -13.76 -22.40 -4.66
N PRO J 87 -12.42 -22.33 -4.45
CA PRO J 87 -11.84 -22.87 -3.20
C PRO J 87 -12.28 -22.16 -1.92
N LEU J 88 -12.74 -20.92 -2.06
CA LEU J 88 -13.20 -20.11 -0.93
C LEU J 88 -14.70 -20.27 -0.65
N VAL J 89 -15.38 -21.15 -1.42
CA VAL J 89 -16.81 -21.41 -1.24
C VAL J 89 -17.03 -22.85 -0.76
N ALA J 90 -17.81 -23.01 0.33
CA ALA J 90 -18.09 -24.30 0.95
C ALA J 90 -19.04 -25.16 0.13
N ALA J 91 -18.63 -26.40 -0.14
CA ALA J 91 -19.41 -27.41 -0.86
C ALA J 91 -20.02 -28.35 0.19
N TYR J 92 -21.12 -27.91 0.81
CA TYR J 92 -21.81 -28.65 1.86
C TYR J 92 -23.32 -28.74 1.66
N PRO J 93 -23.97 -29.86 2.02
CA PRO J 93 -25.43 -29.99 1.81
C PRO J 93 -26.31 -29.50 2.95
N ILE J 94 -27.51 -29.00 2.59
CA ILE J 94 -28.57 -28.54 3.48
C ILE J 94 -29.87 -29.03 2.82
N VAL J 95 -30.70 -29.76 3.57
CA VAL J 95 -31.95 -30.30 3.04
C VAL J 95 -33.10 -30.15 4.04
N HIS J 96 -34.22 -29.59 3.55
CA HIS J 96 -35.47 -29.37 4.28
C HIS J 96 -36.59 -30.15 3.57
N VAL J 97 -37.65 -30.50 4.33
CA VAL J 97 -38.78 -31.26 3.79
C VAL J 97 -39.87 -30.33 3.26
N ASP J 98 -40.21 -30.45 1.96
CA ASP J 98 -41.24 -29.67 1.28
C ASP J 98 -42.53 -30.49 1.18
N MET J 99 -43.60 -30.00 1.82
CA MET J 99 -44.91 -30.65 1.80
C MET J 99 -45.72 -30.10 0.63
N GLU J 100 -46.28 -31.00 -0.19
CA GLU J 100 -47.06 -30.63 -1.38
C GLU J 100 -48.55 -30.47 -1.10
N ASN J 101 -49.13 -31.39 -0.29
CA ASN J 101 -50.55 -31.41 0.07
C ASN J 101 -50.79 -32.28 1.31
N ILE J 102 -51.90 -32.02 2.01
CA ILE J 102 -52.32 -32.76 3.20
C ILE J 102 -53.67 -33.46 2.99
N ILE J 103 -53.99 -34.45 3.85
CA ILE J 103 -55.27 -35.16 3.86
C ILE J 103 -55.59 -35.60 5.29
N LEU J 104 -56.74 -35.16 5.80
CA LEU J 104 -57.18 -35.47 7.16
C LEU J 104 -58.44 -36.30 7.20
N SER J 105 -58.43 -37.36 8.04
CA SER J 105 -59.53 -38.30 8.22
C SER J 105 -59.62 -38.77 9.67
N LYS J 106 -60.79 -39.29 10.09
CA LYS J 106 -61.00 -39.82 11.43
C LYS J 106 -60.33 -41.20 11.53
N ASN J 107 -59.74 -41.52 12.71
CA ASN J 107 -59.01 -42.77 12.95
C ASN J 107 -59.84 -44.03 12.73
N GLU J 108 -59.24 -45.00 12.02
CA GLU J 108 -59.84 -46.31 11.73
C GLU J 108 -58.72 -47.37 11.69
N THR J 121 -63.52 -36.53 4.82
CA THR J 121 -62.08 -36.40 4.64
C THR J 121 -61.72 -35.07 3.97
N ILE J 122 -60.98 -34.20 4.68
CA ILE J 122 -60.59 -32.90 4.12
C ILE J 122 -59.19 -32.96 3.52
N SER J 123 -59.04 -32.47 2.28
CA SER J 123 -57.76 -32.44 1.56
C SER J 123 -57.49 -31.04 1.02
N LYS J 124 -56.32 -30.48 1.39
CA LYS J 124 -55.88 -29.14 0.98
C LYS J 124 -54.40 -29.19 0.55
N ASN J 125 -54.03 -28.37 -0.43
CA ASN J 125 -52.65 -28.28 -0.92
C ASN J 125 -51.80 -27.39 -0.02
N THR J 126 -50.57 -27.82 0.28
CA THR J 126 -49.66 -27.08 1.16
C THR J 126 -48.47 -26.46 0.43
N SER J 127 -47.98 -25.32 0.95
CA SER J 127 -46.84 -24.57 0.43
C SER J 127 -45.74 -24.52 1.49
N THR J 128 -44.51 -24.95 1.12
CA THR J 128 -43.39 -25.00 2.04
C THR J 128 -42.19 -24.21 1.54
N SER J 129 -41.50 -23.52 2.47
CA SER J 129 -40.31 -22.72 2.24
C SER J 129 -39.37 -22.87 3.43
N ARG J 130 -38.04 -22.93 3.19
CA ARG J 130 -37.05 -23.09 4.27
C ARG J 130 -37.05 -21.85 5.16
N THR J 131 -37.19 -22.08 6.48
CA THR J 131 -37.26 -21.00 7.46
C THR J 131 -35.98 -20.85 8.28
N HIS J 132 -35.52 -19.61 8.41
CA HIS J 132 -34.35 -19.23 9.16
C HIS J 132 -34.83 -18.23 10.21
N THR J 133 -35.20 -18.76 11.39
CA THR J 133 -35.76 -18.02 12.52
C THR J 133 -34.89 -16.87 13.02
N SER J 134 -35.52 -15.71 13.24
CA SER J 134 -34.93 -14.47 13.75
C SER J 134 -35.13 -14.42 15.28
N GLU J 135 -34.24 -13.68 15.98
CA GLU J 135 -34.24 -13.52 17.44
C GLU J 135 -35.53 -12.86 17.97
N VAL J 136 -35.89 -13.17 19.25
CA VAL J 136 -37.03 -12.61 19.98
C VAL J 136 -36.89 -11.08 20.11
N HIS J 137 -38.01 -10.33 20.12
CA HIS J 137 -38.01 -8.86 20.12
C HIS J 137 -37.34 -8.19 21.34
N GLY J 138 -38.08 -8.03 22.43
CA GLY J 138 -37.62 -7.37 23.64
C GLY J 138 -38.74 -7.29 24.65
N ASN J 139 -39.46 -8.41 24.79
CA ASN J 139 -40.62 -8.58 25.65
C ASN J 139 -40.81 -10.05 25.95
N ALA J 140 -40.45 -10.94 24.97
CA ALA J 140 -40.59 -12.39 25.08
C ALA J 140 -39.78 -12.97 26.23
N GLU J 141 -40.49 -13.72 27.12
CA GLU J 141 -39.95 -14.35 28.32
C GLU J 141 -38.90 -15.41 28.02
N VAL J 142 -37.72 -15.26 28.64
CA VAL J 142 -36.60 -16.16 28.50
C VAL J 142 -36.07 -16.56 29.87
N HIS J 143 -35.53 -17.78 29.98
CA HIS J 143 -34.96 -18.32 31.21
C HIS J 143 -33.62 -17.65 31.57
N ALA J 144 -33.12 -17.89 32.80
CA ALA J 144 -31.86 -17.31 33.31
C ALA J 144 -30.65 -17.70 32.46
N SER J 145 -30.67 -18.91 31.86
CA SER J 145 -29.59 -19.45 31.02
C SER J 145 -29.47 -18.80 29.63
N PHE J 146 -30.51 -18.09 29.15
CA PHE J 146 -30.53 -17.40 27.84
C PHE J 146 -29.42 -16.34 27.76
N PHE J 147 -29.15 -15.66 28.89
CA PHE J 147 -28.12 -14.64 29.01
C PHE J 147 -26.78 -15.24 29.44
N ASP J 148 -26.82 -16.39 30.18
CA ASP J 148 -25.66 -17.12 30.68
C ASP J 148 -24.67 -17.43 29.57
N ILE J 149 -23.40 -16.98 29.75
CA ILE J 149 -22.31 -17.15 28.79
C ILE J 149 -22.08 -18.64 28.49
N GLY J 150 -22.21 -18.99 27.21
CA GLY J 150 -22.05 -20.35 26.74
C GLY J 150 -23.36 -21.03 26.41
N GLY J 151 -23.99 -21.60 27.44
CA GLY J 151 -25.25 -22.33 27.31
C GLY J 151 -26.46 -21.48 26.94
N SER J 152 -27.42 -22.11 26.21
CA SER J 152 -28.74 -21.62 25.76
C SER J 152 -28.74 -20.39 24.79
N VAL J 153 -27.65 -19.60 24.71
CA VAL J 153 -27.53 -18.40 23.85
C VAL J 153 -27.81 -18.72 22.37
N SER J 160 -29.10 -25.00 11.76
CA SER J 160 -30.08 -26.07 11.70
C SER J 160 -31.04 -25.91 10.51
N ASN J 161 -31.74 -27.01 10.16
CA ASN J 161 -32.72 -27.04 9.07
C ASN J 161 -34.13 -27.12 9.64
N SER J 162 -34.98 -26.14 9.28
CA SER J 162 -36.37 -26.06 9.71
C SER J 162 -37.22 -25.42 8.62
N SER J 163 -38.38 -26.02 8.31
CA SER J 163 -39.29 -25.52 7.27
C SER J 163 -40.73 -25.45 7.76
N THR J 164 -41.40 -24.31 7.51
CA THR J 164 -42.79 -24.08 7.92
C THR J 164 -43.72 -24.23 6.71
N VAL J 165 -44.78 -25.07 6.87
CA VAL J 165 -45.79 -25.34 5.83
C VAL J 165 -46.99 -24.39 5.97
N ALA J 166 -47.85 -24.31 4.92
CA ALA J 166 -49.05 -23.47 4.93
C ALA J 166 -50.22 -24.20 4.27
N ILE J 167 -51.18 -24.65 5.11
CA ILE J 167 -52.38 -25.37 4.65
C ILE J 167 -53.40 -24.38 4.05
N ASP J 168 -54.13 -24.79 2.97
CA ASP J 168 -55.17 -23.99 2.28
C ASP J 168 -56.37 -23.63 3.20
N HIS J 169 -56.77 -22.34 3.16
CA HIS J 169 -57.89 -21.76 3.92
C HIS J 169 -59.23 -21.95 3.21
N SER J 170 -59.25 -21.79 1.87
CA SER J 170 -60.41 -21.90 0.98
C SER J 170 -61.07 -23.29 0.95
N LEU J 171 -62.27 -23.35 0.36
CA LEU J 171 -63.14 -24.53 0.23
C LEU J 171 -62.51 -25.72 -0.48
N GLU J 176 -68.28 -26.86 3.14
CA GLU J 176 -67.56 -27.42 4.28
C GLU J 176 -67.31 -26.37 5.36
N ARG J 177 -67.84 -26.64 6.57
CA ARG J 177 -67.69 -25.73 7.71
C ARG J 177 -67.30 -26.50 8.96
N THR J 178 -66.24 -26.01 9.65
CA THR J 178 -65.63 -26.57 10.87
C THR J 178 -65.05 -27.96 10.57
N TRP J 179 -63.72 -28.02 10.40
CA TRP J 179 -62.95 -29.24 10.11
C TRP J 179 -63.23 -30.36 11.14
N ALA J 180 -63.39 -29.97 12.43
CA ALA J 180 -63.70 -30.85 13.56
C ALA J 180 -65.05 -31.58 13.38
N GLU J 181 -65.94 -30.99 12.55
CA GLU J 181 -67.26 -31.54 12.24
C GLU J 181 -67.39 -32.05 10.79
N THR J 182 -66.49 -31.59 9.88
CA THR J 182 -66.46 -32.04 8.48
C THR J 182 -66.03 -33.52 8.40
N MET J 183 -65.26 -33.98 9.41
CA MET J 183 -64.79 -35.35 9.55
C MET J 183 -65.69 -36.17 10.50
N GLY J 184 -66.33 -35.48 11.45
CA GLY J 184 -67.21 -36.09 12.44
C GLY J 184 -66.47 -36.51 13.68
N LEU J 185 -65.75 -35.56 14.31
CA LEU J 185 -64.95 -35.80 15.51
C LEU J 185 -65.51 -35.09 16.73
N ASN J 186 -65.19 -35.63 17.92
CA ASN J 186 -65.56 -35.10 19.23
C ASN J 186 -64.34 -35.20 20.17
N THR J 187 -64.43 -34.61 21.38
CA THR J 187 -63.38 -34.56 22.41
C THR J 187 -62.66 -35.91 22.62
N ALA J 188 -63.42 -37.03 22.54
CA ALA J 188 -62.92 -38.40 22.68
C ALA J 188 -62.28 -38.93 21.38
N ASP J 189 -62.88 -38.59 20.21
CA ASP J 189 -62.42 -39.01 18.87
C ASP J 189 -61.04 -38.45 18.51
N THR J 190 -60.26 -39.24 17.76
CA THR J 190 -58.91 -38.88 17.30
C THR J 190 -58.86 -38.75 15.78
N ALA J 191 -58.09 -37.77 15.28
CA ALA J 191 -57.91 -37.49 13.86
C ALA J 191 -56.52 -37.95 13.41
N ARG J 192 -56.46 -38.70 12.28
CA ARG J 192 -55.20 -39.20 11.73
C ARG J 192 -54.75 -38.37 10.52
N LEU J 193 -53.53 -37.84 10.60
CA LEU J 193 -52.93 -37.00 9.57
C LEU J 193 -52.06 -37.82 8.61
N ASN J 194 -52.16 -37.48 7.32
CA ASN J 194 -51.41 -38.07 6.22
C ASN J 194 -51.14 -36.96 5.19
N ALA J 195 -49.92 -36.93 4.63
CA ALA J 195 -49.54 -35.89 3.68
C ALA J 195 -48.53 -36.36 2.65
N ASN J 196 -48.40 -35.57 1.56
CA ASN J 196 -47.43 -35.80 0.49
C ASN J 196 -46.22 -34.92 0.75
N ILE J 197 -45.07 -35.55 0.96
CA ILE J 197 -43.80 -34.89 1.28
C ILE J 197 -42.71 -35.18 0.26
N ARG J 198 -41.76 -34.23 0.12
CA ARG J 198 -40.63 -34.31 -0.80
C ARG J 198 -39.36 -33.77 -0.14
N TYR J 199 -38.24 -34.49 -0.31
CA TYR J 199 -36.93 -34.06 0.19
C TYR J 199 -36.31 -33.20 -0.88
N VAL J 200 -35.81 -32.01 -0.52
CA VAL J 200 -35.22 -31.08 -1.51
C VAL J 200 -33.95 -30.41 -0.96
N ASN J 201 -32.84 -30.53 -1.71
CA ASN J 201 -31.51 -29.99 -1.40
C ASN J 201 -31.40 -28.50 -1.74
N THR J 202 -30.94 -27.68 -0.78
CA THR J 202 -30.73 -26.23 -0.94
C THR J 202 -29.26 -25.86 -0.78
N GLY J 203 -28.43 -26.84 -0.44
CA GLY J 203 -27.01 -26.69 -0.22
C GLY J 203 -26.15 -26.55 -1.46
N THR J 204 -24.93 -27.13 -1.41
CA THR J 204 -23.94 -27.09 -2.48
C THR J 204 -23.34 -28.45 -2.82
N ALA J 205 -23.58 -29.47 -1.97
CA ALA J 205 -23.03 -30.82 -2.14
C ALA J 205 -24.11 -31.93 -2.22
N PRO J 206 -23.83 -33.07 -2.89
CA PRO J 206 -24.86 -34.12 -3.00
C PRO J 206 -24.79 -35.25 -1.96
N ILE J 207 -25.98 -35.78 -1.59
CA ILE J 207 -26.12 -36.92 -0.68
C ILE J 207 -26.49 -38.10 -1.57
N TYR J 208 -25.70 -39.18 -1.49
CA TYR J 208 -25.84 -40.34 -2.36
C TYR J 208 -26.68 -41.49 -1.82
N ASN J 209 -26.96 -41.54 -0.50
CA ASN J 209 -27.73 -42.68 0.02
C ASN J 209 -28.69 -42.32 1.18
N VAL J 210 -28.25 -42.52 2.45
CA VAL J 210 -29.01 -42.32 3.69
C VAL J 210 -29.60 -40.90 3.80
N LEU J 211 -30.91 -40.84 4.00
CA LEU J 211 -31.66 -39.60 4.16
C LEU J 211 -31.70 -39.14 5.62
N PRO J 212 -31.65 -37.81 5.88
CA PRO J 212 -31.67 -37.34 7.28
C PRO J 212 -33.00 -37.55 7.97
N THR J 213 -32.98 -37.57 9.30
CA THR J 213 -34.19 -37.73 10.12
C THR J 213 -34.90 -36.38 10.25
N THR J 214 -36.23 -36.39 10.12
CA THR J 214 -37.06 -35.19 10.22
C THR J 214 -38.20 -35.39 11.22
N SER J 215 -38.71 -34.30 11.80
CA SER J 215 -39.80 -34.37 12.79
C SER J 215 -40.86 -33.30 12.55
N LEU J 216 -42.14 -33.72 12.45
CA LEU J 216 -43.27 -32.80 12.26
C LEU J 216 -43.70 -32.26 13.63
N VAL J 217 -43.65 -30.92 13.79
CA VAL J 217 -43.96 -30.23 15.04
C VAL J 217 -45.22 -29.34 14.90
N LEU J 218 -46.20 -29.55 15.78
CA LEU J 218 -47.43 -28.75 15.84
C LEU J 218 -47.16 -27.55 16.75
N GLY J 219 -47.37 -26.37 16.22
CA GLY J 219 -47.18 -25.11 16.94
C GLY J 219 -45.73 -24.77 17.24
N LYS J 220 -45.27 -25.06 18.47
CA LYS J 220 -43.93 -24.73 18.92
C LYS J 220 -43.04 -25.92 19.27
N ASN J 221 -43.54 -26.85 20.11
CA ASN J 221 -42.77 -28.00 20.59
C ASN J 221 -43.49 -29.36 20.50
N GLN J 222 -44.82 -29.35 20.28
CA GLN J 222 -45.67 -30.54 20.20
C GLN J 222 -45.28 -31.44 19.03
N THR J 223 -44.33 -32.35 19.29
CA THR J 223 -43.78 -33.29 18.31
C THR J 223 -44.82 -34.35 17.92
N LEU J 224 -45.35 -34.24 16.69
CA LEU J 224 -46.37 -35.15 16.16
C LEU J 224 -45.79 -36.50 15.74
N ALA J 225 -44.84 -36.50 14.79
CA ALA J 225 -44.21 -37.72 14.27
C ALA J 225 -42.79 -37.48 13.77
N THR J 226 -41.97 -38.54 13.77
CA THR J 226 -40.58 -38.52 13.32
C THR J 226 -40.46 -39.41 12.08
N ILE J 227 -40.10 -38.80 10.95
CA ILE J 227 -39.98 -39.48 9.65
C ILE J 227 -38.53 -39.69 9.24
N LYS J 228 -38.23 -40.91 8.74
CA LYS J 228 -36.91 -41.31 8.25
C LYS J 228 -37.07 -42.52 7.32
N ALA J 229 -36.61 -42.39 6.07
CA ALA J 229 -36.68 -43.47 5.07
C ALA J 229 -35.61 -44.52 5.33
N LEU J 234 -31.95 -47.32 0.32
CA LEU J 234 -32.01 -46.61 -0.97
C LEU J 234 -30.64 -46.09 -1.42
N SER J 235 -30.49 -45.83 -2.73
CA SER J 235 -29.26 -45.30 -3.33
C SER J 235 -29.55 -44.23 -4.41
N GLN J 236 -30.70 -43.53 -4.27
CA GLN J 236 -31.11 -42.46 -5.19
C GLN J 236 -30.33 -41.18 -4.85
N ILE J 237 -29.74 -40.55 -5.86
CA ILE J 237 -28.90 -39.36 -5.72
C ILE J 237 -29.69 -38.07 -5.55
N LEU J 238 -29.41 -37.34 -4.46
CA LEU J 238 -30.01 -36.05 -4.16
C LEU J 238 -29.03 -34.97 -4.62
N ALA J 239 -29.31 -34.36 -5.77
CA ALA J 239 -28.46 -33.34 -6.36
C ALA J 239 -28.72 -31.95 -5.77
N PRO J 240 -27.69 -31.08 -5.62
CA PRO J 240 -27.93 -29.72 -5.07
C PRO J 240 -28.85 -28.94 -6.01
N ASN J 241 -29.84 -28.23 -5.40
CA ASN J 241 -30.88 -27.44 -6.07
C ASN J 241 -31.78 -28.35 -6.95
N ASN J 242 -32.01 -29.60 -6.49
CA ASN J 242 -32.84 -30.60 -7.16
C ASN J 242 -33.58 -31.48 -6.15
N TYR J 243 -34.85 -31.82 -6.46
CA TYR J 243 -35.75 -32.62 -5.61
C TYR J 243 -35.34 -34.10 -5.58
N TYR J 244 -35.48 -34.77 -4.40
CA TYR J 244 -35.20 -36.21 -4.23
C TYR J 244 -36.27 -37.03 -4.98
N PRO J 245 -37.59 -36.97 -4.65
CA PRO J 245 -38.55 -37.71 -5.47
C PRO J 245 -38.85 -36.81 -6.67
N SER J 246 -37.93 -36.83 -7.66
CA SER J 246 -37.93 -36.03 -8.89
C SER J 246 -39.32 -35.77 -9.42
N LYS J 247 -39.57 -34.51 -9.80
CA LYS J 247 -40.86 -34.01 -10.31
C LYS J 247 -41.51 -34.89 -11.40
N ASN J 248 -40.70 -35.63 -12.18
CA ASN J 248 -41.15 -36.55 -13.24
C ASN J 248 -41.74 -37.86 -12.66
N LEU J 249 -41.46 -38.16 -11.39
CA LEU J 249 -41.91 -39.35 -10.68
C LEU J 249 -42.86 -38.96 -9.54
N ALA J 250 -43.56 -39.95 -8.94
CA ALA J 250 -44.51 -39.75 -7.85
C ALA J 250 -43.80 -39.41 -6.52
N PRO J 251 -44.39 -38.54 -5.65
CA PRO J 251 -43.73 -38.20 -4.37
C PRO J 251 -43.90 -39.28 -3.29
N ILE J 252 -43.57 -38.95 -2.02
CA ILE J 252 -43.68 -39.88 -0.89
C ILE J 252 -44.78 -39.49 0.08
N ALA J 253 -45.56 -40.49 0.55
CA ALA J 253 -46.65 -40.32 1.51
C ALA J 253 -46.14 -40.52 2.94
N LEU J 254 -47.01 -40.31 3.94
CA LEU J 254 -46.60 -40.45 5.34
C LEU J 254 -47.23 -41.64 6.06
N ASN J 255 -46.41 -42.68 6.27
CA ASN J 255 -46.71 -43.95 6.95
C ASN J 255 -48.06 -44.58 6.52
N ALA J 256 -47.97 -45.32 5.41
CA ALA J 256 -49.05 -46.09 4.79
C ALA J 256 -48.41 -47.36 4.23
N GLN J 257 -47.43 -47.22 3.30
CA GLN J 257 -46.70 -48.32 2.67
C GLN J 257 -45.18 -48.14 2.79
N SER J 262 -45.44 -47.88 8.94
CA SER J 262 -46.29 -48.87 9.57
C SER J 262 -47.55 -48.24 10.23
N THR J 263 -47.35 -47.34 11.21
CA THR J 263 -48.44 -46.64 11.93
C THR J 263 -48.47 -45.13 11.57
N PRO J 264 -49.63 -44.59 11.11
CA PRO J 264 -49.67 -43.15 10.75
C PRO J 264 -49.66 -42.19 11.95
N ILE J 265 -49.59 -40.88 11.66
CA ILE J 265 -49.57 -39.81 12.66
C ILE J 265 -50.93 -39.76 13.38
N THR J 266 -50.91 -39.71 14.73
CA THR J 266 -52.12 -39.66 15.55
C THR J 266 -52.22 -38.31 16.26
N MET J 267 -53.39 -37.68 16.16
CA MET J 267 -53.67 -36.37 16.74
C MET J 267 -54.99 -36.40 17.49
N ASN J 268 -55.02 -35.83 18.71
CA ASN J 268 -56.22 -35.74 19.54
C ASN J 268 -57.09 -34.55 19.09
N TYR J 269 -58.37 -34.52 19.53
CA TYR J 269 -59.34 -33.47 19.20
C TYR J 269 -58.87 -32.06 19.58
N ASN J 270 -58.28 -31.93 20.78
CA ASN J 270 -57.78 -30.67 21.34
C ASN J 270 -56.61 -30.11 20.53
N GLN J 271 -55.71 -30.99 20.05
CA GLN J 271 -54.56 -30.60 19.23
C GLN J 271 -54.99 -30.34 17.78
N PHE J 272 -56.10 -30.96 17.34
CA PHE J 272 -56.66 -30.79 16.00
C PHE J 272 -57.25 -29.38 15.80
N LEU J 273 -57.84 -28.82 16.88
CA LEU J 273 -58.42 -27.48 16.88
C LEU J 273 -57.34 -26.40 16.75
N GLU J 274 -56.10 -26.72 17.17
CA GLU J 274 -54.93 -25.83 17.06
C GLU J 274 -54.51 -25.74 15.60
N LEU J 275 -54.53 -26.90 14.90
CA LEU J 275 -54.19 -27.03 13.49
C LEU J 275 -55.25 -26.34 12.62
N GLU J 276 -56.53 -26.41 13.02
CA GLU J 276 -57.65 -25.78 12.31
C GLU J 276 -57.57 -24.25 12.46
N LYS J 277 -57.12 -23.77 13.63
CA LYS J 277 -56.98 -22.35 13.98
C LYS J 277 -55.75 -21.69 13.33
N THR J 278 -54.61 -22.42 13.26
CA THR J 278 -53.36 -21.92 12.70
C THR J 278 -53.22 -22.17 11.20
N LYS J 279 -53.68 -23.35 10.73
CA LYS J 279 -53.59 -23.83 9.34
C LYS J 279 -52.13 -23.87 8.84
N GLN J 280 -51.21 -24.27 9.74
CA GLN J 280 -49.77 -24.38 9.52
C GLN J 280 -49.07 -25.35 10.47
N LEU J 281 -47.95 -25.94 10.02
CA LEU J 281 -47.12 -26.88 10.79
C LEU J 281 -45.63 -26.57 10.59
N ARG J 282 -44.75 -27.27 11.34
CA ARG J 282 -43.29 -27.10 11.27
C ARG J 282 -42.60 -28.44 10.97
N LEU J 283 -41.47 -28.40 10.25
CA LEU J 283 -40.67 -29.57 9.89
C LEU J 283 -39.21 -29.35 10.21
N ASP J 284 -38.75 -29.97 11.31
CA ASP J 284 -37.37 -29.89 11.78
C ASP J 284 -36.55 -31.10 11.32
N THR J 285 -35.60 -30.86 10.40
CA THR J 285 -34.72 -31.89 9.83
C THR J 285 -33.30 -31.72 10.33
N ASP J 286 -32.64 -32.83 10.69
CA ASP J 286 -31.27 -32.81 11.18
C ASP J 286 -30.24 -32.78 10.04
N GLN J 287 -28.97 -32.54 10.37
CA GLN J 287 -27.88 -32.44 9.39
C GLN J 287 -27.07 -33.76 9.25
N VAL J 288 -27.57 -34.89 9.81
CA VAL J 288 -26.90 -36.18 9.66
C VAL J 288 -27.24 -36.76 8.28
N TYR J 289 -26.24 -36.85 7.40
CA TYR J 289 -26.43 -37.34 6.03
C TYR J 289 -25.56 -38.57 5.71
N GLY J 290 -25.80 -39.17 4.54
CA GLY J 290 -25.06 -40.35 4.08
C GLY J 290 -23.61 -40.08 3.74
N ASN J 291 -22.88 -41.16 3.43
CA ASN J 291 -21.46 -41.13 3.06
C ASN J 291 -21.20 -40.27 1.82
N ILE J 292 -20.07 -39.55 1.78
CA ILE J 292 -19.72 -38.68 0.66
C ILE J 292 -18.93 -39.43 -0.39
N ALA J 293 -19.23 -39.16 -1.66
CA ALA J 293 -18.55 -39.74 -2.79
C ALA J 293 -17.33 -38.88 -3.13
N THR J 294 -16.14 -39.48 -3.13
CA THR J 294 -14.89 -38.78 -3.39
C THR J 294 -14.25 -39.15 -4.73
N TYR J 295 -13.42 -38.24 -5.26
CA TYR J 295 -12.68 -38.41 -6.52
C TYR J 295 -11.33 -39.05 -6.24
N ASN J 296 -10.88 -39.93 -7.14
CA ASN J 296 -9.58 -40.61 -7.07
C ASN J 296 -8.79 -40.29 -8.34
N PHE J 297 -7.70 -39.52 -8.17
CA PHE J 297 -6.80 -38.96 -9.18
C PHE J 297 -6.29 -39.93 -10.25
N GLU J 298 -5.68 -41.07 -9.84
CA GLU J 298 -5.08 -42.06 -10.73
C GLU J 298 -6.08 -42.76 -11.67
N ASN J 299 -7.33 -42.98 -11.24
CA ASN J 299 -8.33 -43.66 -12.07
C ASN J 299 -9.46 -42.72 -12.57
N GLY J 300 -9.39 -41.43 -12.22
CA GLY J 300 -10.35 -40.41 -12.61
C GLY J 300 -11.82 -40.80 -12.51
N ARG J 301 -12.18 -41.48 -11.39
CA ARG J 301 -13.53 -41.97 -11.15
C ARG J 301 -14.00 -41.67 -9.72
N VAL J 302 -15.27 -41.25 -9.59
CA VAL J 302 -15.90 -40.92 -8.31
C VAL J 302 -16.49 -42.19 -7.68
N ARG J 303 -16.08 -42.48 -6.43
CA ARG J 303 -16.50 -43.63 -5.64
C ARG J 303 -17.03 -43.18 -4.27
N VAL J 304 -18.13 -43.82 -3.78
CA VAL J 304 -18.73 -43.52 -2.48
C VAL J 304 -17.82 -44.07 -1.38
N ASP J 305 -17.17 -43.16 -0.64
CA ASP J 305 -16.25 -43.52 0.44
C ASP J 305 -17.00 -43.82 1.72
N THR J 306 -16.94 -45.09 2.15
CA THR J 306 -17.59 -45.59 3.35
C THR J 306 -16.97 -45.02 4.63
N GLY J 307 -15.69 -44.66 4.57
CA GLY J 307 -14.93 -44.11 5.67
C GLY J 307 -15.38 -42.73 6.10
N SER J 308 -15.35 -41.76 5.17
CA SER J 308 -15.73 -40.39 5.45
C SER J 308 -17.22 -40.12 5.22
N ASN J 309 -17.95 -39.73 6.28
CA ASN J 309 -19.37 -39.38 6.20
C ASN J 309 -19.55 -37.90 6.53
N TRP J 310 -20.66 -37.29 6.09
CA TRP J 310 -20.93 -35.86 6.28
C TRP J 310 -20.89 -35.39 7.74
N SER J 311 -21.31 -36.24 8.69
CA SER J 311 -21.36 -35.92 10.12
C SER J 311 -20.00 -35.57 10.76
N GLU J 312 -18.89 -36.20 10.33
CA GLU J 312 -17.57 -35.95 10.90
C GLU J 312 -16.84 -34.75 10.29
N VAL J 313 -17.24 -34.37 9.07
CA VAL J 313 -16.61 -33.28 8.32
C VAL J 313 -17.38 -31.94 8.44
N LEU J 314 -18.73 -31.97 8.50
CA LEU J 314 -19.58 -30.77 8.58
C LEU J 314 -19.34 -29.82 9.80
N PRO J 315 -19.03 -30.28 11.05
CA PRO J 315 -18.81 -29.30 12.14
C PRO J 315 -17.59 -28.40 11.93
N GLN J 316 -16.58 -28.90 11.18
CA GLN J 316 -15.34 -28.19 10.85
C GLN J 316 -15.64 -27.00 9.94
N ILE J 317 -16.64 -27.13 9.04
CA ILE J 317 -17.06 -26.07 8.10
C ILE J 317 -17.76 -24.94 8.87
N GLN J 318 -18.80 -25.29 9.65
CA GLN J 318 -19.64 -24.37 10.43
C GLN J 318 -18.89 -23.58 11.55
N GLU J 319 -17.62 -23.94 11.84
CA GLU J 319 -16.80 -23.28 12.86
C GLU J 319 -15.58 -22.54 12.27
N THR J 320 -15.46 -22.51 10.93
CA THR J 320 -14.34 -21.86 10.22
C THR J 320 -14.80 -20.91 9.11
N THR J 321 -15.92 -21.24 8.46
CA THR J 321 -16.50 -20.44 7.37
C THR J 321 -17.59 -19.51 7.89
N ALA J 322 -18.00 -18.52 7.06
CA ALA J 322 -19.02 -17.52 7.40
C ALA J 322 -20.33 -17.71 6.64
N ARG J 323 -21.45 -17.72 7.37
CA ARG J 323 -22.80 -17.91 6.86
C ARG J 323 -23.43 -16.60 6.37
N ILE J 324 -23.80 -16.55 5.09
CA ILE J 324 -24.48 -15.42 4.45
C ILE J 324 -25.77 -15.93 3.78
N ILE J 325 -26.92 -15.34 4.17
CA ILE J 325 -28.26 -15.69 3.67
C ILE J 325 -28.70 -14.65 2.62
N PHE J 326 -29.24 -15.12 1.47
CA PHE J 326 -29.71 -14.25 0.39
C PHE J 326 -30.86 -14.84 -0.41
N ASN J 327 -31.79 -13.97 -0.84
CA ASN J 327 -32.96 -14.37 -1.60
C ASN J 327 -33.21 -13.44 -2.82
N GLY J 328 -32.19 -13.33 -3.66
CA GLY J 328 -32.23 -12.50 -4.86
C GLY J 328 -33.10 -13.07 -5.96
N LYS J 329 -32.68 -14.23 -6.52
CA LYS J 329 -33.37 -14.96 -7.61
C LYS J 329 -34.82 -15.30 -7.25
N ASP J 330 -35.04 -15.77 -6.01
CA ASP J 330 -36.34 -16.12 -5.47
C ASP J 330 -36.38 -15.75 -4.01
N LEU J 331 -37.56 -15.38 -3.50
CA LEU J 331 -37.76 -14.96 -2.11
C LEU J 331 -37.74 -16.14 -1.10
N ASN J 332 -36.81 -17.08 -1.32
CA ASN J 332 -36.57 -18.26 -0.48
C ASN J 332 -35.16 -18.13 0.10
N LEU J 333 -35.03 -18.38 1.42
CA LEU J 333 -33.78 -18.25 2.16
C LEU J 333 -32.71 -19.29 1.75
N VAL J 334 -31.61 -18.81 1.15
CA VAL J 334 -30.50 -19.64 0.67
C VAL J 334 -29.29 -19.51 1.60
N GLU J 335 -28.78 -20.66 2.09
CA GLU J 335 -27.62 -20.72 2.99
C GLU J 335 -26.35 -21.09 2.21
N ARG J 336 -25.37 -20.18 2.22
CA ARG J 336 -24.09 -20.37 1.53
C ARG J 336 -22.98 -19.92 2.46
N ARG J 337 -21.98 -20.77 2.66
CA ARG J 337 -20.86 -20.45 3.52
C ARG J 337 -19.59 -20.12 2.74
N ILE J 338 -18.91 -19.02 3.14
CA ILE J 338 -17.68 -18.52 2.50
C ILE J 338 -16.52 -18.66 3.49
N ALA J 339 -15.39 -19.22 3.04
CA ALA J 339 -14.17 -19.43 3.84
C ALA J 339 -13.66 -18.11 4.38
N ALA J 340 -13.32 -18.06 5.69
CA ALA J 340 -12.86 -16.82 6.33
C ALA J 340 -11.80 -17.00 7.41
N VAL J 341 -11.06 -15.91 7.66
CA VAL J 341 -10.00 -15.78 8.67
C VAL J 341 -10.54 -15.87 10.11
N ASN J 342 -9.72 -16.38 11.04
CA ASN J 342 -10.03 -16.48 12.47
C ASN J 342 -8.78 -16.31 13.32
N PRO J 343 -8.75 -15.33 14.26
CA PRO J 343 -7.53 -15.12 15.06
C PRO J 343 -7.22 -16.23 16.06
N SER J 344 -8.26 -16.99 16.46
CA SER J 344 -8.18 -18.09 17.42
C SER J 344 -7.23 -19.19 16.94
N ASP J 345 -7.57 -19.87 15.83
CA ASP J 345 -6.79 -20.96 15.25
C ASP J 345 -5.76 -20.41 14.25
N PRO J 346 -4.44 -20.71 14.43
CA PRO J 346 -3.44 -20.20 13.48
C PRO J 346 -3.55 -20.83 12.10
N LEU J 347 -4.05 -22.09 12.04
CA LEU J 347 -4.28 -22.83 10.80
C LEU J 347 -5.36 -22.14 9.97
N GLU J 348 -6.36 -21.52 10.65
CA GLU J 348 -7.46 -20.80 10.01
C GLU J 348 -7.09 -19.36 9.65
N THR J 349 -5.95 -18.89 10.18
CA THR J 349 -5.43 -17.55 9.90
C THR J 349 -4.68 -17.58 8.55
N THR J 350 -4.26 -18.79 8.13
CA THR J 350 -3.55 -19.07 6.86
C THR J 350 -4.48 -18.84 5.64
N LYS J 351 -5.82 -18.83 5.87
CA LYS J 351 -6.87 -18.61 4.86
C LYS J 351 -6.81 -17.18 4.31
N PRO J 352 -7.03 -16.96 2.99
CA PRO J 352 -6.97 -15.57 2.45
C PRO J 352 -7.99 -14.63 3.07
N ASP J 353 -7.62 -13.34 3.24
CA ASP J 353 -8.46 -12.29 3.82
C ASP J 353 -9.74 -12.10 3.02
N MET J 354 -10.89 -12.19 3.69
CA MET J 354 -12.18 -12.08 3.02
C MET J 354 -12.82 -10.72 3.15
N THR J 355 -13.33 -10.21 2.01
CA THR J 355 -14.04 -8.94 1.87
C THR J 355 -15.50 -9.25 1.57
N LEU J 356 -16.42 -8.36 2.00
CA LEU J 356 -17.85 -8.49 1.77
C LEU J 356 -18.18 -8.46 0.28
N LYS J 357 -17.46 -7.61 -0.49
CA LYS J 357 -17.59 -7.43 -1.93
C LYS J 357 -17.34 -8.74 -2.71
N GLU J 358 -16.09 -9.27 -2.64
CA GLU J 358 -15.68 -10.50 -3.34
C GLU J 358 -16.45 -11.75 -2.90
N ALA J 359 -16.78 -11.87 -1.59
CA ALA J 359 -17.50 -13.01 -1.04
C ALA J 359 -18.90 -13.15 -1.64
N LEU J 360 -19.66 -12.03 -1.69
CA LEU J 360 -21.01 -11.96 -2.24
C LEU J 360 -21.04 -12.33 -3.73
N LYS J 361 -19.97 -11.95 -4.46
CA LYS J 361 -19.78 -12.21 -5.90
C LYS J 361 -19.61 -13.71 -6.17
N ILE J 362 -18.72 -14.38 -5.41
CA ILE J 362 -18.42 -15.81 -5.58
C ILE J 362 -19.47 -16.74 -4.94
N ALA J 363 -20.20 -16.26 -3.92
CA ALA J 363 -21.21 -17.08 -3.23
C ALA J 363 -22.57 -17.13 -3.91
N PHE J 364 -23.00 -16.02 -4.53
CA PHE J 364 -24.33 -15.98 -5.15
C PHE J 364 -24.32 -15.63 -6.63
N GLY J 365 -23.49 -14.67 -7.01
CA GLY J 365 -23.36 -14.24 -8.40
C GLY J 365 -23.48 -12.74 -8.61
N PHE J 366 -22.96 -11.95 -7.66
CA PHE J 366 -22.97 -10.49 -7.72
C PHE J 366 -21.96 -10.02 -8.77
N ASN J 367 -22.29 -8.93 -9.48
CA ASN J 367 -21.44 -8.35 -10.52
C ASN J 367 -21.08 -6.90 -10.23
N GLU J 368 -19.87 -6.48 -10.63
CA GLU J 368 -19.36 -5.12 -10.45
C GLU J 368 -19.23 -4.47 -11.84
N PRO J 369 -20.32 -3.86 -12.39
CA PRO J 369 -20.22 -3.27 -13.74
C PRO J 369 -19.66 -1.85 -13.79
N ASN J 370 -20.17 -0.95 -12.93
CA ASN J 370 -19.75 0.44 -12.85
C ASN J 370 -18.68 0.58 -11.75
N GLY J 371 -18.99 0.02 -10.59
CA GLY J 371 -18.17 0.02 -9.38
C GLY J 371 -19.02 -0.42 -8.20
N ASN J 372 -20.34 -0.15 -8.30
CA ASN J 372 -21.35 -0.52 -7.33
C ASN J 372 -21.78 -1.96 -7.56
N LEU J 373 -21.91 -2.73 -6.48
CA LEU J 373 -22.30 -4.14 -6.56
C LEU J 373 -23.79 -4.29 -6.84
N GLN J 374 -24.15 -5.23 -7.73
CA GLN J 374 -25.54 -5.50 -8.10
C GLN J 374 -25.78 -6.96 -8.48
N TYR J 375 -26.90 -7.52 -8.03
CA TYR J 375 -27.30 -8.90 -8.27
C TYR J 375 -28.24 -9.01 -9.48
N GLN J 376 -27.66 -9.37 -10.65
CA GLN J 376 -28.35 -9.56 -11.94
C GLN J 376 -29.10 -8.30 -12.43
N GLY J 377 -28.88 -7.16 -11.76
CA GLY J 377 -29.51 -5.89 -12.05
C GLY J 377 -29.87 -5.09 -10.82
N LYS J 378 -30.45 -5.79 -9.79
CA LYS J 378 -30.86 -5.19 -8.52
C LYS J 378 -29.64 -4.73 -7.73
N ASP J 379 -29.55 -3.40 -7.45
CA ASP J 379 -28.43 -2.79 -6.72
C ASP J 379 -28.30 -3.29 -5.28
N ILE J 380 -27.09 -3.19 -4.70
CA ILE J 380 -26.77 -3.62 -3.32
C ILE J 380 -27.61 -2.83 -2.28
N THR J 381 -27.87 -1.54 -2.56
CA THR J 381 -28.65 -0.62 -1.73
C THR J 381 -30.13 -1.04 -1.62
N GLU J 382 -30.65 -1.74 -2.65
CA GLU J 382 -32.02 -2.27 -2.73
C GLU J 382 -32.20 -3.44 -1.74
N PHE J 383 -31.10 -3.95 -1.15
CA PHE J 383 -31.12 -5.06 -0.19
C PHE J 383 -30.77 -4.61 1.23
N ASP J 384 -31.49 -5.18 2.20
CA ASP J 384 -31.37 -4.94 3.64
C ASP J 384 -30.22 -5.73 4.25
N PHE J 385 -29.53 -5.14 5.24
CA PHE J 385 -28.41 -5.77 5.95
C PHE J 385 -28.76 -6.08 7.41
N ASN J 386 -28.74 -7.38 7.77
CA ASN J 386 -29.04 -7.85 9.12
C ASN J 386 -27.96 -8.78 9.66
N PHE J 387 -27.63 -8.65 10.96
CA PHE J 387 -26.59 -9.45 11.62
C PHE J 387 -27.03 -9.87 13.03
N ASP J 388 -26.20 -10.68 13.72
CA ASP J 388 -26.47 -11.14 15.08
C ASP J 388 -25.87 -10.17 16.12
N GLN J 389 -25.59 -10.67 17.35
CA GLN J 389 -25.03 -9.89 18.45
C GLN J 389 -23.57 -9.52 18.16
N GLN J 390 -22.69 -10.54 18.04
CA GLN J 390 -21.25 -10.42 17.82
C GLN J 390 -20.86 -10.01 16.40
N THR J 391 -21.64 -10.41 15.37
CA THR J 391 -21.37 -10.09 13.97
C THR J 391 -21.51 -8.58 13.74
N SER J 392 -22.66 -7.98 14.15
CA SER J 392 -22.94 -6.55 14.02
C SER J 392 -21.94 -5.71 14.83
N GLN J 393 -21.56 -6.20 16.04
CA GLN J 393 -20.60 -5.55 16.94
C GLN J 393 -19.19 -5.53 16.34
N ASN J 394 -18.82 -6.60 15.59
CA ASN J 394 -17.53 -6.73 14.93
C ASN J 394 -17.44 -5.71 13.78
N ILE J 395 -18.53 -5.56 13.02
CA ILE J 395 -18.64 -4.61 11.90
C ILE J 395 -18.77 -3.18 12.44
N LYS J 396 -19.40 -3.00 13.63
CA LYS J 396 -19.57 -1.70 14.30
C LYS J 396 -18.21 -1.03 14.53
N ASN J 397 -17.21 -1.81 15.01
CA ASN J 397 -15.85 -1.35 15.27
C ASN J 397 -15.15 -0.96 13.96
N GLN J 398 -15.36 -1.77 12.90
CA GLN J 398 -14.80 -1.55 11.56
C GLN J 398 -15.30 -0.25 10.93
N LEU J 399 -16.64 0.00 10.99
CA LEU J 399 -17.31 1.19 10.45
C LEU J 399 -16.80 2.48 11.08
N ALA J 400 -16.39 2.43 12.37
CA ALA J 400 -15.84 3.56 13.11
C ALA J 400 -14.37 3.79 12.73
N GLU J 401 -13.62 2.70 12.48
CA GLU J 401 -12.21 2.73 12.08
C GLU J 401 -12.08 3.21 10.63
N LEU J 402 -13.08 2.87 9.78
CA LEU J 402 -13.18 3.25 8.38
C LEU J 402 -13.88 4.62 8.23
N ASN J 403 -14.41 5.14 9.37
CA ASN J 403 -15.12 6.41 9.56
C ASN J 403 -16.52 6.43 8.93
N ALA J 404 -16.68 5.92 7.68
CA ALA J 404 -17.95 5.87 6.97
C ALA J 404 -18.97 5.01 7.71
N THR J 405 -20.08 5.65 8.14
CA THR J 405 -21.17 5.04 8.90
C THR J 405 -22.05 4.11 8.03
N ASN J 406 -22.07 4.34 6.70
CA ASN J 406 -22.87 3.53 5.78
C ASN J 406 -22.09 2.29 5.32
N ILE J 407 -22.75 1.12 5.37
CA ILE J 407 -22.17 -0.17 5.00
C ILE J 407 -21.91 -0.28 3.48
N TYR J 408 -22.74 0.39 2.65
CA TYR J 408 -22.63 0.38 1.18
C TYR J 408 -21.42 1.18 0.66
N THR J 409 -20.93 2.15 1.48
CA THR J 409 -19.78 3.02 1.19
C THR J 409 -18.47 2.22 1.26
N VAL J 410 -18.19 1.62 2.44
CA VAL J 410 -16.99 0.82 2.71
C VAL J 410 -17.21 -0.69 2.42
N LEU J 411 -18.18 -0.99 1.53
CA LEU J 411 -18.60 -2.32 1.05
C LEU J 411 -17.43 -3.23 0.65
N ASP J 412 -16.43 -2.66 -0.05
CA ASP J 412 -15.23 -3.32 -0.54
C ASP J 412 -14.12 -3.45 0.53
N LYS J 413 -14.28 -2.79 1.68
CA LYS J 413 -13.28 -2.81 2.76
C LYS J 413 -13.74 -3.52 4.05
N ILE J 414 -15.02 -3.96 4.12
CA ILE J 414 -15.55 -4.67 5.29
C ILE J 414 -15.00 -6.10 5.32
N LYS J 415 -14.20 -6.40 6.36
CA LYS J 415 -13.58 -7.72 6.57
C LYS J 415 -14.54 -8.73 7.16
N LEU J 416 -14.46 -9.99 6.68
CA LEU J 416 -15.30 -11.09 7.14
C LEU J 416 -14.50 -12.07 8.00
N ASN J 417 -15.09 -12.52 9.13
CA ASN J 417 -14.44 -13.46 10.06
C ASN J 417 -15.26 -14.74 10.27
N ALA J 418 -14.66 -15.78 10.90
CA ALA J 418 -15.28 -17.09 11.14
C ALA J 418 -16.51 -17.08 12.07
N LYS J 419 -17.33 -18.15 12.00
CA LYS J 419 -18.56 -18.40 12.78
C LYS J 419 -19.66 -17.33 12.60
N MET J 420 -19.42 -16.34 11.71
CA MET J 420 -20.31 -15.22 11.39
C MET J 420 -21.65 -15.65 10.84
N ASN J 421 -22.69 -14.82 11.09
CA ASN J 421 -24.05 -15.04 10.61
C ASN J 421 -24.62 -13.71 10.09
N ILE J 422 -24.77 -13.61 8.76
CA ILE J 422 -25.24 -12.43 8.04
C ILE J 422 -26.52 -12.77 7.24
N LEU J 423 -27.57 -11.95 7.39
CA LEU J 423 -28.84 -12.14 6.69
C LEU J 423 -29.12 -10.95 5.76
N ILE J 424 -29.22 -11.22 4.45
CA ILE J 424 -29.48 -10.22 3.42
C ILE J 424 -30.82 -10.52 2.76
N ARG J 425 -31.76 -9.57 2.87
CA ARG J 425 -33.12 -9.70 2.33
C ARG J 425 -33.52 -8.51 1.46
N ASP J 426 -34.50 -8.71 0.55
CA ASP J 426 -35.00 -7.67 -0.34
C ASP J 426 -35.85 -6.65 0.43
N LYS J 427 -35.52 -5.35 0.29
CA LYS J 427 -36.22 -4.25 0.98
C LYS J 427 -37.68 -4.06 0.51
N ARG J 428 -38.01 -4.55 -0.71
CA ARG J 428 -39.34 -4.48 -1.34
C ARG J 428 -40.45 -5.10 -0.50
N PHE J 429 -40.14 -6.22 0.18
CA PHE J 429 -41.11 -6.99 0.97
C PHE J 429 -40.92 -6.87 2.48
N HIS J 430 -41.94 -7.35 3.23
CA HIS J 430 -41.97 -7.37 4.70
C HIS J 430 -41.60 -8.78 5.17
N TYR J 431 -40.96 -8.88 6.34
CA TYR J 431 -40.51 -10.17 6.88
C TYR J 431 -40.98 -10.45 8.29
N ASP J 432 -41.39 -11.71 8.53
CA ASP J 432 -41.89 -12.21 9.82
C ASP J 432 -40.74 -12.71 10.72
N ARG J 433 -41.07 -13.47 11.79
CA ARG J 433 -40.12 -14.04 12.75
C ARG J 433 -39.30 -15.17 12.12
N ASN J 434 -39.82 -15.80 11.04
CA ASN J 434 -39.14 -16.87 10.31
C ASN J 434 -38.35 -16.34 9.10
N ASN J 435 -38.30 -15.00 8.94
CA ASN J 435 -37.61 -14.23 7.89
C ASN J 435 -38.05 -14.61 6.44
N ILE J 436 -39.35 -14.88 6.24
CA ILE J 436 -39.89 -15.21 4.92
C ILE J 436 -40.79 -14.09 4.40
N ALA J 437 -40.81 -13.88 3.07
CA ALA J 437 -41.61 -12.85 2.40
C ALA J 437 -43.10 -13.05 2.65
N VAL J 438 -43.72 -12.12 3.42
CA VAL J 438 -45.14 -12.18 3.81
C VAL J 438 -46.03 -11.20 3.01
N GLY J 439 -45.63 -9.94 2.95
CA GLY J 439 -46.36 -8.88 2.25
C GLY J 439 -45.45 -7.82 1.69
N ALA J 440 -46.04 -6.76 1.12
CA ALA J 440 -45.31 -5.61 0.53
C ALA J 440 -46.16 -4.33 0.56
N ASP J 441 -45.54 -3.18 0.20
CA ASP J 441 -46.18 -1.87 0.15
C ASP J 441 -47.22 -1.85 -0.98
N GLU J 442 -48.41 -1.26 -0.72
CA GLU J 442 -49.52 -1.14 -1.67
C GLU J 442 -49.10 -0.70 -3.07
N SER J 443 -48.11 0.22 -3.14
CA SER J 443 -47.52 0.76 -4.36
C SER J 443 -46.82 -0.32 -5.19
N VAL J 444 -45.98 -1.16 -4.53
CA VAL J 444 -45.21 -2.25 -5.13
C VAL J 444 -46.13 -3.32 -5.77
N VAL J 445 -47.28 -3.63 -5.14
CA VAL J 445 -48.26 -4.60 -5.62
C VAL J 445 -48.92 -4.12 -6.91
N LYS J 446 -49.23 -2.80 -7.00
CA LYS J 446 -49.86 -2.15 -8.15
C LYS J 446 -48.99 -2.16 -9.42
N GLU J 447 -47.66 -2.19 -9.24
CA GLU J 447 -46.68 -2.21 -10.34
C GLU J 447 -46.73 -3.53 -11.15
N ALA J 448 -46.81 -4.70 -10.46
CA ALA J 448 -46.85 -6.02 -11.09
C ALA J 448 -48.19 -6.34 -11.76
N HIS J 449 -49.29 -5.78 -11.23
CA HIS J 449 -50.66 -5.96 -11.74
C HIS J 449 -51.07 -4.89 -12.76
N ARG J 450 -50.07 -4.13 -13.28
CA ARG J 450 -50.25 -3.09 -14.28
C ARG J 450 -50.45 -3.69 -15.68
N GLU J 451 -49.65 -4.72 -16.03
CA GLU J 451 -49.68 -5.40 -17.32
C GLU J 451 -50.95 -6.27 -17.49
N ASN J 463 -50.10 -10.23 -16.88
CA ASN J 463 -48.68 -10.56 -16.81
C ASN J 463 -48.08 -10.08 -15.48
N ILE J 464 -48.46 -10.75 -14.39
CA ILE J 464 -48.02 -10.45 -13.04
C ILE J 464 -46.65 -11.10 -12.80
N ASP J 465 -45.71 -10.33 -12.20
CA ASP J 465 -44.36 -10.76 -11.87
C ASP J 465 -44.40 -11.93 -10.87
N LYS J 466 -43.54 -12.94 -11.09
CA LYS J 466 -43.46 -14.18 -10.30
C LYS J 466 -42.98 -13.95 -8.86
N ASP J 467 -42.04 -13.00 -8.66
CA ASP J 467 -41.50 -12.65 -7.34
C ASP J 467 -42.51 -11.88 -6.48
N ILE J 468 -43.27 -10.96 -7.11
CA ILE J 468 -44.28 -10.13 -6.44
C ILE J 468 -45.53 -10.95 -6.07
N ARG J 469 -45.99 -11.85 -6.96
CA ARG J 469 -47.17 -12.70 -6.75
C ARG J 469 -46.99 -13.74 -5.62
N LYS J 470 -45.74 -13.96 -5.16
CA LYS J 470 -45.39 -14.89 -4.08
C LYS J 470 -45.92 -14.46 -2.72
N ILE J 471 -46.12 -13.13 -2.51
CA ILE J 471 -46.66 -12.59 -1.27
C ILE J 471 -48.19 -12.44 -1.33
N LEU J 472 -48.81 -12.91 -2.44
CA LEU J 472 -50.25 -12.84 -2.66
C LEU J 472 -50.95 -14.12 -2.23
N ASP J 494 -63.74 -16.31 4.11
CA ASP J 494 -62.29 -16.57 4.12
C ASP J 494 -61.79 -17.20 2.81
N MET J 495 -62.69 -17.40 1.82
CA MET J 495 -62.40 -17.97 0.50
C MET J 495 -61.85 -16.86 -0.41
N LEU J 496 -60.64 -17.06 -0.96
CA LEU J 496 -59.87 -16.04 -1.71
C LEU J 496 -59.06 -16.59 -2.89
N ASN J 497 -58.91 -17.93 -2.97
CA ASN J 497 -58.16 -18.60 -4.04
C ASN J 497 -58.89 -18.47 -5.38
N ILE J 498 -58.26 -17.73 -6.33
CA ILE J 498 -58.79 -17.46 -7.67
C ILE J 498 -57.67 -17.46 -8.72
N SER J 499 -56.45 -17.06 -8.31
CA SER J 499 -55.27 -16.98 -9.18
C SER J 499 -54.79 -18.37 -9.60
N SER J 500 -54.76 -18.59 -10.92
CA SER J 500 -54.34 -19.85 -11.53
C SER J 500 -53.21 -19.54 -12.50
N LEU J 501 -51.96 -19.66 -12.03
CA LEU J 501 -50.76 -19.37 -12.82
C LEU J 501 -50.55 -20.36 -13.97
N ARG J 502 -50.56 -19.83 -15.21
CA ARG J 502 -50.36 -20.59 -16.44
C ARG J 502 -48.87 -20.73 -16.71
N GLN J 503 -48.47 -21.75 -17.50
CA GLN J 503 -47.07 -22.00 -17.81
C GLN J 503 -46.46 -20.95 -18.78
N ASP J 504 -47.33 -20.13 -19.43
CA ASP J 504 -46.92 -19.06 -20.35
C ASP J 504 -46.24 -17.87 -19.65
N GLY J 505 -46.44 -17.74 -18.34
CA GLY J 505 -45.86 -16.69 -17.51
C GLY J 505 -46.84 -15.61 -17.09
N LYS J 506 -48.15 -15.91 -17.21
CA LYS J 506 -49.23 -14.98 -16.86
C LYS J 506 -50.19 -15.59 -15.86
N THR J 507 -50.55 -14.81 -14.82
CA THR J 507 -51.49 -15.25 -13.77
C THR J 507 -52.92 -15.03 -14.25
N PHE J 508 -53.73 -16.10 -14.22
CA PHE J 508 -55.12 -16.06 -14.65
C PHE J 508 -56.09 -15.97 -13.46
N ILE J 509 -56.79 -14.82 -13.34
CA ILE J 509 -57.76 -14.56 -12.28
C ILE J 509 -59.15 -14.91 -12.80
N ASP J 510 -59.76 -15.96 -12.22
CA ASP J 510 -61.09 -16.43 -12.60
C ASP J 510 -62.10 -16.15 -11.49
N PHE J 511 -63.06 -15.26 -11.78
CA PHE J 511 -64.13 -14.84 -10.87
C PHE J 511 -65.21 -15.92 -10.78
N LYS J 512 -65.36 -16.71 -11.87
CA LYS J 512 -66.33 -17.81 -12.04
C LYS J 512 -66.15 -18.94 -11.01
N LYS J 513 -64.97 -18.98 -10.35
CA LYS J 513 -64.60 -19.95 -9.30
C LYS J 513 -65.60 -19.94 -8.14
N TYR J 514 -66.06 -18.73 -7.74
CA TYR J 514 -67.02 -18.55 -6.65
C TYR J 514 -68.35 -17.91 -7.11
N ASN J 515 -68.43 -17.48 -8.40
CA ASN J 515 -69.62 -16.85 -8.99
C ASN J 515 -70.56 -17.89 -9.66
N ASP J 516 -70.60 -19.11 -9.08
CA ASP J 516 -71.41 -20.25 -9.50
C ASP J 516 -71.22 -20.63 -10.98
N LYS J 517 -69.93 -20.71 -11.41
CA LYS J 517 -69.47 -21.05 -12.77
C LYS J 517 -69.97 -20.07 -13.86
N LEU J 518 -70.41 -18.86 -13.45
CA LEU J 518 -70.95 -17.83 -14.34
C LEU J 518 -70.08 -16.57 -14.38
N LYS J 536 -50.49 -12.29 1.95
CA LYS J 536 -50.42 -13.42 2.88
C LYS J 536 -50.44 -12.97 4.33
N GLU J 537 -49.84 -11.81 4.64
CA GLU J 537 -49.79 -11.25 5.99
C GLU J 537 -51.14 -10.64 6.38
N ASN J 538 -51.93 -10.22 5.36
CA ASN J 538 -53.23 -9.56 5.46
C ASN J 538 -54.41 -10.55 5.60
N THR J 539 -54.34 -11.70 4.90
CA THR J 539 -55.40 -12.71 4.81
C THR J 539 -55.76 -13.41 6.13
N ILE J 540 -57.04 -13.79 6.28
CA ILE J 540 -57.55 -14.52 7.44
C ILE J 540 -57.81 -15.98 7.09
N ILE J 541 -57.11 -16.86 7.79
CA ILE J 541 -57.18 -18.32 7.64
C ILE J 541 -58.39 -18.89 8.36
N ASN J 542 -58.70 -18.32 9.52
CA ASN J 542 -59.79 -18.70 10.39
C ASN J 542 -60.64 -17.43 10.54
N PRO J 543 -61.95 -17.45 10.18
CA PRO J 543 -62.77 -16.24 10.35
C PRO J 543 -62.78 -15.79 11.82
N SER J 544 -62.73 -14.45 12.07
CA SER J 544 -62.69 -13.79 13.39
C SER J 544 -63.52 -14.46 14.48
N GLU J 545 -63.09 -14.35 15.75
CA GLU J 545 -63.73 -14.95 16.93
C GLU J 545 -65.26 -14.85 16.92
N ASN J 546 -65.80 -13.75 16.38
CA ASN J 546 -67.24 -13.52 16.23
C ASN J 546 -67.84 -14.46 15.16
N GLY J 547 -67.24 -14.45 13.96
CA GLY J 547 -67.62 -15.28 12.82
C GLY J 547 -67.49 -14.59 11.47
N ASP J 548 -66.64 -13.53 11.41
CA ASP J 548 -66.37 -12.69 10.22
C ASP J 548 -65.77 -13.47 9.03
N THR J 549 -66.66 -14.16 8.25
CA THR J 549 -66.33 -14.96 7.06
C THR J 549 -66.32 -14.03 5.81
N SER J 550 -66.68 -12.75 6.03
CA SER J 550 -66.78 -11.66 5.07
C SER J 550 -65.42 -11.03 4.74
N THR J 551 -65.30 -10.49 3.52
CA THR J 551 -64.09 -9.85 2.98
C THR J 551 -63.92 -8.37 3.40
N ASN J 552 -64.89 -7.83 4.17
CA ASN J 552 -64.89 -6.45 4.66
C ASN J 552 -63.74 -6.17 5.64
N GLY J 553 -63.54 -7.09 6.59
CA GLY J 553 -62.49 -7.01 7.61
C GLY J 553 -61.09 -7.24 7.07
N ILE J 554 -60.99 -7.97 5.94
CA ILE J 554 -59.72 -8.29 5.26
C ILE J 554 -59.15 -7.02 4.62
N LYS J 555 -57.87 -6.71 4.93
CA LYS J 555 -57.16 -5.54 4.41
C LYS J 555 -56.87 -5.70 2.91
N THR K 7 20.11 -32.83 11.33
CA THR K 7 19.11 -33.48 12.18
C THR K 7 18.54 -32.51 13.21
N VAL K 8 17.21 -32.57 13.41
CA VAL K 8 16.49 -31.73 14.38
C VAL K 8 16.20 -32.59 15.64
N PRO K 9 16.58 -32.11 16.85
CA PRO K 9 16.34 -32.94 18.05
C PRO K 9 14.90 -32.90 18.54
N ASP K 10 14.13 -33.97 18.26
CA ASP K 10 12.75 -34.13 18.68
C ASP K 10 12.53 -35.54 19.21
N ARG K 11 12.21 -35.65 20.51
CA ARG K 11 12.00 -36.91 21.21
C ARG K 11 10.55 -37.39 21.13
N ASP K 12 9.57 -36.48 21.31
CA ASP K 12 8.14 -36.84 21.26
C ASP K 12 7.60 -36.92 19.81
N ASN K 13 8.43 -36.54 18.80
CA ASN K 13 8.14 -36.57 17.34
C ASN K 13 6.83 -35.86 16.94
N ASP K 14 6.38 -34.94 17.81
CA ASP K 14 5.17 -34.13 17.65
C ASP K 14 5.29 -33.13 16.50
N GLY K 15 6.44 -32.46 16.44
CA GLY K 15 6.77 -31.42 15.47
C GLY K 15 7.53 -30.28 16.11
N ILE K 16 7.53 -30.24 17.46
CA ILE K 16 8.23 -29.23 18.24
C ILE K 16 9.54 -29.83 18.76
N PRO K 17 10.71 -29.19 18.47
CA PRO K 17 11.99 -29.73 18.94
C PRO K 17 12.20 -29.55 20.45
N ASP K 18 13.10 -30.37 21.03
CA ASP K 18 13.47 -30.39 22.45
C ASP K 18 13.85 -28.99 22.99
N SER K 19 14.58 -28.22 22.18
CA SER K 19 15.03 -26.87 22.51
C SER K 19 13.87 -25.88 22.75
N LEU K 20 12.88 -25.85 21.84
CA LEU K 20 11.72 -24.95 21.95
C LEU K 20 10.75 -25.40 23.04
N GLU K 21 10.42 -26.71 23.07
CA GLU K 21 9.51 -27.35 24.03
C GLU K 21 9.92 -27.08 25.49
N VAL K 22 11.25 -27.05 25.78
CA VAL K 22 11.80 -26.79 27.12
C VAL K 22 11.84 -25.29 27.46
N GLU K 23 12.54 -24.50 26.64
CA GLU K 23 12.76 -23.07 26.85
C GLU K 23 11.50 -22.19 26.64
N GLY K 24 10.86 -22.33 25.49
CA GLY K 24 9.67 -21.55 25.14
C GLY K 24 9.46 -21.44 23.65
N TYR K 25 8.17 -21.35 23.23
CA TYR K 25 7.77 -21.26 21.83
C TYR K 25 6.38 -20.61 21.63
N THR K 26 6.05 -20.27 20.36
CA THR K 26 4.78 -19.69 19.92
C THR K 26 4.56 -19.91 18.40
N VAL K 27 3.35 -19.61 17.91
CA VAL K 27 3.00 -19.75 16.48
C VAL K 27 2.69 -18.38 15.88
N ASP K 28 3.30 -18.07 14.72
CA ASP K 28 3.09 -16.79 14.02
C ASP K 28 2.82 -17.02 12.53
N VAL K 29 2.25 -16.00 11.85
CA VAL K 29 1.94 -16.05 10.42
C VAL K 29 2.84 -15.11 9.61
N LYS K 30 3.58 -15.68 8.64
CA LYS K 30 4.50 -14.95 7.76
C LYS K 30 3.67 -14.27 6.67
N ASN K 31 3.70 -14.80 5.42
CA ASN K 31 2.91 -14.30 4.29
C ASN K 31 1.48 -14.71 4.64
N LYS K 32 1.27 -16.03 4.81
CA LYS K 32 0.03 -16.68 5.23
C LYS K 32 0.41 -17.87 6.09
N ARG K 33 1.49 -18.58 5.69
CA ARG K 33 2.07 -19.79 6.30
C ARG K 33 2.27 -19.71 7.81
N THR K 34 1.98 -20.82 8.51
CA THR K 34 2.15 -20.93 9.96
C THR K 34 3.60 -21.25 10.29
N PHE K 35 4.18 -20.51 11.25
CA PHE K 35 5.57 -20.66 11.67
C PHE K 35 5.73 -20.83 13.17
N LEU K 36 6.49 -21.86 13.57
CA LEU K 36 6.81 -22.16 14.97
C LEU K 36 8.18 -21.54 15.26
N SER K 37 8.24 -20.69 16.30
CA SER K 37 9.46 -19.96 16.66
C SER K 37 9.67 -19.87 18.17
N PRO K 38 10.94 -19.84 18.67
CA PRO K 38 11.16 -19.70 20.13
C PRO K 38 10.65 -18.37 20.66
N TRP K 39 10.34 -18.32 21.97
CA TRP K 39 9.80 -17.13 22.62
C TRP K 39 10.80 -15.98 22.77
N ILE K 40 10.43 -14.80 22.25
CA ILE K 40 11.20 -13.57 22.36
C ILE K 40 10.21 -12.48 22.78
N SER K 41 10.33 -12.01 24.04
CA SER K 41 9.47 -10.99 24.67
C SER K 41 9.55 -9.61 23.99
N ASN K 42 10.68 -9.33 23.31
CA ASN K 42 10.98 -8.09 22.60
C ASN K 42 10.07 -7.84 21.39
N ILE K 43 9.48 -8.90 20.81
CA ILE K 43 8.60 -8.77 19.64
C ILE K 43 7.32 -9.61 19.75
N HIS K 44 7.41 -10.90 20.15
CA HIS K 44 6.25 -11.81 20.28
C HIS K 44 5.23 -11.36 21.33
N GLU K 45 5.71 -10.97 22.53
CA GLU K 45 4.87 -10.51 23.64
C GLU K 45 4.19 -9.18 23.28
N LYS K 46 4.92 -8.31 22.56
CA LYS K 46 4.45 -7.00 22.10
C LYS K 46 3.42 -7.14 20.97
N LYS K 47 3.59 -8.17 20.09
CA LYS K 47 2.68 -8.47 18.98
C LYS K 47 1.30 -8.95 19.48
N GLY K 48 1.29 -9.60 20.65
CA GLY K 48 0.10 -10.13 21.29
C GLY K 48 -0.01 -11.63 21.17
N LEU K 49 1.07 -12.36 21.51
CA LEU K 49 1.13 -13.81 21.44
C LEU K 49 1.21 -14.46 22.83
N THR K 50 0.93 -15.76 22.88
CA THR K 50 0.95 -16.54 24.12
C THR K 50 2.25 -17.33 24.24
N LYS K 51 2.82 -17.40 25.46
CA LYS K 51 4.05 -18.15 25.72
C LYS K 51 3.69 -19.62 25.99
N TYR K 52 4.01 -20.50 25.03
CA TYR K 52 3.73 -21.94 25.12
C TYR K 52 4.98 -22.72 25.52
N LYS K 53 4.81 -23.72 26.42
CA LYS K 53 5.86 -24.60 26.92
C LYS K 53 5.25 -25.97 27.21
N SER K 54 5.77 -27.04 26.58
CA SER K 54 5.23 -28.38 26.78
C SER K 54 6.30 -29.43 27.15
N SER K 55 5.94 -30.73 27.10
CA SER K 55 6.83 -31.84 27.44
C SER K 55 7.56 -32.41 26.21
N PRO K 56 8.92 -32.38 26.20
CA PRO K 56 9.66 -32.91 25.04
C PRO K 56 9.64 -34.43 24.88
N GLU K 57 9.31 -35.17 25.95
CA GLU K 57 9.25 -36.64 25.92
C GLU K 57 7.81 -37.17 25.86
N LYS K 58 6.82 -36.28 26.07
CA LYS K 58 5.40 -36.63 25.99
C LYS K 58 4.79 -36.03 24.73
N TRP K 59 4.19 -36.89 23.87
CA TRP K 59 3.51 -36.56 22.61
C TRP K 59 2.43 -35.51 22.86
N SER K 60 1.68 -35.69 23.96
CA SER K 60 0.65 -34.78 24.44
C SER K 60 0.90 -34.58 25.93
N THR K 61 1.04 -33.31 26.36
CA THR K 61 1.31 -32.92 27.75
C THR K 61 0.14 -33.26 28.65
N ALA K 62 -1.10 -33.13 28.14
CA ALA K 62 -2.33 -33.43 28.86
C ALA K 62 -2.77 -34.92 28.71
N SER K 63 -1.93 -35.75 28.04
CA SER K 63 -2.14 -37.18 27.76
C SER K 63 -3.49 -37.51 27.09
N ASP K 64 -4.02 -36.54 26.33
CA ASP K 64 -5.28 -36.64 25.59
C ASP K 64 -5.01 -37.11 24.14
N PRO K 65 -6.03 -37.41 23.29
CA PRO K 65 -5.74 -37.93 21.94
C PRO K 65 -5.08 -36.97 20.95
N TYR K 66 -5.15 -35.65 21.21
CA TYR K 66 -4.59 -34.63 20.33
C TYR K 66 -3.16 -34.25 20.76
N SER K 67 -2.22 -34.18 19.77
CA SER K 67 -0.81 -33.85 20.02
C SER K 67 -0.58 -32.40 20.43
N ASP K 68 0.59 -32.13 21.08
CA ASP K 68 1.02 -30.80 21.51
C ASP K 68 1.04 -29.85 20.31
N PHE K 69 1.61 -30.34 19.18
CA PHE K 69 1.75 -29.64 17.91
C PHE K 69 0.38 -29.29 17.33
N GLU K 70 -0.52 -30.29 17.20
CA GLU K 70 -1.88 -30.15 16.69
C GLU K 70 -2.64 -28.99 17.36
N LYS K 71 -2.46 -28.83 18.68
CA LYS K 71 -3.08 -27.80 19.52
C LYS K 71 -2.64 -26.39 19.14
N VAL K 72 -1.31 -26.15 19.11
CA VAL K 72 -0.71 -24.84 18.82
C VAL K 72 -0.82 -24.44 17.34
N THR K 73 -0.56 -25.35 16.39
CA THR K 73 -0.64 -25.03 14.95
C THR K 73 -2.10 -24.85 14.49
N GLY K 74 -3.02 -25.55 15.15
CA GLY K 74 -4.44 -25.51 14.83
C GLY K 74 -4.92 -26.72 14.06
N ARG K 75 -4.02 -27.68 13.79
CA ARG K 75 -4.32 -28.93 13.07
C ARG K 75 -5.03 -29.92 14.01
N ILE K 76 -6.08 -29.43 14.68
CA ILE K 76 -6.90 -30.14 15.66
C ILE K 76 -8.38 -30.06 15.25
N ASP K 77 -9.24 -30.82 15.95
CA ASP K 77 -10.69 -30.80 15.76
C ASP K 77 -11.12 -29.39 16.17
N LYS K 78 -11.61 -28.61 15.20
CA LYS K 78 -12.00 -27.21 15.37
C LYS K 78 -13.01 -26.97 16.50
N ASN K 79 -13.78 -28.01 16.87
CA ASN K 79 -14.78 -27.97 17.95
C ASN K 79 -14.12 -27.85 19.32
N VAL K 80 -12.85 -28.35 19.45
CA VAL K 80 -12.07 -28.31 20.70
C VAL K 80 -11.92 -26.86 21.17
N SER K 81 -12.30 -26.61 22.45
CA SER K 81 -12.29 -25.32 23.14
C SER K 81 -11.01 -24.48 22.90
N PRO K 82 -11.13 -23.14 22.74
CA PRO K 82 -9.93 -22.31 22.51
C PRO K 82 -8.94 -22.33 23.67
N GLU K 83 -9.45 -22.45 24.92
CA GLU K 83 -8.62 -22.54 26.12
C GLU K 83 -7.85 -23.87 26.13
N ALA K 84 -8.42 -24.95 25.57
CA ALA K 84 -7.81 -26.26 25.46
C ALA K 84 -6.79 -26.35 24.33
N ARG K 85 -6.78 -25.36 23.40
CA ARG K 85 -5.83 -25.30 22.29
C ARG K 85 -4.38 -25.03 22.76
N HIS K 86 -4.19 -24.92 24.10
CA HIS K 86 -2.89 -24.73 24.76
C HIS K 86 -2.38 -26.14 25.16
N PRO K 87 -1.07 -26.44 25.01
CA PRO K 87 -0.57 -27.79 25.36
C PRO K 87 -0.70 -28.19 26.83
N LEU K 88 -0.75 -27.20 27.73
CA LEU K 88 -0.88 -27.44 29.17
C LEU K 88 -2.35 -27.50 29.62
N VAL K 89 -3.31 -27.31 28.68
CA VAL K 89 -4.75 -27.36 28.95
C VAL K 89 -5.37 -28.58 28.27
N ALA K 90 -5.98 -29.45 29.09
CA ALA K 90 -6.61 -30.70 28.66
C ALA K 90 -7.85 -30.52 27.81
N ALA K 91 -7.93 -31.32 26.74
CA ALA K 91 -9.05 -31.34 25.82
C ALA K 91 -9.81 -32.65 26.05
N TYR K 92 -10.67 -32.65 27.09
CA TYR K 92 -11.45 -33.83 27.48
C TYR K 92 -12.93 -33.50 27.73
N PRO K 93 -13.87 -34.42 27.38
CA PRO K 93 -15.30 -34.11 27.59
C PRO K 93 -15.87 -34.53 28.94
N ILE K 94 -16.87 -33.77 29.41
CA ILE K 94 -17.64 -33.98 30.63
C ILE K 94 -19.09 -33.61 30.25
N VAL K 95 -20.04 -34.52 30.47
CA VAL K 95 -21.44 -34.29 30.12
C VAL K 95 -22.39 -34.80 31.23
N HIS K 96 -23.31 -33.92 31.64
CA HIS K 96 -24.34 -34.15 32.64
C HIS K 96 -25.71 -33.96 32.00
N VAL K 97 -26.76 -34.58 32.57
CA VAL K 97 -28.12 -34.50 32.03
C VAL K 97 -28.91 -33.35 32.68
N ASP K 98 -29.38 -32.40 31.84
CA ASP K 98 -30.17 -31.24 32.26
C ASP K 98 -31.65 -31.50 32.01
N MET K 99 -32.44 -31.51 33.10
CA MET K 99 -33.89 -31.73 33.03
C MET K 99 -34.58 -30.37 32.90
N GLU K 100 -35.48 -30.24 31.91
CA GLU K 100 -36.19 -28.99 31.65
C GLU K 100 -37.52 -28.89 32.39
N ASN K 101 -38.29 -30.00 32.45
CA ASN K 101 -39.59 -30.10 33.10
C ASN K 101 -39.99 -31.55 33.37
N ILE K 102 -40.87 -31.76 34.36
CA ILE K 102 -41.40 -33.08 34.73
C ILE K 102 -42.91 -33.16 34.53
N ILE K 103 -43.45 -34.40 34.50
CA ILE K 103 -44.88 -34.68 34.39
C ILE K 103 -45.18 -35.99 35.10
N LEU K 104 -46.09 -35.92 36.10
CA LEU K 104 -46.47 -37.08 36.89
C LEU K 104 -47.93 -37.45 36.71
N SER K 105 -48.19 -38.76 36.50
CA SER K 105 -49.51 -39.34 36.29
C SER K 105 -49.61 -40.73 36.93
N LYS K 106 -50.86 -41.19 37.19
CA LYS K 106 -51.11 -42.52 37.75
C LYS K 106 -50.90 -43.59 36.66
N ASN K 107 -50.36 -44.76 37.04
CA ASN K 107 -50.06 -45.86 36.11
C ASN K 107 -51.28 -46.39 35.35
N GLN K 118 -56.25 -37.30 32.58
CA GLN K 118 -56.02 -36.11 31.76
C GLN K 118 -55.85 -34.86 32.63
N THR K 119 -56.67 -34.74 33.69
CA THR K 119 -56.65 -33.63 34.65
C THR K 119 -55.96 -34.04 35.98
N ARG K 120 -55.75 -35.37 36.16
CA ARG K 120 -55.08 -35.96 37.33
C ARG K 120 -53.59 -36.14 36.97
N THR K 121 -52.97 -35.06 36.43
CA THR K 121 -51.57 -35.04 35.98
C THR K 121 -50.90 -33.72 36.40
N ILE K 122 -49.87 -33.80 37.26
CA ILE K 122 -49.14 -32.62 37.70
C ILE K 122 -47.90 -32.42 36.85
N SER K 123 -47.72 -31.19 36.34
CA SER K 123 -46.57 -30.82 35.52
C SER K 123 -45.90 -29.57 36.06
N LYS K 124 -44.59 -29.66 36.37
CA LYS K 124 -43.78 -28.56 36.90
C LYS K 124 -42.45 -28.49 36.15
N ASN K 125 -41.92 -27.27 35.97
CA ASN K 125 -40.65 -27.05 35.30
C ASN K 125 -39.48 -27.28 36.24
N THR K 126 -38.43 -27.96 35.76
CA THR K 126 -37.25 -28.30 36.57
C THR K 126 -36.00 -27.52 36.17
N SER K 127 -35.13 -27.26 37.16
CA SER K 127 -33.87 -26.54 36.99
C SER K 127 -32.72 -27.47 37.37
N THR K 128 -31.76 -27.64 36.45
CA THR K 128 -30.62 -28.54 36.67
C THR K 128 -29.28 -27.81 36.51
N SER K 129 -28.32 -28.16 37.36
CA SER K 129 -26.96 -27.64 37.38
C SER K 129 -26.01 -28.76 37.78
N ARG K 130 -24.80 -28.81 37.19
CA ARG K 130 -23.82 -29.86 37.50
C ARG K 130 -23.33 -29.73 38.93
N THR K 131 -23.42 -30.83 39.69
CA THR K 131 -23.05 -30.86 41.10
C THR K 131 -21.73 -31.54 41.36
N HIS K 132 -20.89 -30.89 42.17
CA HIS K 132 -19.59 -31.37 42.58
C HIS K 132 -19.63 -31.40 44.11
N THR K 133 -20.02 -32.57 44.66
CA THR K 133 -20.21 -32.82 46.09
C THR K 133 -18.97 -32.57 46.95
N SER K 134 -19.18 -31.88 48.08
CA SER K 134 -18.18 -31.51 49.08
C SER K 134 -18.18 -32.55 50.21
N GLU K 135 -17.06 -32.64 50.96
CA GLU K 135 -16.85 -33.56 52.08
C GLU K 135 -17.79 -33.31 53.26
N SER K 160 -16.22 -37.86 38.63
CA SER K 160 -17.51 -38.36 38.15
C SER K 160 -18.48 -37.22 37.77
N ASN K 161 -19.53 -37.56 37.00
CA ASN K 161 -20.56 -36.63 36.55
C ASN K 161 -21.86 -36.91 37.30
N SER K 162 -22.37 -35.89 38.01
CA SER K 162 -23.61 -35.96 38.78
C SER K 162 -24.32 -34.59 38.77
N SER K 163 -25.63 -34.59 38.50
CA SER K 163 -26.43 -33.37 38.45
C SER K 163 -27.72 -33.49 39.25
N THR K 164 -27.99 -32.49 40.10
CA THR K 164 -29.19 -32.46 40.94
C THR K 164 -30.24 -31.52 40.34
N VAL K 165 -31.49 -32.03 40.18
CA VAL K 165 -32.61 -31.27 39.64
C VAL K 165 -33.44 -30.60 40.75
N ALA K 166 -34.30 -29.65 40.39
CA ALA K 166 -35.17 -28.95 41.34
C ALA K 166 -36.58 -28.75 40.77
N ILE K 167 -37.54 -29.53 41.28
CA ILE K 167 -38.94 -29.48 40.85
C ILE K 167 -39.62 -28.23 41.43
N ASP K 168 -40.35 -27.49 40.58
CA ASP K 168 -41.09 -26.27 40.93
C ASP K 168 -42.15 -26.55 41.99
N HIS K 169 -42.06 -25.85 43.13
CA HIS K 169 -42.98 -25.98 44.26
C HIS K 169 -44.30 -25.24 44.01
N SER K 170 -44.25 -24.17 43.19
CA SER K 170 -45.37 -23.28 42.82
C SER K 170 -46.56 -24.01 42.16
N LEU K 171 -47.77 -23.45 42.37
CA LEU K 171 -49.06 -23.97 41.87
C LEU K 171 -49.11 -24.28 40.38
N SER K 172 -49.77 -25.39 40.03
CA SER K 172 -50.02 -25.87 38.67
C SER K 172 -51.51 -25.61 38.38
N LEU K 173 -52.40 -26.17 39.22
CA LEU K 173 -53.85 -25.99 39.14
C LEU K 173 -54.23 -24.78 40.01
N ALA K 174 -55.53 -24.43 40.05
CA ALA K 174 -56.06 -23.30 40.83
C ALA K 174 -55.88 -23.51 42.34
N GLY K 175 -56.15 -24.72 42.80
CA GLY K 175 -56.03 -25.10 44.20
C GLY K 175 -55.54 -26.51 44.37
N GLU K 176 -54.43 -26.87 43.70
CA GLU K 176 -53.83 -28.21 43.79
C GLU K 176 -53.19 -28.42 45.16
N ARG K 177 -53.69 -29.42 45.90
CA ARG K 177 -53.22 -29.75 47.23
C ARG K 177 -53.00 -31.25 47.37
N THR K 178 -51.79 -31.63 47.85
CA THR K 178 -51.28 -32.99 48.04
C THR K 178 -51.20 -33.72 46.70
N TRP K 179 -49.97 -33.82 46.15
CA TRP K 179 -49.65 -34.49 44.87
C TRP K 179 -50.20 -35.93 44.83
N ALA K 180 -50.12 -36.65 45.99
CA ALA K 180 -50.60 -38.02 46.20
C ALA K 180 -52.12 -38.14 45.96
N GLU K 181 -52.85 -37.00 46.09
CA GLU K 181 -54.29 -36.91 45.90
C GLU K 181 -54.70 -36.12 44.65
N THR K 182 -53.78 -35.27 44.11
CA THR K 182 -54.01 -34.49 42.89
C THR K 182 -54.09 -35.43 41.66
N MET K 183 -53.44 -36.61 41.76
CA MET K 183 -53.42 -37.67 40.76
C MET K 183 -54.44 -38.77 41.06
N GLY K 184 -54.74 -38.96 42.36
CA GLY K 184 -55.69 -39.96 42.84
C GLY K 184 -55.02 -41.29 43.14
N LEU K 185 -53.99 -41.26 43.99
CA LEU K 185 -53.22 -42.45 44.37
C LEU K 185 -53.42 -42.84 45.83
N ASN K 186 -53.19 -44.12 46.14
CA ASN K 186 -53.26 -44.71 47.47
C ASN K 186 -52.08 -45.66 47.66
N THR K 187 -51.88 -46.18 48.90
CA THR K 187 -50.77 -47.09 49.29
C THR K 187 -50.51 -48.22 48.28
N ALA K 188 -51.59 -48.76 47.66
CA ALA K 188 -51.54 -49.82 46.66
C ALA K 188 -51.22 -49.28 45.25
N ASP K 189 -51.76 -48.09 44.89
CA ASP K 189 -51.57 -47.43 43.59
C ASP K 189 -50.13 -47.00 43.33
N THR K 190 -49.70 -47.05 42.06
CA THR K 190 -48.35 -46.67 41.62
C THR K 190 -48.38 -45.45 40.70
N ALA K 191 -47.38 -44.56 40.85
CA ALA K 191 -47.23 -43.34 40.05
C ALA K 191 -46.11 -43.50 39.02
N ARG K 192 -46.39 -43.14 37.76
CA ARG K 192 -45.41 -43.22 36.67
C ARG K 192 -44.82 -41.84 36.33
N LEU K 193 -43.49 -41.75 36.40
CA LEU K 193 -42.75 -40.51 36.12
C LEU K 193 -42.28 -40.43 34.67
N ASN K 194 -42.39 -39.22 34.09
CA ASN K 194 -41.97 -38.88 32.74
C ASN K 194 -41.46 -37.44 32.75
N ALA K 195 -40.36 -37.17 32.03
CA ALA K 195 -39.76 -35.83 32.02
C ALA K 195 -39.05 -35.50 30.70
N ASN K 196 -38.78 -34.19 30.51
CA ASN K 196 -38.05 -33.66 29.36
C ASN K 196 -36.60 -33.47 29.77
N ILE K 197 -35.69 -34.20 29.11
CA ILE K 197 -34.25 -34.20 29.40
C ILE K 197 -33.41 -33.76 28.20
N ARG K 198 -32.23 -33.19 28.48
CA ARG K 198 -31.27 -32.72 27.49
C ARG K 198 -29.83 -33.05 27.90
N TYR K 199 -29.03 -33.54 26.95
CA TYR K 199 -27.62 -33.84 27.18
C TYR K 199 -26.85 -32.56 26.89
N VAL K 200 -25.95 -32.16 27.81
CA VAL K 200 -25.19 -30.91 27.63
C VAL K 200 -23.74 -31.07 28.08
N ASN K 201 -22.80 -30.77 27.17
CA ASN K 201 -21.36 -30.87 27.44
C ASN K 201 -20.83 -29.63 28.17
N THR K 202 -20.00 -29.87 29.18
CA THR K 202 -19.35 -28.85 30.01
C THR K 202 -17.82 -28.94 29.92
N GLY K 203 -17.33 -29.96 29.20
CA GLY K 203 -15.91 -30.24 29.02
C GLY K 203 -15.18 -29.35 28.04
N THR K 204 -14.21 -29.94 27.31
CA THR K 204 -13.37 -29.25 26.34
C THR K 204 -13.26 -29.97 24.99
N ALA K 205 -13.73 -31.23 24.91
CA ALA K 205 -13.66 -32.06 23.71
C ALA K 205 -15.03 -32.55 23.20
N PRO K 206 -15.19 -32.83 21.89
CA PRO K 206 -16.51 -33.27 21.40
C PRO K 206 -16.72 -34.78 21.27
N ILE K 207 -17.97 -35.23 21.51
CA ILE K 207 -18.39 -36.62 21.35
C ILE K 207 -19.20 -36.65 20.06
N TYR K 208 -18.81 -37.53 19.13
CA TYR K 208 -19.40 -37.59 17.79
C TYR K 208 -20.52 -38.61 17.59
N ASN K 209 -20.69 -39.59 18.49
CA ASN K 209 -21.75 -40.58 18.28
C ASN K 209 -22.42 -41.07 19.57
N VAL K 210 -21.96 -42.22 20.13
CA VAL K 210 -22.49 -42.90 21.31
C VAL K 210 -22.57 -41.99 22.53
N LEU K 211 -23.77 -41.92 23.13
CA LEU K 211 -24.06 -41.13 24.31
C LEU K 211 -23.80 -41.93 25.58
N PRO K 212 -23.30 -41.29 26.66
CA PRO K 212 -23.04 -42.04 27.90
C PRO K 212 -24.31 -42.49 28.61
N THR K 213 -24.17 -43.52 29.46
CA THR K 213 -25.28 -44.06 30.24
C THR K 213 -25.50 -43.19 31.47
N THR K 214 -26.78 -42.91 31.78
CA THR K 214 -27.16 -42.10 32.94
C THR K 214 -28.20 -42.83 33.78
N SER K 215 -28.27 -42.49 35.08
CA SER K 215 -29.23 -43.13 36.00
C SER K 215 -29.90 -42.11 36.92
N LEU K 216 -31.25 -42.14 36.96
CA LEU K 216 -32.04 -41.24 37.82
C LEU K 216 -32.14 -41.87 39.20
N VAL K 217 -31.65 -41.15 40.23
CA VAL K 217 -31.60 -41.61 41.63
C VAL K 217 -32.49 -40.76 42.55
N LEU K 218 -33.41 -41.43 43.27
CA LEU K 218 -34.29 -40.81 44.24
C LEU K 218 -33.56 -40.78 45.58
N GLY K 219 -33.42 -39.59 46.14
CA GLY K 219 -32.77 -39.39 47.42
C GLY K 219 -31.26 -39.61 47.41
N LYS K 220 -30.82 -40.79 47.85
CA LYS K 220 -29.39 -41.12 47.95
C LYS K 220 -28.91 -42.26 47.05
N ASN K 221 -29.60 -43.41 47.09
CA ASN K 221 -29.20 -44.61 46.35
C ASN K 221 -30.33 -45.30 45.57
N GLN K 222 -31.60 -44.94 45.86
CA GLN K 222 -32.80 -45.51 45.23
C GLN K 222 -32.82 -45.24 43.72
N THR K 223 -32.18 -46.14 42.95
CA THR K 223 -32.07 -46.06 41.49
C THR K 223 -33.43 -46.30 40.83
N LEU K 224 -34.03 -45.23 40.29
CA LEU K 224 -35.34 -45.27 39.64
C LEU K 224 -35.28 -45.89 38.25
N ALA K 225 -34.49 -45.30 37.34
CA ALA K 225 -34.34 -45.77 35.96
C ALA K 225 -32.97 -45.44 35.38
N THR K 226 -32.53 -46.25 34.40
CA THR K 226 -31.27 -46.10 33.68
C THR K 226 -31.56 -45.73 32.22
N ILE K 227 -31.12 -44.53 31.80
CA ILE K 227 -31.36 -44.00 30.46
C ILE K 227 -30.09 -44.04 29.60
N LYS K 228 -30.24 -44.47 28.34
CA LYS K 228 -29.19 -44.55 27.34
C LYS K 228 -29.81 -44.62 25.95
N ALA K 229 -29.43 -43.67 25.06
CA ALA K 229 -29.95 -43.61 23.69
C ALA K 229 -29.26 -44.65 22.81
N LEU K 234 -27.17 -43.15 16.54
CA LEU K 234 -27.13 -41.73 16.20
C LEU K 234 -25.70 -41.25 15.86
N SER K 235 -25.60 -40.12 15.14
CA SER K 235 -24.32 -39.50 14.74
C SER K 235 -24.35 -37.96 14.88
N GLN K 236 -25.19 -37.45 15.80
CA GLN K 236 -25.31 -36.01 16.08
C GLN K 236 -24.13 -35.58 16.95
N ILE K 237 -23.44 -34.51 16.55
CA ILE K 237 -22.24 -33.98 17.22
C ILE K 237 -22.57 -33.16 18.47
N LEU K 238 -21.96 -33.56 19.60
CA LEU K 238 -22.09 -32.86 20.87
C LEU K 238 -20.86 -31.99 21.02
N ALA K 239 -21.04 -30.68 20.78
CA ALA K 239 -19.96 -29.69 20.83
C ALA K 239 -19.71 -29.20 22.26
N PRO K 240 -18.44 -28.91 22.66
CA PRO K 240 -18.19 -28.40 24.02
C PRO K 240 -18.89 -27.06 24.23
N ASN K 241 -19.54 -26.92 25.42
CA ASN K 241 -20.33 -25.76 25.84
C ASN K 241 -21.55 -25.54 24.90
N ASN K 242 -22.13 -26.66 24.42
CA ASN K 242 -23.29 -26.69 23.53
C ASN K 242 -24.19 -27.89 23.83
N TYR K 243 -25.51 -27.69 23.79
CA TYR K 243 -26.54 -28.71 24.05
C TYR K 243 -26.64 -29.74 22.91
N TYR K 244 -26.89 -31.03 23.25
CA TYR K 244 -27.08 -32.11 22.28
C TYR K 244 -28.41 -31.92 21.54
N PRO K 245 -29.61 -31.93 22.20
CA PRO K 245 -30.83 -31.64 21.45
C PRO K 245 -30.93 -30.11 21.39
N SER K 246 -30.17 -29.52 20.45
CA SER K 246 -30.01 -28.08 20.22
C SER K 246 -31.28 -27.29 20.50
N LYS K 247 -31.13 -26.17 21.22
CA LYS K 247 -32.20 -25.28 21.63
C LYS K 247 -33.21 -24.90 20.52
N ASN K 248 -32.75 -24.88 19.25
CA ASN K 248 -33.58 -24.58 18.08
C ASN K 248 -34.52 -25.75 17.68
N LEU K 249 -34.24 -26.96 18.22
CA LEU K 249 -35.00 -28.19 17.97
C LEU K 249 -35.67 -28.67 19.29
N ALA K 250 -36.60 -29.64 19.17
CA ALA K 250 -37.32 -30.20 20.32
C ALA K 250 -36.42 -31.11 21.20
N PRO K 251 -36.63 -31.16 22.54
CA PRO K 251 -35.78 -32.02 23.41
C PRO K 251 -36.19 -33.50 23.40
N ILE K 252 -35.67 -34.30 24.35
CA ILE K 252 -35.97 -35.74 24.47
C ILE K 252 -36.78 -36.08 25.71
N ALA K 253 -37.79 -36.97 25.56
CA ALA K 253 -38.66 -37.44 26.63
C ALA K 253 -38.11 -38.73 27.27
N LEU K 254 -38.77 -39.24 28.32
CA LEU K 254 -38.30 -40.45 29.02
C LEU K 254 -39.21 -41.65 28.85
N ASN K 255 -38.76 -42.62 28.01
CA ASN K 255 -39.41 -43.90 27.68
C ASN K 255 -40.93 -43.79 27.40
N SER K 262 -39.22 -48.17 25.91
CA SER K 262 -40.29 -49.17 25.90
C SER K 262 -41.21 -49.06 27.14
N THR K 263 -40.64 -49.22 28.36
CA THR K 263 -41.37 -49.14 29.63
C THR K 263 -40.97 -47.89 30.45
N PRO K 264 -41.94 -47.03 30.87
CA PRO K 264 -41.55 -45.82 31.63
C PRO K 264 -41.13 -46.11 33.07
N ILE K 265 -40.67 -45.05 33.77
CA ILE K 265 -40.22 -45.12 35.17
C ILE K 265 -41.41 -45.44 36.08
N THR K 266 -41.26 -46.41 36.98
CA THR K 266 -42.30 -46.83 37.92
C THR K 266 -41.91 -46.50 39.35
N MET K 267 -42.82 -45.86 40.08
CA MET K 267 -42.63 -45.43 41.45
C MET K 267 -43.83 -45.81 42.31
N ASN K 268 -43.57 -46.36 43.50
CA ASN K 268 -44.62 -46.75 44.47
C ASN K 268 -45.10 -45.52 45.26
N TYR K 269 -46.26 -45.65 45.95
CA TYR K 269 -46.86 -44.58 46.75
C TYR K 269 -45.94 -44.04 47.83
N ASN K 270 -45.24 -44.95 48.55
CA ASN K 270 -44.32 -44.64 49.64
C ASN K 270 -43.08 -43.85 49.17
N GLN K 271 -42.55 -44.18 47.99
CA GLN K 271 -41.42 -43.48 47.37
C GLN K 271 -41.86 -42.16 46.77
N PHE K 272 -43.14 -42.07 46.35
CA PHE K 272 -43.73 -40.87 45.75
C PHE K 272 -43.85 -39.74 46.77
N LEU K 273 -44.12 -40.10 48.04
CA LEU K 273 -44.24 -39.14 49.15
C LEU K 273 -42.88 -38.55 49.51
N GLU K 274 -41.79 -39.30 49.17
CA GLU K 274 -40.39 -38.91 49.36
C GLU K 274 -40.00 -37.82 48.34
N LEU K 275 -40.56 -37.90 47.11
CA LEU K 275 -40.39 -36.96 46.01
C LEU K 275 -41.23 -35.70 46.23
N GLU K 276 -42.44 -35.85 46.82
CA GLU K 276 -43.35 -34.76 47.13
C GLU K 276 -42.77 -33.89 48.27
N LYS K 277 -42.08 -34.53 49.24
CA LYS K 277 -41.46 -33.92 50.42
C LYS K 277 -40.15 -33.19 50.09
N THR K 278 -39.33 -33.76 49.18
CA THR K 278 -38.03 -33.19 48.79
C THR K 278 -38.12 -32.24 47.59
N LYS K 279 -38.98 -32.57 46.59
CA LYS K 279 -39.18 -31.84 45.33
C LYS K 279 -37.85 -31.70 44.55
N GLN K 280 -37.03 -32.78 44.57
CA GLN K 280 -35.72 -32.88 43.91
C GLN K 280 -35.29 -34.33 43.65
N LEU K 281 -34.46 -34.52 42.61
CA LEU K 281 -33.90 -35.81 42.19
C LEU K 281 -32.41 -35.67 41.83
N ARG K 282 -31.73 -36.81 41.55
CA ARG K 282 -30.32 -36.85 41.17
C ARG K 282 -30.13 -37.59 39.83
N LEU K 283 -29.13 -37.16 39.05
CA LEU K 283 -28.79 -37.74 37.74
C LEU K 283 -27.30 -38.06 37.66
N ASP K 284 -26.96 -39.35 37.81
CA ASP K 284 -25.59 -39.84 37.75
C ASP K 284 -25.25 -40.38 36.36
N THR K 285 -24.37 -39.67 35.63
CA THR K 285 -23.93 -40.02 34.28
C THR K 285 -22.48 -40.50 34.30
N ASP K 286 -22.19 -41.59 33.56
CA ASP K 286 -20.84 -42.15 33.48
C ASP K 286 -19.97 -41.40 32.45
N GLN K 287 -18.66 -41.69 32.46
CA GLN K 287 -17.70 -41.05 31.55
C GLN K 287 -17.38 -41.89 30.30
N VAL K 288 -18.15 -42.97 30.03
CA VAL K 288 -17.96 -43.79 28.82
C VAL K 288 -18.60 -43.07 27.62
N TYR K 289 -17.77 -42.60 26.69
CA TYR K 289 -18.23 -41.85 25.52
C TYR K 289 -17.86 -42.51 24.19
N GLY K 290 -18.44 -42.00 23.10
CA GLY K 290 -18.20 -42.48 21.74
C GLY K 290 -16.79 -42.21 21.25
N ASN K 291 -16.40 -42.90 20.17
CA ASN K 291 -15.07 -42.81 19.56
C ASN K 291 -14.64 -41.37 19.25
N ILE K 292 -13.32 -41.10 19.32
CA ILE K 292 -12.74 -39.78 19.09
C ILE K 292 -12.35 -39.57 17.64
N ALA K 293 -12.69 -38.39 17.10
CA ALA K 293 -12.35 -38.01 15.73
C ALA K 293 -10.96 -37.39 15.74
N THR K 294 -10.03 -37.97 14.96
CA THR K 294 -8.64 -37.53 14.88
C THR K 294 -8.30 -36.86 13.54
N TYR K 295 -7.26 -36.01 13.57
CA TYR K 295 -6.74 -35.28 12.42
C TYR K 295 -5.64 -36.10 11.73
N ASN K 296 -5.59 -36.03 10.38
CA ASN K 296 -4.59 -36.69 9.56
C ASN K 296 -3.87 -35.63 8.72
N PHE K 297 -2.57 -35.44 9.02
CA PHE K 297 -1.64 -34.44 8.47
C PHE K 297 -1.59 -34.31 6.95
N GLU K 298 -1.35 -35.42 6.23
CA GLU K 298 -1.22 -35.46 4.76
C GLU K 298 -2.46 -35.03 3.99
N ASN K 299 -3.67 -35.33 4.51
CA ASN K 299 -4.91 -34.97 3.81
C ASN K 299 -5.72 -33.86 4.51
N GLY K 300 -5.19 -33.31 5.61
CA GLY K 300 -5.80 -32.24 6.39
C GLY K 300 -7.29 -32.36 6.63
N ARG K 301 -7.75 -33.58 6.99
CA ARG K 301 -9.16 -33.90 7.22
C ARG K 301 -9.35 -34.72 8.50
N VAL K 302 -10.38 -34.37 9.27
CA VAL K 302 -10.75 -35.02 10.52
C VAL K 302 -11.67 -36.22 10.23
N ARG K 303 -11.28 -37.41 10.70
CA ARG K 303 -12.03 -38.66 10.55
C ARG K 303 -12.23 -39.35 11.93
N VAL K 304 -13.41 -39.96 12.15
CA VAL K 304 -13.76 -40.68 13.39
C VAL K 304 -12.98 -42.00 13.45
N ASP K 305 -11.99 -42.08 14.36
CA ASP K 305 -11.16 -43.25 14.53
C ASP K 305 -11.84 -44.28 15.42
N THR K 306 -12.17 -45.44 14.84
CA THR K 306 -12.83 -46.56 15.52
C THR K 306 -11.92 -47.23 16.57
N GLY K 307 -10.62 -47.14 16.36
CA GLY K 307 -9.60 -47.72 17.24
C GLY K 307 -9.51 -47.04 18.59
N SER K 308 -9.25 -45.72 18.60
CA SER K 308 -9.12 -44.95 19.83
C SER K 308 -10.44 -44.40 20.33
N ASN K 309 -10.83 -44.82 21.55
CA ASN K 309 -12.06 -44.43 22.24
C ASN K 309 -11.72 -43.59 23.46
N TRP K 310 -12.70 -42.82 23.99
CA TRP K 310 -12.50 -41.96 25.17
C TRP K 310 -12.26 -42.77 26.45
N SER K 311 -12.81 -44.02 26.50
CA SER K 311 -12.73 -44.97 27.62
C SER K 311 -11.33 -45.26 28.14
N GLU K 312 -10.36 -45.48 27.23
CA GLU K 312 -8.96 -45.76 27.58
C GLU K 312 -8.09 -44.49 27.66
N VAL K 313 -8.57 -43.36 27.08
CA VAL K 313 -7.87 -42.07 27.05
C VAL K 313 -8.67 -40.97 27.81
N LEU K 314 -9.04 -41.27 29.07
CA LEU K 314 -9.72 -40.40 30.04
C LEU K 314 -9.19 -40.66 31.46
N PRO K 315 -8.95 -41.94 31.92
CA PRO K 315 -8.34 -42.13 33.25
C PRO K 315 -6.84 -41.76 33.24
N GLN K 316 -6.24 -41.61 32.04
CA GLN K 316 -4.85 -41.20 31.80
C GLN K 316 -4.66 -39.73 32.21
N ILE K 317 -5.66 -38.88 31.89
CA ILE K 317 -5.67 -37.43 32.19
C ILE K 317 -5.90 -37.19 33.69
N GLN K 318 -6.87 -37.89 34.31
CA GLN K 318 -7.24 -37.78 35.74
C GLN K 318 -6.17 -38.36 36.72
N GLU K 319 -4.99 -38.75 36.20
CA GLU K 319 -3.86 -39.29 36.95
C GLU K 319 -2.59 -38.47 36.76
N THR K 320 -2.61 -37.49 35.82
CA THR K 320 -1.46 -36.63 35.51
C THR K 320 -1.74 -35.15 35.68
N THR K 321 -2.95 -34.69 35.26
CA THR K 321 -3.37 -33.28 35.33
C THR K 321 -4.02 -32.95 36.68
N ALA K 322 -4.19 -31.65 36.98
CA ALA K 322 -4.81 -31.18 38.22
C ALA K 322 -6.19 -30.58 37.95
N ARG K 323 -7.19 -30.93 38.79
CA ARG K 323 -8.58 -30.46 38.66
C ARG K 323 -8.85 -29.15 39.39
N ILE K 324 -9.15 -28.09 38.64
CA ILE K 324 -9.52 -26.78 39.17
C ILE K 324 -10.95 -26.44 38.76
N ILE K 325 -11.82 -26.18 39.76
CA ILE K 325 -13.24 -25.84 39.59
C ILE K 325 -13.43 -24.32 39.74
N PHE K 326 -14.19 -23.69 38.81
CA PHE K 326 -14.46 -22.26 38.83
C PHE K 326 -15.83 -21.87 38.26
N ASN K 327 -16.47 -20.86 38.88
CA ASN K 327 -17.79 -20.37 38.47
C ASN K 327 -17.83 -18.83 38.35
N GLY K 328 -16.90 -18.28 37.56
CA GLY K 328 -16.79 -16.86 37.32
C GLY K 328 -17.88 -16.28 36.45
N LYS K 329 -17.90 -16.67 35.16
CA LYS K 329 -18.87 -16.23 34.15
C LYS K 329 -20.33 -16.51 34.57
N ASP K 330 -20.56 -17.71 35.12
CA ASP K 330 -21.86 -18.15 35.62
C ASP K 330 -21.66 -18.98 36.85
N LEU K 331 -22.61 -18.95 37.78
CA LEU K 331 -22.55 -19.68 39.05
C LEU K 331 -22.80 -21.21 38.89
N ASN K 332 -22.24 -21.79 37.82
CA ASN K 332 -22.29 -23.21 37.48
C ASN K 332 -20.87 -23.77 37.56
N LEU K 333 -20.70 -24.94 38.22
CA LEU K 333 -19.41 -25.59 38.44
C LEU K 333 -18.77 -26.11 37.15
N VAL K 334 -17.63 -25.51 36.76
CA VAL K 334 -16.88 -25.84 35.54
C VAL K 334 -15.61 -26.64 35.88
N GLU K 335 -15.45 -27.83 35.27
CA GLU K 335 -14.30 -28.71 35.47
C GLU K 335 -13.29 -28.54 34.32
N ARG K 336 -12.07 -28.11 34.66
CA ARG K 336 -10.98 -27.90 33.71
C ARG K 336 -9.69 -28.47 34.32
N ARG K 337 -8.98 -29.34 33.58
CA ARG K 337 -7.75 -29.95 34.10
C ARG K 337 -6.48 -29.40 33.44
N ILE K 338 -5.45 -29.08 34.26
CA ILE K 338 -4.17 -28.50 33.81
C ILE K 338 -3.01 -29.48 34.00
N ALA K 339 -2.17 -29.64 32.95
CA ALA K 339 -0.99 -30.50 32.90
C ALA K 339 -0.02 -30.19 34.04
N ALA K 340 -0.10 -30.98 35.12
CA ALA K 340 0.68 -30.79 36.35
C ALA K 340 1.88 -31.71 36.51
N VAL K 341 2.88 -31.27 37.29
CA VAL K 341 4.09 -32.02 37.57
C VAL K 341 3.89 -33.08 38.65
N ASN K 342 4.57 -34.22 38.51
CA ASN K 342 4.48 -35.31 39.47
C ASN K 342 5.87 -35.84 39.79
N PRO K 343 6.22 -35.91 41.10
CA PRO K 343 7.58 -36.35 41.46
C PRO K 343 7.84 -37.85 41.31
N SER K 344 6.80 -38.68 41.54
CA SER K 344 6.89 -40.14 41.45
C SER K 344 7.26 -40.61 40.05
N ASP K 345 6.52 -40.11 39.03
CA ASP K 345 6.76 -40.48 37.64
C ASP K 345 7.77 -39.54 36.96
N PRO K 346 8.85 -40.08 36.36
CA PRO K 346 9.85 -39.22 35.71
C PRO K 346 9.37 -38.59 34.40
N LEU K 347 8.49 -39.29 33.67
CA LEU K 347 7.92 -38.81 32.41
C LEU K 347 7.02 -37.60 32.66
N GLU K 348 6.45 -37.52 33.88
CA GLU K 348 5.60 -36.42 34.35
C GLU K 348 6.43 -35.23 34.82
N THR K 349 7.72 -35.47 35.09
CA THR K 349 8.66 -34.45 35.53
C THR K 349 9.16 -33.67 34.30
N THR K 350 8.98 -34.25 33.10
CA THR K 350 9.34 -33.69 31.80
C THR K 350 8.41 -32.51 31.45
N LYS K 351 7.19 -32.50 32.03
CA LYS K 351 6.16 -31.48 31.85
C LYS K 351 6.62 -30.18 32.53
N PRO K 352 6.41 -28.99 31.91
CA PRO K 352 6.85 -27.75 32.56
C PRO K 352 6.18 -27.50 33.90
N ASP K 353 6.96 -26.95 34.86
CA ASP K 353 6.54 -26.62 36.22
C ASP K 353 5.32 -25.71 36.21
N MET K 354 4.26 -26.11 36.93
CA MET K 354 3.03 -25.34 36.94
C MET K 354 2.86 -24.46 38.16
N THR K 355 2.43 -23.22 37.89
CA THR K 355 2.15 -22.16 38.88
C THR K 355 0.64 -21.92 38.90
N LEU K 356 0.10 -21.52 40.06
CA LEU K 356 -1.32 -21.22 40.25
C LEU K 356 -1.75 -20.05 39.37
N LYS K 357 -0.87 -19.05 39.22
CA LYS K 357 -1.06 -17.83 38.43
C LYS K 357 -1.31 -18.15 36.95
N GLU K 358 -0.30 -18.73 36.26
CA GLU K 358 -0.37 -19.07 34.84
C GLU K 358 -1.45 -20.10 34.49
N ALA K 359 -1.68 -21.10 35.37
CA ALA K 359 -2.68 -22.16 35.16
C ALA K 359 -4.10 -21.59 35.08
N LEU K 360 -4.45 -20.72 36.03
CA LEU K 360 -5.76 -20.06 36.11
C LEU K 360 -6.04 -19.18 34.88
N LYS K 361 -4.98 -18.55 34.34
CA LYS K 361 -5.02 -17.68 33.16
C LYS K 361 -5.35 -18.47 31.89
N ILE K 362 -4.67 -19.60 31.67
CA ILE K 362 -4.83 -20.45 30.47
C ILE K 362 -6.06 -21.37 30.56
N ALA K 363 -6.51 -21.72 31.78
CA ALA K 363 -7.66 -22.62 31.97
C ALA K 363 -9.03 -21.95 31.89
N PHE K 364 -9.14 -20.70 32.36
CA PHE K 364 -10.44 -20.02 32.38
C PHE K 364 -10.44 -18.69 31.64
N GLY K 365 -9.39 -17.90 31.81
CA GLY K 365 -9.26 -16.61 31.14
C GLY K 365 -8.92 -15.46 32.08
N PHE K 366 -8.09 -15.74 33.11
CA PHE K 366 -7.65 -14.73 34.07
C PHE K 366 -6.65 -13.79 33.40
N ASN K 367 -6.68 -12.50 33.79
CA ASN K 367 -5.78 -11.48 33.25
C ASN K 367 -4.97 -10.80 34.34
N GLU K 368 -3.73 -10.41 34.01
CA GLU K 368 -2.81 -9.74 34.92
C GLU K 368 -2.61 -8.29 34.42
N PRO K 369 -3.49 -7.33 34.79
CA PRO K 369 -3.33 -5.95 34.29
C PRO K 369 -2.35 -5.08 35.07
N ASN K 370 -2.48 -5.05 36.41
CA ASN K 370 -1.62 -4.28 37.30
C ASN K 370 -0.47 -5.16 37.80
N GLY K 371 -0.83 -6.35 38.27
CA GLY K 371 0.05 -7.37 38.83
C GLY K 371 -0.79 -8.40 39.55
N ASN K 372 -1.96 -7.96 40.06
CA ASN K 372 -2.94 -8.77 40.75
C ASN K 372 -3.82 -9.48 39.72
N LEU K 373 -4.10 -10.76 39.94
CA LEU K 373 -4.91 -11.56 39.03
C LEU K 373 -6.40 -11.23 39.18
N GLN K 374 -7.11 -11.14 38.05
CA GLN K 374 -8.54 -10.83 38.03
C GLN K 374 -9.27 -11.45 36.83
N TYR K 375 -10.47 -12.00 37.09
CA TYR K 375 -11.30 -12.65 36.09
C TYR K 375 -12.33 -11.69 35.50
N GLN K 376 -12.02 -11.14 34.31
CA GLN K 376 -12.85 -10.20 33.53
C GLN K 376 -13.21 -8.90 34.31
N GLY K 377 -12.56 -8.69 35.45
CA GLY K 377 -12.77 -7.55 36.33
C GLY K 377 -12.75 -7.91 37.81
N LYS K 378 -13.42 -9.03 38.17
CA LYS K 378 -13.51 -9.55 39.54
C LYS K 378 -12.13 -10.01 40.02
N ASP K 379 -11.61 -9.37 41.09
CA ASP K 379 -10.29 -9.66 41.66
C ASP K 379 -10.19 -11.08 42.23
N ILE K 380 -8.95 -11.63 42.32
CA ILE K 380 -8.66 -12.98 42.84
C ILE K 380 -9.11 -13.12 44.32
N THR K 381 -8.98 -12.03 45.10
CA THR K 381 -9.34 -11.94 46.52
C THR K 381 -10.86 -12.08 46.74
N GLU K 382 -11.67 -11.70 45.72
CA GLU K 382 -13.12 -11.80 45.72
C GLU K 382 -13.60 -13.27 45.61
N PHE K 383 -12.65 -14.20 45.33
CA PHE K 383 -12.93 -15.63 45.20
C PHE K 383 -12.33 -16.45 46.34
N ASP K 384 -13.11 -17.43 46.80
CA ASP K 384 -12.78 -18.35 47.89
C ASP K 384 -11.90 -19.50 47.40
N PHE K 385 -10.97 -19.94 48.26
CA PHE K 385 -10.05 -21.04 47.97
C PHE K 385 -10.34 -22.28 48.83
N ASN K 386 -10.69 -23.40 48.16
CA ASN K 386 -11.01 -24.66 48.82
C ASN K 386 -10.21 -25.82 48.22
N PHE K 387 -9.74 -26.74 49.08
CA PHE K 387 -8.95 -27.90 48.67
C PHE K 387 -9.36 -29.15 49.45
N ASP K 388 -8.77 -30.32 49.12
CA ASP K 388 -9.05 -31.58 49.80
C ASP K 388 -8.08 -31.79 50.99
N GLN K 389 -7.87 -33.05 51.40
CA GLN K 389 -6.98 -33.43 52.50
C GLN K 389 -5.52 -33.20 52.14
N GLN K 390 -5.03 -33.90 51.11
CA GLN K 390 -3.65 -33.88 50.63
C GLN K 390 -3.27 -32.63 49.83
N THR K 391 -4.23 -32.02 49.09
CA THR K 391 -4.00 -30.81 48.29
C THR K 391 -3.69 -29.62 49.21
N SER K 392 -4.54 -29.38 50.23
CA SER K 392 -4.37 -28.29 51.20
C SER K 392 -3.09 -28.49 52.03
N GLN K 393 -2.77 -29.75 52.38
CA GLN K 393 -1.58 -30.12 53.16
C GLN K 393 -0.30 -29.87 52.35
N ASN K 394 -0.35 -30.09 51.02
CA ASN K 394 0.78 -29.86 50.11
C ASN K 394 1.07 -28.36 50.01
N ILE K 395 0.01 -27.53 49.94
CA ILE K 395 0.11 -26.07 49.86
C ILE K 395 0.49 -25.50 51.25
N LYS K 396 0.05 -26.17 52.34
CA LYS K 396 0.35 -25.79 53.74
C LYS K 396 1.87 -25.72 53.96
N ASN K 397 2.60 -26.73 53.46
CA ASN K 397 4.07 -26.82 53.55
C ASN K 397 4.72 -25.70 52.76
N GLN K 398 4.19 -25.41 51.54
CA GLN K 398 4.68 -24.37 50.64
C GLN K 398 4.54 -22.97 51.26
N LEU K 399 3.36 -22.66 51.85
CA LEU K 399 3.06 -21.36 52.50
C LEU K 399 3.99 -21.06 53.67
N ALA K 400 4.47 -22.09 54.38
CA ALA K 400 5.39 -21.98 55.50
C ALA K 400 6.83 -21.76 54.99
N GLU K 401 7.19 -22.42 53.86
CA GLU K 401 8.50 -22.31 53.21
C GLU K 401 8.63 -20.95 52.51
N LEU K 402 7.51 -20.42 52.00
CA LEU K 402 7.43 -19.11 51.33
C LEU K 402 7.18 -17.99 52.37
N ASN K 403 6.95 -18.41 53.65
CA ASN K 403 6.69 -17.59 54.85
C ASN K 403 5.33 -16.89 54.85
N ALA K 404 4.91 -16.31 53.70
CA ALA K 404 3.62 -15.61 53.57
C ALA K 404 2.46 -16.57 53.78
N THR K 405 1.66 -16.31 54.83
CA THR K 405 0.51 -17.13 55.24
C THR K 405 -0.70 -16.98 54.30
N ASN K 406 -0.77 -15.85 53.57
CA ASN K 406 -1.87 -15.58 52.63
C ASN K 406 -1.57 -16.18 51.25
N ILE K 407 -2.55 -16.89 50.69
CA ILE K 407 -2.46 -17.54 49.38
C ILE K 407 -2.39 -16.53 48.22
N TYR K 408 -3.04 -15.36 48.36
CA TYR K 408 -3.07 -14.30 47.36
C TYR K 408 -1.72 -13.56 47.21
N THR K 409 -0.88 -13.61 48.27
CA THR K 409 0.45 -12.98 48.33
C THR K 409 1.44 -13.75 47.44
N VAL K 410 1.63 -15.06 47.73
CA VAL K 410 2.54 -15.96 47.01
C VAL K 410 1.82 -16.69 45.85
N LEU K 411 0.73 -16.10 45.33
CA LEU K 411 -0.14 -16.56 44.23
C LEU K 411 0.65 -17.04 42.99
N ASP K 412 1.70 -16.28 42.62
CA ASP K 412 2.59 -16.52 41.49
C ASP K 412 3.70 -17.56 41.77
N LYS K 413 3.87 -17.96 43.04
CA LYS K 413 4.90 -18.92 43.45
C LYS K 413 4.35 -20.26 43.96
N ILE K 414 3.02 -20.41 44.08
CA ILE K 414 2.41 -21.67 44.53
C ILE K 414 2.47 -22.72 43.41
N LYS K 415 3.23 -23.81 43.65
CA LYS K 415 3.42 -24.90 42.70
C LYS K 415 2.24 -25.86 42.69
N LEU K 416 1.87 -26.33 41.50
CA LEU K 416 0.77 -27.28 41.31
C LEU K 416 1.28 -28.67 41.02
N ASN K 417 0.77 -29.66 41.76
CA ASN K 417 1.13 -31.08 41.62
C ASN K 417 -0.01 -31.91 41.00
N ALA K 418 0.31 -33.17 40.62
CA ALA K 418 -0.62 -34.11 39.99
C ALA K 418 -1.72 -34.64 40.92
N LYS K 419 -2.84 -35.11 40.31
CA LYS K 419 -4.04 -35.69 40.95
C LYS K 419 -4.75 -34.74 41.93
N MET K 420 -4.31 -33.46 41.97
CA MET K 420 -4.84 -32.40 42.83
C MET K 420 -6.28 -32.03 42.50
N ASN K 421 -7.04 -31.60 43.52
CA ASN K 421 -8.42 -31.16 43.39
C ASN K 421 -8.66 -29.86 44.16
N ILE K 422 -8.80 -28.77 43.39
CA ILE K 422 -8.95 -27.38 43.85
C ILE K 422 -10.33 -26.84 43.45
N LEU K 423 -11.06 -26.25 44.42
CA LEU K 423 -12.39 -25.67 44.21
C LEU K 423 -12.38 -24.17 44.49
N ILE K 424 -12.67 -23.36 43.46
CA ILE K 424 -12.71 -21.91 43.55
C ILE K 424 -14.13 -21.43 43.31
N ARG K 425 -14.71 -20.79 44.31
CA ARG K 425 -16.10 -20.29 44.28
C ARG K 425 -16.19 -18.81 44.69
N ASP K 426 -17.21 -18.09 44.15
CA ASP K 426 -17.43 -16.66 44.43
C ASP K 426 -17.85 -16.46 45.89
N LYS K 427 -17.13 -15.56 46.60
CA LYS K 427 -17.38 -15.26 48.01
C LYS K 427 -18.75 -14.59 48.26
N ARG K 428 -19.32 -13.94 47.22
CA ARG K 428 -20.61 -13.22 47.25
C ARG K 428 -21.79 -14.10 47.71
N PHE K 429 -21.79 -15.38 47.29
CA PHE K 429 -22.86 -16.31 47.57
C PHE K 429 -22.52 -17.39 48.59
N HIS K 430 -23.55 -18.10 49.07
CA HIS K 430 -23.45 -19.21 50.02
C HIS K 430 -23.51 -20.53 49.25
N TYR K 431 -22.83 -21.56 49.76
CA TYR K 431 -22.76 -22.86 49.10
C TYR K 431 -23.16 -24.03 49.98
N ASP K 432 -23.94 -24.96 49.40
CA ASP K 432 -24.44 -26.17 50.05
C ASP K 432 -23.43 -27.34 49.98
N ARG K 433 -23.88 -28.57 50.27
CA ARG K 433 -23.05 -29.78 50.23
C ARG K 433 -22.69 -30.19 48.80
N ASN K 434 -23.49 -29.73 47.80
CA ASN K 434 -23.26 -29.98 46.37
C ASN K 434 -22.47 -28.85 45.69
N ASN K 435 -22.02 -27.85 46.50
CA ASN K 435 -21.23 -26.68 46.11
C ASN K 435 -21.90 -25.79 45.03
N ILE K 436 -23.24 -25.63 45.10
CA ILE K 436 -23.98 -24.78 44.17
C ILE K 436 -24.52 -23.54 44.86
N ALA K 437 -24.60 -22.41 44.12
CA ALA K 437 -25.09 -21.12 44.62
C ALA K 437 -26.54 -21.20 45.10
N VAL K 438 -26.75 -21.07 46.43
CA VAL K 438 -28.08 -21.19 47.06
C VAL K 438 -28.68 -19.83 47.49
N GLY K 439 -27.90 -19.03 48.20
CA GLY K 439 -28.30 -17.72 48.68
C GLY K 439 -27.15 -16.74 48.78
N ALA K 440 -27.42 -15.54 49.32
CA ALA K 440 -26.43 -14.48 49.51
C ALA K 440 -26.79 -13.54 50.67
N ASP K 441 -25.87 -12.62 51.06
CA ASP K 441 -26.05 -11.64 52.14
C ASP K 441 -27.12 -10.62 51.73
N GLU K 442 -28.01 -10.25 52.67
CA GLU K 442 -29.11 -9.28 52.48
C GLU K 442 -28.69 -8.04 51.71
N SER K 443 -27.48 -7.53 52.00
CA SER K 443 -26.85 -6.36 51.39
C SER K 443 -26.62 -6.56 49.89
N VAL K 444 -26.06 -7.73 49.50
CA VAL K 444 -25.74 -8.09 48.11
C VAL K 444 -26.99 -8.16 47.22
N VAL K 445 -28.11 -8.66 47.78
CA VAL K 445 -29.40 -8.78 47.08
C VAL K 445 -29.98 -7.39 46.77
N LYS K 446 -29.86 -6.44 47.71
CA LYS K 446 -30.33 -5.06 47.60
C LYS K 446 -29.62 -4.25 46.51
N GLU K 447 -28.36 -4.64 46.17
CA GLU K 447 -27.55 -3.98 45.15
C GLU K 447 -28.04 -4.20 43.73
N ALA K 448 -28.50 -5.43 43.42
CA ALA K 448 -29.01 -5.79 42.09
C ALA K 448 -30.43 -5.29 41.84
N HIS K 449 -31.25 -5.18 42.91
CA HIS K 449 -32.64 -4.72 42.85
C HIS K 449 -32.80 -3.19 43.06
N ARG K 450 -31.67 -2.46 42.96
CA ARG K 450 -31.61 -1.00 43.11
C ARG K 450 -32.14 -0.32 41.84
N GLU K 451 -31.73 -0.82 40.65
CA GLU K 451 -32.11 -0.30 39.34
C GLU K 451 -33.59 -0.56 39.01
N VAL K 452 -34.40 0.52 39.00
CA VAL K 452 -35.84 0.47 38.70
C VAL K 452 -36.08 1.06 37.30
N ILE K 453 -36.80 0.32 36.44
CA ILE K 453 -37.10 0.76 35.07
C ILE K 453 -38.54 1.26 34.95
N ASN K 454 -39.51 0.48 35.46
CA ASN K 454 -40.95 0.81 35.42
C ASN K 454 -41.60 0.68 36.81
N SER K 455 -42.46 1.66 37.16
CA SER K 455 -43.20 1.68 38.42
C SER K 455 -44.70 1.75 38.13
N SER K 456 -45.36 0.57 38.03
CA SER K 456 -46.78 0.44 37.74
C SER K 456 -47.48 -0.52 38.72
N THR K 457 -48.81 -0.33 38.89
CA THR K 457 -49.66 -1.15 39.78
C THR K 457 -49.85 -2.57 39.24
N GLU K 458 -49.64 -2.76 37.94
CA GLU K 458 -49.75 -4.04 37.24
C GLU K 458 -48.46 -4.86 37.38
N GLY K 459 -47.31 -4.21 37.19
CA GLY K 459 -46.00 -4.84 37.27
C GLY K 459 -44.85 -3.91 37.56
N LEU K 460 -43.72 -4.49 37.99
CA LEU K 460 -42.48 -3.78 38.30
C LEU K 460 -41.30 -4.34 37.50
N LEU K 461 -40.89 -3.62 36.44
CA LEU K 461 -39.75 -3.99 35.59
C LEU K 461 -38.48 -3.37 36.19
N LEU K 462 -37.51 -4.23 36.52
CA LEU K 462 -36.25 -3.81 37.14
C LEU K 462 -35.03 -4.44 36.47
N ASN K 463 -33.92 -3.68 36.38
CA ASN K 463 -32.67 -4.13 35.76
C ASN K 463 -31.84 -4.91 36.79
N ILE K 464 -32.33 -6.11 37.15
CA ILE K 464 -31.69 -7.00 38.10
C ILE K 464 -30.60 -7.81 37.40
N ASP K 465 -29.41 -7.92 38.04
CA ASP K 465 -28.26 -8.66 37.54
C ASP K 465 -28.60 -10.14 37.39
N LYS K 466 -28.15 -10.77 36.28
CA LYS K 466 -28.41 -12.17 35.92
C LYS K 466 -27.77 -13.19 36.87
N ASP K 467 -26.57 -12.87 37.39
CA ASP K 467 -25.81 -13.72 38.32
C ASP K 467 -26.43 -13.71 39.72
N ILE K 468 -26.91 -12.53 40.18
CA ILE K 468 -27.53 -12.34 41.50
C ILE K 468 -28.94 -12.96 41.55
N ARG K 469 -29.74 -12.80 40.48
CA ARG K 469 -31.11 -13.33 40.39
C ARG K 469 -31.19 -14.86 40.36
N LYS K 470 -30.05 -15.54 40.12
CA LYS K 470 -29.94 -17.01 40.08
C LYS K 470 -30.18 -17.66 41.44
N ILE K 471 -29.89 -16.94 42.55
CA ILE K 471 -30.11 -17.45 43.91
C ILE K 471 -31.50 -17.05 44.44
N LEU K 472 -32.33 -16.42 43.59
CA LEU K 472 -33.69 -15.97 43.94
C LEU K 472 -34.75 -17.00 43.58
N SER K 473 -35.66 -17.28 44.53
CA SER K 473 -36.75 -18.25 44.39
C SER K 473 -38.07 -17.57 44.02
N VAL K 488 -50.65 -9.20 53.38
CA VAL K 488 -49.90 -9.91 52.35
C VAL K 488 -50.85 -10.50 51.28
N ILE K 489 -50.60 -10.14 50.00
CA ILE K 489 -51.38 -10.58 48.84
C ILE K 489 -50.99 -12.03 48.51
N ASN K 490 -49.73 -12.23 48.07
CA ASN K 490 -49.13 -13.52 47.72
C ASN K 490 -48.66 -14.15 49.06
N ASP K 491 -49.57 -14.88 49.74
CA ASP K 491 -49.30 -15.46 51.06
C ASP K 491 -49.58 -16.97 51.14
N ARG K 492 -48.59 -17.81 50.71
CA ARG K 492 -48.57 -19.28 50.72
C ARG K 492 -47.15 -19.86 50.50
N TYR K 493 -46.95 -21.16 50.80
CA TYR K 493 -45.67 -21.88 50.65
C TYR K 493 -45.20 -21.96 49.20
N ASP K 494 -46.17 -21.97 48.25
CA ASP K 494 -45.95 -22.07 46.80
C ASP K 494 -46.09 -20.75 46.05
N MET K 495 -46.84 -19.78 46.63
CA MET K 495 -47.08 -18.45 46.06
C MET K 495 -45.80 -17.60 46.14
N LEU K 496 -44.79 -17.94 45.33
CA LEU K 496 -43.50 -17.25 45.29
C LEU K 496 -43.02 -16.90 43.88
N ASN K 497 -43.34 -17.75 42.88
CA ASN K 497 -42.94 -17.50 41.49
C ASN K 497 -43.73 -16.33 40.89
N ILE K 498 -43.01 -15.23 40.59
CA ILE K 498 -43.57 -13.98 40.03
C ILE K 498 -42.64 -13.35 38.99
N SER K 499 -41.32 -13.57 39.17
CA SER K 499 -40.27 -13.04 38.29
C SER K 499 -40.32 -13.68 36.90
N SER K 500 -40.49 -12.84 35.89
CA SER K 500 -40.56 -13.24 34.48
C SER K 500 -39.50 -12.46 33.71
N LEU K 501 -38.32 -13.08 33.54
CA LEU K 501 -37.16 -12.47 32.87
C LEU K 501 -37.40 -12.26 31.37
N ARG K 502 -37.35 -10.98 30.95
CA ARG K 502 -37.51 -10.55 29.56
C ARG K 502 -36.18 -10.66 28.83
N GLN K 503 -36.22 -10.78 27.49
CA GLN K 503 -35.01 -10.90 26.68
C GLN K 503 -34.19 -9.60 26.61
N ASP K 504 -34.79 -8.45 27.03
CA ASP K 504 -34.15 -7.13 27.05
C ASP K 504 -33.04 -7.01 28.12
N GLY K 505 -33.08 -7.89 29.12
CA GLY K 505 -32.11 -7.93 30.22
C GLY K 505 -32.65 -7.42 31.54
N LYS K 506 -33.99 -7.32 31.66
CA LYS K 506 -34.67 -6.84 32.85
C LYS K 506 -35.68 -7.85 33.36
N THR K 507 -35.68 -8.08 34.68
CA THR K 507 -36.60 -9.01 35.34
C THR K 507 -37.93 -8.30 35.62
N PHE K 508 -39.05 -8.90 35.14
CA PHE K 508 -40.39 -8.34 35.33
C PHE K 508 -41.16 -9.05 36.45
N ILE K 509 -41.45 -8.30 37.53
CA ILE K 509 -42.18 -8.78 38.69
C ILE K 509 -43.67 -8.42 38.53
N ASP K 510 -44.51 -9.46 38.37
CA ASP K 510 -45.94 -9.32 38.19
C ASP K 510 -46.69 -9.83 39.41
N PHE K 511 -47.37 -8.91 40.11
CA PHE K 511 -48.16 -9.21 41.31
C PHE K 511 -49.50 -9.82 40.94
N LYS K 512 -49.99 -9.51 39.71
CA LYS K 512 -51.27 -9.99 39.15
C LYS K 512 -51.34 -11.52 39.03
N LYS K 513 -50.16 -12.19 39.06
CA LYS K 513 -50.00 -13.64 39.00
C LYS K 513 -50.81 -14.36 40.08
N TYR K 514 -50.81 -13.80 41.31
CA TYR K 514 -51.57 -14.35 42.44
C TYR K 514 -52.64 -13.40 43.00
N ASN K 515 -52.72 -12.16 42.46
CA ASN K 515 -53.71 -11.14 42.86
C ASN K 515 -55.00 -11.23 42.02
N ASP K 516 -55.36 -12.47 41.61
CA ASP K 516 -56.55 -12.83 40.83
C ASP K 516 -56.65 -12.05 39.50
N LYS K 517 -55.50 -11.96 38.77
CA LYS K 517 -55.33 -11.30 37.45
C LYS K 517 -55.63 -9.77 37.51
N LEU K 518 -55.62 -9.18 38.71
CA LEU K 518 -55.92 -7.76 38.95
C LEU K 518 -54.71 -7.00 39.49
N THR K 535 -34.71 -16.03 48.96
CA THR K 535 -33.67 -16.84 48.33
C THR K 535 -34.08 -18.31 48.23
N LYS K 536 -33.32 -19.09 47.44
CA LYS K 536 -33.54 -20.52 47.23
C LYS K 536 -33.26 -21.34 48.49
N GLU K 537 -32.30 -20.88 49.31
CA GLU K 537 -31.93 -21.55 50.56
C GLU K 537 -32.97 -21.35 51.67
N ASN K 538 -33.72 -20.23 51.62
CA ASN K 538 -34.74 -19.87 52.61
C ASN K 538 -36.17 -20.30 52.27
N THR K 539 -36.46 -20.53 50.97
CA THR K 539 -37.80 -20.93 50.51
C THR K 539 -38.23 -22.32 51.01
N ILE K 540 -39.55 -22.49 51.25
CA ILE K 540 -40.13 -23.76 51.69
C ILE K 540 -40.88 -24.43 50.56
N ILE K 541 -40.44 -25.64 50.23
CA ILE K 541 -41.00 -26.49 49.18
C ILE K 541 -42.31 -27.15 49.61
N ASN K 542 -42.49 -27.36 50.95
CA ASN K 542 -43.67 -27.98 51.56
C ASN K 542 -44.10 -27.25 52.84
N PRO K 543 -45.40 -27.29 53.24
CA PRO K 543 -45.79 -26.62 54.50
C PRO K 543 -45.35 -27.40 55.74
N SER K 544 -45.40 -26.73 56.91
CA SER K 544 -45.01 -27.30 58.20
C SER K 544 -45.99 -28.39 58.70
N GLU K 545 -45.74 -28.92 59.93
CA GLU K 545 -46.56 -29.94 60.60
C GLU K 545 -48.02 -29.48 60.76
N ASN K 546 -48.21 -28.17 61.01
CA ASN K 546 -49.50 -27.52 61.18
C ASN K 546 -50.18 -27.19 59.83
N GLY K 547 -49.43 -27.37 58.74
CA GLY K 547 -49.89 -27.07 57.38
C GLY K 547 -49.76 -25.58 57.12
N ASP K 548 -48.53 -25.05 57.36
CA ASP K 548 -48.21 -23.63 57.21
C ASP K 548 -48.17 -23.18 55.75
N THR K 549 -49.34 -22.77 55.23
CA THR K 549 -49.50 -22.25 53.87
C THR K 549 -49.49 -20.71 53.96
N SER K 550 -48.40 -20.16 54.51
CA SER K 550 -48.21 -18.71 54.72
C SER K 550 -46.75 -18.27 54.55
N THR K 551 -46.56 -17.02 54.08
CA THR K 551 -45.25 -16.39 53.81
C THR K 551 -44.60 -15.78 55.05
N ASN K 552 -45.28 -15.86 56.22
CA ASN K 552 -44.80 -15.33 57.50
C ASN K 552 -43.54 -16.04 58.00
N GLY K 553 -43.54 -17.37 57.95
CA GLY K 553 -42.44 -18.22 58.37
C GLY K 553 -41.24 -18.17 57.45
N ILE K 554 -41.49 -17.85 56.15
CA ILE K 554 -40.46 -17.75 55.12
C ILE K 554 -39.56 -16.52 55.35
N LYS K 555 -38.22 -16.73 55.37
CA LYS K 555 -37.23 -15.67 55.58
C LYS K 555 -37.21 -14.72 54.38
N LYS K 556 -37.79 -13.54 54.55
CA LYS K 556 -37.90 -12.50 53.53
C LYS K 556 -36.86 -11.40 53.69
N ILE K 557 -36.28 -10.98 52.56
CA ILE K 557 -35.26 -9.93 52.47
C ILE K 557 -35.90 -8.68 51.82
N LEU K 558 -35.84 -7.53 52.53
CA LEU K 558 -36.38 -6.25 52.06
C LEU K 558 -35.67 -5.84 50.77
N ILE K 559 -36.44 -5.72 49.67
CA ILE K 559 -35.87 -5.41 48.37
C ILE K 559 -36.56 -4.23 47.67
N PHE K 560 -37.86 -4.04 47.94
CA PHE K 560 -38.64 -2.93 47.37
C PHE K 560 -39.62 -2.41 48.42
N SER K 561 -39.52 -1.11 48.72
CA SER K 561 -40.36 -0.45 49.71
C SER K 561 -40.75 0.98 49.29
N LYS K 562 -41.04 1.18 47.99
CA LYS K 562 -41.48 2.47 47.47
C LYS K 562 -42.95 2.66 47.78
N LYS K 563 -43.31 3.85 48.27
CA LYS K 563 -44.67 4.20 48.66
C LYS K 563 -45.63 4.26 47.47
N GLY K 564 -46.92 4.14 47.75
CA GLY K 564 -48.02 4.14 46.77
C GLY K 564 -48.05 5.30 45.79
N TYR K 565 -47.60 6.50 46.22
CA TYR K 565 -47.56 7.71 45.38
C TYR K 565 -46.35 7.75 44.43
N GLU K 566 -45.25 7.04 44.78
CA GLU K 566 -44.01 6.95 43.99
C GLU K 566 -44.18 6.06 42.75
N ILE K 567 -45.20 5.18 42.76
CA ILE K 567 -45.52 4.24 41.68
C ILE K 567 -46.77 4.70 40.92
N GLY K 568 -47.87 4.93 41.66
CA GLY K 568 -49.14 5.37 41.12
C GLY K 568 -50.25 5.18 42.16
N THR L 7 26.41 -48.27 18.10
CA THR L 7 25.60 -49.47 18.37
C THR L 7 25.37 -49.66 19.86
N VAL L 8 24.12 -50.01 20.22
CA VAL L 8 23.70 -50.22 21.62
C VAL L 8 23.60 -51.75 21.88
N PRO L 9 24.22 -52.29 22.95
CA PRO L 9 24.10 -53.74 23.21
C PRO L 9 22.86 -54.04 24.04
N ASP L 10 21.70 -54.19 23.37
CA ASP L 10 20.40 -54.44 23.99
C ASP L 10 19.70 -55.68 23.37
N ARG L 11 19.85 -56.86 24.02
CA ARG L 11 19.25 -58.10 23.53
C ARG L 11 17.74 -58.12 23.69
N ASP L 12 17.24 -57.75 24.89
CA ASP L 12 15.80 -57.73 25.20
C ASP L 12 15.02 -56.63 24.45
N ASN L 13 15.74 -55.59 23.96
CA ASN L 13 15.22 -54.43 23.20
C ASN L 13 14.06 -53.70 23.93
N ASP L 14 14.19 -53.62 25.26
CA ASP L 14 13.24 -52.97 26.16
C ASP L 14 13.40 -51.45 26.11
N GLY L 15 14.66 -51.01 26.08
CA GLY L 15 15.07 -49.61 26.06
C GLY L 15 16.28 -49.36 26.93
N ILE L 16 16.77 -50.42 27.60
CA ILE L 16 17.92 -50.39 28.50
C ILE L 16 18.99 -51.39 27.98
N PRO L 17 20.26 -50.96 27.79
CA PRO L 17 21.29 -51.91 27.33
C PRO L 17 21.71 -52.91 28.41
N ASP L 18 22.27 -54.06 27.98
CA ASP L 18 22.74 -55.17 28.81
C ASP L 18 23.83 -54.80 29.85
N SER L 19 24.49 -53.63 29.68
CA SER L 19 25.54 -53.14 30.57
C SER L 19 25.02 -52.62 31.91
N LEU L 20 23.92 -51.85 31.88
CA LEU L 20 23.30 -51.27 33.07
C LEU L 20 22.26 -52.18 33.69
N GLU L 21 21.65 -53.06 32.86
CA GLU L 21 20.64 -54.04 33.26
C GLU L 21 21.23 -55.06 34.25
N VAL L 22 22.53 -55.38 34.08
CA VAL L 22 23.30 -56.30 34.92
C VAL L 22 23.80 -55.61 36.21
N GLU L 23 24.50 -54.46 36.09
CA GLU L 23 25.10 -53.73 37.22
C GLU L 23 24.19 -52.67 37.88
N GLY L 24 23.71 -51.67 37.13
CA GLY L 24 22.86 -50.62 37.69
C GLY L 24 22.52 -49.44 36.79
N TYR L 25 21.30 -48.89 36.96
CA TYR L 25 20.79 -47.72 36.24
C TYR L 25 19.69 -46.97 37.00
N THR L 26 19.42 -45.72 36.58
CA THR L 26 18.40 -44.84 37.15
C THR L 26 17.92 -43.82 36.09
N VAL L 27 16.79 -43.14 36.35
CA VAL L 27 16.22 -42.14 35.44
C VAL L 27 16.28 -40.73 36.05
N ASP L 28 16.98 -39.81 35.37
CA ASP L 28 17.17 -38.42 35.82
C ASP L 28 16.62 -37.42 34.81
N VAL L 29 16.43 -36.17 35.24
CA VAL L 29 15.92 -35.08 34.39
C VAL L 29 17.01 -34.03 34.12
N LYS L 30 17.34 -33.81 32.83
CA LYS L 30 18.34 -32.84 32.38
C LYS L 30 17.71 -31.44 32.43
N ASN L 31 17.34 -30.86 31.25
CA ASN L 31 16.67 -29.57 31.15
C ASN L 31 15.25 -29.85 31.65
N LYS L 32 14.57 -30.80 30.97
CA LYS L 32 13.25 -31.33 31.31
C LYS L 32 13.25 -32.81 30.93
N ARG L 33 13.91 -33.15 29.80
CA ARG L 33 14.04 -34.49 29.19
C ARG L 33 14.47 -35.58 30.16
N THR L 34 13.87 -36.78 30.00
CA THR L 34 14.17 -37.96 30.81
C THR L 34 15.43 -38.65 30.27
N PHE L 35 16.36 -38.97 31.17
CA PHE L 35 17.63 -39.61 30.83
C PHE L 35 17.87 -40.85 31.67
N LEU L 36 17.97 -42.02 31.02
CA LEU L 36 18.25 -43.25 31.75
C LEU L 36 19.77 -43.32 31.96
N SER L 37 20.24 -42.68 33.05
CA SER L 37 21.66 -42.56 33.41
C SER L 37 22.21 -43.77 34.19
N PRO L 38 23.49 -44.16 33.97
CA PRO L 38 24.08 -45.25 34.77
C PRO L 38 24.16 -44.89 36.26
N TRP L 39 24.07 -45.89 37.15
CA TRP L 39 24.08 -45.68 38.59
C TRP L 39 25.44 -45.25 39.17
N ILE L 40 25.47 -44.03 39.76
CA ILE L 40 26.64 -43.45 40.43
C ILE L 40 26.16 -42.99 41.81
N SER L 41 26.59 -43.72 42.86
CA SER L 41 26.24 -43.47 44.26
C SER L 41 26.69 -42.11 44.79
N ASN L 42 27.75 -41.55 44.16
CA ASN L 42 28.36 -40.25 44.50
C ASN L 42 27.44 -39.05 44.27
N ILE L 43 26.48 -39.17 43.35
CA ILE L 43 25.55 -38.08 43.04
C ILE L 43 24.10 -38.54 42.93
N HIS L 44 23.82 -39.66 42.21
CA HIS L 44 22.45 -40.17 42.03
C HIS L 44 21.76 -40.60 43.35
N GLU L 45 22.49 -41.34 44.22
CA GLU L 45 21.99 -41.80 45.53
C GLU L 45 21.77 -40.61 46.47
N LYS L 46 22.63 -39.60 46.37
CA LYS L 46 22.57 -38.38 47.16
C LYS L 46 21.44 -37.44 46.68
N LYS L 47 21.14 -37.46 45.37
CA LYS L 47 20.08 -36.66 44.75
C LYS L 47 18.67 -37.12 45.16
N GLY L 48 18.52 -38.41 45.43
CA GLY L 48 17.25 -39.03 45.81
C GLY L 48 16.68 -39.92 44.72
N LEU L 49 17.49 -40.88 44.25
CA LEU L 49 17.06 -41.81 43.20
C LEU L 49 17.15 -43.26 43.67
N THR L 50 16.78 -44.25 42.84
CA THR L 50 16.84 -45.67 43.23
C THR L 50 17.67 -46.53 42.27
N LYS L 51 18.36 -47.54 42.82
CA LYS L 51 19.17 -48.47 42.05
C LYS L 51 18.24 -49.49 41.43
N TYR L 52 18.10 -49.39 40.11
CA TYR L 52 17.26 -50.27 39.32
C TYR L 52 18.12 -51.32 38.63
N LYS L 53 17.71 -52.58 38.75
CA LYS L 53 18.38 -53.73 38.14
C LYS L 53 17.30 -54.67 37.60
N SER L 54 17.37 -55.01 36.29
CA SER L 54 16.40 -55.92 35.66
C SER L 54 17.09 -57.05 34.86
N SER L 55 16.34 -57.73 33.95
CA SER L 55 16.85 -58.85 33.16
C SER L 55 17.26 -58.49 31.72
N PRO L 56 18.56 -58.64 31.37
CA PRO L 56 19.01 -58.31 30.00
C PRO L 56 18.49 -59.24 28.90
N GLU L 57 17.98 -60.43 29.27
CA GLU L 57 17.42 -61.42 28.33
C GLU L 57 15.92 -61.67 28.61
N LYS L 58 15.18 -60.62 29.01
CA LYS L 58 13.74 -60.64 29.31
C LYS L 58 13.16 -59.22 29.20
N TRP L 59 12.06 -59.07 28.44
CA TRP L 59 11.35 -57.80 28.19
C TRP L 59 10.87 -57.19 29.51
N SER L 60 10.23 -58.02 30.33
CA SER L 60 9.75 -57.66 31.66
C SER L 60 10.35 -58.65 32.63
N THR L 61 10.76 -58.19 33.81
CA THR L 61 11.38 -59.01 34.86
C THR L 61 10.42 -60.11 35.34
N ALA L 62 9.13 -59.76 35.55
CA ALA L 62 8.09 -60.67 36.02
C ALA L 62 7.20 -61.24 34.89
N SER L 63 7.59 -61.04 33.61
CA SER L 63 6.90 -61.47 32.38
C SER L 63 5.46 -60.88 32.26
N ASP L 64 5.24 -59.73 32.93
CA ASP L 64 3.98 -58.99 32.94
C ASP L 64 3.81 -58.12 31.65
N PRO L 65 2.64 -57.47 31.38
CA PRO L 65 2.48 -56.76 30.10
C PRO L 65 3.35 -55.54 29.81
N TYR L 66 3.96 -54.91 30.82
CA TYR L 66 4.79 -53.71 30.62
C TYR L 66 6.29 -54.03 30.70
N SER L 67 7.10 -53.44 29.79
CA SER L 67 8.55 -53.66 29.72
C SER L 67 9.30 -53.00 30.88
N ASP L 68 10.55 -53.44 31.14
CA ASP L 68 11.43 -52.92 32.19
C ASP L 68 11.58 -51.39 32.07
N PHE L 69 11.72 -50.87 30.83
CA PHE L 69 11.86 -49.44 30.51
C PHE L 69 10.56 -48.66 30.72
N GLU L 70 9.42 -49.18 30.20
CA GLU L 70 8.08 -48.58 30.34
C GLU L 70 7.81 -48.16 31.78
N LYS L 71 8.23 -49.02 32.72
CA LYS L 71 8.09 -48.86 34.17
C LYS L 71 8.88 -47.66 34.71
N VAL L 72 10.23 -47.72 34.62
CA VAL L 72 11.16 -46.71 35.14
C VAL L 72 10.99 -45.33 34.51
N THR L 73 11.01 -45.24 33.16
CA THR L 73 10.90 -43.97 32.44
C THR L 73 9.51 -43.31 32.66
N GLY L 74 8.50 -44.13 32.92
CA GLY L 74 7.14 -43.68 33.16
C GLY L 74 6.24 -43.75 31.94
N ARG L 75 6.64 -44.54 30.92
CA ARG L 75 5.88 -44.76 29.70
C ARG L 75 4.98 -46.00 29.86
N ILE L 76 4.33 -46.10 31.04
CA ILE L 76 3.41 -47.17 31.47
C ILE L 76 2.00 -46.57 31.66
N ASP L 77 1.00 -47.42 32.00
CA ASP L 77 -0.36 -46.99 32.30
C ASP L 77 -0.27 -46.15 33.59
N LYS L 78 -0.79 -44.91 33.56
CA LYS L 78 -0.71 -43.96 34.67
C LYS L 78 -1.57 -44.34 35.89
N ASN L 79 -2.41 -45.39 35.77
CA ASN L 79 -3.25 -45.92 36.85
C ASN L 79 -2.42 -46.82 37.77
N VAL L 80 -1.42 -47.56 37.20
CA VAL L 80 -0.49 -48.48 37.89
C VAL L 80 0.13 -47.81 39.11
N SER L 81 -0.08 -48.41 40.31
CA SER L 81 0.42 -47.91 41.59
C SER L 81 1.93 -47.61 41.55
N PRO L 82 2.39 -46.47 42.15
CA PRO L 82 3.84 -46.15 42.10
C PRO L 82 4.77 -47.15 42.80
N GLU L 83 4.22 -48.17 43.50
CA GLU L 83 4.96 -49.23 44.19
C GLU L 83 5.45 -50.33 43.25
N ALA L 84 4.68 -50.62 42.18
CA ALA L 84 5.00 -51.62 41.16
C ALA L 84 5.75 -50.99 39.98
N ARG L 85 6.02 -49.67 40.05
CA ARG L 85 6.74 -48.89 39.04
C ARG L 85 8.21 -49.33 38.91
N HIS L 86 8.75 -50.03 39.93
CA HIS L 86 10.11 -50.59 39.93
C HIS L 86 10.11 -51.83 39.02
N PRO L 87 11.17 -52.08 38.20
CA PRO L 87 11.14 -53.24 37.30
C PRO L 87 10.97 -54.61 37.98
N LEU L 88 11.49 -54.78 39.20
CA LEU L 88 11.38 -56.04 39.93
C LEU L 88 9.98 -56.29 40.52
N VAL L 89 9.29 -55.22 41.02
CA VAL L 89 7.93 -55.34 41.58
C VAL L 89 6.93 -55.44 40.44
N ALA L 90 6.10 -56.49 40.44
CA ALA L 90 5.10 -56.76 39.40
C ALA L 90 3.83 -55.92 39.52
N ALA L 91 3.26 -55.54 38.36
CA ALA L 91 2.02 -54.79 38.24
C ALA L 91 0.94 -55.73 37.69
N TYR L 92 0.23 -56.41 38.60
CA TYR L 92 -0.83 -57.38 38.31
C TYR L 92 -2.07 -57.13 39.19
N PRO L 93 -3.31 -57.30 38.70
CA PRO L 93 -4.49 -57.00 39.53
C PRO L 93 -5.03 -58.17 40.35
N ILE L 94 -5.53 -57.86 41.56
CA ILE L 94 -6.15 -58.79 42.52
C ILE L 94 -7.48 -58.13 42.96
N VAL L 95 -8.63 -58.64 42.47
CA VAL L 95 -9.95 -58.09 42.77
C VAL L 95 -10.85 -59.12 43.46
N HIS L 96 -11.44 -58.70 44.61
CA HIS L 96 -12.37 -59.49 45.42
C HIS L 96 -13.73 -58.76 45.47
N VAL L 97 -14.77 -59.43 45.99
CA VAL L 97 -16.10 -58.82 46.11
C VAL L 97 -16.37 -58.42 47.56
N ASP L 98 -16.59 -57.10 47.79
CA ASP L 98 -16.88 -56.52 49.10
C ASP L 98 -18.38 -56.29 49.26
N MET L 99 -18.96 -56.89 50.30
CA MET L 99 -20.39 -56.79 50.64
C MET L 99 -20.63 -55.55 51.52
N GLU L 100 -21.63 -54.72 51.14
CA GLU L 100 -22.02 -53.49 51.85
C GLU L 100 -23.07 -53.76 52.94
N ASN L 101 -24.14 -54.53 52.60
CA ASN L 101 -25.24 -54.93 53.49
C ASN L 101 -26.11 -56.04 52.86
N ILE L 102 -26.85 -56.81 53.71
CA ILE L 102 -27.73 -57.90 53.24
C ILE L 102 -29.20 -57.58 53.56
N ILE L 103 -30.11 -58.31 52.89
CA ILE L 103 -31.56 -58.21 53.10
C ILE L 103 -32.21 -59.56 52.79
N LEU L 104 -32.91 -60.13 53.79
CA LEU L 104 -33.56 -61.43 53.66
C LEU L 104 -35.08 -61.33 53.78
N SER L 105 -35.78 -61.99 52.83
CA SER L 105 -37.25 -62.03 52.74
C SER L 105 -37.74 -63.40 52.25
N LYS L 106 -39.01 -63.73 52.51
CA LYS L 106 -39.62 -64.98 52.06
C LYS L 106 -39.93 -64.88 50.56
N ASN L 107 -39.77 -66.00 49.82
CA ASN L 107 -39.98 -66.06 48.36
C ASN L 107 -41.39 -65.67 47.93
N SER L 123 -32.85 -57.10 57.70
CA SER L 123 -31.74 -56.41 57.04
C SER L 123 -30.63 -56.08 58.04
N LYS L 124 -29.40 -56.52 57.72
CA LYS L 124 -28.21 -56.31 58.54
C LYS L 124 -27.03 -55.86 57.67
N ASN L 125 -26.16 -55.00 58.21
CA ASN L 125 -24.98 -54.51 57.48
C ASN L 125 -23.78 -55.45 57.61
N THR L 126 -23.20 -55.85 56.46
CA THR L 126 -22.06 -56.78 56.37
C THR L 126 -20.70 -56.09 56.27
N SER L 127 -19.64 -56.84 56.62
CA SER L 127 -18.24 -56.41 56.60
C SER L 127 -17.42 -57.46 55.84
N THR L 128 -16.67 -57.03 54.82
CA THR L 128 -15.87 -57.93 54.00
C THR L 128 -14.40 -57.52 53.94
N SER L 129 -13.50 -58.51 53.92
CA SER L 129 -12.05 -58.36 53.83
C SER L 129 -11.44 -59.54 53.06
N ARG L 130 -10.34 -59.29 52.33
CA ARG L 130 -9.67 -60.32 51.52
C ARG L 130 -8.94 -61.36 52.37
N THR L 131 -9.13 -62.65 52.04
CA THR L 131 -8.54 -63.78 52.77
C THR L 131 -7.26 -64.30 52.12
N SER L 160 -4.65 -66.96 43.88
CA SER L 160 -6.09 -66.97 43.64
C SER L 160 -6.82 -65.97 44.55
N ASN L 161 -8.13 -65.74 44.28
CA ASN L 161 -8.98 -64.82 45.04
C ASN L 161 -10.02 -65.54 45.88
N SER L 162 -10.30 -64.99 47.09
CA SER L 162 -11.28 -65.47 48.07
C SER L 162 -11.56 -64.37 49.10
N SER L 163 -12.85 -64.13 49.44
CA SER L 163 -13.26 -63.10 50.39
C SER L 163 -14.45 -63.54 51.26
N THR L 164 -14.28 -63.54 52.60
CA THR L 164 -15.30 -63.93 53.58
C THR L 164 -16.05 -62.68 54.12
N VAL L 165 -17.41 -62.75 54.24
CA VAL L 165 -18.29 -61.67 54.76
C VAL L 165 -18.70 -61.94 56.21
N ALA L 166 -19.26 -60.92 56.90
CA ALA L 166 -19.72 -61.03 58.28
C ALA L 166 -21.04 -60.29 58.49
N ILE L 167 -22.14 -61.05 58.63
CA ILE L 167 -23.49 -60.50 58.84
C ILE L 167 -23.63 -60.02 60.30
N ASP L 168 -24.18 -58.81 60.48
CA ASP L 168 -24.40 -58.18 61.79
C ASP L 168 -25.35 -59.01 62.66
N HIS L 169 -24.88 -59.42 63.84
CA HIS L 169 -25.63 -60.23 64.80
C HIS L 169 -26.64 -59.40 65.59
N SER L 170 -26.35 -58.10 65.77
CA SER L 170 -27.15 -57.11 66.51
C SER L 170 -28.57 -56.93 66.00
N LEU L 171 -29.49 -56.57 66.92
CA LEU L 171 -30.93 -56.37 66.69
C LEU L 171 -31.28 -55.44 65.53
N SER L 172 -32.34 -55.83 64.78
CA SER L 172 -32.91 -55.07 63.65
C SER L 172 -34.24 -54.48 64.15
N LEU L 173 -35.15 -55.36 64.67
CA LEU L 173 -36.43 -54.96 65.26
C LEU L 173 -36.23 -54.80 66.77
N ALA L 174 -37.28 -54.42 67.52
CA ALA L 174 -37.24 -54.22 68.97
C ALA L 174 -36.95 -55.52 69.75
N GLY L 175 -37.57 -56.61 69.31
CA GLY L 175 -37.40 -57.92 69.91
C GLY L 175 -37.44 -59.03 68.89
N GLU L 176 -36.64 -58.90 67.80
CA GLU L 176 -36.56 -59.91 66.74
C GLU L 176 -35.86 -61.17 67.24
N ARG L 177 -36.58 -62.30 67.21
CA ARG L 177 -36.07 -63.59 67.67
C ARG L 177 -36.37 -64.67 66.65
N THR L 178 -35.31 -65.44 66.30
CA THR L 178 -35.28 -66.54 65.32
C THR L 178 -35.63 -65.99 63.92
N TRP L 179 -34.59 -65.81 63.08
CA TRP L 179 -34.69 -65.33 61.70
C TRP L 179 -35.68 -66.15 60.88
N ALA L 180 -35.70 -67.48 61.11
CA ALA L 180 -36.59 -68.46 60.47
C ALA L 180 -38.07 -68.16 60.74
N GLU L 181 -38.35 -67.44 61.85
CA GLU L 181 -39.69 -67.04 62.28
C GLU L 181 -39.96 -65.53 62.14
N THR L 182 -38.88 -64.70 62.06
CA THR L 182 -38.99 -63.25 61.88
C THR L 182 -39.53 -62.93 60.46
N MET L 183 -39.30 -63.86 59.50
CA MET L 183 -39.78 -63.79 58.11
C MET L 183 -41.07 -64.59 57.89
N GLY L 184 -41.25 -65.63 58.71
CA GLY L 184 -42.41 -66.52 58.66
C GLY L 184 -42.21 -67.69 57.72
N LEU L 185 -41.13 -68.45 57.95
CA LEU L 185 -40.77 -69.61 57.13
C LEU L 185 -40.90 -70.93 57.87
N ASN L 186 -41.09 -72.02 57.12
CA ASN L 186 -41.18 -73.39 57.61
C ASN L 186 -40.38 -74.31 56.68
N THR L 187 -40.22 -75.60 57.07
CA THR L 187 -39.45 -76.64 56.34
C THR L 187 -39.71 -76.64 54.81
N ALA L 188 -40.97 -76.38 54.41
CA ALA L 188 -41.40 -76.31 53.01
C ALA L 188 -41.08 -74.96 52.36
N ASP L 189 -41.25 -73.84 53.12
CA ASP L 189 -41.00 -72.46 52.68
C ASP L 189 -39.54 -72.19 52.32
N THR L 190 -39.32 -71.33 51.30
CA THR L 190 -37.99 -70.94 50.84
C THR L 190 -37.71 -69.46 51.08
N ALA L 191 -36.46 -69.13 51.45
CA ALA L 191 -36.01 -67.76 51.72
C ALA L 191 -35.14 -67.25 50.56
N ARG L 192 -35.44 -66.03 50.07
CA ARG L 192 -34.68 -65.41 48.98
C ARG L 192 -33.71 -64.35 49.50
N LEU L 193 -32.42 -64.51 49.18
CA LEU L 193 -31.35 -63.61 49.60
C LEU L 193 -31.06 -62.55 48.54
N ASN L 194 -30.82 -61.31 49.01
CA ASN L 194 -30.48 -60.14 48.21
C ASN L 194 -29.50 -59.29 49.02
N ALA L 195 -28.46 -58.74 48.37
CA ALA L 195 -27.43 -57.95 49.04
C ALA L 195 -26.80 -56.89 48.16
N ASN L 196 -26.13 -55.91 48.80
CA ASN L 196 -25.39 -54.83 48.15
C ASN L 196 -23.93 -55.26 48.04
N ILE L 197 -23.41 -55.37 46.83
CA ILE L 197 -22.04 -55.80 46.55
C ILE L 197 -21.25 -54.76 45.76
N ARG L 198 -19.91 -54.75 45.95
CA ARG L 198 -18.98 -53.84 45.28
C ARG L 198 -17.70 -54.57 44.88
N TYR L 199 -17.21 -54.32 43.65
CA TYR L 199 -15.96 -54.89 43.15
C TYR L 199 -14.85 -53.93 43.57
N VAL L 200 -13.79 -54.44 44.24
CA VAL L 200 -12.69 -53.59 44.72
C VAL L 200 -11.31 -54.25 44.48
N ASN L 201 -10.38 -53.48 43.88
CA ASN L 201 -9.03 -53.92 43.51
C ASN L 201 -7.97 -53.61 44.57
N THR L 202 -7.25 -54.67 45.02
CA THR L 202 -6.15 -54.58 45.98
C THR L 202 -4.79 -54.72 45.27
N GLY L 203 -4.84 -54.87 43.94
CA GLY L 203 -3.67 -55.05 43.09
C GLY L 203 -2.94 -53.79 42.65
N THR L 204 -2.03 -53.94 41.68
CA THR L 204 -1.18 -52.87 41.13
C THR L 204 -1.35 -52.69 39.60
N ALA L 205 -2.51 -53.13 39.05
CA ALA L 205 -2.78 -53.01 37.60
C ALA L 205 -4.27 -52.75 37.26
N PRO L 206 -4.58 -51.99 36.17
CA PRO L 206 -5.99 -51.69 35.86
C PRO L 206 -6.69 -52.63 34.86
N ILE L 207 -7.95 -52.99 35.17
CA ILE L 207 -8.84 -53.80 34.34
C ILE L 207 -9.84 -52.80 33.73
N TYR L 208 -9.74 -52.58 32.41
CA TYR L 208 -10.53 -51.60 31.68
C TYR L 208 -11.93 -52.03 31.26
N ASN L 209 -12.27 -53.34 31.28
CA ASN L 209 -13.60 -53.74 30.83
C ASN L 209 -14.22 -54.90 31.62
N VAL L 210 -14.18 -56.13 31.05
CA VAL L 210 -14.78 -57.39 31.54
C VAL L 210 -14.45 -57.67 33.02
N LEU L 211 -15.51 -57.86 33.81
CA LEU L 211 -15.43 -58.16 35.23
C LEU L 211 -15.35 -59.67 35.45
N PRO L 212 -14.50 -60.16 36.38
CA PRO L 212 -14.39 -61.61 36.59
C PRO L 212 -15.62 -62.23 37.23
N THR L 213 -15.84 -63.52 36.97
CA THR L 213 -16.97 -64.29 37.49
C THR L 213 -16.77 -64.62 38.98
N THR L 214 -17.78 -64.35 39.82
CA THR L 214 -17.73 -64.62 41.25
C THR L 214 -18.86 -65.57 41.66
N SER L 215 -18.66 -66.33 42.75
CA SER L 215 -19.69 -67.27 43.22
C SER L 215 -19.83 -67.23 44.75
N LEU L 216 -21.07 -67.00 45.23
CA LEU L 216 -21.39 -66.94 46.67
C LEU L 216 -21.55 -68.36 47.20
N VAL L 217 -20.72 -68.74 48.20
CA VAL L 217 -20.68 -70.07 48.80
C VAL L 217 -21.12 -70.07 50.27
N LEU L 218 -22.12 -70.91 50.59
CA LEU L 218 -22.62 -71.09 51.95
C LEU L 218 -21.79 -72.18 52.61
N GLY L 219 -21.20 -71.85 53.74
CA GLY L 219 -20.38 -72.77 54.52
C GLY L 219 -19.06 -73.12 53.88
N LYS L 220 -18.99 -74.29 53.22
CA LYS L 220 -17.76 -74.78 52.61
C LYS L 220 -17.79 -74.94 51.09
N ASN L 221 -18.82 -75.61 50.55
CA ASN L 221 -18.93 -75.89 49.11
C ASN L 221 -20.31 -75.59 48.50
N GLN L 222 -21.34 -75.38 49.34
CA GLN L 222 -22.73 -75.11 48.93
C GLN L 222 -22.82 -73.81 48.12
N THR L 223 -22.62 -73.92 46.80
CA THR L 223 -22.67 -72.82 45.85
C THR L 223 -24.09 -72.27 45.70
N LEU L 224 -24.35 -71.08 46.28
CA LEU L 224 -25.65 -70.43 46.25
C LEU L 224 -25.98 -69.80 44.90
N ALA L 225 -25.14 -68.86 44.43
CA ALA L 225 -25.33 -68.17 43.16
C ALA L 225 -24.01 -67.71 42.55
N THR L 226 -24.00 -67.58 41.21
CA THR L 226 -22.85 -67.13 40.42
C THR L 226 -23.17 -65.76 39.81
N ILE L 227 -22.41 -64.74 40.20
CA ILE L 227 -22.59 -63.36 39.74
C ILE L 227 -21.53 -62.94 38.74
N LYS L 228 -21.96 -62.27 37.66
CA LYS L 228 -21.11 -61.75 36.60
C LYS L 228 -21.87 -60.66 35.84
N ALA L 229 -21.30 -59.45 35.77
CA ALA L 229 -21.92 -58.32 35.08
C ALA L 229 -21.73 -58.47 33.57
N LEU L 234 -19.87 -53.35 29.62
CA LEU L 234 -19.38 -52.17 30.32
C LEU L 234 -17.92 -51.83 29.95
N SER L 235 -17.51 -50.56 30.19
CA SER L 235 -16.17 -50.06 29.94
C SER L 235 -15.67 -49.12 31.06
N GLN L 236 -16.18 -49.33 32.30
CA GLN L 236 -15.80 -48.56 33.48
C GLN L 236 -14.46 -49.07 33.99
N ILE L 237 -13.51 -48.13 34.22
CA ILE L 237 -12.14 -48.42 34.63
C ILE L 237 -12.03 -48.75 36.12
N LEU L 238 -11.47 -49.94 36.41
CA LEU L 238 -11.19 -50.38 37.78
C LEU L 238 -9.71 -50.09 37.96
N ALA L 239 -9.41 -49.10 38.82
CA ALA L 239 -8.04 -48.66 39.06
C ALA L 239 -7.40 -49.34 40.29
N PRO L 240 -6.04 -49.50 40.33
CA PRO L 240 -5.40 -50.10 41.52
C PRO L 240 -5.64 -49.25 42.76
N ASN L 241 -6.17 -49.89 43.83
CA ASN L 241 -6.55 -49.27 45.11
C ASN L 241 -7.71 -48.28 44.85
N ASN L 242 -8.80 -48.77 44.24
CA ASN L 242 -10.01 -48.00 43.89
C ASN L 242 -11.21 -48.95 43.67
N TYR L 243 -12.38 -48.59 44.24
CA TYR L 243 -13.65 -49.33 44.10
C TYR L 243 -14.22 -49.18 42.69
N TYR L 244 -14.82 -50.26 42.14
CA TYR L 244 -15.47 -50.24 40.82
C TYR L 244 -16.75 -49.38 40.88
N PRO L 245 -17.79 -49.70 41.71
CA PRO L 245 -18.94 -48.79 41.79
C PRO L 245 -18.54 -47.72 42.80
N SER L 246 -17.74 -46.74 42.32
CA SER L 246 -17.16 -45.63 43.06
C SER L 246 -18.06 -45.12 44.17
N LYS L 247 -17.47 -44.90 45.35
CA LYS L 247 -18.14 -44.46 46.58
C LYS L 247 -19.10 -43.27 46.39
N ASN L 248 -18.83 -42.39 45.39
CA ASN L 248 -19.65 -41.22 45.05
C ASN L 248 -20.95 -41.59 44.30
N LEU L 249 -21.01 -42.83 43.78
CA LEU L 249 -22.16 -43.37 43.04
C LEU L 249 -22.79 -44.54 43.82
N ALA L 250 -23.99 -44.99 43.40
CA ALA L 250 -24.70 -46.10 44.03
C ALA L 250 -24.05 -47.48 43.74
N PRO L 251 -24.07 -48.45 44.70
CA PRO L 251 -23.46 -49.76 44.42
C PRO L 251 -24.33 -50.69 43.57
N ILE L 252 -24.00 -52.00 43.52
CA ILE L 252 -24.74 -53.00 42.74
C ILE L 252 -25.47 -54.01 43.63
N ALA L 253 -26.73 -54.33 43.28
CA ALA L 253 -27.58 -55.30 43.97
C ALA L 253 -27.42 -56.71 43.40
N SER L 262 -31.81 -61.67 36.42
CA SER L 262 -33.14 -62.19 36.09
C SER L 262 -33.83 -62.87 37.29
N THR L 263 -33.22 -63.94 37.85
CA THR L 263 -33.75 -64.70 38.99
C THR L 263 -32.87 -64.52 40.25
N PRO L 264 -33.43 -64.09 41.42
CA PRO L 264 -32.57 -63.91 42.61
C PRO L 264 -32.09 -65.22 43.24
N ILE L 265 -31.22 -65.11 44.27
CA ILE L 265 -30.67 -66.26 44.99
C ILE L 265 -31.78 -66.97 45.77
N THR L 266 -31.87 -68.30 45.64
CA THR L 266 -32.87 -69.12 46.31
C THR L 266 -32.22 -70.03 47.34
N MET L 267 -32.77 -70.02 48.56
CA MET L 267 -32.27 -70.79 49.69
C MET L 267 -33.41 -71.52 50.38
N ASN L 268 -33.21 -72.81 50.69
CA ASN L 268 -34.19 -73.64 51.39
C ASN L 268 -34.13 -73.38 52.90
N TYR L 269 -35.16 -73.82 53.64
CA TYR L 269 -35.27 -73.64 55.10
C TYR L 269 -34.08 -74.24 55.87
N ASN L 270 -33.65 -75.45 55.48
CA ASN L 270 -32.55 -76.19 56.09
C ASN L 270 -31.20 -75.48 55.92
N GLN L 271 -30.97 -74.89 54.73
CA GLN L 271 -29.76 -74.13 54.43
C GLN L 271 -29.79 -72.75 55.06
N PHE L 272 -31.00 -72.21 55.32
CA PHE L 272 -31.21 -70.91 55.95
C PHE L 272 -30.81 -70.93 57.42
N LEU L 273 -31.03 -72.08 58.09
CA LEU L 273 -30.69 -72.28 59.50
C LEU L 273 -29.16 -72.33 59.70
N GLU L 274 -28.41 -72.70 58.64
CA GLU L 274 -26.95 -72.73 58.63
C GLU L 274 -26.42 -71.29 58.62
N LEU L 275 -27.07 -70.43 57.81
CA LEU L 275 -26.74 -69.01 57.66
C LEU L 275 -27.07 -68.25 58.95
N GLU L 276 -28.17 -68.63 59.63
CA GLU L 276 -28.60 -68.04 60.89
C GLU L 276 -27.62 -68.41 62.02
N LYS L 277 -27.08 -69.64 61.98
CA LYS L 277 -26.14 -70.20 62.95
C LYS L 277 -24.70 -69.66 62.80
N THR L 278 -24.26 -69.46 61.54
CA THR L 278 -22.90 -68.98 61.24
C THR L 278 -22.81 -67.46 61.13
N LYS L 279 -23.84 -66.81 60.55
CA LYS L 279 -23.94 -65.36 60.28
C LYS L 279 -22.76 -64.87 59.42
N GLN L 280 -22.35 -65.70 58.44
CA GLN L 280 -21.24 -65.45 57.52
C GLN L 280 -21.35 -66.26 56.21
N LEU L 281 -20.77 -65.73 55.13
CA LEU L 281 -20.74 -66.34 53.80
C LEU L 281 -19.35 -66.21 53.18
N ARG L 282 -19.15 -66.86 52.01
CA ARG L 282 -17.88 -66.81 51.27
C ARG L 282 -18.10 -66.34 49.83
N LEU L 283 -17.11 -65.62 49.26
CA LEU L 283 -17.15 -65.09 47.90
C LEU L 283 -15.85 -65.42 47.16
N ASP L 284 -15.91 -66.40 46.25
CA ASP L 284 -14.78 -66.83 45.44
C ASP L 284 -14.89 -66.25 44.03
N THR L 285 -13.90 -65.41 43.64
CA THR L 285 -13.84 -64.74 42.34
C THR L 285 -12.69 -65.33 41.51
N ASP L 286 -12.96 -65.68 40.22
CA ASP L 286 -11.95 -66.27 39.33
C ASP L 286 -11.01 -65.20 38.73
N GLN L 287 -10.00 -65.64 37.95
CA GLN L 287 -8.96 -64.78 37.37
C GLN L 287 -9.20 -64.34 35.91
N VAL L 288 -10.41 -64.58 35.36
CA VAL L 288 -10.71 -64.15 33.98
C VAL L 288 -11.06 -62.64 33.99
N TYR L 289 -10.01 -61.80 33.93
CA TYR L 289 -10.13 -60.35 33.93
C TYR L 289 -10.20 -59.81 32.49
N GLY L 290 -10.22 -58.48 32.35
CA GLY L 290 -10.27 -57.81 31.06
C GLY L 290 -8.94 -57.83 30.32
N ASN L 291 -8.93 -57.29 29.09
CA ASN L 291 -7.72 -57.22 28.27
C ASN L 291 -6.93 -55.95 28.57
N ILE L 292 -5.61 -56.09 28.81
CA ILE L 292 -4.68 -55.01 29.18
C ILE L 292 -4.54 -53.92 28.14
N ALA L 293 -4.67 -52.66 28.58
CA ALA L 293 -4.48 -51.49 27.73
C ALA L 293 -3.03 -51.07 27.93
N THR L 294 -2.22 -51.17 26.85
CA THR L 294 -0.79 -50.85 26.90
C THR L 294 -0.44 -49.58 26.11
N TYR L 295 0.57 -48.84 26.60
CA TYR L 295 1.09 -47.61 26.01
C TYR L 295 1.88 -47.93 24.73
N ASN L 296 1.64 -47.17 23.65
CA ASN L 296 2.38 -47.35 22.40
C ASN L 296 3.57 -46.40 22.39
N PHE L 297 4.77 -46.96 22.21
CA PHE L 297 6.09 -46.32 22.24
C PHE L 297 6.24 -45.15 21.25
N GLU L 298 5.87 -45.34 19.97
CA GLU L 298 6.02 -44.34 18.91
C GLU L 298 4.89 -43.29 18.86
N ASN L 299 3.64 -43.68 19.18
CA ASN L 299 2.49 -42.76 19.19
C ASN L 299 2.40 -41.99 20.49
N GLY L 300 2.77 -42.63 21.60
CA GLY L 300 2.70 -42.04 22.92
C GLY L 300 1.29 -42.01 23.45
N ARG L 301 0.55 -43.14 23.34
CA ARG L 301 -0.84 -43.24 23.78
C ARG L 301 -1.27 -44.66 24.20
N VAL L 302 -2.13 -44.74 25.23
CA VAL L 302 -2.68 -45.96 25.80
C VAL L 302 -3.93 -46.40 25.00
N ARG L 303 -3.93 -47.66 24.53
CA ARG L 303 -5.01 -48.27 23.76
C ARG L 303 -5.24 -49.73 24.24
N VAL L 304 -6.53 -50.14 24.36
CA VAL L 304 -6.90 -51.50 24.79
C VAL L 304 -6.59 -52.51 23.69
N ASP L 305 -5.74 -53.51 23.99
CA ASP L 305 -5.34 -54.55 23.04
C ASP L 305 -6.03 -55.88 23.30
N THR L 306 -6.81 -56.36 22.32
CA THR L 306 -7.56 -57.63 22.37
C THR L 306 -6.65 -58.86 22.33
N GLY L 307 -5.50 -58.74 21.66
CA GLY L 307 -4.52 -59.80 21.49
C GLY L 307 -3.97 -60.33 22.80
N SER L 308 -3.43 -59.43 23.63
CA SER L 308 -2.89 -59.78 24.95
C SER L 308 -3.96 -59.63 26.02
N ASN L 309 -4.21 -60.72 26.74
CA ASN L 309 -5.22 -60.83 27.79
C ASN L 309 -4.56 -60.97 29.17
N TRP L 310 -5.30 -60.64 30.25
CA TRP L 310 -4.79 -60.76 31.61
C TRP L 310 -4.72 -62.20 32.10
N SER L 311 -5.73 -63.03 31.79
CA SER L 311 -5.79 -64.44 32.22
C SER L 311 -4.90 -65.40 31.41
N GLU L 312 -3.96 -64.86 30.60
CA GLU L 312 -2.99 -65.63 29.83
C GLU L 312 -1.54 -65.26 30.21
N VAL L 313 -1.35 -64.05 30.79
CA VAL L 313 -0.04 -63.52 31.21
C VAL L 313 0.14 -63.55 32.75
N LEU L 314 -0.92 -63.90 33.51
CA LEU L 314 -0.88 -63.99 34.97
C LEU L 314 -0.25 -65.30 35.52
N PRO L 315 -0.46 -66.53 34.93
CA PRO L 315 0.22 -67.71 35.48
C PRO L 315 1.73 -67.66 35.24
N GLN L 316 2.16 -66.76 34.32
CA GLN L 316 3.55 -66.49 33.98
C GLN L 316 4.22 -65.75 35.14
N ILE L 317 3.51 -64.76 35.76
CA ILE L 317 3.98 -63.96 36.89
C ILE L 317 4.14 -64.84 38.14
N GLN L 318 3.10 -65.62 38.50
CA GLN L 318 3.03 -66.50 39.68
C GLN L 318 4.08 -67.62 39.73
N GLU L 319 4.63 -68.03 38.57
CA GLU L 319 5.65 -69.08 38.47
C GLU L 319 7.08 -68.51 38.52
N THR L 320 7.25 -67.25 38.06
CA THR L 320 8.54 -66.56 38.01
C THR L 320 8.87 -65.76 39.29
N THR L 321 7.84 -65.40 40.08
CA THR L 321 8.00 -64.57 41.29
C THR L 321 7.71 -65.29 42.63
N ALA L 322 7.91 -64.56 43.74
CA ALA L 322 7.63 -64.99 45.11
C ALA L 322 6.48 -64.12 45.65
N ARG L 323 5.51 -64.73 46.37
CA ARG L 323 4.34 -64.03 46.92
C ARG L 323 4.53 -63.59 48.39
N ILE L 324 4.59 -62.27 48.64
CA ILE L 324 4.74 -61.69 49.98
C ILE L 324 3.45 -60.96 50.37
N ILE L 325 2.84 -61.36 51.50
CA ILE L 325 1.59 -60.78 52.05
C ILE L 325 1.95 -59.94 53.29
N PHE L 326 1.41 -58.70 53.37
CA PHE L 326 1.69 -57.77 54.47
C PHE L 326 0.49 -56.87 54.78
N ASN L 327 0.31 -56.52 56.07
CA ASN L 327 -0.81 -55.70 56.53
C ASN L 327 -0.36 -54.59 57.52
N GLY L 328 0.59 -53.78 57.06
CA GLY L 328 1.17 -52.69 57.82
C GLY L 328 0.24 -51.50 57.99
N LYS L 329 -0.07 -50.80 56.88
CA LYS L 329 -0.95 -49.61 56.83
C LYS L 329 -2.33 -49.89 57.41
N ASP L 330 -2.90 -51.04 57.05
CA ASP L 330 -4.20 -51.51 57.51
C ASP L 330 -4.15 -53.00 57.69
N LEU L 331 -4.94 -53.54 58.62
CA LEU L 331 -4.96 -54.98 58.91
C LEU L 331 -5.73 -55.81 57.84
N ASN L 332 -5.52 -55.46 56.55
CA ASN L 332 -6.08 -56.11 55.36
C ASN L 332 -4.90 -56.65 54.52
N LEU L 333 -5.07 -57.85 53.90
CA LEU L 333 -4.00 -58.48 53.11
C LEU L 333 -3.68 -57.77 51.78
N VAL L 334 -2.40 -57.38 51.62
CA VAL L 334 -1.85 -56.71 50.44
C VAL L 334 -0.99 -57.74 49.68
N GLU L 335 -1.31 -58.00 48.40
CA GLU L 335 -0.62 -58.99 47.57
C GLU L 335 0.34 -58.33 46.56
N ARG L 336 1.65 -58.41 46.85
CA ARG L 336 2.71 -57.86 46.01
C ARG L 336 3.75 -58.94 45.68
N ARG L 337 4.04 -59.13 44.37
CA ARG L 337 5.02 -60.12 43.88
C ARG L 337 6.27 -59.46 43.30
N ILE L 338 7.46 -60.07 43.55
CA ILE L 338 8.76 -59.57 43.11
C ILE L 338 9.54 -60.65 42.32
N ALA L 339 10.05 -60.27 41.13
CA ALA L 339 10.79 -61.11 40.19
C ALA L 339 12.11 -61.68 40.74
N ALA L 340 12.00 -62.79 41.49
CA ALA L 340 13.10 -63.51 42.13
C ALA L 340 13.79 -64.54 41.21
N VAL L 341 15.01 -64.98 41.59
CA VAL L 341 15.82 -65.95 40.85
C VAL L 341 15.28 -67.39 40.94
N ASN L 342 15.39 -68.14 39.83
CA ASN L 342 15.01 -69.55 39.76
C ASN L 342 16.22 -70.35 39.26
N PRO L 343 16.70 -71.37 40.01
CA PRO L 343 17.93 -72.08 39.59
C PRO L 343 17.78 -73.01 38.39
N SER L 344 16.62 -73.66 38.26
CA SER L 344 16.33 -74.61 37.18
C SER L 344 16.40 -73.94 35.81
N ASP L 345 15.72 -72.80 35.67
CA ASP L 345 15.65 -72.04 34.42
C ASP L 345 16.77 -70.99 34.36
N PRO L 346 17.61 -71.00 33.30
CA PRO L 346 18.70 -70.01 33.22
C PRO L 346 18.22 -68.59 32.91
N LEU L 347 17.09 -68.44 32.18
CA LEU L 347 16.49 -67.15 31.82
C LEU L 347 15.91 -66.44 33.04
N GLU L 348 15.52 -67.23 34.05
CA GLU L 348 14.98 -66.75 35.33
C GLU L 348 16.12 -66.47 36.33
N THR L 349 17.36 -66.79 35.92
CA THR L 349 18.58 -66.51 36.68
C THR L 349 19.19 -65.24 36.09
N THR L 350 18.70 -64.82 34.90
CA THR L 350 19.10 -63.59 34.19
C THR L 350 18.54 -62.38 34.94
N LYS L 351 17.42 -62.57 35.65
CA LYS L 351 16.78 -61.58 36.51
C LYS L 351 17.69 -61.39 37.73
N PRO L 352 17.81 -60.17 38.32
CA PRO L 352 18.75 -59.99 39.45
C PRO L 352 18.39 -60.72 40.74
N ASP L 353 19.44 -61.09 41.52
CA ASP L 353 19.33 -61.81 42.79
C ASP L 353 18.62 -60.98 43.84
N MET L 354 17.55 -61.56 44.42
CA MET L 354 16.71 -60.86 45.36
C MET L 354 17.02 -61.16 46.81
N THR L 355 17.04 -60.08 47.63
CA THR L 355 17.23 -60.08 49.07
C THR L 355 15.92 -59.72 49.75
N LEU L 356 15.69 -60.25 50.96
CA LEU L 356 14.49 -59.98 51.75
C LEU L 356 14.37 -58.50 52.11
N LYS L 357 15.52 -57.86 52.41
CA LYS L 357 15.65 -56.45 52.77
C LYS L 357 15.14 -55.52 51.65
N GLU L 358 15.81 -55.53 50.48
CA GLU L 358 15.47 -54.69 49.33
C GLU L 358 14.08 -54.95 48.75
N ALA L 359 13.63 -56.24 48.71
CA ALA L 359 12.32 -56.63 48.18
C ALA L 359 11.16 -56.07 48.99
N LEU L 360 11.30 -56.02 50.32
CA LEU L 360 10.29 -55.49 51.24
C LEU L 360 10.16 -53.97 51.11
N LYS L 361 11.30 -53.30 50.83
CA LYS L 361 11.40 -51.85 50.66
C LYS L 361 10.72 -51.34 49.38
N ILE L 362 11.08 -51.91 48.22
CA ILE L 362 10.57 -51.50 46.91
C ILE L 362 9.09 -51.86 46.68
N ALA L 363 8.63 -53.02 47.20
CA ALA L 363 7.25 -53.50 47.01
C ALA L 363 6.20 -52.90 47.94
N PHE L 364 6.54 -52.67 49.23
CA PHE L 364 5.57 -52.14 50.19
C PHE L 364 5.86 -50.69 50.59
N GLY L 365 7.09 -50.43 51.04
CA GLY L 365 7.53 -49.09 51.44
C GLY L 365 8.34 -49.06 52.71
N PHE L 366 9.15 -50.12 52.94
CA PHE L 366 10.03 -50.23 54.11
C PHE L 366 11.20 -49.25 53.99
N ASN L 367 11.64 -48.69 55.12
CA ASN L 367 12.76 -47.74 55.17
C ASN L 367 13.88 -48.22 56.09
N GLU L 368 15.13 -47.90 55.73
CA GLU L 368 16.32 -48.26 56.50
C GLU L 368 16.93 -46.96 57.08
N PRO L 369 16.47 -46.48 58.27
CA PRO L 369 17.01 -45.23 58.82
C PRO L 369 18.31 -45.37 59.62
N ASN L 370 18.36 -46.34 60.55
CA ASN L 370 19.52 -46.62 61.40
C ASN L 370 20.36 -47.72 60.75
N GLY L 371 19.68 -48.81 60.37
CA GLY L 371 20.23 -50.00 59.76
C GLY L 371 19.19 -51.11 59.81
N ASN L 372 18.31 -51.03 60.82
CA ASN L 372 17.19 -51.94 61.04
C ASN L 372 16.02 -51.51 60.16
N LEU L 373 15.36 -52.48 59.52
CA LEU L 373 14.22 -52.22 58.65
C LEU L 373 12.97 -51.90 59.45
N GLN L 374 12.20 -50.90 59.00
CA GLN L 374 10.96 -50.48 59.66
C GLN L 374 9.92 -49.90 58.68
N TYR L 375 8.65 -50.28 58.87
CA TYR L 375 7.54 -49.85 58.03
C TYR L 375 6.83 -48.63 58.63
N GLN L 376 7.17 -47.44 58.11
CA GLN L 376 6.63 -46.12 58.51
C GLN L 376 6.79 -45.81 60.02
N GLY L 377 7.61 -46.61 60.71
CA GLY L 377 7.88 -46.49 62.13
C GLY L 377 7.96 -47.82 62.85
N LYS L 378 7.01 -48.73 62.55
CA LYS L 378 6.92 -50.07 63.14
C LYS L 378 8.11 -50.93 62.70
N ASP L 379 8.93 -51.38 63.66
CA ASP L 379 10.14 -52.18 63.41
C ASP L 379 9.83 -53.55 62.78
N ILE L 380 10.80 -54.14 62.08
CA ILE L 380 10.69 -55.45 61.41
C ILE L 380 10.40 -56.58 62.42
N THR L 381 10.98 -56.47 63.64
CA THR L 381 10.83 -57.41 64.77
C THR L 381 9.39 -57.46 65.30
N GLU L 382 8.65 -56.33 65.15
CA GLU L 382 7.25 -56.19 65.56
C GLU L 382 6.31 -57.00 64.64
N PHE L 383 6.84 -57.53 63.52
CA PHE L 383 6.10 -58.33 62.56
C PHE L 383 6.50 -59.80 62.56
N ASP L 384 5.50 -60.68 62.44
CA ASP L 384 5.60 -62.13 62.43
C ASP L 384 5.99 -62.65 61.05
N PHE L 385 6.81 -63.73 61.02
CA PHE L 385 7.29 -64.37 59.78
C PHE L 385 6.69 -65.76 59.60
N ASN L 386 5.92 -65.95 58.52
CA ASN L 386 5.27 -67.23 58.19
C ASN L 386 5.57 -67.67 56.76
N PHE L 387 5.81 -68.98 56.57
CA PHE L 387 6.11 -69.57 55.26
C PHE L 387 5.41 -70.92 55.09
N ASP L 388 5.53 -71.53 53.90
CA ASP L 388 4.94 -72.84 53.59
C ASP L 388 5.91 -73.98 53.91
N GLN L 389 5.74 -75.15 53.26
CA GLN L 389 6.58 -76.34 53.44
C GLN L 389 7.99 -76.11 52.88
N GLN L 390 8.08 -75.88 51.56
CA GLN L 390 9.32 -75.69 50.81
C GLN L 390 9.98 -74.32 51.01
N THR L 391 9.18 -73.24 51.26
CA THR L 391 9.68 -71.88 51.49
C THR L 391 10.49 -71.80 52.79
N SER L 392 9.94 -72.32 53.89
CA SER L 392 10.59 -72.35 55.20
C SER L 392 11.81 -73.27 55.19
N GLN L 393 11.74 -74.40 54.47
CA GLN L 393 12.82 -75.38 54.33
C GLN L 393 14.00 -74.80 53.55
N ASN L 394 13.72 -73.94 52.54
CA ASN L 394 14.74 -73.28 51.73
C ASN L 394 15.49 -72.26 52.58
N ILE L 395 14.77 -71.52 53.44
CA ILE L 395 15.34 -70.52 54.35
C ILE L 395 16.06 -71.22 55.52
N LYS L 396 15.57 -72.41 55.94
CA LYS L 396 16.14 -73.24 57.01
C LYS L 396 17.61 -73.56 56.71
N ASN L 397 17.91 -73.95 55.45
CA ASN L 397 19.25 -74.28 54.97
C ASN L 397 20.14 -73.04 54.99
N GLN L 398 19.59 -71.88 54.55
CA GLN L 398 20.28 -70.58 54.50
C GLN L 398 20.70 -70.11 55.91
N LEU L 399 19.77 -70.18 56.89
CA LEU L 399 19.99 -69.77 58.29
C LEU L 399 21.11 -70.57 58.97
N ALA L 400 21.29 -71.84 58.57
CA ALA L 400 22.34 -72.73 59.09
C ALA L 400 23.68 -72.41 58.44
N GLU L 401 23.67 -72.05 57.13
CA GLU L 401 24.85 -71.67 56.35
C GLU L 401 25.36 -70.29 56.76
N LEU L 402 24.42 -69.40 57.15
CA LEU L 402 24.69 -68.04 57.63
C LEU L 402 24.96 -68.05 59.15
N ASN L 403 24.75 -69.23 59.79
CA ASN L 403 24.93 -69.56 61.22
C ASN L 403 23.89 -68.91 62.13
N ALA L 404 23.55 -67.62 61.91
CA ALA L 404 22.57 -66.88 62.71
C ALA L 404 21.18 -67.52 62.58
N THR L 405 20.64 -68.01 63.71
CA THR L 405 19.33 -68.69 63.79
C THR L 405 18.15 -67.71 63.67
N ASN L 406 18.37 -66.43 63.99
CA ASN L 406 17.32 -65.40 63.92
C ASN L 406 17.24 -64.81 62.50
N ILE L 407 16.01 -64.71 61.97
CA ILE L 407 15.73 -64.19 60.63
C ILE L 407 16.00 -62.67 60.53
N TYR L 408 15.80 -61.92 61.63
CA TYR L 408 16.01 -60.46 61.70
C TYR L 408 17.50 -60.06 61.67
N THR L 409 18.40 -60.99 62.06
CA THR L 409 19.86 -60.82 62.09
C THR L 409 20.42 -60.81 60.66
N VAL L 410 20.20 -61.91 59.90
CA VAL L 410 20.66 -62.08 58.52
C VAL L 410 19.60 -61.61 57.48
N LEU L 411 18.72 -60.67 57.90
CA LEU L 411 17.63 -60.04 57.15
C LEU L 411 18.06 -59.55 55.76
N ASP L 412 19.25 -58.93 55.68
CA ASP L 412 19.86 -58.37 54.47
C ASP L 412 20.56 -59.41 53.59
N LYS L 413 20.75 -60.65 54.10
CA LYS L 413 21.44 -61.73 53.39
C LYS L 413 20.54 -62.92 52.98
N ILE L 414 19.26 -62.91 53.40
CA ILE L 414 18.32 -63.99 53.06
C ILE L 414 17.88 -63.85 51.59
N LYS L 415 18.24 -64.86 50.77
CA LYS L 415 17.92 -64.90 49.35
C LYS L 415 16.50 -65.35 49.08
N LEU L 416 15.84 -64.71 48.09
CA LEU L 416 14.47 -65.01 47.69
C LEU L 416 14.44 -65.79 46.38
N ASN L 417 13.69 -66.89 46.36
CA ASN L 417 13.51 -67.77 45.20
C ASN L 417 12.10 -67.64 44.60
N ALA L 418 11.91 -68.12 43.36
CA ALA L 418 10.60 -68.09 42.68
C ALA L 418 9.65 -69.11 43.31
N LYS L 419 8.32 -68.99 43.03
CA LYS L 419 7.24 -69.85 43.55
C LYS L 419 7.00 -69.71 45.07
N MET L 420 8.01 -69.21 45.82
CA MET L 420 8.01 -69.01 47.27
C MET L 420 6.77 -68.27 47.77
N ASN L 421 6.18 -68.75 48.87
CA ASN L 421 5.01 -68.11 49.49
C ASN L 421 5.35 -67.69 50.91
N ILE L 422 5.37 -66.37 51.13
CA ILE L 422 5.73 -65.72 52.41
C ILE L 422 4.53 -64.89 52.92
N LEU L 423 4.24 -65.00 54.23
CA LEU L 423 3.17 -64.26 54.89
C LEU L 423 3.69 -63.49 56.09
N ILE L 424 3.56 -62.15 56.05
CA ILE L 424 4.02 -61.25 57.12
C ILE L 424 2.81 -60.55 57.73
N ARG L 425 2.62 -60.75 59.04
CA ARG L 425 1.51 -60.17 59.80
C ARG L 425 1.96 -59.47 61.09
N ASP L 426 1.14 -58.53 61.60
CA ASP L 426 1.44 -57.78 62.83
C ASP L 426 1.30 -58.67 64.07
N LYS L 427 2.36 -58.71 64.91
CA LYS L 427 2.39 -59.53 66.15
C LYS L 427 1.40 -59.07 67.22
N ARG L 428 0.93 -57.80 67.15
CA ARG L 428 -0.02 -57.18 68.07
C ARG L 428 -1.35 -57.94 68.13
N ASP L 441 -4.43 -58.92 72.55
CA ASP L 441 -4.19 -59.08 73.98
C ASP L 441 -4.89 -57.98 74.77
N GLU L 442 -5.51 -58.34 75.91
CA GLU L 442 -6.25 -57.44 76.82
C GLU L 442 -5.52 -56.12 77.08
N SER L 443 -4.19 -56.20 77.24
CA SER L 443 -3.27 -55.08 77.48
C SER L 443 -3.26 -54.09 76.31
N VAL L 444 -3.15 -54.60 75.07
CA VAL L 444 -3.10 -53.83 73.82
C VAL L 444 -4.40 -53.01 73.61
N VAL L 445 -5.56 -53.59 73.96
CA VAL L 445 -6.88 -52.94 73.82
C VAL L 445 -6.99 -51.74 74.77
N LYS L 446 -6.47 -51.89 76.00
CA LYS L 446 -6.48 -50.86 77.06
C LYS L 446 -5.64 -49.62 76.70
N GLU L 447 -4.62 -49.78 75.84
CA GLU L 447 -3.71 -48.71 75.41
C GLU L 447 -4.39 -47.69 74.49
N ALA L 448 -5.25 -48.15 73.56
CA ALA L 448 -5.96 -47.31 72.61
C ALA L 448 -7.16 -46.58 73.24
N HIS L 449 -7.79 -47.21 74.24
CA HIS L 449 -8.97 -46.67 74.96
C HIS L 449 -8.59 -45.84 76.21
N ARG L 450 -7.30 -45.48 76.34
CA ARG L 450 -6.77 -44.69 77.45
C ARG L 450 -7.17 -43.21 77.30
N GLU L 451 -7.04 -42.66 76.06
CA GLU L 451 -7.34 -41.26 75.72
C GLU L 451 -8.84 -40.98 75.76
N VAL L 452 -9.27 -40.17 76.75
CA VAL L 452 -10.68 -39.79 76.97
C VAL L 452 -10.88 -38.33 76.51
N ILE L 453 -11.88 -38.08 75.65
CA ILE L 453 -12.21 -36.75 75.15
C ILE L 453 -13.51 -36.25 75.79
N LYS L 466 -7.51 -46.28 65.01
CA LYS L 466 -8.23 -46.88 63.89
C LYS L 466 -7.86 -48.35 63.64
N ASP L 467 -6.58 -48.71 63.81
CA ASP L 467 -6.07 -50.08 63.60
C ASP L 467 -6.51 -51.03 64.72
N ILE L 468 -6.52 -50.52 65.98
CA ILE L 468 -6.90 -51.28 67.18
C ILE L 468 -8.43 -51.51 67.23
N ARG L 469 -9.23 -50.48 66.88
CA ARG L 469 -10.70 -50.54 66.88
C ARG L 469 -11.29 -51.51 65.84
N LYS L 470 -10.46 -51.95 64.86
CA LYS L 470 -10.87 -52.87 63.80
C LYS L 470 -11.20 -54.28 64.33
N ILE L 471 -10.59 -54.68 65.46
CA ILE L 471 -10.83 -55.99 66.08
C ILE L 471 -11.96 -55.90 67.14
N LEU L 472 -12.59 -54.71 67.27
CA LEU L 472 -13.68 -54.46 68.22
C LEU L 472 -15.06 -54.65 67.59
N LYS L 536 -14.09 -59.08 68.36
CA LYS L 536 -14.74 -59.85 67.30
C LYS L 536 -14.53 -61.35 67.49
N GLU L 537 -13.35 -61.76 67.99
CA GLU L 537 -13.00 -63.16 68.20
C GLU L 537 -13.71 -63.77 69.41
N ASN L 538 -14.10 -62.94 70.39
CA ASN L 538 -14.76 -63.38 71.62
C ASN L 538 -16.30 -63.32 71.56
N THR L 539 -16.86 -62.43 70.70
CA THR L 539 -18.31 -62.21 70.59
C THR L 539 -19.08 -63.45 70.08
N ILE L 540 -20.33 -63.60 70.56
CA ILE L 540 -21.21 -64.69 70.18
C ILE L 540 -22.30 -64.17 69.25
N ILE L 541 -22.35 -64.77 68.06
CA ILE L 541 -23.30 -64.47 67.00
C ILE L 541 -24.69 -65.08 67.28
N ASN L 542 -24.73 -66.18 68.06
CA ASN L 542 -25.94 -66.92 68.46
C ASN L 542 -25.88 -67.38 69.93
N PRO L 543 -27.04 -67.58 70.62
CA PRO L 543 -26.98 -68.06 72.01
C PRO L 543 -26.60 -69.55 72.11
N SER L 544 -26.24 -70.00 73.32
CA SER L 544 -25.85 -71.38 73.61
C SER L 544 -27.04 -72.37 73.52
N GLU L 545 -26.78 -73.67 73.84
CA GLU L 545 -27.78 -74.75 73.84
C GLU L 545 -28.93 -74.45 74.81
N ASN L 546 -28.62 -73.78 75.93
CA ASN L 546 -29.57 -73.36 76.96
C ASN L 546 -30.33 -72.06 76.59
N GLY L 547 -29.90 -71.42 75.50
CA GLY L 547 -30.46 -70.17 75.02
C GLY L 547 -29.88 -69.01 75.81
N ASP L 548 -28.55 -68.95 75.89
CA ASP L 548 -27.81 -67.94 76.64
C ASP L 548 -27.87 -66.55 76.00
N THR L 549 -28.92 -65.79 76.36
CA THR L 549 -29.12 -64.40 75.90
C THR L 549 -28.61 -63.46 77.02
N SER L 550 -27.33 -63.63 77.41
CA SER L 550 -26.67 -62.87 78.46
C SER L 550 -25.21 -62.55 78.12
N THR L 551 -24.71 -61.41 78.65
CA THR L 551 -23.36 -60.88 78.44
C THR L 551 -22.28 -61.55 79.30
N ASN L 552 -22.67 -62.47 80.21
CA ASN L 552 -21.78 -63.20 81.10
C ASN L 552 -20.87 -64.19 80.36
N THR M 7 28.51 -65.67 8.74
CA THR M 7 27.27 -66.46 8.64
C THR M 7 27.30 -67.65 9.59
N VAL M 8 26.17 -67.90 10.26
CA VAL M 8 26.01 -69.00 11.20
C VAL M 8 25.23 -70.14 10.52
N PRO M 9 25.73 -71.40 10.51
CA PRO M 9 24.99 -72.48 9.85
C PRO M 9 23.86 -73.03 10.72
N ASP M 10 22.60 -72.62 10.40
CA ASP M 10 21.39 -73.05 11.11
C ASP M 10 20.31 -73.37 10.09
N ARG M 11 19.91 -74.65 10.02
CA ARG M 11 18.90 -75.17 9.09
C ARG M 11 17.48 -75.05 9.65
N ASP M 12 17.28 -75.39 10.93
CA ASP M 12 15.96 -75.30 11.58
C ASP M 12 15.56 -73.88 11.96
N ASN M 13 16.54 -72.93 11.97
CA ASN M 13 16.38 -71.51 12.32
C ASN M 13 15.84 -71.30 13.74
N ASP M 14 16.04 -72.33 14.58
CA ASP M 14 15.62 -72.40 15.98
C ASP M 14 16.40 -71.41 16.86
N GLY M 15 17.72 -71.36 16.65
CA GLY M 15 18.66 -70.53 17.39
C GLY M 15 19.93 -71.28 17.69
N ILE M 16 19.88 -72.63 17.57
CA ILE M 16 21.00 -73.53 17.80
C ILE M 16 21.62 -73.92 16.43
N PRO M 17 22.93 -73.66 16.22
CA PRO M 17 23.54 -74.01 14.93
C PRO M 17 23.72 -75.50 14.73
N ASP M 18 23.86 -75.93 13.45
CA ASP M 18 24.04 -77.32 13.02
C ASP M 18 25.16 -78.03 13.77
N SER M 19 26.29 -77.32 14.00
CA SER M 19 27.47 -77.83 14.70
C SER M 19 27.18 -78.24 16.15
N LEU M 20 26.51 -77.36 16.93
CA LEU M 20 26.17 -77.63 18.33
C LEU M 20 25.04 -78.64 18.45
N GLU M 21 24.01 -78.50 17.60
CA GLU M 21 22.82 -79.36 17.56
C GLU M 21 23.18 -80.84 17.36
N VAL M 22 24.21 -81.12 16.53
CA VAL M 22 24.68 -82.47 16.22
C VAL M 22 25.62 -83.02 17.30
N GLU M 23 26.73 -82.30 17.58
CA GLU M 23 27.77 -82.71 18.53
C GLU M 23 27.37 -82.65 20.01
N GLY M 24 26.85 -81.51 20.46
CA GLY M 24 26.45 -81.30 21.85
C GLY M 24 26.48 -79.84 22.25
N TYR M 25 25.58 -79.44 23.17
CA TYR M 25 25.46 -78.06 23.66
C TYR M 25 24.79 -77.96 25.03
N THR M 26 24.92 -76.79 25.69
CA THR M 26 24.34 -76.45 26.99
C THR M 26 24.15 -74.92 27.14
N VAL M 27 23.40 -74.50 28.17
CA VAL M 27 23.12 -73.08 28.45
C VAL M 27 23.77 -72.68 29.78
N ASP M 28 24.51 -71.55 29.77
CA ASP M 28 25.20 -71.03 30.96
C ASP M 28 24.94 -69.52 31.14
N VAL M 29 25.18 -69.01 32.36
CA VAL M 29 24.99 -67.60 32.69
C VAL M 29 26.33 -66.89 32.96
N LYS M 30 26.62 -65.84 32.17
CA LYS M 30 27.85 -65.04 32.27
C LYS M 30 27.70 -64.07 33.45
N ASN M 31 27.47 -62.77 33.16
CA ASN M 31 27.23 -61.74 34.18
C ASN M 31 25.84 -62.05 34.71
N LYS M 32 24.85 -62.04 33.80
CA LYS M 32 23.45 -62.40 34.02
C LYS M 32 22.95 -63.09 32.76
N ARG M 33 23.38 -62.57 31.58
CA ARG M 33 23.04 -63.01 30.21
C ARG M 33 23.16 -64.51 29.96
N THR M 34 22.20 -65.06 29.20
CA THR M 34 22.17 -66.49 28.84
C THR M 34 23.08 -66.73 27.65
N PHE M 35 23.92 -67.77 27.74
CA PHE M 35 24.91 -68.14 26.72
C PHE M 35 24.82 -69.60 26.31
N LEU M 36 24.78 -69.86 24.99
CA LEU M 36 24.74 -71.20 24.39
C LEU M 36 26.17 -71.55 23.97
N SER M 37 26.66 -72.69 24.46
CA SER M 37 28.04 -73.14 24.20
C SER M 37 28.13 -74.65 23.95
N PRO M 38 29.08 -75.14 23.11
CA PRO M 38 29.23 -76.59 22.91
C PRO M 38 29.62 -77.33 24.19
N TRP M 39 29.30 -78.64 24.25
CA TRP M 39 29.57 -79.49 25.42
C TRP M 39 31.05 -79.79 25.67
N ILE M 40 31.50 -79.48 26.91
CA ILE M 40 32.86 -79.71 27.40
C ILE M 40 32.76 -80.50 28.73
N SER M 41 33.61 -81.52 28.90
CA SER M 41 33.65 -82.33 30.14
C SER M 41 34.63 -81.71 31.14
N ASN M 42 35.46 -80.75 30.66
CA ASN M 42 36.47 -80.05 31.44
C ASN M 42 35.88 -78.97 32.36
N ILE M 43 34.75 -78.35 31.96
CA ILE M 43 34.15 -77.26 32.73
C ILE M 43 32.63 -77.37 32.91
N HIS M 44 31.86 -77.59 31.81
CA HIS M 44 30.40 -77.68 31.84
C HIS M 44 29.86 -78.82 32.71
N GLU M 45 30.42 -80.04 32.55
CA GLU M 45 30.05 -81.25 33.31
C GLU M 45 30.40 -81.08 34.79
N LYS M 46 31.55 -80.43 35.07
CA LYS M 46 32.04 -80.17 36.42
C LYS M 46 31.22 -79.08 37.12
N LYS M 47 30.71 -78.08 36.35
CA LYS M 47 29.88 -76.99 36.87
C LYS M 47 28.51 -77.48 37.34
N GLY M 48 28.03 -78.57 36.73
CA GLY M 48 26.75 -79.19 37.04
C GLY M 48 25.68 -78.88 36.01
N LEU M 49 26.00 -79.09 34.73
CA LEU M 49 25.08 -78.83 33.61
C LEU M 49 24.65 -80.12 32.91
N THR M 50 23.58 -80.03 32.10
CA THR M 50 23.02 -81.16 31.37
C THR M 50 23.49 -81.13 29.91
N LYS M 51 23.78 -82.32 29.34
CA LYS M 51 24.21 -82.46 27.95
C LYS M 51 22.99 -82.54 27.02
N TYR M 52 22.78 -81.48 26.21
CA TYR M 52 21.68 -81.40 25.26
C TYR M 52 22.16 -81.68 23.85
N LYS M 53 21.29 -82.34 23.07
CA LYS M 53 21.49 -82.68 21.66
C LYS M 53 20.12 -82.78 21.00
N SER M 54 19.89 -81.99 19.94
CA SER M 54 18.60 -81.98 19.24
C SER M 54 18.74 -82.18 17.73
N SER M 55 17.64 -81.96 16.97
CA SER M 55 17.62 -82.13 15.51
C SER M 55 17.91 -80.82 14.74
N PRO M 56 18.98 -80.78 13.91
CA PRO M 56 19.30 -79.55 13.18
C PRO M 56 18.35 -79.18 12.04
N GLU M 57 17.54 -80.14 11.57
CA GLU M 57 16.56 -79.91 10.49
C GLU M 57 15.12 -79.79 11.02
N LYS M 58 14.89 -80.19 12.29
CA LYS M 58 13.58 -80.09 12.93
C LYS M 58 13.56 -78.91 13.90
N TRP M 59 12.61 -77.97 13.69
CA TRP M 59 12.41 -76.77 14.53
C TRP M 59 12.16 -77.20 15.97
N SER M 60 11.29 -78.20 16.15
CA SER M 60 10.96 -78.79 17.43
C SER M 60 11.15 -80.29 17.26
N THR M 61 12.25 -80.80 17.84
CA THR M 61 12.64 -82.20 17.81
C THR M 61 11.53 -83.09 18.38
N ALA M 62 10.88 -82.62 19.45
CA ALA M 62 9.78 -83.31 20.13
C ALA M 62 8.44 -83.22 19.37
N SER M 63 8.41 -82.50 18.22
CA SER M 63 7.24 -82.28 17.35
C SER M 63 6.16 -81.39 18.02
N ASP M 64 6.43 -80.91 19.25
CA ASP M 64 5.52 -80.07 20.04
C ASP M 64 5.52 -78.60 19.52
N PRO M 65 4.51 -77.77 19.89
CA PRO M 65 4.49 -76.38 19.39
C PRO M 65 5.61 -75.44 19.86
N TYR M 66 6.48 -75.89 20.78
CA TYR M 66 7.59 -75.08 21.30
C TYR M 66 8.93 -75.52 20.70
N SER M 67 9.71 -74.55 20.19
CA SER M 67 11.01 -74.78 19.54
C SER M 67 12.09 -75.34 20.46
N ASP M 68 13.13 -75.96 19.86
CA ASP M 68 14.27 -76.58 20.55
C ASP M 68 15.02 -75.60 21.44
N PHE M 69 15.14 -74.33 20.99
CA PHE M 69 15.79 -73.25 21.73
C PHE M 69 14.96 -72.79 22.94
N GLU M 70 13.62 -72.70 22.79
CA GLU M 70 12.67 -72.28 23.82
C GLU M 70 12.74 -73.09 25.13
N LYS M 71 13.05 -74.39 25.04
CA LYS M 71 13.13 -75.27 26.21
C LYS M 71 14.49 -75.22 26.92
N VAL M 72 15.62 -75.24 26.18
CA VAL M 72 16.96 -75.19 26.77
C VAL M 72 17.25 -73.87 27.51
N THR M 73 16.99 -72.72 26.86
CA THR M 73 17.24 -71.41 27.48
C THR M 73 16.15 -71.06 28.49
N GLY M 74 14.95 -71.61 28.31
CA GLY M 74 13.81 -71.39 29.17
C GLY M 74 12.85 -70.30 28.69
N ARG M 75 12.87 -70.01 27.38
CA ARG M 75 11.99 -69.02 26.73
C ARG M 75 10.65 -69.67 26.32
N ILE M 76 10.15 -70.59 27.15
CA ILE M 76 8.91 -71.36 26.94
C ILE M 76 7.82 -70.85 27.90
N ASP M 77 6.58 -71.39 27.78
CA ASP M 77 5.47 -71.10 28.69
C ASP M 77 5.92 -71.69 30.02
N LYS M 78 6.21 -70.81 30.99
CA LYS M 78 6.76 -71.12 32.32
C LYS M 78 6.08 -72.33 33.02
N ASN M 79 4.82 -72.63 32.67
CA ASN M 79 4.06 -73.77 33.22
C ASN M 79 4.56 -75.13 32.71
N VAL M 80 5.21 -75.17 31.52
CA VAL M 80 5.74 -76.40 30.92
C VAL M 80 6.69 -77.08 31.89
N SER M 81 6.34 -78.33 32.27
CA SER M 81 7.02 -79.23 33.21
C SER M 81 8.56 -79.22 33.09
N PRO M 82 9.30 -79.28 34.22
CA PRO M 82 10.78 -79.27 34.15
C PRO M 82 11.39 -80.44 33.37
N GLU M 83 10.74 -81.62 33.41
CA GLU M 83 11.18 -82.82 32.69
C GLU M 83 11.02 -82.68 31.18
N ALA M 84 10.12 -81.77 30.74
CA ALA M 84 9.84 -81.47 29.33
C ALA M 84 10.71 -80.34 28.76
N ARG M 85 11.53 -79.69 29.63
CA ARG M 85 12.41 -78.60 29.26
C ARG M 85 13.67 -79.05 28.45
N HIS M 86 13.82 -80.37 28.22
CA HIS M 86 14.89 -80.94 27.40
C HIS M 86 14.29 -81.11 26.00
N PRO M 87 15.01 -80.77 24.92
CA PRO M 87 14.42 -80.89 23.57
C PRO M 87 14.13 -82.33 23.07
N LEU M 88 14.49 -83.37 23.86
CA LEU M 88 14.26 -84.77 23.51
C LEU M 88 13.02 -85.37 24.24
N VAL M 89 12.30 -84.54 25.00
CA VAL M 89 11.09 -84.95 25.75
C VAL M 89 9.91 -84.09 25.31
N ALA M 90 8.80 -84.74 24.93
CA ALA M 90 7.58 -84.09 24.45
C ALA M 90 6.86 -83.28 25.51
N ALA M 91 6.54 -82.02 25.17
CA ALA M 91 5.81 -81.09 26.04
C ALA M 91 4.35 -81.01 25.54
N TYR M 92 3.55 -82.04 25.92
CA TYR M 92 2.15 -82.21 25.51
C TYR M 92 1.21 -82.59 26.67
N PRO M 93 -0.07 -82.17 26.66
CA PRO M 93 -0.97 -82.51 27.78
C PRO M 93 -1.80 -83.78 27.58
N ILE M 94 -2.02 -84.50 28.70
CA ILE M 94 -2.87 -85.70 28.83
C ILE M 94 -3.75 -85.41 30.05
N VAL M 95 -5.06 -85.65 29.95
CA VAL M 95 -5.97 -85.35 31.05
C VAL M 95 -7.10 -86.37 31.17
N HIS M 96 -7.40 -86.77 32.43
CA HIS M 96 -8.49 -87.67 32.79
C HIS M 96 -9.33 -86.99 33.90
N VAL M 97 -10.55 -87.46 34.08
CA VAL M 97 -11.47 -86.92 35.08
C VAL M 97 -11.39 -87.73 36.38
N ASP M 98 -11.07 -87.06 37.50
CA ASP M 98 -10.97 -87.66 38.83
C ASP M 98 -12.25 -87.39 39.62
N MET M 99 -12.96 -88.47 40.00
CA MET M 99 -14.20 -88.39 40.77
C MET M 99 -13.85 -88.49 42.25
N GLU M 100 -14.36 -87.54 43.06
CA GLU M 100 -14.08 -87.47 44.49
C GLU M 100 -15.11 -88.24 45.34
N ASN M 101 -16.40 -88.14 44.99
CA ASN M 101 -17.52 -88.79 45.68
C ASN M 101 -18.77 -88.84 44.81
N ILE M 102 -19.67 -89.79 45.11
CA ILE M 102 -20.95 -89.97 44.40
C ILE M 102 -22.13 -89.78 45.35
N ILE M 103 -23.33 -89.55 44.77
CA ILE M 103 -24.59 -89.42 45.50
C ILE M 103 -25.74 -89.92 44.61
N LEU M 104 -26.47 -90.93 45.12
CA LEU M 104 -27.57 -91.54 44.38
C LEU M 104 -28.92 -91.32 45.07
N SER M 105 -29.93 -90.90 44.29
CA SER M 105 -31.28 -90.62 44.74
C SER M 105 -32.32 -91.02 43.68
N LYS M 106 -33.58 -91.24 44.10
CA LYS M 106 -34.68 -91.58 43.18
C LYS M 106 -35.10 -90.32 42.41
N ASN M 107 -35.47 -90.48 41.12
CA ASN M 107 -35.85 -89.38 40.23
C ASN M 107 -37.02 -88.55 40.76
N GLU M 108 -36.87 -87.21 40.71
CA GLU M 108 -37.85 -86.24 41.20
C GLU M 108 -37.93 -85.04 40.25
N ASP M 116 -40.39 -89.34 51.04
CA ASP M 116 -39.30 -88.82 51.86
C ASP M 116 -37.94 -89.01 51.15
N SER M 117 -37.72 -88.25 50.04
CA SER M 117 -36.49 -88.32 49.24
C SER M 117 -35.34 -87.46 49.82
N GLN M 118 -35.08 -87.63 51.14
CA GLN M 118 -34.04 -86.93 51.92
C GLN M 118 -33.13 -87.94 52.64
N THR M 119 -33.73 -89.04 53.16
CA THR M 119 -33.04 -90.14 53.86
C THR M 119 -32.87 -91.37 52.93
N ARG M 120 -33.56 -91.36 51.77
CA ARG M 120 -33.50 -92.39 50.74
C ARG M 120 -32.46 -91.97 49.69
N THR M 121 -31.24 -91.59 50.17
CA THR M 121 -30.13 -91.12 49.35
C THR M 121 -28.80 -91.72 49.83
N ILE M 122 -28.14 -92.52 48.97
CA ILE M 122 -26.85 -93.14 49.32
C ILE M 122 -25.69 -92.31 48.78
N SER M 123 -24.71 -92.01 49.66
CA SER M 123 -23.52 -91.24 49.31
C SER M 123 -22.27 -91.96 49.76
N LYS M 124 -21.35 -92.22 48.80
CA LYS M 124 -20.08 -92.90 49.04
C LYS M 124 -18.95 -92.14 48.35
N ASN M 125 -17.75 -92.14 48.94
CA ASN M 125 -16.59 -91.47 48.37
C ASN M 125 -15.92 -92.36 47.32
N THR M 126 -15.52 -91.75 46.20
CA THR M 126 -14.90 -92.48 45.07
C THR M 126 -13.41 -92.18 44.91
N SER M 127 -12.67 -93.20 44.43
CA SER M 127 -11.24 -93.12 44.17
C SER M 127 -10.99 -93.33 42.68
N THR M 128 -10.28 -92.38 42.05
CA THR M 128 -10.01 -92.44 40.62
C THR M 128 -8.51 -92.37 40.34
N SER M 129 -8.09 -93.16 39.34
CA SER M 129 -6.71 -93.24 38.86
C SER M 129 -6.74 -93.44 37.35
N ARG M 130 -5.80 -92.82 36.62
CA ARG M 130 -5.73 -92.93 35.16
C ARG M 130 -5.41 -94.37 34.77
N THR M 131 -6.24 -94.95 33.89
CA THR M 131 -6.10 -96.32 33.45
C THR M 131 -5.54 -96.46 32.04
N HIS M 132 -4.55 -97.33 31.92
CA HIS M 132 -3.88 -97.66 30.66
C HIS M 132 -4.08 -99.15 30.48
N THR M 133 -5.19 -99.51 29.79
CA THR M 133 -5.63 -100.88 29.54
C THR M 133 -4.59 -101.75 28.83
N SER M 134 -4.43 -102.98 29.35
CA SER M 134 -3.52 -104.02 28.86
C SER M 134 -4.28 -104.98 27.95
N GLU M 135 -3.54 -105.66 27.06
CA GLU M 135 -4.04 -106.63 26.09
C GLU M 135 -4.70 -107.84 26.75
N VAL M 136 -5.66 -108.45 26.05
CA VAL M 136 -6.40 -109.64 26.47
C VAL M 136 -5.45 -110.86 26.63
N HIS M 137 -5.75 -111.77 27.57
CA HIS M 137 -4.87 -112.91 27.89
C HIS M 137 -4.69 -113.93 26.74
N GLY M 138 -5.66 -114.83 26.58
CA GLY M 138 -5.63 -115.89 25.57
C GLY M 138 -6.83 -116.78 25.72
N ASN M 139 -7.99 -116.14 25.93
CA ASN M 139 -9.30 -116.73 26.14
C ASN M 139 -10.37 -115.71 25.75
N ALA M 140 -10.12 -114.41 26.03
CA ALA M 140 -11.02 -113.32 25.66
C ALA M 140 -10.92 -113.07 24.15
N GLU M 141 -12.08 -113.05 23.48
CA GLU M 141 -12.22 -112.88 22.02
C GLU M 141 -11.68 -111.55 21.50
N SER M 158 -3.44 -98.36 23.33
CA SER M 158 -3.52 -97.28 22.36
C SER M 158 -3.65 -95.89 23.00
N ASN M 159 -3.20 -94.85 22.27
CA ASN M 159 -3.19 -93.46 22.71
C ASN M 159 -4.59 -92.86 22.90
N SER M 160 -5.04 -92.82 24.17
CA SER M 160 -6.32 -92.28 24.62
C SER M 160 -6.33 -92.05 26.12
N ASN M 161 -7.29 -91.24 26.61
CA ASN M 161 -7.44 -90.94 28.03
C ASN M 161 -8.69 -91.65 28.57
N SER M 162 -8.50 -92.51 29.59
CA SER M 162 -9.57 -93.27 30.25
C SER M 162 -9.23 -93.48 31.72
N SER M 163 -10.22 -93.23 32.61
CA SER M 163 -10.05 -93.38 34.04
C SER M 163 -11.18 -94.18 34.67
N THR M 164 -10.83 -95.17 35.50
CA THR M 164 -11.80 -96.03 36.19
C THR M 164 -11.94 -95.61 37.66
N VAL M 165 -13.20 -95.38 38.10
CA VAL M 165 -13.54 -94.96 39.47
C VAL M 165 -13.83 -96.19 40.35
N ALA M 166 -13.85 -96.00 41.69
CA ALA M 166 -14.15 -97.07 42.64
C ALA M 166 -15.04 -96.56 43.77
N ILE M 167 -16.33 -96.95 43.74
CA ILE M 167 -17.32 -96.56 44.74
C ILE M 167 -17.09 -97.35 46.04
N ASP M 168 -17.09 -96.64 47.19
CA ASP M 168 -16.90 -97.22 48.52
C ASP M 168 -18.00 -98.25 48.86
N HIS M 169 -17.58 -99.50 49.16
CA HIS M 169 -18.48 -100.61 49.49
C HIS M 169 -18.99 -100.52 50.94
N SER M 170 -18.18 -99.91 51.84
CA SER M 170 -18.44 -99.73 53.27
C SER M 170 -19.72 -98.97 53.61
N LEU M 171 -20.31 -99.29 54.78
CA LEU M 171 -21.55 -98.72 55.29
C LEU M 171 -21.59 -97.18 55.31
N ARG M 177 -29.05 -101.78 53.60
CA ARG M 177 -29.00 -103.04 52.85
C ARG M 177 -29.79 -102.93 51.55
N THR M 178 -29.15 -103.33 50.43
CA THR M 178 -29.65 -103.30 49.04
C THR M 178 -29.93 -101.86 48.62
N TRP M 179 -29.01 -101.28 47.82
CA TRP M 179 -29.09 -99.91 47.29
C TRP M 179 -30.40 -99.65 46.56
N ALA M 180 -30.90 -100.67 45.81
CA ALA M 180 -32.16 -100.66 45.06
C ALA M 180 -33.39 -100.44 45.97
N GLU M 181 -33.22 -100.77 47.27
CA GLU M 181 -34.26 -100.63 48.30
C GLU M 181 -33.95 -99.53 49.33
N THR M 182 -32.67 -99.11 49.44
CA THR M 182 -32.24 -98.03 50.36
C THR M 182 -32.78 -96.68 49.86
N MET M 183 -33.05 -96.57 48.53
CA MET M 183 -33.61 -95.41 47.86
C MET M 183 -35.13 -95.56 47.67
N GLY M 184 -35.59 -96.80 47.54
CA GLY M 184 -37.00 -97.13 47.33
C GLY M 184 -37.37 -97.18 45.86
N LEU M 185 -36.64 -98.02 45.09
CA LEU M 185 -36.84 -98.16 43.65
C LEU M 185 -37.37 -99.55 43.28
N ASN M 186 -38.04 -99.63 42.12
CA ASN M 186 -38.59 -100.84 41.53
C ASN M 186 -38.30 -100.85 40.03
N THR M 187 -38.59 -101.98 39.32
CA THR M 187 -38.36 -102.19 37.88
C THR M 187 -38.79 -100.99 37.00
N ALA M 188 -39.89 -100.32 37.38
CA ALA M 188 -40.43 -99.15 36.69
C ALA M 188 -39.72 -97.84 37.10
N ASP M 189 -39.36 -97.71 38.39
CA ASP M 189 -38.67 -96.53 38.96
C ASP M 189 -37.27 -96.32 38.39
N THR M 190 -36.86 -95.04 38.26
CA THR M 190 -35.55 -94.65 37.75
C THR M 190 -34.72 -93.93 38.82
N ALA M 191 -33.40 -94.21 38.82
CA ALA M 191 -32.44 -93.62 39.75
C ALA M 191 -31.59 -92.56 39.06
N ARG M 192 -31.47 -91.38 39.67
CA ARG M 192 -30.67 -90.27 39.12
C ARG M 192 -29.32 -90.16 39.82
N LEU M 193 -28.24 -90.23 39.03
CA LEU M 193 -26.87 -90.15 39.50
C LEU M 193 -26.32 -88.71 39.46
N ASN M 194 -25.57 -88.34 40.51
CA ASN M 194 -24.91 -87.06 40.68
C ASN M 194 -23.60 -87.31 41.43
N ALA M 195 -22.51 -86.63 41.00
CA ALA M 195 -21.21 -86.82 41.61
C ALA M 195 -20.32 -85.58 41.57
N ASN M 196 -19.27 -85.58 42.39
CA ASN M 196 -18.27 -84.51 42.46
C ASN M 196 -17.07 -84.94 41.61
N ILE M 197 -16.79 -84.16 40.56
CA ILE M 197 -15.73 -84.43 39.59
C ILE M 197 -14.70 -83.30 39.52
N ARG M 198 -13.45 -83.66 39.15
CA ARG M 198 -12.33 -82.73 39.01
C ARG M 198 -11.48 -83.06 37.78
N TYR M 199 -11.10 -82.05 37.01
CA TYR M 199 -10.23 -82.21 35.84
C TYR M 199 -8.80 -82.13 36.35
N VAL M 200 -7.97 -83.14 36.02
CA VAL M 200 -6.59 -83.21 36.47
C VAL M 200 -5.65 -83.56 35.30
N ASN M 201 -4.62 -82.72 35.08
CA ASN M 201 -3.63 -82.83 34.00
C ASN M 201 -2.39 -83.67 34.35
N THR M 202 -2.22 -84.83 33.67
CA THR M 202 -1.08 -85.74 33.84
C THR M 202 0.03 -85.44 32.81
N GLY M 203 -0.16 -84.36 32.05
CA GLY M 203 0.76 -83.94 30.99
C GLY M 203 1.95 -83.11 31.40
N THR M 204 2.47 -82.37 30.41
CA THR M 204 3.65 -81.50 30.51
C THR M 204 3.41 -80.11 29.87
N ALA M 205 2.17 -79.85 29.38
CA ALA M 205 1.79 -78.58 28.72
C ALA M 205 0.46 -77.99 29.23
N PRO M 206 0.25 -76.64 29.24
CA PRO M 206 -1.02 -76.10 29.77
C PRO M 206 -2.17 -75.99 28.77
N ILE M 207 -3.40 -75.99 29.32
CA ILE M 207 -4.67 -75.83 28.61
C ILE M 207 -5.32 -74.59 29.26
N TYR M 208 -5.36 -73.47 28.52
CA TYR M 208 -5.82 -72.15 28.97
C TYR M 208 -7.33 -71.90 28.96
N ASN M 209 -8.13 -72.60 28.14
CA ASN M 209 -9.56 -72.31 28.10
C ASN M 209 -10.49 -73.53 27.88
N VAL M 210 -10.66 -73.95 26.61
CA VAL M 210 -11.58 -75.05 26.24
C VAL M 210 -11.15 -76.40 26.84
N LEU M 211 -12.01 -76.95 27.70
CA LEU M 211 -11.82 -78.24 28.38
C LEU M 211 -12.25 -79.40 27.46
N PRO M 212 -11.55 -80.58 27.51
CA PRO M 212 -11.93 -81.70 26.63
C PRO M 212 -13.22 -82.41 27.03
N THR M 213 -13.93 -82.95 26.03
CA THR M 213 -15.19 -83.66 26.22
C THR M 213 -14.94 -85.01 26.89
N THR M 214 -15.76 -85.35 27.88
CA THR M 214 -15.65 -86.62 28.61
C THR M 214 -16.99 -87.34 28.63
N SER M 215 -16.96 -88.68 28.76
CA SER M 215 -18.18 -89.49 28.80
C SER M 215 -18.14 -90.56 29.88
N LEU M 216 -19.18 -90.60 30.74
CA LEU M 216 -19.29 -91.59 31.81
C LEU M 216 -19.91 -92.87 31.23
N VAL M 217 -19.16 -93.99 31.32
CA VAL M 217 -19.55 -95.29 30.77
C VAL M 217 -19.79 -96.34 31.87
N LEU M 218 -20.99 -96.95 31.87
CA LEU M 218 -21.35 -98.02 32.80
C LEU M 218 -20.92 -99.35 32.17
N GLY M 219 -20.10 -100.10 32.91
CA GLY M 219 -19.60 -101.39 32.48
C GLY M 219 -18.59 -101.32 31.35
N LYS M 220 -19.05 -101.57 30.11
CA LYS M 220 -18.17 -101.60 28.94
C LYS M 220 -18.45 -100.53 27.89
N ASN M 221 -19.72 -100.41 27.44
CA ASN M 221 -20.11 -99.48 26.39
C ASN M 221 -21.33 -98.61 26.69
N GLN M 222 -22.10 -98.96 27.75
CA GLN M 222 -23.31 -98.24 28.17
C GLN M 222 -23.02 -96.79 28.57
N THR M 223 -23.04 -95.89 27.58
CA THR M 223 -22.76 -94.46 27.74
C THR M 223 -23.89 -93.78 28.53
N LEU M 224 -23.61 -93.43 29.80
CA LEU M 224 -24.57 -92.78 30.69
C LEU M 224 -24.78 -91.31 30.37
N ALA M 225 -23.71 -90.50 30.40
CA ALA M 225 -23.77 -89.07 30.11
C ALA M 225 -22.45 -88.53 29.56
N THR M 226 -22.53 -87.44 28.79
CA THR M 226 -21.40 -86.76 28.17
C THR M 226 -21.25 -85.37 28.79
N ILE M 227 -20.12 -85.14 29.46
CA ILE M 227 -19.83 -83.89 30.17
C ILE M 227 -18.80 -83.03 29.43
N LYS M 228 -19.07 -81.71 29.34
CA LYS M 228 -18.22 -80.72 28.71
C LYS M 228 -18.60 -79.32 29.21
N ALA M 229 -17.65 -78.57 29.79
CA ALA M 229 -17.89 -77.20 30.27
C ALA M 229 -17.90 -76.24 29.06
N LYS M 230 -18.90 -75.33 28.93
CA LYS M 230 -19.05 -74.41 27.76
C LYS M 230 -17.71 -73.95 27.12
N GLU M 231 -17.65 -74.09 25.77
CA GLU M 231 -16.49 -73.79 24.90
C GLU M 231 -15.96 -72.35 25.06
N ASN M 232 -14.77 -72.23 25.68
CA ASN M 232 -14.03 -70.99 25.98
C ASN M 232 -14.84 -69.99 26.88
N GLN M 233 -15.83 -70.51 27.66
CA GLN M 233 -16.63 -69.69 28.59
C GLN M 233 -15.73 -69.28 29.74
N LEU M 234 -14.74 -70.14 30.02
CA LEU M 234 -13.77 -70.05 31.09
C LEU M 234 -12.35 -69.79 30.56
N SER M 235 -11.47 -69.27 31.44
CA SER M 235 -10.05 -69.00 31.15
C SER M 235 -9.16 -69.37 32.36
N GLN M 236 -9.63 -70.32 33.21
CA GLN M 236 -8.89 -70.82 34.36
C GLN M 236 -7.77 -71.73 33.85
N ILE M 237 -6.56 -71.51 34.35
CA ILE M 237 -5.36 -72.23 33.92
C ILE M 237 -5.25 -73.60 34.59
N LEU M 238 -5.01 -74.63 33.76
CA LEU M 238 -4.78 -76.01 34.17
C LEU M 238 -3.30 -76.27 33.97
N ALA M 239 -2.54 -76.24 35.07
CA ALA M 239 -1.09 -76.45 35.05
C ALA M 239 -0.75 -77.95 35.06
N PRO M 240 0.39 -78.39 34.46
CA PRO M 240 0.73 -79.83 34.48
C PRO M 240 0.97 -80.33 35.90
N ASN M 241 0.43 -81.53 36.21
CA ASN M 241 0.48 -82.20 37.52
C ASN M 241 -0.28 -81.39 38.62
N ASN M 242 -1.18 -80.46 38.18
CA ASN M 242 -2.02 -79.60 39.01
C ASN M 242 -3.50 -79.71 38.58
N TYR M 243 -4.41 -79.75 39.57
CA TYR M 243 -5.86 -79.87 39.42
C TYR M 243 -6.49 -78.60 38.82
N TYR M 244 -7.52 -78.75 37.97
CA TYR M 244 -8.28 -77.63 37.39
C TYR M 244 -9.11 -76.94 38.48
N PRO M 245 -10.09 -77.60 39.16
CA PRO M 245 -10.78 -76.92 40.25
C PRO M 245 -9.89 -77.09 41.48
N SER M 246 -8.84 -76.23 41.56
CA SER M 246 -7.79 -76.20 42.57
C SER M 246 -8.29 -76.59 43.95
N LYS M 247 -7.54 -77.46 44.63
CA LYS M 247 -7.84 -78.02 45.95
C LYS M 247 -8.28 -76.96 46.99
N ASN M 248 -7.81 -75.70 46.86
CA ASN M 248 -8.16 -74.58 47.74
C ASN M 248 -9.58 -74.03 47.49
N LEU M 249 -10.17 -74.38 46.34
CA LEU M 249 -11.52 -73.98 45.92
C LEU M 249 -12.44 -75.21 45.83
N ALA M 250 -13.77 -74.97 45.71
CA ALA M 250 -14.79 -76.02 45.61
C ALA M 250 -14.73 -76.77 44.25
N PRO M 251 -15.02 -78.10 44.20
CA PRO M 251 -14.98 -78.83 42.91
C PRO M 251 -16.23 -78.61 42.05
N ILE M 252 -16.42 -79.44 41.00
CA ILE M 252 -17.58 -79.34 40.11
C ILE M 252 -18.53 -80.53 40.25
N ALA M 253 -19.84 -80.25 40.27
CA ALA M 253 -20.91 -81.25 40.36
C ALA M 253 -21.36 -81.67 38.95
N LEU M 254 -22.29 -82.64 38.87
CA LEU M 254 -22.77 -83.13 37.58
C LEU M 254 -24.22 -82.79 37.29
N ASN M 255 -24.41 -81.79 36.40
CA ASN M 255 -25.68 -81.23 35.89
C ASN M 255 -26.73 -80.99 37.00
N SER M 262 -28.03 -78.79 32.83
CA SER M 262 -29.48 -78.63 32.75
C SER M 262 -30.25 -79.87 33.24
N THR M 263 -30.04 -81.04 32.59
CA THR M 263 -30.70 -82.31 32.95
C THR M 263 -29.68 -83.32 33.53
N PRO M 264 -29.91 -83.89 34.75
CA PRO M 264 -28.92 -84.83 35.31
C PRO M 264 -28.90 -86.20 34.63
N ILE M 265 -27.95 -87.07 35.04
CA ILE M 265 -27.78 -88.42 34.51
C ILE M 265 -28.98 -89.27 34.95
N THR M 266 -29.59 -90.00 33.99
CA THR M 266 -30.75 -90.86 34.24
C THR M 266 -30.36 -92.32 34.04
N MET M 267 -30.69 -93.15 35.03
CA MET M 267 -30.38 -94.57 35.04
C MET M 267 -31.61 -95.38 35.40
N ASN M 268 -31.87 -96.46 34.64
CA ASN M 268 -33.00 -97.36 34.87
C ASN M 268 -32.66 -98.36 36.00
N TYR M 269 -33.68 -99.04 36.54
CA TYR M 269 -33.55 -100.03 37.63
C TYR M 269 -32.59 -101.17 37.28
N ASN M 270 -32.69 -101.69 36.05
CA ASN M 270 -31.89 -102.80 35.52
C ASN M 270 -30.41 -102.45 35.41
N GLN M 271 -30.11 -101.20 34.99
CA GLN M 271 -28.74 -100.69 34.87
C GLN M 271 -28.18 -100.31 36.23
N PHE M 272 -29.07 -99.97 37.19
CA PHE M 272 -28.69 -99.60 38.57
C PHE M 272 -28.16 -100.81 39.33
N LEU M 273 -28.72 -102.00 39.06
CA LEU M 273 -28.31 -103.26 39.70
C LEU M 273 -26.91 -103.69 39.24
N GLU M 274 -26.48 -103.23 38.04
CA GLU M 274 -25.16 -103.48 37.49
C GLU M 274 -24.13 -102.65 38.26
N LEU M 275 -24.49 -101.38 38.58
CA LEU M 275 -23.67 -100.43 39.34
C LEU M 275 -23.54 -100.88 40.79
N GLU M 276 -24.61 -101.46 41.37
CA GLU M 276 -24.64 -101.98 42.73
C GLU M 276 -23.76 -103.23 42.84
N LYS M 277 -23.73 -104.06 41.78
CA LYS M 277 -22.97 -105.33 41.67
C LYS M 277 -21.47 -105.09 41.42
N THR M 278 -21.12 -104.08 40.59
CA THR M 278 -19.73 -103.76 40.24
C THR M 278 -19.08 -102.75 41.18
N LYS M 279 -19.86 -101.73 41.63
CA LYS M 279 -19.43 -100.62 42.49
C LYS M 279 -18.25 -99.83 41.85
N GLN M 280 -18.31 -99.67 40.51
CA GLN M 280 -17.32 -98.99 39.69
C GLN M 280 -17.89 -98.48 38.35
N LEU M 281 -17.28 -97.40 37.81
CA LEU M 281 -17.65 -96.78 36.54
C LEU M 281 -16.39 -96.43 35.73
N ARG M 282 -16.58 -95.97 34.48
CA ARG M 282 -15.49 -95.58 33.58
C ARG M 282 -15.69 -94.14 33.07
N LEU M 283 -14.58 -93.42 32.83
CA LEU M 283 -14.57 -92.05 32.34
C LEU M 283 -13.62 -91.90 31.15
N ASP M 284 -14.20 -91.84 29.94
CA ASP M 284 -13.47 -91.71 28.68
C ASP M 284 -13.43 -90.24 28.23
N THR M 285 -12.23 -89.63 28.28
CA THR M 285 -11.99 -88.23 27.90
C THR M 285 -11.17 -88.17 26.60
N ASP M 286 -11.52 -87.24 25.69
CA ASP M 286 -10.83 -87.09 24.41
C ASP M 286 -9.55 -86.22 24.50
N GLN M 287 -8.80 -86.10 23.38
CA GLN M 287 -7.55 -85.34 23.27
C GLN M 287 -7.73 -84.05 22.43
N VAL M 288 -8.75 -83.25 22.79
CA VAL M 288 -9.05 -81.96 22.14
C VAL M 288 -9.03 -80.86 23.22
N TYR M 289 -8.08 -79.93 23.10
CA TYR M 289 -7.87 -78.87 24.08
C TYR M 289 -7.85 -77.47 23.49
N GLY M 290 -7.87 -76.46 24.38
CA GLY M 290 -7.81 -75.05 24.02
C GLY M 290 -6.51 -74.67 23.34
N ASN M 291 -6.54 -73.56 22.56
CA ASN M 291 -5.40 -73.05 21.79
C ASN M 291 -4.13 -72.84 22.61
N ILE M 292 -3.00 -73.31 22.07
CA ILE M 292 -1.67 -73.25 22.70
C ILE M 292 -1.13 -71.84 22.75
N ALA M 293 -0.61 -71.45 23.92
CA ALA M 293 0.00 -70.15 24.13
C ALA M 293 1.49 -70.25 23.86
N THR M 294 2.03 -69.40 22.99
CA THR M 294 3.46 -69.42 22.66
C THR M 294 4.13 -68.11 23.05
N TYR M 295 5.45 -68.16 23.28
CA TYR M 295 6.27 -67.03 23.70
C TYR M 295 6.74 -66.21 22.50
N ASN M 296 6.31 -64.92 22.45
CA ASN M 296 6.71 -63.95 21.42
C ASN M 296 8.01 -63.31 21.87
N PHE M 297 9.06 -63.45 21.06
CA PHE M 297 10.43 -63.00 21.33
C PHE M 297 10.65 -61.49 21.14
N GLU M 298 9.66 -60.78 20.55
CA GLU M 298 9.74 -59.33 20.32
C GLU M 298 9.44 -58.55 21.60
N ASN M 299 8.36 -58.93 22.29
CA ASN M 299 7.89 -58.29 23.52
C ASN M 299 7.93 -59.22 24.76
N GLY M 300 8.76 -60.27 24.70
CA GLY M 300 8.98 -61.26 25.76
C GLY M 300 7.79 -61.59 26.63
N ARG M 301 6.60 -61.69 25.98
CA ARG M 301 5.32 -61.94 26.62
C ARG M 301 4.58 -63.07 25.91
N VAL M 302 4.08 -64.05 26.70
CA VAL M 302 3.33 -65.20 26.22
C VAL M 302 1.96 -64.75 25.68
N ARG M 303 1.62 -65.22 24.47
CA ARG M 303 0.36 -64.89 23.81
C ARG M 303 -0.27 -66.14 23.21
N VAL M 304 -1.59 -66.32 23.43
CA VAL M 304 -2.35 -67.46 22.94
C VAL M 304 -2.56 -67.31 21.41
N ASP M 305 -1.94 -68.21 20.62
CA ASP M 305 -2.02 -68.21 19.16
C ASP M 305 -3.30 -68.89 18.69
N THR M 306 -4.23 -68.07 18.16
CA THR M 306 -5.52 -68.51 17.63
C THR M 306 -5.38 -69.43 16.41
N GLY M 307 -4.23 -69.33 15.73
CA GLY M 307 -3.93 -70.12 14.53
C GLY M 307 -3.66 -71.59 14.77
N SER M 308 -2.91 -71.91 15.85
CA SER M 308 -2.55 -73.29 16.17
C SER M 308 -3.29 -73.87 17.37
N ASN M 309 -4.13 -74.88 17.11
CA ASN M 309 -4.91 -75.62 18.12
C ASN M 309 -4.05 -76.80 18.59
N TRP M 310 -4.41 -77.42 19.73
CA TRP M 310 -3.63 -78.54 20.28
C TRP M 310 -3.77 -79.82 19.46
N SER M 311 -5.02 -80.26 19.17
CA SER M 311 -5.35 -81.46 18.40
C SER M 311 -4.92 -81.39 16.92
N GLU M 312 -4.14 -80.36 16.56
CA GLU M 312 -3.60 -80.07 15.23
C GLU M 312 -2.13 -80.55 15.13
N VAL M 313 -1.31 -80.24 16.16
CA VAL M 313 0.11 -80.61 16.24
C VAL M 313 0.32 -81.77 17.26
N LEU M 314 -0.73 -82.12 18.05
CA LEU M 314 -0.69 -83.24 19.00
C LEU M 314 -0.60 -84.61 18.28
N PRO M 315 -1.36 -84.90 17.17
CA PRO M 315 -1.20 -86.20 16.50
C PRO M 315 0.16 -86.37 15.84
N GLN M 316 0.83 -85.24 15.51
CA GLN M 316 2.16 -85.19 14.90
C GLN M 316 3.20 -85.76 15.88
N ILE M 317 3.12 -85.37 17.17
CA ILE M 317 4.00 -85.83 18.25
C ILE M 317 3.82 -87.35 18.43
N GLN M 318 2.56 -87.81 18.40
CA GLN M 318 2.12 -89.20 18.55
C GLN M 318 2.76 -90.19 17.55
N GLU M 319 2.99 -89.75 16.29
CA GLU M 319 3.57 -90.60 15.23
C GLU M 319 5.08 -90.40 15.06
N THR M 320 5.77 -89.77 16.04
CA THR M 320 7.20 -89.49 16.00
C THR M 320 7.99 -89.91 17.25
N THR M 321 7.32 -89.91 18.42
CA THR M 321 7.98 -90.16 19.71
C THR M 321 7.61 -91.49 20.40
N ALA M 322 8.57 -92.05 21.16
CA ALA M 322 8.42 -93.28 21.94
C ALA M 322 7.67 -92.97 23.24
N ARG M 323 6.57 -93.71 23.52
CA ARG M 323 5.71 -93.55 24.69
C ARG M 323 6.09 -94.51 25.84
N ILE M 324 6.57 -93.95 26.99
CA ILE M 324 6.99 -94.72 28.16
C ILE M 324 6.09 -94.44 29.37
N ILE M 325 5.62 -95.51 30.05
CA ILE M 325 4.76 -95.43 31.24
C ILE M 325 5.56 -95.82 32.49
N PHE M 326 5.45 -95.02 33.58
CA PHE M 326 6.15 -95.28 34.84
C PHE M 326 5.39 -94.80 36.08
N ASN M 327 5.47 -95.58 37.17
CA ASN M 327 4.80 -95.29 38.44
C ASN M 327 5.74 -95.40 39.66
N GLY M 328 6.87 -94.69 39.60
CA GLY M 328 7.88 -94.66 40.65
C GLY M 328 7.47 -93.88 41.89
N LYS M 329 7.30 -92.55 41.75
CA LYS M 329 6.90 -91.62 42.81
C LYS M 329 5.57 -92.00 43.45
N ASP M 330 4.59 -92.39 42.63
CA ASP M 330 3.27 -92.83 43.07
C ASP M 330 2.82 -93.95 42.17
N LEU M 331 2.01 -94.89 42.68
CA LEU M 331 1.51 -96.04 41.92
C LEU M 331 0.37 -95.67 40.93
N ASN M 332 0.51 -94.51 40.26
CA ASN M 332 -0.40 -93.97 39.25
C ASN M 332 0.35 -93.93 37.91
N LEU M 333 -0.31 -94.38 36.83
CA LEU M 333 0.26 -94.46 35.48
C LEU M 333 0.53 -93.09 34.86
N VAL M 334 1.83 -92.78 34.66
CA VAL M 334 2.30 -91.50 34.10
C VAL M 334 2.75 -91.67 32.64
N GLU M 335 2.20 -90.85 31.71
CA GLU M 335 2.53 -90.88 30.29
C GLU M 335 3.53 -89.77 29.93
N ARG M 336 4.71 -90.17 29.43
CA ARG M 336 5.77 -89.26 29.02
C ARG M 336 6.36 -89.74 27.70
N ARG M 337 6.28 -88.90 26.65
CA ARG M 337 6.81 -89.25 25.32
C ARG M 337 8.20 -88.66 25.09
N ILE M 338 9.11 -89.47 24.51
CA ILE M 338 10.51 -89.13 24.26
C ILE M 338 10.85 -89.24 22.78
N ALA M 339 11.55 -88.23 22.25
CA ALA M 339 12.01 -88.13 20.86
C ALA M 339 12.93 -89.29 20.52
N ALA M 340 12.53 -90.10 19.54
CA ALA M 340 13.27 -91.28 19.10
C ALA M 340 13.39 -91.37 17.58
N VAL M 341 14.39 -92.11 17.09
CA VAL M 341 14.70 -92.29 15.67
C VAL M 341 13.70 -93.21 14.95
N ASN M 342 13.29 -92.81 13.73
CA ASN M 342 12.40 -93.57 12.85
C ASN M 342 13.26 -94.02 11.66
N PRO M 343 13.24 -95.33 11.29
CA PRO M 343 14.10 -95.80 10.19
C PRO M 343 13.81 -95.16 8.83
N SER M 344 12.60 -95.39 8.28
CA SER M 344 12.17 -94.90 6.97
C SER M 344 12.19 -93.38 6.83
N ASP M 345 11.59 -92.65 7.80
CA ASP M 345 11.52 -91.19 7.79
C ASP M 345 12.91 -90.58 8.03
N PRO M 346 13.49 -89.86 7.03
CA PRO M 346 14.83 -89.30 7.20
C PRO M 346 14.90 -88.08 8.11
N LEU M 347 13.83 -87.25 8.13
CA LEU M 347 13.74 -86.06 8.98
C LEU M 347 13.62 -86.48 10.45
N GLU M 348 13.16 -87.72 10.68
CA GLU M 348 13.04 -88.35 11.99
C GLU M 348 14.33 -89.11 12.36
N THR M 349 15.30 -89.14 11.42
CA THR M 349 16.63 -89.74 11.61
C THR M 349 17.61 -88.59 11.94
N THR M 350 17.12 -87.33 11.88
CA THR M 350 17.86 -86.11 12.20
C THR M 350 17.92 -85.91 13.71
N LYS M 351 16.96 -86.50 14.45
CA LYS M 351 16.87 -86.48 15.92
C LYS M 351 18.01 -87.36 16.47
N PRO M 352 18.73 -86.95 17.54
CA PRO M 352 19.82 -87.80 18.06
C PRO M 352 19.36 -89.18 18.50
N ASP M 353 20.20 -90.21 18.25
CA ASP M 353 19.94 -91.62 18.58
C ASP M 353 19.58 -91.77 20.06
N MET M 354 18.44 -92.41 20.33
CA MET M 354 17.96 -92.58 21.70
C MET M 354 18.25 -93.95 22.30
N THR M 355 18.70 -93.91 23.55
CA THR M 355 19.03 -95.04 24.40
C THR M 355 18.02 -95.12 25.54
N LEU M 356 17.74 -96.34 26.03
CA LEU M 356 16.81 -96.59 27.13
C LEU M 356 17.29 -95.91 28.42
N LYS M 357 18.63 -95.92 28.65
CA LYS M 357 19.31 -95.33 29.80
C LYS M 357 19.06 -93.81 29.91
N GLU M 358 19.54 -93.02 28.92
CA GLU M 358 19.41 -91.56 28.88
C GLU M 358 17.96 -91.07 28.84
N ALA M 359 17.07 -91.79 28.11
CA ALA M 359 15.66 -91.42 27.96
C ALA M 359 14.93 -91.46 29.30
N LEU M 360 15.09 -92.55 30.07
CA LEU M 360 14.49 -92.76 31.38
C LEU M 360 14.93 -91.69 32.39
N LYS M 361 16.20 -91.24 32.27
CA LYS M 361 16.82 -90.21 33.12
C LYS M 361 16.18 -88.84 32.90
N ILE M 362 16.02 -88.42 31.64
CA ILE M 362 15.47 -87.12 31.26
C ILE M 362 13.93 -87.07 31.33
N ALA M 363 13.25 -88.23 31.19
CA ALA M 363 11.79 -88.29 31.20
C ALA M 363 11.15 -88.36 32.58
N PHE M 364 11.80 -89.03 33.54
CA PHE M 364 11.22 -89.19 34.87
C PHE M 364 12.12 -88.66 35.99
N GLY M 365 13.42 -88.93 35.90
CA GLY M 365 14.38 -88.49 36.89
C GLY M 365 15.28 -89.57 37.43
N PHE M 366 15.66 -90.53 36.57
CA PHE M 366 16.56 -91.63 36.92
C PHE M 366 17.99 -91.11 37.08
N ASN M 367 18.73 -91.69 38.02
CA ASN M 367 20.12 -91.30 38.30
C ASN M 367 21.09 -92.48 38.16
N GLU M 368 22.32 -92.18 37.72
CA GLU M 368 23.38 -93.18 37.54
C GLU M 368 24.49 -92.91 38.58
N PRO M 369 24.37 -93.45 39.83
CA PRO M 369 25.40 -93.17 40.85
C PRO M 369 26.64 -94.07 40.80
N ASN M 370 26.44 -95.40 40.70
CA ASN M 370 27.51 -96.39 40.63
C ASN M 370 27.81 -96.72 39.16
N GLY M 371 26.73 -97.00 38.43
CA GLY M 371 26.73 -97.36 37.01
C GLY M 371 25.36 -97.93 36.66
N ASN M 372 24.70 -98.53 37.67
CA ASN M 372 23.36 -99.10 37.58
C ASN M 372 22.33 -97.98 37.74
N LEU M 373 21.29 -97.99 36.89
CA LEU M 373 20.24 -96.98 36.92
C LEU M 373 19.29 -97.21 38.09
N GLN M 374 18.89 -96.12 38.77
CA GLN M 374 17.98 -96.17 39.92
C GLN M 374 17.12 -94.91 40.06
N TYR M 375 15.83 -95.08 40.36
CA TYR M 375 14.86 -94.01 40.53
C TYR M 375 14.73 -93.59 41.99
N GLN M 376 15.42 -92.49 42.36
CA GLN M 376 15.46 -91.88 43.70
C GLN M 376 15.92 -92.85 44.82
N GLY M 377 16.42 -94.02 44.41
CA GLY M 377 16.90 -95.06 45.31
C GLY M 377 16.55 -96.46 44.83
N LYS M 378 15.31 -96.66 44.35
CA LYS M 378 14.80 -97.94 43.84
C LYS M 378 15.54 -98.32 42.55
N ASP M 379 16.25 -99.47 42.57
CA ASP M 379 17.04 -99.96 41.43
C ASP M 379 16.17 -100.31 40.22
N ILE M 380 16.78 -100.28 39.00
CA ILE M 380 16.12 -100.58 37.72
C ILE M 380 15.56 -102.03 37.70
N THR M 381 16.27 -102.96 38.34
CA THR M 381 15.93 -104.38 38.46
C THR M 381 14.65 -104.61 39.28
N GLU M 382 14.36 -103.68 40.21
CA GLU M 382 13.17 -103.68 41.07
C GLU M 382 11.89 -103.35 40.26
N PHE M 383 12.06 -102.91 38.99
CA PHE M 383 10.96 -102.57 38.10
C PHE M 383 10.81 -103.56 36.96
N ASP M 384 9.54 -103.88 36.62
CA ASP M 384 9.12 -104.80 35.58
C ASP M 384 9.12 -104.13 34.21
N PHE M 385 9.47 -104.89 33.16
CA PHE M 385 9.53 -104.41 31.79
C PHE M 385 8.45 -105.07 30.93
N ASN M 386 7.52 -104.25 30.39
CA ASN M 386 6.43 -104.70 29.54
C ASN M 386 6.35 -103.93 28.23
N PHE M 387 6.06 -104.64 27.12
CA PHE M 387 5.96 -104.07 25.78
C PHE M 387 4.79 -104.70 25.02
N ASP M 388 4.52 -104.20 23.80
CA ASP M 388 3.46 -104.73 22.94
C ASP M 388 3.97 -105.85 22.02
N GLN M 389 3.32 -106.08 20.87
CA GLN M 389 3.70 -107.10 19.89
C GLN M 389 4.98 -106.72 19.18
N GLN M 390 4.97 -105.58 18.45
CA GLN M 390 6.06 -105.06 17.65
C GLN M 390 7.21 -104.44 18.46
N THR M 391 6.89 -103.81 19.62
CA THR M 391 7.88 -103.19 20.49
C THR M 391 8.84 -104.24 21.10
N SER M 392 8.28 -105.33 21.67
CA SER M 392 9.04 -106.45 22.26
C SER M 392 9.84 -107.21 21.20
N GLN M 393 9.26 -107.37 19.99
CA GLN M 393 9.87 -108.04 18.84
C GLN M 393 11.07 -107.25 18.31
N ASN M 394 11.00 -105.90 18.36
CA ASN M 394 12.08 -105.00 17.94
C ASN M 394 13.27 -105.12 18.90
N ILE M 395 12.98 -105.20 20.21
CA ILE M 395 13.99 -105.34 21.27
C ILE M 395 14.54 -106.79 21.28
N LYS M 396 13.69 -107.79 20.90
CA LYS M 396 14.05 -109.20 20.81
C LYS M 396 15.25 -109.39 19.87
N ASN M 397 15.22 -108.72 18.70
CA ASN M 397 16.28 -108.74 17.68
C ASN M 397 17.56 -108.12 18.23
N GLN M 398 17.42 -106.98 18.96
CA GLN M 398 18.52 -106.23 19.57
C GLN M 398 19.25 -107.07 20.63
N LEU M 399 18.50 -107.74 21.54
CA LEU M 399 19.02 -108.60 22.62
C LEU M 399 19.84 -109.78 22.09
N ALA M 400 19.49 -110.31 20.90
CA ALA M 400 20.19 -111.40 20.23
C ALA M 400 21.47 -110.90 19.56
N GLU M 401 21.43 -109.66 19.00
CA GLU M 401 22.57 -109.00 18.35
C GLU M 401 23.59 -108.55 19.39
N LEU M 402 23.11 -108.15 20.59
CA LEU M 402 23.91 -107.73 21.73
C LEU M 402 24.33 -108.93 22.58
N ASN M 403 23.78 -110.13 22.24
CA ASN M 403 23.98 -111.45 22.85
C ASN M 403 23.36 -111.58 24.25
N ALA M 404 23.51 -110.56 25.12
CA ALA M 404 22.97 -110.55 26.48
C ALA M 404 21.44 -110.64 26.46
N THR M 405 20.90 -111.73 27.04
CA THR M 405 19.48 -112.03 27.11
C THR M 405 18.73 -111.13 28.12
N ASN M 406 19.44 -110.60 29.12
CA ASN M 406 18.85 -109.74 30.14
C ASN M 406 18.82 -108.28 29.68
N ILE M 407 17.66 -107.62 29.84
CA ILE M 407 17.43 -106.23 29.46
C ILE M 407 18.24 -105.24 30.33
N TYR M 408 18.45 -105.58 31.62
CA TYR M 408 19.19 -104.74 32.57
C TYR M 408 20.70 -104.70 32.29
N THR M 409 21.24 -105.72 31.59
CA THR M 409 22.65 -105.85 31.20
C THR M 409 23.01 -104.84 30.11
N VAL M 410 22.30 -104.91 28.96
CA VAL M 410 22.50 -104.04 27.79
C VAL M 410 21.58 -102.79 27.84
N LEU M 411 21.16 -102.39 29.07
CA LEU M 411 20.30 -101.25 29.41
C LEU M 411 20.72 -99.94 28.71
N ASP M 412 22.04 -99.68 28.66
CA ASP M 412 22.67 -98.51 28.07
C ASP M 412 22.84 -98.59 26.55
N LYS M 413 22.61 -99.79 25.96
CA LYS M 413 22.76 -100.03 24.53
C LYS M 413 21.44 -100.32 23.78
N ILE M 414 20.31 -100.43 24.49
CA ILE M 414 18.99 -100.69 23.87
C ILE M 414 18.49 -99.41 23.18
N LYS M 415 18.35 -99.47 21.84
CA LYS M 415 17.89 -98.36 21.02
C LYS M 415 16.39 -98.21 21.03
N LEU M 416 15.92 -96.96 21.06
CA LEU M 416 14.50 -96.61 21.08
C LEU M 416 14.01 -96.13 19.72
N ASN M 417 12.89 -96.70 19.24
CA ASN M 417 12.24 -96.39 17.97
C ASN M 417 11.05 -95.43 18.17
N ALA M 418 10.54 -94.83 17.06
CA ALA M 418 9.38 -93.92 17.06
C ALA M 418 8.11 -94.67 17.44
N LYS M 419 7.08 -93.97 17.97
CA LYS M 419 5.80 -94.51 18.44
C LYS M 419 6.00 -95.37 19.70
N MET M 420 6.62 -96.57 19.54
CA MET M 420 6.99 -97.62 20.51
C MET M 420 6.33 -97.54 21.91
N ASN M 421 5.41 -98.47 22.22
CA ASN M 421 4.72 -98.52 23.51
C ASN M 421 5.44 -99.41 24.53
N ILE M 422 5.93 -98.78 25.62
CA ILE M 422 6.67 -99.42 26.72
C ILE M 422 5.98 -99.09 28.06
N LEU M 423 5.76 -100.13 28.90
CA LEU M 423 5.12 -100.00 30.22
C LEU M 423 6.06 -100.51 31.31
N ILE M 424 6.43 -99.63 32.25
CA ILE M 424 7.31 -99.96 33.37
C ILE M 424 6.54 -99.80 34.67
N ARG M 425 6.45 -100.91 35.43
CA ARG M 425 5.72 -100.95 36.70
C ARG M 425 6.55 -101.55 37.84
N ASP M 426 6.21 -101.22 39.10
CA ASP M 426 6.91 -101.72 40.28
C ASP M 426 6.60 -103.21 40.51
N LYS M 427 7.66 -104.04 40.65
CA LYS M 427 7.54 -105.49 40.85
C LYS M 427 6.91 -105.87 42.19
N ARG M 428 6.96 -104.95 43.19
CA ARG M 428 6.42 -105.13 44.55
C ARG M 428 4.93 -105.47 44.55
N PHE M 429 4.16 -104.86 43.64
CA PHE M 429 2.71 -105.03 43.55
C PHE M 429 2.23 -105.86 42.36
N HIS M 430 0.94 -106.25 42.40
CA HIS M 430 0.24 -107.00 41.36
C HIS M 430 -0.59 -106.02 40.52
N TYR M 431 -0.78 -106.34 39.24
CA TYR M 431 -1.50 -105.47 38.33
C TYR M 431 -2.63 -106.16 37.57
N ASP M 432 -3.77 -105.46 37.47
CA ASP M 432 -4.98 -105.92 36.79
C ASP M 432 -4.93 -105.64 35.28
N ARG M 433 -6.09 -105.75 34.60
CA ARG M 433 -6.22 -105.50 33.15
C ARG M 433 -6.08 -104.01 32.80
N ASN M 434 -6.31 -103.12 33.78
CA ASN M 434 -6.16 -101.66 33.62
C ASN M 434 -4.78 -101.15 34.06
N ASN M 435 -3.87 -102.10 34.42
CA ASN M 435 -2.48 -101.89 34.86
C ASN M 435 -2.33 -100.97 36.10
N ILE M 436 -3.27 -101.09 37.06
CA ILE M 436 -3.22 -100.31 38.31
C ILE M 436 -2.92 -101.21 39.51
N ALA M 437 -2.20 -100.67 40.51
CA ALA M 437 -1.80 -101.38 41.73
C ALA M 437 -3.00 -101.90 42.54
N VAL M 438 -3.17 -103.24 42.59
CA VAL M 438 -4.30 -103.89 43.28
C VAL M 438 -3.90 -104.56 44.61
N GLY M 439 -2.88 -105.40 44.60
CA GLY M 439 -2.41 -106.11 45.79
C GLY M 439 -0.91 -106.34 45.77
N ALA M 440 -0.40 -107.11 46.76
CA ALA M 440 1.03 -107.43 46.89
C ALA M 440 1.25 -108.76 47.60
N ASP M 441 2.52 -109.26 47.62
CA ASP M 441 2.92 -110.52 48.26
C ASP M 441 2.76 -110.41 49.77
N GLU M 442 2.22 -111.48 50.41
CA GLU M 442 1.97 -111.56 51.86
C GLU M 442 3.15 -111.05 52.69
N SER M 443 4.39 -111.35 52.25
CA SER M 443 5.66 -110.94 52.86
C SER M 443 5.84 -109.42 52.87
N VAL M 444 5.58 -108.76 51.72
CA VAL M 444 5.70 -107.30 51.52
C VAL M 444 4.74 -106.53 52.46
N VAL M 445 3.51 -107.05 52.67
CA VAL M 445 2.49 -106.44 53.54
C VAL M 445 2.94 -106.46 55.00
N LYS M 446 3.56 -107.57 55.44
CA LYS M 446 4.07 -107.77 56.81
C LYS M 446 5.21 -106.82 57.19
N GLU M 447 5.97 -106.32 56.19
CA GLU M 447 7.09 -105.40 56.38
C GLU M 447 6.66 -104.00 56.81
N ALA M 448 5.56 -103.49 56.24
CA ALA M 448 5.03 -102.15 56.55
C ALA M 448 4.26 -102.11 57.88
N HIS M 449 3.63 -103.24 58.26
CA HIS M 449 2.83 -103.38 59.48
C HIS M 449 3.66 -103.89 60.68
N ARG M 450 5.00 -103.88 60.56
CA ARG M 450 5.94 -104.28 61.60
C ARG M 450 6.04 -103.21 62.69
N GLU M 451 6.14 -101.93 62.29
CA GLU M 451 6.26 -100.75 63.16
C GLU M 451 4.97 -100.47 63.93
N VAL M 452 5.02 -100.67 65.26
CA VAL M 452 3.90 -100.48 66.18
C VAL M 452 4.07 -99.16 66.96
N ARG M 492 -18.29 -108.57 58.27
CA ARG M 492 -19.21 -108.33 57.13
C ARG M 492 -18.45 -107.98 55.85
N TYR M 493 -19.16 -108.04 54.70
CA TYR M 493 -18.61 -107.73 53.37
C TYR M 493 -18.17 -106.26 53.21
N ASP M 494 -18.80 -105.34 53.96
CA ASP M 494 -18.54 -103.89 53.96
C ASP M 494 -17.73 -103.41 55.16
N MET M 495 -17.76 -104.17 56.28
CA MET M 495 -17.04 -103.87 57.51
C MET M 495 -15.54 -104.09 57.34
N LEU M 496 -14.90 -103.21 56.55
CA LEU M 496 -13.47 -103.29 56.25
C LEU M 496 -12.74 -101.96 56.42
N ASN M 497 -13.41 -100.82 56.17
CA ASN M 497 -12.80 -99.50 56.32
C ASN M 497 -12.60 -99.17 57.81
N ILE M 498 -11.33 -99.08 58.23
CA ILE M 498 -10.91 -98.81 59.61
C ILE M 498 -9.69 -97.90 59.65
N SER M 499 -8.83 -98.00 58.61
CA SER M 499 -7.59 -97.22 58.49
C SER M 499 -7.89 -95.74 58.28
N SER M 500 -7.39 -94.91 59.19
CA SER M 500 -7.55 -93.47 59.17
C SER M 500 -6.16 -92.85 59.21
N LEU M 501 -5.62 -92.52 58.03
CA LEU M 501 -4.28 -91.96 57.87
C LEU M 501 -4.17 -90.54 58.43
N ARG M 502 -3.30 -90.38 59.45
CA ARG M 502 -3.02 -89.10 60.10
C ARG M 502 -1.98 -88.32 59.30
N GLN M 503 -1.96 -86.99 59.46
CA GLN M 503 -1.01 -86.11 58.75
C GLN M 503 0.45 -86.28 59.25
N ASP M 504 0.66 -86.94 60.41
CA ASP M 504 1.97 -87.20 61.00
C ASP M 504 2.79 -88.23 60.22
N GLY M 505 2.11 -89.05 59.40
CA GLY M 505 2.72 -90.09 58.58
C GLY M 505 2.49 -91.50 59.09
N LYS M 506 1.51 -91.67 59.99
CA LYS M 506 1.16 -92.96 60.59
C LYS M 506 -0.30 -93.29 60.36
N THR M 507 -0.58 -94.54 59.94
CA THR M 507 -1.94 -95.03 59.69
C THR M 507 -2.54 -95.49 61.02
N PHE M 508 -3.72 -94.94 61.36
CA PHE M 508 -4.42 -95.27 62.60
C PHE M 508 -5.56 -96.26 62.37
N ILE M 509 -5.42 -97.47 62.92
CA ILE M 509 -6.41 -98.54 62.81
C ILE M 509 -7.29 -98.51 64.05
N ASP M 510 -8.58 -98.16 63.85
CA ASP M 510 -9.56 -98.06 64.93
C ASP M 510 -10.59 -99.18 64.81
N PHE M 511 -10.59 -100.09 65.79
CA PHE M 511 -11.51 -101.23 65.87
C PHE M 511 -12.88 -100.78 66.36
N LYS M 512 -12.91 -99.68 67.14
CA LYS M 512 -14.11 -99.05 67.73
C LYS M 512 -15.12 -98.58 66.67
N LYS M 513 -14.67 -98.45 65.40
CA LYS M 513 -15.46 -98.02 64.23
C LYS M 513 -16.67 -98.95 64.02
N TYR M 514 -16.48 -100.27 64.21
CA TYR M 514 -17.54 -101.26 64.07
C TYR M 514 -17.85 -102.02 65.39
N ASN M 515 -17.05 -101.79 66.45
CA ASN M 515 -17.20 -102.44 67.77
C ASN M 515 -18.11 -101.62 68.72
N ASP M 516 -19.11 -100.91 68.13
CA ASP M 516 -20.13 -100.08 68.80
C ASP M 516 -19.50 -99.00 69.71
N LYS M 517 -18.49 -98.28 69.18
CA LYS M 517 -17.72 -97.20 69.84
C LYS M 517 -16.98 -97.64 71.11
N LEU M 518 -16.78 -98.97 71.28
CA LEU M 518 -16.13 -99.55 72.45
C LEU M 518 -14.80 -100.23 72.11
N PRO M 519 -13.74 -100.09 72.96
CA PRO M 519 -12.47 -100.80 72.66
C PRO M 519 -12.59 -102.31 72.82
N LEU M 520 -11.63 -103.06 72.22
CA LEU M 520 -11.63 -104.53 72.22
C LEU M 520 -11.55 -105.15 73.60
N TYR M 521 -12.54 -106.00 73.91
CA TYR M 521 -12.65 -106.69 75.18
C TYR M 521 -11.71 -107.88 75.21
N ILE M 522 -10.82 -107.92 76.20
CA ILE M 522 -9.85 -109.00 76.40
C ILE M 522 -10.47 -110.03 77.36
N SER M 523 -11.18 -111.02 76.78
CA SER M 523 -11.86 -112.11 77.51
C SER M 523 -10.84 -112.99 78.24
N ASN M 524 -9.65 -113.15 77.63
CA ASN M 524 -8.52 -113.91 78.16
C ASN M 524 -7.24 -113.30 77.59
N PRO M 525 -6.24 -112.91 78.44
CA PRO M 525 -5.01 -112.31 77.90
C PRO M 525 -4.13 -113.28 77.10
N ASN M 526 -4.41 -114.60 77.20
CA ASN M 526 -3.72 -115.68 76.49
C ASN M 526 -4.23 -115.86 75.04
N TYR M 527 -5.43 -115.30 74.73
CA TYR M 527 -6.06 -115.36 73.39
C TYR M 527 -5.22 -114.65 72.32
N LYS M 528 -5.31 -115.14 71.08
CA LYS M 528 -4.58 -114.60 69.92
C LYS M 528 -5.49 -113.71 69.06
N LYS M 536 -6.89 -105.06 48.39
CA LYS M 536 -7.88 -104.44 47.51
C LYS M 536 -8.36 -105.41 46.43
N GLU M 537 -7.47 -106.30 45.96
CA GLU M 537 -7.77 -107.33 44.95
C GLU M 537 -8.57 -108.50 45.52
N ASN M 538 -8.47 -108.73 46.84
CA ASN M 538 -9.14 -109.83 47.55
C ASN M 538 -10.48 -109.43 48.20
N THR M 539 -10.72 -108.12 48.43
CA THR M 539 -11.94 -107.61 49.05
C THR M 539 -13.19 -107.83 48.20
N ILE M 540 -14.34 -108.08 48.87
CA ILE M 540 -15.63 -108.29 48.22
C ILE M 540 -16.52 -107.06 48.39
N ILE M 541 -16.92 -106.51 47.26
CA ILE M 541 -17.78 -105.34 47.14
C ILE M 541 -19.24 -105.67 47.42
N ASN M 542 -19.64 -106.95 47.18
CA ASN M 542 -21.00 -107.48 47.37
C ASN M 542 -20.99 -108.89 48.01
N PRO M 543 -22.06 -109.30 48.77
CA PRO M 543 -22.07 -110.67 49.33
C PRO M 543 -22.32 -111.74 48.28
N SER M 544 -22.08 -113.02 48.64
CA SER M 544 -22.26 -114.17 47.76
C SER M 544 -23.75 -114.47 47.46
N GLU M 545 -24.01 -115.56 46.71
CA GLU M 545 -25.36 -116.04 46.33
C GLU M 545 -26.22 -116.32 47.56
N ASN M 546 -25.59 -116.82 48.64
CA ASN M 546 -26.20 -117.15 49.93
C ASN M 546 -26.37 -115.91 50.83
N GLY M 547 -25.80 -114.78 50.40
CA GLY M 547 -25.83 -113.53 51.16
C GLY M 547 -24.77 -113.55 52.24
N ASP M 548 -23.53 -113.85 51.84
CA ASP M 548 -22.38 -113.96 52.73
C ASP M 548 -21.91 -112.60 53.25
N THR M 549 -22.49 -112.16 54.39
CA THR M 549 -22.14 -110.92 55.07
C THR M 549 -21.16 -111.28 56.22
N SER M 550 -20.02 -111.90 55.84
CA SER M 550 -18.98 -112.36 56.76
C SER M 550 -17.56 -112.26 56.16
N THR M 551 -16.57 -112.01 57.03
CA THR M 551 -15.15 -111.85 56.69
C THR M 551 -14.39 -113.19 56.54
N ASN M 552 -15.08 -114.32 56.74
CA ASN M 552 -14.52 -115.67 56.64
C ASN M 552 -14.08 -116.02 55.21
N GLY M 553 -14.93 -115.71 54.23
CA GLY M 553 -14.67 -115.95 52.82
C GLY M 553 -13.61 -115.04 52.22
N ILE M 554 -13.44 -113.84 52.81
CA ILE M 554 -12.47 -112.82 52.37
C ILE M 554 -11.03 -113.30 52.67
N LYS M 555 -10.15 -113.26 51.65
CA LYS M 555 -8.74 -113.66 51.77
C LYS M 555 -7.98 -112.68 52.66
N LYS M 556 -7.69 -113.14 53.88
CA LYS M 556 -6.98 -112.36 54.90
C LYS M 556 -5.50 -112.73 55.01
N ILE M 557 -4.65 -111.70 55.17
CA ILE M 557 -3.20 -111.80 55.30
C ILE M 557 -2.81 -111.52 56.76
N LEU M 558 -2.10 -112.47 57.41
CA LEU M 558 -1.64 -112.35 58.81
C LEU M 558 -0.72 -111.14 58.94
N ILE M 559 -1.12 -110.15 59.76
CA ILE M 559 -0.35 -108.92 59.89
C ILE M 559 -0.04 -108.56 61.35
N THR N 7 23.82 -71.47 -9.65
CA THR N 7 22.38 -71.57 -9.90
C THR N 7 21.93 -73.02 -10.11
N VAL N 8 20.80 -73.38 -9.51
CA VAL N 8 20.23 -74.73 -9.57
C VAL N 8 19.06 -74.74 -10.58
N PRO N 9 19.03 -75.67 -11.57
CA PRO N 9 17.90 -75.70 -12.51
C PRO N 9 16.69 -76.45 -11.96
N ASP N 10 15.68 -75.70 -11.53
CA ASP N 10 14.44 -76.28 -11.00
C ASP N 10 13.23 -75.56 -11.55
N ARG N 11 12.36 -76.30 -12.25
CA ARG N 11 11.15 -75.78 -12.90
C ARG N 11 9.93 -75.82 -11.99
N ASP N 12 9.72 -76.95 -11.28
CA ASP N 12 8.57 -77.14 -10.38
C ASP N 12 8.73 -76.41 -9.05
N ASN N 13 9.95 -75.93 -8.76
CA ASN N 13 10.32 -75.19 -7.54
C ASN N 13 9.96 -75.99 -6.29
N ASP N 14 10.15 -77.32 -6.38
CA ASP N 14 9.89 -78.29 -5.33
C ASP N 14 11.10 -78.38 -4.40
N GLY N 15 12.29 -78.33 -5.00
CA GLY N 15 13.57 -78.44 -4.33
C GLY N 15 14.46 -79.39 -5.10
N ILE N 16 13.85 -80.46 -5.64
CA ILE N 16 14.53 -81.47 -6.44
C ILE N 16 14.82 -80.87 -7.82
N PRO N 17 16.11 -80.72 -8.22
CA PRO N 17 16.40 -80.12 -9.53
C PRO N 17 16.03 -81.01 -10.72
N ASP N 18 15.89 -80.38 -11.91
CA ASP N 18 15.52 -81.04 -13.17
C ASP N 18 16.35 -82.29 -13.48
N SER N 19 17.67 -82.21 -13.24
CA SER N 19 18.62 -83.30 -13.48
C SER N 19 18.34 -84.54 -12.64
N LEU N 20 18.14 -84.38 -11.32
CA LEU N 20 17.89 -85.49 -10.41
C LEU N 20 16.49 -86.04 -10.57
N GLU N 21 15.49 -85.15 -10.69
CA GLU N 21 14.07 -85.45 -10.86
C GLU N 21 13.81 -86.38 -12.06
N VAL N 22 14.56 -86.17 -13.17
CA VAL N 22 14.45 -86.95 -14.41
C VAL N 22 15.22 -88.29 -14.33
N GLU N 23 16.54 -88.22 -14.07
CA GLU N 23 17.43 -89.37 -14.05
C GLU N 23 17.24 -90.30 -12.84
N GLY N 24 17.28 -89.73 -11.64
CA GLY N 24 17.15 -90.47 -10.39
C GLY N 24 17.75 -89.76 -9.19
N TYR N 25 17.14 -89.96 -8.00
CA TYR N 25 17.55 -89.34 -6.73
C TYR N 25 17.06 -90.12 -5.49
N THR N 26 17.62 -89.78 -4.30
CA THR N 26 17.27 -90.33 -2.98
C THR N 26 17.67 -89.35 -1.87
N VAL N 27 17.22 -89.61 -0.63
CA VAL N 27 17.49 -88.78 0.55
C VAL N 27 18.42 -89.56 1.49
N ASP N 28 19.45 -88.89 2.04
CA ASP N 28 20.42 -89.52 2.94
C ASP N 28 20.73 -88.67 4.17
N VAL N 29 21.30 -89.28 5.22
CA VAL N 29 21.67 -88.59 6.46
C VAL N 29 23.20 -88.54 6.62
N LYS N 30 23.75 -87.31 6.70
CA LYS N 30 25.19 -87.05 6.86
C LYS N 30 25.56 -87.29 8.33
N ASN N 31 25.80 -86.21 9.11
CA ASN N 31 26.08 -86.28 10.54
C ASN N 31 24.75 -86.69 11.16
N LYS N 32 23.73 -85.85 10.94
CA LYS N 32 22.33 -86.03 11.35
C LYS N 32 21.45 -85.45 10.24
N ARG N 33 21.89 -84.30 9.67
CA ARG N 33 21.24 -83.49 8.63
C ARG N 33 20.77 -84.28 7.42
N THR N 34 19.58 -83.92 6.89
CA THR N 34 18.99 -84.55 5.71
C THR N 34 19.59 -83.96 4.45
N PHE N 35 20.00 -84.82 3.51
CA PHE N 35 20.65 -84.42 2.25
C PHE N 35 20.00 -85.06 1.02
N LEU N 36 19.76 -84.24 -0.01
CA LEU N 36 19.20 -84.72 -1.28
C LEU N 36 20.32 -84.80 -2.31
N SER N 37 20.45 -85.97 -2.96
CA SER N 37 21.50 -86.24 -3.94
C SER N 37 21.04 -87.27 -5.00
N PRO N 38 21.79 -87.47 -6.12
CA PRO N 38 21.35 -88.47 -7.12
C PRO N 38 21.45 -89.91 -6.62
N TRP N 39 20.63 -90.78 -7.22
CA TRP N 39 20.59 -92.21 -6.94
C TRP N 39 21.89 -92.83 -7.44
N ILE N 40 22.61 -93.54 -6.55
CA ILE N 40 23.85 -94.22 -6.92
C ILE N 40 23.60 -95.73 -6.82
N SER N 41 23.59 -96.40 -7.99
CA SER N 41 23.32 -97.83 -8.19
C SER N 41 24.20 -98.81 -7.39
N ASN N 42 25.13 -98.29 -6.55
CA ASN N 42 25.99 -99.13 -5.73
C ASN N 42 26.12 -98.64 -4.29
N ILE N 43 26.40 -97.34 -4.09
CA ILE N 43 26.59 -96.75 -2.75
C ILE N 43 25.25 -96.61 -1.98
N HIS N 44 24.12 -96.45 -2.70
CA HIS N 44 22.80 -96.32 -2.09
C HIS N 44 21.99 -97.62 -2.16
N GLU N 45 22.23 -98.44 -3.20
CA GLU N 45 21.61 -99.74 -3.45
C GLU N 45 21.91 -100.68 -2.28
N LYS N 46 23.19 -100.78 -1.90
CA LYS N 46 23.67 -101.60 -0.78
C LYS N 46 23.27 -100.99 0.56
N LYS N 47 23.16 -99.63 0.62
CA LYS N 47 22.76 -98.86 1.81
C LYS N 47 21.32 -99.19 2.22
N GLY N 48 20.53 -99.68 1.27
CA GLY N 48 19.13 -100.04 1.46
C GLY N 48 18.16 -99.00 0.94
N LEU N 49 18.68 -97.85 0.49
CA LEU N 49 17.89 -96.72 -0.03
C LEU N 49 17.18 -97.04 -1.34
N THR N 50 15.93 -96.59 -1.44
CA THR N 50 15.06 -96.81 -2.60
C THR N 50 15.22 -95.71 -3.66
N LYS N 51 14.96 -96.06 -4.94
CA LYS N 51 15.09 -95.18 -6.10
C LYS N 51 13.82 -94.33 -6.31
N TYR N 52 13.98 -93.00 -6.19
CA TYR N 52 12.89 -92.03 -6.37
C TYR N 52 13.10 -91.25 -7.67
N LYS N 53 12.02 -91.06 -8.46
CA LYS N 53 12.00 -90.33 -9.72
C LYS N 53 10.65 -89.62 -9.83
N SER N 54 10.66 -88.28 -10.02
CA SER N 54 9.42 -87.51 -10.10
C SER N 54 9.31 -86.60 -11.33
N SER N 55 8.31 -85.71 -11.35
CA SER N 55 8.07 -84.77 -12.46
C SER N 55 8.73 -83.40 -12.23
N PRO N 56 9.63 -82.99 -13.13
CA PRO N 56 10.30 -81.69 -12.98
C PRO N 56 9.43 -80.47 -13.24
N GLU N 57 8.29 -80.62 -13.94
CA GLU N 57 7.38 -79.51 -14.26
C GLU N 57 6.13 -79.52 -13.38
N LYS N 58 5.90 -80.62 -12.64
CA LYS N 58 4.77 -80.74 -11.73
C LYS N 58 5.26 -80.64 -10.29
N TRP N 59 4.66 -79.70 -9.53
CA TRP N 59 4.96 -79.43 -8.13
C TRP N 59 4.74 -80.68 -7.27
N SER N 60 3.67 -81.42 -7.56
CA SER N 60 3.30 -82.68 -6.92
C SER N 60 2.94 -83.64 -8.05
N THR N 61 3.74 -84.71 -8.24
CA THR N 61 3.56 -85.72 -9.29
C THR N 61 2.21 -86.40 -9.12
N ALA N 62 1.88 -86.74 -7.87
CA ALA N 62 0.62 -87.37 -7.48
C ALA N 62 -0.56 -86.40 -7.49
N SER N 63 -0.28 -85.10 -7.74
CA SER N 63 -1.27 -84.00 -7.80
C SER N 63 -2.00 -83.78 -6.47
N ASP N 64 -1.39 -84.25 -5.37
CA ASP N 64 -1.92 -84.13 -4.01
C ASP N 64 -1.41 -82.81 -3.36
N PRO N 65 -1.96 -82.34 -2.21
CA PRO N 65 -1.51 -81.05 -1.65
C PRO N 65 -0.05 -80.97 -1.17
N TYR N 66 0.62 -82.12 -0.97
CA TYR N 66 2.02 -82.15 -0.53
C TYR N 66 2.97 -82.28 -1.72
N SER N 67 4.09 -81.52 -1.69
CA SER N 67 5.11 -81.49 -2.75
C SER N 67 5.88 -82.79 -2.90
N ASP N 68 6.56 -82.98 -4.06
CA ASP N 68 7.42 -84.13 -4.36
C ASP N 68 8.47 -84.24 -3.26
N PHE N 69 9.05 -83.08 -2.90
CA PHE N 69 10.06 -82.90 -1.87
C PHE N 69 9.51 -83.22 -0.50
N GLU N 70 8.38 -82.59 -0.08
CA GLU N 70 7.70 -82.79 1.22
C GLU N 70 7.64 -84.27 1.62
N LYS N 71 7.35 -85.15 0.65
CA LYS N 71 7.22 -86.59 0.80
C LYS N 71 8.54 -87.28 1.18
N VAL N 72 9.52 -87.29 0.25
CA VAL N 72 10.82 -87.96 0.39
C VAL N 72 11.66 -87.48 1.59
N THR N 73 11.73 -86.17 1.85
CA THR N 73 12.52 -85.63 2.96
C THR N 73 11.92 -85.95 4.34
N GLY N 74 10.60 -86.12 4.39
CA GLY N 74 9.88 -86.39 5.63
C GLY N 74 9.18 -85.17 6.19
N ARG N 75 9.38 -83.99 5.54
CA ARG N 75 8.77 -82.70 5.91
C ARG N 75 7.28 -82.69 5.50
N ILE N 76 6.62 -83.82 5.69
CA ILE N 76 5.23 -84.11 5.37
C ILE N 76 4.45 -84.36 6.67
N ASP N 77 3.10 -84.21 6.64
CA ASP N 77 2.22 -84.52 7.76
C ASP N 77 2.58 -85.96 8.11
N LYS N 78 3.18 -86.16 9.29
CA LYS N 78 3.69 -87.45 9.76
C LYS N 78 2.67 -88.59 9.72
N ASN N 79 1.37 -88.26 9.74
CA ASN N 79 0.26 -89.22 9.67
C ASN N 79 0.18 -89.87 8.29
N VAL N 80 0.64 -89.17 7.22
CA VAL N 80 0.64 -89.65 5.83
C VAL N 80 1.40 -90.97 5.74
N SER N 81 0.74 -92.00 5.17
CA SER N 81 1.22 -93.37 4.98
C SER N 81 2.67 -93.47 4.49
N PRO N 82 3.48 -94.43 5.00
CA PRO N 82 4.88 -94.56 4.56
C PRO N 82 5.01 -94.90 3.08
N GLU N 83 4.06 -95.69 2.54
CA GLU N 83 4.03 -96.05 1.11
C GLU N 83 3.75 -94.80 0.27
N ALA N 84 2.96 -93.85 0.84
CA ALA N 84 2.59 -92.58 0.22
C ALA N 84 3.71 -91.54 0.28
N ARG N 85 4.76 -91.78 1.09
CA ARG N 85 5.92 -90.88 1.21
C ARG N 85 6.83 -90.90 -0.04
N HIS N 86 6.40 -91.65 -1.08
CA HIS N 86 7.06 -91.78 -2.39
C HIS N 86 6.36 -90.77 -3.34
N PRO N 87 7.11 -90.00 -4.16
CA PRO N 87 6.45 -89.02 -5.05
C PRO N 87 5.54 -89.60 -6.11
N LEU N 88 5.69 -90.89 -6.44
CA LEU N 88 4.84 -91.58 -7.42
C LEU N 88 3.61 -92.23 -6.78
N VAL N 89 3.40 -92.06 -5.46
CA VAL N 89 2.25 -92.62 -4.73
C VAL N 89 1.35 -91.50 -4.19
N ALA N 90 0.05 -91.59 -4.47
CA ALA N 90 -0.93 -90.60 -4.06
C ALA N 90 -1.26 -90.64 -2.58
N ALA N 91 -1.16 -89.48 -1.92
CA ALA N 91 -1.48 -89.31 -0.51
C ALA N 91 -2.87 -88.69 -0.42
N TYR N 92 -3.91 -89.53 -0.57
CA TYR N 92 -5.31 -89.11 -0.57
C TYR N 92 -6.20 -89.97 0.34
N PRO N 93 -7.22 -89.37 1.02
CA PRO N 93 -8.08 -90.17 1.91
C PRO N 93 -9.31 -90.79 1.26
N ILE N 94 -9.73 -91.95 1.80
CA ILE N 94 -10.92 -92.72 1.43
C ILE N 94 -11.48 -93.25 2.76
N VAL N 95 -12.75 -92.94 3.06
CA VAL N 95 -13.36 -93.37 4.33
C VAL N 95 -14.77 -93.98 4.12
N HIS N 96 -14.96 -95.19 4.67
CA HIS N 96 -16.23 -95.92 4.63
C HIS N 96 -16.79 -96.12 6.03
N VAL N 97 -18.13 -96.16 6.15
CA VAL N 97 -18.83 -96.34 7.42
C VAL N 97 -18.85 -97.84 7.79
N ASP N 98 -18.52 -98.15 9.04
CA ASP N 98 -18.48 -99.51 9.58
C ASP N 98 -19.52 -99.64 10.70
N MET N 99 -20.58 -100.41 10.44
CA MET N 99 -21.63 -100.65 11.41
C MET N 99 -21.21 -101.85 12.26
N GLU N 100 -21.17 -101.65 13.59
CA GLU N 100 -20.76 -102.67 14.56
C GLU N 100 -21.92 -103.59 14.99
N ASN N 101 -23.12 -103.01 15.20
CA ASN N 101 -24.32 -103.73 15.62
C ASN N 101 -25.59 -102.92 15.33
N ILE N 102 -26.74 -103.60 15.21
CA ILE N 102 -28.05 -102.99 14.97
C ILE N 102 -29.02 -103.28 16.12
N ILE N 103 -30.12 -102.51 16.18
CA ILE N 103 -31.20 -102.68 17.16
C ILE N 103 -32.52 -102.19 16.53
N LEU N 104 -33.52 -103.09 16.47
CA LEU N 104 -34.82 -102.79 15.88
C LEU N 104 -35.94 -102.85 16.89
N SER N 105 -36.80 -101.81 16.88
CA SER N 105 -37.96 -101.66 17.76
C SER N 105 -39.15 -101.01 17.04
N LYS N 106 -40.38 -101.19 17.56
CA LYS N 106 -41.59 -100.59 17.00
C LYS N 106 -41.62 -99.10 17.35
N ASN N 107 -42.12 -98.25 16.43
CA ASN N 107 -42.17 -96.79 16.59
C ASN N 107 -42.96 -96.33 17.81
N GLU N 108 -42.38 -95.36 18.56
CA GLU N 108 -42.95 -94.79 19.78
C GLU N 108 -42.62 -93.29 19.86
N LYS N 124 -28.43 -107.65 17.82
CA LYS N 124 -27.84 -108.27 16.63
C LYS N 124 -26.59 -107.50 16.17
N ASN N 125 -25.45 -108.22 16.00
CA ASN N 125 -24.16 -107.62 15.60
C ASN N 125 -23.94 -107.64 14.09
N THR N 126 -23.43 -106.53 13.54
CA THR N 126 -23.18 -106.39 12.10
C THR N 126 -21.70 -106.37 11.73
N SER N 127 -21.38 -106.88 10.53
CA SER N 127 -20.03 -106.93 9.97
C SER N 127 -19.98 -106.11 8.67
N THR N 128 -19.02 -105.18 8.56
CA THR N 128 -18.90 -104.31 7.39
C THR N 128 -17.50 -104.38 6.76
N SER N 129 -17.46 -104.34 5.41
CA SER N 129 -16.25 -104.33 4.60
C SER N 129 -16.47 -103.39 3.41
N ARG N 130 -15.42 -102.63 2.99
CA ARG N 130 -15.55 -101.71 1.85
C ARG N 130 -15.78 -102.46 0.55
N THR N 131 -16.85 -102.08 -0.17
CA THR N 131 -17.25 -102.73 -1.41
C THR N 131 -16.90 -101.93 -2.65
N HIS N 132 -16.31 -102.62 -3.63
CA HIS N 132 -15.92 -102.07 -4.92
C HIS N 132 -16.66 -102.91 -5.96
N THR N 133 -17.87 -102.47 -6.32
CA THR N 133 -18.79 -103.13 -7.24
C THR N 133 -18.20 -103.41 -8.63
N SER N 158 -16.46 -97.30 -10.61
CA SER N 158 -16.14 -95.87 -10.63
C SER N 158 -15.75 -95.32 -9.26
N ASN N 159 -15.11 -94.13 -9.24
CA ASN N 159 -14.61 -93.43 -8.05
C ASN N 159 -15.70 -93.03 -7.05
N SER N 160 -15.90 -93.86 -6.01
CA SER N 160 -16.86 -93.63 -4.92
C SER N 160 -16.62 -94.57 -3.73
N ASN N 161 -17.17 -94.20 -2.56
CA ASN N 161 -17.08 -94.98 -1.33
C ASN N 161 -18.44 -95.61 -1.02
N SER N 162 -18.47 -96.94 -0.92
CA SER N 162 -19.67 -97.73 -0.62
C SER N 162 -19.31 -98.97 0.19
N SER N 163 -20.05 -99.23 1.27
CA SER N 163 -19.82 -100.37 2.14
C SER N 163 -21.10 -101.13 2.43
N THR N 164 -21.06 -102.46 2.29
CA THR N 164 -22.20 -103.35 2.52
C THR N 164 -22.06 -104.04 3.90
N VAL N 165 -23.12 -103.93 4.73
CA VAL N 165 -23.19 -104.52 6.08
C VAL N 165 -23.81 -105.93 6.04
N ALA N 166 -23.66 -106.71 7.12
CA ALA N 166 -24.22 -108.06 7.23
C ALA N 166 -24.81 -108.30 8.63
N ILE N 167 -26.14 -108.29 8.74
CA ILE N 167 -26.87 -108.51 9.99
C ILE N 167 -26.81 -110.02 10.29
N ASP N 168 -26.33 -110.39 11.48
CA ASP N 168 -26.21 -111.81 11.85
C ASP N 168 -27.58 -112.47 11.96
N HIS N 169 -27.63 -113.77 11.65
CA HIS N 169 -28.84 -114.57 11.73
C HIS N 169 -29.09 -115.09 13.15
N SER N 170 -28.01 -115.59 13.82
CA SER N 170 -27.96 -116.18 15.17
C SER N 170 -28.95 -115.58 16.18
N LEU N 171 -29.73 -116.47 16.84
CA LEU N 171 -30.77 -116.18 17.85
C LEU N 171 -30.40 -115.07 18.84
N SER N 172 -31.40 -114.25 19.18
CA SER N 172 -31.31 -113.17 20.15
C SER N 172 -32.08 -113.61 21.40
N LEU N 173 -33.37 -113.99 21.23
CA LEU N 173 -34.22 -114.52 22.29
C LEU N 173 -34.08 -116.06 22.28
N ALA N 174 -34.75 -116.76 23.22
CA ALA N 174 -34.73 -118.22 23.32
C ALA N 174 -35.35 -118.91 22.10
N GLY N 175 -36.46 -118.36 21.60
CA GLY N 175 -37.18 -118.87 20.45
C GLY N 175 -37.78 -117.77 19.60
N GLU N 176 -36.95 -116.77 19.23
CA GLU N 176 -37.40 -115.66 18.39
C GLU N 176 -37.65 -116.11 16.95
N ARG N 177 -38.90 -115.95 16.49
CA ARG N 177 -39.33 -116.34 15.15
C ARG N 177 -40.16 -115.23 14.51
N THR N 178 -39.79 -114.87 13.26
CA THR N 178 -40.37 -113.80 12.43
C THR N 178 -40.19 -112.45 13.11
N TRP N 179 -39.20 -111.66 12.64
CA TRP N 179 -38.85 -110.33 13.14
C TRP N 179 -40.06 -109.39 13.15
N ALA N 180 -40.93 -109.50 12.11
CA ALA N 180 -42.17 -108.73 11.94
C ALA N 180 -43.16 -108.98 13.09
N GLU N 181 -43.03 -110.14 13.78
CA GLU N 181 -43.86 -110.53 14.91
C GLU N 181 -43.12 -110.53 16.25
N THR N 182 -41.76 -110.56 16.23
CA THR N 182 -40.93 -110.52 17.43
C THR N 182 -41.03 -109.11 18.09
N MET N 183 -41.34 -108.08 17.28
CA MET N 183 -41.53 -106.69 17.69
C MET N 183 -43.01 -106.36 17.89
N GLY N 184 -43.88 -107.06 17.15
CA GLY N 184 -45.33 -106.89 17.20
C GLY N 184 -45.81 -105.84 16.20
N LEU N 185 -45.46 -106.05 14.92
CA LEU N 185 -45.81 -105.13 13.83
C LEU N 185 -46.80 -105.74 12.84
N ASN N 186 -47.54 -104.87 12.15
CA ASN N 186 -48.52 -105.21 11.11
C ASN N 186 -48.37 -104.24 9.94
N THR N 187 -49.08 -104.50 8.81
CA THR N 187 -49.04 -103.70 7.57
C THR N 187 -49.11 -102.18 7.81
N ALA N 188 -49.90 -101.75 8.82
CA ALA N 188 -50.07 -100.35 9.21
C ALA N 188 -48.92 -99.86 10.11
N ASP N 189 -48.42 -100.72 11.03
CA ASP N 189 -47.35 -100.41 11.99
C ASP N 189 -45.99 -100.13 11.30
N THR N 190 -45.20 -99.22 11.90
CA THR N 190 -43.87 -98.84 11.40
C THR N 190 -42.77 -99.24 12.38
N ALA N 191 -41.62 -99.69 11.84
CA ALA N 191 -40.45 -100.11 12.60
C ALA N 191 -39.34 -99.06 12.53
N ARG N 192 -38.78 -98.68 13.69
CA ARG N 192 -37.70 -97.69 13.76
C ARG N 192 -36.32 -98.35 13.96
N LEU N 193 -35.39 -98.06 13.04
CA LEU N 193 -34.04 -98.61 13.05
C LEU N 193 -33.05 -97.69 13.77
N ASN N 194 -32.14 -98.30 14.54
CA ASN N 194 -31.07 -97.65 15.29
C ASN N 194 -29.86 -98.59 15.28
N ALA N 195 -28.65 -98.03 15.11
CA ALA N 195 -27.44 -98.84 15.05
C ALA N 195 -26.19 -98.12 15.56
N ASN N 196 -25.13 -98.90 15.83
CA ASN N 196 -23.83 -98.41 16.26
C ASN N 196 -22.92 -98.34 15.03
N ILE N 197 -22.48 -97.13 14.69
CA ILE N 197 -21.64 -96.87 13.51
C ILE N 197 -20.29 -96.25 13.88
N ARG N 198 -19.26 -96.59 13.09
CA ARG N 198 -17.89 -96.11 13.25
C ARG N 198 -17.31 -95.71 11.91
N TYR N 199 -16.33 -94.79 11.91
CA TYR N 199 -15.66 -94.36 10.69
C TYR N 199 -14.27 -94.97 10.62
N VAL N 200 -13.87 -95.45 9.42
CA VAL N 200 -12.57 -96.10 9.19
C VAL N 200 -11.97 -95.65 7.83
N ASN N 201 -10.71 -95.14 7.86
CA ASN N 201 -9.95 -94.61 6.72
C ASN N 201 -9.09 -95.64 5.99
N THR N 202 -9.49 -96.01 4.76
CA THR N 202 -8.81 -96.97 3.88
C THR N 202 -7.85 -96.25 2.88
N GLY N 203 -7.63 -94.94 3.10
CA GLY N 203 -6.77 -94.11 2.24
C GLY N 203 -5.31 -94.01 2.61
N THR N 204 -4.71 -92.84 2.33
CA THR N 204 -3.30 -92.55 2.59
C THR N 204 -3.07 -91.20 3.30
N ALA N 205 -4.11 -90.35 3.42
CA ALA N 205 -4.01 -89.02 4.03
C ALA N 205 -4.94 -88.77 5.25
N PRO N 206 -4.61 -87.83 6.18
CA PRO N 206 -5.48 -87.63 7.35
C PRO N 206 -6.55 -86.52 7.25
N ILE N 207 -7.76 -86.78 7.79
CA ILE N 207 -8.89 -85.84 7.86
C ILE N 207 -8.88 -85.24 9.27
N TYR N 208 -8.71 -83.93 9.38
CA TYR N 208 -8.55 -83.28 10.68
C TYR N 208 -9.83 -82.77 11.34
N ASN N 209 -10.94 -82.56 10.61
CA ASN N 209 -12.14 -82.03 11.25
C ASN N 209 -13.47 -82.57 10.68
N VAL N 210 -14.11 -81.82 9.74
CA VAL N 210 -15.41 -82.09 9.10
C VAL N 210 -15.49 -83.51 8.52
N LEU N 211 -16.54 -84.22 8.95
CA LEU N 211 -16.86 -85.58 8.55
C LEU N 211 -17.67 -85.62 7.25
N PRO N 212 -17.42 -86.62 6.37
CA PRO N 212 -18.20 -86.70 5.12
C PRO N 212 -19.65 -87.14 5.34
N THR N 213 -20.52 -86.84 4.37
CA THR N 213 -21.93 -87.20 4.43
C THR N 213 -22.11 -88.64 3.94
N THR N 214 -22.93 -89.41 4.64
CA THR N 214 -23.20 -90.80 4.29
C THR N 214 -24.70 -91.06 4.24
N SER N 215 -25.13 -92.09 3.46
CA SER N 215 -26.53 -92.43 3.32
C SER N 215 -26.77 -93.93 3.39
N LEU N 216 -27.69 -94.36 4.29
CA LEU N 216 -28.05 -95.77 4.45
C LEU N 216 -29.11 -96.13 3.40
N VAL N 217 -28.79 -97.11 2.54
CA VAL N 217 -29.65 -97.56 1.43
C VAL N 217 -30.14 -99.01 1.61
N LEU N 218 -31.47 -99.20 1.57
CA LEU N 218 -32.09 -100.51 1.66
C LEU N 218 -32.18 -101.08 0.24
N GLY N 219 -31.63 -102.27 0.06
CA GLY N 219 -31.62 -102.97 -1.21
C GLY N 219 -30.74 -102.34 -2.27
N LYS N 220 -31.34 -101.57 -3.18
CA LYS N 220 -30.63 -100.94 -4.30
C LYS N 220 -30.62 -99.41 -4.30
N ASN N 221 -31.80 -98.77 -4.15
CA ASN N 221 -31.92 -97.31 -4.21
C ASN N 221 -32.75 -96.69 -3.08
N GLN N 222 -33.50 -97.51 -2.33
CA GLN N 222 -34.37 -97.08 -1.22
C GLN N 222 -33.57 -96.42 -0.10
N THR N 223 -33.35 -95.10 -0.24
CA THR N 223 -32.60 -94.27 0.71
C THR N 223 -33.37 -94.12 2.04
N LEU N 224 -32.87 -94.81 3.08
CA LEU N 224 -33.48 -94.80 4.42
C LEU N 224 -33.22 -93.50 5.18
N ALA N 225 -31.92 -93.18 5.41
CA ALA N 225 -31.53 -91.96 6.12
C ALA N 225 -30.15 -91.47 5.70
N THR N 226 -29.92 -90.16 5.88
CA THR N 226 -28.67 -89.48 5.56
C THR N 226 -28.02 -88.99 6.86
N ILE N 227 -26.82 -89.51 7.15
CA ILE N 227 -26.09 -89.21 8.39
C ILE N 227 -24.88 -88.32 8.11
N LYS N 228 -24.68 -87.32 8.98
CA LYS N 228 -23.57 -86.38 8.95
C LYS N 228 -23.39 -85.75 10.32
N ALA N 229 -22.20 -85.90 10.93
CA ALA N 229 -21.88 -85.33 12.24
C ALA N 229 -21.61 -83.84 12.06
N LYS N 230 -22.24 -82.99 12.90
CA LYS N 230 -22.17 -81.51 12.85
C LYS N 230 -20.85 -80.96 12.30
N GLU N 231 -20.96 -80.06 11.31
CA GLU N 231 -19.87 -79.43 10.57
C GLU N 231 -18.85 -78.71 11.48
N ASN N 232 -17.65 -79.30 11.59
CA ASN N 232 -16.50 -78.87 12.41
C ASN N 232 -16.82 -78.77 13.93
N GLN N 233 -17.83 -79.55 14.41
CA GLN N 233 -18.21 -79.64 15.84
C GLN N 233 -17.08 -80.36 16.57
N LEU N 234 -16.45 -81.27 15.81
CA LEU N 234 -15.38 -82.16 16.20
C LEU N 234 -14.05 -81.77 15.56
N SER N 235 -12.96 -82.19 16.19
CA SER N 235 -11.59 -81.97 15.74
C SER N 235 -10.71 -83.23 15.96
N GLN N 236 -11.35 -84.42 15.93
CA GLN N 236 -10.66 -85.71 16.05
C GLN N 236 -10.05 -86.08 14.72
N ILE N 237 -8.76 -86.42 14.75
CA ILE N 237 -7.97 -86.75 13.59
C ILE N 237 -8.26 -88.16 13.07
N LEU N 238 -8.43 -88.27 11.77
CA LEU N 238 -8.67 -89.55 11.12
C LEU N 238 -7.38 -89.96 10.41
N ALA N 239 -6.50 -90.62 11.15
CA ALA N 239 -5.21 -91.09 10.65
C ALA N 239 -5.42 -92.30 9.72
N PRO N 240 -4.60 -92.48 8.65
CA PRO N 240 -4.80 -93.64 7.75
C PRO N 240 -4.71 -94.97 8.47
N ASN N 241 -5.65 -95.90 8.16
CA ASN N 241 -5.84 -97.24 8.74
C ASN N 241 -6.37 -97.21 10.19
N ASN N 242 -6.45 -96.00 10.79
CA ASN N 242 -6.91 -95.73 12.15
C ASN N 242 -8.33 -95.14 12.13
N TYR N 243 -9.25 -95.74 12.93
CA TYR N 243 -10.68 -95.37 13.06
C TYR N 243 -10.88 -93.93 13.58
N TYR N 244 -12.14 -93.43 13.58
CA TYR N 244 -12.47 -92.09 14.08
C TYR N 244 -12.93 -92.14 15.56
N PRO N 245 -14.02 -92.85 15.97
CA PRO N 245 -14.35 -92.89 17.40
C PRO N 245 -13.62 -94.08 18.02
N SER N 246 -12.27 -94.01 18.01
CA SER N 246 -11.23 -94.96 18.47
C SER N 246 -11.74 -96.25 19.10
N LYS N 247 -11.23 -97.41 18.65
CA LYS N 247 -11.60 -98.73 19.17
C LYS N 247 -11.63 -98.83 20.70
N ASN N 248 -10.79 -98.02 21.38
CA ASN N 248 -10.74 -97.94 22.84
C ASN N 248 -11.92 -97.13 23.40
N LEU N 249 -12.24 -95.98 22.77
CA LEU N 249 -13.35 -95.09 23.15
C LEU N 249 -14.71 -95.61 22.62
N ALA N 250 -15.83 -95.02 23.10
CA ALA N 250 -17.19 -95.41 22.72
C ALA N 250 -17.56 -95.02 21.27
N PRO N 251 -18.34 -95.84 20.54
CA PRO N 251 -18.70 -95.47 19.15
C PRO N 251 -19.87 -94.47 19.07
N ILE N 252 -20.45 -94.27 17.87
CA ILE N 252 -21.57 -93.34 17.66
C ILE N 252 -22.86 -94.07 17.29
N ALA N 253 -24.00 -93.63 17.87
CA ALA N 253 -25.34 -94.17 17.62
C ALA N 253 -26.03 -93.40 16.49
N LEU N 254 -27.24 -93.84 16.09
CA LEU N 254 -27.97 -93.19 15.00
C LEU N 254 -29.24 -92.47 15.44
N ASN N 255 -29.15 -91.12 15.50
CA ASN N 255 -30.22 -90.16 15.86
C ASN N 255 -31.04 -90.58 17.09
N ALA N 256 -30.56 -90.19 18.28
CA ALA N 256 -31.24 -90.52 19.53
C ALA N 256 -31.41 -89.28 20.41
N SER N 262 -31.92 -85.93 16.04
CA SER N 262 -33.23 -85.54 16.53
C SER N 262 -34.31 -86.59 16.28
N THR N 263 -34.55 -86.95 14.99
CA THR N 263 -35.55 -87.96 14.58
C THR N 263 -34.87 -89.22 14.00
N PRO N 264 -35.17 -90.43 14.55
CA PRO N 264 -34.51 -91.64 14.04
C PRO N 264 -35.01 -92.12 12.67
N ILE N 265 -34.38 -93.17 12.14
CA ILE N 265 -34.71 -93.77 10.84
C ILE N 265 -36.09 -94.44 10.94
N THR N 266 -36.97 -94.16 9.96
CA THR N 266 -38.32 -94.71 9.90
C THR N 266 -38.47 -95.67 8.71
N MET N 267 -39.01 -96.87 8.99
CA MET N 267 -39.19 -97.92 8.02
C MET N 267 -40.61 -98.50 8.12
N ASN N 268 -41.28 -98.70 6.98
CA ASN N 268 -42.62 -99.27 6.91
C ASN N 268 -42.56 -100.81 6.99
N TYR N 269 -43.71 -101.46 7.25
CA TYR N 269 -43.82 -102.93 7.37
C TYR N 269 -43.35 -103.67 6.12
N ASN N 270 -43.72 -103.16 4.93
CA ASN N 270 -43.38 -103.74 3.62
C ASN N 270 -41.88 -103.70 3.34
N GLN N 271 -41.21 -102.58 3.73
CA GLN N 271 -39.76 -102.40 3.57
C GLN N 271 -38.99 -103.18 4.64
N PHE N 272 -39.63 -103.44 5.79
CA PHE N 272 -39.05 -104.20 6.91
C PHE N 272 -38.89 -105.68 6.56
N LEU N 273 -39.85 -106.22 5.77
CA LEU N 273 -39.84 -107.61 5.33
C LEU N 273 -38.70 -107.86 4.32
N GLU N 274 -38.25 -106.81 3.61
CA GLU N 274 -37.13 -106.86 2.67
C GLU N 274 -35.82 -107.02 3.46
N LEU N 275 -35.71 -106.27 4.59
CA LEU N 275 -34.56 -106.29 5.50
C LEU N 275 -34.47 -107.64 6.22
N GLU N 276 -35.64 -108.23 6.58
CA GLU N 276 -35.73 -109.53 7.25
C GLU N 276 -35.31 -110.66 6.29
N LYS N 277 -35.66 -110.50 4.99
CA LYS N 277 -35.38 -111.46 3.90
C LYS N 277 -33.92 -111.42 3.43
N THR N 278 -33.31 -110.21 3.36
CA THR N 278 -31.94 -110.02 2.90
C THR N 278 -30.90 -110.09 4.02
N LYS N 279 -31.24 -109.55 5.22
CA LYS N 279 -30.37 -109.46 6.40
C LYS N 279 -29.08 -108.68 6.09
N GLN N 280 -29.20 -107.61 5.28
CA GLN N 280 -28.10 -106.74 4.83
C GLN N 280 -28.57 -105.36 4.36
N LEU N 281 -27.67 -104.36 4.47
CA LEU N 281 -27.91 -102.97 4.06
C LEU N 281 -26.67 -102.41 3.33
N ARG N 282 -26.80 -101.18 2.79
CA ARG N 282 -25.72 -100.50 2.07
C ARG N 282 -25.45 -99.11 2.68
N LEU N 283 -24.17 -98.67 2.64
CA LEU N 283 -23.74 -97.37 3.15
C LEU N 283 -22.90 -96.63 2.13
N ASP N 284 -23.52 -95.63 1.47
CA ASP N 284 -22.89 -94.80 0.46
C ASP N 284 -22.38 -93.48 1.07
N THR N 285 -21.05 -93.34 1.14
CA THR N 285 -20.38 -92.16 1.71
C THR N 285 -19.70 -91.35 0.59
N ASP N 286 -19.83 -90.01 0.64
CA ASP N 286 -19.21 -89.13 -0.34
C ASP N 286 -17.74 -88.84 -0.03
N GLN N 287 -17.03 -88.21 -0.98
CA GLN N 287 -15.62 -87.90 -0.84
C GLN N 287 -15.34 -86.44 -0.38
N VAL N 288 -16.40 -85.71 0.08
CA VAL N 288 -16.22 -84.34 0.60
C VAL N 288 -15.69 -84.41 2.04
N TYR N 289 -14.44 -83.98 2.24
CA TYR N 289 -13.78 -84.03 3.55
C TYR N 289 -13.35 -82.67 4.06
N GLY N 290 -12.93 -82.61 5.32
CA GLY N 290 -12.45 -81.40 5.99
C GLY N 290 -11.15 -80.87 5.44
N ASN N 291 -10.80 -79.61 5.80
CA ASN N 291 -9.60 -78.90 5.37
C ASN N 291 -8.30 -79.68 5.63
N ILE N 292 -7.33 -79.55 4.72
CA ILE N 292 -6.04 -80.25 4.80
C ILE N 292 -5.01 -79.45 5.60
N ALA N 293 -4.28 -80.14 6.48
CA ALA N 293 -3.24 -79.55 7.30
C ALA N 293 -1.94 -79.58 6.51
N THR N 294 -1.32 -78.40 6.32
CA THR N 294 -0.08 -78.28 5.55
C THR N 294 1.15 -77.98 6.42
N TYR N 295 2.32 -78.38 5.91
CA TYR N 295 3.64 -78.18 6.54
C TYR N 295 4.24 -76.84 6.12
N ASN N 296 4.78 -76.11 7.11
CA ASN N 296 5.45 -74.82 6.93
C ASN N 296 6.93 -75.05 7.24
N PHE N 297 7.75 -74.92 6.20
CA PHE N 297 9.19 -75.17 6.17
C PHE N 297 10.03 -74.40 7.19
N GLU N 298 9.86 -73.06 7.25
CA GLU N 298 10.63 -72.18 8.14
C GLU N 298 10.42 -72.44 9.64
N ASN N 299 9.20 -72.83 10.07
CA ASN N 299 8.91 -73.09 11.48
C ASN N 299 8.68 -74.58 11.80
N GLY N 300 8.85 -75.45 10.81
CA GLY N 300 8.67 -76.90 10.92
C GLY N 300 7.47 -77.37 11.72
N ARG N 301 6.31 -76.72 11.50
CA ARG N 301 5.06 -77.01 12.20
C ARG N 301 3.89 -77.12 11.23
N VAL N 302 3.06 -78.15 11.45
CA VAL N 302 1.88 -78.44 10.65
C VAL N 302 0.68 -77.65 11.18
N ARG N 303 0.04 -76.87 10.28
CA ARG N 303 -1.13 -76.05 10.57
C ARG N 303 -2.27 -76.35 9.57
N VAL N 304 -3.53 -76.39 10.06
CA VAL N 304 -4.72 -76.65 9.26
C VAL N 304 -5.01 -75.44 8.37
N ASP N 305 -4.80 -75.59 7.05
CA ASP N 305 -5.04 -74.54 6.06
C ASP N 305 -6.52 -74.48 5.69
N THR N 306 -7.17 -73.36 6.05
CA THR N 306 -8.59 -73.11 5.77
C THR N 306 -8.87 -72.91 4.27
N GLY N 307 -7.87 -72.44 3.54
CA GLY N 307 -7.95 -72.21 2.10
C GLY N 307 -8.09 -73.46 1.27
N SER N 308 -7.12 -74.38 1.38
CA SER N 308 -7.13 -75.63 0.62
C SER N 308 -7.89 -76.74 1.31
N ASN N 309 -8.93 -77.24 0.63
CA ASN N 309 -9.81 -78.32 1.07
C ASN N 309 -9.55 -79.54 0.19
N TRP N 310 -10.02 -80.73 0.63
CA TRP N 310 -9.85 -81.97 -0.12
C TRP N 310 -10.68 -82.03 -1.41
N SER N 311 -11.88 -81.43 -1.40
CA SER N 311 -12.80 -81.42 -2.52
C SER N 311 -12.28 -80.73 -3.79
N GLU N 312 -11.32 -79.81 -3.65
CA GLU N 312 -10.74 -79.07 -4.78
C GLU N 312 -9.48 -79.75 -5.35
N VAL N 313 -8.85 -80.63 -4.56
CA VAL N 313 -7.61 -81.32 -4.93
C VAL N 313 -7.86 -82.79 -5.34
N LEU N 314 -8.78 -83.49 -4.63
CA LEU N 314 -9.12 -84.90 -4.87
C LEU N 314 -9.46 -85.25 -6.34
N PRO N 315 -10.30 -84.49 -7.10
CA PRO N 315 -10.58 -84.88 -8.49
C PRO N 315 -9.36 -84.83 -9.40
N GLN N 316 -8.43 -83.90 -9.14
CA GLN N 316 -7.18 -83.70 -9.90
C GLN N 316 -6.32 -84.97 -9.84
N ILE N 317 -6.33 -85.67 -8.70
CA ILE N 317 -5.61 -86.92 -8.48
C ILE N 317 -6.32 -88.04 -9.26
N GLN N 318 -7.66 -88.11 -9.12
CA GLN N 318 -8.53 -89.12 -9.74
C GLN N 318 -8.64 -89.00 -11.28
N GLU N 319 -7.82 -88.13 -11.90
CA GLU N 319 -7.77 -87.92 -13.35
C GLU N 319 -6.34 -88.02 -13.91
N THR N 320 -5.32 -87.99 -13.03
CA THR N 320 -3.90 -88.07 -13.39
C THR N 320 -3.26 -89.41 -13.05
N THR N 321 -3.77 -90.08 -12.00
CA THR N 321 -3.23 -91.34 -11.51
C THR N 321 -3.98 -92.58 -11.96
N ALA N 322 -3.36 -93.76 -11.81
CA ALA N 322 -3.93 -95.06 -12.12
C ALA N 322 -4.36 -95.73 -10.82
N ARG N 323 -5.55 -96.36 -10.82
CA ARG N 323 -6.14 -97.03 -9.65
C ARG N 323 -5.86 -98.54 -9.63
N ILE N 324 -5.24 -99.02 -8.53
CA ILE N 324 -4.94 -100.45 -8.35
C ILE N 324 -5.51 -100.93 -7.01
N ILE N 325 -6.37 -101.98 -7.06
CA ILE N 325 -7.03 -102.59 -5.91
C ILE N 325 -6.31 -103.90 -5.54
N PHE N 326 -6.02 -104.10 -4.24
CA PHE N 326 -5.33 -105.30 -3.76
C PHE N 326 -5.74 -105.69 -2.34
N ASN N 327 -5.86 -107.01 -2.10
CA ASN N 327 -6.25 -107.58 -0.81
C ASN N 327 -5.25 -108.69 -0.37
N GLY N 328 -3.98 -108.31 -0.30
CA GLY N 328 -2.87 -109.20 0.04
C GLY N 328 -2.71 -109.52 1.51
N LYS N 329 -2.56 -108.47 2.35
CA LYS N 329 -2.41 -108.64 3.81
C LYS N 329 -3.72 -109.13 4.44
N ASP N 330 -4.84 -108.50 4.06
CA ASP N 330 -6.19 -108.85 4.48
C ASP N 330 -7.10 -108.85 3.27
N LEU N 331 -8.08 -109.76 3.22
CA LEU N 331 -9.00 -109.93 2.08
C LEU N 331 -10.02 -108.76 1.89
N ASN N 332 -9.67 -107.55 2.39
CA ASN N 332 -10.46 -106.32 2.29
C ASN N 332 -9.91 -105.47 1.14
N LEU N 333 -10.81 -104.90 0.31
CA LEU N 333 -10.45 -104.09 -0.86
C LEU N 333 -9.76 -102.77 -0.51
N VAL N 334 -8.48 -102.65 -0.88
CA VAL N 334 -7.63 -101.47 -0.61
C VAL N 334 -7.44 -100.66 -1.90
N GLU N 335 -7.78 -99.35 -1.85
CA GLU N 335 -7.63 -98.43 -2.97
C GLU N 335 -6.36 -97.59 -2.81
N ARG N 336 -5.44 -97.73 -3.79
CA ARG N 336 -4.17 -97.00 -3.80
C ARG N 336 -3.92 -96.50 -5.21
N ARG N 337 -3.60 -95.20 -5.34
CA ARG N 337 -3.34 -94.60 -6.64
C ARG N 337 -1.87 -94.27 -6.86
N ILE N 338 -1.39 -94.58 -8.08
CA ILE N 338 -0.01 -94.42 -8.52
C ILE N 338 0.07 -93.42 -9.68
N ALA N 339 1.04 -92.49 -9.61
CA ALA N 339 1.29 -91.46 -10.62
C ALA N 339 1.55 -92.11 -11.97
N ALA N 340 0.63 -91.89 -12.91
CA ALA N 340 0.70 -92.50 -14.23
C ALA N 340 0.83 -91.51 -15.38
N VAL N 341 1.42 -92.00 -16.48
CA VAL N 341 1.67 -91.22 -17.69
C VAL N 341 0.41 -91.12 -18.56
N ASN N 342 0.25 -89.97 -19.23
CA ASN N 342 -0.87 -89.74 -20.14
C ASN N 342 -0.37 -89.11 -21.43
N PRO N 343 -0.68 -89.70 -22.60
CA PRO N 343 -0.17 -89.15 -23.87
C PRO N 343 -0.83 -87.85 -24.32
N SER N 344 -2.13 -87.66 -24.02
CA SER N 344 -2.91 -86.49 -24.41
C SER N 344 -2.37 -85.22 -23.77
N ASP N 345 -2.17 -85.24 -22.44
CA ASP N 345 -1.67 -84.09 -21.70
C ASP N 345 -0.14 -84.09 -21.64
N PRO N 346 0.52 -82.98 -22.07
CA PRO N 346 1.99 -82.94 -22.05
C PRO N 346 2.58 -82.84 -20.66
N LEU N 347 1.87 -82.19 -19.72
CA LEU N 347 2.30 -82.03 -18.34
C LEU N 347 2.35 -83.38 -17.61
N GLU N 348 1.50 -84.32 -18.04
CA GLU N 348 1.47 -85.67 -17.48
C GLU N 348 2.52 -86.57 -18.12
N THR N 349 3.09 -86.13 -19.26
CA THR N 349 4.15 -86.85 -19.97
C THR N 349 5.48 -86.58 -19.25
N THR N 350 5.51 -85.53 -18.42
CA THR N 350 6.65 -85.10 -17.62
C THR N 350 6.89 -86.06 -16.45
N LYS N 351 5.83 -86.77 -16.02
CA LYS N 351 5.84 -87.77 -14.95
C LYS N 351 6.66 -88.99 -15.43
N PRO N 352 7.52 -89.61 -14.59
CA PRO N 352 8.30 -90.77 -15.07
C PRO N 352 7.43 -91.95 -15.49
N ASP N 353 7.85 -92.66 -16.55
CA ASP N 353 7.17 -93.82 -17.12
C ASP N 353 6.91 -94.89 -16.07
N MET N 354 5.64 -95.32 -15.95
CA MET N 354 5.27 -96.29 -14.93
C MET N 354 5.16 -97.72 -15.47
N THR N 355 5.74 -98.66 -14.70
CA THR N 355 5.75 -100.11 -14.94
C THR N 355 4.88 -100.78 -13.88
N LEU N 356 4.25 -101.91 -14.24
CA LEU N 356 3.41 -102.70 -13.34
C LEU N 356 4.20 -103.23 -12.15
N LYS N 357 5.46 -103.68 -12.39
CA LYS N 357 6.37 -104.22 -11.39
C LYS N 357 6.72 -103.21 -10.29
N GLU N 358 7.32 -102.04 -10.64
CA GLU N 358 7.71 -100.99 -9.69
C GLU N 358 6.53 -100.35 -8.96
N ALA N 359 5.39 -100.16 -9.65
CA ALA N 359 4.19 -99.54 -9.08
C ALA N 359 3.62 -100.36 -7.94
N LEU N 360 3.46 -101.68 -8.14
CA LEU N 360 2.94 -102.61 -7.14
C LEU N 360 3.83 -102.64 -5.90
N LYS N 361 5.17 -102.58 -6.10
CA LYS N 361 6.19 -102.56 -5.07
C LYS N 361 6.03 -101.37 -4.13
N ILE N 362 5.96 -100.14 -4.70
CA ILE N 362 5.86 -98.88 -3.96
C ILE N 362 4.45 -98.62 -3.40
N ALA N 363 3.40 -99.19 -4.03
CA ALA N 363 2.02 -98.98 -3.60
C ALA N 363 1.55 -99.88 -2.48
N PHE N 364 2.01 -101.14 -2.44
CA PHE N 364 1.54 -102.08 -1.43
C PHE N 364 2.66 -102.69 -0.57
N GLY N 365 3.74 -103.17 -1.21
CA GLY N 365 4.87 -103.77 -0.49
C GLY N 365 5.32 -105.10 -1.04
N PHE N 366 5.73 -105.12 -2.32
CA PHE N 366 6.20 -106.30 -3.03
C PHE N 366 7.75 -106.33 -3.08
N ASN N 367 8.34 -107.48 -3.45
CA ASN N 367 9.78 -107.70 -3.61
C ASN N 367 10.07 -108.84 -4.62
N GLU N 368 11.18 -108.72 -5.38
CA GLU N 368 11.56 -109.72 -6.39
C GLU N 368 12.82 -110.53 -6.02
N PRO N 369 12.68 -111.79 -5.54
CA PRO N 369 13.87 -112.57 -5.17
C PRO N 369 14.48 -113.41 -6.31
N ASN N 370 13.64 -114.12 -7.07
CA ASN N 370 14.04 -115.01 -8.16
C ASN N 370 13.86 -114.35 -9.53
N GLY N 371 12.63 -113.92 -9.82
CA GLY N 371 12.20 -113.27 -11.06
C GLY N 371 10.70 -113.03 -11.07
N ASN N 372 10.05 -113.42 -9.96
CA ASN N 372 8.63 -113.32 -9.66
C ASN N 372 8.42 -112.24 -8.60
N LEU N 373 7.34 -111.46 -8.72
CA LEU N 373 7.04 -110.40 -7.77
C LEU N 373 6.19 -110.94 -6.62
N GLN N 374 6.81 -111.09 -5.42
CA GLN N 374 6.10 -111.60 -4.25
C GLN N 374 5.78 -110.52 -3.20
N TYR N 375 4.53 -110.54 -2.70
CA TYR N 375 4.03 -109.61 -1.67
C TYR N 375 4.28 -110.27 -0.31
N GLN N 376 5.44 -109.94 0.31
CA GLN N 376 5.95 -110.48 1.57
C GLN N 376 6.45 -111.92 1.39
N GLY N 377 5.59 -112.77 0.82
CA GLY N 377 5.86 -114.17 0.52
C GLY N 377 5.03 -114.68 -0.65
N LYS N 378 3.73 -114.33 -0.66
CA LYS N 378 2.74 -114.71 -1.67
C LYS N 378 3.15 -114.29 -3.08
N ASP N 379 3.35 -115.28 -3.96
CA ASP N 379 3.75 -115.11 -5.36
C ASP N 379 2.70 -114.38 -6.21
N ILE N 380 3.12 -113.77 -7.34
CA ILE N 380 2.22 -113.05 -8.24
C ILE N 380 1.29 -114.01 -9.02
N THR N 381 1.77 -115.23 -9.32
CA THR N 381 1.03 -116.28 -10.04
C THR N 381 -0.16 -116.80 -9.23
N GLU N 382 -0.16 -116.55 -7.91
CA GLU N 382 -1.21 -116.92 -6.96
C GLU N 382 -2.38 -115.90 -7.03
N PHE N 383 -2.15 -114.73 -7.65
CA PHE N 383 -3.17 -113.67 -7.77
C PHE N 383 -3.82 -113.55 -9.15
N ASP N 384 -5.10 -113.09 -9.16
CA ASP N 384 -5.93 -112.87 -10.34
C ASP N 384 -5.81 -111.43 -10.85
N PHE N 385 -5.84 -111.27 -12.19
CA PHE N 385 -5.74 -109.97 -12.85
C PHE N 385 -7.06 -109.58 -13.52
N ASN N 386 -7.66 -108.48 -13.07
CA ASN N 386 -8.93 -107.96 -13.61
C ASN N 386 -8.82 -106.50 -13.98
N PHE N 387 -9.43 -106.12 -15.12
CA PHE N 387 -9.43 -104.74 -15.65
C PHE N 387 -10.79 -104.36 -16.21
N ASP N 388 -10.95 -103.09 -16.65
CA ASP N 388 -12.18 -102.59 -17.23
C ASP N 388 -12.19 -102.79 -18.76
N GLN N 389 -12.97 -101.97 -19.49
CA GLN N 389 -13.09 -102.03 -20.95
C GLN N 389 -11.82 -101.55 -21.63
N GLN N 390 -11.45 -100.27 -21.40
CA GLN N 390 -10.31 -99.59 -22.00
C GLN N 390 -8.96 -99.98 -21.39
N THR N 391 -8.92 -100.33 -20.08
CA THR N 391 -7.68 -100.74 -19.40
C THR N 391 -7.17 -102.06 -19.98
N SER N 392 -8.03 -103.09 -20.06
CA SER N 392 -7.71 -104.41 -20.61
C SER N 392 -7.32 -104.33 -22.09
N GLN N 393 -8.03 -103.47 -22.85
CA GLN N 393 -7.80 -103.24 -24.28
C GLN N 393 -6.45 -102.57 -24.52
N ASN N 394 -6.02 -101.67 -23.60
CA ASN N 394 -4.73 -100.98 -23.68
C ASN N 394 -3.59 -101.97 -23.45
N ILE N 395 -3.77 -102.90 -22.49
CA ILE N 395 -2.79 -103.94 -22.17
C ILE N 395 -2.81 -105.03 -23.26
N LYS N 396 -3.98 -105.27 -23.90
CA LYS N 396 -4.16 -106.24 -24.99
C LYS N 396 -3.21 -105.94 -26.15
N ASN N 397 -3.09 -104.64 -26.53
CA ASN N 397 -2.22 -104.15 -27.59
C ASN N 397 -0.76 -104.35 -27.21
N GLN N 398 -0.41 -104.06 -25.94
CA GLN N 398 0.94 -104.19 -25.38
C GLN N 398 1.42 -105.65 -25.41
N LEU N 399 0.57 -106.60 -24.96
CA LEU N 399 0.85 -108.04 -24.92
C LEU N 399 1.15 -108.63 -26.29
N ALA N 400 0.54 -108.07 -27.36
CA ALA N 400 0.74 -108.48 -28.75
C ALA N 400 2.05 -107.90 -29.29
N GLU N 401 2.39 -106.65 -28.88
CA GLU N 401 3.62 -105.94 -29.27
C GLU N 401 4.83 -106.56 -28.57
N LEU N 402 4.63 -107.05 -27.32
CA LEU N 402 5.65 -107.71 -26.50
C LEU N 402 5.70 -109.22 -26.82
N ASN N 403 4.73 -109.69 -27.65
CA ASN N 403 4.52 -111.06 -28.13
C ASN N 403 4.03 -112.03 -27.06
N ALA N 404 4.60 -111.98 -25.84
CA ALA N 404 4.22 -112.84 -24.72
C ALA N 404 2.76 -112.62 -24.32
N THR N 405 1.94 -113.66 -24.45
CA THR N 405 0.50 -113.65 -24.16
C THR N 405 0.20 -113.62 -22.64
N ASN N 406 1.14 -114.09 -21.82
CA ASN N 406 0.99 -114.12 -20.37
C ASN N 406 1.43 -112.80 -19.74
N ILE N 407 0.60 -112.27 -18.83
CA ILE N 407 0.84 -111.00 -18.12
C ILE N 407 2.01 -111.10 -17.12
N TYR N 408 2.21 -112.27 -16.48
CA TYR N 408 3.29 -112.48 -15.51
C TYR N 408 4.69 -112.56 -16.17
N THR N 409 4.75 -112.86 -17.49
CA THR N 409 5.99 -112.96 -18.28
C THR N 409 6.58 -111.55 -18.51
N VAL N 410 5.79 -110.66 -19.14
CA VAL N 410 6.18 -109.28 -19.45
C VAL N 410 5.76 -108.29 -18.32
N LEU N 411 5.62 -108.81 -17.09
CA LEU N 411 5.24 -108.11 -15.84
C LEU N 411 6.03 -106.82 -15.61
N ASP N 412 7.34 -106.84 -15.88
CA ASP N 412 8.28 -105.73 -15.73
C ASP N 412 8.27 -104.75 -16.92
N LYS N 413 7.59 -105.10 -18.02
CA LYS N 413 7.52 -104.27 -19.23
C LYS N 413 6.11 -103.70 -19.54
N ILE N 414 5.08 -104.07 -18.75
CA ILE N 414 3.72 -103.57 -18.94
C ILE N 414 3.63 -102.12 -18.45
N LYS N 415 3.37 -101.19 -19.38
CA LYS N 415 3.26 -99.76 -19.11
C LYS N 415 1.90 -99.40 -18.52
N LEU N 416 1.89 -98.48 -17.55
CA LEU N 416 0.68 -98.01 -16.88
C LEU N 416 0.30 -96.62 -17.35
N ASN N 417 -0.98 -96.45 -17.73
CA ASN N 417 -1.54 -95.19 -18.20
C ASN N 417 -2.49 -94.56 -17.18
N ALA N 418 -2.78 -93.26 -17.33
CA ALA N 418 -3.65 -92.50 -16.45
C ALA N 418 -5.11 -92.93 -16.58
N LYS N 419 -5.91 -92.67 -15.53
CA LYS N 419 -7.36 -92.97 -15.41
C LYS N 419 -7.69 -94.47 -15.44
N MET N 420 -6.66 -95.35 -15.52
CA MET N 420 -6.80 -96.81 -15.54
C MET N 420 -7.39 -97.36 -14.25
N ASN N 421 -8.11 -98.49 -14.35
CA ASN N 421 -8.70 -99.17 -13.20
C ASN N 421 -8.31 -100.65 -13.26
N ILE N 422 -7.51 -101.09 -12.26
CA ILE N 422 -6.98 -102.44 -12.14
C ILE N 422 -7.39 -103.09 -10.81
N LEU N 423 -7.96 -104.30 -10.86
CA LEU N 423 -8.40 -105.05 -9.67
C LEU N 423 -7.61 -106.35 -9.54
N ILE N 424 -6.87 -106.49 -8.43
CA ILE N 424 -6.06 -107.68 -8.15
C ILE N 424 -6.59 -108.36 -6.90
N ARG N 425 -6.99 -109.63 -7.05
CA ARG N 425 -7.56 -110.44 -5.97
C ARG N 425 -6.91 -111.83 -5.85
N ASP N 426 -7.05 -112.47 -4.67
CA ASP N 426 -6.51 -113.81 -4.40
C ASP N 426 -7.28 -114.87 -5.19
N LYS N 427 -6.56 -115.75 -5.91
CA LYS N 427 -7.18 -116.85 -6.67
C LYS N 427 -7.76 -117.94 -5.75
N ARG N 428 -7.27 -118.00 -4.49
CA ARG N 428 -7.68 -118.94 -3.44
C ARG N 428 -9.18 -118.88 -3.14
N PHE N 429 -9.76 -117.68 -3.13
CA PHE N 429 -11.17 -117.44 -2.79
C PHE N 429 -12.05 -117.09 -3.97
N HIS N 430 -13.38 -117.14 -3.75
CA HIS N 430 -14.42 -116.80 -4.72
C HIS N 430 -14.92 -115.38 -4.44
N TYR N 431 -15.32 -114.65 -5.50
CA TYR N 431 -15.76 -113.27 -5.37
C TYR N 431 -17.12 -113.00 -5.96
N ASP N 432 -17.94 -112.21 -5.24
CA ASP N 432 -19.29 -111.82 -5.62
C ASP N 432 -19.31 -110.55 -6.51
N ARG N 433 -20.49 -109.92 -6.68
CA ARG N 433 -20.68 -108.71 -7.47
C ARG N 433 -20.02 -107.48 -6.82
N ASN N 434 -19.83 -107.51 -5.49
CA ASN N 434 -19.19 -106.45 -4.72
C ASN N 434 -17.67 -106.67 -4.53
N ASN N 435 -17.13 -107.74 -5.18
CA ASN N 435 -15.73 -108.17 -5.18
C ASN N 435 -15.15 -108.45 -3.78
N ILE N 436 -15.96 -109.04 -2.87
CA ILE N 436 -15.51 -109.39 -1.52
C ILE N 436 -15.41 -110.92 -1.36
N ALA N 437 -14.45 -111.38 -0.54
CA ALA N 437 -14.20 -112.81 -0.29
C ALA N 437 -15.42 -113.48 0.37
N VAL N 438 -16.07 -114.40 -0.38
CA VAL N 438 -17.29 -115.09 0.07
C VAL N 438 -17.03 -116.56 0.49
N GLY N 439 -16.36 -117.33 -0.36
CA GLY N 439 -16.05 -118.73 -0.11
C GLY N 439 -14.76 -119.17 -0.75
N ALA N 440 -14.45 -120.47 -0.67
CA ALA N 440 -13.23 -121.07 -1.23
C ALA N 440 -13.44 -122.56 -1.56
N ASP N 441 -12.45 -123.18 -2.25
CA ASP N 441 -12.45 -124.61 -2.63
C ASP N 441 -12.33 -125.48 -1.37
N GLU N 442 -13.12 -126.58 -1.31
CA GLU N 442 -13.15 -127.52 -0.18
C GLU N 442 -11.76 -127.93 0.32
N SER N 443 -10.81 -128.10 -0.61
CA SER N 443 -9.41 -128.45 -0.35
C SER N 443 -8.68 -127.37 0.47
N VAL N 444 -8.85 -126.09 0.08
CA VAL N 444 -8.23 -124.92 0.73
C VAL N 444 -8.70 -124.76 2.20
N VAL N 445 -9.99 -125.04 2.47
CA VAL N 445 -10.58 -124.94 3.81
C VAL N 445 -9.98 -126.00 4.75
N LYS N 446 -9.76 -127.23 4.22
CA LYS N 446 -9.17 -128.37 4.96
C LYS N 446 -7.74 -128.14 5.41
N GLU N 447 -6.98 -127.28 4.69
CA GLU N 447 -5.59 -126.95 4.99
C GLU N 447 -5.40 -126.13 6.26
N ALA N 448 -6.31 -125.16 6.50
CA ALA N 448 -6.27 -124.28 7.67
C ALA N 448 -6.79 -124.96 8.95
N HIS N 449 -7.76 -125.89 8.79
CA HIS N 449 -8.38 -126.63 9.89
C HIS N 449 -7.67 -127.96 10.22
N ARG N 450 -6.45 -128.15 9.69
CA ARG N 450 -5.61 -129.33 9.90
C ARG N 450 -5.00 -129.31 11.31
N GLU N 451 -4.48 -128.13 11.74
CA GLU N 451 -3.83 -127.92 13.03
C GLU N 451 -4.83 -127.98 14.20
N VAL N 452 -4.73 -129.04 15.02
CA VAL N 452 -5.59 -129.27 16.19
C VAL N 452 -4.76 -129.00 17.46
N ILE N 453 -5.30 -128.17 18.39
CA ILE N 453 -4.61 -127.81 19.63
C ILE N 453 -5.19 -128.57 20.83
N ASN N 454 -6.54 -128.57 20.97
CA ASN N 454 -7.22 -129.26 22.07
C ASN N 454 -8.43 -130.06 21.57
N SER N 455 -8.64 -131.26 22.13
CA SER N 455 -9.77 -132.14 21.80
C SER N 455 -10.60 -132.45 23.07
N SER N 456 -11.61 -131.59 23.34
CA SER N 456 -12.49 -131.66 24.51
C SER N 456 -13.97 -131.67 24.13
N THR N 457 -14.82 -132.24 25.02
CA THR N 457 -16.28 -132.34 24.85
C THR N 457 -16.98 -130.99 24.99
N GLU N 458 -16.31 -130.03 25.65
CA GLU N 458 -16.82 -128.68 25.87
C GLU N 458 -16.55 -127.81 24.66
N LEU N 462 -8.45 -124.90 17.74
CA LEU N 462 -7.67 -125.20 16.54
C LEU N 462 -6.93 -123.98 16.02
N ASN N 463 -5.69 -124.19 15.48
CA ASN N 463 -4.85 -123.13 14.93
C ASN N 463 -5.22 -122.84 13.47
N ILE N 464 -6.41 -122.27 13.27
CA ILE N 464 -6.96 -121.92 11.96
C ILE N 464 -6.39 -120.57 11.50
N ASP N 465 -5.97 -120.50 10.21
CA ASP N 465 -5.43 -119.28 9.58
C ASP N 465 -6.49 -118.16 9.57
N LYS N 466 -6.07 -116.92 9.87
CA LYS N 466 -6.92 -115.73 9.97
C LYS N 466 -7.55 -115.30 8.65
N ASP N 467 -6.81 -115.45 7.53
CA ASP N 467 -7.27 -115.09 6.19
C ASP N 467 -8.31 -116.10 5.65
N ILE N 468 -8.11 -117.41 5.94
CA ILE N 468 -8.99 -118.50 5.50
C ILE N 468 -10.31 -118.50 6.30
N ARG N 469 -10.24 -118.25 7.63
CA ARG N 469 -11.42 -118.23 8.52
C ARG N 469 -12.39 -117.07 8.24
N LYS N 470 -11.95 -116.07 7.46
CA LYS N 470 -12.75 -114.90 7.08
C LYS N 470 -13.93 -115.26 6.17
N ILE N 471 -13.83 -116.35 5.39
CA ILE N 471 -14.90 -116.82 4.49
C ILE N 471 -15.80 -117.86 5.18
N THR N 482 -22.31 -145.14 13.78
CA THR N 482 -21.73 -146.38 13.29
C THR N 482 -22.71 -147.09 12.35
N GLU N 483 -24.01 -146.95 12.66
CA GLU N 483 -25.15 -147.48 11.91
C GLU N 483 -25.24 -146.75 10.55
N GLY N 484 -24.97 -145.45 10.55
CA GLY N 484 -25.01 -144.58 9.38
C GLY N 484 -25.87 -143.34 9.55
N LEU N 485 -26.15 -142.95 10.81
CA LEU N 485 -26.96 -141.79 11.16
C LEU N 485 -26.08 -140.62 11.61
N LYS N 486 -26.30 -139.44 11.02
CA LYS N 486 -25.60 -138.21 11.38
C LYS N 486 -26.56 -137.32 12.18
N GLU N 487 -26.50 -137.47 13.52
CA GLU N 487 -27.34 -136.73 14.45
C GLU N 487 -26.76 -135.33 14.67
N VAL N 488 -27.55 -134.29 14.33
CA VAL N 488 -27.14 -132.89 14.42
C VAL N 488 -27.72 -132.18 15.66
N ILE N 489 -26.83 -131.64 16.51
CA ILE N 489 -27.17 -130.88 17.74
C ILE N 489 -27.65 -129.48 17.31
N ASN N 490 -26.73 -128.69 16.72
CA ASN N 490 -26.95 -127.33 16.19
C ASN N 490 -27.59 -127.49 14.79
N ASP N 491 -28.93 -127.67 14.75
CA ASP N 491 -29.66 -127.88 13.50
C ASP N 491 -30.82 -126.89 13.29
N ARG N 492 -30.49 -125.68 12.78
CA ARG N 492 -31.40 -124.55 12.47
C ARG N 492 -30.70 -123.47 11.62
N TYR N 493 -31.47 -122.45 11.14
CA TYR N 493 -30.94 -121.34 10.35
C TYR N 493 -30.13 -120.35 11.21
N ASP N 494 -30.48 -120.21 12.51
CA ASP N 494 -29.81 -119.31 13.45
C ASP N 494 -29.12 -120.07 14.60
N MET N 495 -28.46 -121.17 14.26
CA MET N 495 -27.71 -122.03 15.18
C MET N 495 -26.34 -122.35 14.56
N LEU N 496 -26.05 -121.74 13.40
CA LEU N 496 -24.85 -121.96 12.61
C LEU N 496 -23.54 -121.37 13.20
N ASN N 497 -23.60 -120.26 13.98
CA ASN N 497 -22.37 -119.66 14.55
C ASN N 497 -21.78 -120.53 15.67
N ILE N 498 -20.54 -121.01 15.45
CA ILE N 498 -19.81 -121.91 16.35
C ILE N 498 -18.52 -121.31 16.93
N SER N 499 -17.67 -120.72 16.08
CA SER N 499 -16.35 -120.18 16.43
C SER N 499 -16.35 -118.95 17.36
N SER N 500 -15.22 -118.80 18.09
CA SER N 500 -14.90 -117.71 19.03
C SER N 500 -13.36 -117.56 19.04
N LEU N 501 -12.86 -116.64 18.20
CA LEU N 501 -11.43 -116.40 18.03
C LEU N 501 -10.77 -115.78 19.26
N ARG N 502 -9.78 -116.50 19.81
CA ARG N 502 -8.99 -116.08 20.97
C ARG N 502 -7.83 -115.20 20.50
N GLN N 503 -7.30 -114.36 21.41
CA GLN N 503 -6.19 -113.45 21.07
C GLN N 503 -4.85 -114.19 20.85
N ASP N 504 -4.76 -115.48 21.28
CA ASP N 504 -3.57 -116.33 21.14
C ASP N 504 -3.27 -116.71 19.68
N GLY N 505 -4.28 -116.60 18.81
CA GLY N 505 -4.18 -116.91 17.40
C GLY N 505 -4.85 -118.20 17.00
N LYS N 506 -5.72 -118.74 17.87
CA LYS N 506 -6.43 -119.99 17.65
C LYS N 506 -7.94 -119.79 17.76
N THR N 507 -8.69 -120.36 16.80
CA THR N 507 -10.15 -120.29 16.76
C THR N 507 -10.74 -121.38 17.66
N PHE N 508 -11.60 -120.98 18.61
CA PHE N 508 -12.24 -121.90 19.55
C PHE N 508 -13.68 -122.22 19.15
N ILE N 509 -13.95 -123.50 18.82
CA ILE N 509 -15.27 -123.98 18.41
C ILE N 509 -15.99 -124.56 19.64
N ASP N 510 -17.07 -123.87 20.07
CA ASP N 510 -17.87 -124.24 21.23
C ASP N 510 -19.26 -124.74 20.83
N PHE N 511 -19.52 -126.02 21.09
CA PHE N 511 -20.79 -126.70 20.80
C PHE N 511 -21.85 -126.36 21.84
N LYS N 512 -21.41 -125.97 23.07
CA LYS N 512 -22.24 -125.59 24.22
C LYS N 512 -23.11 -124.35 23.93
N LYS N 513 -22.77 -123.56 22.88
CA LYS N 513 -23.49 -122.36 22.41
C LYS N 513 -24.95 -122.73 22.10
N TYR N 514 -25.16 -123.85 21.38
CA TYR N 514 -26.49 -124.36 20.99
C TYR N 514 -26.74 -125.82 21.45
N ASN N 515 -26.14 -126.19 22.60
CA ASN N 515 -26.34 -127.46 23.32
C ASN N 515 -26.82 -127.20 24.78
N ASP N 516 -27.54 -126.06 24.98
CA ASP N 516 -28.11 -125.58 26.24
C ASP N 516 -27.06 -125.46 27.36
N LYS N 517 -25.90 -124.82 27.03
CA LYS N 517 -24.75 -124.58 27.92
C LYS N 517 -24.12 -125.87 28.49
N LEU N 518 -24.39 -127.02 27.85
CA LEU N 518 -23.89 -128.34 28.28
C LEU N 518 -22.94 -128.97 27.26
N PRO N 519 -21.84 -129.64 27.70
CA PRO N 519 -20.93 -130.28 26.73
C PRO N 519 -21.57 -131.50 26.05
N LEU N 520 -21.02 -131.90 24.89
CA LEU N 520 -21.53 -133.03 24.10
C LEU N 520 -21.46 -134.37 24.85
N TYR N 521 -22.61 -135.03 25.00
CA TYR N 521 -22.65 -136.33 25.65
C TYR N 521 -22.25 -137.40 24.65
N ILE N 522 -21.22 -138.20 24.99
CA ILE N 522 -20.71 -139.27 24.13
C ILE N 522 -21.47 -140.56 24.46
N SER N 523 -22.62 -140.78 23.78
CA SER N 523 -23.49 -141.96 23.93
C SER N 523 -22.77 -143.21 23.48
N ASN N 524 -21.88 -143.06 22.47
CA ASN N 524 -21.05 -144.13 21.91
C ASN N 524 -19.67 -143.56 21.50
N PRO N 525 -18.55 -144.06 22.10
CA PRO N 525 -17.23 -143.53 21.70
C PRO N 525 -16.78 -143.99 20.32
N ASN N 526 -17.48 -144.98 19.73
CA ASN N 526 -17.21 -145.57 18.42
C ASN N 526 -17.83 -144.72 17.31
N THR N 535 -19.39 -121.97 5.65
CA THR N 535 -19.00 -120.96 4.66
C THR N 535 -19.78 -119.65 4.88
N LYS N 536 -19.71 -118.72 3.90
CA LYS N 536 -20.41 -117.44 3.90
C LYS N 536 -21.23 -117.25 2.62
N GLU N 537 -20.85 -117.96 1.53
CA GLU N 537 -21.58 -117.98 0.25
C GLU N 537 -22.59 -119.12 0.29
N ASN N 538 -22.29 -120.13 1.13
CA ASN N 538 -23.11 -121.32 1.33
C ASN N 538 -23.78 -121.28 2.72
N THR N 539 -23.84 -120.09 3.35
CA THR N 539 -24.46 -119.87 4.67
C THR N 539 -25.92 -119.43 4.50
N ILE N 540 -26.84 -120.01 5.29
CA ILE N 540 -28.27 -119.67 5.23
C ILE N 540 -28.62 -118.72 6.38
N ILE N 541 -28.83 -117.45 6.03
CA ILE N 541 -29.23 -116.38 6.95
C ILE N 541 -30.73 -116.49 7.27
N ASN N 542 -31.49 -117.27 6.46
CA ASN N 542 -32.93 -117.55 6.58
C ASN N 542 -33.31 -118.97 6.06
N PRO N 543 -34.45 -119.59 6.49
CA PRO N 543 -34.77 -120.96 6.01
C PRO N 543 -35.43 -121.01 4.63
N SER N 544 -35.98 -122.20 4.24
CA SER N 544 -36.66 -122.45 2.96
C SER N 544 -37.99 -121.67 2.82
N GLU N 545 -38.73 -121.91 1.71
CA GLU N 545 -40.02 -121.27 1.39
C GLU N 545 -41.07 -121.53 2.47
N ASN N 546 -41.10 -122.77 3.01
CA ASN N 546 -42.01 -123.23 4.06
C ASN N 546 -41.51 -122.85 5.47
N GLY N 547 -40.28 -122.33 5.55
CA GLY N 547 -39.64 -121.97 6.81
C GLY N 547 -39.04 -123.21 7.45
N ASP N 548 -38.26 -123.98 6.67
CA ASP N 548 -37.61 -125.21 7.10
C ASP N 548 -36.29 -124.90 7.80
N THR N 549 -36.37 -124.62 9.12
CA THR N 549 -35.25 -124.25 9.99
C THR N 549 -34.34 -125.48 10.25
N SER N 550 -33.53 -125.86 9.24
CA SER N 550 -32.62 -127.01 9.31
C SER N 550 -31.26 -126.71 8.67
N THR N 551 -30.20 -127.41 9.15
CA THR N 551 -28.85 -127.27 8.61
C THR N 551 -28.63 -128.21 7.42
#